data_9IZ9
#
_entry.id   9IZ9
#
_cell.length_a   1.00
_cell.length_b   1.00
_cell.length_c   1.00
_cell.angle_alpha   90.00
_cell.angle_beta   90.00
_cell.angle_gamma   90.00
#
_symmetry.space_group_name_H-M   'P 1'
#
loop_
_entity.id
_entity.type
_entity.pdbx_description
1 polymer 'C37 Fab, Heavy chain'
2 polymer 'C37 Fab, Light chain'
3 polymer 'CHIKV E1'
4 polymer 'Structural polyprotein'
5 polymer 'CHIKV capsid protein'
6 branched beta-D-mannopyranose-(1-4)-2-acetamido-2-deoxy-beta-D-glucopyranose-(1-4)-[alpha-L-fucopyranose-(1-6)]2-acetamido-2-deoxy-beta-D-glucopyranose
7 branched alpha-D-mannopyranose-(1-3)-beta-D-mannopyranose-(1-4)-2-acetamido-2-deoxy-beta-D-glucopyranose-(1-4)-[alpha-L-fucopyranose-(1-6)]2-acetamido-2-deoxy-beta-D-glucopyranose
8 branched 2-acetamido-2-deoxy-beta-D-glucopyranose-(1-2)-alpha-D-mannopyranose-(1-3)-beta-D-mannopyranose-(1-4)-2-acetamido-2-deoxy-beta-D-glucopyranose-(1-4)-2-acetamido-2-deoxy-beta-D-glucopyranose
9 branched beta-D-mannopyranose-(1-4)-2-acetamido-2-deoxy-beta-D-glucopyranose-(1-4)-2-acetamido-2-deoxy-beta-D-glucopyranose
10 branched alpha-D-mannopyranose-(1-3)-beta-D-mannopyranose-(1-4)-2-acetamido-2-deoxy-beta-D-glucopyranose-(1-4)-2-acetamido-2-deoxy-beta-D-glucopyranose
11 branched alpha-D-mannopyranose-(1-6)-beta-D-mannopyranose-(1-4)-2-acetamido-2-deoxy-beta-D-glucopyranose-(1-4)-2-acetamido-2-deoxy-beta-D-glucopyranose
12 non-polymer CHOLESTEROL
#
loop_
_entity_poly.entity_id
_entity_poly.type
_entity_poly.pdbx_seq_one_letter_code
_entity_poly.pdbx_strand_id
1 'polypeptide(L)'
;EFATMETDTLLLWVLLLWVPGSTGDQVQLQESGPGLVKPSETLSLTCTVSGGSIGSSSYYWGWIRQPPGKGLQWIGSFHY
SGTTYYNPSLKSRVTISVDTSKNHFSLKLSSVTAADTAVYYCASRQNWNDGYFDYWGQGTLVTVSSASTKGPSVFPLAPS
SKSTSGGTAALGCLVKDYFPEPVTVSWNSGALTSGVHTFPAVLQSSGLYSLSSVVTVPSSSLGTQTYICNVNHKPSNTKV
DKRVEPKSCDKTHTCPPCPHHHHHH
;
S,Q,O,M
2 'polypeptide(L)'
;ELATMETDTLLLWVLLLWVPGSTGDDIQMTQSPATLSLSPGERATLFCRASQSVSSSLAWYQQKPGQAPRLLIYDASNRA
TGIPARFSGSGSGTDFTLTISSLEPEDFAVYYCQQRGNWPPITFGQGTRLDTKRTVAAPSVFIFPPSDEQLKSGTASVVC
LLNNFYPREAKVQWKVDNALQSGNSQESVTEQDSKDSTYSLSSTLTLSKADYEKHKVYACEVTHQGLSSPVTKSFNRGEC
S
;
T,R,P,N
3 'polypeptide(L)'
;YEHVTVIPNTVGVPYKTLVNRPGYSPMVLEMELLSVTLEPTLSLDYITCEYKTVIPSPYVKCCGTAECKDKNLPDYSCKV
FTGVYPFMWGGAYCFCDAENTQLSEAHVEKSESCKTEFASAYRAHTASASAKLRVLYQGNNITVTAYANGDHAVTVKDAK
FIVGPMSSAWTPFDNKIVVYKGDVYNMDYPPFGAGRPGQFGDIQSRTPESKDVYANTQLVLQRPAAGTVHVPYSQAPSGF
KYWLKERGASLQHTAPFGCQIATNPVRAVNCAVGNMPISIDIPEAAFTRVVDAPSLTDMSCEVPACTHSSDFGGVAVIKY
AASKKGKCAVHSMTNAVTIREAEIEVEGNSQLQISFSTALASAEFRVQVCSTQVHCAAECHPPKDHIVNYPASHTTLGVQ
DISATAMSWVQKITGGVGLVVAVAALILIVVLCVSFSRH
;
A,B,C,D
4 'polypeptide(L)'
;NFNVYKATRPYLAHCPDCGEGHSCHSPVALERIRNEATDGTLKIQVSLQIGIKTDDSHDWTKLRYMDNHMPADAERAGLF
VRTSAPCTITGTMGHFILARCPKGETLTVGFTDSRKISHSCTHPFHHDPPVIGREKFHSRPQHGKELPCSTYVQSTAATT
EEIEVHMPPDTPDRTLMSQQSGNVKITVNGQTVRYKCNCGGSNEGLTTTDKVINNCKVDQCHAAVTNHKKWQYNSPLVPR
NAELGDRKGKIHIPFPLANVTCRVPKARNPTVTYGKNQVIMLLYPDHPTLLSYRNMGEEPNYQEEWVMHKKEVVLTVPTE
GLEVTWGNNEPYKYWPQLSTNGTAHGHPHEIILYYYELYPTMTVVVVSVASFVLLSMVGVAVGMCMCARRRCITPYELTP
GATVPFLLSLICCIRTAKA
;
E,F,G,H
5 'polypeptide(L)'
;NDCIFEVKHEGKVTGYACLVGDKVMKPAHVKGTIDNADLAKLAFKRSSKYDLECAQIPVHMKSDASKFTHEKPEGYYNWH
HGAVQYSGGRFTIPTGAGKPGDSGRPIFDNKGRVVAIVLGGANEGARTALSVVTWNKDIVTKITPEGAEEW
;
I,J,K,L
#
loop_
_chem_comp.id
_chem_comp.type
_chem_comp.name
_chem_comp.formula
BMA D-saccharide, beta linking beta-D-mannopyranose 'C6 H12 O6'
CLR non-polymer CHOLESTEROL 'C27 H46 O'
FUC L-saccharide, alpha linking alpha-L-fucopyranose 'C6 H12 O5'
MAN D-saccharide, alpha linking alpha-D-mannopyranose 'C6 H12 O6'
NAG D-saccharide, beta linking 2-acetamido-2-deoxy-beta-D-glucopyranose 'C8 H15 N O6'
#
# COMPACT_ATOMS: atom_id res chain seq x y z
N GLN A 26 -28.87 9.47 -56.83
CA GLN A 26 -29.24 8.12 -56.44
C GLN A 26 -28.36 7.09 -57.16
N VAL A 27 -28.46 7.06 -58.49
CA VAL A 27 -27.69 6.14 -59.31
C VAL A 27 -27.00 6.93 -60.42
N GLN A 28 -25.80 6.47 -60.78
CA GLN A 28 -25.00 7.05 -61.85
C GLN A 28 -24.80 6.01 -62.94
N LEU A 29 -24.80 6.45 -64.19
CA LEU A 29 -24.65 5.56 -65.33
C LEU A 29 -23.41 5.94 -66.13
N GLN A 30 -22.54 5.02 -66.49
CA GLN A 30 -21.38 5.40 -67.33
C GLN A 30 -21.26 4.64 -68.64
N GLU A 31 -21.50 5.32 -69.75
CA GLU A 31 -21.42 4.68 -71.06
C GLU A 31 -19.99 4.50 -71.53
N SER A 32 -19.76 3.56 -72.45
CA SER A 32 -18.41 3.35 -73.00
C SER A 32 -18.55 2.83 -74.41
N GLY A 33 -17.53 2.16 -74.96
CA GLY A 33 -17.67 1.55 -76.26
C GLY A 33 -16.44 1.77 -77.12
N PRO A 34 -16.32 1.03 -78.21
CA PRO A 34 -15.15 1.19 -79.08
C PRO A 34 -15.03 2.57 -79.71
N GLY A 35 -16.14 3.25 -79.96
CA GLY A 35 -16.11 4.58 -80.55
C GLY A 35 -15.91 4.56 -82.05
N LEU A 36 -14.84 3.93 -82.52
CA LEU A 36 -14.53 3.82 -83.93
C LEU A 36 -14.84 2.41 -84.41
N VAL A 37 -15.84 2.30 -85.29
CA VAL A 37 -16.29 1.01 -85.79
C VAL A 37 -16.48 1.11 -87.30
N LYS A 38 -15.88 0.17 -88.03
CA LYS A 38 -16.06 0.11 -89.48
C LYS A 38 -17.49 -0.33 -89.82
N PRO A 39 -17.97 0.03 -91.00
CA PRO A 39 -19.32 -0.39 -91.38
C PRO A 39 -19.44 -1.91 -91.40
N SER A 40 -20.64 -2.39 -91.06
CA SER A 40 -21.12 -3.76 -91.12
C SER A 40 -20.68 -4.61 -89.93
N GLU A 41 -19.85 -4.11 -89.01
CA GLU A 41 -19.60 -4.88 -87.80
C GLU A 41 -20.66 -4.56 -86.74
N THR A 42 -20.47 -5.13 -85.57
CA THR A 42 -21.40 -4.99 -84.47
C THR A 42 -20.91 -3.93 -83.48
N LEU A 43 -21.71 -2.87 -83.32
CA LEU A 43 -21.45 -1.90 -82.28
C LEU A 43 -21.87 -2.45 -80.92
N SER A 44 -20.97 -2.38 -79.95
CA SER A 44 -21.22 -2.91 -78.61
C SER A 44 -20.98 -1.81 -77.60
N LEU A 45 -22.04 -1.43 -76.88
CA LEU A 45 -21.95 -0.38 -75.86
C LEU A 45 -22.32 -0.99 -74.51
N THR A 46 -21.59 -0.59 -73.47
CA THR A 46 -21.82 -1.10 -72.13
C THR A 46 -22.13 0.06 -71.19
N CYS A 47 -23.27 -0.02 -70.53
CA CYS A 47 -23.65 0.93 -69.49
C CYS A 47 -23.55 0.25 -68.13
N THR A 48 -22.69 0.78 -67.28
CA THR A 48 -22.47 0.29 -65.92
C THR A 48 -23.20 1.20 -64.95
N VAL A 49 -23.82 0.60 -63.94
CA VAL A 49 -24.64 1.32 -62.98
C VAL A 49 -23.90 1.37 -61.64
N SER A 50 -23.84 2.56 -61.04
CA SER A 50 -23.23 2.77 -59.75
C SER A 50 -24.23 3.44 -58.81
N GLY A 51 -24.00 3.30 -57.52
CA GLY A 51 -24.92 3.79 -56.53
C GLY A 51 -26.09 2.88 -56.23
N GLY A 52 -26.10 1.68 -56.78
CA GLY A 52 -27.18 0.75 -56.54
C GLY A 52 -27.08 -0.44 -57.49
N SER A 53 -27.92 -1.41 -57.23
CA SER A 53 -27.99 -2.62 -58.06
C SER A 53 -28.83 -2.36 -59.29
N ILE A 54 -28.63 -3.20 -60.31
CA ILE A 54 -29.37 -3.05 -61.56
C ILE A 54 -30.85 -3.35 -61.34
N GLY A 55 -31.16 -4.34 -60.49
CA GLY A 55 -32.53 -4.65 -60.15
C GLY A 55 -32.94 -4.02 -58.84
N SER A 56 -32.54 -2.76 -58.63
CA SER A 56 -32.77 -2.11 -57.35
C SER A 56 -34.24 -1.96 -57.04
N SER A 57 -35.07 -1.67 -58.05
CA SER A 57 -36.49 -1.44 -57.84
C SER A 57 -37.23 -1.85 -59.11
N SER A 58 -38.50 -1.44 -59.18
CA SER A 58 -39.35 -1.73 -60.34
C SER A 58 -39.34 -0.52 -61.26
N TYR A 59 -38.56 -0.63 -62.33
CA TYR A 59 -38.39 0.47 -63.27
C TYR A 59 -37.79 -0.03 -64.58
N TYR A 60 -37.65 0.88 -65.52
CA TYR A 60 -37.15 0.57 -66.84
C TYR A 60 -35.67 0.92 -66.99
N TRP A 61 -35.01 0.20 -67.88
CA TRP A 61 -33.73 0.62 -68.43
C TRP A 61 -33.91 0.87 -69.92
N GLY A 62 -33.05 1.68 -70.51
CA GLY A 62 -33.24 1.93 -71.94
C GLY A 62 -32.04 2.61 -72.55
N TRP A 63 -32.01 2.58 -73.89
CA TRP A 63 -30.95 3.21 -74.67
C TRP A 63 -31.56 4.27 -75.59
N ILE A 64 -30.90 5.41 -75.66
CA ILE A 64 -31.33 6.52 -76.49
C ILE A 64 -30.15 6.94 -77.36
N ARG A 65 -30.40 7.30 -78.62
CA ARG A 65 -29.35 7.82 -79.46
C ARG A 65 -29.81 9.08 -80.17
N GLN A 66 -28.85 9.96 -80.43
CA GLN A 66 -29.12 11.25 -81.08
C GLN A 66 -28.05 11.49 -82.15
N PRO A 67 -28.43 11.50 -83.42
CA PRO A 67 -27.49 11.90 -84.45
C PRO A 67 -27.15 13.37 -84.30
N PRO A 68 -25.95 13.78 -84.67
CA PRO A 68 -25.55 15.18 -84.52
C PRO A 68 -26.45 16.10 -85.33
N GLY A 69 -26.98 17.13 -84.67
CA GLY A 69 -27.84 18.10 -85.33
C GLY A 69 -29.27 17.66 -85.49
N LYS A 70 -29.62 16.45 -85.07
CA LYS A 70 -30.99 15.95 -85.16
C LYS A 70 -31.53 15.70 -83.75
N GLY A 71 -32.71 15.08 -83.71
CA GLY A 71 -33.35 14.70 -82.47
C GLY A 71 -32.87 13.35 -81.97
N LEU A 72 -33.39 12.96 -80.82
CA LEU A 72 -33.04 11.69 -80.20
C LEU A 72 -33.93 10.56 -80.67
N GLN A 73 -33.36 9.36 -80.72
CA GLN A 73 -34.04 8.18 -81.24
C GLN A 73 -34.02 7.09 -80.18
N TRP A 74 -35.15 6.43 -80.00
CA TRP A 74 -35.25 5.33 -79.04
C TRP A 74 -34.95 4.01 -79.73
N ILE A 75 -33.89 3.35 -79.29
CA ILE A 75 -33.51 2.04 -79.81
C ILE A 75 -34.27 0.93 -79.11
N GLY A 76 -34.22 0.90 -77.78
CA GLY A 76 -34.89 -0.16 -77.05
C GLY A 76 -34.87 0.10 -75.57
N SER A 77 -35.59 -0.75 -74.85
CA SER A 77 -35.69 -0.68 -73.40
C SER A 77 -35.79 -2.08 -72.83
N PHE A 78 -35.24 -2.25 -71.64
CA PHE A 78 -35.26 -3.51 -70.91
C PHE A 78 -36.07 -3.30 -69.63
N HIS A 79 -37.19 -4.01 -69.53
CA HIS A 79 -38.02 -3.96 -68.34
C HIS A 79 -37.46 -4.89 -67.27
N TYR A 80 -37.61 -4.48 -66.02
CA TYR A 80 -37.01 -5.23 -64.91
C TYR A 80 -37.55 -6.64 -64.80
N SER A 81 -38.78 -6.88 -65.26
CA SER A 81 -39.35 -8.22 -65.22
C SER A 81 -38.70 -9.17 -66.21
N GLY A 82 -37.84 -8.66 -67.10
CA GLY A 82 -37.21 -9.47 -68.12
C GLY A 82 -37.77 -9.27 -69.51
N THR A 83 -38.96 -8.70 -69.64
CA THR A 83 -39.50 -8.37 -70.95
C THR A 83 -38.69 -7.23 -71.55
N THR A 84 -38.38 -7.34 -72.84
CA THR A 84 -37.58 -6.35 -73.53
C THR A 84 -38.34 -5.84 -74.74
N TYR A 85 -38.38 -4.51 -74.90
CA TYR A 85 -39.04 -3.88 -76.02
C TYR A 85 -38.00 -3.25 -76.94
N TYR A 86 -38.23 -3.33 -78.24
CA TYR A 86 -37.33 -2.74 -79.22
C TYR A 86 -38.14 -1.92 -80.22
N ASN A 87 -37.48 -0.93 -80.80
CA ASN A 87 -38.09 -0.14 -81.86
C ASN A 87 -38.27 -1.03 -83.09
N PRO A 88 -39.46 -1.08 -83.68
CA PRO A 88 -39.68 -1.98 -84.83
C PRO A 88 -38.73 -1.75 -85.99
N SER A 89 -38.34 -0.50 -86.24
CA SER A 89 -37.43 -0.21 -87.34
C SER A 89 -36.02 -0.73 -87.09
N LEU A 90 -35.65 -0.98 -85.83
CA LEU A 90 -34.32 -1.46 -85.50
C LEU A 90 -34.29 -2.87 -84.93
N LYS A 91 -35.46 -3.45 -84.62
CA LYS A 91 -35.50 -4.69 -83.84
C LYS A 91 -34.77 -5.84 -84.51
N SER A 92 -34.67 -5.81 -85.83
CA SER A 92 -33.97 -6.89 -86.53
C SER A 92 -32.47 -6.89 -86.26
N ARG A 93 -31.93 -5.80 -85.73
CA ARG A 93 -30.48 -5.68 -85.54
C ARG A 93 -30.08 -5.41 -84.09
N VAL A 94 -31.00 -4.99 -83.23
CA VAL A 94 -30.66 -4.54 -81.89
C VAL A 94 -30.94 -5.65 -80.88
N THR A 95 -29.99 -5.86 -79.96
CA THR A 95 -30.17 -6.78 -78.85
C THR A 95 -29.68 -6.10 -77.58
N ILE A 96 -30.54 -6.04 -76.57
CA ILE A 96 -30.21 -5.45 -75.28
C ILE A 96 -30.22 -6.56 -74.25
N SER A 97 -29.13 -6.67 -73.48
CA SER A 97 -29.01 -7.70 -72.46
C SER A 97 -28.52 -7.06 -71.18
N VAL A 98 -28.65 -7.79 -70.08
CA VAL A 98 -28.20 -7.33 -68.77
C VAL A 98 -27.39 -8.44 -68.13
N ASP A 99 -26.60 -8.06 -67.12
CA ASP A 99 -25.83 -9.01 -66.32
C ASP A 99 -25.59 -8.38 -64.95
N THR A 100 -26.17 -9.00 -63.92
CA THR A 100 -25.96 -8.55 -62.55
C THR A 100 -24.67 -9.07 -61.96
N SER A 101 -24.00 -10.03 -62.61
CA SER A 101 -22.70 -10.48 -62.15
C SER A 101 -21.67 -9.36 -62.15
N LYS A 102 -21.62 -8.57 -63.21
CA LYS A 102 -20.81 -7.37 -63.26
C LYS A 102 -21.64 -6.10 -63.13
N ASN A 103 -22.95 -6.24 -62.91
CA ASN A 103 -23.83 -5.10 -62.62
C ASN A 103 -23.84 -4.07 -63.76
N HIS A 104 -24.10 -4.54 -64.98
CA HIS A 104 -24.19 -3.62 -66.10
C HIS A 104 -25.05 -4.24 -67.19
N PHE A 105 -25.48 -3.41 -68.13
CA PHE A 105 -26.22 -3.90 -69.28
C PHE A 105 -25.53 -3.45 -70.55
N SER A 106 -25.85 -4.13 -71.65
CA SER A 106 -25.13 -3.98 -72.90
C SER A 106 -26.12 -3.90 -74.06
N LEU A 107 -25.73 -3.12 -75.05
CA LEU A 107 -26.47 -2.93 -76.29
C LEU A 107 -25.59 -3.37 -77.45
N LYS A 108 -26.13 -4.24 -78.31
CA LYS A 108 -25.42 -4.76 -79.46
C LYS A 108 -26.23 -4.46 -80.71
N LEU A 109 -25.56 -3.90 -81.72
CA LEU A 109 -26.20 -3.57 -82.99
C LEU A 109 -25.33 -4.13 -84.11
N SER A 110 -25.79 -5.22 -84.72
CA SER A 110 -25.05 -5.82 -85.81
C SER A 110 -25.34 -5.10 -87.12
N SER A 111 -24.36 -5.15 -88.03
CA SER A 111 -24.46 -4.54 -89.35
C SER A 111 -24.75 -3.04 -89.25
N VAL A 112 -23.84 -2.32 -88.60
CA VAL A 112 -23.97 -0.87 -88.49
C VAL A 112 -23.69 -0.23 -89.84
N THR A 113 -24.08 1.04 -89.98
CA THR A 113 -23.85 1.81 -91.18
C THR A 113 -23.31 3.18 -90.80
N ALA A 114 -22.99 3.99 -91.82
CA ALA A 114 -22.48 5.33 -91.56
C ALA A 114 -23.51 6.21 -90.89
N ALA A 115 -24.80 5.93 -91.08
CA ALA A 115 -25.87 6.72 -90.47
C ALA A 115 -26.01 6.46 -88.98
N ASP A 116 -25.35 5.44 -88.44
CA ASP A 116 -25.45 5.13 -87.02
C ASP A 116 -24.49 5.95 -86.17
N THR A 117 -23.64 6.78 -86.78
CA THR A 117 -22.76 7.66 -86.03
C THR A 117 -23.60 8.67 -85.25
N ALA A 118 -23.53 8.60 -83.93
CA ALA A 118 -24.40 9.41 -83.09
C ALA A 118 -23.89 9.38 -81.65
N VAL A 119 -24.55 10.16 -80.81
CA VAL A 119 -24.28 10.17 -79.38
C VAL A 119 -25.28 9.25 -78.69
N TYR A 120 -24.77 8.30 -77.91
CA TYR A 120 -25.59 7.31 -77.25
C TYR A 120 -25.64 7.56 -75.75
N TYR A 121 -26.81 7.31 -75.16
CA TYR A 121 -27.08 7.47 -73.74
C TYR A 121 -27.76 6.22 -73.23
N CYS A 122 -27.47 5.85 -71.98
CA CYS A 122 -28.22 4.86 -71.25
C CYS A 122 -29.00 5.56 -70.14
N ALA A 123 -30.26 5.16 -69.97
CA ALA A 123 -31.15 5.90 -69.09
C ALA A 123 -32.06 4.94 -68.34
N SER A 124 -32.67 5.46 -67.28
CA SER A 124 -33.62 4.69 -66.47
C SER A 124 -34.68 5.63 -65.94
N ARG A 125 -35.71 5.05 -65.32
CA ARG A 125 -36.83 5.80 -64.76
C ARG A 125 -37.08 5.32 -63.33
N GLN A 126 -36.35 5.91 -62.38
CA GLN A 126 -36.42 5.44 -61.00
C GLN A 126 -37.81 5.59 -60.39
N ASN A 127 -38.47 6.72 -60.62
CA ASN A 127 -39.75 7.00 -59.99
C ASN A 127 -40.87 6.58 -60.94
N TRP A 128 -41.76 5.72 -60.44
CA TRP A 128 -42.94 5.23 -61.16
C TRP A 128 -42.54 4.29 -62.30
N ASN A 129 -43.37 3.26 -62.52
CA ASN A 129 -43.09 2.27 -63.56
C ASN A 129 -43.82 2.70 -64.82
N ASP A 130 -43.17 3.58 -65.57
CA ASP A 130 -43.72 4.09 -66.83
C ASP A 130 -42.60 4.21 -67.85
N GLY A 131 -42.94 4.63 -69.06
CA GLY A 131 -42.01 4.67 -70.17
C GLY A 131 -41.10 5.88 -70.24
N TYR A 132 -41.18 6.79 -69.30
CA TYR A 132 -40.32 7.97 -69.29
C TYR A 132 -38.89 7.61 -68.89
N PHE A 133 -38.03 8.63 -68.82
CA PHE A 133 -36.65 8.49 -68.37
C PHE A 133 -36.30 9.71 -67.54
N ASP A 134 -35.70 9.49 -66.37
CA ASP A 134 -35.36 10.60 -65.50
C ASP A 134 -33.92 10.59 -65.00
N TYR A 135 -33.24 9.44 -65.02
CA TYR A 135 -31.81 9.37 -64.77
C TYR A 135 -31.09 9.09 -66.07
N TRP A 136 -30.16 9.97 -66.45
CA TRP A 136 -29.41 9.85 -67.69
C TRP A 136 -27.92 9.85 -67.40
N GLY A 137 -27.19 8.99 -68.11
CA GLY A 137 -25.74 9.05 -68.10
C GLY A 137 -25.20 9.94 -69.20
N GLN A 138 -23.93 10.30 -69.07
CA GLN A 138 -23.26 11.15 -70.05
C GLN A 138 -23.04 10.34 -71.32
N GLY A 139 -23.43 10.91 -72.46
CA GLY A 139 -23.40 10.18 -73.71
C GLY A 139 -22.00 9.98 -74.25
N THR A 140 -21.88 9.00 -75.14
CA THR A 140 -20.63 8.73 -75.83
C THR A 140 -20.87 8.73 -77.33
N LEU A 141 -19.89 9.27 -78.07
CA LEU A 141 -20.00 9.40 -79.51
C LEU A 141 -19.47 8.14 -80.18
N VAL A 142 -20.26 7.60 -81.11
CA VAL A 142 -19.87 6.43 -81.88
C VAL A 142 -19.87 6.82 -83.35
N THR A 143 -18.75 6.56 -84.03
CA THR A 143 -18.53 6.96 -85.40
C THR A 143 -18.29 5.74 -86.27
N VAL A 144 -18.93 5.68 -87.43
CA VAL A 144 -18.82 4.57 -88.37
C VAL A 144 -18.47 5.15 -89.74
N SER A 145 -17.18 5.11 -90.09
CA SER A 145 -16.75 5.66 -91.37
C SER A 145 -15.75 4.78 -92.11
N SER A 146 -15.00 3.96 -91.38
CA SER A 146 -13.92 3.10 -91.87
C SER A 146 -12.64 3.86 -92.25
N ALA A 147 -12.55 5.15 -91.94
CA ALA A 147 -11.34 5.89 -92.28
C ALA A 147 -10.21 5.54 -91.31
N SER A 148 -8.99 5.52 -91.84
CA SER A 148 -7.82 5.01 -91.11
C SER A 148 -7.04 6.15 -90.44
N THR A 149 -7.71 6.83 -89.51
CA THR A 149 -7.11 7.80 -88.57
C THR A 149 -6.03 8.66 -89.23
N LYS A 150 -6.34 9.17 -90.42
CA LYS A 150 -5.38 9.98 -91.16
C LYS A 150 -5.15 11.32 -90.46
N GLY A 151 -3.90 11.78 -90.49
CA GLY A 151 -3.54 13.03 -89.86
C GLY A 151 -4.10 14.26 -90.56
N PRO A 152 -4.07 15.40 -89.87
CA PRO A 152 -4.72 16.60 -90.41
C PRO A 152 -3.97 17.21 -91.59
N SER A 153 -4.72 17.94 -92.41
CA SER A 153 -4.17 18.78 -93.47
C SER A 153 -4.54 20.23 -93.20
N VAL A 154 -3.53 21.09 -93.11
CA VAL A 154 -3.71 22.49 -92.73
C VAL A 154 -3.64 23.34 -93.99
N PHE A 155 -4.71 24.09 -94.26
CA PHE A 155 -4.80 24.96 -95.44
C PHE A 155 -4.97 26.39 -94.96
N PRO A 156 -4.09 27.31 -95.35
CA PRO A 156 -4.21 28.70 -94.86
C PRO A 156 -5.26 29.47 -95.66
N LEU A 157 -6.40 29.71 -95.03
CA LEU A 157 -7.45 30.53 -95.63
C LEU A 157 -7.04 32.00 -95.53
N ALA A 158 -6.08 32.36 -96.38
CA ALA A 158 -5.52 33.71 -96.35
C ALA A 158 -6.51 34.68 -96.98
N PRO A 159 -6.55 35.93 -96.53
CA PRO A 159 -7.45 36.91 -97.13
C PRO A 159 -6.88 37.43 -98.45
N SER A 160 -7.66 38.31 -99.09
CA SER A 160 -7.26 38.92 -100.34
C SER A 160 -7.57 40.41 -100.30
N SER A 161 -6.79 41.19 -101.05
CA SER A 161 -7.00 42.63 -101.10
C SER A 161 -8.11 43.03 -102.07
N LYS A 162 -8.40 42.19 -103.08
CA LYS A 162 -9.46 42.53 -104.03
C LYS A 162 -10.82 42.57 -103.36
N SER A 163 -11.08 41.63 -102.45
CA SER A 163 -12.36 41.56 -101.74
C SER A 163 -12.37 42.37 -100.46
N THR A 164 -11.48 43.37 -100.33
CA THR A 164 -11.41 44.16 -99.10
C THR A 164 -12.66 45.03 -98.96
N SER A 165 -13.35 44.87 -97.84
CA SER A 165 -14.57 45.64 -97.56
C SER A 165 -14.23 46.84 -96.67
N GLY A 166 -13.55 47.81 -97.27
CA GLY A 166 -13.21 49.03 -96.57
C GLY A 166 -12.22 48.86 -95.43
N GLY A 167 -11.20 48.04 -95.62
CA GLY A 167 -10.12 47.91 -94.65
C GLY A 167 -10.24 46.73 -93.71
N THR A 168 -11.37 46.04 -93.68
CA THR A 168 -11.59 44.92 -92.77
C THR A 168 -11.80 43.64 -93.57
N ALA A 169 -11.07 42.59 -93.21
CA ALA A 169 -11.14 41.32 -93.93
C ALA A 169 -10.98 40.17 -92.94
N ALA A 170 -11.41 38.99 -93.37
CA ALA A 170 -11.35 37.79 -92.53
C ALA A 170 -10.24 36.86 -93.00
N LEU A 171 -9.50 36.32 -92.03
CA LEU A 171 -8.43 35.38 -92.31
C LEU A 171 -8.58 34.17 -91.38
N GLY A 172 -8.26 33.00 -91.90
CA GLY A 172 -8.46 31.81 -91.09
C GLY A 172 -7.63 30.64 -91.57
N CYS A 173 -7.98 29.47 -91.05
CA CYS A 173 -7.34 28.23 -91.46
C CYS A 173 -8.37 27.11 -91.50
N LEU A 174 -8.18 26.21 -92.46
CA LEU A 174 -9.04 25.05 -92.66
C LEU A 174 -8.26 23.79 -92.33
N VAL A 175 -8.87 22.90 -91.56
CA VAL A 175 -8.32 21.59 -91.29
C VAL A 175 -9.15 20.60 -92.09
N LYS A 176 -8.54 19.99 -93.09
CA LYS A 176 -9.23 19.10 -94.00
C LYS A 176 -8.53 17.74 -94.01
N ASP A 177 -9.34 16.72 -94.32
CA ASP A 177 -8.86 15.37 -94.60
C ASP A 177 -8.09 14.88 -93.36
N TYR A 178 -8.83 14.67 -92.27
CA TYR A 178 -8.27 14.26 -90.99
C TYR A 178 -9.26 13.38 -90.24
N PHE A 179 -8.72 12.63 -89.28
CA PHE A 179 -9.47 11.62 -88.52
C PHE A 179 -8.63 11.12 -87.37
N PRO A 180 -9.19 10.99 -86.16
CA PRO A 180 -10.57 11.29 -85.75
C PRO A 180 -10.77 12.63 -85.07
N GLU A 181 -12.02 12.92 -84.71
CA GLU A 181 -12.33 14.04 -83.83
C GLU A 181 -11.69 13.84 -82.47
N PRO A 182 -11.26 14.91 -81.82
CA PRO A 182 -11.28 16.30 -82.30
C PRO A 182 -9.92 16.74 -82.84
N VAL A 183 -9.88 17.89 -83.51
CA VAL A 183 -8.63 18.52 -83.91
C VAL A 183 -8.55 19.86 -83.21
N THR A 184 -7.42 20.14 -82.57
CA THR A 184 -7.25 21.34 -81.78
C THR A 184 -6.74 22.47 -82.66
N VAL A 185 -7.55 23.52 -82.81
CA VAL A 185 -7.21 24.67 -83.63
C VAL A 185 -7.17 25.90 -82.76
N SER A 186 -6.04 26.61 -82.78
CA SER A 186 -5.88 27.83 -82.00
C SER A 186 -5.14 28.87 -82.84
N TRP A 187 -5.10 30.09 -82.33
CA TRP A 187 -4.42 31.19 -83.01
C TRP A 187 -3.36 31.79 -82.11
N ASN A 188 -2.14 31.90 -82.66
CA ASN A 188 -1.00 32.47 -81.95
C ASN A 188 -0.78 31.80 -80.61
N SER A 189 -0.85 30.47 -80.61
CA SER A 189 -0.75 29.66 -79.40
C SER A 189 -1.81 30.05 -78.37
N GLY A 190 -3.01 30.39 -78.85
CA GLY A 190 -4.10 30.77 -77.99
C GLY A 190 -4.11 32.21 -77.53
N ALA A 191 -3.11 33.01 -77.93
CA ALA A 191 -3.04 34.39 -77.48
C ALA A 191 -4.14 35.24 -78.11
N LEU A 192 -4.52 34.97 -79.35
CA LEU A 192 -5.52 35.74 -80.07
C LEU A 192 -6.88 35.07 -79.87
N THR A 193 -7.76 35.71 -79.11
CA THR A 193 -9.09 35.20 -78.85
C THR A 193 -10.22 36.13 -79.24
N SER A 194 -9.97 37.44 -79.34
CA SER A 194 -11.01 38.38 -79.70
C SER A 194 -11.37 38.25 -81.17
N GLY A 195 -12.67 38.15 -81.46
CA GLY A 195 -13.13 38.04 -82.82
C GLY A 195 -12.88 36.70 -83.48
N VAL A 196 -12.48 35.69 -82.72
CA VAL A 196 -12.14 34.37 -83.26
C VAL A 196 -13.39 33.50 -83.22
N HIS A 197 -13.69 32.84 -84.34
CA HIS A 197 -14.81 31.93 -84.44
C HIS A 197 -14.34 30.60 -85.00
N THR A 198 -14.85 29.51 -84.41
CA THR A 198 -14.54 28.17 -84.85
C THR A 198 -15.84 27.46 -85.21
N PHE A 199 -15.79 26.72 -86.32
CA PHE A 199 -16.95 26.06 -86.89
C PHE A 199 -16.89 24.55 -86.61
N PRO A 200 -18.00 23.95 -86.20
CA PRO A 200 -18.01 22.50 -85.99
C PRO A 200 -17.68 21.75 -87.27
N ALA A 201 -16.93 20.67 -87.13
CA ALA A 201 -16.52 19.89 -88.29
C ALA A 201 -17.70 19.12 -88.87
N VAL A 202 -17.60 18.82 -90.16
CA VAL A 202 -18.62 18.05 -90.86
C VAL A 202 -17.95 16.92 -91.63
N LEU A 203 -18.72 15.86 -91.87
CA LEU A 203 -18.24 14.70 -92.61
C LEU A 203 -18.57 14.85 -94.09
N GLN A 204 -17.57 14.66 -94.94
CA GLN A 204 -17.76 14.68 -96.38
C GLN A 204 -18.05 13.28 -96.89
N SER A 205 -18.27 13.17 -98.20
CA SER A 205 -18.51 11.88 -98.83
C SER A 205 -17.17 11.22 -99.19
N SER A 206 -16.25 11.28 -98.23
CA SER A 206 -14.93 10.68 -98.38
C SER A 206 -14.55 9.94 -97.11
N GLY A 207 -15.30 10.17 -96.04
CA GLY A 207 -14.96 9.64 -94.74
C GLY A 207 -14.04 10.54 -93.93
N LEU A 208 -13.73 11.73 -94.42
CA LEU A 208 -12.83 12.66 -93.75
C LEU A 208 -13.55 13.97 -93.45
N TYR A 209 -13.05 14.65 -92.42
CA TYR A 209 -13.68 15.85 -91.89
C TYR A 209 -13.13 17.12 -92.55
N SER A 210 -13.89 18.20 -92.36
CA SER A 210 -13.48 19.55 -92.76
C SER A 210 -13.92 20.53 -91.69
N LEU A 211 -12.99 21.33 -91.19
CA LEU A 211 -13.24 22.29 -90.12
C LEU A 211 -12.60 23.62 -90.49
N SER A 212 -13.17 24.71 -89.97
CA SER A 212 -12.68 26.04 -90.25
C SER A 212 -12.59 26.86 -88.97
N SER A 213 -11.58 27.73 -88.92
CA SER A 213 -11.44 28.68 -87.81
C SER A 213 -10.96 30.01 -88.37
N VAL A 214 -11.77 31.05 -88.20
CA VAL A 214 -11.52 32.34 -88.85
C VAL A 214 -11.63 33.47 -87.85
N VAL A 215 -10.92 34.56 -88.11
CA VAL A 215 -11.01 35.79 -87.34
C VAL A 215 -11.04 36.96 -88.33
N THR A 216 -11.91 37.94 -88.06
CA THR A 216 -12.07 39.09 -88.92
C THR A 216 -11.38 40.29 -88.27
N VAL A 217 -10.39 40.85 -88.96
CA VAL A 217 -9.58 41.95 -88.43
C VAL A 217 -9.42 43.01 -89.50
N PRO A 218 -9.08 44.23 -89.09
CA PRO A 218 -8.69 45.25 -90.07
C PRO A 218 -7.45 44.82 -90.84
N SER A 219 -7.42 45.16 -92.13
CA SER A 219 -6.31 44.75 -92.99
C SER A 219 -5.03 45.51 -92.69
N SER A 220 -5.11 46.64 -91.99
CA SER A 220 -3.92 47.45 -91.73
C SER A 220 -2.93 46.75 -90.81
N SER A 221 -3.41 45.97 -89.84
CA SER A 221 -2.53 45.30 -88.88
C SER A 221 -1.91 44.03 -89.44
N LEU A 222 -2.23 43.65 -90.68
CA LEU A 222 -1.71 42.42 -91.25
C LEU A 222 -0.19 42.46 -91.40
N GLY A 223 0.36 43.63 -91.70
CA GLY A 223 1.78 43.77 -91.94
C GLY A 223 2.66 43.90 -90.71
N THR A 224 2.09 43.91 -89.52
CA THR A 224 2.87 44.05 -88.29
C THR A 224 2.61 42.96 -87.26
N GLN A 225 1.42 42.37 -87.25
CA GLN A 225 1.07 41.30 -86.32
C GLN A 225 1.10 39.97 -87.06
N THR A 226 1.83 39.00 -86.49
CA THR A 226 1.93 37.67 -87.10
C THR A 226 0.73 36.84 -86.68
N TYR A 227 0.07 36.22 -87.66
CA TYR A 227 -1.09 35.37 -87.43
C TYR A 227 -0.70 33.93 -87.67
N ILE A 228 -0.74 33.13 -86.60
CA ILE A 228 -0.33 31.73 -86.63
C ILE A 228 -1.52 30.86 -86.28
N CYS A 229 -1.88 29.96 -87.20
CA CYS A 229 -2.84 28.91 -86.91
C CYS A 229 -2.08 27.69 -86.41
N ASN A 230 -2.44 27.24 -85.21
CA ASN A 230 -1.81 26.08 -84.56
C ASN A 230 -2.82 24.94 -84.60
N VAL A 231 -2.41 23.81 -85.18
CA VAL A 231 -3.26 22.64 -85.33
C VAL A 231 -2.58 21.47 -84.66
N ASN A 232 -3.23 20.92 -83.64
CA ASN A 232 -2.72 19.78 -82.87
C ASN A 232 -3.66 18.60 -83.07
N HIS A 233 -3.11 17.46 -83.46
CA HIS A 233 -3.87 16.21 -83.60
C HIS A 233 -3.11 15.14 -82.83
N LYS A 234 -3.55 14.90 -81.60
CA LYS A 234 -2.90 13.90 -80.75
C LYS A 234 -2.95 12.49 -81.34
N PRO A 235 -4.07 12.00 -81.89
CA PRO A 235 -4.06 10.65 -82.47
C PRO A 235 -3.01 10.46 -83.56
N SER A 236 -2.72 11.49 -84.34
CA SER A 236 -1.63 11.46 -85.31
C SER A 236 -0.39 12.20 -84.81
N ASN A 237 -0.42 12.71 -83.56
CA ASN A 237 0.72 13.36 -82.92
C ASN A 237 1.28 14.51 -83.77
N THR A 238 0.44 15.06 -84.63
CA THR A 238 0.85 16.04 -85.62
C THR A 238 0.58 17.45 -85.11
N LYS A 239 1.63 18.26 -85.05
CA LYS A 239 1.52 19.68 -84.72
C LYS A 239 1.97 20.49 -85.93
N VAL A 240 1.08 21.33 -86.43
CA VAL A 240 1.36 22.18 -87.58
C VAL A 240 1.07 23.62 -87.19
N ASP A 241 2.07 24.48 -87.30
CA ASP A 241 1.88 25.92 -87.18
C ASP A 241 2.05 26.54 -88.56
N LYS A 242 1.11 27.41 -88.93
CA LYS A 242 1.09 28.01 -90.26
C LYS A 242 0.84 29.51 -90.16
N ARG A 243 1.60 30.29 -90.92
CA ARG A 243 1.48 31.75 -90.90
C ARG A 243 0.54 32.20 -92.00
N VAL A 244 -0.36 33.12 -91.67
CA VAL A 244 -1.37 33.62 -92.59
C VAL A 244 -0.99 35.03 -93.02
N GLU A 245 -0.79 35.21 -94.32
CA GLU A 245 -0.53 36.50 -94.93
C GLU A 245 -1.16 36.53 -96.30
N PRO A 246 -1.47 37.71 -96.84
CA PRO A 246 -2.06 37.78 -98.17
C PRO A 246 -1.14 37.16 -99.23
N LYS A 247 -1.75 36.54 -100.22
CA LYS A 247 -0.98 35.94 -101.30
C LYS A 247 -0.27 37.01 -102.12
N SER A 248 1.00 36.76 -102.42
CA SER A 248 1.81 37.76 -103.10
C SER A 248 1.36 37.99 -104.54
N CYS A 249 0.74 36.99 -105.17
CA CYS A 249 0.22 37.18 -106.52
C CYS A 249 -0.91 38.19 -106.57
N ASP A 250 -1.59 38.42 -105.45
CA ASP A 250 -2.69 39.39 -105.38
C ASP A 250 -2.42 40.53 -104.40
N LYS A 251 -1.17 40.74 -104.02
CA LYS A 251 -0.82 41.88 -103.17
C LYS A 251 -0.91 43.17 -103.95
N THR A 252 -0.95 44.29 -103.21
CA THR A 252 -1.01 45.61 -103.81
C THR A 252 0.40 46.09 -104.17
N HIS A 253 0.92 45.52 -105.25
CA HIS A 253 2.25 45.86 -105.74
C HIS A 253 2.20 47.09 -106.64
N ASP B 26 -48.58 4.72 -86.43
CA ASP B 26 -47.60 5.64 -85.85
C ASP B 26 -48.25 6.98 -85.51
N ILE B 27 -47.58 7.75 -84.66
CA ILE B 27 -48.07 9.04 -84.17
C ILE B 27 -47.04 10.11 -84.49
N GLN B 28 -47.51 11.27 -84.94
CA GLN B 28 -46.62 12.35 -85.34
C GLN B 28 -46.70 13.50 -84.33
N MET B 29 -45.57 14.15 -84.11
CA MET B 29 -45.47 15.33 -83.25
C MET B 29 -45.09 16.53 -84.11
N THR B 30 -45.86 17.61 -83.99
CA THR B 30 -45.53 18.88 -84.64
C THR B 30 -45.39 19.94 -83.56
N GLN B 31 -44.20 20.54 -83.47
CA GLN B 31 -43.95 21.62 -82.53
C GLN B 31 -44.05 22.95 -83.24
N SER B 32 -44.46 23.98 -82.50
CA SER B 32 -44.73 25.28 -83.09
C SER B 32 -44.43 26.36 -82.06
N PRO B 33 -43.81 27.47 -82.50
CA PRO B 33 -43.22 27.66 -83.82
C PRO B 33 -41.83 27.02 -83.87
N ALA B 34 -41.24 26.87 -85.06
CA ALA B 34 -39.97 26.16 -85.17
C ALA B 34 -38.86 26.85 -84.38
N THR B 35 -38.82 28.19 -84.43
CA THR B 35 -37.84 28.96 -83.68
C THR B 35 -38.56 30.11 -82.98
N LEU B 36 -38.27 30.29 -81.70
CA LEU B 36 -38.83 31.37 -80.91
C LEU B 36 -37.73 32.32 -80.50
N SER B 37 -38.07 33.61 -80.43
CA SER B 37 -37.12 34.66 -80.08
C SER B 37 -37.74 35.53 -78.99
N LEU B 38 -37.34 35.30 -77.73
CA LEU B 38 -37.90 36.03 -76.61
C LEU B 38 -36.79 36.47 -75.67
N SER B 39 -37.04 37.57 -74.95
CA SER B 39 -36.09 38.14 -74.02
C SER B 39 -36.15 37.42 -72.68
N PRO B 40 -35.09 37.51 -71.88
CA PRO B 40 -35.17 37.02 -70.50
C PRO B 40 -36.28 37.76 -69.75
N GLY B 41 -36.91 37.05 -68.82
CA GLY B 41 -37.87 37.64 -67.92
C GLY B 41 -39.28 37.76 -68.45
N GLU B 42 -39.53 37.40 -69.71
CA GLU B 42 -40.89 37.49 -70.24
C GLU B 42 -41.39 36.12 -70.69
N ARG B 43 -42.70 35.95 -70.57
CA ARG B 43 -43.37 34.66 -70.70
C ARG B 43 -43.16 34.06 -72.08
N ALA B 44 -42.98 32.75 -72.15
CA ALA B 44 -42.83 32.02 -73.39
C ALA B 44 -43.86 30.91 -73.46
N THR B 45 -44.47 30.74 -74.64
CA THR B 45 -45.47 29.71 -74.87
C THR B 45 -45.04 28.84 -76.05
N LEU B 46 -45.06 27.53 -75.85
CA LEU B 46 -44.65 26.57 -76.88
C LEU B 46 -45.79 25.60 -77.13
N PHE B 47 -46.10 25.34 -78.40
CA PHE B 47 -47.25 24.53 -78.77
C PHE B 47 -46.78 23.21 -79.37
N CYS B 48 -47.50 22.13 -79.06
CA CYS B 48 -47.28 20.83 -79.65
C CYS B 48 -48.62 20.21 -80.03
N ARG B 49 -48.65 19.60 -81.21
CA ARG B 49 -49.84 18.99 -81.77
C ARG B 49 -49.52 17.55 -82.14
N ALA B 50 -50.51 16.66 -81.94
CA ALA B 50 -50.37 15.24 -82.20
C ALA B 50 -51.22 14.82 -83.38
N SER B 51 -50.67 13.89 -84.18
CA SER B 51 -51.45 13.29 -85.25
C SER B 51 -52.59 12.43 -84.72
N GLN B 52 -52.43 11.83 -83.55
CA GLN B 52 -53.45 11.01 -82.93
C GLN B 52 -53.63 11.46 -81.48
N SER B 53 -54.84 11.30 -80.97
CA SER B 53 -55.12 11.67 -79.59
C SER B 53 -54.35 10.77 -78.63
N VAL B 54 -53.67 11.38 -77.67
CA VAL B 54 -52.90 10.67 -76.67
C VAL B 54 -53.33 11.03 -75.25
N SER B 55 -54.59 11.48 -75.11
CA SER B 55 -55.12 11.93 -73.82
C SER B 55 -54.28 13.06 -73.25
N SER B 56 -53.53 12.77 -72.18
CA SER B 56 -52.60 13.72 -71.59
C SER B 56 -51.24 13.10 -71.35
N SER B 57 -50.84 12.11 -72.14
CA SER B 57 -49.60 11.38 -71.91
C SER B 57 -48.46 11.89 -72.81
N LEU B 58 -47.89 13.03 -72.43
CA LEU B 58 -46.67 13.52 -73.04
C LEU B 58 -45.72 14.08 -72.00
N ALA B 59 -44.44 14.08 -72.34
CA ALA B 59 -43.41 14.76 -71.59
C ALA B 59 -42.74 15.78 -72.48
N TRP B 60 -42.27 16.88 -71.90
CA TRP B 60 -41.46 17.82 -72.65
C TRP B 60 -40.09 17.94 -71.98
N TYR B 61 -39.07 17.89 -72.82
CA TYR B 61 -37.66 17.82 -72.43
C TYR B 61 -36.94 19.09 -72.88
N GLN B 62 -35.86 19.42 -72.18
CA GLN B 62 -35.00 20.54 -72.56
C GLN B 62 -33.58 20.03 -72.74
N GLN B 63 -32.97 20.34 -73.88
CA GLN B 63 -31.61 19.92 -74.20
C GLN B 63 -30.78 21.14 -74.56
N LYS B 64 -29.55 21.18 -74.06
CA LYS B 64 -28.58 22.20 -74.39
C LYS B 64 -27.52 21.62 -75.31
N PRO B 65 -26.86 22.45 -76.12
CA PRO B 65 -25.80 21.94 -76.99
C PRO B 65 -24.71 21.24 -76.19
N GLY B 66 -24.36 20.04 -76.63
CA GLY B 66 -23.32 19.26 -75.97
C GLY B 66 -23.71 18.61 -74.67
N GLN B 67 -24.99 18.62 -74.31
CA GLN B 67 -25.45 18.06 -73.05
C GLN B 67 -26.62 17.11 -73.30
N ALA B 68 -26.78 16.15 -72.38
CA ALA B 68 -27.91 15.24 -72.45
C ALA B 68 -29.21 15.99 -72.18
N PRO B 69 -30.28 15.65 -72.91
CA PRO B 69 -31.57 16.30 -72.66
C PRO B 69 -32.07 16.01 -71.26
N ARG B 70 -32.65 17.03 -70.62
CA ARG B 70 -33.23 16.89 -69.30
C ARG B 70 -34.74 17.07 -69.39
N LEU B 71 -35.48 16.14 -68.80
CA LEU B 71 -36.93 16.20 -68.83
C LEU B 71 -37.41 17.37 -67.96
N LEU B 72 -38.45 18.05 -68.43
CA LEU B 72 -39.03 19.19 -67.73
C LEU B 72 -40.44 18.92 -67.23
N ILE B 73 -41.30 18.37 -68.08
CA ILE B 73 -42.68 18.10 -67.73
C ILE B 73 -42.98 16.65 -68.10
N TYR B 74 -43.68 15.93 -67.22
CA TYR B 74 -44.15 14.58 -67.53
C TYR B 74 -45.64 14.50 -67.28
N ASP B 75 -46.32 13.70 -68.10
CA ASP B 75 -47.78 13.59 -68.16
C ASP B 75 -48.45 14.90 -68.56
N ALA B 76 -47.70 15.82 -69.16
CA ALA B 76 -48.14 17.08 -69.75
C ALA B 76 -48.62 18.09 -68.70
N SER B 77 -48.78 17.69 -67.44
CA SER B 77 -49.18 18.64 -66.40
C SER B 77 -48.26 18.57 -65.21
N ASN B 78 -47.78 17.37 -64.88
CA ASN B 78 -46.97 17.19 -63.69
C ASN B 78 -45.54 17.62 -63.96
N ARG B 79 -44.97 18.38 -63.03
CA ARG B 79 -43.59 18.82 -63.14
C ARG B 79 -42.65 17.73 -62.63
N ALA B 80 -41.52 17.57 -63.31
CA ALA B 80 -40.52 16.60 -62.90
C ALA B 80 -39.81 17.06 -61.63
N THR B 81 -38.99 16.18 -61.08
CA THR B 81 -38.26 16.49 -59.86
C THR B 81 -37.23 17.58 -60.13
N GLY B 82 -37.11 18.51 -59.18
CA GLY B 82 -36.12 19.56 -59.28
C GLY B 82 -36.35 20.57 -60.38
N ILE B 83 -37.59 20.76 -60.79
CA ILE B 83 -37.95 21.71 -61.84
C ILE B 83 -38.51 22.96 -61.17
N PRO B 84 -37.86 24.11 -61.31
CA PRO B 84 -38.41 25.36 -60.77
C PRO B 84 -39.86 25.57 -61.18
N ALA B 85 -40.57 26.34 -60.34
CA ALA B 85 -42.00 26.55 -60.57
C ALA B 85 -42.27 27.45 -61.77
N ARG B 86 -41.24 28.13 -62.30
CA ARG B 86 -41.45 29.04 -63.42
C ARG B 86 -41.81 28.30 -64.70
N PHE B 87 -41.66 26.98 -64.73
CA PHE B 87 -42.07 26.16 -65.87
C PHE B 87 -43.39 25.48 -65.54
N SER B 88 -44.30 25.43 -66.52
CA SER B 88 -45.55 24.72 -66.34
C SER B 88 -46.06 24.27 -67.71
N GLY B 89 -46.99 23.34 -67.70
CA GLY B 89 -47.52 22.81 -68.95
C GLY B 89 -48.94 22.32 -68.77
N SER B 90 -49.66 22.29 -69.88
CA SER B 90 -51.05 21.85 -69.87
C SER B 90 -51.43 21.43 -71.28
N GLY B 91 -52.65 20.94 -71.41
CA GLY B 91 -53.18 20.55 -72.71
C GLY B 91 -53.95 19.26 -72.60
N SER B 92 -54.54 18.89 -73.73
CA SER B 92 -55.35 17.67 -73.80
C SER B 92 -55.51 17.25 -75.24
N GLY B 93 -55.95 16.01 -75.42
CA GLY B 93 -56.20 15.47 -76.75
C GLY B 93 -54.96 15.48 -77.60
N THR B 94 -54.92 16.40 -78.57
CA THR B 94 -53.75 16.59 -79.41
C THR B 94 -53.06 17.93 -79.21
N ASP B 95 -53.70 18.89 -78.54
CA ASP B 95 -53.17 20.25 -78.41
C ASP B 95 -52.60 20.43 -77.02
N PHE B 96 -51.33 20.79 -76.93
CA PHE B 96 -50.65 20.95 -75.66
C PHE B 96 -49.72 22.15 -75.70
N THR B 97 -49.56 22.80 -74.55
CA THR B 97 -48.74 24.02 -74.44
C THR B 97 -47.85 23.94 -73.22
N LEU B 98 -46.69 24.59 -73.32
CA LEU B 98 -45.83 24.87 -72.18
C LEU B 98 -45.72 26.38 -71.99
N THR B 99 -45.83 26.82 -70.74
CA THR B 99 -45.71 28.22 -70.36
C THR B 99 -44.52 28.38 -69.43
N ILE B 100 -43.61 29.27 -69.79
CA ILE B 100 -42.50 29.68 -68.92
C ILE B 100 -42.77 31.11 -68.48
N SER B 101 -42.95 31.30 -67.17
CA SER B 101 -43.30 32.62 -66.66
C SER B 101 -42.17 33.62 -66.85
N SER B 102 -40.93 33.21 -66.59
CA SER B 102 -39.80 34.13 -66.68
C SER B 102 -38.60 33.38 -67.26
N LEU B 103 -38.18 33.79 -68.45
CA LEU B 103 -36.99 33.20 -69.07
C LEU B 103 -35.76 33.60 -68.29
N GLU B 104 -34.91 32.62 -68.01
CA GLU B 104 -33.59 32.87 -67.46
C GLU B 104 -32.55 32.83 -68.57
N PRO B 105 -31.41 33.50 -68.37
CA PRO B 105 -30.37 33.51 -69.42
C PRO B 105 -29.88 32.12 -69.79
N GLU B 106 -30.03 31.17 -68.88
CA GLU B 106 -29.59 29.79 -69.12
C GLU B 106 -30.71 28.90 -69.66
N ASP B 107 -31.90 29.44 -69.89
CA ASP B 107 -33.03 28.63 -70.36
C ASP B 107 -33.16 28.59 -71.88
N PHE B 108 -32.26 29.26 -72.60
CA PHE B 108 -32.30 29.27 -74.06
C PHE B 108 -31.69 27.97 -74.56
N ALA B 109 -32.54 27.04 -74.98
CA ALA B 109 -32.12 25.71 -75.40
C ALA B 109 -33.20 25.10 -76.26
N VAL B 110 -32.95 23.91 -76.78
CA VAL B 110 -33.91 23.25 -77.67
C VAL B 110 -34.89 22.46 -76.82
N TYR B 111 -36.17 22.53 -77.18
CA TYR B 111 -37.24 21.91 -76.41
C TYR B 111 -37.93 20.85 -77.25
N TYR B 112 -38.17 19.69 -76.65
CA TYR B 112 -38.67 18.53 -77.37
C TYR B 112 -39.96 18.02 -76.74
N CYS B 113 -40.86 17.54 -77.59
CA CYS B 113 -42.12 16.95 -77.16
C CYS B 113 -42.09 15.44 -77.39
N GLN B 114 -42.44 14.67 -76.37
CA GLN B 114 -42.45 13.21 -76.41
C GLN B 114 -43.83 12.70 -76.08
N GLN B 115 -44.31 11.74 -76.86
CA GLN B 115 -45.60 11.10 -76.61
C GLN B 115 -45.38 9.66 -76.14
N ARG B 116 -46.19 9.24 -75.17
CA ARG B 116 -46.23 7.84 -74.76
C ARG B 116 -47.63 7.27 -74.85
N GLY B 117 -48.55 7.96 -75.53
CA GLY B 117 -49.93 7.50 -75.60
C GLY B 117 -50.07 6.13 -76.23
N ASN B 118 -49.24 5.82 -77.23
CA ASN B 118 -49.27 4.51 -77.87
C ASN B 118 -47.84 4.24 -78.33
N TRP B 119 -47.08 3.50 -77.52
CA TRP B 119 -45.70 3.23 -77.81
C TRP B 119 -45.42 1.76 -77.53
N PRO B 120 -44.45 1.15 -78.22
CA PRO B 120 -43.59 1.72 -79.27
C PRO B 120 -44.32 1.87 -80.60
N PRO B 121 -43.82 2.70 -81.54
CA PRO B 121 -42.68 3.60 -81.44
C PRO B 121 -42.83 4.71 -80.39
N ILE B 122 -41.72 5.27 -79.92
CA ILE B 122 -41.75 6.48 -79.10
C ILE B 122 -41.37 7.65 -79.99
N THR B 123 -42.32 8.56 -80.21
CA THR B 123 -42.16 9.61 -81.20
C THR B 123 -41.87 10.94 -80.51
N PHE B 124 -40.84 11.64 -80.99
CA PHE B 124 -40.44 12.94 -80.49
C PHE B 124 -40.69 14.02 -81.54
N GLY B 125 -40.89 15.25 -81.08
CA GLY B 125 -41.07 16.38 -81.96
C GLY B 125 -39.77 16.81 -82.63
N GLN B 126 -39.92 17.69 -83.61
CA GLN B 126 -38.76 18.19 -84.34
C GLN B 126 -37.94 19.18 -83.53
N GLY B 127 -38.48 19.67 -82.42
CA GLY B 127 -37.71 20.59 -81.58
C GLY B 127 -38.01 22.05 -81.89
N THR B 128 -37.75 22.90 -80.90
CA THR B 128 -37.93 24.33 -81.03
C THR B 128 -36.69 25.05 -80.50
N ARG B 129 -36.42 26.23 -81.06
CA ARG B 129 -35.26 27.02 -80.70
C ARG B 129 -35.72 28.29 -79.99
N LEU B 130 -35.14 28.55 -78.81
CA LEU B 130 -35.47 29.72 -78.00
C LEU B 130 -34.35 30.74 -78.14
N ASP B 131 -34.64 31.86 -78.79
CA ASP B 131 -33.65 32.87 -79.12
C ASP B 131 -34.02 34.18 -78.43
N THR B 132 -33.12 35.17 -78.49
CA THR B 132 -33.31 36.45 -77.82
C THR B 132 -32.79 37.58 -78.69
N LYS B 133 -33.05 38.82 -78.25
CA LYS B 133 -32.57 40.02 -78.89
C LYS B 133 -31.05 40.10 -78.82
N ARG B 134 -30.44 41.05 -79.52
CA ARG B 134 -30.82 42.27 -80.27
C ARG B 134 -31.65 41.93 -81.52
N THR B 135 -32.34 42.95 -82.06
CA THR B 135 -33.27 42.78 -83.16
C THR B 135 -32.51 42.51 -84.46
N VAL B 136 -33.25 42.51 -85.58
CA VAL B 136 -32.70 42.10 -86.87
C VAL B 136 -31.55 43.01 -87.27
N ALA B 137 -30.50 42.42 -87.83
CA ALA B 137 -29.36 43.16 -88.35
C ALA B 137 -28.89 42.49 -89.64
N ALA B 138 -28.52 43.32 -90.62
CA ALA B 138 -28.09 42.79 -91.90
C ALA B 138 -26.73 42.09 -91.75
N PRO B 139 -26.51 41.01 -92.49
CA PRO B 139 -25.19 40.35 -92.45
C PRO B 139 -24.13 41.15 -93.19
N SER B 140 -22.89 41.00 -92.75
CA SER B 140 -21.74 41.43 -93.52
C SER B 140 -21.35 40.27 -94.43
N VAL B 141 -21.38 40.50 -95.73
CA VAL B 141 -21.36 39.42 -96.72
C VAL B 141 -20.09 39.50 -97.54
N PHE B 142 -19.45 38.35 -97.76
CA PHE B 142 -18.24 38.26 -98.58
C PHE B 142 -18.31 37.02 -99.44
N ILE B 143 -17.53 37.01 -100.53
CA ILE B 143 -17.36 35.84 -101.38
C ILE B 143 -15.87 35.62 -101.59
N PHE B 144 -15.44 34.37 -101.48
CA PHE B 144 -14.08 33.88 -101.59
C PHE B 144 -13.91 33.01 -102.82
N PRO B 145 -13.11 33.45 -103.78
CA PRO B 145 -12.67 32.56 -104.87
C PRO B 145 -11.68 31.54 -104.36
N PRO B 146 -11.44 30.46 -105.10
CA PRO B 146 -10.56 29.40 -104.60
C PRO B 146 -9.12 29.87 -104.46
N SER B 147 -8.40 29.20 -103.57
CA SER B 147 -6.97 29.41 -103.40
C SER B 147 -6.18 28.59 -104.43
N ASP B 148 -4.92 28.98 -104.60
CA ASP B 148 -4.09 28.37 -105.64
C ASP B 148 -3.75 26.92 -105.35
N GLU B 149 -3.52 26.56 -104.09
CA GLU B 149 -3.23 25.15 -103.77
C GLU B 149 -4.41 24.25 -104.10
N GLN B 150 -5.63 24.73 -103.87
CA GLN B 150 -6.81 23.99 -104.33
C GLN B 150 -6.85 23.89 -105.85
N LEU B 151 -6.51 24.99 -106.53
CA LEU B 151 -6.59 25.01 -107.99
C LEU B 151 -5.61 24.02 -108.62
N LYS B 152 -4.39 23.93 -108.09
CA LYS B 152 -3.42 23.00 -108.68
C LYS B 152 -3.71 21.56 -108.28
N SER B 153 -4.60 21.34 -107.31
CA SER B 153 -4.93 20.00 -106.85
C SER B 153 -6.07 19.36 -107.62
N GLY B 154 -6.60 20.02 -108.64
CA GLY B 154 -7.68 19.48 -109.44
C GLY B 154 -9.07 19.73 -108.89
N THR B 155 -9.20 20.49 -107.80
CA THR B 155 -10.50 20.80 -107.22
C THR B 155 -10.66 22.32 -107.14
N ALA B 156 -11.82 22.75 -106.67
CA ALA B 156 -12.09 24.17 -106.52
C ALA B 156 -13.29 24.34 -105.59
N SER B 157 -13.29 25.43 -104.83
CA SER B 157 -14.37 25.72 -103.91
C SER B 157 -14.58 27.23 -103.84
N VAL B 158 -15.83 27.64 -103.96
CA VAL B 158 -16.23 29.03 -103.85
C VAL B 158 -17.00 29.19 -102.55
N VAL B 159 -16.64 30.20 -101.75
CA VAL B 159 -17.18 30.36 -100.41
C VAL B 159 -18.02 31.63 -100.39
N CYS B 160 -19.17 31.58 -99.72
CA CYS B 160 -19.99 32.76 -99.46
C CYS B 160 -20.23 32.82 -97.95
N LEU B 161 -19.80 33.91 -97.33
CA LEU B 161 -19.87 34.06 -95.89
C LEU B 161 -20.78 35.21 -95.50
N LEU B 162 -21.68 34.93 -94.55
CA LEU B 162 -22.50 35.94 -93.91
C LEU B 162 -22.09 36.00 -92.44
N ASN B 163 -21.81 37.20 -91.95
CA ASN B 163 -21.36 37.40 -90.59
C ASN B 163 -22.29 38.34 -89.84
N ASN B 164 -22.44 38.08 -88.55
CA ASN B 164 -23.10 39.00 -87.62
C ASN B 164 -24.52 39.35 -88.08
N PHE B 165 -25.28 38.33 -88.47
CA PHE B 165 -26.66 38.51 -88.90
C PHE B 165 -27.61 37.91 -87.86
N TYR B 166 -28.85 38.38 -87.91
CA TYR B 166 -29.88 37.94 -86.97
C TYR B 166 -31.24 38.17 -87.59
N PRO B 167 -32.18 37.21 -87.44
CA PRO B 167 -32.01 35.89 -86.83
C PRO B 167 -31.40 34.89 -87.81
N ARG B 168 -31.43 33.59 -87.50
CA ARG B 168 -30.58 32.63 -88.18
C ARG B 168 -31.04 32.31 -89.61
N GLU B 169 -32.33 32.38 -89.89
CA GLU B 169 -32.83 31.95 -91.18
C GLU B 169 -32.38 32.90 -92.29
N ALA B 170 -31.94 32.33 -93.41
CA ALA B 170 -31.57 33.08 -94.59
C ALA B 170 -31.62 32.16 -95.80
N LYS B 171 -31.73 32.75 -96.99
CA LYS B 171 -31.83 31.97 -98.23
C LYS B 171 -30.60 32.25 -99.09
N VAL B 172 -29.92 31.18 -99.50
CA VAL B 172 -28.63 31.24 -100.20
C VAL B 172 -28.76 30.49 -101.52
N GLN B 173 -28.25 31.09 -102.58
CA GLN B 173 -28.29 30.52 -103.93
C GLN B 173 -26.95 30.74 -104.62
N TRP B 174 -26.52 29.77 -105.42
CA TRP B 174 -25.28 29.84 -106.16
C TRP B 174 -25.58 29.83 -107.65
N LYS B 175 -25.18 30.90 -108.35
CA LYS B 175 -25.33 31.01 -109.80
C LYS B 175 -23.96 31.01 -110.45
N VAL B 176 -23.82 30.24 -111.53
CA VAL B 176 -22.58 30.18 -112.29
C VAL B 176 -22.92 30.43 -113.75
N ASP B 177 -22.75 31.67 -114.21
CA ASP B 177 -23.11 32.08 -115.56
C ASP B 177 -24.57 31.75 -115.87
N ASN B 178 -25.45 32.06 -114.92
CA ASN B 178 -26.90 31.94 -115.07
C ASN B 178 -27.35 30.51 -115.37
N ALA B 179 -26.60 29.50 -114.91
CA ALA B 179 -26.97 28.11 -115.08
C ALA B 179 -27.61 27.60 -113.80
N LEU B 180 -28.69 26.85 -113.94
CA LEU B 180 -29.39 26.32 -112.77
C LEU B 180 -28.48 25.38 -111.99
N GLN B 181 -28.42 25.57 -110.68
CA GLN B 181 -27.58 24.76 -109.82
C GLN B 181 -28.40 24.19 -108.66
N SER B 182 -28.24 22.89 -108.43
CA SER B 182 -28.94 22.22 -107.34
C SER B 182 -28.17 20.95 -106.97
N GLY B 183 -28.08 20.68 -105.68
CA GLY B 183 -27.38 19.51 -105.18
C GLY B 183 -25.87 19.60 -105.21
N ASN B 184 -25.31 20.78 -105.46
CA ASN B 184 -23.87 20.97 -105.55
C ASN B 184 -23.37 22.00 -104.55
N SER B 185 -24.15 22.27 -103.50
CA SER B 185 -23.78 23.27 -102.51
C SER B 185 -24.01 22.72 -101.12
N GLN B 186 -23.28 23.26 -100.16
CA GLN B 186 -23.46 22.92 -98.76
C GLN B 186 -23.53 24.18 -97.92
N GLU B 187 -24.27 24.11 -96.81
CA GLU B 187 -24.44 25.25 -95.93
C GLU B 187 -24.20 24.83 -94.49
N SER B 188 -23.60 25.75 -93.73
CA SER B 188 -23.33 25.53 -92.31
C SER B 188 -23.67 26.78 -91.53
N VAL B 189 -24.30 26.58 -90.37
CA VAL B 189 -24.75 27.67 -89.50
C VAL B 189 -24.04 27.53 -88.16
N THR B 190 -23.72 28.67 -87.55
CA THR B 190 -23.23 28.65 -86.18
C THR B 190 -24.37 28.91 -85.21
N GLU B 191 -24.06 28.79 -83.92
CA GLU B 191 -25.02 29.08 -82.87
C GLU B 191 -25.13 30.58 -82.67
N GLN B 192 -26.05 30.99 -81.80
CA GLN B 192 -26.17 32.40 -81.43
C GLN B 192 -24.97 32.81 -80.58
N ASP B 193 -24.33 33.91 -80.97
CA ASP B 193 -23.22 34.43 -80.18
C ASP B 193 -23.76 35.02 -78.88
N SER B 194 -23.07 34.76 -77.78
CA SER B 194 -23.54 35.20 -76.47
C SER B 194 -23.46 36.71 -76.28
N LYS B 195 -22.60 37.39 -77.03
CA LYS B 195 -22.41 38.83 -76.87
C LYS B 195 -23.16 39.67 -77.88
N ASP B 196 -22.89 39.48 -79.17
CA ASP B 196 -23.49 40.31 -80.21
C ASP B 196 -24.89 39.79 -80.57
N SER B 197 -25.20 38.53 -80.22
CA SER B 197 -26.50 37.93 -80.46
C SER B 197 -26.78 37.79 -81.96
N THR B 198 -25.81 37.23 -82.68
CA THR B 198 -25.93 37.00 -84.11
C THR B 198 -25.48 35.59 -84.46
N TYR B 199 -25.47 35.32 -85.76
CA TYR B 199 -25.16 33.99 -86.30
C TYR B 199 -24.13 34.15 -87.42
N SER B 200 -23.58 33.02 -87.86
CA SER B 200 -22.62 33.00 -88.95
C SER B 200 -22.99 31.92 -89.95
N LEU B 201 -23.01 32.28 -91.23
CA LEU B 201 -23.40 31.38 -92.30
C LEU B 201 -22.24 31.18 -93.27
N SER B 202 -21.99 29.91 -93.61
CA SER B 202 -20.97 29.55 -94.59
C SER B 202 -21.61 28.69 -95.66
N SER B 203 -21.49 29.11 -96.92
CA SER B 203 -22.01 28.35 -98.06
C SER B 203 -20.84 27.99 -98.97
N THR B 204 -20.68 26.71 -99.24
CA THR B 204 -19.57 26.21 -100.04
C THR B 204 -20.09 25.57 -101.32
N LEU B 205 -19.56 26.02 -102.45
CA LEU B 205 -19.81 25.42 -103.76
C LEU B 205 -18.55 24.69 -104.19
N THR B 206 -18.62 23.36 -104.28
CA THR B 206 -17.45 22.54 -104.56
C THR B 206 -17.54 21.98 -105.97
N LEU B 207 -16.51 22.26 -106.78
CA LEU B 207 -16.45 21.83 -108.17
C LEU B 207 -15.07 21.28 -108.46
N SER B 208 -14.90 20.73 -109.65
CA SER B 208 -13.57 20.32 -110.10
C SER B 208 -12.86 21.49 -110.77
N LYS B 209 -11.55 21.33 -110.97
CA LYS B 209 -10.75 22.41 -111.55
C LYS B 209 -11.21 22.72 -112.97
N ALA B 210 -11.32 21.70 -113.82
CA ALA B 210 -11.72 21.92 -115.21
C ALA B 210 -13.14 22.46 -115.29
N ASP B 211 -14.03 21.98 -114.42
CA ASP B 211 -15.39 22.50 -114.38
C ASP B 211 -15.36 23.99 -114.04
N TYR B 212 -14.53 24.38 -113.08
CA TYR B 212 -14.42 25.78 -112.72
C TYR B 212 -13.89 26.61 -113.88
N GLU B 213 -12.88 26.12 -114.59
CA GLU B 213 -12.36 26.87 -115.74
C GLU B 213 -13.36 26.90 -116.89
N LYS B 214 -14.32 25.98 -116.91
CA LYS B 214 -15.30 25.97 -117.99
C LYS B 214 -16.20 27.21 -117.95
N HIS B 215 -16.64 27.62 -116.75
CA HIS B 215 -17.38 28.86 -116.61
C HIS B 215 -16.48 29.98 -116.09
N LYS B 216 -17.01 31.20 -116.15
CA LYS B 216 -16.20 32.39 -115.94
C LYS B 216 -16.70 33.29 -114.82
N VAL B 217 -18.00 33.50 -114.69
CA VAL B 217 -18.57 34.44 -113.71
C VAL B 217 -19.31 33.63 -112.65
N TYR B 218 -19.08 33.97 -111.38
CA TYR B 218 -19.70 33.27 -110.26
C TYR B 218 -20.41 34.27 -109.36
N ALA B 219 -21.52 33.86 -108.76
CA ALA B 219 -22.31 34.77 -107.94
C ALA B 219 -23.01 34.03 -106.81
N CYS B 220 -23.03 34.68 -105.65
CA CYS B 220 -23.76 34.23 -104.48
C CYS B 220 -24.92 35.20 -104.25
N GLU B 221 -26.13 34.65 -104.11
CA GLU B 221 -27.34 35.44 -103.94
C GLU B 221 -27.94 35.10 -102.58
N VAL B 222 -28.22 36.12 -101.78
CA VAL B 222 -28.74 35.94 -100.43
C VAL B 222 -29.99 36.80 -100.27
N THR B 223 -31.02 36.23 -99.66
CA THR B 223 -32.17 36.98 -99.18
C THR B 223 -32.32 36.78 -97.68
N HIS B 224 -32.55 37.88 -96.97
CA HIS B 224 -32.69 37.90 -95.52
C HIS B 224 -33.67 39.00 -95.15
N GLN B 225 -34.28 38.87 -93.97
CA GLN B 225 -35.25 39.87 -93.53
C GLN B 225 -34.61 41.22 -93.25
N GLY B 226 -33.32 41.23 -92.91
CA GLY B 226 -32.59 42.47 -92.68
C GLY B 226 -32.12 43.17 -93.93
N LEU B 227 -32.36 42.58 -95.09
CA LEU B 227 -32.00 43.17 -96.37
C LEU B 227 -33.28 43.54 -97.11
N SER B 228 -33.40 44.82 -97.51
CA SER B 228 -34.60 45.31 -98.17
C SER B 228 -34.85 44.64 -99.51
N SER B 229 -33.80 44.13 -100.16
CA SER B 229 -33.93 43.50 -101.47
C SER B 229 -32.97 42.33 -101.53
N PRO B 230 -33.20 41.37 -102.43
CA PRO B 230 -32.22 40.30 -102.64
C PRO B 230 -30.86 40.89 -103.00
N VAL B 231 -29.81 40.37 -102.37
CA VAL B 231 -28.45 40.87 -102.55
C VAL B 231 -27.63 39.80 -103.26
N THR B 232 -27.19 40.11 -104.46
CA THR B 232 -26.36 39.20 -105.26
C THR B 232 -24.99 39.83 -105.44
N LYS B 233 -23.95 39.10 -105.06
CA LYS B 233 -22.58 39.56 -105.25
C LYS B 233 -21.84 38.57 -106.13
N SER B 234 -21.03 39.10 -107.06
CA SER B 234 -20.43 38.26 -108.08
C SER B 234 -18.97 38.63 -108.24
N PHE B 235 -18.20 37.65 -108.72
CA PHE B 235 -16.82 37.89 -109.12
C PHE B 235 -16.55 37.13 -110.41
N ASN B 236 -15.36 37.35 -110.95
CA ASN B 236 -14.97 36.83 -112.25
C ASN B 236 -13.76 35.93 -112.12
N ARG B 237 -13.78 34.80 -112.83
CA ARG B 237 -12.66 33.87 -112.82
C ARG B 237 -11.42 34.49 -113.46
N TYR C 1 84.13 -13.28 10.24
CA TYR C 1 83.50 -14.37 10.97
C TYR C 1 82.02 -14.47 10.61
N GLU C 2 81.58 -15.68 10.26
CA GLU C 2 80.21 -15.90 9.82
C GLU C 2 79.39 -16.47 10.97
N HIS C 3 78.25 -15.83 11.24
CA HIS C 3 77.35 -16.22 12.32
C HIS C 3 75.95 -16.41 11.76
N VAL C 4 75.32 -17.52 12.12
CA VAL C 4 73.99 -17.87 11.64
C VAL C 4 73.03 -17.88 12.82
N THR C 5 71.91 -17.17 12.70
CA THR C 5 70.92 -17.11 13.75
C THR C 5 69.53 -17.13 13.14
N VAL C 6 68.52 -17.37 13.97
CA VAL C 6 67.13 -17.35 13.56
C VAL C 6 66.35 -16.53 14.57
N ILE C 7 65.52 -15.61 14.09
CA ILE C 7 64.70 -14.80 14.99
C ILE C 7 63.24 -14.90 14.58
N PRO C 8 62.30 -14.91 15.53
CA PRO C 8 60.89 -14.93 15.15
C PRO C 8 60.49 -13.67 14.40
N ASN C 9 59.45 -13.82 13.58
CA ASN C 9 59.00 -12.74 12.69
C ASN C 9 58.22 -11.66 13.43
N THR C 10 58.12 -11.72 14.75
CA THR C 10 57.38 -10.72 15.50
C THR C 10 58.02 -9.34 15.34
N VAL C 11 57.19 -8.35 15.09
CA VAL C 11 57.64 -7.00 14.78
C VAL C 11 57.60 -6.14 16.03
N GLY C 12 58.68 -5.40 16.28
CA GLY C 12 58.76 -4.51 17.42
C GLY C 12 59.35 -5.10 18.67
N VAL C 13 59.70 -6.38 18.66
CA VAL C 13 60.31 -7.05 19.81
C VAL C 13 61.77 -7.31 19.48
N PRO C 14 62.72 -6.74 20.21
CA PRO C 14 64.13 -7.03 19.94
C PRO C 14 64.53 -8.41 20.42
N TYR C 15 65.45 -9.03 19.68
CA TYR C 15 66.02 -10.31 20.05
C TYR C 15 67.54 -10.20 20.08
N LYS C 16 68.16 -10.92 21.01
CA LYS C 16 69.59 -10.84 21.22
C LYS C 16 70.27 -12.14 20.83
N THR C 17 71.36 -12.02 20.08
CA THR C 17 72.15 -13.17 19.66
C THR C 17 73.58 -12.98 20.14
N LEU C 18 74.28 -14.11 20.34
CA LEU C 18 75.62 -14.11 20.89
C LEU C 18 76.63 -14.52 19.84
N VAL C 19 77.44 -13.58 19.38
CA VAL C 19 78.57 -13.85 18.51
C VAL C 19 79.72 -14.27 19.43
N ASN C 20 80.02 -15.56 19.44
CA ASN C 20 80.99 -16.14 20.36
C ASN C 20 82.17 -16.66 19.54
N ARG C 21 83.25 -15.89 19.51
CA ARG C 21 84.49 -16.30 18.84
C ARG C 21 85.52 -16.62 19.92
N PRO C 22 85.81 -17.89 20.15
CA PRO C 22 86.73 -18.26 21.24
C PRO C 22 88.08 -17.59 21.07
N GLY C 23 88.66 -17.17 22.19
CA GLY C 23 89.87 -16.38 22.18
C GLY C 23 89.63 -14.89 22.04
N TYR C 24 88.39 -14.47 21.84
CA TYR C 24 88.04 -13.07 21.69
C TYR C 24 86.85 -12.75 22.59
N SER C 25 86.71 -11.48 22.94
CA SER C 25 85.61 -11.07 23.80
C SER C 25 84.29 -11.27 23.06
N PRO C 26 83.34 -11.99 23.66
CA PRO C 26 82.07 -12.24 22.98
C PRO C 26 81.29 -10.95 22.74
N MET C 27 80.51 -10.95 21.67
CA MET C 27 79.68 -9.82 21.30
C MET C 27 78.22 -10.23 21.38
N VAL C 28 77.35 -9.27 21.66
CA VAL C 28 75.91 -9.51 21.69
C VAL C 28 75.25 -8.51 20.77
N LEU C 29 74.48 -9.00 19.82
CA LEU C 29 73.79 -8.16 18.85
C LEU C 29 72.29 -8.21 19.09
N GLU C 30 71.67 -7.03 19.21
CA GLU C 30 70.24 -6.90 19.40
C GLU C 30 69.62 -6.44 18.10
N MET C 31 68.79 -7.30 17.50
CA MET C 31 68.14 -7.00 16.23
C MET C 31 66.63 -6.93 16.44
N GLU C 32 66.01 -5.94 15.81
CA GLU C 32 64.58 -5.74 15.93
C GLU C 32 63.99 -5.47 14.55
N LEU C 33 62.93 -6.21 14.22
CA LEU C 33 62.25 -6.02 12.94
C LEU C 33 61.28 -4.86 13.03
N LEU C 34 61.58 -3.77 12.33
CA LEU C 34 60.65 -2.64 12.29
C LEU C 34 59.48 -2.90 11.36
N SER C 35 59.69 -3.61 10.26
CA SER C 35 58.63 -3.90 9.32
C SER C 35 59.04 -5.03 8.40
N VAL C 36 58.10 -5.92 8.11
CA VAL C 36 58.29 -6.99 7.14
C VAL C 36 57.24 -6.83 6.06
N THR C 37 57.67 -6.53 4.84
CA THR C 37 56.78 -6.19 3.74
C THR C 37 56.77 -7.30 2.72
N LEU C 38 55.59 -7.83 2.44
CA LEU C 38 55.40 -8.84 1.40
C LEU C 38 54.71 -8.16 0.22
N GLU C 39 55.42 -8.09 -0.90
CA GLU C 39 54.91 -7.39 -2.08
C GLU C 39 54.70 -8.41 -3.19
N PRO C 40 53.49 -8.92 -3.40
CA PRO C 40 53.30 -9.98 -4.37
C PRO C 40 53.38 -9.47 -5.80
N THR C 41 53.63 -10.41 -6.72
CA THR C 41 53.66 -10.12 -8.15
C THR C 41 52.25 -10.28 -8.71
N LEU C 42 51.70 -9.22 -9.28
CA LEU C 42 50.30 -9.18 -9.69
C LEU C 42 50.20 -9.11 -11.20
N SER C 43 49.33 -9.95 -11.77
CA SER C 43 49.01 -9.93 -13.19
C SER C 43 47.55 -9.53 -13.34
N LEU C 44 47.30 -8.41 -13.99
CA LEU C 44 45.94 -7.90 -14.14
C LEU C 44 45.16 -8.74 -15.15
N ASP C 45 43.94 -9.10 -14.80
CA ASP C 45 43.02 -9.75 -15.72
C ASP C 45 42.04 -8.76 -16.34
N TYR C 46 41.30 -8.02 -15.52
CA TYR C 46 40.38 -7.02 -16.02
C TYR C 46 40.08 -6.02 -14.91
N ILE C 47 39.37 -4.96 -15.29
CA ILE C 47 38.92 -3.93 -14.36
C ILE C 47 37.42 -3.78 -14.53
N THR C 48 36.71 -3.62 -13.41
CA THR C 48 35.26 -3.46 -13.42
C THR C 48 34.91 -2.07 -12.93
N CYS C 49 33.99 -1.42 -13.62
CA CYS C 49 33.60 -0.05 -13.30
C CYS C 49 32.18 0.19 -13.78
N GLU C 50 31.58 1.27 -13.29
CA GLU C 50 30.22 1.60 -13.67
C GLU C 50 30.10 1.79 -15.17
N TYR C 51 29.11 1.14 -15.77
CA TYR C 51 28.81 1.32 -17.18
C TYR C 51 27.83 2.47 -17.37
N LYS C 52 27.69 2.90 -18.61
CA LYS C 52 26.62 3.81 -19.00
C LYS C 52 25.92 3.25 -20.22
N THR C 53 24.59 3.34 -20.20
CA THR C 53 23.75 2.86 -21.29
C THR C 53 23.51 4.02 -22.25
N VAL C 54 24.15 3.98 -23.41
CA VAL C 54 23.98 4.98 -24.45
C VAL C 54 22.71 4.64 -25.21
N ILE C 55 21.75 5.55 -25.16
CA ILE C 55 20.49 5.42 -25.87
C ILE C 55 20.35 6.57 -26.85
N PRO C 56 20.55 6.36 -28.15
CA PRO C 56 20.26 7.41 -29.11
C PRO C 56 18.78 7.75 -29.09
N SER C 57 18.44 8.84 -29.76
CA SER C 57 17.05 9.28 -29.80
C SER C 57 16.20 8.22 -30.49
N PRO C 58 14.92 8.09 -30.15
CA PRO C 58 14.06 7.16 -30.88
C PRO C 58 13.82 7.63 -32.30
N TYR C 59 13.65 6.68 -33.20
CA TYR C 59 13.34 6.97 -34.59
C TYR C 59 11.86 6.70 -34.82
N VAL C 60 11.06 7.76 -34.88
CA VAL C 60 9.62 7.66 -35.09
C VAL C 60 9.35 7.83 -36.57
N LYS C 61 8.99 6.74 -37.24
CA LYS C 61 8.70 6.75 -38.66
C LYS C 61 7.22 6.42 -38.83
N CYS C 62 6.44 7.39 -39.33
CA CYS C 62 5.01 7.21 -39.50
C CYS C 62 4.65 7.13 -40.98
N CYS C 63 3.58 6.40 -41.28
CA CYS C 63 3.35 5.85 -42.61
C CYS C 63 4.60 5.16 -43.13
N GLY C 64 5.14 4.29 -42.29
CA GLY C 64 6.32 3.53 -42.63
C GLY C 64 6.68 2.63 -41.48
N THR C 65 7.64 1.74 -41.76
CA THR C 65 8.17 0.82 -40.76
C THR C 65 9.68 0.98 -40.73
N ALA C 66 10.22 1.15 -39.53
CA ALA C 66 11.67 1.20 -39.39
C ALA C 66 12.23 -0.20 -39.17
N GLU C 67 13.45 -0.40 -39.64
CA GLU C 67 14.21 -1.61 -39.33
C GLU C 67 15.59 -1.19 -38.86
N CYS C 68 16.17 -2.02 -38.00
CA CYS C 68 17.51 -1.79 -37.48
C CYS C 68 18.43 -2.93 -37.88
N LYS C 69 19.66 -2.58 -38.21
CA LYS C 69 20.69 -3.56 -38.49
C LYS C 69 21.44 -3.91 -37.21
N ASP C 70 21.73 -5.19 -37.04
CA ASP C 70 22.45 -5.63 -35.85
C ASP C 70 23.89 -5.11 -35.94
N LYS C 71 24.30 -4.38 -34.91
CA LYS C 71 25.67 -3.89 -34.82
C LYS C 71 26.44 -4.70 -33.78
N ASN C 72 27.76 -4.56 -33.81
CA ASN C 72 28.65 -5.36 -32.97
C ASN C 72 29.08 -4.60 -31.72
N LEU C 73 28.21 -3.75 -31.19
CA LEU C 73 28.54 -3.01 -29.98
C LEU C 73 28.42 -3.92 -28.76
N PRO C 74 29.09 -3.56 -27.63
CA PRO C 74 29.26 -4.54 -26.54
C PRO C 74 28.00 -5.21 -26.05
N ASP C 75 26.91 -4.44 -25.91
CA ASP C 75 25.61 -5.02 -25.59
C ASP C 75 24.57 -4.14 -26.28
N TYR C 76 24.22 -4.52 -27.50
CA TYR C 76 23.45 -3.64 -28.39
C TYR C 76 22.13 -4.31 -28.73
N SER C 77 21.05 -3.55 -28.67
CA SER C 77 19.74 -4.11 -28.95
C SER C 77 18.84 -3.06 -29.58
N CYS C 78 18.09 -3.51 -30.60
CA CYS C 78 17.11 -2.69 -31.29
C CYS C 78 15.75 -3.35 -31.12
N LYS C 79 14.71 -2.52 -31.02
CA LYS C 79 13.34 -3.00 -31.05
C LYS C 79 12.47 -1.99 -31.79
N VAL C 80 11.61 -2.51 -32.66
CA VAL C 80 10.67 -1.68 -33.40
C VAL C 80 9.27 -1.97 -32.88
N PHE C 81 8.60 -0.93 -32.38
CA PHE C 81 7.26 -1.06 -31.84
C PHE C 81 6.26 -0.42 -32.79
N THR C 82 5.13 -1.10 -32.96
CA THR C 82 4.12 -0.71 -33.93
C THR C 82 2.92 -0.10 -33.22
N GLY C 83 2.14 0.66 -33.98
CA GLY C 83 0.96 1.29 -33.43
C GLY C 83 1.23 2.36 -32.40
N VAL C 84 2.29 3.14 -32.57
CA VAL C 84 2.64 4.22 -31.66
C VAL C 84 2.08 5.53 -32.21
N TYR C 85 1.67 6.42 -31.31
CA TYR C 85 1.11 7.72 -31.69
C TYR C 85 1.76 8.78 -30.80
N PRO C 86 3.04 9.05 -31.01
CA PRO C 86 3.76 9.96 -30.11
C PRO C 86 3.22 11.37 -30.18
N PHE C 87 3.33 12.07 -29.05
CA PHE C 87 2.90 13.46 -28.93
C PHE C 87 4.08 14.35 -28.59
N MET C 88 4.05 15.56 -29.14
CA MET C 88 4.96 16.64 -28.77
C MET C 88 4.22 17.64 -27.90
N TRP C 89 4.95 18.66 -27.47
CA TRP C 89 4.34 19.77 -26.75
C TRP C 89 3.28 20.49 -27.57
N GLY C 90 3.46 20.58 -28.88
CA GLY C 90 2.49 21.24 -29.73
C GLY C 90 1.31 20.36 -30.07
N GLY C 91 1.58 19.14 -30.53
CA GLY C 91 0.53 18.24 -30.89
C GLY C 91 1.08 16.88 -31.26
N ALA C 92 0.27 16.11 -31.98
CA ALA C 92 0.71 14.82 -32.46
C ALA C 92 1.89 14.98 -33.39
N TYR C 93 2.78 13.97 -33.39
CA TYR C 93 4.02 14.09 -34.16
C TYR C 93 3.75 14.22 -35.65
N CYS C 94 2.82 13.45 -36.18
CA CYS C 94 2.55 13.48 -37.61
C CYS C 94 1.12 13.07 -37.90
N PHE C 95 0.70 13.34 -39.14
CA PHE C 95 -0.65 13.03 -39.59
C PHE C 95 -0.98 11.56 -39.41
N CYS C 96 0.02 10.70 -39.58
CA CYS C 96 -0.23 9.27 -39.74
C CYS C 96 -0.82 8.71 -38.45
N ASP C 97 -2.09 8.31 -38.51
CA ASP C 97 -2.85 7.93 -37.33
C ASP C 97 -2.50 6.56 -36.79
N ALA C 98 -2.34 5.56 -37.66
CA ALA C 98 -1.98 4.22 -37.21
C ALA C 98 -0.82 3.72 -38.05
N GLU C 99 -0.39 2.48 -37.78
CA GLU C 99 0.65 1.82 -38.54
C GLU C 99 2.01 2.51 -38.39
N ASN C 100 2.10 3.53 -37.55
CA ASN C 100 3.34 4.20 -37.23
C ASN C 100 4.25 3.24 -36.49
N THR C 101 5.56 3.41 -36.65
CA THR C 101 6.53 2.58 -35.96
C THR C 101 7.55 3.46 -35.25
N GLN C 102 8.11 2.93 -34.16
CA GLN C 102 9.18 3.57 -33.43
C GLN C 102 10.31 2.59 -33.23
N LEU C 103 11.48 2.92 -33.76
CA LEU C 103 12.69 2.13 -33.57
C LEU C 103 13.47 2.70 -32.39
N SER C 104 13.70 1.88 -31.37
CA SER C 104 14.47 2.26 -30.21
C SER C 104 15.68 1.34 -30.08
N GLU C 105 16.86 1.94 -29.98
CA GLU C 105 18.10 1.19 -29.92
C GLU C 105 18.93 1.66 -28.75
N ALA C 106 19.67 0.73 -28.15
CA ALA C 106 20.48 1.08 -26.98
C ALA C 106 21.65 0.13 -26.88
N HIS C 107 22.75 0.66 -26.36
CA HIS C 107 23.95 -0.16 -26.13
C HIS C 107 24.60 0.28 -24.84
N VAL C 108 25.65 -0.45 -24.45
CA VAL C 108 26.32 -0.25 -23.17
C VAL C 108 27.80 -0.01 -23.41
N GLU C 109 28.35 1.01 -22.76
CA GLU C 109 29.78 1.28 -22.89
C GLU C 109 30.32 1.76 -21.55
N LYS C 110 31.64 1.61 -21.39
CA LYS C 110 32.30 2.08 -20.17
C LYS C 110 32.05 3.55 -19.96
N SER C 111 31.58 3.91 -18.77
CA SER C 111 31.46 5.31 -18.42
C SER C 111 32.85 5.91 -18.26
N GLU C 112 32.95 7.21 -18.54
CA GLU C 112 34.23 7.88 -18.40
C GLU C 112 34.69 7.95 -16.96
N SER C 113 33.77 7.83 -16.00
CA SER C 113 34.16 7.68 -14.61
C SER C 113 35.00 6.43 -14.37
N CYS C 114 35.13 5.55 -15.36
CA CYS C 114 36.03 4.42 -15.27
C CYS C 114 37.49 4.86 -15.22
N LYS C 115 37.79 6.09 -15.62
CA LYS C 115 39.15 6.60 -15.51
C LYS C 115 39.60 6.69 -14.06
N THR C 116 38.68 6.84 -13.13
CA THR C 116 39.00 7.07 -11.73
C THR C 116 38.35 6.08 -10.77
N GLU C 117 37.11 5.67 -11.04
CA GLU C 117 36.36 4.78 -10.16
C GLU C 117 36.31 3.40 -10.81
N PHE C 118 37.16 2.49 -10.34
CA PHE C 118 37.24 1.16 -10.90
C PHE C 118 37.88 0.23 -9.88
N ALA C 119 37.59 -1.06 -10.04
CA ALA C 119 38.17 -2.09 -9.19
C ALA C 119 38.89 -3.09 -10.08
N SER C 120 40.16 -3.33 -9.80
CA SER C 120 40.99 -4.20 -10.62
C SER C 120 40.97 -5.61 -10.03
N ALA C 121 40.96 -6.61 -10.91
CA ALA C 121 41.06 -8.01 -10.51
C ALA C 121 42.43 -8.53 -10.91
N TYR C 122 43.25 -8.86 -9.92
CA TYR C 122 44.62 -9.32 -10.15
C TYR C 122 44.74 -10.79 -9.79
N ARG C 123 45.76 -11.43 -10.36
CA ARG C 123 46.20 -12.75 -9.97
C ARG C 123 47.51 -12.63 -9.20
N ALA C 124 47.56 -13.21 -8.00
CA ALA C 124 48.75 -13.18 -7.17
C ALA C 124 49.44 -14.52 -7.19
N HIS C 125 50.75 -14.51 -7.46
CA HIS C 125 51.48 -15.76 -7.62
C HIS C 125 52.46 -15.99 -6.48
N THR C 126 53.40 -15.08 -6.28
CA THR C 126 54.44 -15.21 -5.28
C THR C 126 54.68 -13.85 -4.64
N ALA C 127 55.34 -13.88 -3.48
CA ALA C 127 55.60 -12.66 -2.72
C ALA C 127 57.08 -12.46 -2.55
N SER C 128 57.55 -11.24 -2.79
CA SER C 128 58.93 -10.86 -2.56
C SER C 128 59.03 -10.07 -1.27
N ALA C 129 59.63 -10.68 -0.25
CA ALA C 129 59.64 -10.12 1.09
C ALA C 129 60.82 -9.17 1.28
N SER C 130 60.57 -8.10 2.03
CA SER C 130 61.61 -7.15 2.41
C SER C 130 61.48 -6.88 3.90
N ALA C 131 62.56 -6.38 4.50
CA ALA C 131 62.59 -6.19 5.94
C ALA C 131 63.45 -4.99 6.29
N LYS C 132 62.99 -4.25 7.30
CA LYS C 132 63.75 -3.16 7.90
C LYS C 132 64.18 -3.62 9.29
N LEU C 133 65.47 -3.46 9.59
CA LEU C 133 66.08 -4.02 10.79
C LEU C 133 66.83 -2.94 11.55
N ARG C 134 66.63 -2.91 12.86
CA ARG C 134 67.42 -2.08 13.76
C ARG C 134 68.40 -2.97 14.50
N VAL C 135 69.69 -2.64 14.41
CA VAL C 135 70.75 -3.47 14.95
C VAL C 135 71.56 -2.66 15.95
N LEU C 136 71.80 -3.23 17.12
CA LEU C 136 72.67 -2.67 18.14
C LEU C 136 74.06 -3.26 17.92
N TYR C 137 74.88 -2.57 17.13
CA TYR C 137 76.22 -3.03 16.78
C TYR C 137 77.23 -2.24 17.59
N GLN C 138 77.91 -2.92 18.52
CA GLN C 138 78.95 -2.33 19.34
C GLN C 138 78.48 -1.05 20.01
N GLY C 139 77.25 -1.09 20.54
CA GLY C 139 76.69 0.04 21.25
C GLY C 139 76.09 1.12 20.38
N ASN C 140 76.06 0.93 19.06
CA ASN C 140 75.51 1.92 18.16
C ASN C 140 74.24 1.40 17.49
N ASN C 141 73.27 2.29 17.32
CA ASN C 141 71.99 1.94 16.70
C ASN C 141 72.09 2.20 15.20
N ILE C 142 71.96 1.14 14.40
CA ILE C 142 72.04 1.26 12.96
C ILE C 142 70.77 0.67 12.34
N THR C 143 70.29 1.30 11.28
CA THR C 143 69.07 0.87 10.61
C THR C 143 69.40 0.44 9.19
N VAL C 144 68.95 -0.76 8.81
CA VAL C 144 69.17 -1.30 7.48
C VAL C 144 67.81 -1.65 6.88
N THR C 145 67.73 -1.65 5.56
CA THR C 145 66.56 -2.13 4.83
C THR C 145 67.03 -3.01 3.68
N ALA C 146 66.50 -4.21 3.60
CA ALA C 146 67.02 -5.16 2.63
C ALA C 146 65.95 -6.20 2.29
N TYR C 147 66.06 -6.73 1.08
CA TYR C 147 65.16 -7.79 0.66
C TYR C 147 65.38 -9.04 1.50
N ALA C 148 64.27 -9.70 1.84
CA ALA C 148 64.29 -10.83 2.76
C ALA C 148 64.21 -12.16 2.03
N ASN C 149 64.75 -12.23 0.81
CA ASN C 149 64.79 -13.48 0.06
C ASN C 149 66.08 -14.26 0.28
N GLY C 150 66.97 -13.78 1.15
CA GLY C 150 68.26 -14.40 1.32
C GLY C 150 69.26 -14.07 0.23
N ASP C 151 68.96 -13.11 -0.63
CA ASP C 151 69.81 -12.77 -1.76
C ASP C 151 70.51 -11.43 -1.61
N HIS C 152 69.90 -10.48 -0.90
CA HIS C 152 70.44 -9.13 -0.76
C HIS C 152 71.24 -9.03 0.53
N ALA C 153 72.46 -8.53 0.42
CA ALA C 153 73.33 -8.32 1.56
C ALA C 153 73.57 -6.83 1.75
N VAL C 154 73.42 -6.36 2.98
CA VAL C 154 73.56 -4.94 3.29
C VAL C 154 74.72 -4.75 4.26
N THR C 155 75.55 -3.76 3.97
CA THR C 155 76.77 -3.53 4.73
C THR C 155 76.61 -2.26 5.56
N VAL C 156 76.76 -2.39 6.87
CA VAL C 156 76.80 -1.25 7.79
C VAL C 156 77.92 -1.47 8.80
N LYS C 157 78.72 -0.44 9.02
CA LYS C 157 79.87 -0.50 9.92
C LYS C 157 80.77 -1.68 9.55
N ASP C 158 81.03 -1.82 8.25
CA ASP C 158 81.85 -2.87 7.65
C ASP C 158 81.33 -4.28 7.95
N ALA C 159 80.14 -4.41 8.52
CA ALA C 159 79.55 -5.71 8.79
C ALA C 159 78.46 -6.00 7.76
N LYS C 160 78.41 -7.25 7.29
CA LYS C 160 77.49 -7.65 6.23
C LYS C 160 76.33 -8.44 6.82
N PHE C 161 75.12 -8.10 6.40
CA PHE C 161 73.89 -8.72 6.89
C PHE C 161 73.18 -9.36 5.70
N ILE C 162 72.83 -10.63 5.83
CA ILE C 162 72.00 -11.33 4.86
C ILE C 162 70.73 -11.75 5.60
N VAL C 163 69.58 -11.31 5.09
CA VAL C 163 68.30 -11.46 5.77
C VAL C 163 67.40 -12.38 4.94
N GLY C 164 66.84 -13.39 5.59
CA GLY C 164 65.94 -14.30 4.93
C GLY C 164 66.63 -15.52 4.38
N PRO C 165 65.90 -16.34 3.62
CA PRO C 165 64.49 -16.21 3.24
C PRO C 165 63.56 -16.60 4.39
N MET C 166 62.34 -16.06 4.43
CA MET C 166 61.43 -16.38 5.51
C MET C 166 61.06 -17.86 5.49
N SER C 167 60.97 -18.44 6.68
CA SER C 167 60.75 -19.89 6.78
C SER C 167 59.34 -20.30 6.41
N SER C 168 58.40 -19.36 6.38
CA SER C 168 57.01 -19.66 6.05
C SER C 168 56.61 -18.92 4.78
N ALA C 169 55.88 -19.60 3.91
CA ALA C 169 55.40 -19.02 2.67
C ALA C 169 53.97 -18.52 2.77
N TRP C 170 53.40 -18.50 3.97
CA TRP C 170 52.02 -18.06 4.14
C TRP C 170 51.86 -16.60 3.76
N THR C 171 50.78 -16.29 3.06
CA THR C 171 50.44 -14.93 2.68
C THR C 171 48.93 -14.74 2.81
N PRO C 172 48.49 -13.55 3.22
CA PRO C 172 47.04 -13.33 3.37
C PRO C 172 46.29 -13.30 2.07
N PHE C 173 46.98 -13.33 0.93
CA PHE C 173 46.33 -13.28 -0.38
C PHE C 173 46.16 -14.69 -0.91
N ASP C 174 44.95 -15.02 -1.36
CA ASP C 174 44.81 -16.19 -2.21
C ASP C 174 45.00 -15.80 -3.67
N ASN C 175 44.67 -16.73 -4.57
CA ASN C 175 45.08 -16.60 -5.97
C ASN C 175 44.47 -15.38 -6.65
N LYS C 176 43.28 -14.97 -6.25
CA LYS C 176 42.55 -13.89 -6.92
C LYS C 176 42.35 -12.75 -5.94
N ILE C 177 42.65 -11.53 -6.39
CA ILE C 177 42.65 -10.33 -5.55
C ILE C 177 41.82 -9.27 -6.23
N VAL C 178 41.08 -8.49 -5.45
CA VAL C 178 40.34 -7.34 -5.96
C VAL C 178 40.83 -6.10 -5.23
N VAL C 179 41.28 -5.10 -5.99
CA VAL C 179 41.82 -3.87 -5.43
C VAL C 179 40.94 -2.71 -5.89
N TYR C 180 40.34 -2.01 -4.94
CA TYR C 180 39.48 -0.90 -5.33
C TYR C 180 40.20 0.44 -5.30
N LYS C 181 40.52 0.95 -4.12
CA LYS C 181 41.40 2.12 -4.01
C LYS C 181 42.58 1.83 -3.10
N GLY C 182 42.27 1.43 -1.88
CA GLY C 182 43.20 1.07 -0.84
C GLY C 182 42.78 -0.12 -0.03
N ASP C 183 41.67 -0.74 -0.42
CA ASP C 183 41.12 -1.91 0.25
C ASP C 183 41.34 -3.12 -0.65
N VAL C 184 41.98 -4.15 -0.11
CA VAL C 184 42.23 -5.38 -0.84
C VAL C 184 41.24 -6.43 -0.38
N TYR C 185 40.53 -7.04 -1.33
CA TYR C 185 39.52 -8.04 -1.04
C TYR C 185 39.95 -9.36 -1.66
N ASN C 186 39.63 -10.45 -0.98
CA ASN C 186 40.05 -11.78 -1.39
C ASN C 186 38.81 -12.49 -1.95
N MET C 187 38.61 -12.36 -3.26
CA MET C 187 37.34 -12.76 -3.88
C MET C 187 37.61 -13.56 -5.15
N ASP C 188 36.80 -14.61 -5.33
CA ASP C 188 36.83 -15.43 -6.54
C ASP C 188 36.01 -14.74 -7.62
N TYR C 189 36.62 -13.75 -8.26
CA TYR C 189 35.93 -13.01 -9.30
C TYR C 189 35.69 -13.92 -10.51
N PRO C 190 34.63 -13.66 -11.28
CA PRO C 190 34.39 -14.47 -12.47
C PRO C 190 35.46 -14.21 -13.52
N PRO C 191 35.81 -15.21 -14.33
CA PRO C 191 36.80 -14.99 -15.38
C PRO C 191 36.28 -14.04 -16.44
N PHE C 192 37.21 -13.44 -17.18
CA PHE C 192 36.84 -12.46 -18.20
C PHE C 192 35.93 -13.12 -19.24
N GLY C 193 34.93 -12.37 -19.68
CA GLY C 193 33.96 -12.88 -20.63
C GLY C 193 32.89 -13.78 -20.04
N ALA C 194 32.88 -13.96 -18.72
CA ALA C 194 31.92 -14.82 -18.06
C ALA C 194 31.20 -14.09 -16.93
N GLY C 195 31.16 -12.76 -16.99
CA GLY C 195 30.45 -12.00 -15.99
C GLY C 195 28.94 -12.19 -16.08
N ARG C 196 28.27 -11.89 -14.97
CA ARG C 196 26.84 -12.11 -14.90
C ARG C 196 26.13 -10.82 -14.52
N PRO C 197 24.88 -10.65 -14.96
CA PRO C 197 24.19 -9.38 -14.72
C PRO C 197 23.98 -9.10 -13.24
N GLY C 198 24.06 -7.81 -12.89
CA GLY C 198 23.77 -7.37 -11.54
C GLY C 198 24.75 -7.81 -10.48
N GLN C 199 25.96 -8.22 -10.87
CA GLN C 199 26.97 -8.66 -9.91
C GLN C 199 28.32 -8.06 -10.30
N PHE C 200 29.33 -8.37 -9.48
CA PHE C 200 30.67 -7.92 -9.77
C PHE C 200 31.14 -8.50 -11.11
N GLY C 201 31.70 -7.66 -11.96
CA GLY C 201 32.19 -8.10 -13.25
C GLY C 201 31.15 -8.18 -14.35
N ASP C 202 30.03 -7.47 -14.22
CA ASP C 202 29.07 -7.43 -15.31
C ASP C 202 29.68 -6.79 -16.55
N ILE C 203 30.47 -5.74 -16.38
CA ILE C 203 31.20 -5.09 -17.45
C ILE C 203 32.69 -5.15 -17.15
N GLN C 204 33.47 -5.63 -18.12
CA GLN C 204 34.88 -5.89 -17.92
C GLN C 204 35.68 -5.39 -19.12
N SER C 205 36.95 -5.10 -18.87
CA SER C 205 37.88 -4.73 -19.92
C SER C 205 39.29 -5.09 -19.47
N ARG C 206 40.11 -5.56 -20.42
CA ARG C 206 41.43 -6.08 -20.07
C ARG C 206 42.32 -4.99 -19.46
N THR C 207 42.29 -3.80 -20.02
CA THR C 207 43.04 -2.66 -19.51
C THR C 207 42.12 -1.47 -19.44
N PRO C 208 42.43 -0.48 -18.60
CA PRO C 208 41.57 0.72 -18.52
C PRO C 208 41.43 1.46 -19.84
N GLU C 209 42.41 1.37 -20.73
CA GLU C 209 42.33 2.03 -22.03
C GLU C 209 41.82 1.11 -23.13
N SER C 210 41.63 -0.17 -22.85
CA SER C 210 41.16 -1.09 -23.88
C SER C 210 39.73 -0.77 -24.28
N LYS C 211 39.46 -0.86 -25.58
CA LYS C 211 38.12 -0.66 -26.11
C LYS C 211 37.30 -1.94 -26.09
N ASP C 212 37.91 -3.08 -25.80
CA ASP C 212 37.20 -4.34 -25.72
C ASP C 212 36.41 -4.40 -24.42
N VAL C 213 35.09 -4.43 -24.53
CA VAL C 213 34.19 -4.39 -23.38
C VAL C 213 33.27 -5.59 -23.45
N TYR C 214 33.24 -6.37 -22.36
CA TYR C 214 32.30 -7.47 -22.22
C TYR C 214 31.19 -7.05 -21.27
N ALA C 215 30.00 -6.81 -21.81
CA ALA C 215 28.88 -6.33 -21.02
C ALA C 215 27.76 -7.36 -21.05
N ASN C 216 27.27 -7.72 -19.87
CA ASN C 216 26.16 -8.66 -19.71
C ASN C 216 25.22 -8.06 -18.66
N THR C 217 24.25 -7.28 -19.13
CA THR C 217 23.38 -6.54 -18.23
C THR C 217 21.90 -6.84 -18.45
N GLN C 218 21.57 -7.81 -19.30
CA GLN C 218 20.18 -8.15 -19.61
C GLN C 218 19.40 -6.93 -20.09
N LEU C 219 20.06 -6.12 -20.91
CA LEU C 219 19.43 -4.91 -21.46
C LEU C 219 18.30 -5.31 -22.40
N VAL C 220 17.07 -5.03 -22.00
CA VAL C 220 15.89 -5.33 -22.78
C VAL C 220 15.10 -4.05 -22.97
N LEU C 221 14.74 -3.74 -24.22
CA LEU C 221 13.90 -2.60 -24.50
C LEU C 221 12.44 -2.95 -24.26
N GLN C 222 11.67 -1.94 -23.86
CA GLN C 222 10.25 -2.10 -23.58
C GLN C 222 9.44 -1.11 -24.40
N ARG C 223 8.18 -1.44 -24.64
CA ARG C 223 7.31 -0.60 -25.44
C ARG C 223 7.11 0.75 -24.74
N PRO C 224 7.28 1.87 -25.46
CA PRO C 224 7.04 3.17 -24.83
C PRO C 224 5.58 3.34 -24.45
N ALA C 225 5.35 4.15 -23.42
CA ALA C 225 3.99 4.42 -22.98
C ALA C 225 3.24 5.20 -24.06
N ALA C 226 1.93 5.01 -24.08
CA ALA C 226 1.10 5.62 -25.11
C ALA C 226 1.16 7.15 -25.00
N GLY C 227 1.27 7.80 -26.16
CA GLY C 227 1.30 9.25 -26.18
C GLY C 227 2.58 9.86 -25.67
N THR C 228 3.66 9.08 -25.57
CA THR C 228 4.94 9.57 -25.12
C THR C 228 6.03 9.07 -26.06
N VAL C 229 7.12 9.82 -26.12
CA VAL C 229 8.20 9.53 -27.05
C VAL C 229 9.46 9.07 -26.33
N HIS C 230 9.35 8.73 -25.05
CA HIS C 230 10.49 8.25 -24.30
C HIS C 230 10.93 6.86 -24.78
N VAL C 231 12.11 6.45 -24.33
CA VAL C 231 12.67 5.15 -24.68
C VAL C 231 12.87 4.34 -23.40
N PRO C 232 11.89 3.57 -22.97
CA PRO C 232 12.06 2.78 -21.74
C PRO C 232 12.91 1.56 -21.99
N TYR C 233 13.58 1.12 -20.94
CA TYR C 233 14.42 -0.08 -21.04
C TYR C 233 14.51 -0.72 -19.66
N SER C 234 14.66 -2.04 -19.67
CA SER C 234 14.82 -2.83 -18.46
C SER C 234 16.25 -3.37 -18.43
N GLN C 235 17.02 -2.91 -17.45
CA GLN C 235 18.42 -3.29 -17.35
C GLN C 235 18.80 -3.50 -15.90
N ALA C 236 19.54 -4.56 -15.64
CA ALA C 236 20.06 -4.77 -14.30
C ALA C 236 20.99 -3.63 -13.92
N PRO C 237 20.85 -3.05 -12.73
CA PRO C 237 21.71 -1.93 -12.36
C PRO C 237 23.16 -2.36 -12.27
N SER C 238 24.05 -1.37 -12.29
CA SER C 238 25.47 -1.63 -12.39
C SER C 238 25.95 -2.54 -11.26
N GLY C 239 26.68 -3.58 -11.63
CA GLY C 239 27.21 -4.50 -10.64
C GLY C 239 28.33 -3.93 -9.79
N PHE C 240 29.03 -2.91 -10.30
CA PHE C 240 30.10 -2.30 -9.53
C PHE C 240 29.56 -1.54 -8.34
N LYS C 241 28.51 -0.74 -8.55
CA LYS C 241 27.90 -0.02 -7.43
C LYS C 241 27.30 -1.00 -6.42
N TYR C 242 26.66 -2.06 -6.93
CA TYR C 242 26.15 -3.11 -6.06
C TYR C 242 27.27 -3.71 -5.21
N TRP C 243 28.42 -4.00 -5.82
CA TRP C 243 29.54 -4.53 -5.04
C TRP C 243 30.02 -3.51 -4.01
N LEU C 244 30.04 -2.23 -4.39
CA LEU C 244 30.48 -1.20 -3.45
C LEU C 244 29.58 -1.14 -2.23
N LYS C 245 28.27 -1.23 -2.43
CA LYS C 245 27.36 -1.09 -1.29
C LYS C 245 27.37 -2.30 -0.37
N GLU C 246 27.88 -3.46 -0.82
CA GLU C 246 28.03 -4.61 0.06
C GLU C 246 29.45 -5.18 0.04
N ARG C 247 30.47 -4.32 0.06
CA ARG C 247 31.84 -4.80 -0.04
C ARG C 247 32.19 -5.73 1.11
N GLY C 248 31.73 -5.41 2.31
CA GLY C 248 32.18 -6.13 3.47
C GLY C 248 33.52 -5.61 3.94
N ALA C 249 34.11 -6.34 4.89
CA ALA C 249 35.38 -5.93 5.43
C ALA C 249 36.53 -6.37 4.53
N SER C 250 37.40 -5.42 4.21
CA SER C 250 38.56 -5.71 3.38
C SER C 250 39.64 -6.42 4.20
N LEU C 251 40.66 -6.91 3.50
CA LEU C 251 41.72 -7.66 4.17
C LEU C 251 42.45 -6.82 5.22
N GLN C 252 42.40 -5.50 5.12
CA GLN C 252 43.06 -4.65 6.09
C GLN C 252 42.52 -4.89 7.50
N HIS C 253 41.27 -5.34 7.61
CA HIS C 253 40.63 -5.56 8.91
C HIS C 253 40.40 -7.02 9.25
N THR C 254 40.55 -7.94 8.30
CA THR C 254 40.30 -9.35 8.57
C THR C 254 41.47 -10.27 8.22
N ALA C 255 42.64 -9.72 7.92
CA ALA C 255 43.78 -10.57 7.60
C ALA C 255 44.23 -11.34 8.84
N PRO C 256 44.58 -12.61 8.70
CA PRO C 256 45.10 -13.36 9.85
C PRO C 256 46.50 -12.88 10.23
N PHE C 257 46.93 -13.25 11.43
CA PHE C 257 48.23 -12.91 11.98
C PHE C 257 48.45 -11.40 12.06
N GLY C 258 47.38 -10.63 12.13
CA GLY C 258 47.50 -9.20 12.29
C GLY C 258 48.24 -8.49 11.17
N CYS C 259 48.10 -8.95 9.94
CA CYS C 259 48.73 -8.28 8.81
C CYS C 259 48.05 -6.95 8.53
N GLN C 260 48.86 -5.95 8.23
CA GLN C 260 48.37 -4.70 7.67
C GLN C 260 48.43 -4.81 6.15
N ILE C 261 47.53 -4.11 5.46
CA ILE C 261 47.45 -4.18 4.00
C ILE C 261 47.55 -2.78 3.45
N ALA C 262 48.39 -2.60 2.43
CA ALA C 262 48.52 -1.33 1.73
C ALA C 262 48.40 -1.58 0.24
N THR C 263 48.11 -0.52 -0.50
CA THR C 263 47.98 -0.59 -1.95
C THR C 263 48.87 0.45 -2.61
N ASN C 264 49.11 0.24 -3.90
CA ASN C 264 49.94 1.10 -4.73
C ASN C 264 51.35 1.24 -4.14
N PRO C 265 52.17 0.18 -4.16
CA PRO C 265 51.89 -1.19 -4.61
C PRO C 265 51.15 -1.99 -3.55
N VAL C 266 50.57 -3.14 -3.89
CA VAL C 266 49.88 -3.96 -2.90
C VAL C 266 50.91 -4.64 -2.03
N ARG C 267 50.84 -4.40 -0.72
CA ARG C 267 51.80 -4.94 0.22
C ARG C 267 51.07 -5.49 1.44
N ALA C 268 51.62 -6.56 1.99
CA ALA C 268 51.22 -7.09 3.29
C ALA C 268 52.34 -6.83 4.28
N VAL C 269 52.05 -6.07 5.32
CA VAL C 269 53.06 -5.51 6.21
C VAL C 269 52.89 -6.11 7.60
N ASN C 270 54.01 -6.50 8.21
CA ASN C 270 54.07 -6.91 9.60
C ASN C 270 53.24 -8.17 9.87
N CYS C 271 53.41 -9.18 9.03
CA CYS C 271 52.78 -10.47 9.28
C CYS C 271 53.65 -11.32 10.19
N ALA C 272 53.14 -11.58 11.39
CA ALA C 272 53.88 -12.32 12.40
C ALA C 272 53.64 -13.82 12.24
N VAL C 273 54.21 -14.37 11.17
CA VAL C 273 54.08 -15.79 10.84
C VAL C 273 55.48 -16.35 10.63
N GLY C 274 55.77 -17.48 11.27
CA GLY C 274 57.06 -18.12 11.09
C GLY C 274 58.19 -17.32 11.69
N ASN C 275 59.40 -17.56 11.18
CA ASN C 275 60.59 -16.87 11.64
C ASN C 275 61.45 -16.50 10.44
N MET C 276 62.66 -16.03 10.73
CA MET C 276 63.53 -15.41 9.73
C MET C 276 64.98 -15.70 10.07
N PRO C 277 65.71 -16.37 9.18
CA PRO C 277 67.14 -16.56 9.40
C PRO C 277 67.93 -15.31 9.05
N ILE C 278 69.04 -15.11 9.75
CA ILE C 278 69.94 -13.99 9.53
C ILE C 278 71.37 -14.51 9.56
N SER C 279 72.15 -14.13 8.56
CA SER C 279 73.57 -14.45 8.48
C SER C 279 74.35 -13.15 8.62
N ILE C 280 75.40 -13.16 9.43
CA ILE C 280 76.14 -11.96 9.78
C ILE C 280 77.62 -12.22 9.56
N ASP C 281 78.26 -11.35 8.79
CA ASP C 281 79.70 -11.42 8.55
C ASP C 281 80.34 -10.21 9.24
N ILE C 282 81.21 -10.48 10.20
CA ILE C 282 81.86 -9.45 11.01
C ILE C 282 83.33 -9.44 10.66
N PRO C 283 83.95 -8.28 10.46
CA PRO C 283 85.40 -8.24 10.22
C PRO C 283 86.16 -8.68 11.46
N GLU C 284 87.35 -9.24 11.22
CA GLU C 284 88.20 -9.63 12.33
C GLU C 284 88.71 -8.40 13.08
N ALA C 285 88.64 -7.23 12.45
CA ALA C 285 89.08 -6.00 13.11
C ALA C 285 88.12 -5.61 14.24
N ALA C 286 86.83 -5.90 14.08
CA ALA C 286 85.85 -5.52 15.10
C ALA C 286 86.02 -6.31 16.39
N PHE C 287 86.50 -7.55 16.32
CA PHE C 287 86.67 -8.35 17.51
C PHE C 287 87.82 -7.82 18.36
N THR C 288 87.78 -8.14 19.65
CA THR C 288 88.81 -7.74 20.60
C THR C 288 89.32 -8.98 21.32
N ARG C 289 90.64 -9.07 21.49
CA ARG C 289 91.23 -10.19 22.19
C ARG C 289 90.82 -10.21 23.65
N VAL C 290 90.73 -11.40 24.22
CA VAL C 290 90.30 -11.55 25.61
C VAL C 290 91.25 -10.88 26.58
N VAL C 291 92.54 -10.87 26.28
CA VAL C 291 93.51 -10.28 27.21
C VAL C 291 93.31 -8.78 27.33
N ASP C 292 92.68 -8.16 26.34
CA ASP C 292 92.45 -6.71 26.39
C ASP C 292 91.13 -6.36 27.04
N ALA C 293 90.07 -7.09 26.73
CA ALA C 293 88.77 -6.79 27.32
C ALA C 293 88.77 -7.15 28.80
N PRO C 294 87.93 -6.50 29.60
CA PRO C 294 87.87 -6.81 31.03
C PRO C 294 87.44 -8.25 31.26
N SER C 295 87.98 -8.84 32.32
CA SER C 295 87.61 -10.19 32.75
C SER C 295 87.06 -10.13 34.17
N LEU C 296 85.96 -10.84 34.40
CA LEU C 296 85.26 -10.78 35.67
C LEU C 296 85.39 -12.11 36.41
N THR C 297 85.72 -12.03 37.69
CA THR C 297 85.84 -13.19 38.57
C THR C 297 85.25 -12.83 39.93
N ASP C 298 85.12 -13.84 40.78
CA ASP C 298 84.45 -13.71 42.07
C ASP C 298 83.06 -13.11 41.89
N MET C 299 82.30 -13.72 40.99
CA MET C 299 81.04 -13.17 40.53
C MET C 299 79.87 -13.95 41.11
N SER C 300 78.91 -13.22 41.68
CA SER C 300 77.74 -13.86 42.30
C SER C 300 76.50 -13.06 41.93
N CYS C 301 75.35 -13.75 41.93
CA CYS C 301 74.10 -13.16 41.46
C CYS C 301 73.02 -13.31 42.51
N GLU C 302 72.18 -12.27 42.63
CA GLU C 302 71.05 -12.29 43.55
C GLU C 302 69.90 -11.50 42.94
N VAL C 303 68.69 -12.04 43.05
CA VAL C 303 67.52 -11.36 42.50
C VAL C 303 66.65 -10.86 43.64
N PRO C 304 66.54 -9.55 43.85
CA PRO C 304 65.64 -9.05 44.89
C PRO C 304 64.17 -9.20 44.57
N ALA C 305 63.78 -9.08 43.30
CA ALA C 305 62.37 -9.16 42.95
C ALA C 305 62.23 -9.71 41.53
N CYS C 306 61.17 -10.47 41.32
CA CYS C 306 60.88 -11.03 40.00
C CYS C 306 59.38 -11.04 39.79
N THR C 307 58.94 -10.52 38.65
CA THR C 307 57.54 -10.50 38.28
C THR C 307 57.42 -10.89 36.81
N HIS C 308 56.83 -12.06 36.55
CA HIS C 308 56.79 -12.59 35.18
C HIS C 308 55.66 -11.91 34.39
N SER C 309 55.86 -10.62 34.17
CA SER C 309 54.96 -9.83 33.35
C SER C 309 55.50 -9.74 31.92
N SER C 310 54.67 -9.20 31.02
CA SER C 310 55.09 -9.01 29.64
C SER C 310 56.27 -8.07 29.54
N ASP C 311 56.32 -7.05 30.41
CA ASP C 311 57.45 -6.13 30.47
C ASP C 311 58.61 -6.82 31.18
N PHE C 312 59.68 -6.05 31.42
CA PHE C 312 60.84 -6.55 32.15
C PHE C 312 60.60 -6.38 33.65
N GLY C 313 59.93 -7.38 34.22
CA GLY C 313 59.54 -7.32 35.62
C GLY C 313 60.60 -7.80 36.60
N GLY C 314 61.63 -8.48 36.14
CA GLY C 314 62.65 -8.99 37.02
C GLY C 314 63.91 -8.14 37.02
N VAL C 315 64.52 -8.04 38.20
CA VAL C 315 65.76 -7.29 38.36
C VAL C 315 66.78 -8.17 39.08
N ALA C 316 67.99 -8.24 38.54
CA ALA C 316 69.06 -9.02 39.14
C ALA C 316 70.26 -8.12 39.41
N VAL C 317 70.93 -8.36 40.53
CA VAL C 317 72.14 -7.64 40.90
C VAL C 317 73.28 -8.65 40.99
N ILE C 318 74.39 -8.34 40.34
CA ILE C 318 75.53 -9.24 40.24
C ILE C 318 76.74 -8.53 40.83
N LYS C 319 77.34 -9.13 41.85
CA LYS C 319 78.60 -8.66 42.41
C LYS C 319 79.74 -9.23 41.60
N TYR C 320 80.68 -8.37 41.20
CA TYR C 320 81.75 -8.74 40.30
C TYR C 320 83.02 -8.00 40.69
N ALA C 321 84.15 -8.55 40.26
CA ALA C 321 85.46 -7.93 40.41
C ALA C 321 86.07 -7.77 39.02
N ALA C 322 86.16 -6.53 38.55
CA ALA C 322 86.63 -6.26 37.21
C ALA C 322 88.13 -5.96 37.20
N SER C 323 88.85 -6.66 36.32
CA SER C 323 90.28 -6.44 36.21
C SER C 323 90.60 -5.04 35.71
N LYS C 324 89.78 -4.51 34.80
CA LYS C 324 89.99 -3.17 34.27
C LYS C 324 88.65 -2.58 33.89
N LYS C 325 88.61 -1.24 33.85
CA LYS C 325 87.40 -0.54 33.48
C LYS C 325 87.13 -0.68 31.99
N GLY C 326 85.89 -0.96 31.63
CA GLY C 326 85.54 -1.07 30.24
C GLY C 326 84.13 -1.59 30.06
N LYS C 327 83.73 -1.73 28.80
CA LYS C 327 82.42 -2.23 28.44
C LYS C 327 82.47 -3.74 28.26
N CYS C 328 81.33 -4.38 28.49
CA CYS C 328 81.25 -5.83 28.44
C CYS C 328 79.85 -6.27 28.04
N ALA C 329 79.78 -7.34 27.25
CA ALA C 329 78.50 -7.86 26.79
C ALA C 329 77.88 -8.79 27.84
N VAL C 330 76.55 -8.71 27.96
CA VAL C 330 75.80 -9.53 28.90
C VAL C 330 74.75 -10.30 28.12
N HIS C 331 74.66 -11.61 28.35
CA HIS C 331 73.79 -12.47 27.56
C HIS C 331 73.20 -13.55 28.46
N SER C 332 72.02 -14.04 28.08
CA SER C 332 71.39 -15.11 28.84
C SER C 332 71.82 -16.47 28.31
N MET C 333 71.96 -17.43 29.22
CA MET C 333 72.30 -18.80 28.85
C MET C 333 71.06 -19.69 28.70
N THR C 334 69.87 -19.14 28.88
CA THR C 334 68.65 -19.92 28.71
C THR C 334 67.72 -19.15 27.78
N ASN C 335 66.81 -19.89 27.14
CA ASN C 335 65.88 -19.32 26.19
C ASN C 335 64.60 -18.84 26.85
N ALA C 336 64.39 -19.17 28.13
CA ALA C 336 63.18 -18.77 28.82
C ALA C 336 63.29 -17.42 29.51
N VAL C 337 64.49 -16.82 29.54
CA VAL C 337 64.72 -15.54 30.18
C VAL C 337 65.36 -14.60 29.17
N THR C 338 64.79 -13.40 29.04
CA THR C 338 65.29 -12.41 28.10
C THR C 338 65.84 -11.22 28.86
N ILE C 339 67.08 -10.86 28.57
CA ILE C 339 67.77 -9.76 29.26
C ILE C 339 67.63 -8.50 28.44
N ARG C 340 67.24 -7.40 29.09
CA ARG C 340 67.06 -6.14 28.38
C ARG C 340 68.39 -5.51 28.00
N GLU C 341 69.35 -5.51 28.91
CA GLU C 341 70.63 -4.87 28.66
C GLU C 341 71.47 -5.69 27.69
N ALA C 342 72.21 -5.01 26.82
CA ALA C 342 73.13 -5.67 25.91
C ALA C 342 74.58 -5.52 26.35
N GLU C 343 74.94 -4.41 26.98
CA GLU C 343 76.31 -4.20 27.42
C GLU C 343 76.32 -3.28 28.63
N ILE C 344 77.24 -3.56 29.55
CA ILE C 344 77.38 -2.84 30.82
C ILE C 344 78.79 -2.28 30.90
N GLU C 345 78.94 -1.21 31.68
CA GLU C 345 80.24 -0.63 31.98
C GLU C 345 80.66 -1.08 33.37
N VAL C 346 81.86 -1.66 33.47
CA VAL C 346 82.33 -2.29 34.70
C VAL C 346 83.70 -1.74 35.05
N GLU C 347 83.94 -1.59 36.35
CA GLU C 347 85.25 -1.17 36.84
C GLU C 347 85.42 -1.63 38.28
N GLY C 348 86.61 -2.15 38.59
CA GLY C 348 86.97 -2.54 39.94
C GLY C 348 86.08 -3.62 40.50
N ASN C 349 85.92 -3.59 41.82
CA ASN C 349 85.04 -4.50 42.55
C ASN C 349 83.75 -3.75 42.86
N SER C 350 82.65 -4.19 42.27
CA SER C 350 81.39 -3.46 42.40
C SER C 350 80.24 -4.42 42.13
N GLN C 351 79.06 -3.85 41.91
CA GLN C 351 77.87 -4.62 41.55
C GLN C 351 77.15 -3.93 40.41
N LEU C 352 76.52 -4.73 39.56
CA LEU C 352 75.80 -4.25 38.40
C LEU C 352 74.37 -4.76 38.42
N GLN C 353 73.46 -3.97 37.85
CA GLN C 353 72.04 -4.27 37.85
C GLN C 353 71.57 -4.52 36.42
N ILE C 354 70.85 -5.61 36.22
CA ILE C 354 70.26 -5.93 34.93
C ILE C 354 68.77 -6.17 35.10
N SER C 355 68.04 -5.90 34.02
CA SER C 355 66.60 -6.15 33.96
C SER C 355 66.35 -7.32 33.01
N PHE C 356 65.41 -8.18 33.41
CA PHE C 356 65.10 -9.36 32.62
C PHE C 356 63.61 -9.64 32.71
N SER C 357 63.12 -10.41 31.75
CA SER C 357 61.73 -10.83 31.70
C SER C 357 61.66 -12.33 31.48
N THR C 358 60.63 -12.95 32.03
CA THR C 358 60.46 -14.40 31.94
C THR C 358 59.00 -14.75 32.09
N ALA C 359 58.68 -15.99 31.74
CA ALA C 359 57.36 -16.55 32.00
C ALA C 359 57.40 -17.64 33.06
N LEU C 360 58.57 -17.96 33.59
CA LEU C 360 58.70 -19.06 34.52
C LEU C 360 58.28 -18.62 35.92
N ALA C 361 57.55 -19.50 36.61
CA ALA C 361 57.22 -19.24 38.01
C ALA C 361 58.47 -19.19 38.87
N SER C 362 59.42 -20.10 38.62
CA SER C 362 60.70 -20.12 39.32
C SER C 362 61.80 -19.86 38.29
N ALA C 363 62.40 -18.68 38.36
CA ALA C 363 63.40 -18.27 37.38
C ALA C 363 64.76 -18.80 37.82
N GLU C 364 65.23 -19.85 37.15
CA GLU C 364 66.56 -20.41 37.38
C GLU C 364 67.30 -20.36 36.06
N PHE C 365 68.29 -19.47 35.98
CA PHE C 365 68.97 -19.23 34.70
C PHE C 365 70.43 -18.92 34.97
N ARG C 366 71.18 -18.74 33.87
CA ARG C 366 72.58 -18.39 33.93
C ARG C 366 72.86 -17.20 33.03
N VAL C 367 73.74 -16.32 33.48
CA VAL C 367 74.08 -15.09 32.78
C VAL C 367 75.57 -15.10 32.47
N GLN C 368 75.90 -14.78 31.22
CA GLN C 368 77.29 -14.67 30.78
C GLN C 368 77.65 -13.19 30.64
N VAL C 369 78.69 -12.78 31.36
CA VAL C 369 79.28 -11.45 31.23
C VAL C 369 80.77 -11.63 31.07
N CYS C 370 81.30 -11.20 29.93
CA CYS C 370 82.73 -11.35 29.60
C CYS C 370 83.20 -12.78 29.78
N SER C 371 82.41 -13.73 29.25
CA SER C 371 82.67 -15.16 29.31
C SER C 371 82.69 -15.71 30.73
N THR C 372 82.16 -14.97 31.70
CA THR C 372 82.03 -15.46 33.07
C THR C 372 80.56 -15.75 33.33
N GLN C 373 80.26 -16.92 33.87
CA GLN C 373 78.90 -17.38 34.06
C GLN C 373 78.49 -17.29 35.51
N VAL C 374 77.28 -16.79 35.75
CA VAL C 374 76.71 -16.72 37.09
C VAL C 374 75.32 -17.34 37.07
N HIS C 375 75.02 -18.16 38.07
CA HIS C 375 73.72 -18.82 38.15
C HIS C 375 72.79 -18.03 39.06
N CYS C 376 71.74 -17.48 38.47
CA CYS C 376 70.73 -16.71 39.20
C CYS C 376 69.50 -17.57 39.43
N ALA C 377 68.91 -17.43 40.63
CA ALA C 377 67.72 -18.17 40.98
C ALA C 377 66.79 -17.25 41.75
N ALA C 378 65.49 -17.39 41.50
CA ALA C 378 64.51 -16.53 42.14
C ALA C 378 63.13 -17.12 42.03
N GLU C 379 62.24 -16.71 42.93
CA GLU C 379 60.82 -17.01 42.85
C GLU C 379 60.09 -15.79 42.32
N CYS C 380 59.33 -15.97 41.24
CA CYS C 380 58.65 -14.88 40.58
C CYS C 380 57.17 -14.88 40.92
N HIS C 381 56.59 -13.70 40.96
CA HIS C 381 55.19 -13.53 41.32
C HIS C 381 54.38 -12.98 40.15
N PRO C 382 53.13 -13.41 39.99
CA PRO C 382 52.34 -12.94 38.86
C PRO C 382 52.00 -11.47 39.00
N PRO C 383 51.81 -10.77 37.89
CA PRO C 383 51.42 -9.36 37.97
C PRO C 383 49.93 -9.21 38.28
N LYS C 384 49.56 -8.00 38.68
CA LYS C 384 48.17 -7.70 39.01
C LYS C 384 47.41 -7.05 37.87
N ASP C 385 48.09 -6.57 36.84
CA ASP C 385 47.43 -5.94 35.71
C ASP C 385 47.11 -6.99 34.65
N HIS C 386 45.83 -7.10 34.30
CA HIS C 386 45.39 -8.20 33.45
C HIS C 386 45.81 -8.03 32.00
N ILE C 387 45.67 -6.81 31.46
CA ILE C 387 45.83 -6.58 30.03
C ILE C 387 46.83 -5.45 29.80
N VAL C 388 47.71 -5.62 28.81
CA VAL C 388 48.68 -4.61 28.43
C VAL C 388 48.62 -4.40 26.93
N ASN C 389 49.24 -3.32 26.48
CA ASN C 389 49.17 -2.88 25.09
C ASN C 389 50.40 -3.26 24.28
N TYR C 390 51.31 -4.06 24.83
CA TYR C 390 52.54 -4.41 24.15
C TYR C 390 52.75 -5.91 24.18
N PRO C 391 53.36 -6.47 23.13
CA PRO C 391 53.57 -7.92 23.09
C PRO C 391 54.59 -8.37 24.12
N ALA C 392 54.49 -9.63 24.52
CA ALA C 392 55.38 -10.16 25.54
C ALA C 392 56.82 -10.16 25.06
N SER C 393 57.71 -9.64 25.90
CA SER C 393 59.14 -9.62 25.58
C SER C 393 59.82 -10.95 25.85
N HIS C 394 59.19 -11.85 26.58
CA HIS C 394 59.74 -13.16 26.85
C HIS C 394 59.10 -14.22 25.97
N THR C 395 59.81 -15.33 25.78
CA THR C 395 59.27 -16.44 25.03
C THR C 395 58.31 -17.25 25.90
N THR C 396 57.43 -17.98 25.24
CA THR C 396 56.50 -18.85 25.94
C THR C 396 57.22 -20.06 26.51
N LEU C 397 56.68 -20.60 27.60
CA LEU C 397 57.22 -21.81 28.18
C LEU C 397 56.62 -23.03 27.49
N GLY C 398 57.46 -24.04 27.28
CA GLY C 398 57.07 -25.18 26.49
C GLY C 398 56.62 -26.39 27.29
N VAL C 399 57.24 -27.54 27.03
CA VAL C 399 56.91 -28.78 27.72
C VAL C 399 58.08 -29.33 28.53
N GLN C 400 59.28 -28.80 28.35
CA GLN C 400 60.46 -29.25 29.08
C GLN C 400 60.86 -28.32 30.21
N ASP C 401 61.07 -27.04 29.93
CA ASP C 401 61.40 -26.05 30.96
C ASP C 401 60.10 -25.54 31.59
N ILE C 402 59.52 -26.41 32.42
CA ILE C 402 58.18 -26.19 32.95
C ILE C 402 58.20 -26.31 34.47
N SER C 403 57.03 -26.10 35.06
CA SER C 403 56.79 -26.22 36.50
C SER C 403 57.56 -25.19 37.30
N ALA C 404 57.31 -25.13 38.60
CA ALA C 404 57.94 -24.18 39.49
C ALA C 404 58.89 -24.90 40.44
N THR C 405 59.52 -24.14 41.33
CA THR C 405 60.36 -24.75 42.34
C THR C 405 59.56 -25.66 43.25
N ALA C 406 58.26 -25.38 43.42
CA ALA C 406 57.39 -26.28 44.15
C ALA C 406 56.86 -27.36 43.21
N MET C 407 57.77 -27.98 42.45
CA MET C 407 57.50 -29.21 41.73
C MET C 407 57.85 -30.43 42.58
N SER C 408 58.48 -30.18 43.74
CA SER C 408 58.85 -31.27 44.64
C SER C 408 57.64 -32.06 45.10
N TRP C 409 56.44 -31.50 45.01
CA TRP C 409 55.24 -32.30 45.23
C TRP C 409 55.11 -33.39 44.17
N VAL C 410 55.37 -33.06 42.90
CA VAL C 410 55.34 -34.07 41.86
C VAL C 410 56.38 -35.15 42.14
N GLN C 411 57.59 -34.74 42.51
CA GLN C 411 58.64 -35.71 42.82
C GLN C 411 58.25 -36.58 44.00
N LYS C 412 57.67 -35.98 45.04
CA LYS C 412 57.27 -36.75 46.22
C LYS C 412 56.18 -37.76 45.89
N ILE C 413 55.17 -37.35 45.13
CA ILE C 413 54.08 -38.26 44.80
C ILE C 413 54.58 -39.37 43.88
N THR C 414 55.44 -39.03 42.92
CA THR C 414 56.01 -40.04 42.04
C THR C 414 56.88 -41.01 42.82
N GLY C 415 57.67 -40.51 43.76
CA GLY C 415 58.50 -41.38 44.56
C GLY C 415 57.69 -42.30 45.46
N GLY C 416 56.62 -41.77 46.06
CA GLY C 416 55.78 -42.62 46.90
C GLY C 416 55.09 -43.72 46.11
N VAL C 417 54.51 -43.36 44.96
CA VAL C 417 53.83 -44.36 44.15
C VAL C 417 54.84 -45.36 43.59
N GLY C 418 56.03 -44.89 43.20
CA GLY C 418 57.06 -45.80 42.74
C GLY C 418 57.56 -46.71 43.82
N LEU C 419 57.61 -46.22 45.06
CA LEU C 419 58.00 -47.07 46.19
C LEU C 419 56.96 -48.14 46.45
N VAL C 420 55.67 -47.78 46.35
CA VAL C 420 54.62 -48.78 46.51
C VAL C 420 54.71 -49.82 45.41
N VAL C 421 54.91 -49.38 44.17
CA VAL C 421 55.05 -50.30 43.04
C VAL C 421 56.28 -51.18 43.22
N ALA C 422 57.38 -50.62 43.72
CA ALA C 422 58.59 -51.38 43.94
C ALA C 422 58.40 -52.43 45.03
N VAL C 423 57.66 -52.08 46.09
CA VAL C 423 57.36 -53.06 47.14
C VAL C 423 56.53 -54.19 46.57
N ALA C 424 55.51 -53.86 45.78
CA ALA C 424 54.68 -54.90 45.18
C ALA C 424 55.50 -55.79 44.24
N ALA C 425 56.36 -55.18 43.41
CA ALA C 425 57.16 -55.94 42.48
C ALA C 425 58.19 -56.80 43.20
N LEU C 426 58.76 -56.29 44.29
CA LEU C 426 59.70 -57.09 45.08
C LEU C 426 59.01 -58.28 45.71
N ILE C 427 57.80 -58.08 46.24
CA ILE C 427 57.05 -59.20 46.81
C ILE C 427 56.74 -60.23 45.73
N LEU C 428 56.31 -59.75 44.56
CA LEU C 428 56.01 -60.67 43.46
C LEU C 428 57.25 -61.43 43.01
N ILE C 429 58.40 -60.75 42.95
CA ILE C 429 59.64 -61.41 42.56
C ILE C 429 60.03 -62.47 43.58
N VAL C 430 59.91 -62.15 44.86
CA VAL C 430 60.23 -63.12 45.91
C VAL C 430 59.33 -64.34 45.79
N VAL C 431 58.03 -64.13 45.62
CA VAL C 431 57.10 -65.25 45.53
C VAL C 431 57.38 -66.09 44.28
N LEU C 432 57.65 -65.43 43.15
CA LEU C 432 57.95 -66.17 41.93
C LEU C 432 59.23 -66.97 42.05
N CYS C 433 60.26 -66.39 42.68
CA CYS C 433 61.51 -67.11 42.88
C CYS C 433 61.30 -68.31 43.80
N VAL C 434 60.50 -68.14 44.86
CA VAL C 434 60.22 -69.27 45.74
C VAL C 434 59.48 -70.37 44.99
N SER C 435 58.49 -70.00 44.18
CA SER C 435 57.74 -71.01 43.43
C SER C 435 58.60 -71.69 42.38
N PHE C 436 59.51 -70.96 41.75
CA PHE C 436 60.39 -71.57 40.74
C PHE C 436 61.40 -72.49 41.38
N SER C 437 61.97 -72.09 42.52
CA SER C 437 62.90 -72.95 43.23
C SER C 437 62.20 -74.20 43.77
N ARG C 438 60.99 -74.06 44.30
CA ARG C 438 60.24 -75.20 44.79
C ARG C 438 59.72 -76.04 43.64
N HIS C 439 59.76 -77.36 43.81
CA HIS C 439 59.26 -78.28 42.79
C HIS C 439 58.65 -79.52 43.44
N TYR D 1 -14.47 4.35 76.58
CA TYR D 1 -14.18 2.93 76.46
C TYR D 1 -13.04 2.67 75.48
N GLU D 2 -12.13 1.78 75.85
CA GLU D 2 -10.97 1.45 75.02
C GLU D 2 -11.29 0.22 74.18
N HIS D 3 -11.26 0.40 72.85
CA HIS D 3 -11.47 -0.69 71.91
C HIS D 3 -10.24 -0.79 71.01
N VAL D 4 -9.65 -1.98 70.95
CA VAL D 4 -8.48 -2.23 70.11
C VAL D 4 -8.91 -3.16 68.98
N THR D 5 -8.41 -2.89 67.79
CA THR D 5 -8.77 -3.68 66.62
C THR D 5 -7.64 -3.64 65.61
N VAL D 6 -7.71 -4.52 64.62
CA VAL D 6 -6.73 -4.61 63.55
C VAL D 6 -7.46 -4.59 62.21
N ILE D 7 -7.04 -3.71 61.31
CA ILE D 7 -7.68 -3.62 60.00
C ILE D 7 -6.64 -3.77 58.90
N PRO D 8 -6.94 -4.51 57.83
CA PRO D 8 -5.99 -4.61 56.72
C PRO D 8 -5.74 -3.26 56.07
N ASN D 9 -4.57 -3.13 55.46
CA ASN D 9 -4.08 -1.86 54.94
C ASN D 9 -4.72 -1.48 53.61
N THR D 10 -5.59 -2.32 53.05
CA THR D 10 -6.21 -1.99 51.77
C THR D 10 -6.98 -0.68 51.88
N VAL D 11 -6.74 0.21 50.92
CA VAL D 11 -7.30 1.55 50.95
C VAL D 11 -8.58 1.58 50.15
N GLY D 12 -9.64 2.09 50.76
CA GLY D 12 -10.93 2.18 50.10
C GLY D 12 -11.89 1.05 50.41
N VAL D 13 -11.55 0.16 51.34
CA VAL D 13 -12.40 -0.95 51.73
C VAL D 13 -12.84 -0.73 53.17
N PRO D 14 -14.11 -0.41 53.42
CA PRO D 14 -14.55 -0.22 54.81
C PRO D 14 -14.54 -1.53 55.59
N TYR D 15 -14.33 -1.41 56.89
CA TYR D 15 -14.22 -2.56 57.78
C TYR D 15 -15.10 -2.34 58.99
N LYS D 16 -15.77 -3.41 59.42
CA LYS D 16 -16.75 -3.36 60.50
C LYS D 16 -16.16 -4.00 61.75
N THR D 17 -16.32 -3.31 62.88
CA THR D 17 -15.84 -3.81 64.17
C THR D 17 -16.97 -3.74 65.19
N LEU D 18 -17.05 -4.78 66.03
CA LEU D 18 -18.00 -4.83 67.14
C LEU D 18 -17.38 -4.22 68.38
N VAL D 19 -17.98 -3.15 68.88
CA VAL D 19 -17.76 -2.67 70.23
C VAL D 19 -18.82 -3.33 71.10
N ASN D 20 -18.43 -4.35 71.84
CA ASN D 20 -19.34 -5.14 72.67
C ASN D 20 -19.01 -4.86 74.13
N ARG D 21 -19.65 -3.85 74.69
CA ARG D 21 -19.47 -3.49 76.10
C ARG D 21 -20.62 -4.10 76.88
N PRO D 22 -20.36 -5.08 77.74
CA PRO D 22 -21.45 -5.76 78.44
C PRO D 22 -22.28 -4.79 79.27
N GLY D 23 -23.59 -5.01 79.28
CA GLY D 23 -24.53 -4.12 79.91
C GLY D 23 -25.00 -2.97 79.03
N TYR D 24 -24.42 -2.81 77.85
CA TYR D 24 -24.80 -1.77 76.92
C TYR D 24 -25.09 -2.40 75.56
N SER D 25 -25.82 -1.66 74.74
CA SER D 25 -26.20 -2.17 73.41
C SER D 25 -24.96 -2.35 72.56
N PRO D 26 -24.86 -3.43 71.78
CA PRO D 26 -23.71 -3.61 70.90
C PRO D 26 -23.61 -2.47 69.90
N MET D 27 -22.38 -2.07 69.58
CA MET D 27 -22.13 -1.00 68.65
C MET D 27 -21.31 -1.52 67.48
N VAL D 28 -21.58 -0.98 66.29
CA VAL D 28 -20.84 -1.34 65.08
C VAL D 28 -20.12 -0.10 64.57
N LEU D 29 -18.81 -0.21 64.41
CA LEU D 29 -17.99 0.90 63.91
C LEU D 29 -17.44 0.55 62.54
N GLU D 30 -17.67 1.44 61.58
CA GLU D 30 -17.15 1.30 60.23
C GLU D 30 -15.96 2.23 60.07
N MET D 31 -14.81 1.66 59.73
CA MET D 31 -13.59 2.43 59.53
C MET D 31 -13.00 2.13 58.15
N GLU D 32 -12.60 3.17 57.45
CA GLU D 32 -12.10 3.04 56.10
C GLU D 32 -10.88 3.94 55.93
N LEU D 33 -9.78 3.36 55.43
CA LEU D 33 -8.57 4.14 55.20
C LEU D 33 -8.70 4.90 53.89
N LEU D 34 -8.56 6.22 53.97
CA LEU D 34 -8.62 7.06 52.78
C LEU D 34 -7.25 7.28 52.14
N SER D 35 -6.19 7.33 52.96
CA SER D 35 -4.85 7.56 52.44
C SER D 35 -3.84 7.14 53.50
N VAL D 36 -2.88 6.31 53.09
CA VAL D 36 -1.78 5.89 53.93
C VAL D 36 -0.50 6.34 53.27
N THR D 37 0.29 7.14 53.97
CA THR D 37 1.48 7.77 53.40
C THR D 37 2.71 7.36 54.20
N LEU D 38 3.72 6.84 53.49
CA LEU D 38 5.04 6.58 54.05
C LEU D 38 5.99 7.63 53.49
N GLU D 39 6.47 8.53 54.35
CA GLU D 39 7.37 9.59 53.94
C GLU D 39 8.73 9.34 54.56
N PRO D 40 9.66 8.74 53.81
CA PRO D 40 10.98 8.43 54.39
C PRO D 40 11.80 9.69 54.63
N THR D 41 12.65 9.62 55.65
CA THR D 41 13.56 10.71 55.94
C THR D 41 14.74 10.66 54.98
N LEU D 42 14.95 11.74 54.24
CA LEU D 42 15.95 11.78 53.18
C LEU D 42 17.11 12.68 53.57
N SER D 43 18.32 12.19 53.36
CA SER D 43 19.54 12.98 53.53
C SER D 43 20.18 13.15 52.16
N LEU D 44 20.23 14.38 51.67
CA LEU D 44 20.73 14.63 50.33
C LEU D 44 22.19 14.23 50.21
N ASP D 45 22.44 13.20 49.40
CA ASP D 45 23.82 12.77 49.18
C ASP D 45 24.54 13.70 48.22
N TYR D 46 24.00 13.91 47.02
CA TYR D 46 24.56 14.94 46.15
C TYR D 46 23.60 15.26 45.00
N ILE D 47 24.12 16.03 44.05
CA ILE D 47 23.36 16.53 42.91
C ILE D 47 24.14 16.22 41.64
N THR D 48 23.47 15.67 40.64
CA THR D 48 24.05 15.44 39.32
C THR D 48 23.34 16.33 38.32
N CYS D 49 24.08 16.80 37.32
CA CYS D 49 23.51 17.70 36.32
C CYS D 49 24.36 17.65 35.07
N GLU D 50 24.09 18.56 34.14
CA GLU D 50 24.87 18.61 32.91
C GLU D 50 26.05 19.57 33.08
N TYR D 51 27.21 19.14 32.62
CA TYR D 51 28.43 19.93 32.69
C TYR D 51 28.64 20.71 31.40
N LYS D 52 29.41 21.78 31.50
CA LYS D 52 29.86 22.53 30.34
C LYS D 52 31.38 22.61 30.35
N THR D 53 31.97 22.50 29.17
CA THR D 53 33.41 22.56 29.01
C THR D 53 33.81 23.99 28.66
N VAL D 54 34.59 24.61 29.53
CA VAL D 54 35.08 25.97 29.31
C VAL D 54 36.45 25.87 28.67
N ILE D 55 36.60 26.49 27.51
CA ILE D 55 37.84 26.47 26.73
C ILE D 55 38.25 27.90 26.40
N PRO D 56 39.11 28.53 27.18
CA PRO D 56 39.66 29.83 26.78
C PRO D 56 40.34 29.73 25.42
N SER D 57 40.57 30.88 24.80
CA SER D 57 41.16 30.92 23.48
C SER D 57 42.55 30.30 23.51
N PRO D 58 42.93 29.51 22.51
CA PRO D 58 44.27 28.90 22.52
C PRO D 58 45.35 29.95 22.35
N TYR D 59 46.53 29.65 22.88
CA TYR D 59 47.65 30.58 22.83
C TYR D 59 48.62 30.14 21.73
N VAL D 60 48.69 30.92 20.65
CA VAL D 60 49.60 30.63 19.56
C VAL D 60 50.87 31.42 19.78
N LYS D 61 51.93 30.75 20.23
CA LYS D 61 53.23 31.37 20.41
C LYS D 61 54.12 30.90 19.28
N CYS D 62 54.39 31.77 18.33
CA CYS D 62 55.26 31.45 17.22
C CYS D 62 56.59 32.18 17.36
N CYS D 63 57.61 31.63 16.70
CA CYS D 63 59.00 32.03 16.94
C CYS D 63 59.35 31.86 18.42
N GLY D 64 58.81 30.82 19.03
CA GLY D 64 59.00 30.57 20.45
C GLY D 64 58.29 29.31 20.86
N THR D 65 58.43 29.00 22.15
CA THR D 65 57.82 27.82 22.76
C THR D 65 56.95 28.26 23.92
N ALA D 66 55.70 27.83 23.93
CA ALA D 66 54.77 28.20 24.98
C ALA D 66 54.77 27.16 26.10
N GLU D 67 54.25 27.57 27.25
CA GLU D 67 54.18 26.70 28.42
C GLU D 67 53.05 27.16 29.31
N CYS D 68 52.49 26.22 30.08
CA CYS D 68 51.40 26.54 30.99
C CYS D 68 51.65 25.87 32.34
N LYS D 69 50.90 26.32 33.33
CA LYS D 69 51.04 25.87 34.70
C LYS D 69 49.79 25.12 35.14
N ASP D 70 49.98 24.20 36.09
CA ASP D 70 48.85 23.44 36.61
C ASP D 70 47.92 24.35 37.40
N LYS D 71 46.62 24.12 37.25
CA LYS D 71 45.59 24.87 37.95
C LYS D 71 44.73 23.90 38.75
N ASN D 72 43.89 24.46 39.63
CA ASN D 72 43.06 23.68 40.53
C ASN D 72 41.60 23.64 40.11
N LEU D 73 41.33 23.85 38.82
CA LEU D 73 39.97 23.82 38.31
C LEU D 73 39.47 22.38 38.32
N PRO D 74 38.15 22.16 38.29
CA PRO D 74 37.62 20.81 38.54
C PRO D 74 38.27 19.70 37.72
N ASP D 75 38.23 19.80 36.40
CA ASP D 75 38.95 18.87 35.53
C ASP D 75 39.75 19.69 34.52
N TYR D 76 40.94 20.10 34.93
CA TYR D 76 41.76 20.99 34.11
C TYR D 76 42.76 20.17 33.31
N SER D 77 42.80 20.42 32.00
CA SER D 77 43.76 19.77 31.12
C SER D 77 44.41 20.81 30.23
N CYS D 78 45.74 20.79 30.19
CA CYS D 78 46.52 21.75 29.43
C CYS D 78 47.62 21.01 28.69
N LYS D 79 47.92 21.48 27.47
CA LYS D 79 48.95 20.83 26.67
C LYS D 79 49.55 21.83 25.69
N VAL D 80 50.75 21.51 25.22
CA VAL D 80 51.47 22.31 24.24
C VAL D 80 51.76 21.44 23.03
N PHE D 81 51.37 21.92 21.85
CA PHE D 81 51.59 21.21 20.60
C PHE D 81 52.60 21.95 19.75
N THR D 82 53.59 21.21 19.25
CA THR D 82 54.70 21.78 18.50
C THR D 82 54.44 21.67 17.00
N GLY D 83 55.07 22.55 16.24
CA GLY D 83 55.00 22.50 14.80
C GLY D 83 53.67 22.86 14.19
N VAL D 84 52.91 23.73 14.84
CA VAL D 84 51.62 24.18 14.31
C VAL D 84 51.84 25.45 13.50
N TYR D 85 51.13 25.57 12.39
CA TYR D 85 51.19 26.75 11.53
C TYR D 85 49.78 27.22 11.24
N PRO D 86 49.10 27.81 12.21
CA PRO D 86 47.70 28.19 12.02
C PRO D 86 47.56 29.35 11.03
N PHE D 87 46.41 29.37 10.36
CA PHE D 87 46.03 30.46 9.49
C PHE D 87 44.79 31.15 10.03
N MET D 88 44.68 32.44 9.75
CA MET D 88 43.47 33.22 9.99
C MET D 88 42.82 33.53 8.65
N TRP D 89 41.74 34.32 8.70
CA TRP D 89 41.02 34.63 7.47
C TRP D 89 41.87 35.42 6.49
N GLY D 90 42.78 36.25 7.00
CA GLY D 90 43.65 37.04 6.17
C GLY D 90 44.92 36.35 5.72
N GLY D 91 45.17 35.14 6.18
CA GLY D 91 46.36 34.38 5.81
C GLY D 91 46.99 33.75 7.03
N ALA D 92 48.28 33.48 6.92
CA ALA D 92 49.02 32.89 8.03
C ALA D 92 49.06 33.86 9.21
N TYR D 93 48.98 33.31 10.42
CA TYR D 93 48.92 34.16 11.60
C TYR D 93 50.20 34.97 11.77
N CYS D 94 51.36 34.36 11.53
CA CYS D 94 52.64 35.00 11.79
C CYS D 94 53.72 34.34 10.92
N PHE D 95 54.87 35.00 10.83
CA PHE D 95 55.89 34.58 9.85
C PHE D 95 56.49 33.22 10.14
N CYS D 96 57.15 33.06 11.29
CA CYS D 96 58.08 31.94 11.46
C CYS D 96 57.36 30.62 11.18
N ASP D 97 57.89 29.88 10.22
CA ASP D 97 57.19 28.78 9.57
C ASP D 97 57.22 27.49 10.37
N ALA D 98 58.08 27.38 11.37
CA ALA D 98 58.19 26.16 12.16
C ALA D 98 58.58 26.54 13.58
N GLU D 99 58.64 25.53 14.44
CA GLU D 99 59.06 25.70 15.84
C GLU D 99 58.01 26.49 16.63
N ASN D 100 56.90 26.81 15.97
CA ASN D 100 55.75 27.44 16.62
C ASN D 100 55.04 26.44 17.52
N THR D 101 54.41 26.93 18.57
CA THR D 101 53.68 26.09 19.50
C THR D 101 52.29 26.67 19.77
N GLN D 102 51.37 25.77 20.09
CA GLN D 102 50.01 26.14 20.47
C GLN D 102 49.72 25.58 21.86
N LEU D 103 49.19 26.45 22.71
CA LEU D 103 48.84 26.09 24.09
C LEU D 103 47.33 25.93 24.15
N SER D 104 46.87 24.72 24.45
CA SER D 104 45.45 24.42 24.55
C SER D 104 45.13 24.02 25.99
N GLU D 105 44.18 24.73 26.59
CA GLU D 105 43.77 24.47 27.96
C GLU D 105 42.25 24.50 28.04
N ALA D 106 41.70 23.59 28.85
CA ALA D 106 40.25 23.48 28.98
C ALA D 106 39.93 22.87 30.34
N HIS D 107 38.70 23.11 30.80
CA HIS D 107 38.27 22.52 32.06
C HIS D 107 36.77 22.31 32.05
N VAL D 108 36.28 21.61 33.07
CA VAL D 108 34.88 21.23 33.19
C VAL D 108 34.26 21.97 34.36
N GLU D 109 33.11 22.59 34.12
CA GLU D 109 32.36 23.27 35.16
C GLU D 109 30.93 22.77 35.14
N LYS D 110 30.21 22.97 36.23
CA LYS D 110 28.80 22.67 36.22
C LYS D 110 28.04 23.82 35.58
N SER D 111 27.20 23.50 34.61
CA SER D 111 26.49 24.53 33.86
C SER D 111 25.47 25.23 34.75
N GLU D 112 25.07 26.43 34.33
CA GLU D 112 24.03 27.14 35.05
C GLU D 112 22.72 26.35 35.06
N SER D 113 22.50 25.48 34.06
CA SER D 113 21.32 24.64 34.03
C SER D 113 21.25 23.69 35.23
N CYS D 114 22.35 23.48 35.93
CA CYS D 114 22.31 22.70 37.17
C CYS D 114 21.38 23.32 38.20
N LYS D 115 21.09 24.61 38.10
CA LYS D 115 20.13 25.24 39.00
C LYS D 115 18.71 24.71 38.78
N THR D 116 18.38 24.31 37.55
CA THR D 116 17.03 23.91 37.20
C THR D 116 16.91 22.44 36.84
N GLU D 117 17.72 21.95 35.90
CA GLU D 117 17.67 20.56 35.46
C GLU D 117 18.76 19.80 36.20
N PHE D 118 18.35 18.99 37.17
CA PHE D 118 19.31 18.20 37.95
C PHE D 118 18.58 17.01 38.55
N ALA D 119 19.37 16.02 38.94
CA ALA D 119 18.88 14.85 39.65
C ALA D 119 19.48 14.82 41.03
N SER D 120 18.64 14.66 42.04
CA SER D 120 19.07 14.66 43.43
C SER D 120 19.24 13.23 43.90
N ALA D 121 20.45 12.88 44.31
CA ALA D 121 20.75 11.55 44.82
C ALA D 121 20.66 11.60 46.34
N TYR D 122 19.70 10.84 46.89
CA TYR D 122 19.38 10.82 48.31
C TYR D 122 19.64 9.46 48.92
N ARG D 123 19.85 9.45 50.24
CA ARG D 123 19.79 8.25 51.04
C ARG D 123 18.46 8.22 51.78
N ALA D 124 17.90 7.03 51.96
CA ALA D 124 16.61 6.87 52.62
C ALA D 124 16.78 6.27 54.00
N HIS D 125 15.92 6.69 54.94
CA HIS D 125 15.99 6.23 56.31
C HIS D 125 14.61 5.69 56.68
N THR D 126 14.33 5.46 57.95
CA THR D 126 13.02 5.02 58.41
C THR D 126 11.95 5.99 57.94
N ALA D 127 10.74 5.47 57.75
CA ALA D 127 9.64 6.21 57.15
C ALA D 127 8.64 6.62 58.23
N SER D 128 8.22 7.88 58.18
CA SER D 128 7.21 8.41 59.11
C SER D 128 5.81 8.17 58.53
N ALA D 129 5.25 7.02 58.89
CA ALA D 129 3.94 6.64 58.39
C ALA D 129 2.86 7.59 58.90
N SER D 130 1.95 7.96 58.02
CA SER D 130 0.80 8.77 58.39
C SER D 130 -0.44 8.16 57.76
N ALA D 131 -1.60 8.45 58.35
CA ALA D 131 -2.84 7.83 57.90
C ALA D 131 -3.98 8.83 58.02
N LYS D 132 -4.92 8.70 57.09
CA LYS D 132 -6.20 9.41 57.13
C LYS D 132 -7.30 8.36 57.14
N LEU D 133 -8.23 8.49 58.09
CA LEU D 133 -9.21 7.45 58.35
C LEU D 133 -10.60 8.07 58.47
N ARG D 134 -11.58 7.44 57.83
CA ARG D 134 -12.98 7.85 57.92
C ARG D 134 -13.72 6.86 58.80
N VAL D 135 -14.47 7.37 59.77
CA VAL D 135 -15.19 6.54 60.74
C VAL D 135 -16.67 6.92 60.71
N LEU D 136 -17.53 5.91 60.61
CA LEU D 136 -18.97 6.07 60.73
C LEU D 136 -19.31 5.97 62.22
N TYR D 137 -19.25 7.11 62.90
CA TYR D 137 -19.45 7.20 64.34
C TYR D 137 -20.87 7.67 64.61
N GLN D 138 -21.72 6.77 65.09
CA GLN D 138 -23.10 7.09 65.46
C GLN D 138 -23.84 7.74 64.30
N GLY D 139 -23.62 7.22 63.10
CA GLY D 139 -24.26 7.74 61.91
C GLY D 139 -23.64 8.99 61.33
N ASN D 140 -22.52 9.46 61.88
CA ASN D 140 -21.85 10.66 61.40
C ASN D 140 -20.49 10.29 60.84
N ASN D 141 -20.15 10.87 59.69
CA ASN D 141 -18.86 10.63 59.07
C ASN D 141 -17.83 11.56 59.68
N ILE D 142 -16.82 10.99 60.35
CA ILE D 142 -15.76 11.76 60.96
C ILE D 142 -14.45 11.39 60.26
N THR D 143 -13.52 12.34 60.21
CA THR D 143 -12.25 12.17 59.53
C THR D 143 -11.12 12.46 60.51
N VAL D 144 -10.15 11.54 60.58
CA VAL D 144 -9.00 11.68 61.45
C VAL D 144 -7.74 11.57 60.61
N THR D 145 -6.67 12.20 61.11
CA THR D 145 -5.37 12.16 60.43
C THR D 145 -4.34 12.03 61.52
N ALA D 146 -3.51 10.98 61.51
CA ALA D 146 -2.57 10.76 62.59
C ALA D 146 -1.37 9.99 62.08
N TYR D 147 -0.24 10.19 62.75
CA TYR D 147 0.97 9.45 62.43
C TYR D 147 0.87 8.03 62.98
N ALA D 148 1.06 7.05 62.11
CA ALA D 148 0.89 5.64 62.47
C ALA D 148 2.17 5.08 63.08
N ASN D 149 2.44 5.51 64.32
CA ASN D 149 3.61 5.05 65.05
C ASN D 149 3.27 4.60 66.46
N GLY D 150 2.00 4.39 66.78
CA GLY D 150 1.62 4.08 68.14
C GLY D 150 1.63 5.27 69.08
N ASP D 151 1.61 6.48 68.54
CA ASP D 151 1.64 7.69 69.34
C ASP D 151 0.82 8.76 68.61
N HIS D 152 0.83 9.98 69.14
CA HIS D 152 0.16 11.12 68.54
C HIS D 152 -1.34 10.86 68.36
N ALA D 153 -2.01 10.63 69.50
CA ALA D 153 -3.44 10.40 69.47
C ALA D 153 -4.18 11.66 69.06
N VAL D 154 -5.26 11.49 68.30
CA VAL D 154 -6.05 12.61 67.79
C VAL D 154 -7.47 12.47 68.32
N THR D 155 -8.00 13.55 68.89
CA THR D 155 -9.32 13.54 69.49
C THR D 155 -10.28 14.32 68.60
N VAL D 156 -11.35 13.65 68.15
CA VAL D 156 -12.41 14.27 67.38
C VAL D 156 -13.75 13.83 67.97
N LYS D 157 -14.64 14.80 68.20
CA LYS D 157 -15.95 14.53 68.80
C LYS D 157 -15.80 13.74 70.11
N ASP D 158 -14.82 14.14 70.92
CA ASP D 158 -14.50 13.56 72.21
C ASP D 158 -14.01 12.12 72.11
N ALA D 159 -13.86 11.58 70.91
CA ALA D 159 -13.34 10.23 70.71
C ALA D 159 -11.86 10.32 70.40
N LYS D 160 -11.05 9.54 71.10
CA LYS D 160 -9.61 9.59 70.96
C LYS D 160 -9.13 8.43 70.10
N PHE D 161 -8.20 8.69 69.19
CA PHE D 161 -7.72 7.70 68.24
C PHE D 161 -6.21 7.57 68.36
N ILE D 162 -5.72 6.34 68.46
CA ILE D 162 -4.30 6.05 68.31
C ILE D 162 -4.16 5.00 67.21
N VAL D 163 -3.19 5.22 66.34
CA VAL D 163 -3.06 4.45 65.10
C VAL D 163 -1.65 3.87 65.04
N GLY D 164 -1.50 2.76 64.31
CA GLY D 164 -0.22 2.12 64.18
C GLY D 164 0.17 1.36 65.43
N PRO D 165 1.41 0.88 65.48
CA PRO D 165 2.47 0.99 64.47
C PRO D 165 2.24 0.03 63.31
N MET D 166 2.95 0.22 62.20
CA MET D 166 2.78 -0.62 61.02
C MET D 166 3.09 -2.08 61.36
N SER D 167 2.20 -2.98 60.93
CA SER D 167 2.48 -4.41 61.11
C SER D 167 3.59 -4.90 60.20
N SER D 168 3.92 -4.14 59.15
CA SER D 168 5.05 -4.43 58.29
C SER D 168 5.77 -3.13 57.96
N ALA D 169 7.10 -3.18 58.03
CA ALA D 169 7.92 -2.00 57.78
C ALA D 169 8.38 -1.90 56.33
N TRP D 170 7.82 -2.73 55.45
CA TRP D 170 8.21 -2.71 54.05
C TRP D 170 7.90 -1.37 53.41
N THR D 171 8.85 -0.83 52.67
CA THR D 171 8.69 0.43 51.95
C THR D 171 9.26 0.27 50.55
N PRO D 172 8.64 0.89 49.54
CA PRO D 172 9.15 0.74 48.17
C PRO D 172 10.51 1.38 47.96
N PHE D 173 10.94 2.30 48.82
CA PHE D 173 12.22 2.96 48.68
C PHE D 173 13.30 2.15 49.39
N ASP D 174 14.38 1.84 48.66
CA ASP D 174 15.53 1.20 49.27
C ASP D 174 16.44 2.28 49.83
N ASN D 175 17.67 1.90 50.21
CA ASN D 175 18.55 2.83 50.91
C ASN D 175 18.91 4.04 50.06
N LYS D 176 19.20 3.84 48.79
CA LYS D 176 19.67 4.91 47.90
C LYS D 176 18.62 5.15 46.82
N ILE D 177 18.20 6.40 46.67
CA ILE D 177 17.20 6.75 45.66
C ILE D 177 17.67 7.97 44.88
N VAL D 178 17.04 8.19 43.73
CA VAL D 178 17.32 9.35 42.89
C VAL D 178 15.99 9.98 42.50
N VAL D 179 15.90 11.30 42.67
CA VAL D 179 14.68 12.05 42.35
C VAL D 179 15.03 13.06 41.27
N TYR D 180 14.35 12.98 40.13
CA TYR D 180 14.65 13.90 39.04
C TYR D 180 13.76 15.14 39.04
N LYS D 181 12.47 14.98 38.73
CA LYS D 181 11.51 16.06 38.94
C LYS D 181 10.36 15.58 39.81
N GLY D 182 9.74 14.48 39.39
CA GLY D 182 8.64 13.83 40.06
C GLY D 182 8.72 12.34 40.03
N ASP D 183 9.81 11.79 39.54
CA ASP D 183 10.01 10.35 39.40
C ASP D 183 11.11 9.90 40.36
N VAL D 184 10.85 8.85 41.12
CA VAL D 184 11.81 8.30 42.07
C VAL D 184 12.33 6.98 41.52
N TYR D 185 13.65 6.86 41.46
CA TYR D 185 14.31 5.68 40.91
C TYR D 185 15.18 5.03 41.98
N ASN D 186 15.18 3.70 42.00
CA ASN D 186 16.03 2.93 42.90
C ASN D 186 17.29 2.53 42.15
N MET D 187 18.42 3.14 42.50
CA MET D 187 19.68 2.79 41.89
C MET D 187 20.80 2.98 42.89
N ASP D 188 21.88 2.22 42.70
CA ASP D 188 23.07 2.32 43.54
C ASP D 188 24.02 3.32 42.90
N TYR D 189 23.79 4.60 43.21
CA TYR D 189 24.57 5.65 42.59
C TYR D 189 26.02 5.61 43.08
N PRO D 190 26.96 6.10 42.28
CA PRO D 190 28.36 6.05 42.70
C PRO D 190 28.61 6.98 43.87
N PRO D 191 29.57 6.65 44.73
CA PRO D 191 29.87 7.53 45.87
C PRO D 191 30.37 8.88 45.40
N PHE D 192 30.12 9.90 46.21
CA PHE D 192 30.57 11.24 45.87
C PHE D 192 32.09 11.26 45.72
N GLY D 193 32.56 11.90 44.65
CA GLY D 193 33.97 11.95 44.36
C GLY D 193 34.53 10.73 43.66
N ALA D 194 33.70 9.75 43.34
CA ALA D 194 34.14 8.55 42.64
C ALA D 194 33.27 8.26 41.43
N GLY D 195 32.78 9.31 40.76
CA GLY D 195 31.97 9.12 39.58
C GLY D 195 32.78 8.61 38.40
N ARG D 196 32.07 8.02 37.44
CA ARG D 196 32.71 7.47 36.26
C ARG D 196 32.20 8.17 35.02
N PRO D 197 33.04 8.32 33.99
CA PRO D 197 32.64 9.10 32.82
C PRO D 197 31.51 8.44 32.05
N GLY D 198 30.64 9.27 31.47
CA GLY D 198 29.57 8.79 30.61
C GLY D 198 28.43 8.10 31.32
N GLN D 199 28.43 8.07 32.65
CA GLN D 199 27.38 7.43 33.41
C GLN D 199 26.80 8.42 34.40
N PHE D 200 25.74 8.01 35.08
CA PHE D 200 25.13 8.85 36.11
C PHE D 200 26.14 9.15 37.20
N GLY D 201 26.40 10.42 37.43
CA GLY D 201 27.35 10.83 38.45
C GLY D 201 28.72 11.22 37.95
N ASP D 202 28.88 11.47 36.64
CA ASP D 202 30.17 11.93 36.15
C ASP D 202 30.53 13.29 36.71
N ILE D 203 29.55 14.14 36.99
CA ILE D 203 29.75 15.41 37.65
C ILE D 203 28.85 15.48 38.87
N GLN D 204 29.43 15.85 40.01
CA GLN D 204 28.72 15.80 41.28
C GLN D 204 29.01 17.06 42.08
N SER D 205 28.04 17.43 42.92
CA SER D 205 28.17 18.55 43.83
C SER D 205 27.23 18.33 45.01
N ARG D 206 27.64 18.83 46.18
CA ARG D 206 26.89 18.56 47.40
C ARG D 206 25.50 19.21 47.37
N THR D 207 25.41 20.43 46.88
CA THR D 207 24.15 21.14 46.77
C THR D 207 24.17 21.95 45.48
N PRO D 208 23.00 22.27 44.92
CA PRO D 208 22.98 22.99 43.64
C PRO D 208 23.72 24.32 43.65
N GLU D 209 23.74 25.02 44.78
CA GLU D 209 24.43 26.30 44.86
C GLU D 209 25.89 26.19 45.23
N SER D 210 26.38 25.00 45.59
CA SER D 210 27.77 24.85 46.00
C SER D 210 28.71 25.00 44.81
N LYS D 211 29.88 25.56 45.08
CA LYS D 211 30.92 25.71 44.07
C LYS D 211 31.89 24.54 44.03
N ASP D 212 31.73 23.56 44.92
CA ASP D 212 32.57 22.37 44.92
C ASP D 212 32.00 21.42 43.88
N VAL D 213 32.71 21.26 42.77
CA VAL D 213 32.29 20.40 41.67
C VAL D 213 33.34 19.33 41.46
N TYR D 214 32.92 18.07 41.53
CA TYR D 214 33.79 16.96 41.18
C TYR D 214 33.41 16.46 39.80
N ALA D 215 34.39 16.39 38.90
CA ALA D 215 34.12 15.99 37.53
C ALA D 215 35.15 14.98 37.07
N ASN D 216 34.67 13.85 36.54
CA ASN D 216 35.52 12.84 35.93
C ASN D 216 34.89 12.53 34.57
N THR D 217 35.23 13.34 33.57
CA THR D 217 34.68 13.21 32.24
C THR D 217 35.68 12.67 31.22
N GLN D 218 36.88 12.29 31.66
CA GLN D 218 37.91 11.76 30.77
C GLN D 218 38.18 12.76 29.65
N LEU D 219 38.60 13.97 30.04
CA LEU D 219 38.82 15.04 29.08
C LEU D 219 40.28 15.01 28.62
N VAL D 220 40.49 14.65 27.36
CA VAL D 220 41.82 14.58 26.77
C VAL D 220 41.89 15.57 25.62
N LEU D 221 42.86 16.47 25.68
CA LEU D 221 43.06 17.42 24.60
C LEU D 221 43.73 16.73 23.42
N GLN D 222 43.31 17.10 22.21
CA GLN D 222 43.85 16.51 21.00
C GLN D 222 44.58 17.57 20.17
N ARG D 223 45.44 17.10 19.27
CA ARG D 223 46.20 17.98 18.43
C ARG D 223 45.27 18.70 17.45
N PRO D 224 45.37 20.02 17.34
CA PRO D 224 44.56 20.75 16.37
C PRO D 224 44.96 20.40 14.95
N ALA D 225 43.98 20.45 14.05
CA ALA D 225 44.24 20.16 12.65
C ALA D 225 45.16 21.21 12.05
N ALA D 226 45.92 20.79 11.03
CA ALA D 226 46.86 21.69 10.39
C ALA D 226 46.13 22.85 9.73
N GLY D 227 46.66 24.06 9.94
CA GLY D 227 46.08 25.24 9.34
C GLY D 227 44.86 25.81 10.02
N THR D 228 44.49 25.30 11.20
CA THR D 228 43.31 25.75 11.92
C THR D 228 43.68 26.14 13.34
N VAL D 229 42.80 26.90 13.97
CA VAL D 229 43.01 27.43 15.31
C VAL D 229 42.02 26.84 16.31
N HIS D 230 41.28 25.81 15.93
CA HIS D 230 40.32 25.21 16.84
C HIS D 230 41.03 24.44 17.95
N VAL D 231 40.27 24.09 18.98
CA VAL D 231 40.77 23.36 20.13
C VAL D 231 39.99 22.06 20.24
N PRO D 232 40.50 20.98 19.67
CA PRO D 232 39.77 19.71 19.69
C PRO D 232 39.99 18.95 20.99
N TYR D 233 39.02 18.13 21.35
CA TYR D 233 39.13 17.33 22.56
C TYR D 233 38.27 16.09 22.43
N SER D 234 38.64 15.05 23.16
CA SER D 234 37.90 13.80 23.23
C SER D 234 37.36 13.64 24.64
N GLN D 235 36.07 13.91 24.81
CA GLN D 235 35.46 13.96 26.13
C GLN D 235 34.23 13.08 26.15
N ALA D 236 34.12 12.26 27.19
CA ALA D 236 32.93 11.43 27.35
C ALA D 236 31.71 12.31 27.53
N PRO D 237 30.63 12.07 26.78
CA PRO D 237 29.47 12.95 26.86
C PRO D 237 28.85 12.91 28.26
N SER D 238 27.94 13.85 28.50
CA SER D 238 27.35 14.00 29.82
C SER D 238 26.61 12.73 30.23
N GLY D 239 27.00 12.18 31.38
CA GLY D 239 26.30 11.02 31.91
C GLY D 239 24.89 11.32 32.35
N PHE D 240 24.63 12.57 32.76
CA PHE D 240 23.27 12.94 33.14
C PHE D 240 22.32 12.88 31.95
N LYS D 241 22.75 13.39 30.79
CA LYS D 241 21.90 13.32 29.61
C LYS D 241 21.66 11.88 29.18
N TYR D 242 22.71 11.06 29.20
CA TYR D 242 22.55 9.65 28.82
C TYR D 242 21.61 8.93 29.79
N TRP D 243 21.69 9.26 31.07
CA TRP D 243 20.74 8.72 32.03
C TRP D 243 19.33 9.18 31.71
N LEU D 244 19.17 10.46 31.35
CA LEU D 244 17.85 10.97 31.01
C LEU D 244 17.25 10.22 29.83
N LYS D 245 18.05 9.93 28.81
CA LYS D 245 17.55 9.16 27.68
C LYS D 245 17.33 7.70 28.04
N GLU D 246 18.04 7.18 29.03
CA GLU D 246 17.98 5.77 29.39
C GLU D 246 17.42 5.54 30.78
N ARG D 247 16.47 6.37 31.22
CA ARG D 247 15.98 6.29 32.60
C ARG D 247 15.31 4.96 32.87
N GLY D 248 14.45 4.50 31.97
CA GLY D 248 13.58 3.40 32.28
C GLY D 248 12.36 3.87 33.04
N ALA D 249 11.67 2.91 33.65
CA ALA D 249 10.46 3.22 34.40
C ALA D 249 10.79 3.52 35.85
N SER D 250 10.16 4.55 36.40
CA SER D 250 10.37 4.96 37.78
C SER D 250 9.58 4.05 38.72
N LEU D 251 9.62 4.41 40.01
CA LEU D 251 8.88 3.62 41.00
C LEU D 251 7.38 3.81 40.87
N GLN D 252 6.94 4.92 40.27
CA GLN D 252 5.52 5.17 40.13
C GLN D 252 4.83 4.06 39.33
N HIS D 253 5.57 3.39 38.45
CA HIS D 253 5.01 2.36 37.60
C HIS D 253 5.48 0.95 37.93
N THR D 254 6.51 0.80 38.76
CA THR D 254 7.07 -0.52 39.05
C THR D 254 7.03 -0.89 40.52
N ALA D 255 6.45 -0.06 41.37
CA ALA D 255 6.44 -0.35 42.80
C ALA D 255 5.53 -1.55 43.09
N PRO D 256 5.96 -2.47 43.94
CA PRO D 256 5.07 -3.57 44.34
C PRO D 256 3.96 -3.07 45.24
N PHE D 257 2.96 -3.95 45.44
CA PHE D 257 1.81 -3.68 46.29
C PHE D 257 0.99 -2.50 45.82
N GLY D 258 1.13 -2.11 44.54
CA GLY D 258 0.33 -1.03 43.99
C GLY D 258 0.63 0.33 44.58
N CYS D 259 1.82 0.52 45.14
CA CYS D 259 2.16 1.80 45.76
C CYS D 259 2.18 2.91 44.72
N GLN D 260 1.71 4.08 45.12
CA GLN D 260 1.87 5.29 44.33
C GLN D 260 3.04 6.08 44.89
N ILE D 261 3.75 6.78 44.02
CA ILE D 261 4.95 7.53 44.42
C ILE D 261 4.77 8.98 44.03
N ALA D 262 4.99 9.88 44.99
CA ALA D 262 4.94 11.32 44.74
C ALA D 262 6.23 11.93 45.24
N THR D 263 6.50 13.15 44.80
CA THR D 263 7.71 13.86 45.20
C THR D 263 7.36 15.24 45.75
N ASN D 264 8.34 15.85 46.39
CA ASN D 264 8.25 17.18 46.99
C ASN D 264 7.10 17.24 47.99
N PRO D 265 7.19 16.55 49.13
CA PRO D 265 8.26 15.64 49.57
C PRO D 265 8.09 14.25 48.98
N VAL D 266 9.10 13.39 49.06
CA VAL D 266 8.98 12.04 48.51
C VAL D 266 8.07 11.21 49.40
N ARG D 267 6.97 10.72 48.82
CA ARG D 267 5.96 9.99 49.56
C ARG D 267 5.59 8.72 48.84
N ALA D 268 5.35 7.66 49.62
CA ALA D 268 4.75 6.43 49.15
C ALA D 268 3.32 6.37 49.69
N VAL D 269 2.36 6.33 48.79
CA VAL D 269 0.94 6.48 49.13
C VAL D 269 0.21 5.20 48.75
N ASN D 270 -0.65 4.74 49.66
CA ASN D 270 -1.57 3.62 49.41
C ASN D 270 -0.80 2.32 49.10
N CYS D 271 0.08 1.93 50.01
CA CYS D 271 0.74 0.64 49.93
C CYS D 271 -0.07 -0.39 50.71
N ALA D 272 -0.69 -1.32 49.99
CA ALA D 272 -1.55 -2.33 50.60
C ALA D 272 -0.72 -3.50 51.12
N VAL D 273 0.03 -3.23 52.17
CA VAL D 273 0.88 -4.24 52.82
C VAL D 273 0.63 -4.18 54.31
N GLY D 274 0.65 -5.34 54.96
CA GLY D 274 0.48 -5.40 56.40
C GLY D 274 -0.92 -5.00 56.83
N ASN D 275 -1.01 -4.51 58.06
CA ASN D 275 -2.27 -4.08 58.63
C ASN D 275 -2.01 -3.03 59.71
N MET D 276 -3.08 -2.52 60.29
CA MET D 276 -3.02 -1.38 61.19
C MET D 276 -3.72 -1.70 62.50
N PRO D 277 -3.03 -1.59 63.64
CA PRO D 277 -3.72 -1.60 64.93
C PRO D 277 -4.30 -0.23 65.24
N ILE D 278 -5.60 -0.21 65.54
CA ILE D 278 -6.32 1.02 65.83
C ILE D 278 -6.93 0.89 67.22
N SER D 279 -6.69 1.88 68.08
CA SER D 279 -7.30 1.90 69.40
C SER D 279 -8.14 3.16 69.54
N ILE D 280 -9.36 2.99 70.00
CA ILE D 280 -10.35 4.06 70.12
C ILE D 280 -10.77 4.20 71.57
N ASP D 281 -10.61 5.39 72.12
CA ASP D 281 -11.21 5.77 73.40
C ASP D 281 -12.57 6.36 73.05
N ILE D 282 -13.62 5.66 73.45
CA ILE D 282 -15.00 6.00 73.11
C ILE D 282 -15.63 6.69 74.31
N PRO D 283 -16.24 7.85 74.16
CA PRO D 283 -16.99 8.46 75.27
C PRO D 283 -18.13 7.56 75.71
N GLU D 284 -18.37 7.58 77.03
CA GLU D 284 -19.45 6.75 77.59
C GLU D 284 -20.82 7.23 77.15
N ALA D 285 -20.93 8.48 76.70
CA ALA D 285 -22.21 9.01 76.27
C ALA D 285 -22.71 8.31 75.00
N ALA D 286 -21.78 7.81 74.18
CA ALA D 286 -22.17 7.17 72.93
C ALA D 286 -22.88 5.85 73.15
N PHE D 287 -22.68 5.20 74.28
CA PHE D 287 -23.28 3.90 74.55
C PHE D 287 -24.71 4.05 75.02
N THR D 288 -25.51 3.01 74.79
CA THR D 288 -26.88 2.92 75.28
C THR D 288 -27.05 1.61 76.04
N ARG D 289 -27.78 1.66 77.15
CA ARG D 289 -27.95 0.48 77.98
C ARG D 289 -28.79 -0.57 77.25
N VAL D 290 -28.58 -1.84 77.62
CA VAL D 290 -29.30 -2.93 76.97
C VAL D 290 -30.79 -2.82 77.19
N VAL D 291 -31.21 -2.48 78.42
CA VAL D 291 -32.65 -2.37 78.70
C VAL D 291 -33.25 -1.16 78.01
N ASP D 292 -32.46 -0.09 77.83
CA ASP D 292 -32.95 1.10 77.16
C ASP D 292 -33.03 0.91 75.65
N ALA D 293 -32.06 0.20 75.06
CA ALA D 293 -32.09 -0.05 73.63
C ALA D 293 -33.18 -1.07 73.29
N PRO D 294 -33.75 -0.98 72.09
CA PRO D 294 -34.81 -1.91 71.70
C PRO D 294 -34.32 -3.35 71.63
N SER D 295 -35.25 -4.26 71.91
CA SER D 295 -35.00 -5.69 71.83
C SER D 295 -35.96 -6.30 70.82
N LEU D 296 -35.43 -7.16 69.95
CA LEU D 296 -36.19 -7.75 68.86
C LEU D 296 -36.30 -9.25 69.06
N THR D 297 -37.49 -9.79 68.80
CA THR D 297 -37.77 -11.22 68.92
C THR D 297 -38.72 -11.64 67.81
N ASP D 298 -38.92 -12.95 67.70
CA ASP D 298 -39.79 -13.53 66.67
C ASP D 298 -39.37 -13.07 65.28
N MET D 299 -38.07 -13.13 65.01
CA MET D 299 -37.50 -12.60 63.78
C MET D 299 -37.00 -13.72 62.88
N SER D 300 -37.17 -13.54 61.58
CA SER D 300 -36.77 -14.53 60.58
C SER D 300 -36.06 -13.81 59.44
N CYS D 301 -35.38 -14.59 58.60
CA CYS D 301 -34.60 -14.02 57.51
C CYS D 301 -34.79 -14.83 56.24
N GLU D 302 -34.84 -14.12 55.11
CA GLU D 302 -34.96 -14.75 53.80
C GLU D 302 -34.12 -13.98 52.79
N VAL D 303 -33.43 -14.71 51.92
CA VAL D 303 -32.53 -14.12 50.94
C VAL D 303 -33.16 -14.28 49.56
N PRO D 304 -33.81 -13.24 49.05
CA PRO D 304 -34.36 -13.33 47.68
C PRO D 304 -33.31 -13.55 46.62
N ALA D 305 -32.11 -13.00 46.80
CA ALA D 305 -31.07 -13.09 45.78
C ALA D 305 -29.71 -13.08 46.45
N CYS D 306 -28.79 -13.86 45.89
CA CYS D 306 -27.42 -13.88 46.36
C CYS D 306 -26.49 -14.11 45.18
N THR D 307 -25.55 -13.20 44.98
CA THR D 307 -24.55 -13.33 43.93
C THR D 307 -23.21 -12.84 44.47
N HIS D 308 -22.21 -13.72 44.49
CA HIS D 308 -20.90 -13.38 45.01
C HIS D 308 -20.15 -12.55 43.97
N SER D 309 -20.66 -11.34 43.75
CA SER D 309 -20.14 -10.46 42.70
C SER D 309 -19.13 -9.45 43.20
N SER D 310 -18.83 -9.43 44.49
CA SER D 310 -17.86 -8.54 45.14
C SER D 310 -18.32 -7.09 45.24
N ASP D 311 -19.58 -6.79 44.94
CA ASP D 311 -20.12 -5.44 45.12
C ASP D 311 -21.46 -5.53 45.84
N PHE D 312 -21.50 -6.32 46.92
CA PHE D 312 -22.70 -6.51 47.71
C PHE D 312 -23.82 -7.08 46.85
N GLY D 313 -23.55 -8.21 46.22
CA GLY D 313 -24.50 -8.85 45.34
C GLY D 313 -25.62 -9.60 46.02
N GLY D 314 -25.57 -9.74 47.34
CA GLY D 314 -26.60 -10.42 48.09
C GLY D 314 -27.47 -9.43 48.84
N VAL D 315 -28.77 -9.73 48.90
CA VAL D 315 -29.73 -8.92 49.62
C VAL D 315 -30.61 -9.82 50.47
N ALA D 316 -30.79 -9.46 51.73
CA ALA D 316 -31.57 -10.26 52.67
C ALA D 316 -32.66 -9.40 53.27
N VAL D 317 -33.79 -10.03 53.61
CA VAL D 317 -34.91 -9.37 54.25
C VAL D 317 -35.13 -10.06 55.59
N ILE D 318 -35.13 -9.28 56.67
CA ILE D 318 -35.29 -9.79 58.02
C ILE D 318 -36.59 -9.24 58.58
N LYS D 319 -37.51 -10.13 58.91
CA LYS D 319 -38.76 -9.76 59.56
C LYS D 319 -38.57 -9.78 61.07
N TYR D 320 -38.97 -8.69 61.71
CA TYR D 320 -38.67 -8.47 63.11
C TYR D 320 -39.92 -7.98 63.83
N ALA D 321 -39.96 -8.23 65.14
CA ALA D 321 -40.96 -7.68 66.04
C ALA D 321 -40.22 -6.87 67.10
N ALA D 322 -40.18 -5.56 66.92
CA ALA D 322 -39.39 -4.67 67.78
C ALA D 322 -40.17 -4.32 69.03
N SER D 323 -39.47 -4.29 70.17
CA SER D 323 -40.09 -3.88 71.42
C SER D 323 -40.56 -2.44 71.37
N LYS D 324 -39.76 -1.55 70.78
CA LYS D 324 -40.13 -0.15 70.66
C LYS D 324 -39.28 0.50 69.57
N LYS D 325 -39.66 1.71 69.20
CA LYS D 325 -38.91 2.47 68.20
C LYS D 325 -37.52 2.79 68.74
N GLY D 326 -36.50 2.61 67.89
CA GLY D 326 -35.15 2.92 68.28
C GLY D 326 -34.17 2.50 67.19
N LYS D 327 -32.90 2.74 67.47
CA LYS D 327 -31.81 2.45 66.55
C LYS D 327 -30.96 1.30 67.07
N CYS D 328 -30.69 0.34 66.21
CA CYS D 328 -29.85 -0.81 66.53
C CYS D 328 -28.75 -0.95 65.48
N ALA D 329 -27.85 -1.91 65.70
CA ALA D 329 -26.66 -2.06 64.88
C ALA D 329 -26.56 -3.49 64.39
N VAL D 330 -26.72 -3.69 63.09
CA VAL D 330 -26.65 -5.00 62.45
C VAL D 330 -25.19 -5.37 62.24
N HIS D 331 -24.84 -6.60 62.58
CA HIS D 331 -23.48 -7.10 62.40
C HIS D 331 -23.53 -8.57 62.04
N SER D 332 -22.61 -9.00 61.18
CA SER D 332 -22.54 -10.41 60.82
C SER D 332 -21.62 -11.15 61.79
N MET D 333 -22.06 -12.33 62.23
CA MET D 333 -21.32 -13.13 63.18
C MET D 333 -20.27 -14.02 62.53
N THR D 334 -20.13 -13.96 61.21
CA THR D 334 -19.13 -14.74 60.52
C THR D 334 -18.32 -13.81 59.61
N ASN D 335 -17.10 -14.24 59.31
CA ASN D 335 -16.21 -13.47 58.46
C ASN D 335 -16.52 -13.60 56.98
N ALA D 336 -17.17 -14.68 56.56
CA ALA D 336 -17.36 -14.97 55.15
C ALA D 336 -18.27 -13.97 54.45
N VAL D 337 -19.22 -13.36 55.16
CA VAL D 337 -20.15 -12.40 54.59
C VAL D 337 -19.99 -11.08 55.32
N THR D 338 -20.07 -9.98 54.57
CA THR D 338 -19.95 -8.65 55.14
C THR D 338 -21.18 -7.82 54.75
N ILE D 339 -21.69 -7.05 55.71
CA ILE D 339 -22.94 -6.30 55.54
C ILE D 339 -22.60 -4.85 55.22
N ARG D 340 -23.27 -4.30 54.20
CA ARG D 340 -23.03 -2.91 53.83
C ARG D 340 -23.48 -1.94 54.92
N GLU D 341 -24.66 -2.16 55.49
CA GLU D 341 -25.22 -1.22 56.44
C GLU D 341 -24.74 -1.52 57.85
N ALA D 342 -24.67 -0.47 58.68
CA ALA D 342 -24.21 -0.63 60.06
C ALA D 342 -25.34 -0.47 61.06
N GLU D 343 -26.40 0.25 60.71
CA GLU D 343 -27.49 0.48 61.65
C GLU D 343 -28.80 0.61 60.88
N ILE D 344 -29.83 -0.07 61.39
CA ILE D 344 -31.18 -0.03 60.84
C ILE D 344 -32.12 0.56 61.87
N GLU D 345 -33.20 1.15 61.39
CA GLU D 345 -34.31 1.61 62.21
C GLU D 345 -35.28 0.46 62.43
N VAL D 346 -35.83 0.36 63.65
CA VAL D 346 -36.77 -0.70 64.00
C VAL D 346 -38.02 -0.07 64.59
N GLU D 347 -39.17 -0.68 64.30
CA GLU D 347 -40.45 -0.19 64.80
C GLU D 347 -41.46 -1.31 64.74
N GLY D 348 -41.94 -1.75 65.90
CA GLY D 348 -43.02 -2.71 65.96
C GLY D 348 -42.71 -4.00 65.23
N ASN D 349 -43.69 -4.48 64.49
CA ASN D 349 -43.56 -5.68 63.66
C ASN D 349 -43.47 -5.25 62.21
N SER D 350 -42.31 -5.47 61.59
CA SER D 350 -42.07 -5.02 60.23
C SER D 350 -40.93 -5.85 59.65
N GLN D 351 -40.35 -5.39 58.55
CA GLN D 351 -39.20 -6.03 57.95
C GLN D 351 -38.18 -4.99 57.53
N LEU D 352 -36.91 -5.37 57.58
CA LEU D 352 -35.80 -4.52 57.17
C LEU D 352 -34.94 -5.24 56.14
N GLN D 353 -34.37 -4.46 55.22
CA GLN D 353 -33.60 -5.00 54.11
C GLN D 353 -32.13 -4.67 54.32
N ILE D 354 -31.27 -5.68 54.15
CA ILE D 354 -29.83 -5.51 54.31
C ILE D 354 -29.15 -6.00 53.04
N SER D 355 -27.99 -5.39 52.76
CA SER D 355 -27.14 -5.77 51.65
C SER D 355 -25.85 -6.39 52.18
N PHE D 356 -25.38 -7.43 51.49
CA PHE D 356 -24.18 -8.12 51.94
C PHE D 356 -23.42 -8.66 50.73
N SER D 357 -22.13 -8.85 50.95
CA SER D 357 -21.22 -9.39 49.95
C SER D 357 -20.50 -10.59 50.54
N THR D 358 -20.21 -11.57 49.69
CA THR D 358 -19.59 -12.81 50.14
C THR D 358 -18.90 -13.49 48.97
N ALA D 359 -18.17 -14.55 49.28
CA ALA D 359 -17.61 -15.43 48.27
C ALA D 359 -18.16 -16.85 48.37
N LEU D 360 -19.11 -17.08 49.28
CA LEU D 360 -19.69 -18.40 49.47
C LEU D 360 -20.57 -18.77 48.30
N ALA D 361 -20.50 -20.05 47.89
CA ALA D 361 -21.44 -20.55 46.90
C ALA D 361 -22.83 -20.78 47.49
N SER D 362 -22.92 -20.92 48.81
CA SER D 362 -24.19 -21.05 49.51
C SER D 362 -24.08 -20.33 50.84
N ALA D 363 -24.76 -19.19 50.96
CA ALA D 363 -24.61 -18.32 52.11
C ALA D 363 -25.24 -18.97 53.33
N GLU D 364 -24.48 -19.06 54.41
CA GLU D 364 -24.93 -19.58 55.70
C GLU D 364 -24.30 -18.72 56.78
N PHE D 365 -25.10 -17.87 57.42
CA PHE D 365 -24.54 -16.97 58.42
C PHE D 365 -25.60 -16.69 59.48
N ARG D 366 -25.20 -15.92 60.50
CA ARG D 366 -26.08 -15.54 61.59
C ARG D 366 -25.92 -14.04 61.81
N VAL D 367 -26.95 -13.28 61.43
CA VAL D 367 -26.90 -11.83 61.61
C VAL D 367 -27.35 -11.47 63.01
N GLN D 368 -26.52 -10.69 63.71
CA GLN D 368 -26.86 -10.19 65.04
C GLN D 368 -27.45 -8.80 64.87
N VAL D 369 -28.78 -8.74 64.74
CA VAL D 369 -29.44 -7.46 64.51
C VAL D 369 -29.28 -6.55 65.72
N CYS D 370 -29.77 -6.98 66.87
CA CYS D 370 -29.60 -6.23 68.11
C CYS D 370 -29.64 -7.17 69.31
N SER D 371 -28.47 -7.63 69.76
CA SER D 371 -28.38 -8.62 70.82
C SER D 371 -29.21 -9.86 70.53
N THR D 372 -29.49 -10.11 69.25
CA THR D 372 -30.32 -11.24 68.83
C THR D 372 -29.77 -11.75 67.51
N GLN D 373 -29.50 -13.05 67.45
CA GLN D 373 -28.86 -13.66 66.30
C GLN D 373 -29.89 -14.47 65.52
N VAL D 374 -30.07 -14.13 64.25
CA VAL D 374 -30.99 -14.82 63.37
C VAL D 374 -30.18 -15.57 62.31
N HIS D 375 -30.46 -16.85 62.14
CA HIS D 375 -29.78 -17.66 61.14
C HIS D 375 -30.39 -17.41 59.77
N CYS D 376 -29.55 -17.00 58.82
CA CYS D 376 -29.98 -16.72 57.46
C CYS D 376 -29.10 -17.50 56.49
N ALA D 377 -29.74 -18.20 55.56
CA ALA D 377 -29.02 -19.05 54.63
C ALA D 377 -29.82 -19.19 53.35
N ALA D 378 -29.12 -19.20 52.23
CA ALA D 378 -29.76 -19.39 50.93
C ALA D 378 -28.71 -19.63 49.85
N GLU D 379 -29.20 -20.08 48.70
CA GLU D 379 -28.37 -20.35 47.54
C GLU D 379 -27.78 -19.05 46.98
N CYS D 380 -26.59 -19.15 46.40
CA CYS D 380 -25.93 -18.02 45.76
C CYS D 380 -25.50 -18.42 44.35
N HIS D 381 -25.48 -17.43 43.45
CA HIS D 381 -25.19 -17.69 42.06
C HIS D 381 -23.93 -16.95 41.61
N PRO D 382 -23.18 -17.50 40.66
CA PRO D 382 -21.99 -16.81 40.18
C PRO D 382 -22.37 -15.64 39.29
N PRO D 383 -21.60 -14.56 39.32
CA PRO D 383 -21.89 -13.43 38.43
C PRO D 383 -21.44 -13.71 37.01
N LYS D 384 -22.10 -13.05 36.07
CA LYS D 384 -21.78 -13.23 34.66
C LYS D 384 -20.57 -12.42 34.22
N ASP D 385 -20.20 -11.38 34.97
CA ASP D 385 -19.09 -10.53 34.60
C ASP D 385 -17.78 -11.14 35.07
N HIS D 386 -16.73 -10.92 34.28
CA HIS D 386 -15.42 -11.50 34.56
C HIS D 386 -14.48 -10.56 35.29
N ILE D 387 -14.50 -9.27 34.97
CA ILE D 387 -13.55 -8.31 35.50
C ILE D 387 -14.29 -7.06 35.95
N VAL D 388 -13.88 -6.49 37.08
CA VAL D 388 -14.44 -5.26 37.59
C VAL D 388 -13.30 -4.31 37.98
N ASN D 389 -13.66 -3.05 38.19
CA ASN D 389 -12.70 -1.98 38.45
C ASN D 389 -12.59 -1.63 39.93
N TYR D 390 -13.14 -2.45 40.81
CA TYR D 390 -13.08 -2.20 42.24
C TYR D 390 -12.63 -3.45 42.98
N PRO D 391 -11.93 -3.28 44.10
CA PRO D 391 -11.48 -4.45 44.86
C PRO D 391 -12.65 -5.18 45.49
N ALA D 392 -12.46 -6.47 45.75
CA ALA D 392 -13.51 -7.29 46.33
C ALA D 392 -13.90 -6.76 47.69
N SER D 393 -15.20 -6.52 47.88
CA SER D 393 -15.70 -5.96 49.13
C SER D 393 -15.81 -7.00 50.23
N HIS D 394 -15.82 -8.29 49.89
CA HIS D 394 -15.91 -9.34 50.88
C HIS D 394 -14.50 -9.78 51.29
N THR D 395 -14.43 -10.86 52.04
CA THR D 395 -13.16 -11.37 52.55
C THR D 395 -12.65 -12.47 51.62
N THR D 396 -11.56 -13.11 52.05
CA THR D 396 -10.95 -14.16 51.25
C THR D 396 -11.83 -15.41 51.21
N LEU D 397 -11.35 -16.40 50.47
CA LEU D 397 -12.11 -17.64 50.27
C LEU D 397 -12.26 -18.45 51.55
N GLY D 398 -11.17 -18.70 52.26
CA GLY D 398 -11.20 -19.61 53.39
C GLY D 398 -11.21 -21.07 52.96
N VAL D 399 -10.47 -21.87 53.71
CA VAL D 399 -10.21 -23.26 53.35
C VAL D 399 -11.43 -24.10 53.74
N GLN D 400 -11.99 -24.80 52.76
CA GLN D 400 -13.09 -25.76 52.87
C GLN D 400 -14.39 -25.07 53.30
N ASP D 401 -14.38 -23.77 53.58
CA ASP D 401 -15.58 -23.10 54.10
C ASP D 401 -16.58 -22.87 52.98
N ILE D 402 -16.11 -22.57 51.77
CA ILE D 402 -16.99 -22.14 50.69
C ILE D 402 -17.58 -23.35 49.97
N SER D 403 -17.39 -24.54 50.55
CA SER D 403 -18.05 -25.73 50.00
C SER D 403 -19.55 -25.50 49.91
N ALA D 404 -20.06 -25.51 48.68
CA ALA D 404 -21.48 -25.25 48.46
C ALA D 404 -22.33 -26.29 49.17
N THR D 405 -23.50 -25.86 49.62
CA THR D 405 -24.35 -26.79 50.37
C THR D 405 -25.07 -27.70 49.38
N ALA D 406 -24.28 -28.28 48.48
CA ALA D 406 -24.64 -29.46 47.69
C ALA D 406 -23.53 -30.48 47.84
N MET D 407 -22.61 -30.22 48.77
CA MET D 407 -21.59 -31.15 49.20
C MET D 407 -22.17 -32.31 49.99
N SER D 408 -23.49 -32.41 50.06
CA SER D 408 -24.12 -33.61 50.63
C SER D 408 -23.70 -34.85 49.86
N TRP D 409 -23.24 -34.67 48.62
CA TRP D 409 -22.58 -35.78 47.92
C TRP D 409 -21.34 -36.24 48.67
N VAL D 410 -20.53 -35.31 49.17
CA VAL D 410 -19.35 -35.69 49.94
C VAL D 410 -19.77 -36.46 51.20
N GLN D 411 -20.77 -35.95 51.91
CA GLN D 411 -21.23 -36.63 53.12
C GLN D 411 -21.79 -38.01 52.79
N LYS D 412 -22.56 -38.13 51.72
CA LYS D 412 -23.17 -39.42 51.37
C LYS D 412 -22.12 -40.42 50.94
N ILE D 413 -21.14 -40.00 50.13
CA ILE D 413 -20.12 -40.93 49.69
C ILE D 413 -19.22 -41.35 50.85
N THR D 414 -18.83 -40.40 51.69
CA THR D 414 -18.03 -40.76 52.86
C THR D 414 -18.84 -41.61 53.83
N GLY D 415 -20.16 -41.42 53.87
CA GLY D 415 -20.99 -42.27 54.70
C GLY D 415 -21.07 -43.69 54.17
N GLY D 416 -21.16 -43.85 52.85
CA GLY D 416 -21.12 -45.18 52.28
C GLY D 416 -19.80 -45.87 52.52
N VAL D 417 -18.69 -45.15 52.35
CA VAL D 417 -17.39 -45.73 52.62
C VAL D 417 -17.25 -46.09 54.10
N GLY D 418 -17.69 -45.21 54.99
CA GLY D 418 -17.67 -45.54 56.40
C GLY D 418 -18.58 -46.70 56.75
N LEU D 419 -19.68 -46.85 56.01
CA LEU D 419 -20.57 -47.98 56.23
C LEU D 419 -19.90 -49.30 55.86
N VAL D 420 -19.24 -49.35 54.70
CA VAL D 420 -18.54 -50.58 54.33
C VAL D 420 -17.38 -50.83 55.29
N VAL D 421 -16.71 -49.77 55.74
CA VAL D 421 -15.62 -49.94 56.71
C VAL D 421 -16.15 -50.48 58.04
N ALA D 422 -17.28 -49.94 58.50
CA ALA D 422 -17.85 -50.39 59.76
C ALA D 422 -18.34 -51.82 59.68
N VAL D 423 -18.98 -52.19 58.56
CA VAL D 423 -19.43 -53.57 58.40
C VAL D 423 -18.23 -54.52 58.37
N ALA D 424 -17.19 -54.17 57.63
CA ALA D 424 -16.01 -55.02 57.55
C ALA D 424 -15.31 -55.12 58.90
N ALA D 425 -15.23 -54.01 59.64
CA ALA D 425 -14.62 -54.03 60.96
C ALA D 425 -15.44 -54.87 61.94
N LEU D 426 -16.77 -54.79 61.85
CA LEU D 426 -17.62 -55.64 62.67
C LEU D 426 -17.38 -57.11 62.36
N ILE D 427 -17.27 -57.45 61.08
CA ILE D 427 -16.98 -58.83 60.69
C ILE D 427 -15.64 -59.26 61.27
N LEU D 428 -14.62 -58.42 61.13
CA LEU D 428 -13.29 -58.76 61.63
C LEU D 428 -13.31 -58.96 63.14
N ILE D 429 -14.01 -58.09 63.86
CA ILE D 429 -14.08 -58.22 65.32
C ILE D 429 -14.79 -59.50 65.70
N VAL D 430 -15.88 -59.83 65.00
CA VAL D 430 -16.63 -61.05 65.31
C VAL D 430 -15.76 -62.28 65.09
N VAL D 431 -15.08 -62.36 63.95
CA VAL D 431 -14.26 -63.53 63.68
C VAL D 431 -13.07 -63.60 64.63
N LEU D 432 -12.50 -62.45 64.99
CA LEU D 432 -11.38 -62.44 65.93
C LEU D 432 -11.83 -62.94 67.30
N CYS D 433 -12.99 -62.50 67.77
CA CYS D 433 -13.51 -62.98 69.04
C CYS D 433 -13.79 -64.48 68.99
N VAL D 434 -14.37 -64.96 67.90
CA VAL D 434 -14.64 -66.39 67.76
C VAL D 434 -13.35 -67.18 67.78
N SER D 435 -12.34 -66.73 67.03
CA SER D 435 -11.08 -67.45 66.95
C SER D 435 -10.36 -67.45 68.30
N PHE D 436 -10.39 -66.32 69.02
CA PHE D 436 -9.80 -66.27 70.35
C PHE D 436 -10.53 -67.21 71.30
N SER D 437 -11.87 -67.27 71.19
CA SER D 437 -12.63 -68.19 72.03
C SER D 437 -12.28 -69.65 71.72
N ARG D 438 -12.09 -69.99 70.45
CA ARG D 438 -11.75 -71.36 70.08
C ARG D 438 -10.33 -71.67 70.49
N HIS D 439 -10.14 -72.80 71.14
CA HIS D 439 -8.81 -73.27 71.52
C HIS D 439 -8.61 -74.72 71.08
N TYR E 1 -24.64 -36.54 -36.24
CA TYR E 1 -23.92 -37.48 -35.38
C TYR E 1 -23.53 -36.82 -34.07
N GLU E 2 -23.82 -37.49 -32.97
CA GLU E 2 -23.57 -36.94 -31.64
C GLU E 2 -22.28 -37.56 -31.09
N HIS E 3 -21.33 -36.70 -30.70
CA HIS E 3 -20.06 -37.14 -30.13
C HIS E 3 -19.89 -36.48 -28.77
N VAL E 4 -19.76 -37.30 -27.73
CA VAL E 4 -19.58 -36.83 -26.37
C VAL E 4 -18.17 -37.17 -25.93
N THR E 5 -17.51 -36.23 -25.26
CA THR E 5 -16.13 -36.40 -24.83
C THR E 5 -15.90 -35.61 -23.55
N VAL E 6 -14.73 -35.84 -22.95
CA VAL E 6 -14.34 -35.16 -21.71
C VAL E 6 -12.95 -34.59 -21.90
N ILE E 7 -12.76 -33.32 -21.56
CA ILE E 7 -11.45 -32.70 -21.64
C ILE E 7 -11.09 -32.11 -20.28
N PRO E 8 -9.84 -32.23 -19.84
CA PRO E 8 -9.45 -31.60 -18.57
C PRO E 8 -9.64 -30.10 -18.62
N ASN E 9 -10.05 -29.54 -17.48
CA ASN E 9 -10.42 -28.13 -17.39
C ASN E 9 -9.15 -27.28 -17.21
N THR E 10 -8.33 -27.26 -18.24
CA THR E 10 -7.13 -26.45 -18.27
C THR E 10 -7.21 -25.49 -19.46
N VAL E 11 -6.49 -24.37 -19.34
CA VAL E 11 -6.52 -23.30 -20.32
C VAL E 11 -5.21 -23.32 -21.10
N GLY E 12 -5.31 -23.22 -22.42
CA GLY E 12 -4.15 -23.13 -23.27
C GLY E 12 -3.56 -24.45 -23.71
N VAL E 13 -4.12 -25.58 -23.28
CA VAL E 13 -3.63 -26.90 -23.65
C VAL E 13 -4.65 -27.52 -24.60
N PRO E 14 -4.37 -27.65 -25.89
CA PRO E 14 -5.32 -28.28 -26.80
C PRO E 14 -5.39 -29.77 -26.56
N TYR E 15 -6.57 -30.34 -26.85
CA TYR E 15 -6.79 -31.77 -26.75
C TYR E 15 -7.38 -32.29 -28.04
N LYS E 16 -6.94 -33.47 -28.45
CA LYS E 16 -7.38 -34.12 -29.67
C LYS E 16 -8.39 -35.21 -29.34
N THR E 17 -9.54 -35.18 -30.00
CA THR E 17 -10.56 -36.21 -29.87
C THR E 17 -10.82 -36.81 -31.24
N LEU E 18 -11.15 -38.09 -31.28
CA LEU E 18 -11.31 -38.83 -32.52
C LEU E 18 -12.79 -39.19 -32.72
N VAL E 19 -13.41 -38.57 -33.73
CA VAL E 19 -14.75 -38.91 -34.14
C VAL E 19 -14.64 -40.03 -35.18
N ASN E 20 -15.08 -41.22 -34.80
CA ASN E 20 -14.98 -42.41 -35.63
C ASN E 20 -16.39 -42.85 -36.02
N ARG E 21 -16.80 -42.52 -37.24
CA ARG E 21 -18.09 -42.96 -37.78
C ARG E 21 -17.83 -44.10 -38.75
N PRO E 22 -18.31 -45.30 -38.47
CA PRO E 22 -18.11 -46.42 -39.40
C PRO E 22 -18.66 -46.09 -40.78
N GLY E 23 -17.91 -46.46 -41.81
CA GLY E 23 -18.23 -46.08 -43.17
C GLY E 23 -17.77 -44.69 -43.56
N TYR E 24 -17.11 -43.98 -42.66
CA TYR E 24 -16.61 -42.64 -42.92
C TYR E 24 -15.15 -42.51 -42.47
N SER E 25 -14.42 -41.64 -43.14
CA SER E 25 -13.04 -41.38 -42.76
C SER E 25 -13.00 -40.79 -41.35
N PRO E 26 -12.09 -41.26 -40.50
CA PRO E 26 -12.02 -40.73 -39.14
C PRO E 26 -11.73 -39.23 -39.16
N MET E 27 -12.38 -38.50 -38.26
CA MET E 27 -12.13 -37.08 -38.10
C MET E 27 -11.48 -36.85 -36.74
N VAL E 28 -10.65 -35.82 -36.65
CA VAL E 28 -10.02 -35.45 -35.39
C VAL E 28 -10.36 -33.99 -35.11
N LEU E 29 -10.71 -33.70 -33.86
CA LEU E 29 -11.08 -32.36 -33.43
C LEU E 29 -10.14 -31.92 -32.33
N GLU E 30 -9.59 -30.72 -32.47
CA GLU E 30 -8.73 -30.12 -31.46
C GLU E 30 -9.51 -29.04 -30.72
N MET E 31 -9.70 -29.24 -29.42
CA MET E 31 -10.45 -28.31 -28.59
C MET E 31 -9.52 -27.70 -27.56
N GLU E 32 -9.64 -26.39 -27.36
CA GLU E 32 -8.81 -25.69 -26.39
C GLU E 32 -9.67 -24.68 -25.63
N LEU E 33 -9.60 -24.73 -24.30
CA LEU E 33 -10.34 -23.81 -23.46
C LEU E 33 -9.60 -22.49 -23.36
N LEU E 34 -10.12 -21.45 -24.02
CA LEU E 34 -9.51 -20.14 -23.93
C LEU E 34 -9.80 -19.44 -22.61
N SER E 35 -10.98 -19.67 -22.04
CA SER E 35 -11.37 -18.98 -20.82
C SER E 35 -12.55 -19.71 -20.17
N VAL E 36 -12.39 -20.05 -18.90
CA VAL E 36 -13.48 -20.62 -18.11
C VAL E 36 -13.77 -19.66 -16.96
N THR E 37 -14.99 -19.16 -16.89
CA THR E 37 -15.37 -18.13 -15.95
C THR E 37 -16.40 -18.67 -14.97
N LEU E 38 -16.12 -18.51 -13.68
CA LEU E 38 -17.06 -18.84 -12.62
C LEU E 38 -17.55 -17.53 -12.02
N GLU E 39 -18.83 -17.22 -12.23
CA GLU E 39 -19.40 -15.97 -11.76
C GLU E 39 -20.41 -16.25 -10.66
N PRO E 40 -20.05 -16.08 -9.38
CA PRO E 40 -21.02 -16.31 -8.32
C PRO E 40 -22.10 -15.25 -8.34
N THR E 41 -23.30 -15.63 -7.91
CA THR E 41 -24.43 -14.72 -7.84
C THR E 41 -24.41 -14.05 -6.48
N LEU E 42 -24.22 -12.73 -6.47
CA LEU E 42 -23.96 -11.99 -5.25
C LEU E 42 -25.18 -11.21 -4.81
N SER E 43 -25.50 -11.30 -3.52
CA SER E 43 -26.53 -10.50 -2.89
C SER E 43 -25.86 -9.56 -1.91
N LEU E 44 -25.95 -8.26 -2.18
CA LEU E 44 -25.22 -7.28 -1.39
C LEU E 44 -25.70 -7.28 0.05
N ASP E 45 -24.83 -7.72 0.96
CA ASP E 45 -25.17 -7.66 2.37
C ASP E 45 -25.18 -6.22 2.88
N TYR E 46 -24.06 -5.51 2.73
CA TYR E 46 -24.08 -4.08 3.07
C TYR E 46 -22.84 -3.38 2.53
N ILE E 47 -22.75 -2.09 2.87
CA ILE E 47 -21.68 -1.20 2.44
C ILE E 47 -21.03 -0.62 3.68
N THR E 48 -19.70 -0.64 3.72
CA THR E 48 -18.96 0.04 4.78
C THR E 48 -18.06 1.10 4.15
N CYS E 49 -17.73 2.13 4.92
CA CYS E 49 -16.94 3.23 4.41
C CYS E 49 -16.40 4.02 5.59
N GLU E 50 -15.78 5.16 5.29
CA GLU E 50 -15.25 6.02 6.34
C GLU E 50 -16.34 6.93 6.89
N TYR E 51 -16.47 6.96 8.21
CA TYR E 51 -17.46 7.81 8.85
C TYR E 51 -16.94 9.24 8.98
N LYS E 52 -17.88 10.17 9.16
CA LYS E 52 -17.58 11.56 9.45
C LYS E 52 -18.30 11.95 10.73
N THR E 53 -17.57 12.52 11.66
CA THR E 53 -18.14 12.97 12.92
C THR E 53 -18.57 14.42 12.78
N VAL E 54 -19.86 14.68 12.96
CA VAL E 54 -20.42 16.02 12.89
C VAL E 54 -20.56 16.53 14.31
N ILE E 55 -19.94 17.67 14.59
CA ILE E 55 -19.99 18.29 15.91
C ILE E 55 -20.46 19.73 15.75
N PRO E 56 -21.70 20.05 16.14
CA PRO E 56 -22.11 21.45 16.14
C PRO E 56 -21.32 22.25 17.16
N SER E 57 -21.38 23.56 17.05
CA SER E 57 -20.65 24.42 17.97
C SER E 57 -21.11 24.16 19.40
N PRO E 58 -20.19 24.09 20.36
CA PRO E 58 -20.60 23.88 21.75
C PRO E 58 -21.40 25.07 22.25
N TYR E 59 -22.36 24.80 23.12
CA TYR E 59 -23.25 25.84 23.64
C TYR E 59 -22.76 26.27 25.01
N VAL E 60 -22.30 27.51 25.11
CA VAL E 60 -21.77 28.04 26.36
C VAL E 60 -22.84 28.89 27.01
N LYS E 61 -23.38 28.42 28.13
CA LYS E 61 -24.40 29.15 28.88
C LYS E 61 -23.70 29.76 30.09
N CYS E 62 -23.83 31.07 30.24
CA CYS E 62 -23.07 31.80 31.25
C CYS E 62 -23.61 31.63 32.67
N CYS E 63 -24.88 31.99 32.91
CA CYS E 63 -25.38 32.06 34.27
C CYS E 63 -26.62 31.16 34.38
N GLY E 64 -26.45 29.96 33.87
CA GLY E 64 -27.47 28.93 33.91
C GLY E 64 -26.91 27.61 33.42
N THR E 65 -27.56 26.53 33.82
CA THR E 65 -27.11 25.19 33.50
C THR E 65 -27.82 24.70 32.24
N ALA E 66 -27.04 24.35 31.22
CA ALA E 66 -27.61 23.87 29.97
C ALA E 66 -28.02 22.40 30.10
N GLU E 67 -29.07 22.04 29.36
CA GLU E 67 -29.56 20.68 29.32
C GLU E 67 -29.87 20.31 27.88
N CYS E 68 -29.61 19.06 27.53
CA CYS E 68 -29.85 18.60 26.17
C CYS E 68 -30.69 17.34 26.20
N LYS E 69 -31.41 17.11 25.10
CA LYS E 69 -32.32 15.98 24.96
C LYS E 69 -31.67 14.90 24.12
N ASP E 70 -32.26 13.70 24.20
CA ASP E 70 -31.81 12.60 23.36
C ASP E 70 -32.27 12.85 21.93
N LYS E 71 -31.43 12.50 20.97
CA LYS E 71 -31.75 12.64 19.56
C LYS E 71 -31.54 11.30 18.86
N ASN E 72 -32.30 11.09 17.79
CA ASN E 72 -32.28 9.84 17.04
C ASN E 72 -31.15 9.79 16.02
N LEU E 73 -30.11 10.60 16.20
CA LEU E 73 -28.97 10.57 15.31
C LEU E 73 -28.22 9.25 15.48
N PRO E 74 -27.46 8.82 14.46
CA PRO E 74 -26.91 7.45 14.48
C PRO E 74 -26.07 7.13 15.71
N ASP E 75 -25.24 8.05 16.18
CA ASP E 75 -24.40 7.82 17.36
C ASP E 75 -24.38 9.06 18.22
N TYR E 76 -25.55 9.66 18.45
CA TYR E 76 -25.62 10.92 19.17
C TYR E 76 -25.12 10.76 20.60
N SER E 77 -24.15 11.59 20.96
CA SER E 77 -23.62 11.64 22.32
C SER E 77 -23.59 13.10 22.76
N CYS E 78 -24.14 13.35 23.95
CA CYS E 78 -24.34 14.70 24.44
C CYS E 78 -24.00 14.76 25.92
N LYS E 79 -23.32 15.82 26.34
CA LYS E 79 -22.91 15.95 27.72
C LYS E 79 -22.83 17.42 28.11
N VAL E 80 -22.86 17.67 29.41
CA VAL E 80 -22.77 19.02 29.97
C VAL E 80 -21.60 19.07 30.94
N PHE E 81 -20.72 20.05 30.75
CA PHE E 81 -19.55 20.23 31.60
C PHE E 81 -19.73 21.52 32.39
N THR E 82 -19.55 21.41 33.71
CA THR E 82 -19.78 22.53 34.61
C THR E 82 -18.46 23.19 35.01
N GLY E 83 -18.55 24.44 35.41
CA GLY E 83 -17.39 25.17 35.88
C GLY E 83 -16.43 25.60 34.79
N VAL E 84 -16.86 25.63 33.55
CA VAL E 84 -16.02 26.04 32.44
C VAL E 84 -15.89 27.56 32.46
N TYR E 85 -14.73 28.06 32.07
CA TYR E 85 -14.49 29.50 31.95
C TYR E 85 -13.82 29.76 30.61
N PRO E 86 -14.56 29.64 29.51
CA PRO E 86 -13.93 29.73 28.18
C PRO E 86 -13.43 31.12 27.87
N PHE E 87 -12.41 31.17 27.02
CA PHE E 87 -11.83 32.41 26.53
C PHE E 87 -11.91 32.47 25.01
N MET E 88 -12.24 33.65 24.50
CA MET E 88 -12.14 33.97 23.09
C MET E 88 -10.91 34.85 22.88
N TRP E 89 -10.71 35.32 21.65
CA TRP E 89 -9.51 36.08 21.35
C TRP E 89 -9.46 37.38 22.14
N GLY E 90 -10.59 38.04 22.32
CA GLY E 90 -10.63 39.32 22.98
C GLY E 90 -10.73 39.27 24.49
N GLY E 91 -10.68 38.08 25.09
CA GLY E 91 -10.77 37.92 26.52
C GLY E 91 -11.79 36.87 26.91
N ALA E 92 -12.16 36.91 28.18
CA ALA E 92 -13.14 35.96 28.70
C ALA E 92 -14.47 36.12 27.97
N TYR E 93 -15.06 35.00 27.57
CA TYR E 93 -16.32 35.02 26.85
C TYR E 93 -17.51 35.10 27.79
N CYS E 94 -17.39 34.51 28.97
CA CYS E 94 -18.51 34.33 29.88
C CYS E 94 -18.27 35.20 31.12
N PHE E 95 -19.17 36.12 31.41
CA PHE E 95 -18.97 37.03 32.54
C PHE E 95 -19.04 36.30 33.85
N CYS E 96 -20.13 35.58 34.09
CA CYS E 96 -20.25 34.80 35.30
C CYS E 96 -18.99 33.96 35.48
N ASP E 97 -18.26 34.22 36.58
CA ASP E 97 -16.94 33.63 36.75
C ASP E 97 -17.04 32.12 36.86
N ALA E 98 -17.97 31.62 37.67
CA ALA E 98 -18.16 30.19 37.84
C ALA E 98 -19.59 29.84 37.45
N GLU E 99 -19.94 28.57 37.62
CA GLU E 99 -21.27 28.03 37.38
C GLU E 99 -21.63 28.00 35.89
N ASN E 100 -20.74 28.47 35.03
CA ASN E 100 -20.95 28.44 33.59
C ASN E 100 -20.99 26.99 33.14
N THR E 101 -21.74 26.71 32.08
CA THR E 101 -21.85 25.36 31.57
C THR E 101 -21.55 25.33 30.07
N GLN E 102 -20.94 24.24 29.63
CA GLN E 102 -20.74 23.98 28.21
C GLN E 102 -21.50 22.72 27.83
N LEU E 103 -22.32 22.84 26.80
CA LEU E 103 -23.09 21.71 26.28
C LEU E 103 -22.39 21.24 25.02
N SER E 104 -21.89 20.01 25.04
CA SER E 104 -21.15 19.44 23.94
C SER E 104 -21.92 18.25 23.38
N GLU E 105 -22.22 18.31 22.08
CA GLU E 105 -22.97 17.25 21.41
C GLU E 105 -22.29 16.91 20.10
N ALA E 106 -22.33 15.63 19.74
CA ALA E 106 -21.71 15.18 18.50
C ALA E 106 -22.37 13.90 18.04
N HIS E 107 -22.26 13.63 16.75
CA HIS E 107 -22.82 12.40 16.20
C HIS E 107 -22.01 11.97 14.99
N VAL E 108 -22.39 10.81 14.43
CA VAL E 108 -21.64 10.17 13.36
C VAL E 108 -22.57 9.95 12.18
N GLU E 109 -22.09 10.30 10.98
CA GLU E 109 -22.83 10.04 9.76
C GLU E 109 -21.84 9.60 8.68
N LYS E 110 -22.30 8.77 7.76
CA LYS E 110 -21.40 8.32 6.71
C LYS E 110 -21.03 9.49 5.80
N SER E 111 -19.75 9.57 5.46
CA SER E 111 -19.25 10.72 4.72
C SER E 111 -19.60 10.62 3.24
N GLU E 112 -19.34 11.71 2.52
CA GLU E 112 -19.59 11.72 1.09
C GLU E 112 -18.69 10.75 0.34
N SER E 113 -17.50 10.48 0.87
CA SER E 113 -16.59 9.53 0.23
C SER E 113 -17.16 8.13 0.16
N CYS E 114 -18.21 7.83 0.92
CA CYS E 114 -18.89 6.56 0.80
C CYS E 114 -19.46 6.33 -0.59
N LYS E 115 -19.66 7.39 -1.37
CA LYS E 115 -20.10 7.20 -2.76
C LYS E 115 -18.97 6.76 -3.67
N THR E 116 -17.72 6.95 -3.27
CA THR E 116 -16.57 6.57 -4.08
C THR E 116 -15.67 5.57 -3.39
N GLU E 117 -15.30 5.82 -2.14
CA GLU E 117 -14.42 4.93 -1.37
C GLU E 117 -15.28 4.12 -0.41
N PHE E 118 -15.56 2.87 -0.77
CA PHE E 118 -16.35 2.01 0.10
C PHE E 118 -15.97 0.56 -0.18
N ALA E 119 -16.26 -0.29 0.80
CA ALA E 119 -16.09 -1.73 0.66
C ALA E 119 -17.46 -2.39 0.73
N SER E 120 -17.72 -3.28 -0.21
CA SER E 120 -19.01 -3.95 -0.31
C SER E 120 -18.91 -5.35 0.27
N ALA E 121 -19.71 -5.61 1.30
CA ALA E 121 -19.78 -6.94 1.89
C ALA E 121 -20.91 -7.70 1.19
N TYR E 122 -20.55 -8.75 0.47
CA TYR E 122 -21.44 -9.56 -0.35
C TYR E 122 -21.55 -10.98 0.21
N ARG E 123 -22.65 -11.63 -0.13
CA ARG E 123 -22.83 -13.06 0.10
C ARG E 123 -22.82 -13.77 -1.24
N ALA E 124 -22.06 -14.85 -1.33
CA ALA E 124 -21.96 -15.64 -2.55
C ALA E 124 -22.66 -16.98 -2.35
N HIS E 125 -23.47 -17.37 -3.34
CA HIS E 125 -24.28 -18.59 -3.23
C HIS E 125 -23.79 -19.67 -4.19
N THR E 126 -23.76 -19.42 -5.49
CA THR E 126 -23.40 -20.43 -6.48
C THR E 126 -23.03 -19.72 -7.78
N ALA E 127 -22.06 -20.29 -8.49
CA ALA E 127 -21.51 -19.68 -9.69
C ALA E 127 -22.15 -20.30 -10.93
N SER E 128 -22.46 -19.45 -11.91
CA SER E 128 -22.94 -19.89 -13.20
C SER E 128 -21.77 -19.87 -14.18
N ALA E 129 -21.23 -21.05 -14.47
CA ALA E 129 -20.00 -21.15 -15.25
C ALA E 129 -20.25 -20.81 -16.72
N SER E 130 -19.26 -20.19 -17.33
CA SER E 130 -19.26 -19.95 -18.77
C SER E 130 -17.88 -20.33 -19.31
N ALA E 131 -17.85 -20.74 -20.58
CA ALA E 131 -16.61 -21.22 -21.17
C ALA E 131 -16.52 -20.77 -22.61
N LYS E 132 -15.31 -20.37 -23.00
CA LYS E 132 -14.99 -19.99 -24.36
C LYS E 132 -14.04 -21.05 -24.90
N LEU E 133 -14.42 -21.67 -26.02
CA LEU E 133 -13.75 -22.85 -26.53
C LEU E 133 -13.36 -22.63 -27.98
N ARG E 134 -12.11 -22.93 -28.31
CA ARG E 134 -11.61 -22.88 -29.67
C ARG E 134 -11.62 -24.29 -30.24
N VAL E 135 -12.27 -24.47 -31.37
CA VAL E 135 -12.48 -25.78 -31.98
C VAL E 135 -11.85 -25.77 -33.37
N LEU E 136 -11.10 -26.84 -33.66
CA LEU E 136 -10.49 -27.02 -34.98
C LEU E 136 -11.45 -27.85 -35.84
N TYR E 137 -12.35 -27.15 -36.51
CA TYR E 137 -13.46 -27.78 -37.21
C TYR E 137 -13.30 -27.59 -38.71
N GLN E 138 -13.28 -28.71 -39.45
CA GLN E 138 -13.15 -28.70 -40.91
C GLN E 138 -11.99 -27.82 -41.38
N GLY E 139 -10.81 -28.00 -40.79
CA GLY E 139 -9.66 -27.23 -41.17
C GLY E 139 -9.72 -25.76 -40.80
N ASN E 140 -10.89 -25.23 -40.48
CA ASN E 140 -11.03 -23.88 -39.99
C ASN E 140 -10.86 -23.87 -38.47
N ASN E 141 -10.54 -22.69 -37.95
CA ASN E 141 -10.34 -22.50 -36.53
C ASN E 141 -11.47 -21.60 -36.04
N ILE E 142 -12.44 -22.18 -35.32
CA ILE E 142 -13.61 -21.41 -34.91
C ILE E 142 -13.62 -21.25 -33.39
N THR E 143 -14.38 -20.26 -32.93
CA THR E 143 -14.49 -19.95 -31.51
C THR E 143 -15.96 -19.95 -31.13
N VAL E 144 -16.29 -20.62 -30.02
CA VAL E 144 -17.67 -20.75 -29.56
C VAL E 144 -17.70 -20.40 -28.07
N THR E 145 -18.70 -19.63 -27.66
CA THR E 145 -18.85 -19.20 -26.28
C THR E 145 -20.18 -19.70 -25.75
N ALA E 146 -20.16 -20.40 -24.62
CA ALA E 146 -21.38 -21.01 -24.11
C ALA E 146 -21.29 -21.21 -22.61
N TYR E 147 -22.45 -21.15 -21.95
CA TYR E 147 -22.50 -21.49 -20.53
C TYR E 147 -22.14 -22.96 -20.34
N ALA E 148 -21.46 -23.24 -19.24
CA ALA E 148 -20.90 -24.56 -18.98
C ALA E 148 -21.66 -25.29 -17.88
N ASN E 149 -22.99 -25.17 -17.89
CA ASN E 149 -23.84 -25.83 -16.91
C ASN E 149 -24.72 -26.90 -17.54
N GLY E 150 -24.21 -27.61 -18.54
CA GLY E 150 -25.02 -28.58 -19.24
C GLY E 150 -26.17 -27.98 -20.00
N ASP E 151 -26.06 -26.71 -20.39
CA ASP E 151 -27.15 -25.98 -21.01
C ASP E 151 -26.58 -25.09 -22.10
N HIS E 152 -27.45 -24.26 -22.68
CA HIS E 152 -27.07 -23.30 -23.71
C HIS E 152 -26.38 -23.99 -24.89
N ALA E 153 -27.13 -24.87 -25.55
CA ALA E 153 -26.64 -25.45 -26.79
C ALA E 153 -26.50 -24.34 -27.83
N VAL E 154 -25.32 -24.24 -28.42
CA VAL E 154 -24.98 -23.13 -29.31
C VAL E 154 -24.54 -23.69 -30.66
N THR E 155 -25.12 -23.15 -31.73
CA THR E 155 -24.86 -23.64 -33.07
C THR E 155 -23.96 -22.67 -33.81
N VAL E 156 -22.81 -23.16 -34.28
CA VAL E 156 -21.91 -22.43 -35.15
C VAL E 156 -21.56 -23.33 -36.33
N LYS E 157 -21.72 -22.81 -37.55
CA LYS E 157 -21.48 -23.57 -38.77
C LYS E 157 -22.27 -24.88 -38.76
N ASP E 158 -23.52 -24.80 -38.31
CA ASP E 158 -24.48 -25.90 -38.24
C ASP E 158 -24.07 -26.94 -37.20
N ALA E 159 -22.90 -26.77 -36.57
CA ALA E 159 -22.45 -27.69 -35.53
C ALA E 159 -22.97 -27.20 -34.19
N LYS E 160 -23.60 -28.10 -33.44
CA LYS E 160 -24.23 -27.76 -32.18
C LYS E 160 -23.35 -28.22 -31.02
N PHE E 161 -23.04 -27.29 -30.12
CA PHE E 161 -22.16 -27.54 -28.98
C PHE E 161 -22.96 -27.47 -27.68
N ILE E 162 -22.74 -28.43 -26.81
CA ILE E 162 -23.23 -28.40 -25.44
C ILE E 162 -22.03 -28.56 -24.52
N VAL E 163 -21.81 -27.55 -23.67
CA VAL E 163 -20.61 -27.46 -22.85
C VAL E 163 -21.00 -27.75 -21.41
N GLY E 164 -20.21 -28.60 -20.75
CA GLY E 164 -20.42 -28.90 -19.36
C GLY E 164 -21.44 -29.99 -19.14
N PRO E 165 -22.00 -30.08 -17.92
CA PRO E 165 -21.74 -29.23 -16.75
C PRO E 165 -20.39 -29.52 -16.09
N MET E 166 -19.88 -28.59 -15.29
CA MET E 166 -18.59 -28.76 -14.65
C MET E 166 -18.57 -30.03 -13.80
N SER E 167 -17.45 -30.74 -13.86
CA SER E 167 -17.29 -31.93 -13.04
C SER E 167 -17.12 -31.61 -11.56
N SER E 168 -16.64 -30.41 -11.23
CA SER E 168 -16.44 -30.00 -9.85
C SER E 168 -17.10 -28.65 -9.62
N ALA E 169 -17.78 -28.52 -8.49
CA ALA E 169 -18.45 -27.28 -8.10
C ALA E 169 -17.55 -26.40 -7.25
N TRP E 170 -16.26 -26.70 -7.18
CA TRP E 170 -15.34 -25.92 -6.38
C TRP E 170 -15.26 -24.48 -6.90
N THR E 171 -15.30 -23.52 -5.98
CA THR E 171 -15.18 -22.12 -6.30
C THR E 171 -14.25 -21.47 -5.29
N PRO E 172 -13.41 -20.52 -5.72
CA PRO E 172 -12.46 -19.91 -4.78
C PRO E 172 -13.12 -19.02 -3.74
N PHE E 173 -14.36 -18.60 -3.95
CA PHE E 173 -15.04 -17.69 -3.03
C PHE E 173 -15.69 -18.46 -1.90
N ASP E 174 -15.56 -17.96 -0.68
CA ASP E 174 -16.30 -18.51 0.44
C ASP E 174 -17.74 -18.00 0.41
N ASN E 175 -18.49 -18.27 1.47
CA ASN E 175 -19.87 -17.82 1.54
C ASN E 175 -19.95 -16.30 1.61
N LYS E 176 -19.02 -15.66 2.30
CA LYS E 176 -19.01 -14.21 2.49
C LYS E 176 -17.77 -13.64 1.84
N ILE E 177 -17.92 -12.59 1.06
CA ILE E 177 -16.79 -11.94 0.41
C ILE E 177 -16.88 -10.44 0.62
N VAL E 178 -15.74 -9.77 0.44
CA VAL E 178 -15.65 -8.32 0.53
C VAL E 178 -14.94 -7.81 -0.71
N VAL E 179 -15.56 -6.85 -1.40
CA VAL E 179 -15.03 -6.30 -2.64
C VAL E 179 -14.72 -4.84 -2.43
N TYR E 180 -13.48 -4.44 -2.70
CA TYR E 180 -13.15 -3.03 -2.48
C TYR E 180 -13.15 -2.21 -3.77
N LYS E 181 -12.20 -2.47 -4.67
CA LYS E 181 -12.26 -1.89 -6.01
C LYS E 181 -12.17 -2.98 -7.07
N GLY E 182 -11.11 -3.76 -6.97
CA GLY E 182 -10.80 -4.89 -7.83
C GLY E 182 -10.23 -6.07 -7.09
N ASP E 183 -10.21 -6.00 -5.76
CA ASP E 183 -9.71 -7.07 -4.91
C ASP E 183 -10.87 -7.59 -4.08
N VAL E 184 -11.09 -8.90 -4.12
CA VAL E 184 -12.12 -9.55 -3.32
C VAL E 184 -11.42 -10.36 -2.23
N TYR E 185 -11.96 -10.29 -1.02
CA TYR E 185 -11.35 -10.95 0.13
C TYR E 185 -12.33 -11.94 0.75
N ASN E 186 -11.83 -13.12 1.11
CA ASN E 186 -12.64 -14.11 1.80
C ASN E 186 -12.63 -13.77 3.29
N MET E 187 -13.51 -12.85 3.66
CA MET E 187 -13.58 -12.33 5.01
C MET E 187 -14.96 -12.60 5.61
N ASP E 188 -14.98 -13.07 6.86
CA ASP E 188 -16.22 -13.25 7.60
C ASP E 188 -16.52 -11.94 8.31
N TYR E 189 -17.11 -11.01 7.56
CA TYR E 189 -17.41 -9.69 8.09
C TYR E 189 -18.47 -9.77 9.17
N PRO E 190 -18.51 -8.81 10.10
CA PRO E 190 -19.49 -8.86 11.17
C PRO E 190 -20.90 -8.69 10.62
N PRO E 191 -21.90 -9.28 11.26
CA PRO E 191 -23.28 -9.14 10.77
C PRO E 191 -23.75 -7.70 10.84
N PHE E 192 -24.66 -7.35 9.93
CA PHE E 192 -25.19 -6.00 9.87
C PHE E 192 -25.86 -5.65 11.19
N GLY E 193 -25.65 -4.42 11.65
CA GLY E 193 -26.21 -3.97 12.91
C GLY E 193 -25.46 -4.41 14.13
N ALA E 194 -24.34 -5.12 13.97
CA ALA E 194 -23.55 -5.60 15.10
C ALA E 194 -22.07 -5.38 14.83
N GLY E 195 -21.74 -4.20 14.30
CA GLY E 195 -20.36 -3.86 14.06
C GLY E 195 -19.63 -3.55 15.34
N ARG E 196 -18.30 -3.53 15.25
CA ARG E 196 -17.48 -3.26 16.42
C ARG E 196 -16.54 -2.09 16.15
N PRO E 197 -16.28 -1.27 17.16
CA PRO E 197 -15.43 -0.08 16.94
C PRO E 197 -14.01 -0.47 16.57
N GLY E 198 -13.42 0.32 15.68
CA GLY E 198 -12.03 0.13 15.31
C GLY E 198 -11.76 -1.04 14.39
N GLN E 199 -12.79 -1.69 13.87
CA GLN E 199 -12.63 -2.84 13.00
C GLN E 199 -13.48 -2.64 11.75
N PHE E 200 -13.35 -3.59 10.83
CA PHE E 200 -14.13 -3.56 9.61
C PHE E 200 -15.63 -3.60 9.94
N GLY E 201 -16.39 -2.68 9.35
CA GLY E 201 -17.81 -2.63 9.58
C GLY E 201 -18.26 -1.89 10.82
N ASP E 202 -17.45 -0.96 11.34
CA ASP E 202 -17.91 -0.16 12.46
C ASP E 202 -19.05 0.76 12.05
N ILE E 203 -19.09 1.18 10.79
CA ILE E 203 -20.19 1.95 10.23
C ILE E 203 -20.69 1.22 8.99
N GLN E 204 -21.99 0.96 8.94
CA GLN E 204 -22.58 0.11 7.91
C GLN E 204 -23.83 0.76 7.34
N SER E 205 -24.09 0.48 6.07
CA SER E 205 -25.30 0.92 5.40
C SER E 205 -25.62 -0.05 4.29
N ARG E 206 -26.91 -0.20 4.00
CA ARG E 206 -27.35 -1.24 3.07
C ARG E 206 -26.87 -0.96 1.64
N THR E 207 -26.94 0.30 1.21
CA THR E 207 -26.55 0.68 -0.13
C THR E 207 -25.91 2.06 -0.06
N PRO E 208 -25.00 2.39 -0.97
CA PRO E 208 -24.26 3.66 -0.85
C PRO E 208 -25.14 4.89 -0.78
N GLU E 209 -26.32 4.89 -1.40
CA GLU E 209 -27.19 6.05 -1.34
C GLU E 209 -28.19 5.99 -0.18
N SER E 210 -28.19 4.93 0.61
CA SER E 210 -29.13 4.80 1.71
C SER E 210 -28.83 5.83 2.79
N LYS E 211 -29.89 6.30 3.45
CA LYS E 211 -29.76 7.17 4.62
C LYS E 211 -29.71 6.39 5.92
N ASP E 212 -29.95 5.08 5.88
CA ASP E 212 -29.94 4.25 7.08
C ASP E 212 -28.49 3.89 7.37
N VAL E 213 -27.93 4.48 8.42
CA VAL E 213 -26.55 4.27 8.82
C VAL E 213 -26.52 3.70 10.23
N TYR E 214 -25.87 2.56 10.40
CA TYR E 214 -25.60 2.03 11.72
C TYR E 214 -24.14 2.24 12.07
N ALA E 215 -23.88 3.05 13.09
CA ALA E 215 -22.52 3.41 13.44
C ALA E 215 -22.25 3.05 14.88
N ASN E 216 -21.12 2.37 15.12
CA ASN E 216 -20.70 1.96 16.45
C ASN E 216 -19.22 2.30 16.58
N THR E 217 -18.94 3.54 17.01
CA THR E 217 -17.57 4.01 17.17
C THR E 217 -17.25 4.42 18.59
N GLN E 218 -18.15 4.17 19.54
CA GLN E 218 -17.94 4.45 20.97
C GLN E 218 -17.47 5.89 21.20
N LEU E 219 -18.04 6.81 20.42
CA LEU E 219 -17.73 8.22 20.56
C LEU E 219 -18.11 8.71 21.95
N VAL E 220 -17.11 9.15 22.71
CA VAL E 220 -17.30 9.64 24.07
C VAL E 220 -16.76 11.07 24.15
N LEU E 221 -17.57 11.97 24.67
CA LEU E 221 -17.17 13.37 24.80
C LEU E 221 -16.28 13.55 26.04
N GLN E 222 -15.27 14.39 25.91
CA GLN E 222 -14.36 14.69 27.01
C GLN E 222 -14.46 16.17 27.40
N ARG E 223 -13.96 16.47 28.59
CA ARG E 223 -14.09 17.80 29.16
C ARG E 223 -13.19 18.79 28.40
N PRO E 224 -13.66 20.00 28.11
CA PRO E 224 -12.81 20.99 27.44
C PRO E 224 -11.62 21.36 28.31
N ALA E 225 -10.52 21.73 27.65
CA ALA E 225 -9.22 21.89 28.32
C ALA E 225 -9.01 23.34 28.71
N ALA E 226 -9.39 23.68 29.94
CA ALA E 226 -8.88 24.85 30.66
C ALA E 226 -8.98 26.14 29.84
N GLY E 227 -10.21 26.59 29.63
CA GLY E 227 -10.45 27.91 29.08
C GLY E 227 -10.53 28.00 27.58
N THR E 228 -10.48 26.87 26.88
CA THR E 228 -10.70 26.88 25.43
C THR E 228 -12.17 26.64 25.12
N VAL E 229 -12.55 26.99 23.89
CA VAL E 229 -13.92 26.84 23.43
C VAL E 229 -14.08 25.62 22.54
N HIS E 230 -13.08 24.75 22.50
CA HIS E 230 -13.14 23.57 21.67
C HIS E 230 -14.01 22.50 22.32
N VAL E 231 -14.28 21.44 21.55
CA VAL E 231 -15.06 20.30 22.03
C VAL E 231 -14.29 19.02 21.72
N PRO E 232 -13.54 18.50 22.68
CA PRO E 232 -12.73 17.30 22.41
C PRO E 232 -13.59 16.05 22.42
N TYR E 233 -13.08 15.01 21.78
CA TYR E 233 -13.78 13.74 21.73
C TYR E 233 -12.76 12.62 21.55
N SER E 234 -13.07 11.47 22.17
CA SER E 234 -12.25 10.27 22.06
C SER E 234 -13.06 9.21 21.34
N GLN E 235 -12.66 8.89 20.11
CA GLN E 235 -13.44 8.01 19.26
C GLN E 235 -12.52 7.01 18.57
N ALA E 236 -12.96 5.77 18.49
CA ALA E 236 -12.19 4.76 17.76
C ALA E 236 -12.08 5.18 16.30
N PRO E 237 -10.87 5.20 15.73
CA PRO E 237 -10.73 5.67 14.35
C PRO E 237 -11.48 4.79 13.37
N SER E 238 -11.60 5.27 12.14
CA SER E 238 -12.35 4.55 11.11
C SER E 238 -11.79 3.16 10.91
N GLY E 239 -12.61 2.15 11.23
CA GLY E 239 -12.20 0.78 11.00
C GLY E 239 -12.00 0.46 9.54
N PHE E 240 -12.65 1.19 8.65
CA PHE E 240 -12.45 0.99 7.21
C PHE E 240 -11.02 1.34 6.81
N LYS E 241 -10.51 2.46 7.32
CA LYS E 241 -9.13 2.83 7.01
C LYS E 241 -8.14 1.84 7.59
N TYR E 242 -8.39 1.38 8.82
CA TYR E 242 -7.52 0.37 9.41
C TYR E 242 -7.53 -0.91 8.60
N TRP E 243 -8.69 -1.29 8.07
CA TRP E 243 -8.72 -2.45 7.19
C TRP E 243 -7.95 -2.19 5.91
N LEU E 244 -8.06 -0.99 5.35
CA LEU E 244 -7.30 -0.64 4.16
C LEU E 244 -5.80 -0.80 4.39
N LYS E 245 -5.29 -0.25 5.49
CA LYS E 245 -3.87 -0.35 5.76
C LYS E 245 -3.45 -1.77 6.13
N GLU E 246 -4.40 -2.63 6.47
CA GLU E 246 -4.12 -4.00 6.90
C GLU E 246 -4.84 -5.03 6.04
N ARG E 247 -5.06 -4.74 4.75
CA ARG E 247 -5.84 -5.64 3.90
C ARG E 247 -5.18 -7.00 3.76
N GLY E 248 -3.87 -7.02 3.53
CA GLY E 248 -3.21 -8.25 3.17
C GLY E 248 -3.43 -8.57 1.70
N ALA E 249 -3.10 -9.80 1.34
CA ALA E 249 -3.24 -10.24 -0.04
C ALA E 249 -4.67 -10.64 -0.34
N SER E 250 -5.15 -10.24 -1.52
CA SER E 250 -6.51 -10.55 -1.95
C SER E 250 -6.58 -11.95 -2.53
N LEU E 251 -7.78 -12.32 -2.98
CA LEU E 251 -7.96 -13.64 -3.59
C LEU E 251 -7.24 -13.76 -4.93
N GLN E 252 -6.92 -12.64 -5.56
CA GLN E 252 -6.19 -12.70 -6.83
C GLN E 252 -4.81 -13.33 -6.65
N HIS E 253 -4.24 -13.24 -5.46
CA HIS E 253 -2.90 -13.75 -5.21
C HIS E 253 -2.87 -14.96 -4.29
N THR E 254 -3.96 -15.27 -3.60
CA THR E 254 -3.98 -16.40 -2.67
C THR E 254 -4.86 -17.56 -3.10
N ALA E 255 -5.62 -17.41 -4.18
CA ALA E 255 -6.50 -18.48 -4.60
C ALA E 255 -5.69 -19.66 -5.14
N PRO E 256 -6.13 -20.88 -4.86
CA PRO E 256 -5.45 -22.05 -5.44
C PRO E 256 -5.89 -22.27 -6.89
N PHE E 257 -5.34 -23.33 -7.48
CA PHE E 257 -5.59 -23.72 -8.87
C PHE E 257 -5.20 -22.62 -9.86
N GLY E 258 -4.45 -21.62 -9.43
CA GLY E 258 -4.08 -20.54 -10.31
C GLY E 258 -5.27 -19.73 -10.81
N CYS E 259 -6.31 -19.62 -10.01
CA CYS E 259 -7.47 -18.82 -10.40
C CYS E 259 -7.10 -17.34 -10.44
N GLN E 260 -7.58 -16.66 -11.47
CA GLN E 260 -7.49 -15.20 -11.54
C GLN E 260 -8.83 -14.63 -11.11
N ILE E 261 -8.81 -13.48 -10.46
CA ILE E 261 -10.02 -12.88 -9.92
C ILE E 261 -10.21 -11.50 -10.53
N ALA E 262 -11.41 -11.22 -11.00
CA ALA E 262 -11.75 -9.90 -11.52
C ALA E 262 -13.04 -9.42 -10.90
N THR E 263 -13.27 -8.12 -10.98
CA THR E 263 -14.47 -7.51 -10.44
C THR E 263 -15.20 -6.73 -11.52
N ASN E 264 -16.46 -6.40 -11.22
CA ASN E 264 -17.36 -5.67 -12.11
C ASN E 264 -17.56 -6.42 -13.43
N PRO E 265 -18.23 -7.58 -13.42
CA PRO E 265 -18.77 -8.33 -12.28
C PRO E 265 -17.68 -9.18 -11.65
N VAL E 266 -17.95 -9.85 -10.53
CA VAL E 266 -16.93 -10.68 -9.90
C VAL E 266 -16.82 -12.01 -10.64
N ARG E 267 -15.64 -12.29 -11.18
CA ARG E 267 -15.41 -13.53 -11.91
C ARG E 267 -14.15 -14.21 -11.38
N ALA E 268 -14.16 -15.54 -11.46
CA ALA E 268 -13.00 -16.38 -11.18
C ALA E 268 -12.57 -17.00 -12.50
N VAL E 269 -11.73 -16.28 -13.23
CA VAL E 269 -11.30 -16.70 -14.56
C VAL E 269 -10.22 -17.76 -14.45
N ASN E 270 -10.32 -18.78 -15.30
CA ASN E 270 -9.28 -19.78 -15.52
C ASN E 270 -8.92 -20.53 -14.24
N CYS E 271 -9.91 -21.22 -13.68
CA CYS E 271 -9.69 -22.13 -12.57
C CYS E 271 -9.46 -23.54 -13.11
N ALA E 272 -8.26 -24.06 -12.92
CA ALA E 272 -7.88 -25.36 -13.46
C ALA E 272 -8.19 -26.46 -12.46
N VAL E 273 -9.49 -26.80 -12.37
CA VAL E 273 -9.98 -27.82 -11.47
C VAL E 273 -10.99 -28.69 -12.20
N GLY E 274 -10.91 -30.00 -12.00
CA GLY E 274 -11.91 -30.88 -12.57
C GLY E 274 -11.77 -31.01 -14.08
N ASN E 275 -12.86 -31.43 -14.72
CA ASN E 275 -12.87 -31.62 -16.17
C ASN E 275 -14.20 -31.13 -16.72
N MET E 276 -14.32 -31.22 -18.04
CA MET E 276 -15.41 -30.58 -18.78
C MET E 276 -15.97 -31.55 -19.81
N PRO E 277 -17.24 -31.94 -19.72
CA PRO E 277 -17.85 -32.69 -20.82
C PRO E 277 -18.21 -31.77 -21.98
N ILE E 278 -18.03 -32.27 -23.19
CA ILE E 278 -18.34 -31.55 -24.42
C ILE E 278 -19.14 -32.46 -25.33
N SER E 279 -20.28 -31.98 -25.82
CA SER E 279 -21.11 -32.72 -26.76
C SER E 279 -21.18 -31.93 -28.06
N ILE E 280 -20.89 -32.61 -29.17
CA ILE E 280 -20.81 -31.98 -30.48
C ILE E 280 -21.74 -32.73 -31.43
N ASP E 281 -22.61 -32.00 -32.12
CA ASP E 281 -23.51 -32.57 -33.11
C ASP E 281 -22.97 -32.19 -34.49
N ILE E 282 -22.10 -33.04 -35.03
CA ILE E 282 -21.46 -32.74 -36.31
C ILE E 282 -22.45 -32.97 -37.44
N PRO E 283 -22.65 -32.01 -38.34
CA PRO E 283 -23.51 -32.25 -39.51
C PRO E 283 -22.93 -33.34 -40.39
N GLU E 284 -23.83 -34.05 -41.08
CA GLU E 284 -23.40 -35.16 -41.94
C GLU E 284 -22.54 -34.66 -43.10
N ALA E 285 -22.77 -33.42 -43.54
CA ALA E 285 -21.98 -32.89 -44.66
C ALA E 285 -20.51 -32.74 -44.29
N ALA E 286 -20.21 -32.68 -42.99
CA ALA E 286 -18.81 -32.50 -42.57
C ALA E 286 -17.97 -33.72 -42.93
N PHE E 287 -18.51 -34.92 -42.73
CA PHE E 287 -17.74 -36.13 -42.92
C PHE E 287 -17.49 -36.42 -44.40
N THR E 288 -16.43 -37.19 -44.66
CA THR E 288 -16.09 -37.64 -46.01
C THR E 288 -16.08 -39.17 -46.02
N ARG E 289 -16.63 -39.76 -47.07
CA ARG E 289 -16.69 -41.21 -47.17
C ARG E 289 -15.29 -41.79 -47.30
N VAL E 290 -15.14 -43.04 -46.85
CA VAL E 290 -13.86 -43.73 -46.92
C VAL E 290 -13.38 -43.88 -48.36
N VAL E 291 -14.30 -44.11 -49.30
CA VAL E 291 -13.90 -44.31 -50.69
C VAL E 291 -13.27 -43.04 -51.26
N ASP E 292 -13.75 -41.87 -50.86
CA ASP E 292 -13.18 -40.63 -51.37
C ASP E 292 -11.93 -40.20 -50.62
N ALA E 293 -11.79 -40.60 -49.36
CA ALA E 293 -10.57 -40.30 -48.63
C ALA E 293 -9.43 -41.19 -49.13
N PRO E 294 -8.19 -40.71 -49.08
CA PRO E 294 -7.07 -41.53 -49.52
C PRO E 294 -6.92 -42.77 -48.65
N SER E 295 -6.45 -43.84 -49.27
CA SER E 295 -6.15 -45.10 -48.59
C SER E 295 -4.65 -45.34 -48.71
N LEU E 296 -3.96 -45.37 -47.58
CA LEU E 296 -2.50 -45.44 -47.58
C LEU E 296 -2.01 -46.86 -47.37
N THR E 297 -0.93 -47.21 -48.07
CA THR E 297 -0.26 -48.49 -47.93
C THR E 297 1.23 -48.27 -47.96
N ASP E 298 1.98 -49.34 -47.68
CA ASP E 298 3.44 -49.30 -47.64
C ASP E 298 3.86 -48.14 -46.73
N MET E 299 3.35 -48.16 -45.51
CA MET E 299 3.54 -47.06 -44.58
C MET E 299 4.48 -47.48 -43.45
N SER E 300 5.54 -46.69 -43.28
CA SER E 300 6.58 -47.01 -42.29
C SER E 300 6.98 -45.73 -41.57
N CYS E 301 7.48 -45.89 -40.35
CA CYS E 301 7.75 -44.76 -39.47
C CYS E 301 9.18 -44.82 -38.96
N GLU E 302 9.80 -43.64 -38.82
CA GLU E 302 11.12 -43.51 -38.26
C GLU E 302 11.19 -42.21 -37.48
N VAL E 303 12.15 -42.12 -36.55
CA VAL E 303 12.25 -40.95 -35.69
C VAL E 303 13.63 -40.33 -35.78
N PRO E 304 13.80 -39.23 -36.51
CA PRO E 304 15.12 -38.57 -36.55
C PRO E 304 15.62 -38.13 -35.18
N ALA E 305 14.74 -37.66 -34.30
CA ALA E 305 15.15 -37.19 -32.99
C ALA E 305 13.93 -37.18 -32.07
N CYS E 306 14.18 -37.45 -30.78
CA CYS E 306 13.13 -37.41 -29.79
C CYS E 306 13.70 -36.91 -28.47
N THR E 307 13.05 -35.92 -27.88
CA THR E 307 13.40 -35.39 -26.57
C THR E 307 12.15 -35.36 -25.71
N HIS E 308 12.12 -36.20 -24.68
CA HIS E 308 10.92 -36.35 -23.86
C HIS E 308 10.76 -35.13 -22.95
N SER E 309 10.50 -34.00 -23.59
CA SER E 309 10.26 -32.74 -22.93
C SER E 309 8.91 -32.19 -23.37
N SER E 310 8.55 -31.03 -22.84
CA SER E 310 7.35 -30.36 -23.29
C SER E 310 7.62 -29.66 -24.62
N ASP E 311 6.55 -29.14 -25.20
CA ASP E 311 6.61 -28.38 -26.46
C ASP E 311 7.15 -29.27 -27.59
N PHE E 312 6.66 -30.50 -27.65
CA PHE E 312 6.81 -31.38 -28.81
C PHE E 312 8.28 -31.58 -29.20
N GLY E 313 8.99 -32.24 -28.28
CA GLY E 313 10.40 -32.50 -28.49
C GLY E 313 10.71 -33.62 -29.45
N GLY E 314 9.71 -34.34 -29.94
CA GLY E 314 9.92 -35.45 -30.84
C GLY E 314 9.44 -35.16 -32.25
N VAL E 315 10.19 -35.64 -33.23
CA VAL E 315 9.86 -35.49 -34.64
C VAL E 315 9.89 -36.86 -35.29
N ALA E 316 8.87 -37.17 -36.09
CA ALA E 316 8.78 -38.45 -36.77
C ALA E 316 8.56 -38.23 -38.27
N VAL E 317 9.12 -39.13 -39.07
CA VAL E 317 8.96 -39.12 -40.52
C VAL E 317 8.35 -40.45 -40.94
N ILE E 318 7.26 -40.38 -41.69
CA ILE E 318 6.51 -41.57 -42.10
C ILE E 318 6.38 -41.56 -43.62
N LYS E 319 6.68 -42.71 -44.23
CA LYS E 319 6.56 -42.91 -45.66
C LYS E 319 5.30 -43.69 -45.98
N TYR E 320 4.58 -43.23 -47.02
CA TYR E 320 3.27 -43.77 -47.33
C TYR E 320 3.11 -43.87 -48.84
N ALA E 321 2.12 -44.68 -49.25
CA ALA E 321 1.64 -44.70 -50.62
C ALA E 321 0.25 -44.08 -50.62
N ALA E 322 0.16 -42.83 -51.11
CA ALA E 322 -1.03 -42.03 -50.88
C ALA E 322 -2.23 -42.50 -51.68
N SER E 323 -2.02 -43.28 -52.74
CA SER E 323 -3.08 -43.68 -53.67
C SER E 323 -3.67 -42.40 -54.24
N LYS E 324 -4.91 -42.05 -53.95
CA LYS E 324 -5.48 -40.82 -54.49
C LYS E 324 -5.04 -39.62 -53.67
N LYS E 325 -4.92 -38.47 -54.33
CA LYS E 325 -4.57 -37.23 -53.66
C LYS E 325 -5.68 -36.79 -52.72
N GLY E 326 -5.31 -36.34 -51.52
CA GLY E 326 -6.31 -35.87 -50.59
C GLY E 326 -5.66 -35.49 -49.27
N LYS E 327 -6.50 -35.28 -48.27
CA LYS E 327 -6.03 -35.02 -46.92
C LYS E 327 -6.85 -35.82 -45.93
N CYS E 328 -6.24 -36.15 -44.79
CA CYS E 328 -6.95 -36.89 -43.77
C CYS E 328 -6.35 -36.61 -42.40
N ALA E 329 -7.11 -36.98 -41.37
CA ALA E 329 -6.71 -36.71 -39.99
C ALA E 329 -5.61 -37.65 -39.54
N VAL E 330 -4.81 -37.18 -38.60
CA VAL E 330 -3.75 -37.97 -37.98
C VAL E 330 -4.05 -38.08 -36.50
N HIS E 331 -4.00 -39.30 -35.98
CA HIS E 331 -4.35 -39.55 -34.59
C HIS E 331 -3.31 -40.44 -33.93
N SER E 332 -3.18 -40.30 -32.61
CA SER E 332 -2.32 -41.19 -31.86
C SER E 332 -3.12 -42.34 -31.27
N MET E 333 -2.58 -43.55 -31.38
CA MET E 333 -3.25 -44.74 -30.89
C MET E 333 -2.96 -45.03 -29.43
N THR E 334 -2.10 -44.23 -28.80
CA THR E 334 -1.88 -44.33 -27.36
C THR E 334 -1.88 -42.93 -26.77
N ASN E 335 -2.25 -42.85 -25.50
CA ASN E 335 -2.40 -41.57 -24.82
C ASN E 335 -1.06 -40.95 -24.41
N ALA E 336 -0.03 -41.76 -24.15
CA ALA E 336 1.21 -41.24 -23.63
C ALA E 336 1.98 -40.39 -24.65
N VAL E 337 1.56 -40.42 -25.91
CA VAL E 337 2.20 -39.65 -26.98
C VAL E 337 1.13 -38.80 -27.63
N THR E 338 1.39 -37.51 -27.77
CA THR E 338 0.45 -36.58 -28.37
C THR E 338 1.06 -35.91 -29.60
N ILE E 339 0.35 -35.97 -30.71
CA ILE E 339 0.82 -35.44 -31.99
C ILE E 339 0.27 -34.03 -32.16
N ARG E 340 1.14 -33.08 -32.51
CA ARG E 340 0.73 -31.68 -32.62
C ARG E 340 -0.31 -31.50 -33.72
N GLU E 341 0.00 -31.95 -34.94
CA GLU E 341 -0.87 -31.69 -36.08
C GLU E 341 -2.09 -32.58 -36.05
N ALA E 342 -3.18 -32.07 -36.62
CA ALA E 342 -4.44 -32.79 -36.66
C ALA E 342 -4.72 -33.45 -38.00
N GLU E 343 -4.44 -32.75 -39.10
CA GLU E 343 -4.69 -33.28 -40.43
C GLU E 343 -3.47 -33.07 -41.29
N ILE E 344 -3.29 -33.94 -42.28
CA ILE E 344 -2.16 -33.87 -43.19
C ILE E 344 -2.64 -34.15 -44.61
N GLU E 345 -2.03 -33.43 -45.55
CA GLU E 345 -2.22 -33.63 -46.99
C GLU E 345 -1.28 -34.73 -47.48
N VAL E 346 -1.85 -35.76 -48.11
CA VAL E 346 -1.09 -36.87 -48.68
C VAL E 346 -1.36 -36.91 -50.18
N GLU E 347 -0.31 -37.19 -50.95
CA GLU E 347 -0.39 -37.21 -52.41
C GLU E 347 0.83 -37.95 -52.95
N GLY E 348 0.60 -38.79 -53.96
CA GLY E 348 1.70 -39.48 -54.61
C GLY E 348 2.35 -40.50 -53.69
N ASN E 349 3.68 -40.47 -53.63
CA ASN E 349 4.44 -41.39 -52.79
C ASN E 349 5.41 -40.64 -51.88
N SER E 350 5.11 -39.38 -51.59
CA SER E 350 5.97 -38.59 -50.72
C SER E 350 5.84 -39.07 -49.27
N GLN E 351 6.66 -38.47 -48.41
CA GLN E 351 6.63 -38.77 -46.99
C GLN E 351 6.18 -37.55 -46.21
N LEU E 352 5.57 -37.78 -45.05
CA LEU E 352 5.09 -36.71 -44.19
C LEU E 352 5.86 -36.69 -42.88
N GLN E 353 5.89 -35.51 -42.27
CA GLN E 353 6.61 -35.29 -41.02
C GLN E 353 5.64 -34.81 -39.95
N ILE E 354 5.69 -35.43 -38.77
CA ILE E 354 4.80 -35.09 -37.68
C ILE E 354 5.65 -34.71 -36.46
N SER E 355 5.04 -33.91 -35.60
CA SER E 355 5.66 -33.50 -34.34
C SER E 355 4.85 -34.04 -33.18
N PHE E 356 5.54 -34.65 -32.22
CA PHE E 356 4.87 -35.29 -31.11
C PHE E 356 5.62 -34.99 -29.83
N SER E 357 4.89 -35.03 -28.71
CA SER E 357 5.42 -34.83 -27.39
C SER E 357 5.08 -36.03 -26.52
N THR E 358 5.98 -36.39 -25.62
CA THR E 358 5.75 -37.52 -24.73
C THR E 358 6.65 -37.38 -23.51
N ALA E 359 6.22 -38.00 -22.42
CA ALA E 359 7.05 -38.18 -21.24
C ALA E 359 7.80 -39.50 -21.27
N LEU E 360 7.65 -40.27 -22.36
CA LEU E 360 8.26 -41.58 -22.45
C LEU E 360 9.76 -41.46 -22.71
N ALA E 361 10.55 -42.20 -21.93
CA ALA E 361 11.96 -42.34 -22.26
C ALA E 361 12.15 -43.15 -23.52
N SER E 362 11.25 -44.09 -23.79
CA SER E 362 11.29 -44.90 -25.00
C SER E 362 9.94 -44.79 -25.71
N ALA E 363 9.91 -44.08 -26.82
CA ALA E 363 8.68 -43.86 -27.55
C ALA E 363 8.28 -45.14 -28.28
N GLU E 364 7.16 -45.73 -27.87
CA GLU E 364 6.64 -46.95 -28.45
C GLU E 364 5.16 -46.71 -28.73
N PHE E 365 4.82 -46.23 -29.93
CA PHE E 365 3.43 -45.85 -30.14
C PHE E 365 2.99 -46.22 -31.55
N ARG E 366 1.71 -46.00 -31.82
CA ARG E 366 1.13 -46.24 -33.12
C ARG E 366 0.37 -44.99 -33.57
N VAL E 367 0.49 -44.70 -34.86
CA VAL E 367 -0.11 -43.52 -35.47
C VAL E 367 -1.10 -43.96 -36.53
N GLN E 368 -2.32 -43.42 -36.45
CA GLN E 368 -3.37 -43.70 -37.42
C GLN E 368 -3.48 -42.54 -38.40
N VAL E 369 -3.23 -42.82 -39.68
CA VAL E 369 -3.39 -41.84 -40.76
C VAL E 369 -4.26 -42.49 -41.82
N CYS E 370 -5.31 -41.78 -42.24
CA CYS E 370 -6.19 -42.24 -43.33
C CYS E 370 -6.66 -43.67 -43.11
N SER E 371 -7.05 -43.99 -41.87
CA SER E 371 -7.61 -45.27 -41.46
C SER E 371 -6.61 -46.41 -41.46
N THR E 372 -5.31 -46.14 -41.61
CA THR E 372 -4.30 -47.19 -41.53
C THR E 372 -3.22 -46.77 -40.55
N GLN E 373 -2.61 -47.77 -39.92
CA GLN E 373 -1.74 -47.53 -38.76
C GLN E 373 -0.29 -47.83 -39.09
N VAL E 374 0.60 -47.15 -38.36
CA VAL E 374 2.03 -47.46 -38.33
C VAL E 374 2.50 -47.55 -36.89
N HIS E 375 3.60 -48.25 -36.70
CA HIS E 375 4.25 -48.38 -35.41
C HIS E 375 5.51 -47.52 -35.44
N CYS E 376 5.60 -46.56 -34.53
CA CYS E 376 6.76 -45.71 -34.38
C CYS E 376 7.54 -46.08 -33.13
N ALA E 377 8.85 -46.23 -33.30
CA ALA E 377 9.77 -46.60 -32.24
C ALA E 377 10.87 -45.54 -32.17
N ALA E 378 11.26 -45.20 -30.95
CA ALA E 378 12.26 -44.17 -30.76
C ALA E 378 12.88 -44.29 -29.37
N GLU E 379 14.14 -43.89 -29.28
CA GLU E 379 14.80 -43.70 -28.00
C GLU E 379 14.92 -42.21 -27.72
N CYS E 380 14.25 -41.74 -26.69
CA CYS E 380 14.12 -40.31 -26.41
C CYS E 380 15.07 -39.90 -25.30
N HIS E 381 15.81 -38.80 -25.53
CA HIS E 381 16.79 -38.23 -24.64
C HIS E 381 16.14 -37.20 -23.71
N PRO E 382 16.60 -37.09 -22.47
CA PRO E 382 16.04 -36.11 -21.55
C PRO E 382 16.41 -34.70 -21.97
N PRO E 383 15.59 -33.71 -21.62
CA PRO E 383 15.88 -32.33 -22.02
C PRO E 383 16.99 -31.73 -21.19
N LYS E 384 17.51 -30.61 -21.69
CA LYS E 384 18.58 -29.89 -21.01
C LYS E 384 18.08 -28.80 -20.08
N ASP E 385 16.95 -28.17 -20.39
CA ASP E 385 16.41 -27.09 -19.58
C ASP E 385 15.66 -27.68 -18.39
N HIS E 386 15.99 -27.22 -17.19
CA HIS E 386 15.37 -27.76 -15.99
C HIS E 386 13.94 -27.26 -15.83
N ILE E 387 13.68 -26.02 -16.22
CA ILE E 387 12.38 -25.38 -16.00
C ILE E 387 11.97 -24.63 -17.26
N VAL E 388 10.70 -24.80 -17.65
CA VAL E 388 10.10 -24.05 -18.74
C VAL E 388 8.95 -23.25 -18.16
N ASN E 389 8.46 -22.28 -18.95
CA ASN E 389 7.40 -21.39 -18.51
C ASN E 389 6.06 -21.68 -19.18
N TYR E 390 5.85 -22.90 -19.64
CA TYR E 390 4.56 -23.32 -20.19
C TYR E 390 4.23 -24.72 -19.68
N PRO E 391 2.93 -25.05 -19.58
CA PRO E 391 2.55 -26.35 -19.01
C PRO E 391 2.95 -27.49 -19.93
N ALA E 392 3.09 -28.67 -19.33
CA ALA E 392 3.47 -29.86 -20.08
C ALA E 392 2.41 -30.19 -21.13
N SER E 393 2.87 -30.49 -22.34
CA SER E 393 1.96 -30.80 -23.43
C SER E 393 1.65 -32.28 -23.55
N HIS E 394 2.53 -33.16 -23.08
CA HIS E 394 2.21 -34.57 -23.07
C HIS E 394 1.17 -34.86 -22.00
N THR E 395 0.50 -36.00 -22.14
CA THR E 395 -0.71 -36.25 -21.36
C THR E 395 -0.41 -36.31 -19.86
N THR E 396 0.67 -36.99 -19.48
CA THR E 396 1.03 -37.15 -18.07
C THR E 396 2.34 -37.90 -17.98
N LEU E 397 2.82 -38.10 -16.76
CA LEU E 397 3.96 -38.94 -16.49
C LEU E 397 3.59 -40.42 -16.68
N GLY E 398 4.61 -41.25 -16.85
CA GLY E 398 4.37 -42.67 -16.97
C GLY E 398 3.90 -43.28 -15.67
N VAL E 399 3.21 -44.41 -15.78
CA VAL E 399 2.74 -45.18 -14.63
C VAL E 399 3.57 -46.45 -14.56
N GLN E 400 3.39 -47.21 -13.48
CA GLN E 400 4.20 -48.41 -13.27
C GLN E 400 4.09 -49.38 -14.44
N ASP E 401 2.96 -49.37 -15.15
CA ASP E 401 2.76 -50.26 -16.29
C ASP E 401 3.65 -49.90 -17.47
N ILE E 402 4.22 -48.68 -17.51
CA ILE E 402 4.98 -48.26 -18.67
C ILE E 402 6.36 -47.76 -18.23
N SER E 403 7.37 -48.62 -18.36
CA SER E 403 8.76 -48.22 -18.15
C SER E 403 9.37 -47.85 -19.49
N ALA E 404 10.70 -47.73 -19.54
CA ALA E 404 11.38 -47.48 -20.79
C ALA E 404 11.81 -48.81 -21.41
N THR E 405 12.55 -48.75 -22.52
CA THR E 405 13.25 -49.92 -22.99
C THR E 405 14.41 -50.19 -22.02
N ALA E 406 15.12 -51.30 -22.24
CA ALA E 406 16.06 -51.84 -21.26
C ALA E 406 15.33 -52.23 -19.97
N MET E 407 14.00 -52.29 -20.04
CA MET E 407 13.17 -52.99 -19.08
C MET E 407 13.35 -54.49 -19.21
N SER E 408 13.98 -54.94 -20.30
CA SER E 408 14.29 -56.35 -20.47
C SER E 408 15.22 -56.83 -19.37
N TRP E 409 15.89 -55.90 -18.67
CA TRP E 409 16.59 -56.27 -17.44
C TRP E 409 15.61 -56.83 -16.41
N VAL E 410 14.47 -56.17 -16.23
CA VAL E 410 13.45 -56.66 -15.31
C VAL E 410 12.90 -57.99 -15.79
N GLN E 411 12.66 -58.12 -17.09
CA GLN E 411 12.18 -59.40 -17.63
C GLN E 411 13.18 -60.51 -17.40
N LYS E 412 14.48 -60.24 -17.61
CA LYS E 412 15.49 -61.25 -17.40
C LYS E 412 15.59 -61.66 -15.93
N ILE E 413 15.56 -60.69 -15.03
CA ILE E 413 15.62 -60.99 -13.60
C ILE E 413 14.42 -61.81 -13.17
N THR E 414 13.22 -61.39 -13.58
CA THR E 414 12.00 -62.12 -13.23
C THR E 414 12.03 -63.52 -13.83
N GLY E 415 12.47 -63.65 -15.08
CA GLY E 415 12.54 -64.96 -15.69
C GLY E 415 13.51 -65.89 -14.98
N GLY E 416 14.69 -65.39 -14.62
CA GLY E 416 15.64 -66.23 -13.91
C GLY E 416 15.13 -66.67 -12.55
N VAL E 417 14.60 -65.72 -11.77
CA VAL E 417 14.11 -66.07 -10.43
C VAL E 417 12.92 -67.01 -10.52
N GLY E 418 11.98 -66.73 -11.43
CA GLY E 418 10.83 -67.60 -11.59
C GLY E 418 11.20 -68.98 -12.10
N LEU E 419 12.22 -69.05 -12.96
CA LEU E 419 12.67 -70.35 -13.45
C LEU E 419 13.31 -71.17 -12.34
N VAL E 420 14.11 -70.51 -11.48
CA VAL E 420 14.65 -71.22 -10.32
C VAL E 420 13.52 -71.72 -9.42
N VAL E 421 12.54 -70.86 -9.16
CA VAL E 421 11.40 -71.24 -8.33
C VAL E 421 10.63 -72.39 -8.98
N ALA E 422 10.49 -72.37 -10.31
CA ALA E 422 9.70 -73.38 -11.00
C ALA E 422 10.41 -74.74 -11.00
N VAL E 423 11.73 -74.75 -11.21
CA VAL E 423 12.45 -76.02 -11.16
C VAL E 423 12.46 -76.56 -9.73
N ALA E 424 12.57 -75.67 -8.74
CA ALA E 424 12.46 -76.12 -7.36
C ALA E 424 11.07 -76.70 -7.08
N ALA E 425 10.03 -76.07 -7.62
CA ALA E 425 8.68 -76.59 -7.43
C ALA E 425 8.49 -77.93 -8.11
N LEU E 426 9.07 -78.11 -9.30
CA LEU E 426 9.01 -79.41 -9.98
C LEU E 426 9.69 -80.49 -9.16
N ILE E 427 10.87 -80.18 -8.61
CA ILE E 427 11.58 -81.14 -7.77
C ILE E 427 10.75 -81.47 -6.53
N LEU E 428 10.17 -80.46 -5.91
CA LEU E 428 9.34 -80.68 -4.73
C LEU E 428 8.13 -81.54 -5.04
N ILE E 429 7.48 -81.29 -6.18
CA ILE E 429 6.30 -82.05 -6.55
C ILE E 429 6.68 -83.51 -6.83
N VAL E 430 7.81 -83.72 -7.52
CA VAL E 430 8.26 -85.08 -7.77
C VAL E 430 8.55 -85.81 -6.47
N VAL E 431 9.23 -85.13 -5.54
CA VAL E 431 9.56 -85.75 -4.25
C VAL E 431 8.29 -86.07 -3.47
N LEU E 432 7.32 -85.15 -3.49
CA LEU E 432 6.06 -85.39 -2.77
C LEU E 432 5.29 -86.56 -3.38
N CYS E 433 5.27 -86.65 -4.72
CA CYS E 433 4.62 -87.78 -5.37
C CYS E 433 5.30 -89.09 -5.01
N VAL E 434 6.63 -89.10 -4.97
CA VAL E 434 7.35 -90.30 -4.56
C VAL E 434 7.01 -90.67 -3.12
N SER E 435 6.96 -89.68 -2.24
CA SER E 435 6.64 -89.95 -0.83
C SER E 435 5.24 -90.51 -0.67
N PHE E 436 4.27 -89.94 -1.39
CA PHE E 436 2.91 -90.46 -1.36
C PHE E 436 2.74 -91.76 -2.13
N SER E 437 3.73 -92.14 -2.94
CA SER E 437 3.67 -93.35 -3.73
C SER E 437 4.26 -94.56 -3.02
N ARG E 438 4.66 -94.42 -1.76
CA ARG E 438 5.22 -95.53 -1.01
C ARG E 438 4.13 -96.54 -0.66
N HIS E 439 4.53 -97.56 0.10
CA HIS E 439 3.66 -98.67 0.49
C HIS E 439 3.19 -99.47 -0.72
N TYR F 1 -27.99 -9.18 29.10
CA TYR F 1 -28.25 -10.61 29.19
C TYR F 1 -28.75 -11.16 27.86
N GLU F 2 -28.06 -12.17 27.34
CA GLU F 2 -28.42 -12.78 26.07
C GLU F 2 -29.20 -14.06 26.31
N HIS F 3 -30.42 -14.10 25.77
CA HIS F 3 -31.31 -15.26 25.91
C HIS F 3 -31.51 -15.89 24.55
N VAL F 4 -31.25 -17.19 24.46
CA VAL F 4 -31.33 -17.94 23.21
C VAL F 4 -32.48 -18.94 23.32
N THR F 5 -33.36 -18.93 22.32
CA THR F 5 -34.52 -19.83 22.30
C THR F 5 -34.74 -20.33 20.89
N VAL F 6 -35.64 -21.31 20.77
CA VAL F 6 -36.00 -21.89 19.48
C VAL F 6 -37.52 -21.88 19.38
N ILE F 7 -38.05 -21.41 18.25
CA ILE F 7 -39.50 -21.38 18.05
C ILE F 7 -39.86 -22.11 16.77
N PRO F 8 -40.94 -22.89 16.75
CA PRO F 8 -41.37 -23.52 15.50
C PRO F 8 -41.73 -22.49 14.46
N ASN F 9 -41.53 -22.85 13.19
CA ASN F 9 -41.69 -21.94 12.07
C ASN F 9 -43.15 -21.65 11.73
N THR F 10 -44.10 -22.27 12.43
CA THR F 10 -45.51 -22.05 12.13
C THR F 10 -45.87 -20.57 12.32
N VAL F 11 -46.66 -20.04 11.41
CA VAL F 11 -47.01 -18.63 11.38
C VAL F 11 -48.31 -18.40 12.10
N GLY F 12 -48.33 -17.41 12.99
CA GLY F 12 -49.54 -17.01 13.67
C GLY F 12 -49.80 -17.65 15.02
N VAL F 13 -48.89 -18.50 15.50
CA VAL F 13 -49.05 -19.12 16.80
C VAL F 13 -47.99 -18.56 17.75
N PRO F 14 -48.38 -17.83 18.80
CA PRO F 14 -47.38 -17.27 19.69
C PRO F 14 -46.78 -18.33 20.61
N TYR F 15 -45.49 -18.20 20.88
CA TYR F 15 -44.82 -19.06 21.85
C TYR F 15 -44.17 -18.20 22.92
N LYS F 16 -44.18 -18.70 24.15
CA LYS F 16 -43.74 -17.96 25.31
C LYS F 16 -42.50 -18.61 25.92
N THR F 17 -41.51 -17.78 26.24
CA THR F 17 -40.26 -18.24 26.84
C THR F 17 -40.00 -17.51 28.15
N LEU F 18 -39.39 -18.22 29.09
CA LEU F 18 -39.06 -17.70 30.41
C LEU F 18 -37.60 -17.27 30.44
N VAL F 19 -37.37 -15.97 30.44
CA VAL F 19 -36.06 -15.40 30.71
C VAL F 19 -35.89 -15.36 32.22
N ASN F 20 -35.02 -16.23 32.73
CA ASN F 20 -34.77 -16.36 34.16
C ASN F 20 -33.34 -15.91 34.45
N ARG F 21 -33.20 -14.69 34.92
CA ARG F 21 -31.90 -14.14 35.32
C ARG F 21 -31.81 -14.17 36.83
N PRO F 22 -30.89 -14.97 37.39
CA PRO F 22 -30.79 -15.05 38.85
C PRO F 22 -30.54 -13.69 39.48
N GLY F 23 -31.24 -13.43 40.58
CA GLY F 23 -31.20 -12.13 41.22
C GLY F 23 -32.23 -11.15 40.70
N TYR F 24 -33.02 -11.54 39.71
CA TYR F 24 -34.05 -10.68 39.13
C TYR F 24 -35.35 -11.45 38.99
N SER F 25 -36.46 -10.72 38.94
CA SER F 25 -37.76 -11.34 38.78
C SER F 25 -37.86 -12.00 37.41
N PRO F 26 -38.50 -13.17 37.30
CA PRO F 26 -38.62 -13.83 36.00
C PRO F 26 -39.35 -12.96 34.98
N MET F 27 -38.94 -13.05 33.72
CA MET F 27 -39.60 -12.32 32.64
C MET F 27 -40.12 -13.31 31.63
N VAL F 28 -41.26 -13.00 31.01
CA VAL F 28 -41.89 -13.88 30.04
C VAL F 28 -42.03 -13.11 28.72
N LEU F 29 -41.49 -13.69 27.65
CA LEU F 29 -41.57 -13.10 26.32
C LEU F 29 -42.43 -13.95 25.41
N GLU F 30 -43.42 -13.34 24.81
CA GLU F 30 -44.28 -13.98 23.81
C GLU F 30 -43.86 -13.49 22.44
N MET F 31 -43.46 -14.40 21.57
CA MET F 31 -43.07 -14.05 20.21
C MET F 31 -43.89 -14.86 19.21
N GLU F 32 -44.31 -14.19 18.14
CA GLU F 32 -45.16 -14.78 17.11
C GLU F 32 -44.63 -14.37 15.75
N LEU F 33 -44.39 -15.35 14.89
CA LEU F 33 -43.93 -15.05 13.54
C LEU F 33 -45.10 -14.64 12.66
N LEU F 34 -45.20 -13.35 12.36
CA LEU F 34 -46.28 -12.85 11.53
C LEU F 34 -46.11 -13.18 10.06
N SER F 35 -44.87 -13.28 9.58
CA SER F 35 -44.62 -13.54 8.17
C SER F 35 -43.18 -14.00 7.99
N VAL F 36 -43.00 -15.13 7.34
CA VAL F 36 -41.67 -15.65 6.98
C VAL F 36 -41.62 -15.76 5.47
N THR F 37 -40.64 -15.09 4.85
CA THR F 37 -40.55 -14.99 3.41
C THR F 37 -39.22 -15.58 2.95
N LEU F 38 -39.29 -16.55 2.03
CA LEU F 38 -38.12 -17.10 1.37
C LEU F 38 -38.09 -16.57 -0.06
N GLU F 39 -37.15 -15.69 -0.34
CA GLU F 39 -37.05 -15.07 -1.67
C GLU F 39 -35.84 -15.62 -2.39
N PRO F 40 -36.02 -16.55 -3.33
CA PRO F 40 -34.86 -17.13 -4.02
C PRO F 40 -34.21 -16.11 -4.95
N THR F 41 -32.91 -16.28 -5.14
CA THR F 41 -32.14 -15.42 -6.03
C THR F 41 -32.15 -16.04 -7.43
N LEU F 42 -32.67 -15.30 -8.40
CA LEU F 42 -32.98 -15.83 -9.71
C LEU F 42 -31.97 -15.36 -10.75
N SER F 43 -31.50 -16.31 -11.56
CA SER F 43 -30.69 -16.03 -12.73
C SER F 43 -31.50 -16.38 -13.96
N LEU F 44 -31.84 -15.38 -14.75
CA LEU F 44 -32.77 -15.58 -15.85
C LEU F 44 -32.12 -16.38 -16.97
N ASP F 45 -32.68 -17.56 -17.25
CA ASP F 45 -32.22 -18.34 -18.39
C ASP F 45 -32.69 -17.76 -19.71
N TYR F 46 -34.01 -17.67 -19.92
CA TYR F 46 -34.46 -17.05 -21.16
C TYR F 46 -35.91 -16.64 -21.08
N ILE F 47 -36.42 -16.12 -22.19
CA ILE F 47 -37.77 -15.61 -22.33
C ILE F 47 -38.41 -16.36 -23.49
N THR F 48 -39.61 -16.89 -23.27
CA THR F 48 -40.38 -17.53 -24.33
C THR F 48 -41.70 -16.79 -24.51
N CYS F 49 -42.24 -16.86 -25.72
CA CYS F 49 -43.45 -16.12 -26.05
C CYS F 49 -44.06 -16.72 -27.31
N GLU F 50 -45.03 -16.01 -27.87
CA GLU F 50 -45.61 -16.43 -29.14
C GLU F 50 -44.77 -15.92 -30.30
N TYR F 51 -44.55 -16.78 -31.28
CA TYR F 51 -43.85 -16.38 -32.50
C TYR F 51 -44.83 -15.79 -33.50
N LYS F 52 -44.27 -15.22 -34.57
CA LYS F 52 -45.04 -14.68 -35.68
C LYS F 52 -44.37 -15.14 -36.97
N THR F 53 -45.14 -15.77 -37.84
CA THR F 53 -44.62 -16.21 -39.12
C THR F 53 -44.78 -15.08 -40.13
N VAL F 54 -43.66 -14.52 -40.55
CA VAL F 54 -43.63 -13.45 -41.54
C VAL F 54 -43.52 -14.09 -42.91
N ILE F 55 -44.52 -13.86 -43.75
CA ILE F 55 -44.55 -14.37 -45.12
C ILE F 55 -44.70 -13.18 -46.07
N PRO F 56 -43.63 -12.75 -46.72
CA PRO F 56 -43.76 -11.70 -47.73
C PRO F 56 -44.49 -12.23 -48.97
N SER F 57 -44.91 -11.31 -49.81
CA SER F 57 -45.67 -11.68 -51.00
C SER F 57 -44.83 -12.61 -51.87
N PRO F 58 -45.43 -13.67 -52.41
CA PRO F 58 -44.67 -14.59 -53.26
C PRO F 58 -44.28 -13.93 -54.58
N TYR F 59 -43.20 -14.41 -55.16
CA TYR F 59 -42.75 -13.97 -56.47
C TYR F 59 -43.23 -14.96 -57.51
N VAL F 60 -43.70 -14.44 -58.64
CA VAL F 60 -44.19 -15.28 -59.74
C VAL F 60 -43.42 -14.91 -60.99
N LYS F 61 -42.53 -15.79 -61.42
CA LYS F 61 -41.80 -15.63 -62.67
C LYS F 61 -42.67 -16.23 -63.78
N CYS F 62 -43.09 -15.38 -64.72
CA CYS F 62 -44.10 -15.78 -65.70
C CYS F 62 -43.57 -16.83 -66.66
N CYS F 63 -42.40 -16.61 -67.25
CA CYS F 63 -41.88 -17.60 -68.19
C CYS F 63 -40.39 -17.80 -67.85
N GLY F 64 -40.14 -18.78 -67.01
CA GLY F 64 -38.81 -19.03 -66.50
C GLY F 64 -38.88 -19.57 -65.09
N THR F 65 -37.71 -19.97 -64.59
CA THR F 65 -37.60 -20.56 -63.26
C THR F 65 -36.92 -19.56 -62.34
N ALA F 66 -37.56 -19.28 -61.21
CA ALA F 66 -36.96 -18.42 -60.20
C ALA F 66 -36.16 -19.25 -59.21
N GLU F 67 -35.16 -18.62 -58.61
CA GLU F 67 -34.31 -19.24 -57.62
C GLU F 67 -34.12 -18.29 -56.45
N CYS F 68 -33.83 -18.84 -55.28
CA CYS F 68 -33.66 -18.01 -54.10
C CYS F 68 -32.31 -18.25 -53.45
N LYS F 69 -31.99 -17.41 -52.47
CA LYS F 69 -30.72 -17.42 -51.78
C LYS F 69 -30.94 -17.64 -50.29
N ASP F 70 -30.03 -18.38 -49.67
CA ASP F 70 -30.15 -18.62 -48.23
C ASP F 70 -29.94 -17.33 -47.45
N LYS F 71 -30.59 -17.23 -46.30
CA LYS F 71 -30.53 -16.05 -45.46
C LYS F 71 -30.32 -16.47 -44.02
N ASN F 72 -29.83 -15.51 -43.22
CA ASN F 72 -29.56 -15.74 -41.80
C ASN F 72 -30.78 -15.56 -40.90
N LEU F 73 -31.97 -15.46 -41.49
CA LEU F 73 -33.19 -15.20 -40.74
C LEU F 73 -33.49 -16.36 -39.80
N PRO F 74 -34.19 -16.13 -38.69
CA PRO F 74 -34.24 -17.15 -37.62
C PRO F 74 -34.71 -18.52 -38.05
N ASP F 75 -35.72 -18.60 -38.90
CA ASP F 75 -36.19 -19.89 -39.41
C ASP F 75 -36.50 -19.77 -40.90
N TYR F 76 -35.60 -19.13 -41.63
CA TYR F 76 -35.85 -18.85 -43.04
C TYR F 76 -36.05 -20.14 -43.82
N SER F 77 -37.12 -20.17 -44.61
CA SER F 77 -37.41 -21.31 -45.47
C SER F 77 -37.92 -20.78 -46.80
N CYS F 78 -37.27 -21.22 -47.88
CA CYS F 78 -37.65 -20.84 -49.24
C CYS F 78 -37.92 -22.07 -50.06
N LYS F 79 -38.75 -21.92 -51.09
CA LYS F 79 -38.99 -23.00 -52.02
C LYS F 79 -39.56 -22.43 -53.31
N VAL F 80 -39.16 -23.03 -54.44
CA VAL F 80 -39.68 -22.67 -55.75
C VAL F 80 -40.54 -23.81 -56.25
N PHE F 81 -41.72 -23.48 -56.76
CA PHE F 81 -42.66 -24.45 -57.29
C PHE F 81 -42.83 -24.20 -58.79
N THR F 82 -42.75 -25.28 -59.56
CA THR F 82 -42.86 -25.21 -61.01
C THR F 82 -44.25 -25.64 -61.46
N GLY F 83 -44.61 -25.21 -62.66
CA GLY F 83 -45.90 -25.56 -63.23
C GLY F 83 -47.08 -24.96 -62.50
N VAL F 84 -46.97 -23.72 -62.05
CA VAL F 84 -48.07 -23.01 -61.40
C VAL F 84 -48.73 -22.12 -62.44
N TYR F 85 -50.05 -22.00 -62.37
CA TYR F 85 -50.82 -21.15 -63.28
C TYR F 85 -51.75 -20.31 -62.42
N PRO F 86 -51.22 -19.36 -61.67
CA PRO F 86 -52.05 -18.59 -60.73
C PRO F 86 -53.01 -17.67 -61.46
N PHE F 87 -54.11 -17.37 -60.78
CA PHE F 87 -55.14 -16.47 -61.28
C PHE F 87 -55.33 -15.30 -60.32
N MET F 88 -55.37 -14.09 -60.87
CA MET F 88 -55.84 -12.93 -60.14
C MET F 88 -57.32 -12.73 -60.44
N TRP F 89 -57.91 -11.71 -59.82
CA TRP F 89 -59.35 -11.52 -59.96
C TRP F 89 -59.74 -11.23 -61.40
N GLY F 90 -58.84 -10.65 -62.19
CA GLY F 90 -59.13 -10.30 -63.56
C GLY F 90 -58.82 -11.36 -64.59
N GLY F 91 -58.32 -12.53 -64.18
CA GLY F 91 -58.02 -13.59 -65.08
C GLY F 91 -56.64 -14.16 -64.81
N ALA F 92 -56.10 -14.86 -65.80
CA ALA F 92 -54.77 -15.44 -65.67
C ALA F 92 -53.73 -14.36 -65.48
N TYR F 93 -52.69 -14.66 -64.70
CA TYR F 93 -51.72 -13.65 -64.32
C TYR F 93 -50.94 -13.14 -65.53
N CYS F 94 -50.52 -14.04 -66.42
CA CYS F 94 -49.72 -13.64 -67.57
C CYS F 94 -49.75 -14.73 -68.64
N PHE F 95 -49.14 -14.40 -69.79
CA PHE F 95 -49.25 -15.25 -70.97
C PHE F 95 -48.67 -16.64 -70.75
N CYS F 96 -47.37 -16.71 -70.45
CA CYS F 96 -46.71 -18.01 -70.35
C CYS F 96 -47.46 -18.88 -69.36
N ASP F 97 -47.83 -20.09 -69.79
CA ASP F 97 -48.89 -20.83 -69.11
C ASP F 97 -48.39 -21.96 -68.23
N ALA F 98 -47.38 -22.71 -68.62
CA ALA F 98 -46.97 -23.86 -67.81
C ALA F 98 -45.57 -23.74 -67.26
N GLU F 99 -44.82 -22.78 -67.73
CA GLU F 99 -43.46 -22.65 -67.31
C GLU F 99 -43.35 -21.73 -66.12
N ASN F 100 -44.46 -21.18 -65.67
CA ASN F 100 -44.40 -20.22 -64.60
C ASN F 100 -43.86 -20.85 -63.34
N THR F 101 -43.14 -20.10 -62.53
CA THR F 101 -42.66 -20.62 -61.27
C THR F 101 -42.99 -19.64 -60.15
N GLN F 102 -43.20 -20.19 -58.96
CA GLN F 102 -43.52 -19.38 -57.79
C GLN F 102 -42.42 -19.55 -56.75
N LEU F 103 -41.78 -18.45 -56.40
CA LEU F 103 -40.84 -18.39 -55.29
C LEU F 103 -41.62 -17.99 -54.04
N SER F 104 -41.62 -18.86 -53.04
CA SER F 104 -42.31 -18.61 -51.79
C SER F 104 -41.33 -18.73 -50.64
N GLU F 105 -41.29 -17.72 -49.78
CA GLU F 105 -40.35 -17.66 -48.68
C GLU F 105 -41.06 -17.21 -47.42
N ALA F 106 -40.56 -17.67 -46.28
CA ALA F 106 -41.15 -17.29 -45.01
C ALA F 106 -40.11 -17.44 -43.91
N HIS F 107 -40.33 -16.76 -42.79
CA HIS F 107 -39.47 -16.90 -41.64
C HIS F 107 -40.25 -16.62 -40.38
N VAL F 108 -39.57 -16.70 -39.24
CA VAL F 108 -40.21 -16.59 -37.93
C VAL F 108 -39.51 -15.50 -37.13
N GLU F 109 -40.30 -14.58 -36.58
CA GLU F 109 -39.79 -13.54 -35.70
C GLU F 109 -40.58 -13.57 -34.41
N LYS F 110 -39.92 -13.32 -33.29
CA LYS F 110 -40.66 -13.24 -32.03
C LYS F 110 -41.58 -12.03 -32.06
N SER F 111 -42.82 -12.25 -31.66
CA SER F 111 -43.86 -11.24 -31.87
C SER F 111 -43.63 -10.03 -30.99
N GLU F 112 -44.28 -8.92 -31.36
CA GLU F 112 -44.29 -7.77 -30.48
C GLU F 112 -44.98 -8.07 -29.16
N SER F 113 -46.00 -8.93 -29.19
CA SER F 113 -46.67 -9.36 -27.97
C SER F 113 -45.72 -10.04 -26.99
N CYS F 114 -44.50 -10.35 -27.40
CA CYS F 114 -43.50 -10.88 -26.47
C CYS F 114 -43.11 -9.86 -25.42
N LYS F 115 -43.44 -8.58 -25.61
CA LYS F 115 -43.11 -7.58 -24.60
C LYS F 115 -44.02 -7.69 -23.39
N THR F 116 -45.25 -8.16 -23.56
CA THR F 116 -46.22 -8.22 -22.47
C THR F 116 -46.69 -9.61 -22.12
N GLU F 117 -46.92 -10.49 -23.10
CA GLU F 117 -47.37 -11.85 -22.85
C GLU F 117 -46.19 -12.78 -23.09
N PHE F 118 -45.46 -13.11 -22.02
CA PHE F 118 -44.30 -13.96 -22.14
C PHE F 118 -44.12 -14.75 -20.85
N ALA F 119 -43.39 -15.85 -20.95
CA ALA F 119 -43.02 -16.66 -19.80
C ALA F 119 -41.51 -16.60 -19.61
N SER F 120 -41.08 -16.43 -18.36
CA SER F 120 -39.68 -16.28 -18.04
C SER F 120 -39.16 -17.58 -17.45
N ALA F 121 -38.18 -18.19 -18.09
CA ALA F 121 -37.54 -19.39 -17.57
C ALA F 121 -36.32 -18.98 -16.77
N TYR F 122 -36.35 -19.25 -15.47
CA TYR F 122 -35.33 -18.84 -14.51
C TYR F 122 -34.66 -20.06 -13.89
N ARG F 123 -33.50 -19.83 -13.29
CA ARG F 123 -32.86 -20.78 -12.39
C ARG F 123 -32.80 -20.17 -10.99
N ALA F 124 -33.19 -20.94 -9.99
CA ALA F 124 -33.17 -20.49 -8.61
C ALA F 124 -32.11 -21.25 -7.82
N HIS F 125 -31.39 -20.53 -6.97
CA HIS F 125 -30.27 -21.15 -6.26
C HIS F 125 -30.52 -21.29 -4.77
N THR F 126 -30.73 -20.17 -4.08
CA THR F 126 -30.85 -20.15 -2.63
C THR F 126 -31.81 -19.04 -2.23
N ALA F 127 -32.35 -19.16 -1.01
CA ALA F 127 -33.33 -18.23 -0.50
C ALA F 127 -32.74 -17.43 0.66
N SER F 128 -32.95 -16.12 0.64
CA SER F 128 -32.54 -15.24 1.73
C SER F 128 -33.76 -15.00 2.61
N ALA F 129 -33.98 -15.92 3.55
CA ALA F 129 -35.19 -15.89 4.36
C ALA F 129 -35.24 -14.64 5.24
N SER F 130 -36.40 -14.00 5.27
CA SER F 130 -36.62 -12.86 6.14
C SER F 130 -37.89 -13.11 6.94
N ALA F 131 -37.96 -12.49 8.11
CA ALA F 131 -39.05 -12.77 9.03
C ALA F 131 -39.52 -11.47 9.68
N LYS F 132 -40.83 -11.38 9.85
CA LYS F 132 -41.47 -10.33 10.63
C LYS F 132 -41.95 -10.97 11.92
N LEU F 133 -41.48 -10.46 13.05
CA LEU F 133 -41.70 -11.08 14.35
C LEU F 133 -42.35 -10.07 15.29
N ARG F 134 -43.42 -10.49 15.95
CA ARG F 134 -44.12 -9.67 16.93
C ARG F 134 -43.75 -10.17 18.31
N VAL F 135 -43.22 -9.27 19.15
CA VAL F 135 -42.70 -9.60 20.47
C VAL F 135 -43.44 -8.77 21.51
N LEU F 136 -43.92 -9.43 22.55
CA LEU F 136 -44.54 -8.77 23.69
C LEU F 136 -43.44 -8.45 24.69
N TYR F 137 -42.84 -7.28 24.55
CA TYR F 137 -41.67 -6.88 25.33
C TYR F 137 -42.06 -5.73 26.23
N GLN F 138 -41.82 -5.89 27.53
CA GLN F 138 -42.15 -4.89 28.54
C GLN F 138 -43.62 -4.48 28.49
N GLY F 139 -44.49 -5.43 28.17
CA GLY F 139 -45.92 -5.16 28.09
C GLY F 139 -46.36 -4.47 26.81
N ASN F 140 -45.45 -4.21 25.88
CA ASN F 140 -45.78 -3.54 24.64
C ASN F 140 -45.50 -4.45 23.45
N ASN F 141 -46.31 -4.27 22.40
CA ASN F 141 -46.16 -5.06 21.19
C ASN F 141 -45.18 -4.36 20.26
N ILE F 142 -44.06 -5.02 19.97
CA ILE F 142 -43.05 -4.49 19.07
C ILE F 142 -42.91 -5.42 17.88
N THR F 143 -42.48 -4.86 16.75
CA THR F 143 -42.36 -5.62 15.50
C THR F 143 -40.95 -5.46 14.98
N VAL F 144 -40.30 -6.59 14.69
CA VAL F 144 -38.94 -6.60 14.17
C VAL F 144 -38.93 -7.36 12.85
N THR F 145 -38.41 -6.73 11.81
CA THR F 145 -38.21 -7.37 10.51
C THR F 145 -36.73 -7.62 10.33
N ALA F 146 -36.35 -8.88 10.17
CA ALA F 146 -34.94 -9.24 10.15
C ALA F 146 -34.72 -10.41 9.22
N TYR F 147 -33.58 -10.40 8.54
CA TYR F 147 -33.21 -11.53 7.70
C TYR F 147 -32.91 -12.74 8.55
N ALA F 148 -33.44 -13.89 8.14
CA ALA F 148 -33.40 -15.10 8.94
C ALA F 148 -32.16 -15.94 8.66
N ASN F 149 -31.11 -15.34 8.11
CA ASN F 149 -29.87 -16.05 7.85
C ASN F 149 -28.94 -16.07 9.05
N GLY F 150 -29.38 -15.54 10.19
CA GLY F 150 -28.56 -15.48 11.38
C GLY F 150 -27.55 -14.35 11.41
N ASP F 151 -27.61 -13.43 10.46
CA ASP F 151 -26.63 -12.35 10.35
C ASP F 151 -27.26 -10.98 10.19
N HIS F 152 -28.39 -10.73 10.85
CA HIS F 152 -28.99 -9.40 10.88
C HIS F 152 -29.35 -9.06 12.31
N ALA F 153 -28.83 -7.93 12.80
CA ALA F 153 -29.12 -7.45 14.14
C ALA F 153 -30.12 -6.31 14.05
N VAL F 154 -31.26 -6.47 14.71
CA VAL F 154 -32.29 -5.43 14.74
C VAL F 154 -32.45 -4.96 16.17
N THR F 155 -32.23 -3.67 16.40
CA THR F 155 -32.31 -3.08 17.73
C THR F 155 -33.57 -2.24 17.81
N VAL F 156 -34.47 -2.61 18.72
CA VAL F 156 -35.65 -1.82 19.04
C VAL F 156 -35.74 -1.68 20.55
N LYS F 157 -35.91 -0.45 21.02
CA LYS F 157 -36.02 -0.15 22.45
C LYS F 157 -34.81 -0.71 23.20
N ASP F 158 -33.62 -0.53 22.62
CA ASP F 158 -32.32 -0.92 23.18
C ASP F 158 -32.17 -2.44 23.20
N ALA F 159 -33.19 -3.19 22.79
CA ALA F 159 -33.15 -4.64 22.77
C ALA F 159 -32.70 -5.10 21.39
N LYS F 160 -31.74 -6.02 21.36
CA LYS F 160 -31.15 -6.49 20.11
C LYS F 160 -31.68 -7.89 19.77
N PHE F 161 -32.05 -8.08 18.51
CA PHE F 161 -32.61 -9.35 18.04
C PHE F 161 -31.74 -9.89 16.91
N ILE F 162 -31.35 -11.17 17.05
CA ILE F 162 -30.73 -11.94 15.99
C ILE F 162 -31.66 -13.10 15.66
N VAL F 163 -32.04 -13.22 14.38
CA VAL F 163 -33.01 -14.21 13.94
C VAL F 163 -32.31 -15.15 12.96
N GLY F 164 -32.40 -16.44 13.23
CA GLY F 164 -31.83 -17.39 12.32
C GLY F 164 -30.57 -17.94 12.90
N PRO F 165 -29.97 -18.94 12.27
CA PRO F 165 -30.23 -19.45 10.93
C PRO F 165 -31.30 -20.51 10.94
N MET F 166 -32.20 -20.48 9.97
CA MET F 166 -33.31 -21.42 9.96
C MET F 166 -32.82 -22.81 9.81
N SER F 167 -33.39 -23.74 10.55
CA SER F 167 -32.92 -25.10 10.52
C SER F 167 -33.07 -25.79 9.22
N SER F 168 -34.18 -25.60 8.54
CA SER F 168 -34.39 -26.35 7.32
C SER F 168 -34.25 -25.55 6.07
N ALA F 169 -33.41 -26.03 5.17
CA ALA F 169 -33.15 -25.29 3.94
C ALA F 169 -34.14 -25.65 2.84
N TRP F 170 -35.24 -26.30 3.17
CA TRP F 170 -36.20 -26.72 2.17
C TRP F 170 -36.91 -25.51 1.57
N THR F 171 -37.00 -25.50 0.25
CA THR F 171 -37.71 -24.47 -0.49
C THR F 171 -38.60 -25.13 -1.53
N PRO F 172 -39.79 -24.56 -1.79
CA PRO F 172 -40.70 -25.18 -2.77
C PRO F 172 -40.18 -25.13 -4.19
N PHE F 173 -39.21 -24.27 -4.49
CA PHE F 173 -38.68 -24.14 -5.84
C PHE F 173 -37.54 -25.12 -6.06
N ASP F 174 -37.56 -25.79 -7.22
CA ASP F 174 -36.39 -26.55 -7.64
C ASP F 174 -35.41 -25.62 -8.35
N ASN F 175 -34.42 -26.23 -9.01
CA ASN F 175 -33.37 -25.43 -9.65
C ASN F 175 -33.90 -24.60 -10.81
N LYS F 176 -34.86 -25.12 -11.56
CA LYS F 176 -35.32 -24.47 -12.80
C LYS F 176 -36.82 -24.24 -12.70
N ILE F 177 -37.25 -22.99 -12.85
CA ILE F 177 -38.64 -22.61 -12.68
C ILE F 177 -39.07 -21.75 -13.86
N VAL F 178 -40.39 -21.56 -13.96
CA VAL F 178 -41.00 -20.72 -14.99
C VAL F 178 -41.98 -19.77 -14.31
N VAL F 179 -41.89 -18.49 -14.65
CA VAL F 179 -42.77 -17.46 -14.08
C VAL F 179 -43.60 -16.88 -15.20
N TYR F 180 -44.92 -16.86 -15.01
CA TYR F 180 -45.84 -16.23 -15.96
C TYR F 180 -46.88 -15.46 -15.18
N LYS F 181 -46.94 -14.14 -15.38
CA LYS F 181 -47.81 -13.27 -14.62
C LYS F 181 -47.58 -13.48 -13.13
N GLY F 182 -48.59 -13.94 -12.42
CA GLY F 182 -48.49 -14.23 -11.00
C GLY F 182 -48.37 -15.70 -10.64
N ASP F 183 -48.02 -16.55 -11.60
CA ASP F 183 -47.98 -18.00 -11.40
C ASP F 183 -46.57 -18.50 -11.59
N VAL F 184 -46.13 -19.38 -10.70
CA VAL F 184 -44.79 -19.96 -10.73
C VAL F 184 -44.93 -21.47 -10.88
N TYR F 185 -44.20 -22.05 -11.83
CA TYR F 185 -44.26 -23.46 -12.14
C TYR F 185 -42.88 -24.09 -12.02
N ASN F 186 -42.86 -25.34 -11.58
CA ASN F 186 -41.63 -26.11 -11.41
C ASN F 186 -41.55 -27.11 -12.55
N MET F 187 -40.81 -26.76 -13.59
CA MET F 187 -40.71 -27.61 -14.78
C MET F 187 -39.29 -27.55 -15.31
N ASP F 188 -38.89 -28.62 -15.99
CA ASP F 188 -37.56 -28.71 -16.59
C ASP F 188 -37.66 -28.27 -18.04
N TYR F 189 -37.56 -26.97 -18.24
CA TYR F 189 -37.65 -26.41 -19.58
C TYR F 189 -36.45 -26.85 -20.41
N PRO F 190 -36.62 -26.96 -21.73
CA PRO F 190 -35.51 -27.42 -22.56
C PRO F 190 -34.37 -26.42 -22.53
N PRO F 191 -33.14 -26.89 -22.72
CA PRO F 191 -31.99 -25.98 -22.69
C PRO F 191 -32.05 -24.98 -23.82
N PHE F 192 -31.46 -23.81 -23.60
CA PHE F 192 -31.48 -22.75 -24.60
C PHE F 192 -30.85 -23.21 -25.91
N GLY F 193 -31.49 -22.87 -27.02
CA GLY F 193 -31.00 -23.24 -28.32
C GLY F 193 -31.29 -24.67 -28.72
N ALA F 194 -32.01 -25.43 -27.90
CA ALA F 194 -32.32 -26.82 -28.21
C ALA F 194 -33.80 -27.08 -27.88
N GLY F 195 -34.65 -26.12 -28.21
CA GLY F 195 -36.07 -26.27 -28.02
C GLY F 195 -36.69 -27.19 -29.06
N ARG F 196 -37.92 -27.63 -28.77
CA ARG F 196 -38.60 -28.55 -29.66
C ARG F 196 -39.89 -27.93 -30.17
N PRO F 197 -40.27 -28.20 -31.41
CA PRO F 197 -41.44 -27.55 -31.99
C PRO F 197 -42.73 -27.97 -31.28
N GLY F 198 -43.66 -27.02 -31.18
CA GLY F 198 -44.97 -27.28 -30.63
C GLY F 198 -45.03 -27.43 -29.14
N GLN F 199 -43.91 -27.32 -28.44
CA GLN F 199 -43.86 -27.45 -27.00
C GLN F 199 -43.35 -26.15 -26.39
N PHE F 200 -43.27 -26.13 -25.05
CA PHE F 200 -42.77 -24.96 -24.36
C PHE F 200 -41.33 -24.69 -24.76
N GLY F 201 -41.05 -23.43 -25.09
CA GLY F 201 -39.71 -23.05 -25.48
C GLY F 201 -39.34 -23.35 -26.91
N ASP F 202 -40.32 -23.40 -27.82
CA ASP F 202 -39.98 -23.56 -29.23
C ASP F 202 -39.29 -22.32 -29.78
N ILE F 203 -39.68 -21.14 -29.30
CA ILE F 203 -39.02 -19.89 -29.64
C ILE F 203 -38.47 -19.29 -28.35
N GLN F 204 -37.20 -18.89 -28.39
CA GLN F 204 -36.49 -18.49 -27.17
C GLN F 204 -35.68 -17.23 -27.44
N SER F 205 -35.60 -16.38 -26.43
CA SER F 205 -34.79 -15.17 -26.49
C SER F 205 -34.33 -14.84 -25.08
N ARG F 206 -33.11 -14.31 -24.98
CA ARG F 206 -32.51 -14.09 -23.66
C ARG F 206 -33.25 -13.00 -22.89
N THR F 207 -33.65 -11.93 -23.55
CA THR F 207 -34.40 -10.85 -22.94
C THR F 207 -35.56 -10.49 -23.84
N PRO F 208 -36.62 -9.90 -23.29
CA PRO F 208 -37.78 -9.54 -24.12
C PRO F 208 -37.44 -8.61 -25.26
N GLU F 209 -36.44 -7.74 -25.10
CA GLU F 209 -36.04 -6.82 -26.16
C GLU F 209 -34.87 -7.32 -26.99
N SER F 210 -34.33 -8.50 -26.67
CA SER F 210 -33.20 -9.03 -27.43
C SER F 210 -33.60 -9.25 -28.89
N LYS F 211 -32.66 -8.98 -29.80
CA LYS F 211 -32.92 -9.08 -31.22
C LYS F 211 -32.59 -10.46 -31.77
N ASP F 212 -31.81 -11.27 -31.06
CA ASP F 212 -31.53 -12.63 -31.46
C ASP F 212 -32.71 -13.51 -31.03
N VAL F 213 -33.03 -14.51 -31.86
CA VAL F 213 -34.20 -15.35 -31.66
C VAL F 213 -33.85 -16.75 -32.12
N TYR F 214 -33.88 -17.71 -31.20
CA TYR F 214 -33.81 -19.11 -31.59
C TYR F 214 -35.23 -19.67 -31.69
N ALA F 215 -35.60 -20.09 -32.90
CA ALA F 215 -36.95 -20.58 -33.15
C ALA F 215 -36.88 -21.89 -33.90
N ASN F 216 -37.67 -22.86 -33.45
CA ASN F 216 -37.75 -24.18 -34.07
C ASN F 216 -39.23 -24.53 -34.16
N THR F 217 -39.84 -24.21 -35.29
CA THR F 217 -41.27 -24.43 -35.48
C THR F 217 -41.59 -25.35 -36.63
N GLN F 218 -40.59 -25.98 -37.24
CA GLN F 218 -40.79 -26.90 -38.37
C GLN F 218 -41.56 -26.23 -39.50
N LEU F 219 -41.21 -24.98 -39.78
CA LEU F 219 -41.86 -24.24 -40.85
C LEU F 219 -41.50 -24.87 -42.19
N VAL F 220 -42.47 -25.55 -42.79
CA VAL F 220 -42.30 -26.21 -44.07
C VAL F 220 -43.32 -25.65 -45.04
N LEU F 221 -42.84 -25.15 -46.18
CA LEU F 221 -43.72 -24.59 -47.19
C LEU F 221 -44.32 -25.68 -48.05
N GLN F 222 -45.59 -25.50 -48.42
CA GLN F 222 -46.32 -26.47 -49.22
C GLN F 222 -46.69 -25.86 -50.57
N ARG F 223 -47.07 -26.74 -51.49
CA ARG F 223 -47.43 -26.30 -52.83
C ARG F 223 -48.68 -25.43 -52.79
N PRO F 224 -48.67 -24.25 -53.41
CA PRO F 224 -49.89 -23.44 -53.47
C PRO F 224 -50.96 -24.15 -54.29
N ALA F 225 -52.22 -23.89 -53.94
CA ALA F 225 -53.33 -24.48 -54.66
C ALA F 225 -53.36 -23.95 -56.10
N ALA F 226 -53.82 -24.80 -57.01
CA ALA F 226 -53.86 -24.43 -58.42
C ALA F 226 -54.79 -23.23 -58.63
N GLY F 227 -54.31 -22.25 -59.39
CA GLY F 227 -55.09 -21.07 -59.67
C GLY F 227 -55.18 -20.07 -58.55
N THR F 228 -54.28 -20.15 -57.56
CA THR F 228 -54.28 -19.23 -56.44
C THR F 228 -52.86 -18.72 -56.21
N VAL F 229 -52.77 -17.61 -55.48
CA VAL F 229 -51.49 -16.95 -55.21
C VAL F 229 -51.12 -16.99 -53.74
N HIS F 230 -51.84 -17.76 -52.93
CA HIS F 230 -51.54 -17.84 -51.52
C HIS F 230 -50.25 -18.62 -51.28
N VAL F 231 -49.70 -18.46 -50.08
CA VAL F 231 -48.50 -19.19 -49.68
C VAL F 231 -48.85 -20.11 -48.51
N PRO F 232 -49.12 -21.38 -48.76
CA PRO F 232 -49.45 -22.30 -47.67
C PRO F 232 -48.21 -22.76 -46.94
N TYR F 233 -48.39 -23.13 -45.68
CA TYR F 233 -47.27 -23.61 -44.89
C TYR F 233 -47.79 -24.55 -43.81
N SER F 234 -46.97 -25.53 -43.47
CA SER F 234 -47.23 -26.45 -42.37
C SER F 234 -46.28 -26.10 -41.24
N GLN F 235 -46.83 -25.79 -40.07
CA GLN F 235 -46.02 -25.30 -38.96
C GLN F 235 -46.61 -25.78 -37.65
N ALA F 236 -45.73 -26.21 -36.75
CA ALA F 236 -46.18 -26.56 -35.41
C ALA F 236 -46.68 -25.31 -34.70
N PRO F 237 -47.88 -25.34 -34.14
CA PRO F 237 -48.41 -24.12 -33.50
C PRO F 237 -47.54 -23.70 -32.32
N SER F 238 -47.69 -22.42 -31.95
CA SER F 238 -46.86 -21.85 -30.90
C SER F 238 -46.98 -22.65 -29.61
N GLY F 239 -45.84 -23.17 -29.14
CA GLY F 239 -45.84 -23.97 -27.93
C GLY F 239 -46.15 -23.17 -26.69
N PHE F 240 -45.93 -21.86 -26.71
CA PHE F 240 -46.33 -21.03 -25.58
C PHE F 240 -47.84 -21.07 -25.38
N LYS F 241 -48.61 -20.96 -26.46
CA LYS F 241 -50.07 -21.02 -26.32
C LYS F 241 -50.52 -22.39 -25.86
N TYR F 242 -49.92 -23.46 -26.38
CA TYR F 242 -50.27 -24.80 -25.93
C TYR F 242 -49.96 -24.98 -24.45
N TRP F 243 -48.84 -24.44 -23.99
CA TRP F 243 -48.53 -24.49 -22.57
C TRP F 243 -49.55 -23.70 -21.77
N LEU F 244 -49.94 -22.53 -22.26
CA LEU F 244 -50.93 -21.71 -21.56
C LEU F 244 -52.24 -22.44 -21.40
N LYS F 245 -52.70 -23.11 -22.47
CA LYS F 245 -53.97 -23.84 -22.38
C LYS F 245 -53.83 -25.09 -21.54
N GLU F 246 -52.61 -25.57 -21.30
CA GLU F 246 -52.37 -26.79 -20.55
C GLU F 246 -51.37 -26.60 -19.41
N ARG F 247 -51.42 -25.46 -18.72
CA ARG F 247 -50.44 -25.16 -17.68
C ARG F 247 -50.51 -26.15 -16.54
N GLY F 248 -51.72 -26.50 -16.12
CA GLY F 248 -51.87 -27.25 -14.89
C GLY F 248 -51.98 -26.31 -13.69
N ALA F 249 -51.67 -26.87 -12.53
CA ALA F 249 -51.78 -26.10 -11.30
C ALA F 249 -50.44 -25.46 -10.94
N SER F 250 -50.50 -24.21 -10.51
CA SER F 250 -49.30 -23.45 -10.15
C SER F 250 -48.74 -23.93 -8.81
N LEU F 251 -47.67 -23.28 -8.38
CA LEU F 251 -47.07 -23.63 -7.09
C LEU F 251 -47.93 -23.21 -5.91
N GLN F 252 -48.57 -22.05 -6.00
CA GLN F 252 -49.35 -21.58 -4.86
C GLN F 252 -50.53 -22.49 -4.57
N HIS F 253 -50.87 -23.39 -5.48
CA HIS F 253 -51.92 -24.37 -5.26
C HIS F 253 -51.40 -25.78 -4.99
N THR F 254 -50.10 -26.03 -5.21
CA THR F 254 -49.54 -27.37 -5.03
C THR F 254 -48.32 -27.42 -4.14
N ALA F 255 -47.83 -26.29 -3.64
CA ALA F 255 -46.61 -26.30 -2.86
C ALA F 255 -46.84 -27.03 -1.53
N PRO F 256 -45.86 -27.82 -1.07
CA PRO F 256 -46.01 -28.47 0.24
C PRO F 256 -45.86 -27.46 1.38
N PHE F 257 -46.18 -27.93 2.58
CA PHE F 257 -46.07 -27.13 3.81
C PHE F 257 -46.91 -25.87 3.77
N GLY F 258 -47.90 -25.80 2.88
CA GLY F 258 -48.78 -24.65 2.83
C GLY F 258 -48.12 -23.36 2.42
N CYS F 259 -47.04 -23.44 1.64
CA CYS F 259 -46.35 -22.22 1.21
C CYS F 259 -47.23 -21.41 0.28
N GLN F 260 -47.15 -20.09 0.40
CA GLN F 260 -47.82 -19.19 -0.53
C GLN F 260 -46.79 -18.61 -1.49
N ILE F 261 -47.00 -18.83 -2.78
CA ILE F 261 -46.03 -18.44 -3.80
C ILE F 261 -46.50 -17.13 -4.42
N ALA F 262 -45.60 -16.17 -4.52
CA ALA F 262 -45.91 -14.87 -5.07
C ALA F 262 -44.82 -14.49 -6.07
N THR F 263 -45.13 -13.49 -6.90
CA THR F 263 -44.22 -13.02 -7.92
C THR F 263 -43.94 -11.54 -7.74
N ASN F 264 -42.91 -11.06 -8.42
CA ASN F 264 -42.53 -9.65 -8.46
C ASN F 264 -42.27 -9.09 -7.06
N PRO F 265 -41.19 -9.51 -6.38
CA PRO F 265 -40.24 -10.55 -6.74
C PRO F 265 -40.76 -11.93 -6.38
N VAL F 266 -40.16 -13.01 -6.87
CA VAL F 266 -40.63 -14.34 -6.53
C VAL F 266 -40.39 -14.61 -5.06
N ARG F 267 -41.45 -14.94 -4.33
CA ARG F 267 -41.37 -15.15 -2.90
C ARG F 267 -42.10 -16.43 -2.52
N ALA F 268 -41.61 -17.09 -1.49
CA ALA F 268 -42.35 -18.13 -0.79
C ALA F 268 -42.62 -17.65 0.62
N VAL F 269 -43.89 -17.64 1.01
CA VAL F 269 -44.34 -16.98 2.23
C VAL F 269 -44.99 -18.01 3.14
N ASN F 270 -44.62 -17.98 4.42
CA ASN F 270 -45.28 -18.76 5.47
C ASN F 270 -45.20 -20.26 5.20
N CYS F 271 -43.98 -20.77 5.11
CA CYS F 271 -43.74 -22.20 5.00
C CYS F 271 -43.51 -22.76 6.41
N ALA F 272 -44.42 -23.60 6.87
CA ALA F 272 -44.37 -24.16 8.22
C ALA F 272 -43.45 -25.39 8.24
N VAL F 273 -42.16 -25.12 8.07
CA VAL F 273 -41.13 -26.17 8.02
C VAL F 273 -39.98 -25.75 8.91
N GLY F 274 -39.48 -26.70 9.70
CA GLY F 274 -38.32 -26.43 10.53
C GLY F 274 -38.65 -25.51 11.70
N ASN F 275 -37.62 -24.88 12.23
CA ASN F 275 -37.77 -23.95 13.34
C ASN F 275 -36.74 -22.84 13.22
N MET F 276 -36.84 -21.87 14.12
CA MET F 276 -36.09 -20.62 14.08
C MET F 276 -35.37 -20.39 15.40
N PRO F 277 -34.05 -20.33 15.41
CA PRO F 277 -33.34 -19.84 16.60
C PRO F 277 -33.45 -18.33 16.71
N ILE F 278 -33.81 -17.86 17.90
CA ILE F 278 -33.96 -16.44 18.18
C ILE F 278 -33.07 -16.11 19.37
N SER F 279 -32.20 -15.12 19.22
CA SER F 279 -31.35 -14.67 20.31
C SER F 279 -31.66 -13.20 20.59
N ILE F 280 -31.96 -12.90 21.85
CA ILE F 280 -32.38 -11.57 22.28
C ILE F 280 -31.39 -11.07 23.33
N ASP F 281 -30.79 -9.92 23.07
CA ASP F 281 -29.96 -9.21 24.03
C ASP F 281 -30.84 -8.14 24.67
N ILE F 282 -31.09 -8.27 25.96
CA ILE F 282 -32.04 -7.43 26.68
C ILE F 282 -31.25 -6.51 27.60
N PRO F 283 -31.50 -5.21 27.60
CA PRO F 283 -30.76 -4.31 28.49
C PRO F 283 -31.18 -4.50 29.94
N GLU F 284 -30.31 -4.00 30.84
CA GLU F 284 -30.56 -4.15 32.26
C GLU F 284 -31.79 -3.36 32.72
N ALA F 285 -32.15 -2.32 31.96
CA ALA F 285 -33.27 -1.48 32.35
C ALA F 285 -34.61 -2.22 32.32
N ALA F 286 -34.68 -3.33 31.58
CA ALA F 286 -35.94 -4.05 31.43
C ALA F 286 -36.18 -5.05 32.57
N PHE F 287 -35.20 -5.30 33.42
CA PHE F 287 -35.31 -6.28 34.48
C PHE F 287 -35.69 -5.59 35.79
N THR F 288 -36.39 -6.33 36.65
CA THR F 288 -36.76 -5.86 37.98
C THR F 288 -36.26 -6.86 39.01
N ARG F 289 -35.61 -6.37 40.05
CA ARG F 289 -35.05 -7.25 41.07
C ARG F 289 -36.16 -7.96 41.84
N VAL F 290 -35.79 -9.11 42.42
CA VAL F 290 -36.78 -9.93 43.14
C VAL F 290 -37.35 -9.17 44.33
N VAL F 291 -36.52 -8.36 44.99
CA VAL F 291 -36.99 -7.64 46.17
C VAL F 291 -37.93 -6.49 45.81
N ASP F 292 -37.89 -6.02 44.56
CA ASP F 292 -38.83 -5.00 44.11
C ASP F 292 -40.09 -5.58 43.49
N ALA F 293 -40.01 -6.80 42.96
CA ALA F 293 -41.19 -7.48 42.47
C ALA F 293 -42.01 -8.01 43.64
N PRO F 294 -43.32 -8.15 43.46
CA PRO F 294 -44.17 -8.67 44.54
C PRO F 294 -43.77 -10.09 44.93
N SER F 295 -43.97 -10.39 46.20
CA SER F 295 -43.76 -11.73 46.75
C SER F 295 -45.10 -12.34 47.06
N LEU F 296 -45.40 -13.47 46.43
CA LEU F 296 -46.69 -14.13 46.56
C LEU F 296 -46.56 -15.36 47.45
N THR F 297 -47.41 -15.43 48.47
CA THR F 297 -47.44 -16.55 49.40
C THR F 297 -48.89 -16.99 49.60
N ASP F 298 -49.05 -18.25 49.98
CA ASP F 298 -50.36 -18.84 50.24
C ASP F 298 -51.23 -18.70 48.99
N MET F 299 -50.86 -19.46 47.96
CA MET F 299 -51.56 -19.45 46.70
C MET F 299 -52.04 -20.86 46.35
N SER F 300 -53.24 -20.93 45.80
CA SER F 300 -53.87 -22.22 45.47
C SER F 300 -54.58 -22.11 44.14
N CYS F 301 -54.66 -23.23 43.43
CA CYS F 301 -55.19 -23.26 42.07
C CYS F 301 -56.47 -24.08 42.04
N GLU F 302 -57.44 -23.59 41.27
CA GLU F 302 -58.69 -24.30 41.02
C GLU F 302 -58.98 -24.22 39.53
N VAL F 303 -59.56 -25.27 38.97
CA VAL F 303 -59.87 -25.29 37.55
C VAL F 303 -61.38 -25.40 37.36
N PRO F 304 -62.09 -24.29 37.26
CA PRO F 304 -63.55 -24.37 37.06
C PRO F 304 -63.94 -25.03 35.75
N ALA F 305 -63.15 -24.92 34.69
CA ALA F 305 -63.51 -25.50 33.41
C ALA F 305 -62.25 -25.86 32.64
N CYS F 306 -62.31 -26.97 31.92
CA CYS F 306 -61.20 -27.40 31.09
C CYS F 306 -61.72 -28.24 29.93
N THR F 307 -61.46 -27.76 28.71
CA THR F 307 -61.71 -28.55 27.52
C THR F 307 -60.55 -28.32 26.55
N HIS F 308 -60.02 -29.41 25.99
CA HIS F 308 -58.87 -29.32 25.09
C HIS F 308 -59.36 -29.02 23.67
N SER F 309 -59.87 -27.79 23.52
CA SER F 309 -60.50 -27.37 22.27
C SER F 309 -59.57 -26.62 21.34
N SER F 310 -58.27 -26.57 21.64
CA SER F 310 -57.26 -25.87 20.85
C SER F 310 -57.51 -24.37 20.78
N ASP F 311 -58.39 -23.83 21.60
CA ASP F 311 -58.73 -22.41 21.61
C ASP F 311 -58.74 -21.90 23.05
N PHE F 312 -57.75 -22.32 23.84
CA PHE F 312 -57.62 -21.92 25.24
C PHE F 312 -58.89 -22.26 26.02
N GLY F 313 -59.28 -23.53 25.96
CA GLY F 313 -60.50 -23.96 26.62
C GLY F 313 -60.43 -24.04 28.12
N GLY F 314 -59.24 -24.20 28.70
CA GLY F 314 -59.13 -24.32 30.13
C GLY F 314 -59.02 -22.97 30.83
N VAL F 315 -59.59 -22.89 32.02
CA VAL F 315 -59.55 -21.69 32.84
C VAL F 315 -59.05 -22.07 34.22
N ALA F 316 -58.12 -21.28 34.75
CA ALA F 316 -57.59 -21.50 36.09
C ALA F 316 -57.77 -20.25 36.93
N VAL F 317 -58.30 -20.44 38.14
CA VAL F 317 -58.45 -19.37 39.12
C VAL F 317 -57.52 -19.68 40.27
N ILE F 318 -56.61 -18.75 40.55
CA ILE F 318 -55.59 -18.96 41.58
C ILE F 318 -55.73 -17.87 42.63
N LYS F 319 -55.84 -18.29 43.89
CA LYS F 319 -55.87 -17.36 45.01
C LYS F 319 -54.47 -17.10 45.51
N TYR F 320 -54.12 -15.82 45.67
CA TYR F 320 -52.80 -15.42 46.10
C TYR F 320 -52.91 -14.39 47.21
N ALA F 321 -51.83 -14.25 47.96
CA ALA F 321 -51.65 -13.17 48.91
C ALA F 321 -50.33 -12.47 48.59
N ALA F 322 -50.41 -11.32 47.94
CA ALA F 322 -49.25 -10.62 47.42
C ALA F 322 -48.64 -9.74 48.51
N SER F 323 -47.30 -9.67 48.52
CA SER F 323 -46.61 -8.80 49.45
C SER F 323 -46.94 -7.32 49.20
N LYS F 324 -47.00 -6.92 47.93
CA LYS F 324 -47.33 -5.54 47.60
C LYS F 324 -47.82 -5.49 46.16
N LYS F 325 -48.44 -4.36 45.81
CA LYS F 325 -48.97 -4.18 44.47
C LYS F 325 -47.85 -4.20 43.43
N GLY F 326 -48.14 -4.81 42.29
CA GLY F 326 -47.17 -4.85 41.21
C GLY F 326 -47.66 -5.71 40.07
N LYS F 327 -46.73 -6.08 39.20
CA LYS F 327 -46.99 -6.97 38.08
C LYS F 327 -46.02 -8.14 38.14
N CYS F 328 -46.47 -9.31 37.68
CA CYS F 328 -45.57 -10.45 37.65
C CYS F 328 -45.93 -11.36 36.48
N ALA F 329 -44.92 -12.04 35.95
CA ALA F 329 -45.03 -12.80 34.72
C ALA F 329 -45.40 -14.25 35.02
N VAL F 330 -46.58 -14.66 34.55
CA VAL F 330 -47.10 -16.01 34.75
C VAL F 330 -46.61 -16.89 33.61
N HIS F 331 -46.07 -18.07 33.95
CA HIS F 331 -45.54 -18.98 32.96
C HIS F 331 -45.81 -20.42 33.37
N SER F 332 -46.19 -21.25 32.40
CA SER F 332 -46.43 -22.66 32.67
C SER F 332 -45.11 -23.39 32.90
N MET F 333 -45.12 -24.35 33.81
CA MET F 333 -43.94 -25.12 34.14
C MET F 333 -43.87 -26.44 33.37
N THR F 334 -44.80 -26.68 32.44
CA THR F 334 -44.78 -27.88 31.64
C THR F 334 -45.03 -27.51 30.18
N ASN F 335 -44.59 -28.39 29.28
CA ASN F 335 -44.74 -28.17 27.85
C ASN F 335 -46.10 -28.60 27.31
N ALA F 336 -46.89 -29.34 28.09
CA ALA F 336 -48.16 -29.85 27.59
C ALA F 336 -49.25 -28.79 27.54
N VAL F 337 -49.19 -27.78 28.41
CA VAL F 337 -50.21 -26.75 28.49
C VAL F 337 -49.53 -25.40 28.24
N THR F 338 -50.27 -24.46 27.67
CA THR F 338 -49.76 -23.13 27.38
C THR F 338 -50.74 -22.08 27.90
N ILE F 339 -50.20 -21.08 28.59
CA ILE F 339 -51.01 -20.02 29.20
C ILE F 339 -51.10 -18.85 28.24
N ARG F 340 -52.33 -18.38 27.98
CA ARG F 340 -52.51 -17.24 27.10
C ARG F 340 -51.91 -15.98 27.70
N GLU F 341 -52.09 -15.77 29.01
CA GLU F 341 -51.59 -14.57 29.67
C GLU F 341 -50.10 -14.66 29.89
N ALA F 342 -49.39 -13.58 29.59
CA ALA F 342 -47.95 -13.54 29.82
C ALA F 342 -47.62 -12.94 31.18
N GLU F 343 -48.36 -11.92 31.61
CA GLU F 343 -48.14 -11.30 32.90
C GLU F 343 -49.48 -10.84 33.45
N ILE F 344 -49.55 -10.74 34.78
CA ILE F 344 -50.76 -10.35 35.48
C ILE F 344 -50.41 -9.33 36.55
N GLU F 345 -51.27 -8.34 36.73
CA GLU F 345 -51.14 -7.39 37.83
C GLU F 345 -51.73 -8.00 39.09
N VAL F 346 -50.97 -7.96 40.18
CA VAL F 346 -51.36 -8.55 41.46
C VAL F 346 -51.30 -7.48 42.54
N GLU F 347 -52.22 -7.56 43.51
CA GLU F 347 -52.27 -6.61 44.60
C GLU F 347 -52.96 -7.25 45.80
N GLY F 348 -52.26 -7.27 46.93
CA GLY F 348 -52.89 -7.72 48.17
C GLY F 348 -53.27 -9.19 48.11
N ASN F 349 -54.33 -9.53 48.83
CA ASN F 349 -54.86 -10.89 48.88
C ASN F 349 -56.07 -10.90 47.96
N SER F 350 -55.98 -11.67 46.88
CA SER F 350 -57.02 -11.67 45.85
C SER F 350 -56.92 -12.96 45.06
N GLN F 351 -57.58 -12.98 43.89
CA GLN F 351 -57.50 -14.11 42.98
C GLN F 351 -57.30 -13.59 41.56
N LEU F 352 -56.55 -14.36 40.78
CA LEU F 352 -56.31 -14.03 39.38
C LEU F 352 -56.74 -15.19 38.49
N GLN F 353 -57.23 -14.86 37.31
CA GLN F 353 -57.77 -15.83 36.37
C GLN F 353 -56.90 -15.86 35.12
N ILE F 354 -56.55 -17.06 34.68
CA ILE F 354 -55.76 -17.25 33.47
C ILE F 354 -56.46 -18.27 32.58
N SER F 355 -56.19 -18.16 31.28
CA SER F 355 -56.72 -19.08 30.29
C SER F 355 -55.58 -19.87 29.66
N PHE F 356 -55.76 -21.19 29.60
CA PHE F 356 -54.72 -22.06 29.09
C PHE F 356 -55.32 -23.02 28.08
N SER F 357 -54.48 -23.45 27.15
CA SER F 357 -54.83 -24.45 26.14
C SER F 357 -53.98 -25.68 26.38
N THR F 358 -54.57 -26.85 26.14
CA THR F 358 -53.90 -28.11 26.40
C THR F 358 -54.45 -29.20 25.49
N ALA F 359 -53.83 -30.37 25.56
CA ALA F 359 -54.34 -31.58 24.93
C ALA F 359 -54.43 -32.73 25.93
N LEU F 360 -54.09 -32.49 27.18
CA LEU F 360 -54.08 -33.54 28.19
C LEU F 360 -55.50 -33.95 28.57
N ALA F 361 -55.69 -35.24 28.80
CA ALA F 361 -56.97 -35.71 29.31
C ALA F 361 -57.24 -35.15 30.69
N SER F 362 -56.24 -35.15 31.56
CA SER F 362 -56.29 -34.49 32.85
C SER F 362 -55.21 -33.43 32.90
N ALA F 363 -55.60 -32.17 33.08
CA ALA F 363 -54.65 -31.06 33.07
C ALA F 363 -53.98 -30.95 34.44
N GLU F 364 -52.99 -31.82 34.65
CA GLU F 364 -52.14 -31.75 35.83
C GLU F 364 -50.85 -31.03 35.41
N PHE F 365 -50.58 -29.90 36.07
CA PHE F 365 -49.44 -29.08 35.69
C PHE F 365 -49.11 -28.13 36.84
N ARG F 366 -48.04 -27.36 36.64
CA ARG F 366 -47.61 -26.36 37.61
C ARG F 366 -47.49 -25.01 36.93
N VAL F 367 -47.84 -23.96 37.66
CA VAL F 367 -47.78 -22.58 37.17
C VAL F 367 -46.85 -21.79 38.07
N GLN F 368 -45.90 -21.10 37.46
CA GLN F 368 -44.96 -20.24 38.18
C GLN F 368 -45.46 -18.80 38.02
N VAL F 369 -46.04 -18.26 39.09
CA VAL F 369 -46.71 -16.97 38.98
C VAL F 369 -45.71 -15.83 39.12
N CYS F 370 -45.05 -15.72 40.27
CA CYS F 370 -44.06 -14.66 40.42
C CYS F 370 -42.66 -15.22 40.58
N SER F 371 -42.45 -16.00 41.65
CA SER F 371 -41.29 -16.84 41.80
C SER F 371 -41.65 -18.17 42.43
N THR F 372 -42.91 -18.33 42.83
CA THR F 372 -43.42 -19.55 43.43
C THR F 372 -44.21 -20.34 42.40
N GLN F 373 -44.57 -21.56 42.77
CA GLN F 373 -45.29 -22.44 41.86
C GLN F 373 -46.53 -22.97 42.57
N VAL F 374 -47.57 -23.20 41.79
CA VAL F 374 -48.83 -23.74 42.30
C VAL F 374 -49.27 -24.86 41.37
N HIS F 375 -49.80 -25.94 41.96
CA HIS F 375 -50.13 -27.15 41.23
C HIS F 375 -51.62 -27.16 40.89
N CYS F 376 -51.94 -27.37 39.62
CA CYS F 376 -53.31 -27.44 39.15
C CYS F 376 -53.60 -28.84 38.61
N ALA F 377 -54.77 -29.36 38.99
CA ALA F 377 -55.26 -30.62 38.46
C ALA F 377 -56.67 -30.39 37.96
N ALA F 378 -57.02 -31.03 36.85
CA ALA F 378 -58.28 -30.71 36.19
C ALA F 378 -58.90 -31.96 35.59
N GLU F 379 -60.22 -31.92 35.47
CA GLU F 379 -60.99 -32.91 34.74
C GLU F 379 -61.41 -32.30 33.42
N CYS F 380 -60.74 -32.68 32.34
CA CYS F 380 -60.90 -32.02 31.05
C CYS F 380 -61.74 -32.87 30.10
N HIS F 381 -62.63 -32.21 29.39
CA HIS F 381 -63.59 -32.84 28.51
C HIS F 381 -63.27 -32.58 27.05
N PRO F 382 -63.62 -33.50 26.15
CA PRO F 382 -63.36 -33.26 24.74
C PRO F 382 -64.31 -32.20 24.19
N PRO F 383 -63.88 -31.43 23.19
CA PRO F 383 -64.78 -30.46 22.58
C PRO F 383 -65.77 -31.14 21.65
N LYS F 384 -66.89 -30.44 21.41
CA LYS F 384 -67.94 -31.01 20.58
C LYS F 384 -67.71 -30.77 19.10
N ASP F 385 -66.97 -29.72 18.74
CA ASP F 385 -66.74 -29.41 17.34
C ASP F 385 -65.61 -30.26 16.78
N HIS F 386 -65.78 -30.72 15.55
CA HIS F 386 -64.78 -31.58 14.94
C HIS F 386 -63.67 -30.79 14.24
N ILE F 387 -64.03 -29.69 13.58
CA ILE F 387 -63.11 -28.96 12.72
C ILE F 387 -63.10 -27.49 13.12
N VAL F 388 -61.92 -26.88 13.10
CA VAL F 388 -61.75 -25.45 13.34
C VAL F 388 -60.88 -24.88 12.23
N ASN F 389 -60.90 -23.56 12.13
CA ASN F 389 -60.22 -22.85 11.04
C ASN F 389 -58.88 -22.27 11.47
N TYR F 390 -58.37 -22.64 12.65
CA TYR F 390 -57.12 -22.13 13.15
C TYR F 390 -56.28 -23.27 13.67
N PRO F 391 -54.96 -23.16 13.61
CA PRO F 391 -54.10 -24.23 14.12
C PRO F 391 -54.18 -24.32 15.63
N ALA F 392 -53.87 -25.51 16.15
CA ALA F 392 -53.94 -25.74 17.58
C ALA F 392 -52.91 -24.88 18.32
N SER F 393 -53.35 -24.23 19.40
CA SER F 393 -52.45 -23.43 20.21
C SER F 393 -51.66 -24.26 21.21
N HIS F 394 -52.19 -25.41 21.61
CA HIS F 394 -51.48 -26.32 22.50
C HIS F 394 -50.46 -27.13 21.70
N THR F 395 -49.54 -27.75 22.42
CA THR F 395 -48.47 -28.52 21.81
C THR F 395 -48.81 -30.00 21.78
N THR F 396 -48.12 -30.73 20.89
CA THR F 396 -48.26 -32.16 20.82
C THR F 396 -47.73 -32.80 22.11
N LEU F 397 -48.32 -33.93 22.49
CA LEU F 397 -48.07 -34.57 23.77
C LEU F 397 -47.51 -35.97 23.56
N GLY F 398 -46.69 -36.43 24.51
CA GLY F 398 -46.06 -37.72 24.39
C GLY F 398 -46.91 -38.87 24.91
N VAL F 399 -46.30 -40.05 24.95
CA VAL F 399 -47.04 -41.27 25.30
C VAL F 399 -47.56 -41.20 26.72
N GLN F 400 -46.70 -40.80 27.66
CA GLN F 400 -47.07 -40.87 29.08
C GLN F 400 -48.01 -39.72 29.46
N ASP F 401 -48.08 -38.68 28.65
CA ASP F 401 -48.79 -37.47 29.04
C ASP F 401 -50.30 -37.67 29.03
N ILE F 402 -50.82 -38.29 27.98
CA ILE F 402 -52.27 -38.35 27.77
C ILE F 402 -52.94 -39.37 28.70
N SER F 403 -52.16 -40.04 29.55
CA SER F 403 -52.60 -41.31 30.10
C SER F 403 -53.61 -41.16 31.25
N ALA F 404 -53.50 -40.13 32.08
CA ALA F 404 -54.54 -39.74 33.07
C ALA F 404 -55.02 -40.91 33.93
N THR F 405 -56.33 -41.09 34.13
CA THR F 405 -56.82 -42.17 34.98
C THR F 405 -56.70 -43.53 34.32
N ALA F 406 -56.54 -43.60 33.00
CA ALA F 406 -56.12 -44.86 32.40
C ALA F 406 -54.76 -45.26 32.92
N MET F 407 -53.88 -44.29 33.11
CA MET F 407 -52.59 -44.55 33.76
C MET F 407 -52.79 -44.99 35.19
N SER F 408 -53.74 -44.34 35.88
CA SER F 408 -54.09 -44.81 37.22
C SER F 408 -54.52 -46.27 37.20
N TRP F 409 -55.21 -46.70 36.13
CA TRP F 409 -55.67 -48.07 36.03
C TRP F 409 -54.54 -49.04 35.71
N VAL F 410 -53.66 -48.65 34.78
CA VAL F 410 -52.59 -49.56 34.36
C VAL F 410 -51.61 -49.68 35.51
N GLN F 411 -51.54 -48.66 36.36
CA GLN F 411 -50.81 -48.80 37.62
C GLN F 411 -51.34 -49.96 38.46
N LYS F 412 -52.66 -50.04 38.66
CA LYS F 412 -53.23 -51.14 39.42
C LYS F 412 -52.95 -52.48 38.75
N ILE F 413 -53.17 -52.55 37.43
CA ILE F 413 -53.02 -53.83 36.73
C ILE F 413 -51.56 -54.29 36.76
N THR F 414 -50.63 -53.39 36.45
CA THR F 414 -49.21 -53.73 36.48
C THR F 414 -48.76 -54.08 37.90
N GLY F 415 -49.24 -53.33 38.90
CA GLY F 415 -48.89 -53.67 40.27
C GLY F 415 -49.32 -55.07 40.65
N GLY F 416 -50.56 -55.43 40.33
CA GLY F 416 -51.05 -56.76 40.68
C GLY F 416 -50.29 -57.86 39.95
N VAL F 417 -50.11 -57.70 38.64
CA VAL F 417 -49.47 -58.77 37.88
C VAL F 417 -47.99 -58.87 38.23
N GLY F 418 -47.32 -57.74 38.42
CA GLY F 418 -45.94 -57.77 38.86
C GLY F 418 -45.79 -58.30 40.28
N LEU F 419 -46.82 -58.11 41.11
CA LEU F 419 -46.82 -58.73 42.43
C LEU F 419 -46.90 -60.24 42.31
N VAL F 420 -47.73 -60.73 41.39
CA VAL F 420 -47.76 -62.17 41.11
C VAL F 420 -46.39 -62.65 40.65
N VAL F 421 -45.75 -61.88 39.77
CA VAL F 421 -44.42 -62.25 39.27
C VAL F 421 -43.41 -62.28 40.42
N ALA F 422 -43.47 -61.28 41.32
CA ALA F 422 -42.54 -61.23 42.43
C ALA F 422 -42.76 -62.40 43.40
N VAL F 423 -44.02 -62.77 43.64
CA VAL F 423 -44.30 -63.91 44.47
C VAL F 423 -43.75 -65.19 43.83
N ALA F 424 -43.92 -65.34 42.52
CA ALA F 424 -43.37 -66.49 41.83
C ALA F 424 -41.85 -66.51 41.93
N ALA F 425 -41.22 -65.34 41.79
CA ALA F 425 -39.77 -65.25 41.92
C ALA F 425 -39.31 -65.65 43.31
N LEU F 426 -40.02 -65.18 44.34
CA LEU F 426 -39.67 -65.55 45.71
C LEU F 426 -39.81 -67.04 45.94
N ILE F 427 -40.88 -67.64 45.42
CA ILE F 427 -41.08 -69.08 45.57
C ILE F 427 -39.97 -69.85 44.87
N LEU F 428 -39.63 -69.44 43.64
CA LEU F 428 -38.55 -70.11 42.92
C LEU F 428 -37.23 -69.97 43.65
N ILE F 429 -36.94 -68.78 44.18
CA ILE F 429 -35.67 -68.55 44.87
C ILE F 429 -35.58 -69.38 46.14
N VAL F 430 -36.66 -69.44 46.92
CA VAL F 430 -36.61 -70.23 48.15
C VAL F 430 -36.52 -71.72 47.82
N VAL F 431 -37.18 -72.16 46.75
CA VAL F 431 -37.07 -73.56 46.35
C VAL F 431 -35.65 -73.89 45.91
N LEU F 432 -35.01 -72.98 45.17
CA LEU F 432 -33.63 -73.20 44.75
C LEU F 432 -32.69 -73.21 45.93
N CYS F 433 -32.90 -72.32 46.90
CA CYS F 433 -32.05 -72.29 48.09
C CYS F 433 -32.20 -73.57 48.89
N VAL F 434 -33.43 -74.08 49.03
CA VAL F 434 -33.64 -75.34 49.73
C VAL F 434 -33.02 -76.49 48.96
N SER F 435 -33.10 -76.46 47.63
CA SER F 435 -32.58 -77.55 46.81
C SER F 435 -31.06 -77.70 46.97
N PHE F 436 -30.34 -76.59 47.04
CA PHE F 436 -28.89 -76.63 47.22
C PHE F 436 -28.47 -77.02 48.62
N SER F 437 -29.42 -77.09 49.56
CA SER F 437 -29.11 -77.56 50.91
C SER F 437 -29.22 -79.07 51.04
N ARG F 438 -29.56 -79.78 49.97
CA ARG F 438 -29.82 -81.21 50.01
C ARG F 438 -28.74 -82.02 49.32
N HIS F 439 -27.48 -81.56 49.36
CA HIS F 439 -26.39 -82.31 48.75
C HIS F 439 -25.25 -82.51 49.73
N ASN G 1 35.91 26.59 -23.13
CA ASN G 1 35.07 27.74 -22.83
C ASN G 1 33.61 27.45 -23.20
N PHE G 2 32.90 28.50 -23.61
CA PHE G 2 31.50 28.40 -24.00
C PHE G 2 31.31 28.42 -25.50
N ASN G 3 32.38 28.26 -26.28
CA ASN G 3 32.28 28.41 -27.73
C ASN G 3 31.41 27.33 -28.36
N VAL G 4 31.18 26.21 -27.67
CA VAL G 4 30.45 25.11 -28.26
C VAL G 4 28.94 25.26 -28.16
N TYR G 5 28.46 26.26 -27.42
CA TYR G 5 27.02 26.45 -27.23
C TYR G 5 26.41 27.48 -28.16
N LYS G 6 27.20 28.12 -29.03
CA LYS G 6 26.64 29.15 -29.91
C LYS G 6 25.74 28.55 -30.97
N ALA G 7 26.02 27.32 -31.41
CA ALA G 7 25.22 26.68 -32.44
C ALA G 7 24.05 25.87 -31.89
N THR G 8 23.84 25.89 -30.58
CA THR G 8 22.89 25.01 -29.92
C THR G 8 21.75 25.79 -29.29
N ARG G 9 20.65 25.09 -29.01
CA ARG G 9 19.45 25.67 -28.45
C ARG G 9 18.86 24.74 -27.38
N PRO G 10 18.10 25.29 -26.44
CA PRO G 10 17.37 24.43 -25.51
C PRO G 10 16.25 23.69 -26.22
N TYR G 11 15.72 22.66 -25.56
CA TYR G 11 14.65 21.87 -26.14
C TYR G 11 13.63 21.52 -25.06
N LEU G 12 12.37 21.39 -25.48
CA LEU G 12 11.31 20.89 -24.61
C LEU G 12 11.35 19.37 -24.58
N ALA G 13 10.89 18.81 -23.46
CA ALA G 13 10.85 17.35 -23.37
C ALA G 13 9.78 16.95 -22.36
N HIS G 14 9.36 15.69 -22.47
CA HIS G 14 8.33 15.18 -21.58
C HIS G 14 8.89 14.95 -20.18
N CYS G 15 8.09 15.29 -19.17
CA CYS G 15 8.50 15.13 -17.78
C CYS G 15 7.40 14.40 -17.04
N PRO G 16 7.72 13.33 -16.31
CA PRO G 16 6.68 12.52 -15.66
C PRO G 16 5.89 13.27 -14.62
N ASP G 17 6.46 14.31 -14.00
CA ASP G 17 5.75 15.04 -12.95
C ASP G 17 6.19 16.50 -13.03
N CYS G 18 5.28 17.37 -13.46
CA CYS G 18 5.56 18.79 -13.59
C CYS G 18 5.21 19.57 -12.32
N GLY G 19 5.20 18.91 -11.17
CA GLY G 19 4.95 19.55 -9.90
C GLY G 19 3.54 19.41 -9.38
N GLU G 20 2.58 19.08 -10.23
CA GLU G 20 1.20 18.91 -9.83
C GLU G 20 0.77 17.45 -9.74
N GLY G 21 1.69 16.51 -9.98
CA GLY G 21 1.33 15.12 -10.09
C GLY G 21 0.88 14.69 -11.47
N HIS G 22 1.00 15.56 -12.48
CA HIS G 22 0.66 15.23 -13.85
C HIS G 22 1.87 15.41 -14.74
N SER G 23 2.09 14.44 -15.62
CA SER G 23 3.16 14.53 -16.60
C SER G 23 2.81 15.58 -17.64
N CYS G 24 3.85 16.30 -18.11
CA CYS G 24 3.60 17.34 -19.10
C CYS G 24 4.92 17.63 -19.82
N HIS G 25 4.80 18.34 -20.94
CA HIS G 25 5.97 18.74 -21.69
C HIS G 25 6.52 20.05 -21.14
N SER G 26 7.79 20.02 -20.75
CA SER G 26 8.40 21.09 -19.97
C SER G 26 9.67 21.56 -20.63
N PRO G 27 10.04 22.83 -20.43
CA PRO G 27 11.37 23.29 -20.86
C PRO G 27 12.50 22.71 -20.03
N VAL G 28 12.21 22.22 -18.82
CA VAL G 28 13.20 21.55 -18.00
C VAL G 28 12.84 20.06 -17.96
N ALA G 29 13.79 19.22 -18.35
CA ALA G 29 13.62 17.79 -18.25
C ALA G 29 14.94 17.16 -17.83
N LEU G 30 14.87 16.29 -16.84
CA LEU G 30 16.04 15.64 -16.29
C LEU G 30 16.36 14.42 -17.13
N GLU G 31 17.46 14.49 -17.88
CA GLU G 31 17.83 13.41 -18.79
C GLU G 31 18.61 12.31 -18.09
N ARG G 32 19.73 12.66 -17.44
CA ARG G 32 20.54 11.70 -16.73
C ARG G 32 20.99 12.31 -15.42
N ILE G 33 21.13 11.47 -14.40
CA ILE G 33 21.55 11.91 -13.08
C ILE G 33 22.78 11.10 -12.70
N ARG G 34 23.94 11.74 -12.78
CA ARG G 34 25.22 11.08 -12.56
C ARG G 34 25.64 11.28 -11.11
N ASN G 35 25.85 10.18 -10.40
CA ASN G 35 26.27 10.20 -9.01
C ASN G 35 27.48 9.31 -8.81
N GLU G 36 28.43 9.34 -9.75
CA GLU G 36 29.62 8.52 -9.63
C GLU G 36 30.53 9.01 -8.51
N ALA G 37 30.45 10.29 -8.17
CA ALA G 37 31.30 10.84 -7.11
C ALA G 37 30.93 10.23 -5.77
N THR G 38 31.95 9.98 -4.95
CA THR G 38 31.75 9.37 -3.64
C THR G 38 31.48 10.38 -2.53
N ASP G 39 31.61 11.67 -2.80
CA ASP G 39 31.28 12.67 -1.80
C ASP G 39 29.83 13.11 -1.87
N GLY G 40 29.03 12.51 -2.75
CA GLY G 40 27.62 12.80 -2.83
C GLY G 40 27.23 13.89 -3.81
N THR G 41 28.18 14.46 -4.54
CA THR G 41 27.86 15.51 -5.48
C THR G 41 27.07 14.94 -6.66
N LEU G 42 25.93 15.56 -6.95
CA LEU G 42 25.06 15.15 -8.04
C LEU G 42 25.33 16.01 -9.27
N LYS G 43 25.37 15.37 -10.42
CA LYS G 43 25.66 16.01 -11.69
C LYS G 43 24.46 15.80 -12.61
N ILE G 44 23.59 16.80 -12.67
CA ILE G 44 22.27 16.69 -13.29
C ILE G 44 22.36 17.27 -14.70
N GLN G 45 21.84 16.53 -15.67
CA GLN G 45 21.70 17.00 -17.04
C GLN G 45 20.25 17.41 -17.27
N VAL G 46 20.04 18.66 -17.66
CA VAL G 46 18.71 19.19 -17.91
C VAL G 46 18.65 19.73 -19.33
N SER G 47 17.43 19.87 -19.83
CA SER G 47 17.22 20.41 -21.17
C SER G 47 17.53 21.90 -21.25
N LEU G 48 17.75 22.54 -20.11
CA LEU G 48 18.12 23.95 -20.08
C LEU G 48 19.51 24.17 -20.66
N GLN G 49 19.87 25.44 -20.84
CA GLN G 49 21.25 25.86 -21.08
C GLN G 49 21.52 27.05 -20.20
N ILE G 50 22.49 26.91 -19.29
CA ILE G 50 22.77 27.90 -18.27
C ILE G 50 24.07 28.61 -18.61
N GLY G 51 24.10 29.92 -18.37
CA GLY G 51 25.26 30.72 -18.67
C GLY G 51 25.30 31.30 -20.07
N ILE G 52 24.36 30.93 -20.93
CA ILE G 52 24.29 31.42 -22.30
C ILE G 52 22.97 32.16 -22.48
N LYS G 53 23.06 33.39 -22.96
CA LYS G 53 21.87 34.15 -23.32
C LYS G 53 21.39 33.73 -24.71
N THR G 54 20.25 34.29 -25.11
CA THR G 54 19.70 33.98 -26.42
C THR G 54 20.55 34.50 -27.57
N ASP G 55 21.39 35.50 -27.32
CA ASP G 55 22.24 36.08 -28.36
C ASP G 55 23.56 35.34 -28.51
N ASP G 56 23.65 34.11 -28.01
CA ASP G 56 24.83 33.25 -28.06
C ASP G 56 26.00 33.80 -27.24
N SER G 57 25.83 34.93 -26.57
CA SER G 57 26.89 35.45 -25.73
C SER G 57 26.89 34.73 -24.38
N HIS G 58 27.95 34.96 -23.62
CA HIS G 58 28.13 34.36 -22.30
C HIS G 58 27.68 35.34 -21.23
N ASP G 59 26.82 34.90 -20.34
CA ASP G 59 26.40 35.69 -19.18
C ASP G 59 26.02 34.70 -18.08
N TRP G 60 26.81 34.68 -17.00
CA TRP G 60 26.59 33.71 -15.94
C TRP G 60 25.36 34.03 -15.09
N THR G 61 24.74 35.19 -15.28
CA THR G 61 23.56 35.57 -14.52
C THR G 61 22.26 35.26 -15.26
N LYS G 62 22.34 34.59 -16.40
CA LYS G 62 21.17 34.31 -17.22
C LYS G 62 21.23 32.88 -17.74
N LEU G 63 20.06 32.34 -18.07
CA LEU G 63 19.94 31.05 -18.74
C LEU G 63 18.91 31.20 -19.85
N ARG G 64 18.94 30.27 -20.81
CA ARG G 64 17.97 30.27 -21.89
C ARG G 64 17.16 28.99 -21.85
N TYR G 65 15.85 29.14 -21.95
CA TYR G 65 14.92 28.03 -22.01
C TYR G 65 14.10 28.13 -23.28
N MET G 66 13.75 26.99 -23.87
CA MET G 66 12.91 27.01 -25.05
C MET G 66 11.48 27.35 -24.66
N ASP G 67 10.93 28.41 -25.26
CA ASP G 67 9.53 28.78 -25.11
C ASP G 67 8.88 28.66 -26.47
N ASN G 68 7.97 27.71 -26.60
CA ASN G 68 7.36 27.36 -27.89
C ASN G 68 8.49 27.09 -28.88
N HIS G 69 8.60 27.84 -29.97
CA HIS G 69 9.64 27.61 -30.97
C HIS G 69 10.84 28.53 -30.83
N MET G 70 10.86 29.39 -29.81
CA MET G 70 11.92 30.38 -29.70
C MET G 70 12.66 30.24 -28.38
N PRO G 71 13.99 30.26 -28.38
CA PRO G 71 14.71 30.39 -27.11
C PRO G 71 14.39 31.73 -26.46
N ALA G 72 14.28 31.71 -25.12
CA ALA G 72 14.01 32.90 -24.35
C ALA G 72 14.92 32.91 -23.14
N ASP G 73 15.02 34.06 -22.49
CA ASP G 73 15.98 34.26 -21.41
C ASP G 73 15.27 34.35 -20.07
N ALA G 74 15.95 33.85 -19.04
CA ALA G 74 15.42 33.87 -17.68
C ALA G 74 16.58 34.02 -16.71
N GLU G 75 16.25 34.45 -15.49
CA GLU G 75 17.26 34.69 -14.48
C GLU G 75 17.77 33.38 -13.88
N ARG G 76 19.07 33.31 -13.65
CA ARG G 76 19.70 32.15 -13.04
C ARG G 76 19.35 32.00 -11.57
N ALA G 77 19.14 33.11 -10.85
CA ALA G 77 18.84 33.03 -9.42
C ALA G 77 17.53 32.30 -9.17
N GLY G 78 16.66 32.21 -10.18
CA GLY G 78 15.42 31.49 -10.01
C GLY G 78 15.60 29.99 -9.96
N LEU G 79 16.68 29.49 -10.56
CA LEU G 79 16.94 28.05 -10.65
C LEU G 79 17.08 27.41 -9.27
N PHE G 80 16.43 26.28 -9.06
CA PHE G 80 16.50 25.55 -7.81
C PHE G 80 16.51 24.04 -8.04
N VAL G 81 17.23 23.34 -7.17
CA VAL G 81 17.34 21.89 -7.20
C VAL G 81 16.97 21.38 -5.82
N ARG G 82 16.15 20.32 -5.77
CA ARG G 82 15.56 19.90 -4.51
C ARG G 82 15.36 18.39 -4.49
N THR G 83 15.65 17.77 -3.35
CA THR G 83 15.33 16.36 -3.16
C THR G 83 14.28 16.28 -2.06
N SER G 84 14.59 16.70 -0.85
CA SER G 84 13.59 16.93 0.18
C SER G 84 13.79 18.26 0.88
N ALA G 85 15.01 18.78 0.83
CA ALA G 85 15.33 20.14 1.23
C ALA G 85 16.13 20.77 0.10
N PRO G 86 16.13 22.09 -0.03
CA PRO G 86 16.81 22.72 -1.17
C PRO G 86 18.28 22.31 -1.23
N CYS G 87 18.72 21.93 -2.42
CA CYS G 87 20.11 21.58 -2.66
C CYS G 87 20.93 22.82 -2.92
N THR G 88 22.21 22.75 -2.58
CA THR G 88 23.15 23.84 -2.83
C THR G 88 23.81 23.60 -4.18
N ILE G 89 23.53 24.48 -5.14
CA ILE G 89 24.08 24.34 -6.47
C ILE G 89 25.53 24.83 -6.47
N THR G 90 26.47 23.90 -6.56
CA THR G 90 27.88 24.25 -6.56
C THR G 90 28.35 24.82 -7.89
N GLY G 91 27.65 24.53 -8.98
CA GLY G 91 28.06 25.08 -10.27
C GLY G 91 27.08 24.84 -11.40
N THR G 92 27.19 25.61 -12.46
CA THR G 92 26.34 25.45 -13.63
C THR G 92 27.17 25.68 -14.88
N MET G 93 26.85 24.93 -15.93
CA MET G 93 27.43 25.18 -17.25
C MET G 93 26.53 24.56 -18.29
N GLY G 94 25.88 25.40 -19.09
CA GLY G 94 25.06 24.90 -20.19
C GLY G 94 23.98 23.95 -19.69
N HIS G 95 24.06 22.70 -20.12
CA HIS G 95 23.06 21.69 -19.81
C HIS G 95 23.28 21.03 -18.45
N PHE G 96 24.40 21.32 -17.77
CA PHE G 96 24.81 20.51 -16.63
C PHE G 96 24.86 21.35 -15.37
N ILE G 97 24.34 20.79 -14.27
CA ILE G 97 24.30 21.45 -12.98
C ILE G 97 24.97 20.54 -11.96
N LEU G 98 25.93 21.10 -11.22
CA LEU G 98 26.61 20.41 -10.13
C LEU G 98 26.02 20.88 -8.82
N ALA G 99 25.44 19.95 -8.06
CA ALA G 99 24.76 20.31 -6.83
C ALA G 99 25.13 19.32 -5.73
N ARG G 100 24.87 19.74 -4.48
CA ARG G 100 24.99 18.86 -3.32
C ARG G 100 23.60 18.70 -2.72
N CYS G 101 23.16 17.47 -2.56
CA CYS G 101 21.78 17.29 -2.15
C CYS G 101 21.68 16.45 -0.88
N PRO G 102 20.71 16.76 -0.01
CA PRO G 102 20.46 15.89 1.14
C PRO G 102 19.87 14.56 0.70
N LYS G 103 19.82 13.62 1.64
CA LYS G 103 19.27 12.31 1.35
C LYS G 103 17.80 12.42 0.94
N GLY G 104 17.42 11.65 -0.06
CA GLY G 104 16.06 11.67 -0.55
C GLY G 104 15.87 10.63 -1.64
N GLU G 105 14.63 10.52 -2.10
CA GLU G 105 14.29 9.53 -3.12
C GLU G 105 13.77 10.16 -4.40
N THR G 106 13.36 11.42 -4.38
CA THR G 106 12.98 12.14 -5.58
C THR G 106 13.93 13.31 -5.78
N LEU G 107 13.98 13.81 -7.01
CA LEU G 107 14.81 14.96 -7.32
C LEU G 107 14.11 15.82 -8.36
N THR G 108 14.00 17.12 -8.06
CA THR G 108 13.30 18.07 -8.90
C THR G 108 14.21 19.23 -9.23
N VAL G 109 14.08 19.71 -10.46
CA VAL G 109 14.80 20.89 -10.94
C VAL G 109 13.78 21.86 -11.51
N GLY G 110 13.92 23.13 -11.13
CA GLY G 110 12.94 24.11 -11.58
C GLY G 110 13.54 25.48 -11.68
N PHE G 111 12.74 26.40 -12.23
CA PHE G 111 13.14 27.79 -12.37
C PHE G 111 11.90 28.65 -12.61
N THR G 112 12.13 29.95 -12.73
CA THR G 112 11.11 30.92 -13.05
C THR G 112 11.44 31.57 -14.39
N ASP G 113 10.47 31.59 -15.31
CA ASP G 113 10.72 32.06 -16.65
C ASP G 113 10.43 33.57 -16.75
N SER G 114 10.43 34.09 -17.97
CA SER G 114 10.25 35.53 -18.17
C SER G 114 8.86 35.99 -17.73
N ARG G 115 7.84 35.18 -17.98
CA ARG G 115 6.48 35.51 -17.61
C ARG G 115 6.17 35.23 -16.14
N LYS G 116 7.20 35.05 -15.32
CA LYS G 116 7.06 34.79 -13.88
C LYS G 116 6.18 33.57 -13.64
N ILE G 117 6.38 32.53 -14.45
CA ILE G 117 5.65 31.26 -14.32
C ILE G 117 6.65 30.19 -13.95
N SER G 118 6.44 29.53 -12.82
CA SER G 118 7.37 28.54 -12.32
C SER G 118 7.25 27.25 -13.12
N HIS G 119 8.39 26.70 -13.54
CA HIS G 119 8.44 25.40 -14.18
C HIS G 119 9.32 24.48 -13.35
N SER G 120 8.97 23.20 -13.30
CA SER G 120 9.73 22.24 -12.52
C SER G 120 9.50 20.85 -13.08
N CYS G 121 10.51 19.99 -12.87
CA CYS G 121 10.43 18.60 -13.30
C CYS G 121 10.94 17.71 -12.18
N THR G 122 10.26 16.59 -11.97
CA THR G 122 10.53 15.69 -10.86
C THR G 122 10.79 14.28 -11.39
N HIS G 123 11.84 13.64 -10.90
CA HIS G 123 12.16 12.28 -11.25
C HIS G 123 12.43 11.46 -10.00
N PRO G 124 12.03 10.19 -9.99
CA PRO G 124 12.41 9.32 -8.88
C PRO G 124 13.87 8.95 -8.96
N PHE G 125 14.60 9.18 -7.86
CA PHE G 125 16.03 8.93 -7.84
C PHE G 125 16.53 8.73 -6.42
N HIS G 126 16.94 7.50 -6.09
CA HIS G 126 17.38 7.16 -4.75
C HIS G 126 18.77 7.75 -4.53
N HIS G 127 18.83 8.89 -3.85
CA HIS G 127 20.08 9.57 -3.55
C HIS G 127 20.53 9.15 -2.16
N ASP G 128 21.60 8.39 -2.10
CA ASP G 128 22.17 7.95 -0.83
C ASP G 128 23.69 7.85 -0.98
N PRO G 129 24.43 8.86 -0.56
CA PRO G 129 25.88 8.86 -0.75
C PRO G 129 26.51 7.66 -0.06
N PRO G 130 27.47 7.00 -0.71
CA PRO G 130 28.16 5.88 -0.05
C PRO G 130 28.99 6.38 1.11
N VAL G 131 29.12 5.52 2.11
CA VAL G 131 29.81 5.89 3.34
C VAL G 131 31.32 5.83 3.11
N ILE G 132 31.99 6.95 3.33
CA ILE G 132 33.44 7.02 3.27
C ILE G 132 33.97 6.77 4.67
N GLY G 133 34.86 5.79 4.80
CA GLY G 133 35.36 5.41 6.10
C GLY G 133 34.43 4.48 6.83
N ARG G 134 34.58 4.46 8.15
CA ARG G 134 33.84 3.54 9.00
C ARG G 134 32.82 4.24 9.89
N GLU G 135 32.57 5.53 9.67
CA GLU G 135 31.57 6.26 10.43
C GLU G 135 30.64 6.99 9.47
N LYS G 136 29.35 6.94 9.75
CA LYS G 136 28.33 7.58 8.92
C LYS G 136 28.06 8.97 9.49
N PHE G 137 28.87 9.94 9.08
CA PHE G 137 28.74 11.31 9.54
C PHE G 137 27.80 12.08 8.63
N HIS G 138 27.18 13.12 9.18
CA HIS G 138 26.20 13.90 8.44
C HIS G 138 26.71 15.26 7.99
N SER G 139 27.88 15.69 8.46
CA SER G 139 28.44 16.95 8.02
C SER G 139 29.95 16.90 8.20
N ARG G 140 30.63 17.82 7.52
CA ARG G 140 32.09 17.83 7.54
C ARG G 140 32.58 18.25 8.93
N PRO G 141 33.44 17.48 9.57
CA PRO G 141 33.86 17.81 10.94
C PRO G 141 35.10 18.70 10.95
N GLN G 142 35.27 19.40 12.07
CA GLN G 142 36.44 20.26 12.25
C GLN G 142 37.72 19.45 12.40
N HIS G 143 37.67 18.34 13.12
CA HIS G 143 38.85 17.54 13.43
C HIS G 143 38.64 16.12 12.93
N GLY G 144 39.68 15.54 12.32
CA GLY G 144 39.57 14.17 11.87
C GLY G 144 40.67 13.69 10.94
N LYS G 145 40.30 12.78 10.05
CA LYS G 145 41.21 12.08 9.16
C LYS G 145 40.80 12.36 7.72
N GLU G 146 41.72 12.12 6.79
CA GLU G 146 41.46 12.32 5.37
C GLU G 146 41.56 10.99 4.63
N LEU G 147 40.56 10.72 3.78
CA LEU G 147 40.52 9.48 3.03
C LEU G 147 40.30 9.74 1.55
N PRO G 148 40.75 8.84 0.68
CA PRO G 148 40.51 9.03 -0.76
C PRO G 148 39.03 9.02 -1.09
N CYS G 149 38.67 9.82 -2.09
CA CYS G 149 37.30 9.90 -2.58
C CYS G 149 37.34 10.48 -3.98
N SER G 150 36.18 10.46 -4.65
CA SER G 150 36.06 10.94 -6.01
C SER G 150 35.01 12.05 -6.04
N THR G 151 35.34 13.16 -6.70
CA THR G 151 34.39 14.27 -6.79
C THR G 151 34.40 14.85 -8.19
N TYR G 152 33.54 15.84 -8.41
CA TYR G 152 33.47 16.56 -9.67
C TYR G 152 34.12 17.92 -9.50
N VAL G 153 35.34 18.08 -10.02
CA VAL G 153 36.05 19.35 -9.92
C VAL G 153 35.35 20.38 -10.79
N GLN G 154 35.28 21.61 -10.27
CA GLN G 154 34.55 22.68 -10.96
C GLN G 154 35.38 23.31 -12.07
N SER G 155 35.74 22.52 -13.08
CA SER G 155 36.50 23.01 -14.22
C SER G 155 35.78 22.64 -15.51
N THR G 156 35.52 23.64 -16.35
CA THR G 156 34.88 23.42 -17.65
C THR G 156 35.94 23.58 -18.73
N ALA G 157 36.65 22.49 -19.01
CA ALA G 157 37.81 22.54 -19.89
C ALA G 157 37.84 21.38 -20.87
N ALA G 158 36.66 20.97 -21.36
CA ALA G 158 36.56 19.99 -22.45
C ALA G 158 37.32 18.70 -22.12
N THR G 159 36.83 17.99 -21.11
CA THR G 159 37.55 16.86 -20.53
C THR G 159 37.22 15.55 -21.24
N THR G 160 37.44 15.55 -22.57
CA THR G 160 37.25 14.36 -23.40
C THR G 160 35.86 13.77 -23.19
N GLU G 161 34.89 14.65 -22.92
CA GLU G 161 33.51 14.26 -22.69
C GLU G 161 32.68 14.70 -23.89
N GLU G 162 31.79 13.82 -24.35
CA GLU G 162 30.99 14.15 -25.52
C GLU G 162 29.52 13.83 -25.28
N ILE G 163 28.68 14.79 -25.61
CA ILE G 163 27.26 14.56 -25.88
C ILE G 163 27.01 15.00 -27.31
N GLU G 164 26.38 14.13 -28.09
CA GLU G 164 26.14 14.43 -29.50
C GLU G 164 24.98 15.41 -29.64
N VAL G 165 25.14 16.33 -30.59
CA VAL G 165 24.11 17.30 -30.93
C VAL G 165 23.96 17.34 -32.43
N HIS G 166 22.73 17.50 -32.90
CA HIS G 166 22.46 17.55 -34.33
C HIS G 166 21.10 18.18 -34.59
N MET G 167 20.65 18.04 -35.82
CA MET G 167 19.46 18.75 -36.28
C MET G 167 18.22 18.26 -35.55
N PRO G 168 17.43 19.16 -34.97
CA PRO G 168 16.18 18.75 -34.32
C PRO G 168 15.14 18.35 -35.36
N PRO G 169 14.14 17.57 -34.97
CA PRO G 169 13.11 17.15 -35.92
C PRO G 169 12.12 18.26 -36.21
N ASP G 170 11.22 17.97 -37.14
CA ASP G 170 10.10 18.86 -37.37
C ASP G 170 9.29 18.98 -36.09
N THR G 171 8.95 20.21 -35.73
CA THR G 171 8.28 20.45 -34.45
C THR G 171 6.80 20.66 -34.69
N PRO G 172 5.95 19.69 -34.39
CA PRO G 172 4.52 19.85 -34.64
C PRO G 172 3.93 20.96 -33.78
N ASP G 173 2.91 21.62 -34.33
CA ASP G 173 2.23 22.69 -33.62
C ASP G 173 0.82 22.80 -34.19
N ARG G 174 -0.17 22.54 -33.35
CA ARG G 174 -1.56 22.69 -33.76
C ARG G 174 -2.02 24.15 -33.68
N THR G 175 -1.29 25.01 -32.97
CA THR G 175 -1.65 26.40 -32.80
C THR G 175 -1.39 27.26 -34.03
N LEU G 176 -0.44 26.89 -34.87
CA LEU G 176 -0.22 27.62 -36.11
C LEU G 176 -1.41 27.47 -37.05
N MET G 177 -2.26 26.49 -36.76
CA MET G 177 -3.34 26.07 -37.64
C MET G 177 -4.68 26.67 -37.20
N SER G 178 -4.79 27.99 -37.38
CA SER G 178 -6.07 28.65 -37.14
C SER G 178 -7.06 28.30 -38.25
N GLN G 179 -8.28 27.99 -37.87
CA GLN G 179 -9.35 27.70 -38.82
C GLN G 179 -10.29 28.91 -38.87
N GLN G 180 -10.50 29.43 -40.08
CA GLN G 180 -11.42 30.55 -40.27
C GLN G 180 -12.25 30.30 -41.51
N SER G 181 -13.56 30.60 -41.40
CA SER G 181 -14.49 30.57 -42.53
C SER G 181 -14.43 29.24 -43.28
N GLY G 182 -14.22 28.15 -42.54
CA GLY G 182 -14.14 26.85 -43.15
C GLY G 182 -12.88 26.55 -43.91
N ASN G 183 -11.79 27.28 -43.65
CA ASN G 183 -10.52 27.04 -44.32
C ASN G 183 -9.39 27.24 -43.30
N VAL G 184 -8.24 26.62 -43.58
CA VAL G 184 -7.12 26.66 -42.66
C VAL G 184 -6.18 27.79 -42.93
N LYS G 185 -5.89 28.60 -41.93
CA LYS G 185 -4.93 29.65 -42.10
C LYS G 185 -3.69 29.20 -41.37
N ILE G 186 -2.59 29.06 -42.10
CA ILE G 186 -1.37 28.60 -41.47
C ILE G 186 -0.52 29.80 -41.21
N THR G 187 -0.42 30.20 -39.95
CA THR G 187 0.32 31.40 -39.64
C THR G 187 1.79 31.09 -39.59
N VAL G 188 2.54 31.56 -40.58
CA VAL G 188 3.95 31.20 -40.65
C VAL G 188 4.68 31.59 -39.36
N ASN G 189 4.40 32.78 -38.84
CA ASN G 189 5.07 33.31 -37.66
C ASN G 189 6.59 33.35 -37.85
N GLY G 190 7.01 33.61 -39.09
CA GLY G 190 8.42 33.79 -39.39
C GLY G 190 9.25 32.52 -39.46
N GLN G 191 8.62 31.35 -39.53
CA GLN G 191 9.35 30.09 -39.56
C GLN G 191 8.76 29.19 -40.64
N THR G 192 9.65 28.53 -41.38
CA THR G 192 9.22 27.62 -42.43
C THR G 192 8.34 26.52 -41.85
N VAL G 193 7.20 26.28 -42.48
CA VAL G 193 6.20 25.36 -41.97
C VAL G 193 5.90 24.30 -43.02
N ARG G 194 6.02 23.04 -42.63
CA ARG G 194 5.65 21.91 -43.46
C ARG G 194 4.28 21.39 -43.03
N TYR G 195 3.41 21.13 -44.00
CA TYR G 195 2.04 20.74 -43.72
C TYR G 195 1.60 19.68 -44.74
N LYS G 196 0.65 18.85 -44.32
CA LYS G 196 0.06 17.84 -45.19
C LYS G 196 -1.43 17.77 -44.93
N CYS G 197 -2.21 17.68 -46.00
CA CYS G 197 -3.67 17.69 -45.89
C CYS G 197 -4.29 16.48 -46.58
N ASN G 198 -5.27 15.89 -45.91
CA ASN G 198 -6.08 14.81 -46.48
C ASN G 198 -7.39 15.34 -47.06
N CYS G 199 -7.28 16.34 -47.94
CA CYS G 199 -8.41 16.97 -48.61
C CYS G 199 -8.06 17.09 -50.09
N GLY G 200 -7.60 15.98 -50.68
CA GLY G 200 -7.04 16.04 -52.01
C GLY G 200 -5.62 16.55 -51.94
N GLY G 201 -4.74 15.76 -51.33
CA GLY G 201 -3.45 16.26 -50.89
C GLY G 201 -2.47 16.64 -51.98
N SER G 202 -2.91 17.49 -52.89
CA SER G 202 -2.02 18.29 -53.72
C SER G 202 -1.69 19.61 -53.08
N ASN G 203 -2.43 20.00 -52.04
CA ASN G 203 -2.14 21.22 -51.29
C ASN G 203 -0.95 21.01 -50.35
N GLU G 204 -0.61 19.76 -50.07
CA GLU G 204 0.44 19.47 -49.10
C GLU G 204 1.78 20.02 -49.57
N GLY G 205 2.59 20.46 -48.62
CA GLY G 205 3.86 21.08 -48.93
C GLY G 205 4.28 21.99 -47.80
N LEU G 206 5.30 22.79 -48.07
CA LEU G 206 5.80 23.73 -47.07
C LEU G 206 5.52 25.17 -47.49
N THR G 207 5.87 26.09 -46.61
CA THR G 207 5.60 27.51 -46.82
C THR G 207 6.47 28.35 -45.92
N THR G 208 6.58 29.63 -46.27
CA THR G 208 7.21 30.64 -45.44
C THR G 208 6.31 31.88 -45.28
N THR G 209 5.12 31.86 -45.85
CA THR G 209 4.11 32.89 -45.63
C THR G 209 2.77 32.23 -45.38
N ASP G 210 1.80 33.04 -44.97
CA ASP G 210 0.46 32.53 -44.70
C ASP G 210 -0.18 31.98 -45.97
N LYS G 211 -0.80 30.81 -45.85
CA LYS G 211 -1.53 30.20 -46.96
C LYS G 211 -2.90 29.74 -46.48
N VAL G 212 -3.94 30.12 -47.19
CA VAL G 212 -5.29 29.63 -46.94
C VAL G 212 -5.48 28.33 -47.70
N ILE G 213 -5.87 27.28 -46.99
CA ILE G 213 -6.10 25.97 -47.58
C ILE G 213 -7.58 25.87 -47.92
N ASN G 214 -7.88 25.75 -49.21
CA ASN G 214 -9.25 25.79 -49.68
C ASN G 214 -9.94 24.44 -49.49
N ASN G 215 -11.21 24.50 -49.09
CA ASN G 215 -12.08 23.33 -48.98
C ASN G 215 -11.48 22.25 -48.06
N CYS G 216 -10.92 22.68 -46.94
CA CYS G 216 -10.38 21.76 -45.95
C CYS G 216 -10.36 22.43 -44.59
N LYS G 217 -10.72 21.68 -43.56
CA LYS G 217 -10.78 22.17 -42.19
C LYS G 217 -9.58 21.67 -41.40
N VAL G 218 -9.49 22.13 -40.15
CA VAL G 218 -8.27 21.92 -39.36
C VAL G 218 -8.04 20.44 -39.07
N ASP G 219 -9.10 19.64 -39.02
CA ASP G 219 -8.96 18.25 -38.61
C ASP G 219 -8.12 17.43 -39.58
N GLN G 220 -8.33 17.59 -40.88
CA GLN G 220 -7.66 16.75 -41.88
C GLN G 220 -6.35 17.34 -42.39
N CYS G 221 -5.65 18.15 -41.60
CA CYS G 221 -4.34 18.64 -41.98
C CYS G 221 -3.42 18.61 -40.77
N HIS G 222 -2.11 18.60 -41.04
CA HIS G 222 -1.07 18.54 -40.02
C HIS G 222 0.04 19.51 -40.38
N ALA G 223 0.61 20.18 -39.36
CA ALA G 223 1.60 21.21 -39.59
C ALA G 223 2.74 21.08 -38.58
N ALA G 224 3.91 21.58 -38.98
CA ALA G 224 5.10 21.56 -38.14
C ALA G 224 6.10 22.56 -38.68
N VAL G 225 7.15 22.84 -37.89
CA VAL G 225 8.25 23.69 -38.29
C VAL G 225 9.39 22.79 -38.77
N THR G 226 9.86 23.01 -40.00
CA THR G 226 10.67 22.01 -40.70
C THR G 226 12.14 22.34 -40.86
N ASN G 227 12.54 23.60 -40.82
CA ASN G 227 13.95 23.97 -40.92
C ASN G 227 14.38 24.64 -39.63
N HIS G 228 15.58 24.31 -39.16
CA HIS G 228 16.10 24.82 -37.90
C HIS G 228 17.53 25.26 -38.07
N LYS G 229 17.86 26.42 -37.50
CA LYS G 229 19.22 26.94 -37.55
C LYS G 229 20.08 26.40 -36.40
N LYS G 230 19.46 26.17 -35.25
CA LYS G 230 20.18 25.71 -34.07
C LYS G 230 20.07 24.20 -33.91
N TRP G 231 21.00 23.64 -33.13
CA TRP G 231 21.17 22.21 -32.97
C TRP G 231 20.81 21.78 -31.56
N GLN G 232 20.20 20.60 -31.46
CA GLN G 232 19.72 20.10 -30.17
C GLN G 232 20.52 18.87 -29.75
N TYR G 233 20.51 18.63 -28.44
CA TYR G 233 21.14 17.44 -27.90
C TYR G 233 20.40 16.19 -28.38
N ASN G 234 21.15 15.10 -28.54
CA ASN G 234 20.58 13.84 -29.00
C ASN G 234 19.79 13.20 -27.87
N SER G 235 18.71 13.85 -27.44
CA SER G 235 17.95 13.39 -26.28
C SER G 235 17.08 12.19 -26.63
N PRO G 236 16.95 11.23 -25.72
CA PRO G 236 16.01 10.12 -25.92
C PRO G 236 14.56 10.55 -25.80
N LEU G 237 14.28 11.79 -25.44
CA LEU G 237 12.92 12.31 -25.38
C LEU G 237 12.58 13.17 -26.58
N VAL G 238 13.41 13.15 -27.62
CA VAL G 238 13.14 13.89 -28.86
C VAL G 238 13.46 12.98 -30.04
N PRO G 239 12.54 12.79 -30.99
CA PRO G 239 12.81 11.85 -32.09
C PRO G 239 13.90 12.33 -33.02
N ARG G 240 14.52 11.38 -33.73
CA ARG G 240 15.48 11.67 -34.76
C ARG G 240 14.80 12.19 -36.02
N ASN G 241 15.61 12.77 -36.92
CA ASN G 241 15.09 13.25 -38.19
C ASN G 241 15.11 12.18 -39.27
N ALA G 242 15.96 11.18 -39.16
CA ALA G 242 16.05 10.12 -40.15
C ALA G 242 16.56 8.86 -39.46
N GLU G 243 16.57 7.76 -40.22
CA GLU G 243 17.04 6.50 -39.67
C GLU G 243 18.49 6.57 -39.22
N LEU G 244 19.30 7.41 -39.85
CA LEU G 244 20.68 7.60 -39.47
C LEU G 244 20.84 8.89 -38.66
N GLY G 245 21.89 8.94 -37.85
CA GLY G 245 22.19 10.16 -37.14
C GLY G 245 22.51 11.30 -38.09
N ASP G 246 22.02 12.48 -37.76
CA ASP G 246 22.16 13.62 -38.66
C ASP G 246 23.58 14.16 -38.67
N ARG G 247 24.10 14.52 -37.50
CA ARG G 247 25.43 15.10 -37.42
C ARG G 247 26.24 14.35 -36.38
N LYS G 248 27.51 14.75 -36.26
CA LYS G 248 28.39 14.24 -35.22
C LYS G 248 28.95 15.42 -34.40
N GLY G 249 28.18 16.50 -34.31
CA GLY G 249 28.58 17.61 -33.47
C GLY G 249 28.64 17.22 -32.01
N LYS G 250 29.58 17.81 -31.29
CA LYS G 250 29.95 17.33 -29.97
C LYS G 250 29.98 18.50 -28.99
N ILE G 251 29.39 18.29 -27.82
CA ILE G 251 29.49 19.24 -26.71
C ILE G 251 30.18 18.54 -25.54
N HIS G 252 31.19 19.20 -24.98
CA HIS G 252 31.92 18.60 -23.88
C HIS G 252 31.13 18.73 -22.57
N ILE G 253 31.10 17.62 -21.83
CA ILE G 253 30.43 17.57 -20.53
C ILE G 253 31.39 18.17 -19.50
N PRO G 254 31.00 19.21 -18.79
CA PRO G 254 31.92 19.83 -17.83
C PRO G 254 32.11 18.97 -16.59
N PHE G 255 32.93 19.50 -15.67
CA PHE G 255 33.14 18.92 -14.36
C PHE G 255 33.63 17.48 -14.43
N PRO G 256 34.87 17.26 -14.85
CA PRO G 256 35.40 15.89 -14.86
C PRO G 256 35.52 15.32 -13.46
N LEU G 257 35.42 13.99 -13.38
CA LEU G 257 35.62 13.30 -12.13
C LEU G 257 37.10 13.25 -11.79
N ALA G 258 37.41 13.39 -10.49
CA ALA G 258 38.80 13.52 -10.08
C ALA G 258 39.00 13.00 -8.66
N ASN G 259 40.22 12.54 -8.40
CA ASN G 259 40.64 12.12 -7.07
C ASN G 259 40.75 13.33 -6.14
N VAL G 260 40.13 13.21 -4.96
CA VAL G 260 40.24 14.24 -3.93
C VAL G 260 40.31 13.52 -2.58
N THR G 261 40.72 14.20 -1.53
CA THR G 261 40.69 13.66 -0.18
C THR G 261 39.54 14.30 0.59
N CYS G 262 38.70 13.46 1.18
CA CYS G 262 37.55 13.90 1.95
C CYS G 262 37.84 13.74 3.44
N ARG G 263 37.29 14.67 4.22
CA ARG G 263 37.49 14.67 5.67
C ARG G 263 36.40 13.83 6.34
N VAL G 264 36.83 12.92 7.21
CA VAL G 264 35.91 12.09 7.99
C VAL G 264 36.28 12.24 9.46
N PRO G 265 35.32 12.15 10.38
CA PRO G 265 35.63 12.39 11.79
C PRO G 265 36.25 11.17 12.45
N LYS G 266 36.74 11.40 13.67
CA LYS G 266 37.23 10.35 14.53
C LYS G 266 36.35 10.28 15.77
N ALA G 267 35.93 9.06 16.13
CA ALA G 267 35.02 8.91 17.26
C ALA G 267 35.74 9.21 18.57
N ARG G 268 34.94 9.39 19.63
CA ARG G 268 35.48 9.68 20.94
C ARG G 268 36.27 8.50 21.48
N ASN G 269 37.18 8.78 22.41
CA ASN G 269 37.96 7.73 23.03
C ASN G 269 37.05 6.86 23.90
N PRO G 270 37.01 5.55 23.67
CA PRO G 270 36.19 4.69 24.52
C PRO G 270 36.76 4.56 25.92
N THR G 271 35.89 4.30 26.88
CA THR G 271 36.31 4.08 28.26
C THR G 271 36.63 2.61 28.44
N VAL G 272 37.87 2.30 28.81
CA VAL G 272 38.40 0.95 28.76
C VAL G 272 38.68 0.47 30.18
N THR G 273 38.18 -0.72 30.52
CA THR G 273 38.53 -1.42 31.74
C THR G 273 38.98 -2.82 31.38
N TYR G 274 39.68 -3.47 32.30
CA TYR G 274 40.31 -4.74 32.02
C TYR G 274 39.84 -5.81 32.99
N GLY G 275 39.82 -7.05 32.52
CA GLY G 275 39.49 -8.20 33.33
C GLY G 275 40.24 -9.41 32.82
N LYS G 276 40.08 -10.56 33.48
CA LYS G 276 40.84 -11.75 33.11
C LYS G 276 40.52 -12.15 31.68
N ASN G 277 41.48 -11.95 30.78
CA ASN G 277 41.30 -12.20 29.35
C ASN G 277 40.08 -11.49 28.79
N GLN G 278 39.81 -10.29 29.31
CA GLN G 278 38.67 -9.51 28.85
C GLN G 278 39.02 -8.04 28.80
N VAL G 279 38.52 -7.36 27.77
CA VAL G 279 38.55 -5.91 27.71
C VAL G 279 37.11 -5.43 27.64
N ILE G 280 36.76 -4.47 28.48
CA ILE G 280 35.40 -3.95 28.57
C ILE G 280 35.44 -2.50 28.11
N MET G 281 34.82 -2.23 26.97
CA MET G 281 34.86 -0.90 26.36
C MET G 281 33.47 -0.30 26.39
N LEU G 282 33.39 0.93 26.89
CA LEU G 282 32.16 1.72 26.85
C LEU G 282 32.32 2.74 25.74
N LEU G 283 31.37 2.76 24.81
CA LEU G 283 31.47 3.50 23.57
C LEU G 283 30.38 4.55 23.51
N TYR G 284 30.76 5.76 23.09
CA TYR G 284 29.86 6.91 23.00
C TYR G 284 29.89 7.45 21.59
N PRO G 285 29.12 6.86 20.67
CA PRO G 285 29.11 7.35 19.29
C PRO G 285 28.15 8.51 19.11
N ASP G 286 28.59 9.51 18.35
CA ASP G 286 27.71 10.58 17.89
C ASP G 286 26.87 10.17 16.69
N HIS G 287 27.39 9.27 15.88
CA HIS G 287 26.73 8.78 14.67
C HIS G 287 27.03 7.30 14.55
N PRO G 288 26.24 6.55 13.78
CA PRO G 288 26.51 5.11 13.64
C PRO G 288 27.95 4.83 13.30
N THR G 289 28.65 4.19 14.24
CA THR G 289 30.09 3.98 14.16
C THR G 289 30.37 2.49 14.07
N LEU G 290 31.25 2.10 13.14
CA LEU G 290 31.58 0.70 12.97
C LEU G 290 32.65 0.28 13.97
N LEU G 291 32.36 -0.79 14.71
CA LEU G 291 33.31 -1.37 15.65
C LEU G 291 33.65 -2.78 15.19
N SER G 292 34.93 -3.05 14.98
CA SER G 292 35.36 -4.36 14.52
C SER G 292 36.52 -4.83 15.37
N TYR G 293 36.72 -6.14 15.41
CA TYR G 293 37.86 -6.68 16.14
C TYR G 293 38.20 -8.06 15.59
N ARG G 294 39.47 -8.41 15.74
CA ARG G 294 40.00 -9.66 15.23
C ARG G 294 41.13 -10.14 16.12
N ASN G 295 41.24 -11.46 16.26
CA ASN G 295 42.43 -12.04 16.85
C ASN G 295 43.60 -11.87 15.89
N MET G 296 44.80 -11.70 16.45
CA MET G 296 46.00 -11.57 15.65
C MET G 296 46.79 -12.88 15.61
N GLY G 297 46.11 -14.02 15.68
CA GLY G 297 46.76 -15.30 15.59
C GLY G 297 46.48 -16.00 14.27
N GLU G 298 46.41 -17.34 14.29
CA GLU G 298 46.16 -18.07 13.07
C GLU G 298 44.75 -17.81 12.54
N GLU G 299 43.75 -17.79 13.42
CA GLU G 299 42.36 -17.57 13.02
C GLU G 299 41.91 -16.21 13.52
N PRO G 300 41.79 -15.21 12.64
CA PRO G 300 41.42 -13.87 13.09
C PRO G 300 40.06 -13.82 13.76
N ASN G 301 39.10 -14.63 13.32
CA ASN G 301 37.74 -14.61 13.86
C ASN G 301 37.16 -13.21 13.83
N TYR G 302 37.27 -12.58 12.66
CA TYR G 302 36.83 -11.20 12.49
C TYR G 302 35.36 -11.03 12.86
N GLN G 303 35.06 -10.03 13.67
CA GLN G 303 33.69 -9.70 14.00
C GLN G 303 33.50 -8.20 13.94
N GLU G 304 32.30 -7.77 13.54
CA GLU G 304 32.02 -6.35 13.39
C GLU G 304 30.57 -6.08 13.74
N GLU G 305 30.29 -4.84 14.12
CA GLU G 305 28.93 -4.42 14.41
C GLU G 305 28.85 -2.90 14.35
N TRP G 306 27.68 -2.41 13.98
CA TRP G 306 27.44 -0.97 13.93
C TRP G 306 26.81 -0.51 15.23
N VAL G 307 27.41 0.49 15.86
CA VAL G 307 26.94 1.02 17.12
C VAL G 307 26.21 2.34 16.86
N MET G 308 24.95 2.41 17.26
CA MET G 308 24.17 3.62 17.02
C MET G 308 24.03 4.44 18.30
N HIS G 309 24.14 3.81 19.45
CA HIS G 309 23.98 4.47 20.74
C HIS G 309 25.05 3.99 21.71
N LYS G 310 25.14 4.66 22.84
CA LYS G 310 26.15 4.33 23.86
C LYS G 310 26.02 2.86 24.25
N LYS G 311 27.15 2.15 24.25
CA LYS G 311 27.08 0.70 24.38
C LYS G 311 28.32 0.18 25.08
N GLU G 312 28.14 -0.87 25.88
CA GLU G 312 29.23 -1.54 26.57
C GLU G 312 29.46 -2.90 25.94
N VAL G 313 30.69 -3.15 25.52
CA VAL G 313 31.07 -4.39 24.83
C VAL G 313 32.18 -5.07 25.61
N VAL G 314 32.04 -6.37 25.84
CA VAL G 314 33.05 -7.19 26.50
C VAL G 314 33.67 -8.09 25.45
N LEU G 315 34.97 -7.93 25.22
CA LEU G 315 35.68 -8.67 24.20
C LEU G 315 36.72 -9.57 24.84
N THR G 316 36.68 -10.85 24.50
CA THR G 316 37.68 -11.79 24.99
C THR G 316 39.02 -11.51 24.32
N VAL G 317 40.10 -11.67 25.10
CA VAL G 317 41.45 -11.42 24.64
C VAL G 317 42.20 -12.75 24.61
N PRO G 318 42.42 -13.36 23.45
CA PRO G 318 43.20 -14.59 23.40
C PRO G 318 44.66 -14.32 23.71
N THR G 319 45.40 -15.42 23.94
CA THR G 319 46.80 -15.29 24.33
C THR G 319 47.64 -14.63 23.25
N GLU G 320 47.24 -14.76 21.99
CA GLU G 320 48.00 -14.16 20.90
C GLU G 320 47.68 -12.69 20.68
N GLY G 321 46.65 -12.16 21.33
CA GLY G 321 46.34 -10.75 21.23
C GLY G 321 45.07 -10.49 20.43
N LEU G 322 44.50 -9.31 20.65
CA LEU G 322 43.28 -8.87 20.00
C LEU G 322 43.45 -7.45 19.49
N GLU G 323 42.96 -7.20 18.28
CA GLU G 323 43.00 -5.88 17.67
C GLU G 323 41.59 -5.35 17.50
N VAL G 324 41.35 -4.15 18.00
CA VAL G 324 40.03 -3.54 18.00
C VAL G 324 40.11 -2.21 17.23
N THR G 325 39.32 -2.10 16.18
CA THR G 325 39.19 -0.86 15.42
C THR G 325 37.85 -0.23 15.76
N TRP G 326 37.89 0.99 16.29
CA TRP G 326 36.71 1.73 16.72
C TRP G 326 36.59 2.95 15.83
N GLY G 327 35.74 2.85 14.81
CA GLY G 327 35.57 3.96 13.89
C GLY G 327 36.84 4.22 13.10
N ASN G 328 37.14 5.50 12.88
CA ASN G 328 38.30 5.90 12.10
C ASN G 328 39.58 5.94 12.93
N ASN G 329 39.50 5.64 14.22
CA ASN G 329 40.67 5.70 15.09
C ASN G 329 41.68 4.62 14.69
N GLU G 330 42.94 4.87 15.04
CA GLU G 330 43.95 3.85 14.85
C GLU G 330 43.64 2.66 15.75
N PRO G 331 43.85 1.43 15.28
CA PRO G 331 43.42 0.26 16.04
C PRO G 331 44.19 0.14 17.36
N TYR G 332 43.49 -0.35 18.37
CA TYR G 332 44.09 -0.68 19.66
C TYR G 332 44.46 -2.15 19.68
N LYS G 333 45.56 -2.48 20.33
CA LYS G 333 46.01 -3.86 20.46
C LYS G 333 46.11 -4.22 21.94
N TYR G 334 45.66 -5.43 22.27
CA TYR G 334 45.66 -5.89 23.65
C TYR G 334 46.22 -7.31 23.73
N TRP G 335 47.10 -7.54 24.70
CA TRP G 335 47.61 -8.87 25.00
C TRP G 335 47.36 -9.16 26.48
N PRO G 336 47.07 -10.41 26.82
CA PRO G 336 46.85 -10.75 28.22
C PRO G 336 48.15 -11.00 28.96
N GLN G 337 48.15 -10.62 30.23
CA GLN G 337 49.28 -10.88 31.11
C GLN G 337 49.03 -12.15 31.91
N LEU G 338 50.09 -12.64 32.54
CA LEU G 338 50.01 -13.88 33.33
C LEU G 338 49.53 -13.60 34.74
N SER G 339 48.32 -13.03 34.83
CA SER G 339 47.69 -12.75 36.12
C SER G 339 46.81 -13.92 36.52
N THR G 340 46.80 -14.20 37.82
CA THR G 340 46.10 -15.33 38.39
C THR G 340 45.89 -15.04 39.88
N ASN G 341 44.98 -15.79 40.50
CA ASN G 341 44.55 -15.41 41.84
C ASN G 341 45.48 -16.01 42.87
N GLY G 342 45.71 -17.32 42.79
CA GLY G 342 46.58 -18.03 43.68
C GLY G 342 48.04 -17.87 43.29
N THR G 343 48.87 -18.73 43.84
CA THR G 343 50.30 -18.52 43.81
C THR G 343 51.05 -19.82 43.59
N ALA G 344 52.25 -19.69 43.03
CA ALA G 344 53.26 -20.73 43.12
C ALA G 344 53.92 -20.66 44.49
N HIS G 345 54.82 -21.60 44.74
CA HIS G 345 55.55 -21.69 46.00
C HIS G 345 54.63 -21.81 47.21
N GLY G 346 53.40 -22.26 47.02
CA GLY G 346 52.45 -22.34 48.10
C GLY G 346 51.88 -23.73 48.33
N HIS G 347 50.67 -23.78 48.88
CA HIS G 347 50.04 -25.07 49.14
C HIS G 347 49.64 -25.74 47.83
N PRO G 348 49.51 -27.07 47.83
CA PRO G 348 49.19 -27.78 46.57
C PRO G 348 47.91 -27.30 45.89
N HIS G 349 46.86 -27.00 46.66
CA HIS G 349 45.65 -26.49 46.03
C HIS G 349 45.88 -25.12 45.40
N GLU G 350 46.66 -24.26 46.04
CA GLU G 350 47.03 -22.99 45.41
C GLU G 350 47.87 -23.21 44.16
N ILE G 351 48.77 -24.19 44.17
CA ILE G 351 49.53 -24.54 42.98
C ILE G 351 48.59 -24.91 41.84
N ILE G 352 47.62 -25.78 42.12
CA ILE G 352 46.69 -26.24 41.10
C ILE G 352 45.86 -25.07 40.58
N LEU G 353 45.38 -24.22 41.49
CA LEU G 353 44.59 -23.07 41.08
C LEU G 353 45.40 -22.13 40.19
N TYR G 354 46.65 -21.85 40.58
CA TYR G 354 47.51 -20.98 39.79
C TYR G 354 47.72 -21.52 38.39
N TYR G 355 48.11 -22.80 38.29
CA TYR G 355 48.44 -23.35 36.99
C TYR G 355 47.20 -23.61 36.14
N TYR G 356 46.03 -23.78 36.76
CA TYR G 356 44.81 -23.90 35.99
C TYR G 356 44.35 -22.54 35.47
N GLU G 357 44.47 -21.50 36.30
CA GLU G 357 44.06 -20.17 35.86
C GLU G 357 44.96 -19.65 34.75
N LEU G 358 46.26 -19.97 34.80
CA LEU G 358 47.12 -19.50 33.72
C LEU G 358 46.89 -20.26 32.42
N TYR G 359 46.82 -21.59 32.48
CA TYR G 359 46.70 -22.44 31.29
C TYR G 359 45.56 -23.42 31.49
N PRO G 360 44.32 -22.98 31.33
CA PRO G 360 43.17 -23.86 31.62
C PRO G 360 43.10 -25.10 30.74
N THR G 361 43.73 -25.10 29.58
CA THR G 361 43.63 -26.21 28.64
C THR G 361 44.52 -27.38 29.02
N MET G 362 45.82 -27.18 29.07
CA MET G 362 46.74 -28.30 29.31
C MET G 362 46.72 -28.73 30.78
N THR G 363 46.34 -27.82 31.67
CA THR G 363 46.39 -28.15 33.09
C THR G 363 45.43 -29.27 33.44
N VAL G 364 44.18 -29.17 33.00
CA VAL G 364 43.21 -30.21 33.31
C VAL G 364 43.59 -31.52 32.63
N VAL G 365 44.17 -31.45 31.42
CA VAL G 365 44.61 -32.65 30.72
C VAL G 365 45.69 -33.38 31.49
N VAL G 366 46.75 -32.67 31.91
CA VAL G 366 47.85 -33.32 32.60
C VAL G 366 47.40 -33.78 33.98
N VAL G 367 46.51 -33.03 34.64
CA VAL G 367 46.00 -33.49 35.93
C VAL G 367 45.22 -34.78 35.76
N SER G 368 44.39 -34.87 34.73
CA SER G 368 43.62 -36.09 34.49
C SER G 368 44.54 -37.27 34.19
N VAL G 369 45.52 -37.08 33.30
CA VAL G 369 46.40 -38.20 32.96
C VAL G 369 47.27 -38.59 34.15
N ALA G 370 47.69 -37.62 34.96
CA ALA G 370 48.50 -37.95 36.13
C ALA G 370 47.69 -38.73 37.16
N SER G 371 46.45 -38.31 37.42
CA SER G 371 45.60 -39.05 38.34
C SER G 371 45.32 -40.45 37.81
N PHE G 372 45.06 -40.56 36.50
CA PHE G 372 44.81 -41.87 35.91
C PHE G 372 46.03 -42.77 36.04
N VAL G 373 47.21 -42.24 35.78
CA VAL G 373 48.43 -43.04 35.88
C VAL G 373 48.67 -43.48 37.32
N LEU G 374 48.48 -42.57 38.28
CA LEU G 374 48.69 -42.94 39.68
C LEU G 374 47.70 -44.01 40.12
N LEU G 375 46.43 -43.86 39.74
CA LEU G 375 45.44 -44.88 40.10
C LEU G 375 45.74 -46.21 39.43
N SER G 376 46.22 -46.17 38.17
CA SER G 376 46.59 -47.40 37.49
C SER G 376 47.76 -48.09 38.18
N MET G 377 48.75 -47.32 38.61
CA MET G 377 49.88 -47.91 39.33
C MET G 377 49.43 -48.50 40.67
N VAL G 378 48.53 -47.80 41.37
CA VAL G 378 48.01 -48.34 42.63
C VAL G 378 47.26 -49.65 42.39
N GLY G 379 46.43 -49.69 41.35
CA GLY G 379 45.72 -50.92 41.03
C GLY G 379 46.65 -52.04 40.63
N VAL G 380 47.71 -51.72 39.89
CA VAL G 380 48.69 -52.73 39.50
C VAL G 380 49.38 -53.28 40.74
N ALA G 381 49.77 -52.40 41.68
CA ALA G 381 50.40 -52.87 42.91
C ALA G 381 49.45 -53.76 43.71
N VAL G 382 48.18 -53.39 43.78
CA VAL G 382 47.20 -54.21 44.50
C VAL G 382 47.07 -55.57 43.81
N GLY G 383 47.02 -55.60 42.49
CA GLY G 383 46.90 -56.86 41.78
C GLY G 383 48.10 -57.77 42.00
N MET G 384 49.31 -57.20 41.93
CA MET G 384 50.51 -58.00 42.19
C MET G 384 50.53 -58.52 43.61
N CYS G 385 50.10 -57.70 44.58
CA CYS G 385 50.07 -58.16 45.97
C CYS G 385 49.05 -59.29 46.15
N MET G 386 47.87 -59.17 45.54
CA MET G 386 46.90 -60.26 45.61
C MET G 386 47.43 -61.53 44.96
N CYS G 387 48.09 -61.40 43.80
CA CYS G 387 48.64 -62.57 43.14
C CYS G 387 49.73 -63.24 43.98
N ALA G 388 50.61 -62.44 44.57
CA ALA G 388 51.63 -63.00 45.46
C ALA G 388 51.01 -63.69 46.66
N ARG G 389 49.96 -63.08 47.25
CA ARG G 389 49.32 -63.69 48.40
C ARG G 389 48.65 -65.01 48.03
N ARG G 390 47.95 -65.05 46.89
CA ARG G 390 47.31 -66.29 46.48
C ARG G 390 48.35 -67.38 46.20
N ARG G 391 49.47 -67.02 45.56
CA ARG G 391 50.51 -68.00 45.30
C ARG G 391 51.15 -68.50 46.59
N CYS G 392 51.30 -67.63 47.59
CA CYS G 392 51.83 -68.07 48.86
C CYS G 392 50.85 -68.97 49.62
N ILE G 393 49.55 -68.68 49.52
CA ILE G 393 48.56 -69.40 50.31
C ILE G 393 48.19 -70.74 49.67
N THR G 394 48.27 -70.85 48.34
CA THR G 394 47.86 -72.09 47.67
C THR G 394 48.56 -73.35 48.20
N PRO G 395 49.87 -73.38 48.43
CA PRO G 395 50.47 -74.61 48.97
C PRO G 395 49.95 -75.00 50.34
N TYR G 396 49.40 -74.05 51.11
CA TYR G 396 48.96 -74.34 52.46
C TYR G 396 47.50 -74.74 52.54
N GLU G 397 46.67 -74.32 51.59
CA GLU G 397 45.27 -74.72 51.59
C GLU G 397 45.04 -76.08 50.96
N LEU G 398 46.11 -76.76 50.53
CA LEU G 398 46.00 -78.07 49.91
C LEU G 398 46.61 -79.18 50.76
N THR G 399 47.28 -78.84 51.85
CA THR G 399 47.85 -79.82 52.77
C THR G 399 46.82 -80.17 53.82
N PRO G 400 46.49 -81.45 54.02
CA PRO G 400 45.40 -81.80 54.96
C PRO G 400 45.64 -81.30 56.37
N GLY G 401 46.88 -81.23 56.83
CA GLY G 401 47.16 -80.60 58.11
C GLY G 401 46.91 -79.10 58.04
N ALA G 402 46.16 -78.60 59.02
CA ALA G 402 45.83 -77.18 59.09
C ALA G 402 46.95 -76.41 59.79
N THR G 403 48.11 -76.38 59.11
CA THR G 403 49.31 -75.75 59.64
C THR G 403 49.69 -74.56 58.78
N VAL G 404 49.93 -73.42 59.42
CA VAL G 404 50.35 -72.21 58.73
C VAL G 404 51.15 -71.37 59.72
N PRO G 405 52.29 -70.81 59.33
CA PRO G 405 53.03 -69.93 60.24
C PRO G 405 52.20 -68.73 60.64
N PHE G 406 52.33 -68.32 61.90
CA PHE G 406 51.53 -67.21 62.41
C PHE G 406 51.86 -65.91 61.68
N LEU G 407 53.11 -65.76 61.23
CA LEU G 407 53.47 -64.58 60.45
C LEU G 407 52.70 -64.53 59.14
N LEU G 408 52.58 -65.67 58.45
CA LEU G 408 51.79 -65.70 57.22
C LEU G 408 50.32 -65.44 57.51
N SER G 409 49.82 -65.93 58.64
CA SER G 409 48.44 -65.63 59.02
C SER G 409 48.23 -64.14 59.23
N LEU G 410 49.18 -63.47 59.90
CA LEU G 410 49.09 -62.02 60.07
C LEU G 410 49.19 -61.30 58.73
N ILE G 411 49.99 -61.82 57.80
CA ILE G 411 50.08 -61.25 56.47
C ILE G 411 48.74 -61.35 55.75
N CYS G 412 48.09 -62.50 55.84
CA CYS G 412 46.81 -62.72 55.16
C CYS G 412 45.62 -62.20 55.94
N ASN H 1 20.21 44.11 30.07
CA ASN H 1 19.88 45.21 29.16
C ASN H 1 20.73 45.12 27.90
N PHE H 2 20.29 45.82 26.85
CA PHE H 2 20.97 45.83 25.56
C PHE H 2 22.26 46.65 25.58
N ASN H 3 22.53 47.39 26.65
CA ASN H 3 23.65 48.32 26.69
C ASN H 3 24.98 47.66 27.02
N VAL H 4 25.09 46.34 26.89
CA VAL H 4 26.31 45.62 27.23
C VAL H 4 27.27 45.56 26.04
N TYR H 5 26.74 45.52 24.82
CA TYR H 5 27.54 45.40 23.61
C TYR H 5 28.13 46.73 23.15
N LYS H 6 28.27 47.70 24.05
CA LYS H 6 28.74 49.03 23.66
C LYS H 6 30.10 48.98 22.98
N ALA H 7 31.07 48.29 23.59
CA ALA H 7 32.43 48.27 23.06
C ALA H 7 32.82 46.88 22.56
N THR H 8 31.91 46.17 21.91
CA THR H 8 32.19 44.85 21.37
C THR H 8 31.92 44.83 19.88
N ARG H 9 32.67 43.97 19.18
CA ARG H 9 32.51 43.83 17.74
C ARG H 9 32.46 42.34 17.40
N PRO H 10 31.77 41.96 16.32
CA PRO H 10 31.75 40.55 15.91
C PRO H 10 33.09 40.11 15.36
N TYR H 11 33.25 38.81 15.12
CA TYR H 11 34.53 38.26 14.69
C TYR H 11 34.30 37.17 13.66
N LEU H 12 35.28 37.02 12.78
CA LEU H 12 35.31 35.93 11.82
C LEU H 12 35.89 34.69 12.48
N ALA H 13 35.33 33.53 12.13
CA ALA H 13 35.79 32.30 12.77
C ALA H 13 35.78 31.17 11.76
N HIS H 14 36.60 30.16 12.04
CA HIS H 14 36.66 28.98 11.17
C HIS H 14 35.33 28.22 11.23
N CYS H 15 34.87 27.78 10.06
CA CYS H 15 33.64 27.00 9.96
C CYS H 15 33.92 25.78 9.11
N PRO H 16 33.59 24.58 9.60
CA PRO H 16 33.93 23.36 8.85
C PRO H 16 33.18 23.20 7.54
N ASP H 17 32.02 23.85 7.40
CA ASP H 17 31.23 23.71 6.18
C ASP H 17 30.56 25.05 5.91
N CYS H 18 30.99 25.72 4.85
CA CYS H 18 30.46 27.02 4.47
C CYS H 18 29.36 26.93 3.44
N GLY H 19 28.76 25.74 3.28
CA GLY H 19 27.66 25.53 2.37
C GLY H 19 28.01 24.71 1.15
N GLU H 20 29.26 24.79 0.68
CA GLU H 20 29.69 24.04 -0.50
C GLU H 20 30.56 22.84 -0.14
N GLY H 21 30.56 22.43 1.13
CA GLY H 21 31.36 21.31 1.55
C GLY H 21 32.82 21.62 1.85
N HIS H 22 33.20 22.88 1.86
CA HIS H 22 34.57 23.28 2.12
C HIS H 22 34.62 24.23 3.31
N SER H 23 35.53 23.94 4.24
CA SER H 23 35.71 24.79 5.40
C SER H 23 36.27 26.14 5.00
N CYS H 24 35.83 27.19 5.70
CA CYS H 24 36.30 28.53 5.39
C CYS H 24 36.07 29.42 6.59
N HIS H 25 36.66 30.60 6.54
CA HIS H 25 36.52 31.59 7.61
C HIS H 25 35.27 32.41 7.35
N SER H 26 34.26 32.23 8.20
CA SER H 26 32.95 32.80 8.01
C SER H 26 32.67 33.91 9.02
N PRO H 27 31.89 34.92 8.63
CA PRO H 27 31.41 35.90 9.63
C PRO H 27 30.52 35.29 10.68
N VAL H 28 29.80 34.21 10.36
CA VAL H 28 28.94 33.53 11.31
C VAL H 28 29.52 32.14 11.55
N ALA H 29 29.66 31.76 12.82
CA ALA H 29 30.19 30.45 13.16
C ALA H 29 29.57 30.02 14.48
N LEU H 30 29.29 28.72 14.58
CA LEU H 30 28.63 28.16 15.76
C LEU H 30 29.68 27.88 16.82
N GLU H 31 29.50 28.47 18.00
CA GLU H 31 30.39 28.25 19.13
C GLU H 31 29.91 27.12 20.04
N ARG H 32 28.71 27.27 20.59
CA ARG H 32 28.13 26.25 21.45
C ARG H 32 26.65 26.13 21.13
N ILE H 33 26.15 24.90 21.16
CA ILE H 33 24.73 24.63 20.99
C ILE H 33 24.22 24.01 22.27
N ARG H 34 23.38 24.75 22.99
CA ARG H 34 22.89 24.32 24.30
C ARG H 34 21.45 23.85 24.17
N ASN H 35 21.19 22.62 24.61
CA ASN H 35 19.86 22.03 24.57
C ASN H 35 19.49 21.47 25.93
N GLU H 36 19.76 22.23 26.99
CA GLU H 36 19.39 21.80 28.33
C GLU H 36 17.88 21.76 28.50
N ALA H 37 17.16 22.62 27.78
CA ALA H 37 15.70 22.63 27.87
C ALA H 37 15.12 21.33 27.36
N THR H 38 14.08 20.84 28.04
CA THR H 38 13.45 19.59 27.69
C THR H 38 12.29 19.72 26.72
N ASP H 39 11.90 20.95 26.37
CA ASP H 39 10.87 21.12 25.35
C ASP H 39 11.42 21.26 23.94
N GLY H 40 12.74 21.19 23.78
CA GLY H 40 13.36 21.18 22.47
C GLY H 40 13.94 22.49 22.02
N THR H 41 13.79 23.56 22.78
CA THR H 41 14.32 24.85 22.38
C THR H 41 15.85 24.82 22.36
N LEU H 42 16.44 25.40 21.33
CA LEU H 42 17.88 25.45 21.16
C LEU H 42 18.37 26.88 21.34
N LYS H 43 19.45 27.03 22.10
CA LYS H 43 20.15 28.32 22.25
C LYS H 43 21.47 28.19 21.52
N ILE H 44 21.56 28.84 20.36
CA ILE H 44 22.70 28.73 19.46
C ILE H 44 23.54 30.00 19.61
N GLN H 45 24.83 29.82 19.85
CA GLN H 45 25.75 30.93 20.00
C GLN H 45 26.52 31.12 18.70
N VAL H 46 26.44 32.31 18.13
CA VAL H 46 27.08 32.60 16.86
C VAL H 46 27.95 33.84 17.00
N SER H 47 28.89 34.00 16.08
CA SER H 47 29.81 35.13 16.13
C SER H 47 29.14 36.44 15.76
N LEU H 48 27.93 36.42 15.23
CA LEU H 48 27.23 37.65 14.90
C LEU H 48 26.74 38.34 16.16
N GLN H 49 26.31 39.59 16.00
CA GLN H 49 25.60 40.31 17.04
C GLN H 49 24.27 40.79 16.46
N ILE H 50 23.17 40.24 16.98
CA ILE H 50 21.85 40.50 16.45
C ILE H 50 21.11 41.43 17.39
N GLY H 51 20.42 42.41 16.83
CA GLY H 51 19.71 43.42 17.61
C GLY H 51 20.49 44.67 17.86
N ILE H 52 21.81 44.64 17.67
CA ILE H 52 22.67 45.82 17.80
C ILE H 52 23.42 45.98 16.48
N LYS H 53 23.26 47.13 15.85
CA LYS H 53 23.90 47.44 14.58
C LYS H 53 25.18 48.24 14.84
N THR H 54 25.86 48.60 13.76
CA THR H 54 26.97 49.53 13.90
C THR H 54 26.45 50.89 14.35
N ASP H 55 27.37 51.80 14.65
CA ASP H 55 27.09 53.07 15.32
C ASP H 55 26.54 52.86 16.72
N ASP H 56 26.52 51.61 17.20
CA ASP H 56 26.31 51.29 18.60
C ASP H 56 24.94 51.74 19.11
N SER H 57 23.92 51.52 18.30
CA SER H 57 22.55 51.82 18.68
C SER H 57 21.69 50.56 18.54
N HIS H 58 20.86 50.32 19.55
CA HIS H 58 19.99 49.15 19.55
C HIS H 58 18.96 49.25 18.43
N ASP H 59 18.80 48.16 17.69
CA ASP H 59 17.84 48.12 16.59
C ASP H 59 17.52 46.65 16.33
N TRP H 60 16.28 46.25 16.62
CA TRP H 60 15.87 44.87 16.44
C TRP H 60 15.82 44.45 14.98
N THR H 61 15.79 45.40 14.05
CA THR H 61 15.68 45.11 12.63
C THR H 61 17.02 44.79 11.98
N LYS H 62 18.13 44.96 12.68
CA LYS H 62 19.45 44.87 12.09
C LYS H 62 20.38 44.01 12.94
N LEU H 63 21.37 43.42 12.27
CA LEU H 63 22.47 42.72 12.92
C LEU H 63 23.78 43.20 12.33
N ARG H 64 24.86 43.03 13.08
CA ARG H 64 26.18 43.48 12.64
C ARG H 64 27.15 42.32 12.61
N TYR H 65 27.96 42.28 11.55
CA TYR H 65 28.87 41.18 11.30
C TYR H 65 30.20 41.75 10.80
N MET H 66 31.30 41.14 11.21
CA MET H 66 32.59 41.54 10.70
C MET H 66 32.72 41.17 9.23
N ASP H 67 33.25 42.09 8.43
CA ASP H 67 33.43 41.82 7.02
C ASP H 67 34.90 41.74 6.65
N ASN H 68 35.64 42.84 6.86
CA ASN H 68 37.09 42.92 6.58
C ASN H 68 37.65 43.94 7.57
N HIS H 69 38.19 43.46 8.68
CA HIS H 69 38.82 44.30 9.71
C HIS H 69 37.84 45.30 10.33
N MET H 70 36.57 45.25 9.94
CA MET H 70 35.60 46.23 10.43
C MET H 70 34.19 45.70 10.25
N PRO H 71 33.28 46.00 11.17
CA PRO H 71 31.92 45.47 11.07
C PRO H 71 31.08 46.19 10.03
N ALA H 72 29.96 45.56 9.68
CA ALA H 72 28.98 46.09 8.74
C ALA H 72 27.61 45.57 9.12
N ASP H 73 26.58 46.27 8.64
CA ASP H 73 25.21 45.97 9.05
C ASP H 73 24.48 45.16 7.98
N ALA H 74 23.47 44.41 8.43
CA ALA H 74 22.60 43.65 7.55
C ALA H 74 21.23 43.55 8.19
N GLU H 75 20.23 43.28 7.35
CA GLU H 75 18.86 43.16 7.85
C GLU H 75 18.66 41.82 8.54
N ARG H 76 17.88 41.84 9.63
CA ARG H 76 17.64 40.61 10.38
C ARG H 76 16.76 39.63 9.59
N ALA H 77 15.92 40.14 8.69
CA ALA H 77 14.96 39.29 8.00
C ALA H 77 15.62 38.19 7.18
N GLY H 78 16.89 38.35 6.83
CA GLY H 78 17.61 37.34 6.10
C GLY H 78 18.21 36.23 6.94
N LEU H 79 18.08 36.30 8.26
CA LEU H 79 18.65 35.28 9.14
C LEU H 79 17.81 34.02 9.09
N PHE H 80 18.48 32.87 8.97
CA PHE H 80 17.79 31.59 8.92
C PHE H 80 18.58 30.54 9.69
N VAL H 81 17.84 29.65 10.34
CA VAL H 81 18.40 28.53 11.09
C VAL H 81 17.66 27.27 10.67
N ARG H 82 18.40 26.20 10.39
CA ARG H 82 17.75 24.98 9.92
C ARG H 82 18.54 23.76 10.38
N THR H 83 17.81 22.66 10.58
CA THR H 83 18.45 21.39 10.86
C THR H 83 18.12 20.46 9.69
N SER H 84 16.84 20.25 9.39
CA SER H 84 16.41 19.61 8.16
C SER H 84 15.30 20.38 7.48
N ALA H 85 14.52 21.12 8.25
CA ALA H 85 13.55 22.07 7.74
C ALA H 85 13.78 23.40 8.46
N PRO H 86 13.40 24.52 7.85
CA PRO H 86 13.67 25.81 8.49
C PRO H 86 13.08 25.90 9.89
N CYS H 87 13.86 26.45 10.81
CA CYS H 87 13.48 26.55 12.21
C CYS H 87 12.77 27.87 12.48
N THR H 88 11.97 27.88 13.54
CA THR H 88 11.26 29.07 13.97
C THR H 88 12.08 29.76 15.06
N ILE H 89 12.67 30.89 14.72
CA ILE H 89 13.50 31.63 15.67
C ILE H 89 12.60 32.39 16.64
N THR H 90 12.59 31.96 17.89
CA THR H 90 11.76 32.58 18.92
C THR H 90 12.38 33.82 19.53
N GLY H 91 13.69 34.02 19.37
CA GLY H 91 14.31 35.20 19.93
C GLY H 91 15.75 35.40 19.53
N THR H 92 16.26 36.62 19.67
CA THR H 92 17.64 36.92 19.34
C THR H 92 18.16 38.00 20.28
N MET H 93 19.43 37.87 20.66
CA MET H 93 20.10 38.92 21.42
C MET H 93 21.60 38.74 21.29
N GLY H 94 22.26 39.71 20.69
CA GLY H 94 23.71 39.66 20.59
C GLY H 94 24.18 38.42 19.85
N HIS H 95 24.97 37.61 20.53
CA HIS H 95 25.54 36.40 19.96
C HIS H 95 24.61 35.20 20.03
N PHE H 96 23.42 35.34 20.62
CA PHE H 96 22.61 34.19 20.98
C PHE H 96 21.28 34.22 20.23
N ILE H 97 20.90 33.05 19.70
CA ILE H 97 19.65 32.86 18.98
C ILE H 97 18.87 31.76 19.68
N LEU H 98 17.62 32.06 20.03
CA LEU H 98 16.71 31.08 20.60
C LEU H 98 15.77 30.60 19.50
N ALA H 99 15.85 29.32 19.17
CA ALA H 99 15.11 28.77 18.04
C ALA H 99 14.46 27.45 18.45
N ARG H 100 13.53 27.00 17.63
CA ARG H 100 12.92 25.68 17.76
C ARG H 100 13.16 24.92 16.46
N CYS H 101 13.75 23.74 16.57
CA CYS H 101 14.13 23.08 15.33
C CYS H 101 13.57 21.67 15.27
N PRO H 102 13.24 21.18 14.07
CA PRO H 102 12.81 19.80 13.93
C PRO H 102 13.97 18.84 14.17
N LYS H 103 13.62 17.57 14.39
CA LYS H 103 14.64 16.55 14.59
C LYS H 103 15.56 16.48 13.38
N GLY H 104 16.87 16.43 13.63
CA GLY H 104 17.83 16.43 12.55
C GLY H 104 19.21 16.06 13.06
N GLU H 105 20.16 16.02 12.14
CA GLU H 105 21.52 15.63 12.44
C GLU H 105 22.53 16.75 12.26
N THR H 106 22.18 17.83 11.57
CA THR H 106 23.07 18.96 11.38
C THR H 106 22.36 20.22 11.82
N LEU H 107 23.12 21.32 11.91
CA LEU H 107 22.57 22.61 12.27
C LEU H 107 23.29 23.68 11.47
N THR H 108 22.53 24.44 10.68
CA THR H 108 23.07 25.46 9.81
C THR H 108 22.47 26.80 10.17
N VAL H 109 23.32 27.80 10.38
CA VAL H 109 22.89 29.17 10.67
C VAL H 109 23.48 30.08 9.61
N GLY H 110 22.62 30.92 9.02
CA GLY H 110 23.09 31.78 7.96
C GLY H 110 22.29 33.06 7.87
N PHE H 111 22.74 33.92 6.96
CA PHE H 111 22.11 35.21 6.74
C PHE H 111 22.52 35.73 5.37
N THR H 112 22.04 36.93 5.06
CA THR H 112 22.31 37.59 3.78
C THR H 112 23.22 38.79 4.00
N ASP H 113 24.29 38.87 3.23
CA ASP H 113 25.24 39.96 3.35
C ASP H 113 24.66 41.25 2.81
N SER H 114 25.36 42.36 3.09
CA SER H 114 24.96 43.64 2.51
C SER H 114 25.08 43.63 1.00
N ARG H 115 26.06 42.89 0.47
CA ARG H 115 26.25 42.73 -0.96
C ARG H 115 25.36 41.65 -1.55
N LYS H 116 24.28 41.28 -0.84
CA LYS H 116 23.30 40.31 -1.32
C LYS H 116 23.94 38.95 -1.63
N ILE H 117 24.89 38.55 -0.81
CA ILE H 117 25.48 37.22 -0.87
C ILE H 117 25.14 36.48 0.42
N SER H 118 24.99 35.17 0.32
CA SER H 118 24.56 34.38 1.47
C SER H 118 25.76 33.82 2.21
N HIS H 119 25.71 33.90 3.54
CA HIS H 119 26.71 33.30 4.40
C HIS H 119 26.04 32.27 5.28
N SER H 120 26.69 31.14 5.49
CA SER H 120 26.11 30.08 6.30
C SER H 120 27.21 29.23 6.90
N CYS H 121 26.92 28.68 8.08
CA CYS H 121 27.84 27.77 8.76
C CYS H 121 27.05 26.56 9.23
N THR H 122 27.60 25.38 8.96
CA THR H 122 26.94 24.11 9.28
C THR H 122 27.81 23.30 10.23
N HIS H 123 27.20 22.81 11.30
CA HIS H 123 27.87 22.00 12.30
C HIS H 123 27.11 20.69 12.49
N PRO H 124 27.80 19.57 12.62
CA PRO H 124 27.12 18.33 12.99
C PRO H 124 26.61 18.42 14.41
N PHE H 125 25.34 18.09 14.58
CA PHE H 125 24.69 18.21 15.89
C PHE H 125 23.47 17.32 15.92
N HIS H 126 23.49 16.31 16.79
CA HIS H 126 22.37 15.40 16.92
C HIS H 126 21.27 16.05 17.74
N HIS H 127 20.24 16.55 17.05
CA HIS H 127 19.11 17.20 17.70
C HIS H 127 17.94 16.23 17.73
N ASP H 128 17.51 15.85 18.92
CA ASP H 128 16.38 14.97 19.11
C ASP H 128 15.78 15.24 20.50
N PRO H 129 14.70 16.01 20.57
CA PRO H 129 14.16 16.40 21.88
C PRO H 129 13.78 15.19 22.69
N PRO H 130 14.07 15.20 23.99
CA PRO H 130 13.67 14.07 24.84
C PRO H 130 12.17 13.99 24.97
N VAL H 131 11.68 12.78 25.20
CA VAL H 131 10.26 12.54 25.31
C VAL H 131 9.76 13.06 26.66
N ILE H 132 8.75 13.93 26.61
CA ILE H 132 8.08 14.42 27.82
C ILE H 132 6.82 13.61 27.99
N GLY H 133 6.71 12.90 29.11
CA GLY H 133 5.59 12.02 29.33
C GLY H 133 5.86 10.63 28.76
N ARG H 134 4.77 9.95 28.41
CA ARG H 134 4.82 8.59 27.92
C ARG H 134 4.38 8.47 26.47
N GLU H 135 4.22 9.58 25.77
CA GLU H 135 3.78 9.58 24.38
C GLU H 135 4.73 10.42 23.55
N LYS H 136 5.17 9.87 22.42
CA LYS H 136 6.08 10.57 21.51
C LYS H 136 5.25 11.35 20.51
N PHE H 137 4.93 12.60 20.83
CA PHE H 137 4.08 13.43 20.00
C PHE H 137 4.94 14.43 19.24
N HIS H 138 4.34 15.02 18.19
CA HIS H 138 5.06 15.90 17.29
C HIS H 138 4.62 17.36 17.38
N SER H 139 3.46 17.64 17.97
CA SER H 139 3.02 19.01 18.19
C SER H 139 2.02 19.01 19.33
N ARG H 140 2.01 20.10 20.09
CA ARG H 140 1.18 20.14 21.29
C ARG H 140 -0.30 20.12 20.91
N PRO H 141 -1.12 19.34 21.61
CA PRO H 141 -2.49 19.12 21.15
C PRO H 141 -3.47 20.11 21.76
N GLN H 142 -4.67 20.12 21.17
CA GLN H 142 -5.77 20.91 21.70
C GLN H 142 -6.18 20.46 23.09
N HIS H 143 -6.29 19.16 23.32
CA HIS H 143 -6.82 18.60 24.55
C HIS H 143 -5.82 17.59 25.11
N GLY H 144 -5.47 17.74 26.38
CA GLY H 144 -4.51 16.83 26.97
C GLY H 144 -4.19 17.05 28.44
N LYS H 145 -2.91 16.97 28.76
CA LYS H 145 -2.42 16.96 30.14
C LYS H 145 -1.20 17.85 30.22
N GLU H 146 -0.85 18.28 31.44
CA GLU H 146 0.28 19.17 31.66
C GLU H 146 1.33 18.47 32.50
N LEU H 147 2.60 18.60 32.09
CA LEU H 147 3.69 18.00 32.84
C LEU H 147 4.83 18.99 33.01
N PRO H 148 5.61 18.87 34.09
CA PRO H 148 6.72 19.79 34.30
C PRO H 148 7.78 19.65 33.20
N CYS H 149 8.43 20.77 32.88
CA CYS H 149 9.50 20.80 31.88
C CYS H 149 10.32 22.06 32.10
N SER H 150 11.35 22.22 31.28
CA SER H 150 12.22 23.38 31.35
C SER H 150 12.41 23.96 29.96
N THR H 151 12.41 25.29 29.88
CA THR H 151 12.47 26.00 28.61
C THR H 151 13.41 27.19 28.74
N TYR H 152 13.67 27.84 27.62
CA TYR H 152 14.41 29.10 27.60
C TYR H 152 13.42 30.25 27.47
N VAL H 153 13.33 31.08 28.52
CA VAL H 153 12.39 32.20 28.47
C VAL H 153 12.91 33.30 27.56
N GLN H 154 12.01 34.23 27.23
CA GLN H 154 12.34 35.29 26.28
C GLN H 154 13.12 36.41 26.94
N SER H 155 13.17 36.41 28.28
CA SER H 155 13.78 37.50 29.03
C SER H 155 15.23 37.73 28.65
N THR H 156 15.60 38.99 28.41
CA THR H 156 16.95 39.36 28.01
C THR H 156 17.71 40.07 29.12
N ALA H 157 17.23 40.02 30.35
CA ALA H 157 17.88 40.71 31.44
C ALA H 157 19.17 39.98 31.84
N ALA H 158 19.87 40.55 32.82
CA ALA H 158 21.09 39.92 33.31
C ALA H 158 20.76 38.65 34.09
N THR H 159 21.48 37.58 33.78
CA THR H 159 21.19 36.27 34.38
C THR H 159 22.34 35.71 35.20
N THR H 160 23.37 36.49 35.49
CA THR H 160 24.57 36.12 36.26
C THR H 160 25.36 35.01 35.58
N GLU H 161 24.94 34.52 34.42
CA GLU H 161 25.75 33.64 33.59
C GLU H 161 26.54 34.52 32.64
N GLU H 162 27.85 34.49 32.76
CA GLU H 162 28.69 35.55 32.22
C GLU H 162 29.69 34.99 31.24
N ILE H 163 29.94 35.75 30.18
CA ILE H 163 30.88 35.38 29.13
C ILE H 163 31.89 36.51 28.97
N GLU H 164 33.16 36.14 28.82
CA GLU H 164 34.24 37.10 28.81
C GLU H 164 34.52 37.61 27.40
N VAL H 165 34.71 38.92 27.28
CA VAL H 165 35.17 39.52 26.03
C VAL H 165 36.45 40.30 26.32
N HIS H 166 37.47 40.05 25.51
CA HIS H 166 38.76 40.68 25.72
C HIS H 166 39.33 41.13 24.38
N MET H 167 40.46 41.82 24.45
CA MET H 167 40.98 42.51 23.28
C MET H 167 41.43 41.49 22.22
N PRO H 168 40.92 41.59 21.00
CA PRO H 168 41.21 40.58 19.99
C PRO H 168 42.66 40.60 19.59
N PRO H 169 43.20 39.48 19.09
CA PRO H 169 44.59 39.44 18.68
C PRO H 169 44.81 40.24 17.40
N ASP H 170 46.09 40.38 17.04
CA ASP H 170 46.44 41.02 15.78
C ASP H 170 45.86 40.23 14.61
N THR H 171 45.27 40.95 13.66
CA THR H 171 44.58 40.30 12.55
C THR H 171 45.47 40.30 11.32
N PRO H 172 46.05 39.17 10.93
CA PRO H 172 46.90 39.15 9.74
C PRO H 172 46.08 39.35 8.48
N ASP H 173 46.74 39.86 7.45
CA ASP H 173 46.07 40.11 6.18
C ASP H 173 47.11 40.17 5.08
N ARG H 174 46.99 39.29 4.09
CA ARG H 174 47.90 39.31 2.95
C ARG H 174 47.52 40.39 1.95
N THR H 175 46.28 40.90 2.02
CA THR H 175 45.83 41.93 1.08
C THR H 175 46.53 43.26 1.30
N LEU H 176 47.14 43.48 2.46
CA LEU H 176 47.74 44.76 2.80
C LEU H 176 49.00 45.06 2.02
N MET H 177 49.53 44.10 1.26
CA MET H 177 50.78 44.29 0.52
C MET H 177 50.53 44.24 -0.98
N SER H 178 51.13 45.16 -1.71
CA SER H 178 51.12 45.15 -3.16
C SER H 178 52.56 45.27 -3.64
N GLN H 179 52.97 44.40 -4.55
CA GLN H 179 54.34 44.38 -5.06
C GLN H 179 54.40 45.21 -6.34
N GLN H 180 55.38 46.11 -6.41
CA GLN H 180 55.66 46.89 -7.61
C GLN H 180 57.18 46.90 -7.82
N SER H 181 57.65 46.06 -8.74
CA SER H 181 59.05 46.02 -9.16
C SER H 181 60.01 45.91 -7.97
N GLY H 182 59.75 44.96 -7.09
CA GLY H 182 60.59 44.74 -5.93
C GLY H 182 60.32 45.67 -4.78
N ASN H 183 59.27 46.47 -4.83
CA ASN H 183 58.89 47.39 -3.76
C ASN H 183 57.58 46.91 -3.17
N VAL H 184 57.57 46.62 -1.88
CA VAL H 184 56.36 46.19 -1.21
C VAL H 184 55.67 47.41 -0.60
N LYS H 185 54.44 47.66 -1.03
CA LYS H 185 53.69 48.81 -0.55
C LYS H 185 52.58 48.32 0.37
N ILE H 186 52.50 48.95 1.54
CA ILE H 186 51.56 48.58 2.60
C ILE H 186 50.50 49.66 2.67
N THR H 187 49.26 49.28 2.37
CA THR H 187 48.09 50.12 2.55
C THR H 187 47.56 49.98 3.96
N VAL H 188 46.71 50.94 4.36
CA VAL H 188 46.22 51.01 5.71
C VAL H 188 44.68 51.06 5.75
N ASN H 189 44.08 51.99 5.00
CA ASN H 189 42.62 52.12 4.93
C ASN H 189 42.02 52.53 6.27
N GLY H 190 42.85 53.07 7.16
CA GLY H 190 42.39 53.63 8.41
C GLY H 190 42.70 52.84 9.66
N GLN H 191 43.47 51.75 9.57
CA GLN H 191 43.80 50.95 10.74
C GLN H 191 45.31 50.85 10.89
N THR H 192 45.79 50.98 12.12
CA THR H 192 47.21 50.79 12.41
C THR H 192 47.66 49.40 11.99
N VAL H 193 48.80 49.34 11.30
CA VAL H 193 49.30 48.10 10.73
C VAL H 193 50.70 47.84 11.24
N ARG H 194 50.92 46.65 11.78
CA ARG H 194 52.26 46.14 12.05
C ARG H 194 52.80 45.44 10.82
N TYR H 195 54.09 45.62 10.55
CA TYR H 195 54.77 44.89 9.50
C TYR H 195 56.13 44.42 10.01
N LYS H 196 56.56 43.26 9.51
CA LYS H 196 57.87 42.73 9.84
C LYS H 196 58.43 42.04 8.61
N CYS H 197 59.65 42.42 8.23
CA CYS H 197 60.26 41.98 6.98
C CYS H 197 61.66 41.48 7.25
N ASN H 198 62.11 40.54 6.41
CA ASN H 198 63.50 40.13 6.36
C ASN H 198 64.17 40.50 5.04
N CYS H 199 63.82 41.66 4.47
CA CYS H 199 64.38 42.11 3.21
C CYS H 199 64.61 43.61 3.29
N GLY H 200 65.55 44.08 2.46
CA GLY H 200 65.88 45.49 2.46
C GLY H 200 66.32 45.94 3.83
N GLY H 201 65.58 46.90 4.39
CA GLY H 201 65.75 47.22 5.79
C GLY H 201 64.96 46.22 6.63
N SER H 202 65.68 45.29 7.26
CA SER H 202 65.02 44.22 8.02
C SER H 202 64.30 44.73 9.25
N ASN H 203 64.34 46.04 9.52
CA ASN H 203 63.72 46.61 10.71
C ASN H 203 62.21 46.59 10.56
N GLU H 204 61.54 45.83 11.41
CA GLU H 204 60.09 45.80 11.45
C GLU H 204 59.56 47.15 11.98
N GLY H 205 58.29 47.41 11.70
CA GLY H 205 57.75 48.70 12.07
C GLY H 205 56.24 48.69 12.14
N LEU H 206 55.70 49.90 12.30
CA LEU H 206 54.29 50.15 12.53
C LEU H 206 53.88 51.40 11.77
N THR H 207 52.77 51.32 11.04
CA THR H 207 52.28 52.42 10.24
C THR H 207 50.83 52.74 10.59
N THR H 208 50.40 53.93 10.18
CA THR H 208 49.01 54.34 10.21
C THR H 208 48.60 54.87 8.84
N THR H 209 49.58 54.97 7.94
CA THR H 209 49.33 55.37 6.57
C THR H 209 50.15 54.49 5.65
N ASP H 210 49.98 54.71 4.35
CA ASP H 210 50.64 53.89 3.34
C ASP H 210 52.16 54.04 3.43
N LYS H 211 52.87 52.95 3.15
CA LYS H 211 54.32 52.98 3.10
C LYS H 211 54.80 52.14 1.92
N VAL H 212 56.05 52.37 1.52
CA VAL H 212 56.73 51.50 0.56
C VAL H 212 58.09 51.12 1.12
N ILE H 213 58.44 49.85 0.98
CA ILE H 213 59.73 49.32 1.39
C ILE H 213 60.41 48.74 0.15
N ASN H 214 61.64 49.18 -0.10
CA ASN H 214 62.33 48.87 -1.34
C ASN H 214 63.14 47.57 -1.20
N ASN H 215 63.45 46.99 -2.37
CA ASN H 215 64.25 45.76 -2.44
C ASN H 215 63.63 44.65 -1.60
N CYS H 216 62.33 44.42 -1.78
CA CYS H 216 61.58 43.49 -0.97
C CYS H 216 60.59 42.73 -1.84
N LYS H 217 60.20 41.54 -1.37
CA LYS H 217 59.17 40.74 -2.01
C LYS H 217 58.00 40.53 -1.06
N VAL H 218 56.81 40.41 -1.65
CA VAL H 218 55.60 40.21 -0.86
C VAL H 218 55.67 38.90 -0.08
N ASP H 219 56.46 37.94 -0.56
CA ASP H 219 56.61 36.67 0.12
C ASP H 219 57.30 36.84 1.46
N GLN H 220 58.26 37.74 1.58
CA GLN H 220 59.08 37.87 2.78
C GLN H 220 58.68 39.04 3.67
N CYS H 221 57.40 39.35 3.80
CA CYS H 221 56.94 40.33 4.76
C CYS H 221 55.62 39.88 5.39
N HIS H 222 55.37 40.33 6.62
CA HIS H 222 54.17 40.02 7.35
C HIS H 222 53.50 41.31 7.80
N ALA H 223 52.16 41.34 7.71
CA ALA H 223 51.40 42.49 8.12
C ALA H 223 50.22 42.04 8.96
N ALA H 224 49.78 42.92 9.85
CA ALA H 224 48.64 42.63 10.71
C ALA H 224 48.02 43.93 11.19
N VAL H 225 46.78 43.86 11.63
CA VAL H 225 46.12 45.02 12.22
C VAL H 225 46.16 44.88 13.73
N THR H 226 46.71 45.90 14.40
CA THR H 226 46.99 45.81 15.83
C THR H 226 46.12 46.71 16.68
N ASN H 227 45.88 47.95 16.26
CA ASN H 227 45.10 48.89 17.07
C ASN H 227 43.62 48.52 16.98
N HIS H 228 43.22 47.61 17.87
CA HIS H 228 41.85 47.15 17.96
C HIS H 228 41.13 48.01 18.99
N LYS H 229 40.10 48.72 18.54
CA LYS H 229 39.37 49.65 19.40
C LYS H 229 38.16 49.02 20.07
N LYS H 230 37.88 47.75 19.80
CA LYS H 230 36.75 47.06 20.40
C LYS H 230 37.20 45.66 20.80
N TRP H 231 36.54 45.09 21.80
CA TRP H 231 36.93 43.78 22.29
C TRP H 231 35.86 42.74 21.96
N GLN H 232 36.32 41.54 21.64
CA GLN H 232 35.45 40.46 21.19
C GLN H 232 35.53 39.28 22.16
N TYR H 233 34.55 38.39 22.02
CA TYR H 233 34.50 37.19 22.86
C TYR H 233 35.75 36.35 22.67
N ASN H 234 36.28 35.82 23.78
CA ASN H 234 37.46 34.96 23.74
C ASN H 234 37.06 33.56 23.28
N SER H 235 36.60 33.50 22.03
CA SER H 235 36.18 32.25 21.45
C SER H 235 37.38 31.32 21.28
N PRO H 236 37.17 30.00 21.41
CA PRO H 236 38.25 29.05 21.12
C PRO H 236 38.67 29.03 19.65
N LEU H 237 38.03 29.82 18.80
CA LEU H 237 38.37 29.88 17.39
C LEU H 237 39.16 31.12 17.01
N VAL H 238 39.70 31.85 18.00
CA VAL H 238 40.64 32.93 17.73
C VAL H 238 41.82 32.79 18.69
N PRO H 239 43.03 33.16 18.28
CA PRO H 239 44.18 33.00 19.17
C PRO H 239 44.15 34.00 20.33
N ARG H 240 44.84 33.64 21.40
CA ARG H 240 44.92 34.46 22.60
C ARG H 240 46.08 35.45 22.49
N ASN H 241 45.95 36.58 23.20
CA ASN H 241 46.97 37.61 23.12
C ASN H 241 48.23 37.24 23.88
N ALA H 242 48.11 36.66 25.07
CA ALA H 242 49.28 36.36 25.89
C ALA H 242 48.96 35.19 26.79
N GLU H 243 49.90 34.90 27.71
CA GLU H 243 49.72 33.79 28.64
C GLU H 243 48.48 33.98 29.51
N LEU H 244 48.14 35.23 29.83
CA LEU H 244 46.97 35.53 30.63
C LEU H 244 45.91 36.17 29.74
N GLY H 245 44.70 36.27 30.28
CA GLY H 245 43.60 36.85 29.54
C GLY H 245 43.47 38.34 29.78
N ASP H 246 43.02 39.08 28.75
CA ASP H 246 42.88 40.52 28.90
C ASP H 246 41.68 40.86 29.78
N ARG H 247 40.70 39.96 29.86
CA ARG H 247 39.45 40.19 30.61
C ARG H 247 38.84 41.45 30.01
N LYS H 248 38.53 42.47 30.82
CA LYS H 248 38.22 43.83 30.39
C LYS H 248 36.81 43.95 29.81
N GLY H 249 36.09 42.86 29.59
CA GLY H 249 34.68 42.99 29.31
C GLY H 249 33.92 41.78 29.79
N LYS H 250 32.60 41.95 29.88
CA LYS H 250 31.72 40.89 30.36
C LYS H 250 30.35 41.07 29.73
N ILE H 251 29.72 39.96 29.37
CA ILE H 251 28.40 39.96 28.74
C ILE H 251 27.55 38.90 29.42
N HIS H 252 26.34 39.28 29.83
CA HIS H 252 25.42 38.29 30.35
C HIS H 252 24.83 37.46 29.22
N ILE H 253 24.65 36.18 29.48
CA ILE H 253 24.05 35.25 28.53
C ILE H 253 22.54 35.28 28.73
N PRO H 254 21.77 35.73 27.75
CA PRO H 254 20.33 35.90 27.94
C PRO H 254 19.60 34.56 27.85
N PHE H 255 18.27 34.63 27.94
CA PHE H 255 17.39 33.49 27.86
C PHE H 255 17.78 32.44 28.90
N PRO H 256 17.61 32.71 30.18
CA PRO H 256 17.96 31.72 31.20
C PRO H 256 16.98 30.56 31.17
N LEU H 257 17.45 29.41 31.67
CA LEU H 257 16.58 28.27 31.79
C LEU H 257 15.53 28.52 32.87
N ALA H 258 14.28 28.19 32.56
CA ALA H 258 13.16 28.48 33.44
C ALA H 258 12.21 27.31 33.39
N ASN H 259 11.26 27.33 34.31
CA ASN H 259 10.79 26.11 34.95
C ASN H 259 9.27 26.03 34.81
N VAL H 260 8.81 25.39 33.74
CA VAL H 260 7.48 25.64 33.17
C VAL H 260 6.72 24.33 33.05
N THR H 261 5.56 24.41 32.37
CA THR H 261 4.72 23.26 32.10
C THR H 261 4.54 23.08 30.59
N CYS H 262 4.58 21.83 30.15
CA CYS H 262 4.44 21.45 28.75
C CYS H 262 3.16 20.64 28.57
N ARG H 263 2.49 20.84 27.44
CA ARG H 263 1.26 20.14 27.14
C ARG H 263 1.55 18.86 26.37
N VAL H 264 0.97 17.75 26.83
CA VAL H 264 1.16 16.44 26.21
C VAL H 264 -0.20 15.83 25.91
N PRO H 265 -0.34 15.03 24.86
CA PRO H 265 -1.64 14.46 24.53
C PRO H 265 -1.96 13.25 25.38
N LYS H 266 -3.24 12.89 25.40
CA LYS H 266 -3.73 11.69 26.06
C LYS H 266 -4.31 10.78 25.00
N ALA H 267 -3.88 9.52 24.99
CA ALA H 267 -4.27 8.61 23.94
C ALA H 267 -5.76 8.31 24.00
N ARG H 268 -6.28 7.74 22.91
CA ARG H 268 -7.70 7.44 22.82
C ARG H 268 -8.08 6.35 23.80
N ASN H 269 -9.35 6.32 24.19
CA ASN H 269 -9.84 5.28 25.06
C ASN H 269 -9.77 3.94 24.34
N PRO H 270 -9.05 2.96 24.87
CA PRO H 270 -8.96 1.66 24.20
C PRO H 270 -10.24 0.87 24.35
N THR H 271 -10.46 -0.02 23.38
CA THR H 271 -11.64 -0.89 23.41
C THR H 271 -11.33 -2.09 24.29
N VAL H 272 -12.04 -2.22 25.41
CA VAL H 272 -11.74 -3.20 26.43
C VAL H 272 -12.82 -4.27 26.43
N THR H 273 -12.40 -5.53 26.35
CA THR H 273 -13.29 -6.67 26.45
C THR H 273 -12.74 -7.58 27.54
N TYR H 274 -13.60 -8.41 28.11
CA TYR H 274 -13.24 -9.21 29.27
C TYR H 274 -13.36 -10.71 28.96
N GLY H 275 -12.49 -11.48 29.60
CA GLY H 275 -12.53 -12.93 29.57
C GLY H 275 -12.07 -13.48 30.90
N LYS H 276 -12.12 -14.79 31.08
CA LYS H 276 -11.80 -15.41 32.37
C LYS H 276 -10.38 -15.04 32.79
N ASN H 277 -10.28 -14.22 33.83
CA ASN H 277 -8.99 -13.73 34.33
C ASN H 277 -8.16 -13.12 33.22
N GLN H 278 -8.81 -12.36 32.35
CA GLN H 278 -8.18 -11.88 31.12
C GLN H 278 -8.83 -10.57 30.69
N VAL H 279 -8.01 -9.61 30.29
CA VAL H 279 -8.51 -8.35 29.72
C VAL H 279 -7.92 -8.20 28.33
N ILE H 280 -8.79 -8.05 27.34
CA ILE H 280 -8.39 -7.92 25.94
C ILE H 280 -8.58 -6.47 25.54
N MET H 281 -7.48 -5.74 25.38
CA MET H 281 -7.53 -4.33 25.05
C MET H 281 -7.05 -4.14 23.62
N LEU H 282 -7.87 -3.47 22.82
CA LEU H 282 -7.50 -3.09 21.47
C LEU H 282 -7.19 -1.61 21.48
N LEU H 283 -6.00 -1.25 21.04
CA LEU H 283 -5.41 0.07 21.24
C LEU H 283 -5.23 0.76 19.90
N TYR H 284 -5.54 2.05 19.86
CA TYR H 284 -5.41 2.88 18.66
C TYR H 284 -4.47 4.04 18.95
N PRO H 285 -3.16 3.84 18.80
CA PRO H 285 -2.23 4.96 18.97
C PRO H 285 -2.07 5.77 17.70
N ASP H 286 -2.15 7.08 17.83
CA ASP H 286 -1.80 7.98 16.74
C ASP H 286 -0.30 8.16 16.60
N HIS H 287 0.42 8.02 17.70
CA HIS H 287 1.86 8.18 17.76
C HIS H 287 2.40 7.16 18.75
N PRO H 288 3.69 6.83 18.66
CA PRO H 288 4.25 5.81 19.55
C PRO H 288 3.91 6.08 21.01
N THR H 289 3.10 5.18 21.58
CA THR H 289 2.52 5.36 22.89
C THR H 289 2.96 4.22 23.81
N LEU H 290 3.37 4.56 25.02
CA LEU H 290 3.86 3.55 25.96
C LEU H 290 2.69 2.88 26.68
N LEU H 291 2.67 1.56 26.66
CA LEU H 291 1.70 0.78 27.42
C LEU H 291 2.46 -0.03 28.47
N SER H 292 2.07 0.11 29.73
CA SER H 292 2.73 -0.62 30.79
C SER H 292 1.68 -1.20 31.72
N TYR H 293 2.05 -2.26 32.42
CA TYR H 293 1.15 -2.85 33.39
C TYR H 293 1.95 -3.57 34.47
N ARG H 294 1.36 -3.65 35.65
CA ARG H 294 1.99 -4.27 36.81
C ARG H 294 0.92 -4.97 37.65
N ASN H 295 1.35 -5.93 38.43
CA ASN H 295 0.47 -6.52 39.43
C ASN H 295 0.47 -5.66 40.68
N MET H 296 -0.64 -5.70 41.42
CA MET H 296 -0.77 -4.91 42.63
C MET H 296 -0.47 -5.72 43.89
N GLY H 297 0.08 -6.93 43.73
CA GLY H 297 0.48 -7.76 44.85
C GLY H 297 1.94 -7.59 45.21
N GLU H 298 2.50 -8.64 45.82
CA GLU H 298 3.89 -8.57 46.24
C GLU H 298 4.84 -8.60 45.05
N GLU H 299 4.46 -9.31 43.99
CA GLU H 299 5.29 -9.42 42.79
C GLU H 299 4.75 -8.47 41.74
N PRO H 300 5.39 -7.31 41.51
CA PRO H 300 4.86 -6.36 40.53
C PRO H 300 4.84 -6.90 39.12
N ASN H 301 5.89 -7.61 38.69
CA ASN H 301 5.97 -8.18 37.35
C ASN H 301 5.73 -7.11 36.29
N TYR H 302 6.43 -5.98 36.45
CA TYR H 302 6.24 -4.84 35.56
C TYR H 302 6.57 -5.23 34.13
N GLN H 303 5.70 -4.83 33.20
CA GLN H 303 5.92 -5.05 31.78
C GLN H 303 5.56 -3.79 31.03
N GLU H 304 6.29 -3.51 29.94
CA GLU H 304 6.04 -2.31 29.17
C GLU H 304 6.38 -2.58 27.70
N GLU H 305 5.78 -1.77 26.83
CA GLU H 305 6.04 -1.88 25.40
C GLU H 305 5.55 -0.61 24.71
N TRP H 306 6.23 -0.25 23.62
CA TRP H 306 5.84 0.92 22.84
C TRP H 306 4.93 0.48 21.70
N VAL H 307 3.63 0.72 21.86
CA VAL H 307 2.64 0.41 20.84
C VAL H 307 2.68 1.52 19.80
N MET H 308 2.85 1.14 18.54
CA MET H 308 2.96 2.11 17.45
C MET H 308 1.83 1.99 16.43
N HIS H 309 1.17 0.84 16.35
CA HIS H 309 0.05 0.64 15.44
C HIS H 309 -1.13 0.11 16.23
N LYS H 310 -2.30 0.09 15.59
CA LYS H 310 -3.47 -0.51 16.22
C LYS H 310 -3.16 -1.95 16.60
N LYS H 311 -3.35 -2.28 17.88
CA LYS H 311 -2.84 -3.55 18.37
C LYS H 311 -3.77 -4.11 19.44
N GLU H 312 -3.98 -5.42 19.39
CA GLU H 312 -4.78 -6.13 20.38
C GLU H 312 -3.86 -6.87 21.33
N VAL H 313 -3.95 -6.55 22.62
CA VAL H 313 -3.11 -7.17 23.65
C VAL H 313 -4.02 -7.85 24.64
N VAL H 314 -3.66 -9.07 25.02
CA VAL H 314 -4.39 -9.83 26.04
C VAL H 314 -3.50 -9.84 27.28
N LEU H 315 -4.04 -9.34 28.37
CA LEU H 315 -3.31 -9.25 29.63
C LEU H 315 -3.98 -10.16 30.67
N THR H 316 -3.17 -11.01 31.28
CA THR H 316 -3.66 -11.88 32.34
C THR H 316 -3.76 -11.09 33.64
N VAL H 317 -4.93 -11.13 34.25
CA VAL H 317 -5.20 -10.39 35.48
C VAL H 317 -5.12 -11.37 36.64
N PRO H 318 -4.09 -11.30 37.49
CA PRO H 318 -4.01 -12.19 38.64
C PRO H 318 -5.01 -11.77 39.72
N THR H 319 -5.05 -12.57 40.79
CA THR H 319 -6.03 -12.35 41.85
C THR H 319 -5.80 -11.00 42.53
N GLU H 320 -4.54 -10.64 42.78
CA GLU H 320 -4.25 -9.40 43.50
C GLU H 320 -4.59 -8.16 42.69
N GLY H 321 -4.84 -8.29 41.40
CA GLY H 321 -5.24 -7.17 40.59
C GLY H 321 -4.15 -6.72 39.63
N LEU H 322 -4.56 -5.99 38.60
CA LEU H 322 -3.67 -5.51 37.56
C LEU H 322 -3.88 -4.02 37.35
N GLU H 323 -2.79 -3.27 37.23
CA GLU H 323 -2.82 -1.85 36.92
C GLU H 323 -2.21 -1.64 35.55
N VAL H 324 -2.93 -0.95 34.67
CA VAL H 324 -2.53 -0.73 33.29
C VAL H 324 -2.51 0.76 33.02
N THR H 325 -1.36 1.27 32.57
CA THR H 325 -1.21 2.65 32.14
C THR H 325 -1.04 2.67 30.63
N TRP H 326 -1.93 3.39 29.96
CA TRP H 326 -1.94 3.51 28.50
C TRP H 326 -1.70 4.96 28.14
N GLY H 327 -0.46 5.28 27.78
CA GLY H 327 -0.14 6.67 27.49
C GLY H 327 -0.19 7.50 28.74
N ASN H 328 -0.69 8.72 28.61
CA ASN H 328 -0.78 9.65 29.72
C ASN H 328 -2.10 9.53 30.48
N ASN H 329 -2.98 8.62 30.08
CA ASN H 329 -4.25 8.45 30.75
C ASN H 329 -4.04 7.92 32.17
N GLU H 330 -5.05 8.15 33.01
CA GLU H 330 -4.99 7.63 34.37
C GLU H 330 -4.98 6.10 34.32
N PRO H 331 -4.23 5.45 35.21
CA PRO H 331 -4.16 3.99 35.17
C PRO H 331 -5.51 3.35 35.46
N TYR H 332 -5.81 2.29 34.72
CA TYR H 332 -6.97 1.46 34.96
C TYR H 332 -6.59 0.33 35.92
N LYS H 333 -7.53 -0.04 36.78
CA LYS H 333 -7.31 -1.11 37.74
C LYS H 333 -8.35 -2.19 37.50
N TYR H 334 -7.92 -3.45 37.46
CA TYR H 334 -8.78 -4.57 37.17
C TYR H 334 -8.59 -5.66 38.21
N TRP H 335 -9.70 -6.23 38.68
CA TRP H 335 -9.69 -7.37 39.58
C TRP H 335 -10.57 -8.46 39.00
N PRO H 336 -10.21 -9.72 39.20
CA PRO H 336 -11.01 -10.81 38.63
C PRO H 336 -12.21 -11.15 39.50
N GLN H 337 -13.31 -11.50 38.84
CA GLN H 337 -14.51 -11.97 39.50
C GLN H 337 -14.53 -13.48 39.55
N LEU H 338 -15.51 -14.00 40.27
CA LEU H 338 -15.72 -15.44 40.41
C LEU H 338 -16.73 -15.93 39.38
N SER H 339 -16.38 -15.78 38.11
CA SER H 339 -17.28 -16.09 37.02
C SER H 339 -16.99 -17.49 36.46
N THR H 340 -18.07 -18.26 36.28
CA THR H 340 -17.99 -19.60 35.70
C THR H 340 -19.18 -19.79 34.78
N ASN H 341 -19.00 -20.61 33.74
CA ASN H 341 -20.17 -21.03 32.98
C ASN H 341 -20.72 -22.35 33.48
N GLY H 342 -19.96 -23.02 34.36
CA GLY H 342 -20.49 -24.07 35.21
C GLY H 342 -21.18 -23.51 36.45
N THR H 343 -21.75 -24.42 37.25
CA THR H 343 -22.55 -24.00 38.39
C THR H 343 -22.39 -24.97 39.56
N ALA H 344 -22.46 -24.42 40.77
CA ALA H 344 -22.62 -25.24 41.97
C ALA H 344 -24.03 -25.80 42.04
N HIS H 345 -24.26 -26.66 43.03
CA HIS H 345 -25.54 -27.35 43.19
C HIS H 345 -25.85 -28.19 41.95
N GLY H 346 -27.10 -28.61 41.81
CA GLY H 346 -27.43 -29.46 40.67
C GLY H 346 -26.66 -30.76 40.70
N HIS H 347 -26.13 -31.14 39.54
CA HIS H 347 -25.47 -32.43 39.37
C HIS H 347 -24.02 -32.36 39.83
N PRO H 348 -23.47 -33.50 40.29
CA PRO H 348 -22.08 -33.49 40.79
C PRO H 348 -21.04 -33.05 39.78
N HIS H 349 -21.18 -33.43 38.51
CA HIS H 349 -20.20 -33.02 37.50
C HIS H 349 -20.21 -31.50 37.30
N GLU H 350 -21.38 -30.87 37.36
CA GLU H 350 -21.44 -29.42 37.32
C GLU H 350 -20.74 -28.79 38.51
N ILE H 351 -20.87 -29.37 39.69
CA ILE H 351 -20.17 -28.86 40.87
C ILE H 351 -18.66 -28.98 40.67
N ILE H 352 -18.21 -30.11 40.13
CA ILE H 352 -16.78 -30.31 39.90
C ILE H 352 -16.27 -29.29 38.90
N LEU H 353 -17.01 -29.06 37.82
CA LEU H 353 -16.61 -28.08 36.82
C LEU H 353 -16.57 -26.68 37.43
N TYR H 354 -17.58 -26.34 38.23
CA TYR H 354 -17.64 -25.04 38.88
C TYR H 354 -16.41 -24.80 39.76
N TYR H 355 -16.11 -25.75 40.65
CA TYR H 355 -14.99 -25.55 41.55
C TYR H 355 -13.65 -25.62 40.82
N TYR H 356 -13.56 -26.40 39.73
CA TYR H 356 -12.34 -26.42 38.95
C TYR H 356 -12.11 -25.08 38.27
N GLU H 357 -13.17 -24.49 37.72
CA GLU H 357 -13.03 -23.19 37.07
C GLU H 357 -12.67 -22.10 38.07
N LEU H 358 -13.23 -22.17 39.28
CA LEU H 358 -12.89 -21.15 40.27
C LEU H 358 -11.48 -21.32 40.80
N TYR H 359 -11.10 -22.54 41.19
CA TYR H 359 -9.81 -22.82 41.82
C TYR H 359 -9.15 -24.00 41.11
N PRO H 360 -8.42 -23.73 40.02
CA PRO H 360 -7.91 -24.82 39.19
C PRO H 360 -6.96 -25.77 39.88
N THR H 361 -6.29 -25.35 40.96
CA THR H 361 -5.30 -26.22 41.58
C THR H 361 -5.88 -27.01 42.76
N MET H 362 -6.57 -26.32 43.67
CA MET H 362 -7.11 -26.98 44.84
C MET H 362 -8.19 -27.99 44.46
N THR H 363 -8.94 -27.71 43.39
CA THR H 363 -9.95 -28.67 42.95
C THR H 363 -9.31 -30.00 42.60
N VAL H 364 -8.30 -29.99 41.73
CA VAL H 364 -7.68 -31.24 41.31
C VAL H 364 -6.99 -31.92 42.49
N VAL H 365 -6.24 -31.17 43.30
CA VAL H 365 -5.48 -31.84 44.36
C VAL H 365 -6.43 -32.46 45.38
N VAL H 366 -7.45 -31.72 45.81
CA VAL H 366 -8.38 -32.24 46.81
C VAL H 366 -9.20 -33.39 46.25
N VAL H 367 -9.69 -33.26 45.02
CA VAL H 367 -10.49 -34.32 44.44
C VAL H 367 -9.66 -35.60 44.28
N SER H 368 -8.43 -35.47 43.78
CA SER H 368 -7.59 -36.64 43.60
C SER H 368 -7.23 -37.27 44.94
N VAL H 369 -6.89 -36.45 45.94
CA VAL H 369 -6.53 -36.99 47.24
C VAL H 369 -7.72 -37.70 47.87
N ALA H 370 -8.90 -37.11 47.80
CA ALA H 370 -10.09 -37.75 48.37
C ALA H 370 -10.43 -39.04 47.65
N SER H 371 -10.33 -39.04 46.32
CA SER H 371 -10.61 -40.26 45.56
C SER H 371 -9.61 -41.36 45.92
N PHE H 372 -8.33 -41.01 46.02
CA PHE H 372 -7.32 -41.99 46.40
C PHE H 372 -7.58 -42.53 47.80
N VAL H 373 -7.91 -41.65 48.74
CA VAL H 373 -8.16 -42.09 50.12
C VAL H 373 -9.36 -43.02 50.17
N LEU H 374 -10.44 -42.67 49.47
CA LEU H 374 -11.65 -43.50 49.50
C LEU H 374 -11.42 -44.83 48.82
N LEU H 375 -10.71 -44.83 47.69
CA LEU H 375 -10.42 -46.09 47.02
C LEU H 375 -9.50 -46.96 47.87
N SER H 376 -8.53 -46.36 48.56
CA SER H 376 -7.67 -47.12 49.46
C SER H 376 -8.47 -47.69 50.62
N MET H 377 -9.43 -46.93 51.15
CA MET H 377 -10.28 -47.45 52.22
C MET H 377 -11.12 -48.63 51.72
N VAL H 378 -11.67 -48.53 50.51
CA VAL H 378 -12.43 -49.63 49.94
C VAL H 378 -11.54 -50.86 49.76
N GLY H 379 -10.32 -50.65 49.26
CA GLY H 379 -9.40 -51.77 49.08
C GLY H 379 -9.01 -52.42 50.40
N VAL H 380 -8.77 -51.61 51.43
CA VAL H 380 -8.48 -52.14 52.75
C VAL H 380 -9.66 -52.94 53.28
N ALA H 381 -10.88 -52.41 53.08
CA ALA H 381 -12.07 -53.11 53.54
C ALA H 381 -12.19 -54.47 52.88
N VAL H 382 -12.04 -54.54 51.56
CA VAL H 382 -12.22 -55.83 50.87
C VAL H 382 -11.08 -56.78 51.21
N GLY H 383 -9.85 -56.26 51.32
CA GLY H 383 -8.73 -57.13 51.67
C GLY H 383 -8.84 -57.73 53.05
N MET H 384 -9.27 -56.91 54.03
CA MET H 384 -9.38 -57.45 55.38
C MET H 384 -10.68 -58.24 55.56
N CYS H 385 -11.66 -58.02 54.68
CA CYS H 385 -12.77 -58.98 54.59
C CYS H 385 -12.28 -60.33 54.10
N MET H 386 -11.38 -60.33 53.11
CA MET H 386 -10.75 -61.57 52.68
C MET H 386 -9.95 -62.22 53.81
N CYS H 387 -9.26 -61.40 54.61
CA CYS H 387 -8.52 -61.93 55.75
C CYS H 387 -9.47 -62.58 56.75
N ALA H 388 -10.60 -61.94 57.05
CA ALA H 388 -11.59 -62.53 57.94
C ALA H 388 -12.14 -63.83 57.35
N ARG H 389 -12.39 -63.85 56.04
CA ARG H 389 -12.83 -65.08 55.38
C ARG H 389 -11.82 -66.20 55.56
N ARG H 390 -10.54 -65.91 55.32
CA ARG H 390 -9.51 -66.94 55.48
C ARG H 390 -9.44 -67.45 56.92
N ARG H 391 -9.48 -66.54 57.89
CA ARG H 391 -9.40 -66.95 59.28
C ARG H 391 -10.61 -67.79 59.68
N CYS H 392 -11.80 -67.42 59.22
CA CYS H 392 -13.00 -68.17 59.57
C CYS H 392 -13.13 -69.47 58.81
N ILE H 393 -12.41 -69.64 57.70
CA ILE H 393 -12.61 -70.78 56.82
C ILE H 393 -11.52 -71.82 56.99
N THR H 394 -10.28 -71.42 57.26
CA THR H 394 -9.17 -72.37 57.35
C THR H 394 -9.43 -73.52 58.33
N PRO H 395 -9.96 -73.31 59.54
CA PRO H 395 -10.20 -74.46 60.42
C PRO H 395 -11.13 -75.50 59.83
N TYR H 396 -12.14 -75.08 59.05
CA TYR H 396 -13.01 -76.03 58.39
C TYR H 396 -12.28 -76.78 57.29
N GLU H 397 -11.32 -76.13 56.63
CA GLU H 397 -10.57 -76.81 55.58
C GLU H 397 -9.46 -77.67 56.16
N LEU H 398 -9.20 -77.56 57.46
CA LEU H 398 -8.24 -78.46 58.09
C LEU H 398 -8.92 -79.70 58.65
N THR H 399 -10.17 -79.58 59.07
CA THR H 399 -10.87 -80.71 59.67
C THR H 399 -11.34 -81.68 58.60
N PRO H 400 -10.99 -82.96 58.68
CA PRO H 400 -11.49 -83.93 57.70
C PRO H 400 -12.99 -84.09 57.79
N GLY H 401 -13.61 -84.39 56.66
CA GLY H 401 -15.05 -84.41 56.52
C GLY H 401 -15.63 -83.10 56.02
N ALA H 402 -15.17 -81.98 56.54
CA ALA H 402 -15.47 -80.64 56.01
C ALA H 402 -16.98 -80.44 55.82
N THR H 403 -17.74 -80.75 56.86
CA THR H 403 -19.20 -80.59 56.83
C THR H 403 -19.54 -79.12 57.11
N VAL H 404 -19.22 -78.29 56.13
CA VAL H 404 -19.52 -76.85 56.22
C VAL H 404 -21.03 -76.66 56.06
N PRO H 405 -21.70 -75.98 56.98
CA PRO H 405 -23.13 -75.72 56.80
C PRO H 405 -23.38 -74.86 55.56
N PHE H 406 -24.53 -75.11 54.94
CA PHE H 406 -24.83 -74.44 53.67
C PHE H 406 -24.95 -72.94 53.85
N LEU H 407 -25.53 -72.50 54.97
CA LEU H 407 -25.65 -71.07 55.24
C LEU H 407 -24.28 -70.41 55.34
N LEU H 408 -23.33 -71.06 56.04
CA LEU H 408 -21.99 -70.50 56.15
C LEU H 408 -21.29 -70.48 54.81
N SER H 409 -21.52 -71.49 53.97
CA SER H 409 -20.94 -71.46 52.62
C SER H 409 -21.50 -70.31 51.80
N LEU H 410 -22.80 -70.03 51.93
CA LEU H 410 -23.37 -68.88 51.23
C LEU H 410 -22.78 -67.57 51.75
N ILE H 411 -22.64 -67.45 53.07
CA ILE H 411 -22.19 -66.18 53.66
C ILE H 411 -20.75 -65.89 53.25
N CYS H 412 -19.87 -66.87 53.38
CA CYS H 412 -18.45 -66.68 53.09
C CYS H 412 -18.09 -66.96 51.64
N CYS H 413 -19.05 -67.38 50.82
CA CYS H 413 -18.85 -67.56 49.38
C CYS H 413 -17.70 -68.54 49.10
N ILE H 414 -17.90 -69.78 49.52
CA ILE H 414 -16.88 -70.82 49.39
C ILE H 414 -17.44 -71.96 48.55
N ARG H 415 -16.52 -72.82 48.11
CA ARG H 415 -16.86 -74.09 47.49
C ARG H 415 -16.54 -75.23 48.45
N THR H 416 -17.31 -76.31 48.33
CA THR H 416 -17.12 -77.46 49.20
C THR H 416 -16.10 -78.42 48.61
N ALA H 417 -15.37 -79.10 49.50
CA ALA H 417 -14.31 -80.01 49.08
C ALA H 417 -14.87 -81.39 48.72
N LYS H 418 -16.03 -81.75 49.25
CA LYS H 418 -16.63 -83.05 49.02
C LYS H 418 -17.70 -83.02 47.93
N ALA H 419 -17.79 -81.93 47.19
CA ALA H 419 -18.79 -81.73 46.13
C ALA H 419 -20.22 -81.69 46.66
N ASN I 1 -20.98 29.78 -8.26
CA ASN I 1 -19.57 29.73 -7.87
C ASN I 1 -19.35 30.31 -6.47
N PHE I 2 -18.78 31.51 -6.41
CA PHE I 2 -18.47 32.18 -5.16
C PHE I 2 -19.65 32.96 -4.58
N ASN I 3 -20.82 32.91 -5.24
CA ASN I 3 -21.95 33.70 -4.77
C ASN I 3 -22.51 33.19 -3.46
N VAL I 4 -22.06 32.03 -2.99
CA VAL I 4 -22.56 31.49 -1.74
C VAL I 4 -21.82 32.06 -0.54
N TYR I 5 -20.70 32.74 -0.75
CA TYR I 5 -19.92 33.34 0.33
C TYR I 5 -20.20 34.82 0.55
N LYS I 6 -21.13 35.40 -0.19
CA LYS I 6 -21.27 36.87 -0.19
C LYS I 6 -21.64 37.40 1.19
N ALA I 7 -22.50 36.70 1.92
CA ALA I 7 -22.96 37.20 3.20
C ALA I 7 -22.26 36.53 4.38
N THR I 8 -21.13 35.87 4.14
CA THR I 8 -20.37 35.19 5.19
C THR I 8 -19.07 35.94 5.44
N ARG I 9 -18.45 35.63 6.58
CA ARG I 9 -17.24 36.32 6.98
C ARG I 9 -16.24 35.35 7.59
N PRO I 10 -14.95 35.63 7.49
CA PRO I 10 -13.94 34.82 8.18
C PRO I 10 -14.03 35.00 9.69
N TYR I 11 -13.43 34.08 10.43
CA TYR I 11 -13.49 34.12 11.88
C TYR I 11 -12.17 33.68 12.48
N LEU I 12 -11.92 34.12 13.71
CA LEU I 12 -10.79 33.69 14.49
C LEU I 12 -11.16 32.46 15.31
N ALA I 13 -10.17 31.62 15.60
CA ALA I 13 -10.43 30.47 16.45
C ALA I 13 -9.14 30.00 17.09
N HIS I 14 -9.27 29.16 18.11
CA HIS I 14 -8.13 28.68 18.86
C HIS I 14 -7.25 27.79 17.99
N CYS I 15 -5.93 27.88 18.20
CA CYS I 15 -4.97 27.06 17.50
C CYS I 15 -3.94 26.57 18.50
N PRO I 16 -3.70 25.26 18.59
CA PRO I 16 -2.81 24.74 19.65
C PRO I 16 -1.36 25.14 19.48
N ASP I 17 -0.90 25.34 18.26
CA ASP I 17 0.50 25.68 18.02
C ASP I 17 0.57 26.75 16.94
N CYS I 18 0.81 27.99 17.35
CA CYS I 18 0.90 29.10 16.42
C CYS I 18 2.31 29.32 15.90
N GLY I 19 3.16 28.30 15.98
CA GLY I 19 4.51 28.34 15.44
C GLY I 19 5.59 28.50 16.49
N GLU I 20 5.29 29.12 17.63
CA GLU I 20 6.26 29.33 18.68
C GLU I 20 6.14 28.32 19.81
N GLY I 21 5.29 27.30 19.65
CA GLY I 21 5.03 26.35 20.72
C GLY I 21 3.98 26.79 21.70
N HIS I 22 3.29 27.90 21.46
CA HIS I 22 2.24 28.38 22.34
C HIS I 22 0.94 28.51 21.56
N SER I 23 -0.15 28.04 22.17
CA SER I 23 -1.48 28.16 21.58
C SER I 23 -1.93 29.60 21.57
N CYS I 24 -2.69 29.96 20.53
CA CYS I 24 -3.16 31.33 20.40
C CYS I 24 -4.40 31.35 19.53
N HIS I 25 -5.15 32.43 19.64
CA HIS I 25 -6.30 32.64 18.77
C HIS I 25 -5.82 33.19 17.43
N SER I 26 -6.09 32.47 16.36
CA SER I 26 -5.51 32.74 15.06
C SER I 26 -6.59 32.89 14.01
N PRO I 27 -6.32 33.66 12.94
CA PRO I 27 -7.23 33.69 11.80
C PRO I 27 -7.08 32.49 10.87
N VAL I 28 -6.04 31.69 11.03
CA VAL I 28 -5.78 30.56 10.15
C VAL I 28 -6.11 29.25 10.86
N ALA I 29 -7.04 29.28 11.80
CA ALA I 29 -7.36 28.09 12.59
C ALA I 29 -7.73 26.93 11.69
N LEU I 30 -7.12 25.78 11.95
CA LEU I 30 -7.28 24.59 11.12
C LEU I 30 -8.43 23.77 11.69
N GLU I 31 -9.48 23.57 10.89
CA GLU I 31 -10.67 22.93 11.41
C GLU I 31 -10.68 21.42 11.18
N ARG I 32 -10.51 20.99 9.94
CA ARG I 32 -10.59 19.58 9.63
C ARG I 32 -9.68 19.30 8.44
N ILE I 33 -9.01 18.15 8.48
CA ILE I 33 -8.16 17.70 7.39
C ILE I 33 -8.77 16.42 6.83
N ARG I 34 -9.12 16.44 5.56
CA ARG I 34 -9.76 15.32 4.89
C ARG I 34 -8.77 14.65 3.96
N ASN I 35 -8.64 13.34 4.07
CA ASN I 35 -7.72 12.55 3.26
C ASN I 35 -8.38 11.28 2.77
N GLU I 36 -9.63 11.38 2.32
CA GLU I 36 -10.31 10.21 1.79
C GLU I 36 -9.72 9.77 0.46
N ALA I 37 -9.12 10.70 -0.29
CA ALA I 37 -8.53 10.36 -1.57
C ALA I 37 -7.34 9.43 -1.38
N THR I 38 -7.24 8.42 -2.24
CA THR I 38 -6.20 7.41 -2.12
C THR I 38 -4.92 7.75 -2.88
N ASP I 39 -4.90 8.87 -3.60
CA ASP I 39 -3.67 9.30 -4.25
C ASP I 39 -2.85 10.24 -3.38
N GLY I 40 -3.30 10.53 -2.17
CA GLY I 40 -2.54 11.35 -1.24
C GLY I 40 -2.94 12.81 -1.19
N THR I 41 -3.92 13.23 -1.97
CA THR I 41 -4.33 14.62 -1.95
C THR I 41 -5.08 14.93 -0.65
N LEU I 42 -4.66 16.00 0.02
CA LEU I 42 -5.25 16.43 1.28
C LEU I 42 -6.21 17.58 1.04
N LYS I 43 -7.31 17.58 1.80
CA LYS I 43 -8.34 18.60 1.70
C LYS I 43 -8.48 19.27 3.06
N ILE I 44 -7.95 20.49 3.17
CA ILE I 44 -7.82 21.17 4.44
C ILE I 44 -8.87 22.26 4.55
N GLN I 45 -9.51 22.36 5.70
CA GLN I 45 -10.47 23.43 5.97
C GLN I 45 -9.84 24.41 6.94
N VAL I 46 -9.83 25.69 6.56
CA VAL I 46 -9.26 26.76 7.36
C VAL I 46 -10.32 27.83 7.59
N SER I 47 -10.12 28.60 8.65
CA SER I 47 -11.05 29.68 8.96
C SER I 47 -10.94 30.85 7.99
N LEU I 48 -9.94 30.86 7.12
CA LEU I 48 -9.83 31.88 6.10
C LEU I 48 -10.94 31.72 5.07
N GLN I 49 -11.01 32.68 4.15
CA GLN I 49 -11.82 32.57 2.95
C GLN I 49 -10.99 33.06 1.77
N ILE I 50 -10.63 32.14 0.88
CA ILE I 50 -9.67 32.41 -0.18
C ILE I 50 -10.43 32.69 -1.47
N GLY I 51 -9.91 33.62 -2.27
CA GLY I 51 -10.51 33.98 -3.53
C GLY I 51 -11.58 35.03 -3.46
N ILE I 52 -11.88 35.56 -2.28
CA ILE I 52 -12.92 36.57 -2.10
C ILE I 52 -12.38 37.70 -1.25
N LYS I 53 -12.54 38.92 -1.73
CA LYS I 53 -12.12 40.12 -1.01
C LYS I 53 -13.16 40.51 0.02
N THR I 54 -12.88 41.59 0.75
CA THR I 54 -13.84 42.10 1.72
C THR I 54 -15.09 42.69 1.09
N ASP I 55 -15.06 42.98 -0.20
CA ASP I 55 -16.21 43.52 -0.91
C ASP I 55 -17.06 42.45 -1.57
N ASP I 56 -16.86 41.18 -1.20
CA ASP I 56 -17.64 40.03 -1.64
C ASP I 56 -17.42 39.68 -3.10
N SER I 57 -16.61 40.46 -3.83
CA SER I 57 -16.30 40.12 -5.20
C SER I 57 -15.26 39.01 -5.26
N HIS I 58 -15.19 38.34 -6.40
CA HIS I 58 -14.25 37.25 -6.60
C HIS I 58 -12.92 37.78 -7.09
N ASP I 59 -11.84 37.34 -6.44
CA ASP I 59 -10.49 37.72 -6.85
C ASP I 59 -9.55 36.59 -6.42
N TRP I 60 -9.12 35.77 -7.38
CA TRP I 60 -8.33 34.60 -7.06
C TRP I 60 -6.96 34.94 -6.51
N THR I 61 -6.52 36.18 -6.60
CA THR I 61 -5.23 36.60 -6.06
C THR I 61 -5.32 37.14 -4.64
N LYS I 62 -6.53 37.21 -4.06
CA LYS I 62 -6.72 37.76 -2.74
C LYS I 62 -7.53 36.81 -1.88
N LEU I 63 -7.29 36.87 -0.58
CA LEU I 63 -8.06 36.15 0.42
C LEU I 63 -8.43 37.10 1.54
N ARG I 64 -9.46 36.75 2.29
CA ARG I 64 -9.93 37.60 3.38
C ARG I 64 -9.89 36.84 4.69
N TYR I 65 -9.44 37.53 5.74
CA TYR I 65 -9.26 36.95 7.06
C TYR I 65 -9.83 37.92 8.09
N MET I 66 -10.34 37.36 9.18
CA MET I 66 -10.83 38.21 10.26
C MET I 66 -9.66 38.80 11.03
N ASP I 67 -9.71 40.12 11.24
CA ASP I 67 -8.74 40.84 12.06
C ASP I 67 -9.55 41.62 13.08
N ASN I 68 -9.36 41.30 14.35
CA ASN I 68 -10.14 41.89 15.43
C ASN I 68 -11.63 41.70 15.18
N HIS I 69 -12.30 42.75 14.70
CA HIS I 69 -13.73 42.71 14.48
C HIS I 69 -14.11 42.85 13.01
N MET I 70 -13.15 43.04 12.11
CA MET I 70 -13.47 43.30 10.71
C MET I 70 -12.69 42.38 9.79
N PRO I 71 -13.27 41.96 8.67
CA PRO I 71 -12.48 41.25 7.67
C PRO I 71 -11.47 42.17 7.01
N ALA I 72 -10.37 41.58 6.55
CA ALA I 72 -9.31 42.31 5.89
C ALA I 72 -8.73 41.45 4.77
N ASP I 73 -8.13 42.11 3.78
CA ASP I 73 -7.63 41.44 2.61
C ASP I 73 -6.14 41.14 2.73
N ALA I 74 -5.70 40.11 2.02
CA ALA I 74 -4.30 39.73 1.96
C ALA I 74 -4.05 39.04 0.63
N GLU I 75 -2.79 39.00 0.22
CA GLU I 75 -2.43 38.41 -1.06
C GLU I 75 -2.46 36.88 -0.95
N ARG I 76 -3.14 36.23 -1.90
CA ARG I 76 -3.20 34.78 -1.91
C ARG I 76 -1.85 34.15 -2.20
N ALA I 77 -0.94 34.89 -2.83
CA ALA I 77 0.39 34.36 -3.11
C ALA I 77 1.18 34.09 -1.83
N GLY I 78 0.78 34.67 -0.71
CA GLY I 78 1.42 34.44 0.56
C GLY I 78 0.94 33.24 1.34
N LEU I 79 -0.12 32.58 0.88
CA LEU I 79 -0.63 31.40 1.56
C LEU I 79 0.30 30.21 1.32
N PHE I 80 0.56 29.44 2.37
CA PHE I 80 1.44 28.29 2.26
C PHE I 80 0.96 27.17 3.19
N VAL I 81 1.21 25.94 2.75
CA VAL I 81 0.91 24.74 3.50
C VAL I 81 2.19 23.92 3.58
N ARG I 82 2.42 23.26 4.71
CA ARG I 82 3.69 22.60 4.96
C ARG I 82 3.52 21.50 5.99
N THR I 83 4.08 20.32 5.70
CA THR I 83 4.01 19.21 6.64
C THR I 83 5.41 18.93 7.15
N SER I 84 6.35 18.58 6.28
CA SER I 84 7.76 18.54 6.63
C SER I 84 8.62 19.19 5.56
N ALA I 85 8.05 19.41 4.38
CA ALA I 85 8.65 20.21 3.32
C ALA I 85 7.55 21.09 2.74
N PRO I 86 7.92 22.17 2.05
CA PRO I 86 6.89 23.01 1.42
C PRO I 86 5.95 22.18 0.55
N CYS I 87 4.66 22.38 0.75
CA CYS I 87 3.62 21.57 0.12
C CYS I 87 3.00 22.33 -1.04
N THR I 88 2.60 21.60 -2.08
CA THR I 88 2.07 22.20 -3.28
C THR I 88 0.56 22.31 -3.18
N ILE I 89 0.05 23.53 -3.35
CA ILE I 89 -1.38 23.80 -3.31
C ILE I 89 -1.91 23.75 -4.75
N THR I 90 -2.81 22.80 -5.01
CA THR I 90 -3.37 22.63 -6.35
C THR I 90 -4.64 23.44 -6.57
N GLY I 91 -5.32 23.86 -5.50
CA GLY I 91 -6.51 24.66 -5.66
C GLY I 91 -7.03 25.21 -4.34
N THR I 92 -7.75 26.33 -4.39
CA THR I 92 -8.33 26.92 -3.20
C THR I 92 -9.71 27.46 -3.53
N MET I 93 -10.61 27.37 -2.55
CA MET I 93 -11.90 28.05 -2.68
C MET I 93 -12.48 28.25 -1.29
N GLY I 94 -12.74 29.50 -0.93
CA GLY I 94 -13.38 29.77 0.35
C GLY I 94 -12.54 29.25 1.49
N HIS I 95 -13.13 28.37 2.28
CA HIS I 95 -12.48 27.80 3.45
C HIS I 95 -11.60 26.60 3.12
N PHE I 96 -11.60 26.13 1.88
CA PHE I 96 -11.04 24.82 1.55
C PHE I 96 -9.81 24.95 0.66
N ILE I 97 -8.82 24.12 0.94
CA ILE I 97 -7.54 24.09 0.22
C ILE I 97 -7.27 22.65 -0.19
N LEU I 98 -6.76 22.47 -1.40
CA LEU I 98 -6.31 21.17 -1.87
C LEU I 98 -4.79 21.18 -1.92
N ALA I 99 -4.17 20.16 -1.32
CA ALA I 99 -2.72 20.13 -1.22
C ALA I 99 -2.21 18.74 -1.58
N ARG I 100 -0.96 18.68 -2.02
CA ARG I 100 -0.26 17.43 -2.26
C ARG I 100 1.02 17.47 -1.43
N CYS I 101 0.94 17.01 -0.20
CA CYS I 101 2.05 17.21 0.71
C CYS I 101 2.90 15.94 0.83
N PRO I 102 4.19 16.09 1.11
CA PRO I 102 5.01 14.93 1.40
C PRO I 102 4.71 14.36 2.77
N LYS I 103 5.22 13.16 3.02
CA LYS I 103 4.92 12.46 4.26
C LYS I 103 5.44 13.24 5.46
N GLY I 104 4.65 13.23 6.53
CA GLY I 104 5.02 13.95 7.74
C GLY I 104 4.02 13.66 8.83
N GLU I 105 4.33 14.18 10.02
CA GLU I 105 3.49 13.95 11.20
C GLU I 105 2.73 15.19 11.64
N THR I 106 3.09 16.37 11.15
CA THR I 106 2.38 17.60 11.47
C THR I 106 1.97 18.28 10.18
N LEU I 107 0.97 19.15 10.27
CA LEU I 107 0.54 19.93 9.13
C LEU I 107 0.26 21.36 9.59
N THR I 108 0.82 22.32 8.87
CA THR I 108 0.67 23.72 9.21
C THR I 108 0.26 24.52 7.98
N VAL I 109 -0.57 25.52 8.22
CA VAL I 109 -1.06 26.43 7.18
C VAL I 109 -0.85 27.85 7.67
N GLY I 110 -0.29 28.69 6.81
CA GLY I 110 -0.02 30.06 7.21
C GLY I 110 -0.15 30.99 6.03
N PHE I 111 -0.05 32.28 6.34
CA PHE I 111 -0.07 33.32 5.30
C PHE I 111 0.58 34.57 5.86
N THR I 112 0.68 35.58 5.01
CA THR I 112 1.25 36.87 5.38
C THR I 112 0.14 37.90 5.51
N ASP I 113 0.03 38.50 6.70
CA ASP I 113 -1.02 39.46 6.97
C ASP I 113 -0.85 40.71 6.11
N SER I 114 -1.86 41.58 6.17
CA SER I 114 -1.79 42.84 5.43
C SER I 114 -0.65 43.72 5.95
N ARG I 115 -0.38 43.65 7.25
CA ARG I 115 0.72 44.39 7.85
C ARG I 115 2.04 43.64 7.79
N LYS I 116 2.16 42.65 6.90
CA LYS I 116 3.40 41.91 6.67
C LYS I 116 3.88 41.19 7.93
N ILE I 117 2.94 40.66 8.71
CA ILE I 117 3.25 39.83 9.88
C ILE I 117 2.68 38.45 9.63
N SER I 118 3.55 37.44 9.62
CA SER I 118 3.14 36.09 9.28
C SER I 118 2.26 35.49 10.36
N HIS I 119 1.25 34.74 9.93
CA HIS I 119 0.41 33.96 10.83
C HIS I 119 0.43 32.51 10.36
N SER I 120 0.32 31.58 11.31
CA SER I 120 0.36 30.17 10.98
C SER I 120 -0.36 29.38 12.07
N CYS I 121 -0.80 28.18 11.69
CA CYS I 121 -1.43 27.25 12.62
C CYS I 121 -0.96 25.85 12.29
N THR I 122 -0.60 25.10 13.33
CA THR I 122 -0.04 23.75 13.19
C THR I 122 -0.89 22.75 13.96
N HIS I 123 -1.14 21.60 13.35
CA HIS I 123 -1.91 20.53 13.97
C HIS I 123 -1.16 19.21 13.82
N PRO I 124 -1.30 18.31 14.79
CA PRO I 124 -0.76 16.97 14.61
C PRO I 124 -1.62 16.18 13.63
N PHE I 125 -0.97 15.65 12.60
CA PHE I 125 -1.70 14.94 11.54
C PHE I 125 -0.77 13.93 10.90
N HIS I 126 -1.05 12.66 11.13
CA HIS I 126 -0.24 11.57 10.56
C HIS I 126 -0.60 11.43 9.09
N HIS I 127 0.25 11.96 8.22
CA HIS I 127 0.05 11.88 6.78
C HIS I 127 0.97 10.81 6.21
N ASP I 128 0.39 9.71 5.77
CA ASP I 128 1.11 8.65 5.10
C ASP I 128 0.20 8.05 4.03
N PRO I 129 0.32 8.50 2.79
CA PRO I 129 -0.63 8.08 1.76
C PRO I 129 -0.60 6.57 1.59
N PRO I 130 -1.75 5.95 1.37
CA PRO I 130 -1.77 4.50 1.17
C PRO I 130 -1.04 4.10 -0.10
N VAL I 131 -0.48 2.91 -0.09
CA VAL I 131 0.31 2.42 -1.21
C VAL I 131 -0.64 1.91 -2.29
N ILE I 132 -0.52 2.45 -3.49
CA ILE I 132 -1.26 2.00 -4.66
C ILE I 132 -0.41 0.96 -5.36
N GLY I 133 -0.99 -0.20 -5.64
CA GLY I 133 -0.24 -1.27 -6.26
C GLY I 133 0.64 -2.00 -5.25
N ARG I 134 1.62 -2.71 -5.78
CA ARG I 134 2.49 -3.55 -4.97
C ARG I 134 3.89 -2.96 -4.81
N GLU I 135 4.11 -1.73 -5.24
CA GLU I 135 5.38 -1.06 -5.07
C GLU I 135 5.17 0.29 -4.41
N LYS I 136 6.00 0.60 -3.42
CA LYS I 136 5.96 1.87 -2.71
C LYS I 136 6.83 2.87 -3.46
N PHE I 137 6.20 3.70 -4.28
CA PHE I 137 6.92 4.66 -5.10
C PHE I 137 6.65 6.08 -4.60
N HIS I 138 7.55 7.00 -4.96
CA HIS I 138 7.49 8.36 -4.45
C HIS I 138 7.09 9.38 -5.50
N SER I 139 7.14 9.05 -6.79
CA SER I 139 6.65 9.92 -7.83
C SER I 139 6.27 9.06 -9.03
N ARG I 140 5.31 9.53 -9.80
CA ARG I 140 4.85 8.75 -10.94
C ARG I 140 5.97 8.65 -11.98
N PRO I 141 6.25 7.45 -12.49
CA PRO I 141 7.39 7.28 -13.38
C PRO I 141 7.04 7.60 -14.83
N GLN I 142 8.09 7.65 -15.65
CA GLN I 142 7.91 7.89 -17.07
C GLN I 142 7.16 6.74 -17.74
N HIS I 143 7.51 5.51 -17.37
CA HIS I 143 6.93 4.31 -17.97
C HIS I 143 6.38 3.40 -16.89
N GLY I 144 5.14 2.95 -17.06
CA GLY I 144 4.54 2.10 -16.06
C GLY I 144 3.14 1.58 -16.36
N LYS I 145 2.32 1.50 -15.32
CA LYS I 145 1.02 0.86 -15.37
C LYS I 145 0.01 1.81 -14.75
N GLU I 146 -1.27 1.61 -15.09
CA GLU I 146 -2.35 2.44 -14.55
C GLU I 146 -3.23 1.61 -13.64
N LEU I 147 -3.53 2.14 -12.45
CA LEU I 147 -4.37 1.46 -11.48
C LEU I 147 -5.41 2.43 -10.95
N PRO I 148 -6.59 1.93 -10.58
CA PRO I 148 -7.65 2.82 -10.10
C PRO I 148 -7.31 3.42 -8.74
N CYS I 149 -7.87 4.61 -8.50
CA CYS I 149 -7.74 5.28 -7.21
C CYS I 149 -8.75 6.43 -7.19
N SER I 150 -8.75 7.19 -6.11
CA SER I 150 -9.70 8.29 -5.94
C SER I 150 -8.95 9.58 -5.65
N THR I 151 -9.47 10.68 -6.17
CA THR I 151 -8.85 11.98 -5.99
C THR I 151 -9.92 13.04 -5.80
N TYR I 152 -9.47 14.25 -5.49
CA TYR I 152 -10.34 15.41 -5.37
C TYR I 152 -10.26 16.21 -6.66
N VAL I 153 -11.31 16.15 -7.48
CA VAL I 153 -11.33 16.91 -8.71
C VAL I 153 -11.37 18.40 -8.41
N GLN I 154 -10.94 19.19 -9.38
CA GLN I 154 -10.81 20.63 -9.17
C GLN I 154 -12.12 21.38 -9.39
N SER I 155 -13.23 20.69 -9.61
CA SER I 155 -14.51 21.37 -9.75
C SER I 155 -14.91 22.03 -8.43
N THR I 156 -15.43 23.25 -8.54
CA THR I 156 -15.76 24.07 -7.37
C THR I 156 -17.22 24.49 -7.35
N ALA I 157 -18.15 23.60 -7.67
CA ALA I 157 -19.56 23.97 -7.78
C ALA I 157 -20.47 22.85 -7.32
N ALA I 158 -21.30 23.15 -6.33
CA ALA I 158 -22.52 22.38 -6.01
C ALA I 158 -22.25 20.88 -5.89
N THR I 159 -21.50 20.52 -4.85
CA THR I 159 -21.17 19.12 -4.61
C THR I 159 -22.17 18.41 -3.71
N THR I 160 -23.27 19.06 -3.36
CA THR I 160 -24.35 18.55 -2.51
C THR I 160 -23.88 18.27 -1.08
N GLU I 161 -22.64 18.58 -0.73
CA GLU I 161 -22.16 18.52 0.64
C GLU I 161 -21.96 19.95 1.13
N GLU I 162 -22.65 20.32 2.20
CA GLU I 162 -22.69 21.70 2.64
C GLU I 162 -22.47 21.81 4.13
N ILE I 163 -21.84 22.90 4.53
CA ILE I 163 -21.63 23.24 5.93
C ILE I 163 -22.55 24.40 6.28
N GLU I 164 -23.17 24.33 7.46
CA GLU I 164 -24.11 25.36 7.87
C GLU I 164 -23.36 26.58 8.40
N VAL I 165 -23.93 27.76 8.16
CA VAL I 165 -23.41 29.01 8.69
C VAL I 165 -24.51 29.67 9.52
N HIS I 166 -24.13 30.18 10.69
CA HIS I 166 -25.11 30.68 11.64
C HIS I 166 -24.68 32.07 12.10
N MET I 167 -25.52 32.66 12.95
CA MET I 167 -25.14 33.89 13.64
C MET I 167 -23.83 33.66 14.39
N PRO I 168 -22.81 34.48 14.18
CA PRO I 168 -21.68 34.46 15.10
C PRO I 168 -22.11 34.99 16.46
N PRO I 169 -21.55 34.45 17.54
CA PRO I 169 -22.00 34.88 18.87
C PRO I 169 -21.47 36.28 19.20
N ASP I 170 -21.81 36.74 20.40
CA ASP I 170 -21.23 37.97 20.89
C ASP I 170 -19.72 37.83 20.99
N THR I 171 -19.00 38.82 20.48
CA THR I 171 -17.55 38.73 20.40
C THR I 171 -16.94 39.54 21.54
N PRO I 172 -16.46 38.91 22.60
CA PRO I 172 -15.87 39.67 23.70
C PRO I 172 -14.60 40.37 23.28
N ASP I 173 -14.33 41.52 23.88
CA ASP I 173 -13.15 42.30 23.55
C ASP I 173 -12.87 43.25 24.70
N ARG I 174 -11.78 43.02 25.42
CA ARG I 174 -11.39 43.93 26.48
C ARG I 174 -10.79 45.23 25.96
N THR I 175 -10.31 45.25 24.72
CA THR I 175 -9.77 46.47 24.13
C THR I 175 -10.84 47.54 23.93
N LEU I 176 -12.11 47.16 23.88
CA LEU I 176 -13.18 48.13 23.67
C LEU I 176 -13.23 49.13 24.82
N MET I 177 -13.05 48.67 26.05
CA MET I 177 -13.16 49.52 27.22
C MET I 177 -11.78 49.96 27.71
N SER I 178 -11.67 51.23 28.08
CA SER I 178 -10.49 51.75 28.73
C SER I 178 -10.92 52.48 29.99
N GLN I 179 -9.95 52.83 30.83
CA GLN I 179 -10.22 53.53 32.09
C GLN I 179 -9.65 54.93 32.00
N GLN I 180 -10.51 55.93 32.18
CA GLN I 180 -10.12 57.33 32.24
C GLN I 180 -10.56 57.88 33.59
N SER I 181 -9.58 58.13 34.47
CA SER I 181 -9.82 58.77 35.77
C SER I 181 -10.88 58.01 36.56
N GLY I 182 -10.85 56.69 36.49
CA GLY I 182 -11.81 55.90 37.26
C GLY I 182 -13.13 55.77 36.58
N ASN I 183 -13.21 56.27 35.35
CA ASN I 183 -14.43 56.13 34.59
C ASN I 183 -14.20 55.26 33.36
N VAL I 184 -15.04 54.25 33.14
CA VAL I 184 -14.87 53.38 31.99
C VAL I 184 -15.40 54.02 30.73
N LYS I 185 -14.66 53.91 29.64
CA LYS I 185 -15.02 54.53 28.38
C LYS I 185 -14.96 53.47 27.30
N ILE I 186 -16.06 53.30 26.56
CA ILE I 186 -16.20 52.23 25.59
C ILE I 186 -15.93 52.79 24.19
N THR I 187 -14.92 52.25 23.51
CA THR I 187 -14.60 52.64 22.14
C THR I 187 -15.42 51.76 21.20
N VAL I 188 -16.59 52.26 20.81
CA VAL I 188 -17.52 51.46 20.01
C VAL I 188 -16.91 51.14 18.65
N ASN I 189 -16.31 52.13 17.99
CA ASN I 189 -15.72 51.97 16.65
C ASN I 189 -16.75 51.45 15.64
N GLY I 190 -18.00 51.85 15.83
CA GLY I 190 -19.05 51.61 14.85
C GLY I 190 -19.72 50.25 14.89
N GLN I 191 -19.48 49.44 15.92
CA GLN I 191 -20.13 48.14 16.05
C GLN I 191 -20.89 48.11 17.36
N THR I 192 -22.16 47.70 17.31
CA THR I 192 -23.01 47.68 18.49
C THR I 192 -22.39 46.86 19.61
N VAL I 193 -22.23 47.45 20.79
CA VAL I 193 -21.53 46.84 21.91
C VAL I 193 -22.51 46.59 23.03
N ARG I 194 -22.56 45.35 23.50
CA ARG I 194 -23.32 44.98 24.69
C ARG I 194 -22.38 44.97 25.89
N TYR I 195 -22.77 45.67 26.95
CA TYR I 195 -21.93 45.83 28.13
C TYR I 195 -22.76 45.51 29.37
N LYS I 196 -22.11 44.96 30.38
CA LYS I 196 -22.77 44.65 31.62
C LYS I 196 -21.67 44.69 32.64
N CYS I 197 -21.83 45.50 33.67
CA CYS I 197 -20.79 45.64 34.67
C CYS I 197 -21.37 45.55 36.05
N ASN I 198 -20.54 45.19 37.03
CA ASN I 198 -21.00 45.12 38.39
C ASN I 198 -20.70 46.41 39.12
N CYS I 199 -21.68 47.31 39.24
CA CYS I 199 -21.44 48.61 39.86
C CYS I 199 -22.60 49.24 40.62
N GLY I 200 -22.48 50.53 40.94
CA GLY I 200 -23.49 51.25 41.69
C GLY I 200 -24.78 51.43 40.93
N GLY I 201 -24.69 51.73 39.64
CA GLY I 201 -25.87 51.87 38.81
C GLY I 201 -26.45 50.57 38.29
N SER I 202 -25.64 49.51 38.35
CA SER I 202 -26.03 48.22 37.76
C SER I 202 -26.24 48.43 36.28
N ASN I 203 -25.32 49.14 35.64
CA ASN I 203 -25.45 49.44 34.23
C ASN I 203 -25.49 48.18 33.38
N GLU I 204 -26.31 48.17 32.35
CA GLU I 204 -26.38 47.05 31.43
C GLU I 204 -26.97 47.55 30.17
N GLY I 205 -26.69 46.90 29.06
CA GLY I 205 -27.36 47.24 27.82
C GLY I 205 -26.37 47.49 26.70
N LEU I 206 -26.91 48.00 25.59
CA LEU I 206 -26.19 48.16 24.35
C LEU I 206 -25.88 49.64 24.08
N THR I 207 -24.85 49.87 23.29
CA THR I 207 -24.47 51.20 22.86
C THR I 207 -23.76 51.12 21.52
N THR I 208 -24.04 52.09 20.65
CA THR I 208 -23.32 52.23 19.39
C THR I 208 -22.47 53.49 19.34
N THR I 209 -22.44 54.25 20.43
CA THR I 209 -21.55 55.40 20.56
C THR I 209 -20.81 55.30 21.89
N ASP I 210 -19.72 56.05 22.00
CA ASP I 210 -18.93 56.05 23.22
C ASP I 210 -19.78 56.48 24.41
N LYS I 211 -19.68 55.73 25.50
CA LYS I 211 -20.46 56.00 26.70
C LYS I 211 -19.56 55.84 27.92
N VAL I 212 -19.53 56.86 28.79
CA VAL I 212 -18.79 56.75 30.03
C VAL I 212 -19.64 56.05 31.08
N ILE I 213 -19.06 55.09 31.77
CA ILE I 213 -19.84 54.34 32.74
C ILE I 213 -19.56 54.77 34.18
N ASN I 214 -19.07 56.00 34.38
CA ASN I 214 -18.90 56.53 35.74
C ASN I 214 -18.01 55.79 36.73
N ASN I 215 -18.54 55.41 37.88
CA ASN I 215 -17.73 54.81 38.95
C ASN I 215 -16.99 53.50 38.66
N CYS I 216 -17.44 52.70 37.70
CA CYS I 216 -16.85 51.38 37.44
C CYS I 216 -15.38 51.32 37.11
N LYS I 217 -14.71 50.26 37.55
CA LYS I 217 -13.32 50.09 37.19
C LYS I 217 -13.28 49.11 36.03
N VAL I 218 -12.43 49.35 35.06
CA VAL I 218 -12.38 48.52 33.85
C VAL I 218 -12.44 47.05 34.13
N ASP I 219 -11.81 46.60 35.19
CA ASP I 219 -11.75 45.16 35.37
C ASP I 219 -13.13 44.59 35.72
N GLN I 220 -14.03 45.41 36.22
CA GLN I 220 -15.33 44.89 36.63
C GLN I 220 -16.30 44.83 35.48
N CYS I 221 -16.02 45.55 34.40
CA CYS I 221 -16.88 45.52 33.24
C CYS I 221 -16.70 44.39 32.23
N HIS I 222 -17.75 44.03 31.51
CA HIS I 222 -17.65 43.03 30.45
C HIS I 222 -18.38 43.57 29.25
N ALA I 223 -17.76 43.53 28.09
CA ALA I 223 -18.35 44.06 26.87
C ALA I 223 -18.05 43.15 25.70
N ALA I 224 -18.92 43.18 24.70
CA ALA I 224 -18.78 42.34 23.53
C ALA I 224 -19.47 43.02 22.36
N VAL I 225 -19.16 42.55 21.15
CA VAL I 225 -19.83 43.05 19.95
C VAL I 225 -20.99 42.12 19.62
N THR I 226 -22.19 42.69 19.47
CA THR I 226 -23.40 41.89 19.36
C THR I 226 -24.02 41.89 17.97
N ASN I 227 -24.34 43.05 17.41
CA ASN I 227 -25.01 43.10 16.11
C ASN I 227 -24.01 42.71 15.03
N HIS I 228 -24.23 41.55 14.42
CA HIS I 228 -23.39 41.07 13.32
C HIS I 228 -24.24 41.01 12.07
N LYS I 229 -23.73 41.59 10.98
CA LYS I 229 -24.44 41.59 9.71
C LYS I 229 -24.02 40.44 8.79
N LYS I 230 -22.87 39.81 9.04
CA LYS I 230 -22.38 38.69 8.25
C LYS I 230 -22.21 37.48 9.15
N TRP I 231 -22.59 36.31 8.64
CA TRP I 231 -22.58 35.10 9.43
C TRP I 231 -21.29 34.32 9.19
N GLN I 232 -21.13 33.22 9.91
CA GLN I 232 -19.93 32.41 9.81
C GLN I 232 -20.27 30.95 10.04
N TYR I 233 -19.36 30.08 9.61
CA TYR I 233 -19.50 28.65 9.82
C TYR I 233 -19.58 28.33 11.30
N ASN I 234 -20.51 27.44 11.67
CA ASN I 234 -20.70 27.07 13.07
C ASN I 234 -19.55 26.14 13.49
N SER I 235 -18.38 26.75 13.59
CA SER I 235 -17.18 26.02 13.95
C SER I 235 -17.29 25.44 15.35
N PRO I 236 -16.75 24.24 15.58
CA PRO I 236 -16.66 23.72 16.95
C PRO I 236 -15.70 24.51 17.83
N LEU I 237 -14.92 25.41 17.24
CA LEU I 237 -14.02 26.28 17.99
C LEU I 237 -14.62 27.65 18.27
N VAL I 238 -15.91 27.84 18.00
CA VAL I 238 -16.60 29.09 18.23
C VAL I 238 -17.87 28.79 19.00
N PRO I 239 -18.13 29.44 20.13
CA PRO I 239 -19.31 29.11 20.93
C PRO I 239 -20.61 29.35 20.17
N ARG I 240 -21.61 28.51 20.44
CA ARG I 240 -22.91 28.71 19.84
C ARG I 240 -23.59 29.93 20.42
N ASN I 241 -24.26 30.69 19.55
CA ASN I 241 -24.96 31.91 19.94
C ASN I 241 -26.11 31.66 20.89
N ALA I 242 -26.88 30.60 20.65
CA ALA I 242 -28.06 30.25 21.43
C ALA I 242 -28.24 28.75 21.33
N GLU I 243 -29.42 28.27 21.71
CA GLU I 243 -29.70 26.85 21.56
C GLU I 243 -29.68 26.43 20.10
N LEU I 244 -30.21 27.27 19.21
CA LEU I 244 -30.25 27.00 17.78
C LEU I 244 -29.70 28.22 17.05
N GLY I 245 -28.93 27.98 16.00
CA GLY I 245 -28.28 29.08 15.30
C GLY I 245 -29.28 29.92 14.50
N ASP I 246 -29.00 31.21 14.43
CA ASP I 246 -29.85 32.18 13.74
C ASP I 246 -29.28 32.46 12.33
N ARG I 247 -30.18 32.91 11.44
CA ARG I 247 -29.82 33.28 10.07
C ARG I 247 -29.06 32.17 9.36
N LYS I 248 -29.54 30.94 9.52
CA LYS I 248 -28.84 29.79 8.97
C LYS I 248 -28.75 29.88 7.45
N GLY I 249 -27.57 29.53 6.92
CA GLY I 249 -27.38 29.39 5.49
C GLY I 249 -26.50 28.18 5.22
N LYS I 250 -26.31 27.83 3.95
CA LYS I 250 -25.49 26.67 3.60
C LYS I 250 -24.39 27.08 2.65
N ILE I 251 -23.20 26.50 2.84
CA ILE I 251 -22.06 26.71 1.95
C ILE I 251 -21.61 25.35 1.43
N HIS I 252 -21.66 25.18 0.12
CA HIS I 252 -21.29 23.90 -0.48
C HIS I 252 -19.78 23.69 -0.39
N ILE I 253 -19.39 22.43 -0.18
CA ILE I 253 -18.00 22.04 -0.02
C ILE I 253 -17.45 21.67 -1.39
N PRO I 254 -16.46 22.39 -1.90
CA PRO I 254 -15.95 22.09 -3.25
C PRO I 254 -15.09 20.85 -3.27
N PHE I 255 -14.54 20.58 -4.45
CA PHE I 255 -13.58 19.51 -4.69
C PHE I 255 -14.13 18.15 -4.25
N PRO I 256 -15.11 17.61 -4.96
CA PRO I 256 -15.67 16.31 -4.57
C PRO I 256 -14.73 15.18 -4.92
N LEU I 257 -14.95 14.04 -4.27
CA LEU I 257 -14.15 12.85 -4.54
C LEU I 257 -14.63 12.16 -5.81
N ALA I 258 -13.69 11.67 -6.61
CA ALA I 258 -14.03 11.05 -7.88
C ALA I 258 -12.99 10.01 -8.25
N ASN I 259 -13.42 9.05 -9.08
CA ASN I 259 -12.54 8.00 -9.58
C ASN I 259 -11.54 8.60 -10.57
N VAL I 260 -10.28 8.19 -10.46
CA VAL I 260 -9.21 8.55 -11.38
C VAL I 260 -8.20 7.43 -11.42
N THR I 261 -7.67 7.14 -12.60
CA THR I 261 -6.59 6.19 -12.78
C THR I 261 -5.27 6.89 -12.53
N CYS I 262 -4.42 6.29 -11.70
CA CYS I 262 -3.12 6.85 -11.33
C CYS I 262 -2.01 5.89 -11.74
N ARG I 263 -0.83 6.47 -11.98
CA ARG I 263 0.29 5.76 -12.59
C ARG I 263 1.19 5.17 -11.51
N VAL I 264 1.60 3.92 -11.72
CA VAL I 264 2.50 3.22 -10.81
C VAL I 264 3.65 2.64 -11.62
N PRO I 265 4.82 2.44 -11.03
CA PRO I 265 5.95 1.87 -11.78
C PRO I 265 5.86 0.36 -11.84
N LYS I 266 6.65 -0.20 -12.76
CA LYS I 266 6.80 -1.64 -12.91
C LYS I 266 8.26 -1.99 -12.65
N ALA I 267 8.50 -2.87 -11.69
CA ALA I 267 9.87 -3.21 -11.33
C ALA I 267 10.56 -3.91 -12.50
N ARG I 268 11.86 -3.69 -12.62
CA ARG I 268 12.62 -4.22 -13.74
C ARG I 268 12.73 -5.74 -13.64
N ASN I 269 13.08 -6.35 -14.77
CA ASN I 269 13.10 -7.79 -14.85
C ASN I 269 14.16 -8.37 -13.92
N PRO I 270 13.82 -9.39 -13.13
CA PRO I 270 14.84 -10.07 -12.33
C PRO I 270 15.68 -10.99 -13.19
N THR I 271 16.81 -11.40 -12.63
CA THR I 271 17.70 -12.35 -13.30
C THR I 271 17.36 -13.75 -12.83
N VAL I 272 17.02 -14.63 -13.77
CA VAL I 272 16.46 -15.94 -13.46
C VAL I 272 17.44 -17.01 -13.89
N THR I 273 17.77 -17.91 -12.96
CA THR I 273 18.51 -19.13 -13.26
C THR I 273 17.70 -20.32 -12.78
N TYR I 274 18.01 -21.49 -13.30
CA TYR I 274 17.22 -22.68 -13.04
C TYR I 274 18.09 -23.79 -12.47
N GLY I 275 17.55 -24.51 -11.50
CA GLY I 275 18.12 -25.75 -11.03
C GLY I 275 17.07 -26.84 -11.08
N LYS I 276 17.32 -27.99 -10.45
CA LYS I 276 16.37 -29.08 -10.45
C LYS I 276 15.21 -28.73 -9.51
N ASN I 277 14.02 -28.55 -10.09
CA ASN I 277 12.82 -28.21 -9.32
C ASN I 277 13.04 -26.96 -8.48
N GLN I 278 13.65 -25.94 -9.08
CA GLN I 278 14.12 -24.79 -8.32
C GLN I 278 14.39 -23.63 -9.26
N VAL I 279 13.91 -22.45 -8.89
CA VAL I 279 14.16 -21.23 -9.64
C VAL I 279 14.87 -20.24 -8.72
N ILE I 280 15.99 -19.70 -9.20
CA ILE I 280 16.79 -18.75 -8.45
C ILE I 280 16.62 -17.39 -9.09
N MET I 281 16.01 -16.45 -8.37
CA MET I 281 15.74 -15.13 -8.90
C MET I 281 16.54 -14.08 -8.14
N LEU I 282 17.24 -13.23 -8.88
CA LEU I 282 17.95 -12.10 -8.34
C LEU I 282 17.14 -10.85 -8.67
N LEU I 283 16.67 -10.17 -7.62
CA LEU I 283 15.76 -9.05 -7.74
C LEU I 283 16.50 -7.74 -7.48
N TYR I 284 16.17 -6.72 -8.26
CA TYR I 284 16.80 -5.41 -8.17
C TYR I 284 15.74 -4.35 -7.94
N PRO I 285 15.27 -4.20 -6.71
CA PRO I 285 14.25 -3.18 -6.43
C PRO I 285 14.88 -1.81 -6.23
N ASP I 286 14.30 -0.81 -6.89
CA ASP I 286 14.68 0.57 -6.66
C ASP I 286 13.94 1.19 -5.48
N HIS I 287 12.78 0.66 -5.15
CA HIS I 287 11.97 1.08 -4.02
C HIS I 287 11.33 -0.16 -3.41
N PRO I 288 10.90 -0.09 -2.15
CA PRO I 288 10.32 -1.29 -1.52
C PRO I 288 9.25 -1.93 -2.38
N THR I 289 9.54 -3.13 -2.87
CA THR I 289 8.72 -3.82 -3.85
C THR I 289 8.21 -5.12 -3.27
N LEU I 290 6.91 -5.37 -3.37
CA LEU I 290 6.34 -6.60 -2.85
C LEU I 290 6.54 -7.75 -3.82
N LEU I 291 6.95 -8.90 -3.30
CA LEU I 291 7.11 -10.13 -4.07
C LEU I 291 6.20 -11.18 -3.45
N SER I 292 5.53 -11.96 -4.29
CA SER I 292 4.66 -13.01 -3.80
C SER I 292 4.75 -14.21 -4.73
N TYR I 293 4.41 -15.38 -4.21
CA TYR I 293 4.41 -16.58 -5.04
C TYR I 293 3.47 -17.61 -4.43
N ARG I 294 2.94 -18.46 -5.30
CA ARG I 294 1.97 -19.48 -4.92
C ARG I 294 2.10 -20.68 -5.84
N ASN I 295 1.54 -21.81 -5.40
CA ASN I 295 1.49 -23.00 -6.23
C ASN I 295 0.16 -23.07 -6.95
N MET I 296 0.19 -23.46 -8.23
CA MET I 296 -1.02 -23.57 -9.03
C MET I 296 -1.60 -24.98 -8.90
N GLY I 297 -2.05 -25.29 -7.70
CA GLY I 297 -2.57 -26.61 -7.42
C GLY I 297 -3.56 -26.62 -6.28
N GLU I 298 -3.66 -27.77 -5.62
CA GLU I 298 -4.57 -27.92 -4.50
C GLU I 298 -4.25 -26.94 -3.39
N GLU I 299 -2.99 -26.86 -2.97
CA GLU I 299 -2.57 -26.01 -1.86
C GLU I 299 -1.74 -24.86 -2.41
N PRO I 300 -2.28 -23.63 -2.44
CA PRO I 300 -1.51 -22.51 -3.00
C PRO I 300 -0.21 -22.23 -2.27
N ASN I 301 -0.18 -22.43 -0.95
CA ASN I 301 1.01 -22.15 -0.14
C ASN I 301 1.54 -20.74 -0.42
N TYR I 302 0.62 -19.77 -0.37
CA TYR I 302 0.97 -18.40 -0.71
C TYR I 302 2.01 -17.84 0.25
N GLN I 303 3.06 -17.25 -0.30
CA GLN I 303 4.08 -16.60 0.50
C GLN I 303 4.38 -15.24 -0.11
N GLU I 304 4.73 -14.27 0.74
CA GLU I 304 4.99 -12.92 0.28
C GLU I 304 6.05 -12.28 1.18
N GLU I 305 6.74 -11.28 0.62
CA GLU I 305 7.70 -10.51 1.38
C GLU I 305 8.01 -9.23 0.65
N TRP I 306 8.38 -8.19 1.40
CA TRP I 306 8.71 -6.90 0.83
C TRP I 306 10.22 -6.81 0.61
N VAL I 307 10.65 -6.98 -0.63
CA VAL I 307 12.06 -6.90 -1.00
C VAL I 307 12.42 -5.43 -1.11
N MET I 308 13.42 -4.99 -0.34
CA MET I 308 13.86 -3.62 -0.33
C MET I 308 15.29 -3.44 -0.80
N HIS I 309 16.04 -4.52 -0.95
CA HIS I 309 17.42 -4.46 -1.45
C HIS I 309 17.59 -5.57 -2.47
N LYS I 310 18.56 -5.38 -3.38
CA LYS I 310 18.84 -6.39 -4.39
C LYS I 310 19.12 -7.73 -3.72
N LYS I 311 18.23 -8.69 -3.94
CA LYS I 311 18.19 -9.89 -3.12
C LYS I 311 18.14 -11.12 -4.01
N GLU I 312 18.69 -12.21 -3.52
CA GLU I 312 18.57 -13.50 -4.20
C GLU I 312 17.61 -14.38 -3.44
N VAL I 313 16.56 -14.82 -4.12
CA VAL I 313 15.57 -15.72 -3.54
C VAL I 313 15.60 -17.04 -4.31
N VAL I 314 15.33 -18.12 -3.62
CA VAL I 314 15.27 -19.46 -4.20
C VAL I 314 13.89 -20.03 -3.93
N LEU I 315 13.16 -20.35 -4.99
CA LEU I 315 11.80 -20.84 -4.87
C LEU I 315 11.70 -22.25 -5.45
N THR I 316 11.13 -23.15 -4.67
CA THR I 316 10.88 -24.51 -5.13
C THR I 316 9.67 -24.53 -6.05
N VAL I 317 9.83 -25.14 -7.21
CA VAL I 317 8.76 -25.24 -8.21
C VAL I 317 8.18 -26.65 -8.13
N PRO I 318 6.97 -26.82 -7.63
CA PRO I 318 6.39 -28.16 -7.54
C PRO I 318 5.93 -28.65 -8.91
N THR I 319 5.33 -29.85 -8.91
CA THR I 319 4.91 -30.45 -10.16
C THR I 319 3.76 -29.67 -10.81
N GLU I 320 2.90 -29.06 -9.99
CA GLU I 320 1.78 -28.31 -10.53
C GLU I 320 2.20 -26.95 -11.09
N GLY I 321 3.36 -26.45 -10.71
CA GLY I 321 3.81 -25.17 -11.20
C GLY I 321 3.82 -24.10 -10.13
N LEU I 322 4.58 -23.05 -10.37
CA LEU I 322 4.73 -21.95 -9.44
C LEU I 322 4.46 -20.63 -10.15
N GLU I 323 3.63 -19.79 -9.54
CA GLU I 323 3.34 -18.45 -10.05
C GLU I 323 4.00 -17.43 -9.15
N VAL I 324 4.80 -16.56 -9.73
CA VAL I 324 5.56 -15.55 -9.00
C VAL I 324 5.19 -14.17 -9.53
N THR I 325 4.76 -13.30 -8.63
CA THR I 325 4.46 -11.91 -8.96
C THR I 325 5.51 -11.02 -8.31
N TRP I 326 6.21 -10.25 -9.13
CA TRP I 326 7.29 -9.37 -8.68
C TRP I 326 6.81 -7.93 -8.88
N GLY I 327 6.32 -7.32 -7.81
CA GLY I 327 5.84 -5.96 -7.92
C GLY I 327 4.59 -5.89 -8.77
N ASN I 328 4.53 -4.89 -9.65
CA ASN I 328 3.37 -4.68 -10.50
C ASN I 328 3.48 -5.39 -11.84
N ASN I 329 4.56 -6.14 -12.06
CA ASN I 329 4.73 -6.86 -13.31
C ASN I 329 3.71 -7.98 -13.44
N GLU I 330 3.46 -8.38 -14.67
CA GLU I 330 2.57 -9.51 -14.92
C GLU I 330 3.18 -10.78 -14.33
N PRO I 331 2.37 -11.65 -13.75
CA PRO I 331 2.93 -12.84 -13.08
C PRO I 331 3.68 -13.74 -14.03
N TYR I 332 4.77 -14.31 -13.53
CA TYR I 332 5.53 -15.32 -14.24
C TYR I 332 5.07 -16.70 -13.79
N LYS I 333 5.07 -17.64 -14.71
CA LYS I 333 4.68 -19.01 -14.42
C LYS I 333 5.83 -19.94 -14.76
N TYR I 334 6.11 -20.90 -13.88
CA TYR I 334 7.18 -21.86 -14.10
C TYR I 334 6.66 -23.27 -13.85
N TRP I 335 7.02 -24.19 -14.74
CA TRP I 335 6.72 -25.60 -14.56
C TRP I 335 8.00 -26.40 -14.74
N PRO I 336 8.19 -27.45 -13.95
CA PRO I 336 9.42 -28.24 -14.04
C PRO I 336 9.43 -29.13 -15.27
N GLN I 337 10.64 -29.53 -15.66
CA GLN I 337 10.86 -30.45 -16.76
C GLN I 337 11.25 -31.82 -16.23
N LEU I 338 11.26 -32.80 -17.13
CA LEU I 338 11.79 -34.13 -16.81
C LEU I 338 13.26 -34.22 -17.23
N SER I 339 14.01 -33.21 -16.80
CA SER I 339 15.44 -33.14 -17.03
C SER I 339 16.12 -34.17 -16.15
N THR I 340 17.05 -34.91 -16.74
CA THR I 340 17.67 -36.03 -16.04
C THR I 340 19.15 -36.05 -16.38
N ASN I 341 19.95 -36.52 -15.44
CA ASN I 341 21.39 -36.56 -15.64
C ASN I 341 21.91 -37.95 -15.99
N GLY I 342 21.18 -39.01 -15.61
CA GLY I 342 21.50 -40.35 -16.05
C GLY I 342 20.91 -40.63 -17.41
N THR I 343 21.16 -41.84 -17.91
CA THR I 343 20.56 -42.30 -19.16
C THR I 343 19.58 -43.43 -18.85
N ALA I 344 18.52 -43.50 -19.65
CA ALA I 344 17.44 -44.45 -19.38
C ALA I 344 17.62 -45.76 -20.13
N HIS I 345 18.67 -45.86 -20.94
CA HIS I 345 18.91 -47.03 -21.77
C HIS I 345 20.38 -47.45 -21.78
N GLY I 346 21.05 -47.30 -20.66
CA GLY I 346 22.46 -47.68 -20.52
C GLY I 346 22.65 -48.82 -19.56
N HIS I 347 23.69 -48.72 -18.74
CA HIS I 347 23.98 -49.76 -17.76
C HIS I 347 23.00 -49.66 -16.60
N PRO I 348 22.65 -50.80 -15.98
CA PRO I 348 21.54 -50.81 -15.00
C PRO I 348 21.57 -49.69 -13.98
N HIS I 349 22.73 -49.38 -13.42
CA HIS I 349 22.83 -48.27 -12.47
C HIS I 349 22.48 -46.93 -13.11
N GLU I 350 22.74 -46.76 -14.41
CA GLU I 350 22.36 -45.52 -15.08
C GLU I 350 20.85 -45.34 -15.17
N ILE I 351 20.11 -46.38 -15.56
CA ILE I 351 18.65 -46.25 -15.58
C ILE I 351 18.10 -46.12 -14.16
N ILE I 352 18.73 -46.80 -13.20
CA ILE I 352 18.27 -46.66 -11.82
C ILE I 352 18.43 -45.22 -11.35
N LEU I 353 19.57 -44.60 -11.66
CA LEU I 353 19.78 -43.19 -11.33
C LEU I 353 18.79 -42.30 -12.07
N TYR I 354 18.55 -42.60 -13.35
CA TYR I 354 17.59 -41.83 -14.14
C TYR I 354 16.23 -41.79 -13.45
N TYR I 355 15.71 -42.97 -13.10
CA TYR I 355 14.37 -43.03 -12.53
C TYR I 355 14.34 -42.50 -11.11
N TYR I 356 15.46 -42.48 -10.42
CA TYR I 356 15.43 -41.86 -9.10
C TYR I 356 15.32 -40.38 -9.30
N GLU I 357 16.08 -39.84 -10.24
CA GLU I 357 16.10 -38.41 -10.38
C GLU I 357 14.76 -37.82 -10.78
N LEU I 358 14.09 -38.42 -11.74
CA LEU I 358 12.78 -37.93 -12.08
C LEU I 358 11.75 -38.14 -11.00
N TYR I 359 11.76 -39.29 -10.35
CA TYR I 359 10.74 -39.60 -9.35
C TYR I 359 11.33 -40.15 -8.04
N PRO I 360 11.79 -39.29 -7.08
CA PRO I 360 12.48 -39.78 -5.88
C PRO I 360 11.70 -40.82 -5.07
N THR I 361 10.37 -40.72 -5.02
CA THR I 361 9.58 -41.54 -4.12
C THR I 361 9.18 -42.87 -4.74
N MET I 362 8.52 -42.84 -5.89
CA MET I 362 8.03 -44.09 -6.49
C MET I 362 9.18 -45.02 -6.82
N THR I 363 10.30 -44.46 -7.28
CA THR I 363 11.47 -45.28 -7.60
C THR I 363 11.94 -46.07 -6.39
N VAL I 364 12.10 -45.39 -5.25
CA VAL I 364 12.66 -46.04 -4.07
C VAL I 364 11.75 -47.16 -3.58
N VAL I 365 10.45 -46.88 -3.48
CA VAL I 365 9.52 -47.90 -3.01
C VAL I 365 9.49 -49.08 -3.97
N VAL I 366 9.50 -48.80 -5.28
CA VAL I 366 9.44 -49.88 -6.26
C VAL I 366 10.70 -50.74 -6.19
N VAL I 367 11.88 -50.13 -6.15
CA VAL I 367 13.10 -50.94 -6.16
C VAL I 367 13.21 -51.73 -4.86
N SER I 368 12.87 -51.11 -3.73
CA SER I 368 12.97 -51.83 -2.45
C SER I 368 11.99 -52.99 -2.40
N VAL I 369 10.73 -52.77 -2.80
CA VAL I 369 9.75 -53.83 -2.79
C VAL I 369 10.14 -54.94 -3.76
N ALA I 370 10.62 -54.58 -4.95
CA ALA I 370 11.03 -55.58 -5.92
C ALA I 370 12.18 -56.42 -5.41
N SER I 371 13.22 -55.76 -4.87
CA SER I 371 14.35 -56.52 -4.34
C SER I 371 13.90 -57.44 -3.21
N PHE I 372 13.03 -56.94 -2.33
CA PHE I 372 12.58 -57.77 -1.21
C PHE I 372 11.78 -58.97 -1.70
N VAL I 373 10.92 -58.78 -2.71
CA VAL I 373 10.09 -59.89 -3.16
C VAL I 373 10.94 -60.93 -3.90
N LEU I 374 11.91 -60.48 -4.72
CA LEU I 374 12.79 -61.46 -5.35
C LEU I 374 13.60 -62.23 -4.30
N LEU I 375 14.12 -61.54 -3.28
CA LEU I 375 14.86 -62.23 -2.24
C LEU I 375 13.95 -63.21 -1.49
N SER I 376 12.70 -62.82 -1.24
CA SER I 376 11.76 -63.72 -0.56
C SER I 376 11.46 -64.94 -1.41
N MET I 377 11.28 -64.75 -2.72
CA MET I 377 11.03 -65.88 -3.60
C MET I 377 12.22 -66.82 -3.66
N VAL I 378 13.43 -66.26 -3.72
CA VAL I 378 14.63 -67.10 -3.71
C VAL I 378 14.71 -67.87 -2.40
N GLY I 379 14.44 -67.20 -1.28
CA GLY I 379 14.50 -67.88 0.01
C GLY I 379 13.47 -68.98 0.16
N VAL I 380 12.24 -68.73 -0.30
CA VAL I 380 11.20 -69.75 -0.21
C VAL I 380 11.52 -70.91 -1.15
N ALA I 381 12.09 -70.62 -2.32
CA ALA I 381 12.52 -71.70 -3.21
C ALA I 381 13.59 -72.55 -2.55
N VAL I 382 14.57 -71.92 -1.90
CA VAL I 382 15.61 -72.67 -1.20
C VAL I 382 15.03 -73.49 -0.06
N GLY I 383 14.10 -72.90 0.70
CA GLY I 383 13.50 -73.62 1.81
C GLY I 383 12.70 -74.83 1.36
N MET I 384 11.91 -74.67 0.30
CA MET I 384 11.14 -75.82 -0.19
C MET I 384 12.03 -76.83 -0.88
N CYS I 385 13.15 -76.39 -1.45
CA CYS I 385 14.14 -77.34 -1.95
C CYS I 385 14.73 -78.17 -0.81
N MET I 386 15.03 -77.52 0.31
CA MET I 386 15.53 -78.25 1.48
C MET I 386 14.47 -79.22 2.01
N CYS I 387 13.21 -78.79 2.00
CA CYS I 387 12.13 -79.69 2.42
C CYS I 387 12.03 -80.90 1.49
N ALA I 388 12.13 -80.68 0.17
CA ALA I 388 12.12 -81.79 -0.77
C ALA I 388 13.30 -82.72 -0.52
N ARG I 389 14.48 -82.16 -0.29
CA ARG I 389 15.65 -82.98 0.01
C ARG I 389 15.45 -83.82 1.27
N ARG I 390 14.95 -83.20 2.35
CA ARG I 390 14.79 -83.96 3.58
C ARG I 390 13.77 -85.07 3.38
N ARG I 391 12.65 -84.78 2.71
CA ARG I 391 11.65 -85.82 2.49
C ARG I 391 12.19 -86.95 1.62
N CYS I 392 13.02 -86.63 0.62
CA CYS I 392 13.49 -87.66 -0.28
C CYS I 392 14.66 -88.46 0.29
N ILE I 393 15.44 -87.90 1.21
CA ILE I 393 16.64 -88.60 1.68
C ILE I 393 16.46 -89.21 3.07
N THR I 394 15.62 -88.64 3.93
CA THR I 394 15.46 -89.19 5.29
C THR I 394 15.11 -90.68 5.33
N PRO I 395 14.19 -91.21 4.50
CA PRO I 395 13.93 -92.66 4.57
C PRO I 395 15.17 -93.51 4.30
N TYR I 396 16.05 -93.09 3.40
CA TYR I 396 17.26 -93.85 3.15
C TYR I 396 18.18 -93.90 4.35
N GLU I 397 18.27 -92.80 5.11
CA GLU I 397 19.05 -92.82 6.34
C GLU I 397 18.33 -93.58 7.43
N LEU I 398 16.99 -93.68 7.37
CA LEU I 398 16.24 -94.43 8.38
C LEU I 398 16.30 -95.94 8.18
N THR I 399 16.84 -96.41 7.06
CA THR I 399 17.01 -97.85 6.87
C THR I 399 18.35 -98.29 7.43
N PRO I 400 18.39 -99.23 8.36
CA PRO I 400 19.68 -99.65 8.94
C PRO I 400 20.59 -100.26 7.89
N GLY I 401 21.88 -99.91 7.97
CA GLY I 401 22.87 -100.42 7.04
C GLY I 401 22.71 -99.95 5.61
N ALA I 402 21.81 -98.99 5.36
CA ALA I 402 21.55 -98.55 3.99
C ALA I 402 22.58 -97.51 3.56
N THR I 403 22.83 -97.48 2.25
CA THR I 403 23.71 -96.50 1.63
C THR I 403 22.96 -95.84 0.49
N VAL I 404 22.99 -94.52 0.46
CA VAL I 404 22.34 -93.76 -0.62
C VAL I 404 23.06 -94.09 -1.93
N PRO I 405 22.33 -94.38 -3.01
CA PRO I 405 22.99 -94.80 -4.25
C PRO I 405 23.94 -93.75 -4.79
N PHE I 406 24.98 -94.23 -5.47
CA PHE I 406 26.04 -93.37 -5.98
C PHE I 406 25.49 -92.24 -6.85
N LEU I 407 24.69 -92.59 -7.86
CA LEU I 407 24.09 -91.57 -8.70
C LEU I 407 23.12 -90.70 -7.90
N LEU I 408 22.31 -91.33 -7.04
CA LEU I 408 21.38 -90.55 -6.22
C LEU I 408 22.12 -89.69 -5.21
N SER I 409 23.25 -90.18 -4.68
CA SER I 409 24.07 -89.34 -3.81
C SER I 409 24.60 -88.13 -4.56
N LEU I 410 25.07 -88.32 -5.80
CA LEU I 410 25.57 -87.19 -6.58
C LEU I 410 24.45 -86.21 -6.91
N ILE I 411 23.24 -86.71 -7.18
CA ILE I 411 22.11 -85.83 -7.46
C ILE I 411 21.83 -84.92 -6.27
N CYS I 412 21.84 -85.48 -5.07
CA CYS I 412 21.56 -84.72 -3.86
C CYS I 412 22.86 -84.12 -3.33
N CYS I 413 22.84 -83.55 -2.13
CA CYS I 413 24.00 -82.88 -1.57
C CYS I 413 24.85 -83.77 -0.68
N ILE I 414 24.52 -85.06 -0.58
CA ILE I 414 25.38 -86.02 0.11
C ILE I 414 26.46 -86.42 -0.90
N ARG I 415 27.64 -85.83 -0.74
CA ARG I 415 28.71 -85.93 -1.73
C ARG I 415 29.85 -86.82 -1.27
N THR I 416 29.54 -87.89 -0.55
CA THR I 416 30.55 -88.78 0.00
C THR I 416 31.23 -89.67 -1.04
N ALA I 417 30.74 -89.65 -2.27
CA ALA I 417 31.31 -90.51 -3.31
C ALA I 417 32.75 -90.12 -3.61
N LYS I 418 33.60 -91.13 -3.82
CA LYS I 418 35.01 -90.94 -4.12
C LYS I 418 35.42 -91.85 -5.27
N ALA I 419 36.49 -91.47 -5.95
CA ALA I 419 37.01 -92.25 -7.08
C ALA I 419 38.53 -92.20 -7.12
N ASN J 3 -53.91 8.98 -41.48
CA ASN J 3 -52.59 9.55 -41.25
C ASN J 3 -51.58 9.13 -42.32
N VAL J 4 -51.04 7.92 -42.17
CA VAL J 4 -50.01 7.44 -43.07
C VAL J 4 -50.55 6.70 -44.29
N TYR J 5 -51.87 6.67 -44.46
CA TYR J 5 -52.49 5.88 -45.52
C TYR J 5 -52.64 6.64 -46.82
N LYS J 6 -52.05 7.84 -46.93
CA LYS J 6 -52.33 8.70 -48.08
C LYS J 6 -51.91 8.07 -49.40
N ALA J 7 -50.71 7.50 -49.47
CA ALA J 7 -50.22 6.93 -50.70
C ALA J 7 -50.64 5.47 -50.88
N THR J 8 -51.61 5.01 -50.10
CA THR J 8 -51.99 3.61 -50.08
C THR J 8 -53.41 3.44 -50.62
N ARG J 9 -53.68 2.25 -51.15
CA ARG J 9 -54.99 1.90 -51.66
C ARG J 9 -55.36 0.49 -51.22
N PRO J 10 -56.64 0.18 -51.09
CA PRO J 10 -57.04 -1.20 -50.79
C PRO J 10 -56.77 -2.11 -51.98
N TYR J 11 -56.97 -3.41 -51.75
CA TYR J 11 -56.66 -4.40 -52.77
C TYR J 11 -57.64 -5.57 -52.68
N LEU J 12 -57.79 -6.26 -53.80
CA LEU J 12 -58.57 -7.48 -53.85
C LEU J 12 -57.69 -8.68 -53.56
N ALA J 13 -58.27 -9.70 -52.92
CA ALA J 13 -57.49 -10.87 -52.57
C ALA J 13 -58.39 -12.10 -52.56
N HIS J 14 -57.75 -13.27 -52.69
CA HIS J 14 -58.47 -14.53 -52.68
C HIS J 14 -59.11 -14.77 -51.32
N CYS J 15 -60.31 -15.35 -51.33
CA CYS J 15 -61.03 -15.69 -50.11
C CYS J 15 -61.62 -17.09 -50.30
N PRO J 16 -61.39 -18.00 -49.36
CA PRO J 16 -61.83 -19.39 -49.57
C PRO J 16 -63.33 -19.59 -49.52
N ASP J 17 -64.08 -18.67 -48.90
CA ASP J 17 -65.53 -18.83 -48.76
C ASP J 17 -66.16 -17.45 -48.83
N CYS J 18 -66.79 -17.14 -49.96
CA CYS J 18 -67.42 -15.85 -50.18
C CYS J 18 -68.88 -15.83 -49.76
N GLY J 19 -69.28 -16.71 -48.84
CA GLY J 19 -70.63 -16.75 -48.33
C GLY J 19 -71.52 -17.78 -48.99
N GLU J 20 -71.25 -18.13 -50.24
CA GLU J 20 -72.03 -19.13 -50.96
C GLU J 20 -71.39 -20.51 -50.93
N GLY J 21 -70.30 -20.68 -50.20
CA GLY J 21 -69.58 -21.93 -50.18
C GLY J 21 -68.55 -22.08 -51.28
N HIS J 22 -68.31 -21.05 -52.08
CA HIS J 22 -67.32 -21.11 -53.15
C HIS J 22 -66.32 -19.98 -52.98
N SER J 23 -65.05 -20.32 -53.17
CA SER J 23 -63.98 -19.34 -53.06
C SER J 23 -64.06 -18.33 -54.20
N CYS J 24 -63.68 -17.10 -53.91
CA CYS J 24 -63.69 -16.05 -54.93
C CYS J 24 -62.77 -14.93 -54.49
N HIS J 25 -62.44 -14.06 -55.43
CA HIS J 25 -61.61 -12.90 -55.11
C HIS J 25 -62.48 -11.77 -54.63
N SER J 26 -62.26 -11.35 -53.38
CA SER J 26 -63.12 -10.37 -52.74
C SER J 26 -62.25 -9.25 -52.17
N PRO J 27 -62.83 -8.07 -51.93
CA PRO J 27 -62.05 -6.99 -51.31
C PRO J 27 -61.95 -7.11 -49.81
N VAL J 28 -62.50 -8.15 -49.20
CA VAL J 28 -62.60 -8.25 -47.75
C VAL J 28 -61.65 -9.32 -47.21
N ALA J 29 -60.95 -10.02 -48.10
CA ALA J 29 -60.19 -11.21 -47.72
C ALA J 29 -59.30 -10.95 -46.52
N LEU J 30 -59.47 -11.77 -45.49
CA LEU J 30 -58.72 -11.64 -44.25
C LEU J 30 -57.27 -12.04 -44.46
N GLU J 31 -56.37 -11.35 -43.76
CA GLU J 31 -54.95 -11.63 -43.84
C GLU J 31 -54.44 -12.37 -42.61
N ARG J 32 -54.68 -11.82 -41.43
CA ARG J 32 -54.20 -12.40 -40.19
C ARG J 32 -55.22 -12.16 -39.09
N ILE J 33 -55.37 -13.14 -38.21
CA ILE J 33 -56.23 -13.04 -37.05
C ILE J 33 -55.37 -13.21 -35.82
N ARG J 34 -55.23 -12.14 -35.04
CA ARG J 34 -54.37 -12.15 -33.86
C ARG J 34 -55.22 -12.24 -32.60
N ASN J 35 -54.94 -13.25 -31.78
CA ASN J 35 -55.64 -13.46 -30.52
C ASN J 35 -54.64 -13.44 -29.37
N GLU J 36 -53.69 -12.51 -29.41
CA GLU J 36 -52.68 -12.45 -28.35
C GLU J 36 -53.28 -11.98 -27.03
N ALA J 37 -54.29 -11.13 -27.07
CA ALA J 37 -54.91 -10.65 -25.84
C ALA J 37 -55.60 -11.80 -25.11
N THR J 38 -55.47 -11.83 -23.79
CA THR J 38 -56.03 -12.89 -22.97
C THR J 38 -57.43 -12.59 -22.46
N ASP J 39 -57.98 -11.41 -22.77
CA ASP J 39 -59.36 -11.12 -22.42
C ASP J 39 -60.35 -11.50 -23.50
N GLY J 40 -59.87 -12.06 -24.61
CA GLY J 40 -60.73 -12.45 -25.71
C GLY J 40 -60.82 -11.44 -26.84
N THR J 41 -60.29 -10.24 -26.66
CA THR J 41 -60.34 -9.25 -27.74
C THR J 41 -59.55 -9.77 -28.93
N LEU J 42 -60.15 -9.70 -30.11
CA LEU J 42 -59.62 -10.29 -31.33
C LEU J 42 -59.27 -9.19 -32.31
N LYS J 43 -58.09 -9.30 -32.92
CA LYS J 43 -57.55 -8.29 -33.81
C LYS J 43 -57.49 -8.86 -35.22
N ILE J 44 -58.28 -8.29 -36.12
CA ILE J 44 -58.47 -8.83 -37.46
C ILE J 44 -57.87 -7.86 -38.46
N GLN J 45 -57.07 -8.38 -39.38
CA GLN J 45 -56.51 -7.60 -40.47
C GLN J 45 -57.23 -7.96 -41.76
N VAL J 46 -57.77 -6.95 -42.44
CA VAL J 46 -58.52 -7.15 -43.68
C VAL J 46 -57.90 -6.28 -44.76
N SER J 47 -58.19 -6.64 -46.01
CA SER J 47 -57.67 -5.89 -47.14
C SER J 47 -58.35 -4.55 -47.33
N LEU J 48 -59.41 -4.26 -46.58
CA LEU J 48 -60.06 -2.96 -46.63
C LEU J 48 -59.19 -1.89 -45.99
N GLN J 49 -59.67 -0.66 -46.04
CA GLN J 49 -59.08 0.46 -45.31
C GLN J 49 -60.22 1.25 -44.69
N ILE J 50 -60.35 1.18 -43.38
CA ILE J 50 -61.48 1.77 -42.66
C ILE J 50 -61.08 3.16 -42.18
N GLY J 51 -62.01 4.11 -42.27
CA GLY J 51 -61.82 5.43 -41.75
C GLY J 51 -61.29 6.46 -42.73
N ILE J 52 -60.94 6.05 -43.95
CA ILE J 52 -60.38 6.95 -44.94
C ILE J 52 -61.18 6.81 -46.24
N LYS J 53 -61.59 7.95 -46.80
CA LYS J 53 -62.32 7.96 -48.06
C LYS J 53 -61.35 7.94 -49.23
N THR J 54 -61.91 7.81 -50.44
CA THR J 54 -61.09 7.76 -51.65
C THR J 54 -60.41 9.09 -51.96
N ASP J 55 -60.95 10.20 -51.48
CA ASP J 55 -60.33 11.51 -51.65
C ASP J 55 -59.20 11.73 -50.66
N ASP J 56 -58.81 10.69 -49.92
CA ASP J 56 -57.69 10.67 -48.99
C ASP J 56 -57.95 11.42 -47.69
N SER J 57 -59.15 11.97 -47.51
CA SER J 57 -59.47 12.67 -46.28
C SER J 57 -59.99 11.68 -45.24
N HIS J 58 -59.68 11.94 -43.98
CA HIS J 58 -60.13 11.09 -42.89
C HIS J 58 -61.62 11.25 -42.68
N ASP J 59 -62.31 10.13 -42.47
CA ASP J 59 -63.75 10.14 -42.20
C ASP J 59 -64.09 8.84 -41.50
N TRP J 60 -64.43 8.93 -40.21
CA TRP J 60 -64.67 7.74 -39.41
C TRP J 60 -65.96 7.02 -39.77
N THR J 61 -66.82 7.64 -40.58
CA THR J 61 -68.06 7.00 -41.01
C THR J 61 -67.93 6.28 -42.35
N LYS J 62 -66.75 6.33 -42.97
CA LYS J 62 -66.57 5.77 -44.30
C LYS J 62 -65.40 4.82 -44.32
N LEU J 63 -65.50 3.80 -45.18
CA LEU J 63 -64.41 2.89 -45.47
C LEU J 63 -64.28 2.74 -46.97
N ARG J 64 -63.05 2.60 -47.45
CA ARG J 64 -62.79 2.49 -48.87
C ARG J 64 -62.32 1.10 -49.23
N TYR J 65 -62.84 0.60 -50.34
CA TYR J 65 -62.55 -0.75 -50.82
C TYR J 65 -62.21 -0.67 -52.29
N MET J 66 -61.42 -1.62 -52.77
CA MET J 66 -61.10 -1.65 -54.20
C MET J 66 -62.24 -2.30 -54.98
N ASP J 67 -62.70 -1.60 -56.02
CA ASP J 67 -63.67 -2.12 -56.97
C ASP J 67 -62.93 -2.16 -58.31
N ASN J 68 -62.62 -3.37 -58.78
CA ASN J 68 -61.86 -3.55 -60.01
C ASN J 68 -60.53 -2.80 -59.93
N HIS J 69 -60.47 -1.64 -60.56
CA HIS J 69 -59.23 -0.87 -60.65
C HIS J 69 -59.28 0.44 -59.88
N MET J 70 -60.40 0.77 -59.24
CA MET J 70 -60.53 2.05 -58.57
C MET J 70 -61.00 1.86 -57.15
N PRO J 71 -60.45 2.63 -56.20
CA PRO J 71 -61.04 2.66 -54.86
C PRO J 71 -62.42 3.28 -54.90
N ALA J 72 -63.27 2.86 -53.95
CA ALA J 72 -64.63 3.32 -53.86
C ALA J 72 -65.02 3.39 -52.39
N ASP J 73 -66.05 4.19 -52.10
CA ASP J 73 -66.46 4.46 -50.73
C ASP J 73 -67.62 3.57 -50.32
N ALA J 74 -67.77 3.41 -49.00
CA ALA J 74 -68.92 2.72 -48.43
C ALA J 74 -69.07 3.17 -46.98
N GLU J 75 -70.27 2.95 -46.44
CA GLU J 75 -70.54 3.38 -45.07
C GLU J 75 -69.97 2.39 -44.07
N ARG J 76 -69.31 2.91 -43.04
CA ARG J 76 -68.75 2.05 -42.00
C ARG J 76 -69.84 1.40 -41.16
N ALA J 77 -71.03 1.99 -41.10
CA ALA J 77 -72.12 1.41 -40.33
C ALA J 77 -72.54 0.04 -40.85
N GLY J 78 -72.21 -0.27 -42.10
CA GLY J 78 -72.53 -1.56 -42.69
C GLY J 78 -71.49 -2.64 -42.48
N LEU J 79 -70.38 -2.33 -41.82
CA LEU J 79 -69.34 -3.32 -41.58
C LEU J 79 -69.73 -4.23 -40.42
N PHE J 80 -69.58 -5.53 -40.60
CA PHE J 80 -69.94 -6.50 -39.58
C PHE J 80 -68.89 -7.60 -39.50
N VAL J 81 -68.71 -8.10 -38.28
CA VAL J 81 -67.80 -9.20 -37.98
C VAL J 81 -68.54 -10.19 -37.10
N ARG J 82 -68.42 -11.48 -37.42
CA ARG J 82 -69.13 -12.48 -36.63
C ARG J 82 -68.43 -13.82 -36.74
N THR J 83 -68.41 -14.56 -35.62
CA THR J 83 -67.78 -15.88 -35.59
C THR J 83 -68.90 -16.92 -35.64
N SER J 84 -69.81 -16.89 -34.68
CA SER J 84 -71.04 -17.67 -34.72
C SER J 84 -72.25 -16.83 -34.34
N ALA J 85 -72.02 -15.77 -33.57
CA ALA J 85 -72.99 -14.72 -33.33
C ALA J 85 -72.32 -13.40 -33.63
N PRO J 86 -73.08 -12.35 -33.98
CA PRO J 86 -72.46 -11.08 -34.35
C PRO J 86 -71.52 -10.56 -33.26
N CYS J 87 -70.36 -10.08 -33.68
CA CYS J 87 -69.36 -9.53 -32.78
C CYS J 87 -69.57 -8.04 -32.61
N THR J 88 -69.03 -7.50 -31.53
CA THR J 88 -69.05 -6.07 -31.27
C THR J 88 -67.70 -5.48 -31.65
N ILE J 89 -67.70 -4.57 -32.60
CA ILE J 89 -66.48 -3.93 -33.07
C ILE J 89 -66.14 -2.77 -32.15
N THR J 90 -65.06 -2.92 -31.38
CA THR J 90 -64.68 -1.95 -30.38
C THR J 90 -63.67 -0.92 -30.89
N GLY J 91 -63.36 -0.94 -32.17
CA GLY J 91 -62.42 0.01 -32.75
C GLY J 91 -61.94 -0.49 -34.10
N THR J 92 -61.51 0.46 -34.92
CA THR J 92 -61.10 0.12 -36.27
C THR J 92 -60.33 1.29 -36.88
N MET J 93 -59.29 0.95 -37.62
CA MET J 93 -58.60 1.96 -38.44
C MET J 93 -57.77 1.24 -39.49
N GLY J 94 -57.70 1.82 -40.68
CA GLY J 94 -56.91 1.23 -41.74
C GLY J 94 -57.36 -0.17 -42.05
N HIS J 95 -56.41 -1.10 -42.01
CA HIS J 95 -56.68 -2.51 -42.30
C HIS J 95 -57.10 -3.29 -41.07
N PHE J 96 -57.18 -2.67 -39.90
CA PHE J 96 -57.25 -3.39 -38.64
C PHE J 96 -58.57 -3.10 -37.92
N ILE J 97 -59.17 -4.17 -37.36
CA ILE J 97 -60.44 -4.12 -36.66
C ILE J 97 -60.28 -4.85 -35.34
N LEU J 98 -60.98 -4.39 -34.31
CA LEU J 98 -60.99 -5.04 -33.00
C LEU J 98 -62.41 -5.52 -32.71
N ALA J 99 -62.53 -6.71 -32.14
CA ALA J 99 -63.84 -7.25 -31.86
C ALA J 99 -63.82 -8.11 -30.60
N ARG J 100 -64.90 -8.04 -29.83
CA ARG J 100 -65.14 -8.99 -28.75
C ARG J 100 -66.08 -10.06 -29.29
N CYS J 101 -65.53 -11.23 -29.58
CA CYS J 101 -66.36 -12.19 -30.31
C CYS J 101 -66.74 -13.37 -29.41
N PRO J 102 -67.93 -13.94 -29.64
CA PRO J 102 -68.31 -15.16 -28.93
C PRO J 102 -67.50 -16.35 -29.45
N LYS J 103 -67.52 -17.43 -28.66
CA LYS J 103 -66.81 -18.64 -29.04
C LYS J 103 -67.36 -19.19 -30.34
N GLY J 104 -66.48 -19.66 -31.21
CA GLY J 104 -66.90 -20.18 -32.50
C GLY J 104 -65.75 -20.81 -33.24
N GLU J 105 -66.09 -21.45 -34.36
CA GLU J 105 -65.11 -22.17 -35.17
C GLU J 105 -64.68 -21.38 -36.40
N THR J 106 -65.53 -20.49 -36.91
CA THR J 106 -65.21 -19.70 -38.09
C THR J 106 -65.18 -18.23 -37.72
N LEU J 107 -64.74 -17.41 -38.67
CA LEU J 107 -64.73 -15.97 -38.52
C LEU J 107 -65.02 -15.32 -39.85
N THR J 108 -66.04 -14.46 -39.91
CA THR J 108 -66.50 -13.84 -41.13
C THR J 108 -66.51 -12.33 -40.97
N VAL J 109 -65.98 -11.63 -41.97
CA VAL J 109 -65.99 -10.17 -42.03
C VAL J 109 -66.68 -9.75 -43.31
N GLY J 110 -67.53 -8.74 -43.23
CA GLY J 110 -68.23 -8.32 -44.44
C GLY J 110 -68.79 -6.93 -44.31
N PHE J 111 -69.33 -6.44 -45.41
CA PHE J 111 -69.98 -5.14 -45.44
C PHE J 111 -70.94 -5.07 -46.62
N THR J 112 -71.56 -3.91 -46.78
CA THR J 112 -72.44 -3.62 -47.91
C THR J 112 -71.74 -2.64 -48.85
N ASP J 113 -71.70 -2.99 -50.12
CA ASP J 113 -71.02 -2.18 -51.12
C ASP J 113 -71.75 -0.85 -51.32
N SER J 114 -71.10 0.06 -52.03
CA SER J 114 -71.74 1.31 -52.41
C SER J 114 -72.94 1.07 -53.32
N ARG J 115 -72.91 0.00 -54.11
CA ARG J 115 -74.01 -0.37 -54.99
C ARG J 115 -74.99 -1.34 -54.32
N LYS J 116 -75.20 -1.18 -53.00
CA LYS J 116 -76.14 -1.98 -52.20
C LYS J 116 -76.04 -3.47 -52.50
N ILE J 117 -74.82 -3.99 -52.54
CA ILE J 117 -74.56 -5.42 -52.64
C ILE J 117 -73.67 -5.82 -51.47
N SER J 118 -73.79 -7.06 -51.03
CA SER J 118 -73.09 -7.51 -49.84
C SER J 118 -71.83 -8.27 -50.20
N HIS J 119 -70.76 -8.04 -49.44
CA HIS J 119 -69.51 -8.76 -49.60
C HIS J 119 -69.12 -9.35 -48.26
N SER J 120 -68.58 -10.57 -48.27
CA SER J 120 -68.19 -11.23 -47.04
C SER J 120 -67.05 -12.21 -47.32
N CYS J 121 -66.30 -12.52 -46.27
CA CYS J 121 -65.21 -13.48 -46.35
C CYS J 121 -65.12 -14.23 -45.04
N THR J 122 -64.93 -15.55 -45.11
CA THR J 122 -64.93 -16.43 -43.96
C THR J 122 -63.66 -17.26 -43.92
N HIS J 123 -63.01 -17.30 -42.76
CA HIS J 123 -61.83 -18.09 -42.50
C HIS J 123 -62.05 -19.01 -41.31
N PRO J 124 -61.63 -20.26 -41.40
CA PRO J 124 -61.65 -21.13 -40.22
C PRO J 124 -60.70 -20.60 -39.15
N PHE J 125 -61.22 -20.49 -37.93
CA PHE J 125 -60.43 -19.92 -36.85
C PHE J 125 -61.01 -20.39 -35.53
N HIS J 126 -60.28 -21.23 -34.81
CA HIS J 126 -60.72 -21.74 -33.51
C HIS J 126 -60.61 -20.63 -32.48
N HIS J 127 -61.70 -19.93 -32.23
CA HIS J 127 -61.75 -18.85 -31.25
C HIS J 127 -62.28 -19.42 -29.95
N ASP J 128 -61.40 -19.58 -28.98
CA ASP J 128 -61.76 -20.03 -27.64
C ASP J 128 -60.90 -19.26 -26.64
N PRO J 129 -61.41 -18.16 -26.10
CA PRO J 129 -60.57 -17.33 -25.24
C PRO J 129 -60.08 -18.11 -24.04
N PRO J 130 -58.82 -17.92 -23.65
CA PRO J 130 -58.29 -18.64 -22.49
C PRO J 130 -58.99 -18.20 -21.22
N VAL J 131 -59.12 -19.14 -20.29
CA VAL J 131 -59.81 -18.86 -19.04
C VAL J 131 -58.87 -18.06 -18.13
N ILE J 132 -59.42 -17.08 -17.43
CA ILE J 132 -58.69 -16.27 -16.47
C ILE J 132 -59.19 -16.63 -15.08
N GLY J 133 -58.27 -16.97 -14.19
CA GLY J 133 -58.66 -17.46 -12.89
C GLY J 133 -59.07 -18.92 -12.94
N ARG J 134 -59.92 -19.30 -11.99
CA ARG J 134 -60.34 -20.68 -11.84
C ARG J 134 -61.82 -20.86 -12.15
N GLU J 135 -62.47 -19.89 -12.79
CA GLU J 135 -63.89 -19.95 -13.08
C GLU J 135 -64.11 -19.63 -14.55
N LYS J 136 -64.82 -20.50 -15.25
CA LYS J 136 -65.10 -20.31 -16.67
C LYS J 136 -66.38 -19.50 -16.83
N PHE J 137 -66.29 -18.22 -16.47
CA PHE J 137 -67.42 -17.32 -16.57
C PHE J 137 -67.67 -16.93 -18.02
N HIS J 138 -68.90 -16.50 -18.31
CA HIS J 138 -69.31 -16.18 -19.66
C HIS J 138 -69.46 -14.69 -19.92
N SER J 139 -69.57 -13.88 -18.87
CA SER J 139 -69.67 -12.44 -19.04
C SER J 139 -69.11 -11.76 -17.79
N ARG J 140 -68.78 -10.49 -17.94
CA ARG J 140 -68.16 -9.74 -16.85
C ARG J 140 -69.16 -9.57 -15.72
N PRO J 141 -68.86 -10.05 -14.52
CA PRO J 141 -69.78 -9.87 -13.39
C PRO J 141 -69.65 -8.46 -12.80
N GLN J 142 -70.70 -8.05 -12.13
CA GLN J 142 -70.72 -6.75 -11.47
C GLN J 142 -70.21 -6.80 -10.04
N HIS J 143 -69.70 -7.95 -9.60
CA HIS J 143 -69.08 -8.08 -8.29
C HIS J 143 -68.12 -9.26 -8.32
N GLY J 144 -66.84 -8.99 -8.08
CA GLY J 144 -65.85 -10.05 -8.10
C GLY J 144 -64.45 -9.52 -7.87
N LYS J 145 -63.48 -10.36 -8.21
CA LYS J 145 -62.07 -10.05 -8.04
C LYS J 145 -61.47 -9.49 -9.32
N GLU J 146 -60.25 -8.99 -9.21
CA GLU J 146 -59.49 -8.45 -10.34
C GLU J 146 -58.24 -9.29 -10.55
N LEU J 147 -57.99 -9.69 -11.79
CA LEU J 147 -56.85 -10.53 -12.11
C LEU J 147 -56.12 -9.96 -13.31
N PRO J 148 -54.81 -10.21 -13.43
CA PRO J 148 -54.06 -9.70 -14.58
C PRO J 148 -54.53 -10.33 -15.88
N CYS J 149 -54.43 -9.56 -16.96
CA CYS J 149 -54.79 -10.01 -18.30
C CYS J 149 -54.16 -9.04 -19.29
N SER J 150 -54.30 -9.36 -20.57
CA SER J 150 -53.72 -8.55 -21.65
C SER J 150 -54.82 -8.17 -22.62
N THR J 151 -54.81 -6.92 -23.08
CA THR J 151 -55.83 -6.43 -23.99
C THR J 151 -55.21 -5.47 -25.01
N TYR J 152 -55.91 -5.31 -26.12
CA TYR J 152 -55.52 -4.38 -27.17
C TYR J 152 -56.13 -3.02 -26.85
N VAL J 153 -55.30 -2.07 -26.42
CA VAL J 153 -55.82 -0.74 -26.13
C VAL J 153 -56.24 -0.07 -27.44
N GLN J 154 -57.15 0.89 -27.31
CA GLN J 154 -57.79 1.49 -28.48
C GLN J 154 -56.98 2.63 -29.08
N SER J 155 -55.83 2.98 -28.51
CA SER J 155 -55.04 4.07 -29.05
C SER J 155 -54.50 3.72 -30.43
N THR J 156 -54.54 4.70 -31.34
CA THR J 156 -54.09 4.52 -32.71
C THR J 156 -52.73 5.15 -32.96
N ALA J 157 -51.98 5.47 -31.91
CA ALA J 157 -50.70 6.13 -32.08
C ALA J 157 -49.68 5.18 -32.73
N ALA J 158 -48.61 5.76 -33.23
CA ALA J 158 -47.56 4.98 -33.88
C ALA J 158 -46.88 4.05 -32.88
N THR J 159 -46.60 2.82 -33.32
CA THR J 159 -45.97 1.82 -32.47
C THR J 159 -44.82 1.18 -33.24
N THR J 160 -44.00 0.42 -32.51
CA THR J 160 -42.82 -0.19 -33.11
C THR J 160 -43.19 -1.18 -34.22
N GLU J 161 -44.19 -2.02 -33.98
CA GLU J 161 -44.64 -2.94 -35.01
C GLU J 161 -45.25 -2.17 -36.17
N GLU J 162 -44.90 -2.58 -37.39
CA GLU J 162 -45.37 -1.90 -38.58
C GLU J 162 -45.47 -2.89 -39.73
N ILE J 163 -46.24 -2.52 -40.73
CA ILE J 163 -46.56 -3.36 -41.87
C ILE J 163 -45.96 -2.73 -43.12
N GLU J 164 -45.43 -3.57 -43.99
CA GLU J 164 -44.69 -3.10 -45.15
C GLU J 164 -45.61 -2.91 -46.35
N VAL J 165 -45.34 -1.88 -47.13
CA VAL J 165 -46.19 -1.48 -48.26
C VAL J 165 -45.30 -1.14 -49.43
N HIS J 166 -45.60 -1.73 -50.59
CA HIS J 166 -44.92 -1.36 -51.83
C HIS J 166 -45.83 -1.64 -53.02
N MET J 167 -45.40 -1.20 -54.19
CA MET J 167 -46.29 -1.04 -55.34
C MET J 167 -46.87 -2.39 -55.75
N PRO J 168 -48.16 -2.43 -56.10
CA PRO J 168 -48.76 -3.68 -56.54
C PRO J 168 -48.27 -4.07 -57.92
N PRO J 169 -48.38 -5.34 -58.28
CA PRO J 169 -48.02 -5.75 -59.64
C PRO J 169 -49.09 -5.33 -60.64
N ASP J 170 -48.78 -5.52 -61.92
CA ASP J 170 -49.76 -5.26 -62.95
C ASP J 170 -50.96 -6.18 -62.78
N THR J 171 -52.15 -5.61 -62.88
CA THR J 171 -53.38 -6.34 -62.61
C THR J 171 -53.98 -6.84 -63.91
N PRO J 172 -54.03 -8.15 -64.13
CA PRO J 172 -54.65 -8.66 -65.36
C PRO J 172 -56.13 -8.34 -65.41
N ASP J 173 -56.66 -8.20 -66.62
CA ASP J 173 -58.08 -7.88 -66.79
C ASP J 173 -58.51 -8.31 -68.19
N ARG J 174 -59.36 -9.33 -68.25
CA ARG J 174 -59.95 -9.74 -69.52
C ARG J 174 -61.13 -8.85 -69.93
N THR J 175 -61.70 -8.10 -68.99
CA THR J 175 -62.85 -7.26 -69.30
C THR J 175 -62.48 -6.06 -70.16
N LEU J 176 -61.20 -5.72 -70.24
CA LEU J 176 -60.73 -4.66 -71.11
C LEU J 176 -60.67 -5.09 -72.57
N MET J 177 -61.13 -6.29 -72.89
CA MET J 177 -60.75 -6.98 -74.13
C MET J 177 -61.99 -7.31 -74.96
N SER J 178 -62.41 -6.34 -75.76
CA SER J 178 -63.51 -6.55 -76.68
C SER J 178 -62.99 -7.03 -78.03
N GLN J 179 -63.74 -7.91 -78.68
CA GLN J 179 -63.36 -8.45 -79.99
C GLN J 179 -64.16 -7.74 -81.07
N GLN J 180 -63.45 -7.17 -82.03
CA GLN J 180 -64.05 -6.48 -83.17
C GLN J 180 -63.77 -7.30 -84.43
N SER J 181 -64.61 -8.31 -84.68
CA SER J 181 -64.52 -9.14 -85.88
C SER J 181 -63.10 -9.65 -86.10
N GLY J 182 -62.55 -10.31 -85.08
CA GLY J 182 -61.18 -10.79 -85.15
C GLY J 182 -60.13 -9.79 -84.70
N ASN J 183 -60.53 -8.65 -84.15
CA ASN J 183 -59.61 -7.64 -83.64
C ASN J 183 -59.98 -7.29 -82.21
N VAL J 184 -58.97 -7.11 -81.37
CA VAL J 184 -59.17 -6.77 -79.97
C VAL J 184 -59.00 -5.26 -79.82
N LYS J 185 -59.92 -4.63 -79.08
CA LYS J 185 -59.96 -3.18 -79.02
C LYS J 185 -59.03 -2.63 -77.95
N ILE J 186 -58.75 -3.43 -76.92
CA ILE J 186 -57.93 -3.00 -75.78
C ILE J 186 -58.50 -1.73 -75.18
N THR J 187 -59.64 -1.85 -74.49
CA THR J 187 -60.22 -0.70 -73.83
C THR J 187 -59.37 -0.31 -72.63
N VAL J 188 -59.09 0.99 -72.49
CA VAL J 188 -58.16 1.49 -71.49
C VAL J 188 -58.88 2.09 -70.29
N ASN J 189 -59.82 3.00 -70.52
CA ASN J 189 -60.47 3.77 -69.46
C ASN J 189 -59.40 4.41 -68.58
N GLY J 190 -58.58 5.26 -69.20
CA GLY J 190 -57.70 6.16 -68.47
C GLY J 190 -56.55 5.52 -67.70
N GLN J 191 -56.34 4.21 -67.80
CA GLN J 191 -55.33 3.52 -67.01
C GLN J 191 -54.39 2.77 -67.95
N THR J 192 -53.10 3.05 -67.84
CA THR J 192 -52.12 2.49 -68.77
C THR J 192 -52.17 0.97 -68.78
N VAL J 193 -52.14 0.39 -69.97
CA VAL J 193 -52.32 -1.04 -70.16
C VAL J 193 -51.10 -1.61 -70.87
N ARG J 194 -50.55 -2.69 -70.32
CA ARG J 194 -49.55 -3.51 -71.00
C ARG J 194 -50.23 -4.74 -71.60
N TYR J 195 -49.93 -5.00 -72.87
CA TYR J 195 -50.57 -6.10 -73.58
C TYR J 195 -49.51 -7.02 -74.17
N LYS J 196 -49.93 -8.21 -74.57
CA LYS J 196 -49.05 -9.19 -75.21
C LYS J 196 -49.88 -10.25 -75.91
N CYS J 197 -49.52 -10.58 -77.15
CA CYS J 197 -50.10 -11.75 -77.80
C CYS J 197 -49.33 -12.11 -79.06
N ASN J 198 -49.84 -13.15 -79.73
CA ASN J 198 -49.14 -13.85 -80.80
C ASN J 198 -49.83 -13.74 -82.14
N CYS J 199 -51.16 -13.82 -82.17
CA CYS J 199 -51.90 -13.94 -83.42
C CYS J 199 -51.81 -12.70 -84.31
N GLY J 200 -51.52 -11.54 -83.74
CA GLY J 200 -51.28 -10.33 -84.51
C GLY J 200 -49.81 -10.09 -84.71
N GLY J 201 -49.43 -8.82 -84.71
CA GLY J 201 -48.03 -8.49 -84.63
C GLY J 201 -47.45 -9.04 -83.36
N SER J 202 -46.32 -9.75 -83.46
CA SER J 202 -45.74 -10.38 -82.28
C SER J 202 -45.20 -9.38 -81.27
N ASN J 203 -45.41 -8.09 -81.50
CA ASN J 203 -44.84 -7.02 -80.69
C ASN J 203 -45.81 -6.67 -79.57
N GLU J 204 -45.37 -6.86 -78.33
CA GLU J 204 -46.09 -6.36 -77.18
C GLU J 204 -45.83 -4.86 -77.03
N GLY J 205 -46.57 -4.23 -76.12
CA GLY J 205 -46.37 -2.82 -75.88
C GLY J 205 -47.32 -2.28 -74.85
N LEU J 206 -47.19 -0.98 -74.61
CA LEU J 206 -48.04 -0.27 -73.66
C LEU J 206 -48.98 0.67 -74.40
N THR J 207 -50.15 0.90 -73.80
CA THR J 207 -51.12 1.82 -74.36
C THR J 207 -51.94 2.44 -73.24
N THR J 208 -52.24 3.73 -73.40
CA THR J 208 -53.17 4.43 -72.51
C THR J 208 -54.40 4.94 -73.24
N THR J 209 -54.57 4.58 -74.51
CA THR J 209 -55.76 4.91 -75.27
C THR J 209 -56.24 3.67 -76.02
N ASP J 210 -57.52 3.66 -76.37
CA ASP J 210 -58.08 2.56 -77.15
C ASP J 210 -57.33 2.43 -78.47
N LYS J 211 -56.68 1.29 -78.67
CA LYS J 211 -55.98 1.00 -79.92
C LYS J 211 -56.28 -0.44 -80.31
N VAL J 212 -56.70 -0.62 -81.55
CA VAL J 212 -57.17 -1.93 -82.01
C VAL J 212 -56.00 -2.73 -82.55
N ILE J 213 -55.85 -3.97 -82.08
CA ILE J 213 -54.84 -4.88 -82.59
C ILE J 213 -55.46 -5.64 -83.76
N ASN J 214 -54.77 -5.63 -84.89
CA ASN J 214 -55.30 -6.25 -86.10
C ASN J 214 -55.26 -7.77 -86.00
N ASN J 215 -56.23 -8.41 -86.65
CA ASN J 215 -56.28 -9.86 -86.93
C ASN J 215 -55.73 -10.72 -85.79
N CYS J 216 -56.09 -10.37 -84.55
CA CYS J 216 -55.64 -11.14 -83.40
C CYS J 216 -56.79 -11.20 -82.40
N LYS J 217 -56.99 -12.37 -81.80
CA LYS J 217 -58.22 -12.66 -81.08
C LYS J 217 -58.06 -12.53 -79.57
N VAL J 218 -59.20 -12.47 -78.87
CA VAL J 218 -59.22 -12.25 -77.44
C VAL J 218 -58.69 -13.44 -76.65
N ASP J 219 -58.97 -14.67 -77.08
CA ASP J 219 -58.47 -15.84 -76.36
C ASP J 219 -56.96 -15.98 -76.49
N GLN J 220 -56.36 -15.26 -77.43
CA GLN J 220 -54.92 -15.35 -77.65
C GLN J 220 -54.16 -14.10 -77.24
N CYS J 221 -54.81 -13.10 -76.64
CA CYS J 221 -54.12 -11.93 -76.12
C CYS J 221 -54.29 -11.84 -74.60
N HIS J 222 -53.37 -11.13 -73.96
CA HIS J 222 -53.40 -10.86 -72.53
C HIS J 222 -53.12 -9.39 -72.28
N ALA J 223 -53.75 -8.85 -71.24
CA ALA J 223 -53.62 -7.43 -70.91
C ALA J 223 -53.58 -7.26 -69.40
N ALA J 224 -53.00 -6.15 -68.96
CA ALA J 224 -52.90 -5.82 -67.54
C ALA J 224 -52.77 -4.33 -67.38
N VAL J 225 -53.03 -3.84 -66.18
CA VAL J 225 -52.87 -2.42 -65.86
C VAL J 225 -51.57 -2.23 -65.09
N THR J 226 -50.65 -1.46 -65.65
CA THR J 226 -49.29 -1.39 -65.15
C THR J 226 -49.01 -0.20 -64.26
N ASN J 227 -49.25 1.03 -64.73
CA ASN J 227 -48.79 2.21 -64.00
C ASN J 227 -49.67 2.40 -62.76
N HIS J 228 -49.17 1.92 -61.63
CA HIS J 228 -49.86 2.03 -60.35
C HIS J 228 -49.25 3.21 -59.60
N LYS J 229 -50.09 4.18 -59.24
CA LYS J 229 -49.65 5.34 -58.47
C LYS J 229 -49.81 5.17 -56.98
N LYS J 230 -50.71 4.28 -56.54
CA LYS J 230 -50.96 4.05 -55.13
C LYS J 230 -50.27 2.76 -54.69
N TRP J 231 -49.68 2.77 -53.51
CA TRP J 231 -49.03 1.58 -52.99
C TRP J 231 -50.06 0.74 -52.23
N GLN J 232 -49.65 -0.48 -51.86
CA GLN J 232 -50.52 -1.35 -51.08
C GLN J 232 -49.67 -2.34 -50.29
N TYR J 233 -50.29 -2.92 -49.27
CA TYR J 233 -49.61 -3.89 -48.43
C TYR J 233 -49.22 -5.12 -49.25
N ASN J 234 -48.01 -5.63 -49.01
CA ASN J 234 -47.54 -6.84 -49.67
C ASN J 234 -48.18 -8.05 -49.01
N SER J 235 -49.46 -8.24 -49.29
CA SER J 235 -50.17 -9.40 -48.79
C SER J 235 -49.60 -10.67 -49.40
N PRO J 236 -49.58 -11.77 -48.65
CA PRO J 236 -49.22 -13.07 -49.25
C PRO J 236 -50.24 -13.55 -50.27
N LEU J 237 -51.34 -12.83 -50.46
CA LEU J 237 -52.34 -13.16 -51.45
C LEU J 237 -52.24 -12.31 -52.71
N VAL J 238 -51.15 -11.57 -52.88
CA VAL J 238 -50.90 -10.77 -54.07
C VAL J 238 -49.45 -10.97 -54.46
N PRO J 239 -49.15 -11.40 -55.69
CA PRO J 239 -47.76 -11.66 -56.05
C PRO J 239 -46.92 -10.40 -56.08
N ARG J 240 -45.62 -10.56 -55.84
CA ARG J 240 -44.70 -9.44 -55.92
C ARG J 240 -44.51 -9.00 -57.35
N ASN J 241 -44.08 -7.75 -57.52
CA ASN J 241 -43.74 -7.23 -58.84
C ASN J 241 -42.26 -7.43 -59.17
N ALA J 242 -41.40 -7.57 -58.17
CA ALA J 242 -39.98 -7.76 -58.41
C ALA J 242 -39.47 -8.85 -57.49
N GLU J 243 -38.39 -9.51 -57.92
CA GLU J 243 -37.87 -10.66 -57.18
C GLU J 243 -37.28 -10.24 -55.84
N LEU J 244 -36.77 -9.01 -55.75
CA LEU J 244 -36.07 -8.54 -54.57
C LEU J 244 -36.98 -7.75 -53.62
N GLY J 245 -38.18 -7.43 -54.07
CA GLY J 245 -38.97 -6.42 -53.38
C GLY J 245 -38.81 -5.09 -54.09
N ASP J 246 -39.74 -4.18 -53.83
CA ASP J 246 -39.82 -2.97 -54.62
C ASP J 246 -39.47 -1.79 -53.73
N ARG J 247 -40.16 -1.55 -52.63
CA ARG J 247 -39.88 -0.41 -51.78
C ARG J 247 -40.37 -0.68 -50.37
N LYS J 248 -40.13 0.28 -49.49
CA LYS J 248 -40.41 0.14 -48.06
C LYS J 248 -41.21 1.34 -47.58
N GLY J 249 -42.53 1.25 -47.70
CA GLY J 249 -43.41 2.13 -46.96
C GLY J 249 -43.89 1.43 -45.70
N LYS J 250 -44.07 2.21 -44.64
CA LYS J 250 -44.41 1.63 -43.36
C LYS J 250 -45.73 2.19 -42.86
N ILE J 251 -46.65 1.29 -42.51
CA ILE J 251 -47.90 1.66 -41.87
C ILE J 251 -47.89 1.04 -40.48
N HIS J 252 -47.92 1.88 -39.45
CA HIS J 252 -47.85 1.36 -38.10
C HIS J 252 -49.12 0.57 -37.78
N ILE J 253 -48.92 -0.57 -37.13
CA ILE J 253 -50.02 -1.44 -36.71
C ILE J 253 -50.67 -0.80 -35.49
N PRO J 254 -51.95 -0.46 -35.55
CA PRO J 254 -52.60 0.18 -34.40
C PRO J 254 -52.90 -0.82 -33.31
N PHE J 255 -53.51 -0.31 -32.23
CA PHE J 255 -53.99 -1.12 -31.12
C PHE J 255 -52.87 -1.96 -30.53
N PRO J 256 -51.90 -1.34 -29.86
CA PRO J 256 -50.83 -2.13 -29.23
C PRO J 256 -51.37 -2.94 -28.06
N LEU J 257 -50.69 -4.05 -27.77
CA LEU J 257 -51.08 -4.91 -26.66
C LEU J 257 -50.52 -4.36 -25.36
N ALA J 258 -51.33 -4.38 -24.31
CA ALA J 258 -50.95 -3.84 -23.02
C ALA J 258 -51.54 -4.68 -21.89
N ASN J 259 -50.96 -4.54 -20.71
CA ASN J 259 -51.40 -5.28 -19.53
C ASN J 259 -52.52 -4.48 -18.85
N VAL J 260 -53.53 -5.19 -18.34
CA VAL J 260 -54.76 -4.61 -17.82
C VAL J 260 -55.33 -5.59 -16.79
N THR J 261 -56.23 -5.10 -15.94
CA THR J 261 -56.94 -5.94 -15.01
C THR J 261 -58.32 -6.32 -15.57
N CYS J 262 -58.68 -7.59 -15.35
CA CYS J 262 -59.96 -8.14 -15.79
C CYS J 262 -60.76 -8.56 -14.57
N ARG J 263 -62.08 -8.42 -14.66
CA ARG J 263 -62.96 -8.75 -13.55
C ARG J 263 -63.44 -10.19 -13.67
N VAL J 264 -63.34 -10.94 -12.58
CA VAL J 264 -63.76 -12.34 -12.57
C VAL J 264 -64.74 -12.55 -11.41
N PRO J 265 -65.69 -13.47 -11.53
CA PRO J 265 -66.64 -13.68 -10.44
C PRO J 265 -66.10 -14.61 -9.37
N LYS J 266 -66.74 -14.58 -8.21
CA LYS J 266 -66.46 -15.47 -7.10
C LYS J 266 -67.66 -16.39 -6.91
N ALA J 267 -67.40 -17.69 -6.76
CA ALA J 267 -68.48 -18.64 -6.58
C ALA J 267 -69.13 -18.44 -5.22
N ARG J 268 -70.37 -18.93 -5.09
CA ARG J 268 -71.11 -18.78 -3.86
C ARG J 268 -70.45 -19.53 -2.72
N ASN J 269 -70.72 -19.10 -1.49
CA ASN J 269 -70.17 -19.78 -0.34
C ASN J 269 -70.74 -21.20 -0.26
N PRO J 270 -69.90 -22.22 -0.26
CA PRO J 270 -70.41 -23.59 -0.14
C PRO J 270 -70.95 -23.85 1.27
N THR J 271 -71.91 -24.75 1.34
CA THR J 271 -72.48 -25.16 2.62
C THR J 271 -71.56 -26.19 3.24
N VAL J 272 -71.01 -25.87 4.40
CA VAL J 272 -69.95 -26.67 5.02
C VAL J 272 -70.49 -27.31 6.28
N THR J 273 -70.33 -28.63 6.38
CA THR J 273 -70.61 -29.37 7.59
C THR J 273 -69.37 -30.18 7.96
N TYR J 274 -69.31 -30.61 9.21
CA TYR J 274 -68.11 -31.23 9.75
C TYR J 274 -68.41 -32.65 10.25
N GLY J 275 -67.37 -33.48 10.22
CA GLY J 275 -67.39 -34.80 10.78
C GLY J 275 -66.00 -35.17 11.25
N LYS J 276 -65.85 -36.32 11.91
CA LYS J 276 -64.57 -36.70 12.49
C LYS J 276 -63.51 -36.80 11.40
N ASN J 277 -62.57 -35.86 11.41
CA ASN J 277 -61.52 -35.78 10.39
C ASN J 277 -62.13 -35.72 9.00
N GLN J 278 -63.15 -34.88 8.83
CA GLN J 278 -63.93 -34.88 7.60
C GLN J 278 -64.62 -33.54 7.44
N VAL J 279 -64.58 -32.99 6.23
CA VAL J 279 -65.35 -31.79 5.90
C VAL J 279 -66.22 -32.13 4.70
N ILE J 280 -67.51 -31.87 4.83
CA ILE J 280 -68.49 -32.15 3.79
C ILE J 280 -68.96 -30.83 3.22
N MET J 281 -68.70 -30.59 1.95
CA MET J 281 -69.04 -29.33 1.31
C MET J 281 -70.06 -29.55 0.21
N LEU J 282 -71.13 -28.79 0.25
CA LEU J 282 -72.12 -28.75 -0.81
C LEU J 282 -71.85 -27.50 -1.64
N LEU J 283 -71.59 -27.68 -2.93
CA LEU J 283 -71.12 -26.61 -3.79
C LEU J 283 -72.25 -26.19 -4.74
N TYR J 284 -72.32 -24.88 -5.03
CA TYR J 284 -73.34 -24.33 -5.91
C TYR J 284 -72.67 -23.53 -7.01
N PRO J 285 -72.10 -24.20 -8.02
CA PRO J 285 -71.49 -23.47 -9.12
C PRO J 285 -72.53 -23.05 -10.15
N ASP J 286 -72.34 -21.84 -10.67
CA ASP J 286 -73.13 -21.36 -11.80
C ASP J 286 -72.45 -21.62 -13.14
N HIS J 287 -71.12 -21.67 -13.14
CA HIS J 287 -70.32 -21.97 -14.31
C HIS J 287 -69.22 -22.94 -13.89
N PRO J 288 -68.64 -23.68 -14.83
CA PRO J 288 -67.61 -24.66 -14.44
C PRO J 288 -66.54 -24.03 -13.57
N THR J 289 -66.49 -24.47 -12.32
CA THR J 289 -65.69 -23.85 -11.28
C THR J 289 -64.67 -24.87 -10.78
N LEU J 290 -63.41 -24.45 -10.69
CA LEU J 290 -62.35 -25.35 -10.26
C LEU J 290 -62.29 -25.41 -8.74
N LEU J 291 -62.26 -26.62 -8.20
CA LEU J 291 -62.11 -26.85 -6.77
C LEU J 291 -60.84 -27.67 -6.54
N SER J 292 -59.94 -27.16 -5.70
CA SER J 292 -58.69 -27.84 -5.45
C SER J 292 -58.45 -27.89 -3.95
N TYR J 293 -57.68 -28.88 -3.51
CA TYR J 293 -57.35 -28.99 -2.10
C TYR J 293 -56.03 -29.71 -1.93
N ARG J 294 -55.33 -29.34 -0.86
CA ARG J 294 -54.03 -29.94 -0.56
C ARG J 294 -53.84 -30.00 0.96
N ASN J 295 -53.19 -31.07 1.42
CA ASN J 295 -52.76 -31.13 2.80
C ASN J 295 -51.63 -30.14 3.04
N MET J 296 -51.62 -29.54 4.22
CA MET J 296 -50.59 -28.59 4.59
C MET J 296 -49.37 -29.26 5.21
N GLY J 297 -49.17 -30.54 4.96
CA GLY J 297 -48.06 -31.28 5.53
C GLY J 297 -46.94 -31.49 4.53
N GLU J 298 -46.12 -32.51 4.81
CA GLU J 298 -44.98 -32.79 3.95
C GLU J 298 -45.42 -33.22 2.55
N GLU J 299 -46.46 -34.05 2.48
CA GLU J 299 -47.01 -34.50 1.20
C GLU J 299 -48.28 -33.72 0.91
N PRO J 300 -48.26 -32.80 -0.06
CA PRO J 300 -49.47 -32.00 -0.32
C PRO J 300 -50.66 -32.83 -0.75
N ASN J 301 -50.46 -33.89 -1.53
CA ASN J 301 -51.54 -34.71 -2.05
C ASN J 301 -52.57 -33.84 -2.78
N TYR J 302 -52.06 -32.93 -3.61
CA TYR J 302 -52.91 -31.97 -4.30
C TYR J 302 -53.92 -32.70 -5.20
N GLN J 303 -55.19 -32.33 -5.07
CA GLN J 303 -56.22 -32.89 -5.92
C GLN J 303 -57.17 -31.77 -6.37
N GLU J 304 -57.55 -31.83 -7.64
CA GLU J 304 -58.37 -30.78 -8.24
C GLU J 304 -59.45 -31.42 -9.10
N GLU J 305 -60.54 -30.68 -9.29
CA GLU J 305 -61.62 -31.14 -10.15
C GLU J 305 -62.49 -29.98 -10.56
N TRP J 306 -63.06 -30.07 -11.76
CA TRP J 306 -63.91 -29.03 -12.30
C TRP J 306 -65.37 -29.35 -11.97
N VAL J 307 -65.91 -28.68 -10.97
CA VAL J 307 -67.29 -28.87 -10.54
C VAL J 307 -68.18 -28.09 -11.50
N MET J 308 -69.16 -28.78 -12.09
CA MET J 308 -70.06 -28.16 -13.04
C MET J 308 -71.52 -28.18 -12.62
N HIS J 309 -71.88 -29.01 -11.64
CA HIS J 309 -73.24 -29.09 -11.13
C HIS J 309 -73.20 -29.02 -9.62
N LYS J 310 -74.37 -28.96 -9.00
CA LYS J 310 -74.44 -29.05 -7.55
C LYS J 310 -73.85 -30.39 -7.12
N LYS J 311 -72.94 -30.34 -6.15
CA LYS J 311 -72.16 -31.52 -5.82
C LYS J 311 -71.79 -31.50 -4.34
N GLU J 312 -71.80 -32.66 -3.72
CA GLU J 312 -71.35 -32.83 -2.35
C GLU J 312 -70.00 -33.53 -2.38
N VAL J 313 -68.97 -32.86 -1.87
CA VAL J 313 -67.61 -33.38 -1.84
C VAL J 313 -67.21 -33.62 -0.40
N VAL J 314 -66.72 -34.82 -0.13
CA VAL J 314 -66.21 -35.19 1.18
C VAL J 314 -64.69 -35.12 1.12
N LEU J 315 -64.09 -34.32 2.00
CA LEU J 315 -62.65 -34.15 2.04
C LEU J 315 -62.13 -34.61 3.39
N THR J 316 -61.19 -35.56 3.37
CA THR J 316 -60.61 -36.06 4.61
C THR J 316 -59.54 -35.09 5.08
N VAL J 317 -59.71 -34.58 6.29
CA VAL J 317 -58.81 -33.59 6.88
C VAL J 317 -57.78 -34.32 7.73
N PRO J 318 -56.52 -34.37 7.32
CA PRO J 318 -55.50 -35.01 8.15
C PRO J 318 -55.09 -34.10 9.30
N THR J 319 -54.17 -34.61 10.12
CA THR J 319 -53.71 -33.87 11.29
C THR J 319 -53.05 -32.55 10.92
N GLU J 320 -52.22 -32.53 9.87
CA GLU J 320 -51.52 -31.31 9.49
C GLU J 320 -52.45 -30.21 8.99
N GLY J 321 -53.68 -30.55 8.61
CA GLY J 321 -54.61 -29.56 8.12
C GLY J 321 -54.79 -29.64 6.62
N LEU J 322 -55.90 -29.08 6.15
CA LEU J 322 -56.27 -29.10 4.75
C LEU J 322 -56.59 -27.69 4.28
N GLU J 323 -56.05 -27.31 3.13
CA GLU J 323 -56.33 -26.04 2.50
C GLU J 323 -57.10 -26.28 1.22
N VAL J 324 -58.28 -25.67 1.11
CA VAL J 324 -59.18 -25.88 -0.01
C VAL J 324 -59.45 -24.55 -0.69
N THR J 325 -59.17 -24.48 -1.98
CA THR J 325 -59.47 -23.32 -2.80
C THR J 325 -60.69 -23.64 -3.66
N TRP J 326 -61.73 -22.84 -3.51
CA TRP J 326 -63.00 -23.02 -4.23
C TRP J 326 -63.17 -21.85 -5.18
N GLY J 327 -62.98 -22.11 -6.47
CA GLY J 327 -63.13 -21.07 -7.47
C GLY J 327 -62.11 -19.96 -7.26
N ASN J 328 -62.57 -18.72 -7.30
CA ASN J 328 -61.72 -17.56 -7.09
C ASN J 328 -61.72 -17.11 -5.64
N ASN J 329 -62.45 -17.79 -4.76
CA ASN J 329 -62.51 -17.39 -3.37
C ASN J 329 -61.17 -17.59 -2.68
N GLU J 330 -60.98 -16.87 -1.59
CA GLU J 330 -59.78 -17.06 -0.78
C GLU J 330 -59.80 -18.46 -0.17
N PRO J 331 -58.66 -19.12 -0.08
CA PRO J 331 -58.66 -20.52 0.39
C PRO J 331 -59.15 -20.63 1.83
N TYR J 332 -59.89 -21.69 2.11
CA TYR J 332 -60.31 -22.04 3.45
C TYR J 332 -59.31 -23.02 4.04
N LYS J 333 -59.09 -22.92 5.36
CA LYS J 333 -58.14 -23.77 6.06
C LYS J 333 -58.88 -24.50 7.16
N TYR J 334 -58.67 -25.81 7.26
CA TYR J 334 -59.33 -26.64 8.25
C TYR J 334 -58.31 -27.47 9.00
N TRP J 335 -58.46 -27.52 10.33
CA TRP J 335 -57.66 -28.39 11.17
C TRP J 335 -58.58 -29.19 12.09
N PRO J 336 -58.34 -30.48 12.26
CA PRO J 336 -59.13 -31.27 13.18
C PRO J 336 -58.71 -31.02 14.61
N GLN J 337 -59.66 -31.19 15.53
CA GLN J 337 -59.37 -31.12 16.95
C GLN J 337 -59.84 -32.40 17.61
N LEU J 338 -59.45 -32.58 18.87
CA LEU J 338 -59.58 -33.86 19.56
C LEU J 338 -61.03 -34.07 20.01
N SER J 339 -61.88 -34.41 19.04
CA SER J 339 -63.27 -34.72 19.34
C SER J 339 -63.49 -36.22 19.37
N THR J 340 -64.34 -36.66 20.29
CA THR J 340 -64.61 -38.08 20.44
C THR J 340 -65.92 -38.26 21.19
N ASN J 341 -66.52 -39.44 21.01
CA ASN J 341 -67.76 -39.81 21.68
C ASN J 341 -67.52 -40.60 22.96
N GLY J 342 -66.28 -40.94 23.27
CA GLY J 342 -65.94 -41.61 24.50
C GLY J 342 -65.69 -40.63 25.64
N THR J 343 -65.10 -41.15 26.71
CA THR J 343 -64.72 -40.31 27.84
C THR J 343 -63.38 -40.80 28.37
N ALA J 344 -62.56 -39.86 28.81
CA ALA J 344 -61.21 -40.16 29.27
C ALA J 344 -61.12 -40.39 30.78
N HIS J 345 -62.25 -40.38 31.49
CA HIS J 345 -62.27 -40.62 32.92
C HIS J 345 -63.45 -41.49 33.35
N GLY J 346 -63.89 -42.41 32.50
CA GLY J 346 -64.99 -43.28 32.85
C GLY J 346 -64.57 -44.73 33.01
N HIS J 347 -65.41 -45.65 32.55
CA HIS J 347 -65.09 -47.06 32.65
C HIS J 347 -63.97 -47.43 31.68
N PRO J 348 -63.25 -48.51 31.95
CA PRO J 348 -62.09 -48.85 31.09
C PRO J 348 -62.42 -49.01 29.62
N HIS J 349 -63.58 -49.56 29.28
CA HIS J 349 -63.94 -49.66 27.87
C HIS J 349 -64.18 -48.28 27.23
N GLU J 350 -64.82 -47.37 27.96
CA GLU J 350 -64.91 -45.99 27.48
C GLU J 350 -63.53 -45.36 27.36
N ILE J 351 -62.64 -45.68 28.30
CA ILE J 351 -61.27 -45.19 28.25
C ILE J 351 -60.60 -45.61 26.96
N ILE J 352 -60.66 -46.89 26.63
CA ILE J 352 -59.95 -47.38 25.45
C ILE J 352 -60.65 -46.90 24.18
N LEU J 353 -61.96 -46.67 24.25
CA LEU J 353 -62.67 -46.11 23.10
C LEU J 353 -62.18 -44.69 22.81
N TYR J 354 -62.10 -43.85 23.83
CA TYR J 354 -61.55 -42.49 23.66
C TYR J 354 -60.12 -42.54 23.14
N TYR J 355 -59.29 -43.35 23.78
CA TYR J 355 -57.87 -43.41 23.47
C TYR J 355 -57.61 -44.03 22.10
N TYR J 356 -58.59 -44.77 21.58
CA TYR J 356 -58.50 -45.28 20.21
C TYR J 356 -58.98 -44.25 19.21
N GLU J 357 -60.10 -43.58 19.52
CA GLU J 357 -60.66 -42.62 18.58
C GLU J 357 -59.73 -41.44 18.35
N LEU J 358 -58.99 -41.01 19.37
CA LEU J 358 -58.12 -39.86 19.14
C LEU J 358 -56.90 -40.20 18.27
N TYR J 359 -56.26 -41.34 18.51
CA TYR J 359 -55.01 -41.69 17.84
C TYR J 359 -55.12 -43.10 17.28
N PRO J 360 -55.93 -43.29 16.23
CA PRO J 360 -56.36 -44.65 15.86
C PRO J 360 -55.24 -45.59 15.43
N THR J 361 -54.04 -45.08 15.16
CA THR J 361 -52.97 -45.92 14.65
C THR J 361 -52.17 -46.62 15.75
N MET J 362 -51.55 -45.84 16.64
CA MET J 362 -50.60 -46.44 17.57
C MET J 362 -51.24 -46.80 18.90
N THR J 363 -52.52 -46.46 19.10
CA THR J 363 -53.20 -46.97 20.27
C THR J 363 -53.36 -48.47 20.21
N VAL J 364 -53.68 -49.00 19.03
CA VAL J 364 -53.77 -50.45 18.88
C VAL J 364 -52.39 -51.07 19.07
N VAL J 365 -51.33 -50.39 18.62
CA VAL J 365 -49.99 -50.89 18.82
C VAL J 365 -49.66 -51.00 20.30
N VAL J 366 -49.89 -49.93 21.07
CA VAL J 366 -49.54 -49.94 22.48
C VAL J 366 -50.42 -50.91 23.25
N VAL J 367 -51.72 -50.99 22.91
CA VAL J 367 -52.60 -51.93 23.59
C VAL J 367 -52.17 -53.36 23.32
N SER J 368 -51.88 -53.69 22.05
CA SER J 368 -51.45 -55.03 21.72
C SER J 368 -50.14 -55.39 22.40
N VAL J 369 -49.18 -54.47 22.40
CA VAL J 369 -47.89 -54.77 23.01
C VAL J 369 -48.03 -54.92 24.53
N ALA J 370 -48.88 -54.10 25.15
CA ALA J 370 -49.06 -54.19 26.59
C ALA J 370 -49.76 -55.49 26.97
N SER J 371 -50.82 -55.85 26.25
CA SER J 371 -51.51 -57.10 26.52
C SER J 371 -50.59 -58.29 26.29
N PHE J 372 -49.81 -58.25 25.21
CA PHE J 372 -48.87 -59.34 24.92
C PHE J 372 -47.82 -59.48 26.01
N VAL J 373 -47.26 -58.35 26.47
CA VAL J 373 -46.26 -58.39 27.53
C VAL J 373 -46.87 -58.90 28.82
N LEU J 374 -48.07 -58.44 29.16
CA LEU J 374 -48.71 -58.87 30.40
C LEU J 374 -49.00 -60.36 30.38
N LEU J 375 -49.58 -60.86 29.28
CA LEU J 375 -49.84 -62.30 29.17
C LEU J 375 -48.54 -63.09 29.19
N SER J 376 -47.51 -62.58 28.50
CA SER J 376 -46.24 -63.29 28.45
C SER J 376 -45.61 -63.41 29.82
N MET J 377 -45.65 -62.34 30.62
CA MET J 377 -44.95 -62.39 31.90
C MET J 377 -45.80 -63.06 32.98
N VAL J 378 -47.13 -63.06 32.81
CA VAL J 378 -47.94 -63.92 33.67
C VAL J 378 -47.69 -65.39 33.35
N GLY J 379 -47.49 -65.71 32.06
CA GLY J 379 -47.10 -67.06 31.70
C GLY J 379 -45.72 -67.42 32.22
N VAL J 380 -44.81 -66.45 32.23
CA VAL J 380 -43.49 -66.66 32.81
C VAL J 380 -43.62 -66.97 34.30
N ALA J 381 -44.47 -66.21 35.00
CA ALA J 381 -44.70 -66.49 36.42
C ALA J 381 -45.28 -67.89 36.62
N VAL J 382 -46.24 -68.28 35.78
CA VAL J 382 -46.81 -69.62 35.89
C VAL J 382 -45.76 -70.69 35.65
N GLY J 383 -44.93 -70.50 34.62
CA GLY J 383 -43.88 -71.48 34.33
C GLY J 383 -42.86 -71.57 35.43
N MET J 384 -42.49 -70.44 36.02
CA MET J 384 -41.57 -70.45 37.15
C MET J 384 -42.20 -71.13 38.36
N CYS J 385 -43.49 -70.92 38.58
CA CYS J 385 -44.18 -71.62 39.65
C CYS J 385 -44.20 -73.12 39.42
N MET J 386 -44.42 -73.55 38.17
CA MET J 386 -44.36 -74.98 37.86
C MET J 386 -42.96 -75.54 38.05
N CYS J 387 -41.94 -74.79 37.66
CA CYS J 387 -40.56 -75.26 37.83
C CYS J 387 -40.24 -75.39 39.32
N ALA J 388 -40.65 -74.42 40.14
CA ALA J 388 -40.43 -74.51 41.57
C ALA J 388 -41.22 -75.67 42.18
N ARG J 389 -42.46 -75.86 41.73
CA ARG J 389 -43.26 -76.99 42.18
C ARG J 389 -42.56 -78.31 41.89
N ARG J 390 -42.06 -78.47 40.67
CA ARG J 390 -41.38 -79.72 40.31
C ARG J 390 -40.09 -79.88 41.11
N ARG J 391 -39.27 -78.85 41.20
CA ARG J 391 -38.02 -79.00 41.95
C ARG J 391 -38.29 -79.28 43.41
N CYS J 392 -39.42 -78.80 43.93
CA CYS J 392 -39.74 -79.05 45.34
C CYS J 392 -40.24 -80.46 45.57
N ILE J 393 -41.05 -81.00 44.64
CA ILE J 393 -41.66 -82.30 44.91
C ILE J 393 -40.90 -83.48 44.31
N THR J 394 -40.04 -83.25 43.31
CA THR J 394 -39.23 -84.35 42.76
C THR J 394 -38.40 -85.07 43.81
N PRO J 395 -37.72 -84.41 44.75
CA PRO J 395 -36.96 -85.18 45.74
C PRO J 395 -37.83 -86.03 46.64
N TYR J 396 -39.14 -85.80 46.69
CA TYR J 396 -40.02 -86.60 47.55
C TYR J 396 -40.54 -87.88 46.91
N GLU J 397 -41.01 -87.86 45.67
CA GLU J 397 -41.36 -89.14 45.05
C GLU J 397 -40.16 -89.81 44.40
N LEU J 398 -38.99 -89.22 44.57
CA LEU J 398 -37.72 -89.88 44.30
C LEU J 398 -37.34 -90.88 45.38
N THR J 399 -37.97 -90.79 46.57
CA THR J 399 -37.74 -91.66 47.72
C THR J 399 -38.65 -92.87 47.65
N PRO J 400 -38.16 -94.06 47.97
CA PRO J 400 -39.03 -95.23 47.96
C PRO J 400 -39.89 -95.30 49.22
N GLY J 401 -41.21 -95.22 49.02
CA GLY J 401 -42.17 -95.47 50.07
C GLY J 401 -42.35 -94.36 51.08
N ALA J 402 -41.67 -93.24 50.94
CA ALA J 402 -41.86 -92.14 51.87
C ALA J 402 -43.06 -91.29 51.46
N THR J 403 -43.65 -90.61 52.43
CA THR J 403 -44.90 -89.88 52.25
C THR J 403 -44.63 -88.39 52.32
N VAL J 404 -45.18 -87.64 51.37
CA VAL J 404 -45.08 -86.18 51.38
C VAL J 404 -45.83 -85.64 52.60
N PRO J 405 -45.30 -84.64 53.31
CA PRO J 405 -46.05 -84.03 54.40
C PRO J 405 -47.34 -83.40 53.88
N PHE J 406 -48.37 -83.41 54.72
CA PHE J 406 -49.67 -82.90 54.31
C PHE J 406 -49.60 -81.42 53.97
N LEU J 407 -48.87 -80.64 54.78
CA LEU J 407 -48.75 -79.22 54.53
C LEU J 407 -48.08 -78.94 53.19
N LEU J 408 -46.96 -79.62 52.91
CA LEU J 408 -46.26 -79.40 51.65
C LEU J 408 -47.09 -79.86 50.46
N SER J 409 -47.81 -80.98 50.62
CA SER J 409 -48.69 -81.45 49.56
C SER J 409 -49.79 -80.46 49.26
N LEU J 410 -50.37 -79.85 50.29
CA LEU J 410 -51.40 -78.84 50.08
C LEU J 410 -50.82 -77.58 49.44
N ILE J 411 -49.67 -77.13 49.92
CA ILE J 411 -49.09 -75.90 49.41
C ILE J 411 -48.70 -76.04 47.94
N CYS J 412 -48.04 -77.14 47.58
CA CYS J 412 -47.63 -77.35 46.20
C CYS J 412 -48.78 -77.76 45.30
N CYS J 413 -49.96 -78.01 45.87
CA CYS J 413 -51.15 -78.39 45.10
C CYS J 413 -50.89 -79.61 44.22
N ILE J 414 -50.39 -80.68 44.85
CA ILE J 414 -50.12 -81.94 44.19
C ILE J 414 -51.31 -82.85 44.43
N ARG J 415 -51.39 -83.92 43.63
CA ARG J 415 -52.40 -84.95 43.86
C ARG J 415 -52.16 -85.63 45.20
N THR J 416 -53.26 -85.90 45.91
CA THR J 416 -53.16 -86.42 47.26
C THR J 416 -52.55 -87.82 47.25
N ALA J 417 -51.41 -87.96 47.93
CA ALA J 417 -50.65 -89.23 48.02
C ALA J 417 -50.40 -89.72 46.59
N LYS J 418 -50.80 -90.95 46.24
CA LYS J 418 -50.59 -91.49 44.91
C LYS J 418 -51.83 -91.34 44.02
N ALA J 419 -52.89 -90.72 44.52
CA ALA J 419 -54.13 -90.59 43.75
C ALA J 419 -54.77 -89.22 43.93
N ASN K 1 38.72 -97.18 50.91
CA ASN K 1 37.67 -97.32 51.90
C ASN K 1 37.09 -95.95 52.25
N ASP K 2 35.95 -95.63 51.62
CA ASP K 2 35.32 -94.31 51.74
C ASP K 2 36.29 -93.20 51.31
N CYS K 3 37.27 -93.57 50.48
CA CYS K 3 38.11 -92.63 49.76
C CYS K 3 37.91 -92.85 48.26
N ILE K 4 36.65 -93.03 47.87
CA ILE K 4 36.28 -93.37 46.50
C ILE K 4 35.06 -92.52 46.11
N PHE K 5 35.25 -91.66 45.12
CA PHE K 5 34.15 -90.88 44.54
C PHE K 5 34.28 -90.80 43.03
N GLU K 6 33.16 -90.89 42.34
CA GLU K 6 33.14 -90.94 40.88
C GLU K 6 33.16 -89.53 40.28
N VAL K 7 33.77 -89.42 39.11
CA VAL K 7 33.79 -88.18 38.34
C VAL K 7 33.39 -88.53 36.90
N LYS K 8 32.42 -87.81 36.36
CA LYS K 8 31.87 -88.15 35.04
C LYS K 8 31.92 -86.95 34.12
N HIS K 9 32.43 -87.18 32.91
CA HIS K 9 32.29 -86.23 31.82
C HIS K 9 31.48 -86.80 30.66
N GLU K 10 31.66 -88.09 30.35
CA GLU K 10 30.85 -88.80 29.37
C GLU K 10 29.83 -89.72 30.00
N GLY K 11 29.67 -89.66 31.33
CA GLY K 11 28.85 -90.59 32.06
C GLY K 11 29.61 -91.73 32.68
N LYS K 12 30.88 -91.91 32.32
CA LYS K 12 31.73 -92.95 32.86
C LYS K 12 32.64 -92.38 33.95
N VAL K 13 33.23 -93.29 34.73
CA VAL K 13 34.17 -92.88 35.77
C VAL K 13 35.51 -92.53 35.13
N THR K 14 35.98 -91.31 35.39
CA THR K 14 37.24 -90.83 34.84
C THR K 14 38.32 -90.62 35.88
N GLY K 15 37.96 -90.37 37.12
CA GLY K 15 38.94 -90.16 38.15
C GLY K 15 38.30 -90.25 39.52
N TYR K 16 39.13 -90.14 40.55
CA TYR K 16 38.70 -90.38 41.92
C TYR K 16 39.04 -89.18 42.80
N ALA K 17 38.15 -88.93 43.77
CA ALA K 17 38.28 -87.84 44.74
C ALA K 17 37.93 -88.39 46.11
N CYS K 18 38.52 -87.79 47.14
CA CYS K 18 38.45 -88.37 48.47
C CYS K 18 38.23 -87.49 49.66
N LEU K 19 38.09 -88.10 50.82
CA LEU K 19 37.96 -87.35 52.06
C LEU K 19 39.17 -87.67 52.91
N VAL K 20 39.90 -86.65 53.32
CA VAL K 20 41.06 -86.86 54.17
C VAL K 20 41.07 -85.76 55.22
N GLY K 21 41.69 -86.00 56.36
CA GLY K 21 41.80 -84.98 57.40
C GLY K 21 40.58 -84.10 57.55
N ASP K 22 40.69 -82.83 57.16
CA ASP K 22 39.51 -81.98 57.20
C ASP K 22 39.12 -81.45 55.84
N LYS K 23 39.65 -82.00 54.75
CA LYS K 23 39.34 -81.48 53.42
C LYS K 23 39.10 -82.57 52.40
N VAL K 24 38.32 -82.19 51.39
CA VAL K 24 38.11 -82.99 50.20
C VAL K 24 39.12 -82.53 49.15
N MET K 25 39.70 -83.48 48.41
CA MET K 25 40.42 -83.11 47.20
C MET K 25 40.21 -84.11 46.08
N LYS K 26 40.47 -83.63 44.88
CA LYS K 26 40.45 -84.39 43.63
C LYS K 26 41.55 -83.86 42.73
N PRO K 27 42.16 -84.72 41.92
CA PRO K 27 43.03 -84.21 40.85
C PRO K 27 42.25 -83.28 39.93
N ALA K 28 42.90 -82.19 39.53
CA ALA K 28 42.26 -81.20 38.67
C ALA K 28 42.32 -81.56 37.20
N HIS K 29 43.08 -82.60 36.84
CA HIS K 29 43.18 -83.04 35.46
C HIS K 29 42.10 -84.03 35.06
N VAL K 30 41.18 -84.36 35.96
CA VAL K 30 40.07 -85.24 35.65
C VAL K 30 38.84 -84.41 35.35
N LYS K 31 38.25 -84.62 34.19
CA LYS K 31 37.10 -83.84 33.76
C LYS K 31 35.81 -84.42 34.35
N GLY K 32 34.97 -83.53 34.87
CA GLY K 32 33.66 -83.88 35.36
C GLY K 32 33.42 -83.39 36.77
N THR K 33 32.29 -83.83 37.32
CA THR K 33 31.84 -83.43 38.64
C THR K 33 31.77 -84.63 39.57
N ILE K 34 31.71 -84.35 40.87
CA ILE K 34 31.63 -85.39 41.89
C ILE K 34 30.26 -86.06 41.82
N ASP K 35 30.24 -87.37 42.08
CA ASP K 35 28.96 -88.09 42.11
C ASP K 35 28.05 -87.55 43.21
N ASN K 36 28.60 -87.30 44.38
CA ASN K 36 27.82 -86.77 45.50
C ASN K 36 27.46 -85.32 45.20
N ALA K 37 26.16 -85.03 45.14
CA ALA K 37 25.71 -83.67 44.86
C ALA K 37 26.10 -82.72 45.99
N ASP K 38 26.22 -83.23 47.22
CA ASP K 38 26.61 -82.41 48.35
C ASP K 38 28.04 -81.90 48.20
N LEU K 39 28.93 -82.71 47.64
CA LEU K 39 30.33 -82.33 47.47
C LEU K 39 30.60 -81.58 46.18
N ALA K 40 29.82 -81.83 45.13
CA ALA K 40 30.07 -81.16 43.85
C ALA K 40 29.68 -79.68 43.90
N LYS K 41 28.78 -79.31 44.79
CA LYS K 41 28.29 -77.94 44.86
C LYS K 41 29.21 -77.00 45.63
N LEU K 42 30.20 -77.52 46.34
CA LEU K 42 31.08 -76.68 47.14
C LEU K 42 31.96 -75.81 46.24
N ALA K 43 32.57 -74.80 46.85
CA ALA K 43 33.52 -73.94 46.16
C ALA K 43 34.91 -74.55 46.26
N PHE K 44 35.50 -74.88 45.13
CA PHE K 44 36.80 -75.55 45.10
C PHE K 44 37.91 -74.55 44.78
N LYS K 45 39.06 -74.76 45.43
CA LYS K 45 40.29 -74.03 45.16
C LYS K 45 41.20 -74.89 44.30
N ARG K 46 41.70 -74.29 43.22
CA ARG K 46 42.25 -75.01 42.07
C ARG K 46 43.67 -74.53 41.77
N SER K 47 44.61 -75.49 41.74
CA SER K 47 46.03 -75.20 41.56
C SER K 47 46.58 -76.12 40.49
N SER K 48 47.30 -75.54 39.52
CA SER K 48 47.80 -76.32 38.40
C SER K 48 49.24 -76.78 38.61
N LYS K 49 50.01 -76.09 39.46
CA LYS K 49 51.35 -76.58 39.78
C LYS K 49 51.31 -77.93 40.46
N TYR K 50 50.28 -78.18 41.27
CA TYR K 50 50.05 -79.48 41.86
C TYR K 50 48.85 -80.21 41.25
N ASP K 51 48.12 -79.57 40.34
CA ASP K 51 47.04 -80.21 39.60
C ASP K 51 45.99 -80.80 40.55
N LEU K 52 45.35 -79.93 41.34
CA LEU K 52 44.49 -80.39 42.41
C LEU K 52 43.40 -79.36 42.69
N GLU K 53 42.22 -79.84 43.05
CA GLU K 53 41.09 -79.02 43.47
C GLU K 53 40.64 -79.50 44.85
N CYS K 54 40.46 -78.55 45.78
CA CYS K 54 40.24 -78.89 47.18
C CYS K 54 39.14 -78.02 47.78
N ALA K 55 38.47 -78.56 48.78
CA ALA K 55 37.48 -77.81 49.55
C ALA K 55 37.38 -78.41 50.94
N GLN K 56 36.50 -77.86 51.76
CA GLN K 56 36.35 -78.33 53.13
C GLN K 56 35.16 -79.28 53.25
N ILE K 57 35.38 -80.42 53.91
CA ILE K 57 34.28 -81.37 54.09
C ILE K 57 33.22 -80.76 55.01
N PRO K 58 31.94 -80.95 54.72
CA PRO K 58 30.92 -80.53 55.69
C PRO K 58 31.03 -81.32 56.98
N VAL K 59 30.38 -80.82 58.03
CA VAL K 59 30.53 -81.37 59.37
C VAL K 59 30.03 -82.80 59.44
N HIS K 60 28.88 -83.09 58.83
CA HIS K 60 28.20 -84.37 59.00
C HIS K 60 29.00 -85.56 58.47
N MET K 61 30.13 -85.33 57.80
CA MET K 61 31.00 -86.41 57.35
C MET K 61 32.22 -86.57 58.24
N LYS K 62 32.13 -86.14 59.51
CA LYS K 62 33.24 -86.30 60.44
C LYS K 62 33.62 -87.76 60.62
N SER K 63 32.67 -88.68 60.45
CA SER K 63 32.97 -90.10 60.56
C SER K 63 33.54 -90.68 59.27
N ASP K 64 33.40 -89.97 58.15
CA ASP K 64 33.82 -90.48 56.85
C ASP K 64 35.27 -90.12 56.54
N ALA K 65 35.81 -89.07 57.16
CA ALA K 65 37.17 -88.63 56.88
C ALA K 65 38.18 -89.66 57.35
N SER K 66 39.16 -89.95 56.51
CA SER K 66 40.22 -90.90 56.82
C SER K 66 41.43 -90.17 57.39
N LYS K 67 42.31 -90.94 58.03
CA LYS K 67 43.52 -90.37 58.59
C LYS K 67 44.57 -90.15 57.51
N PHE K 68 45.52 -89.28 57.81
CA PHE K 68 46.59 -88.94 56.88
C PHE K 68 47.88 -88.84 57.69
N THR K 69 49.01 -89.01 57.00
CA THR K 69 50.30 -88.90 57.68
C THR K 69 51.37 -88.53 56.67
N HIS K 70 52.30 -87.67 57.10
CA HIS K 70 53.40 -87.23 56.26
C HIS K 70 54.60 -88.18 56.28
N GLU K 71 54.85 -88.87 57.39
CA GLU K 71 56.00 -89.75 57.49
C GLU K 71 55.84 -90.91 56.51
N LYS K 72 56.93 -91.25 55.82
CA LYS K 72 56.90 -92.20 54.72
C LYS K 72 58.24 -92.91 54.67
N PRO K 73 58.36 -94.07 55.33
CA PRO K 73 59.62 -94.80 55.31
C PRO K 73 59.77 -95.61 54.03
N GLU K 74 60.97 -96.17 53.86
CA GLU K 74 61.23 -97.06 52.74
C GLU K 74 60.40 -98.33 52.87
N GLY K 75 59.88 -98.83 51.75
CA GLY K 75 59.24 -100.13 51.78
C GLY K 75 57.97 -100.15 50.95
N TYR K 76 57.08 -101.06 51.32
CA TYR K 76 55.88 -101.36 50.56
C TYR K 76 54.70 -100.54 51.06
N TYR K 77 53.87 -100.09 50.13
CA TYR K 77 52.62 -99.43 50.44
C TYR K 77 51.50 -100.09 49.65
N ASN K 78 50.27 -99.96 50.12
CA ASN K 78 49.14 -100.65 49.50
C ASN K 78 48.16 -99.67 48.88
N TRP K 79 47.56 -100.10 47.77
CA TRP K 79 46.52 -99.35 47.09
C TRP K 79 45.60 -100.35 46.40
N HIS K 80 44.65 -99.84 45.62
CA HIS K 80 43.64 -100.71 45.02
C HIS K 80 44.25 -101.67 44.03
N HIS K 81 45.19 -101.20 43.21
CA HIS K 81 45.87 -102.05 42.22
C HIS K 81 47.13 -102.67 42.85
N GLY K 82 46.89 -103.62 43.75
CA GLY K 82 47.98 -104.35 44.37
C GLY K 82 48.79 -103.53 45.36
N ALA K 83 50.11 -103.53 45.20
CA ALA K 83 51.00 -102.85 46.12
C ALA K 83 52.10 -102.14 45.32
N VAL K 84 52.65 -101.10 45.94
CA VAL K 84 53.67 -100.25 45.33
C VAL K 84 54.93 -100.30 46.18
N GLN K 85 56.09 -100.18 45.53
CA GLN K 85 57.36 -100.09 46.22
C GLN K 85 57.83 -98.64 46.25
N TYR K 86 57.95 -98.06 47.45
CA TYR K 86 58.54 -96.74 47.57
C TYR K 86 59.98 -96.93 48.06
N SER K 87 60.92 -96.53 47.22
CA SER K 87 62.35 -96.64 47.53
C SER K 87 63.06 -95.49 46.85
N GLY K 88 64.22 -95.13 47.41
CA GLY K 88 65.00 -94.04 46.88
C GLY K 88 64.27 -92.71 46.79
N GLY K 89 63.28 -92.48 47.65
CA GLY K 89 62.47 -91.29 47.58
C GLY K 89 61.46 -91.28 46.47
N ARG K 90 61.10 -92.43 45.91
CA ARG K 90 60.26 -92.50 44.73
C ARG K 90 59.36 -93.72 44.76
N PHE K 91 58.11 -93.53 44.35
CA PHE K 91 57.14 -94.62 44.22
C PHE K 91 57.32 -95.30 42.86
N THR K 92 57.29 -96.63 42.87
CA THR K 92 57.39 -97.41 41.66
C THR K 92 56.49 -98.64 41.79
N ILE K 93 56.21 -99.25 40.64
CA ILE K 93 55.55 -100.55 40.52
C ILE K 93 56.24 -101.21 39.33
N PRO K 94 56.05 -102.50 39.05
CA PRO K 94 56.67 -103.04 37.84
C PRO K 94 55.88 -102.78 36.56
N THR K 95 56.58 -102.96 35.43
CA THR K 95 56.14 -102.39 34.17
C THR K 95 54.78 -102.94 33.78
N GLY K 96 53.86 -102.03 33.43
CA GLY K 96 52.53 -102.40 33.00
C GLY K 96 51.52 -102.68 34.10
N ALA K 97 51.90 -102.53 35.36
CA ALA K 97 50.93 -102.77 36.44
C ALA K 97 49.82 -101.73 36.42
N GLY K 98 50.16 -100.47 36.13
CA GLY K 98 49.15 -99.45 35.97
C GLY K 98 48.71 -99.32 34.53
N LYS K 99 47.50 -98.83 34.35
CA LYS K 99 46.95 -98.53 33.04
C LYS K 99 46.27 -97.17 33.06
N PRO K 100 46.21 -96.50 31.91
CA PRO K 100 45.63 -95.14 31.87
C PRO K 100 44.15 -95.13 32.20
N GLY K 101 43.71 -94.03 32.81
CA GLY K 101 42.34 -93.84 33.22
C GLY K 101 42.06 -94.12 34.67
N ASP K 102 43.07 -94.58 35.42
CA ASP K 102 42.91 -94.94 36.81
C ASP K 102 43.39 -93.86 37.78
N SER K 103 43.71 -92.68 37.28
CA SER K 103 44.23 -91.62 38.15
C SER K 103 43.20 -91.21 39.19
N GLY K 104 43.69 -90.59 40.26
CA GLY K 104 42.88 -90.29 41.41
C GLY K 104 42.98 -91.32 42.50
N ARG K 105 43.70 -92.41 42.27
CA ARG K 105 43.81 -93.45 43.28
C ARG K 105 44.83 -93.05 44.34
N PRO K 106 44.42 -92.98 45.61
CA PRO K 106 45.38 -92.70 46.67
C PRO K 106 46.22 -93.93 47.00
N ILE K 107 47.37 -93.67 47.63
CA ILE K 107 48.27 -94.71 48.09
C ILE K 107 48.25 -94.72 49.61
N PHE K 108 48.13 -95.91 50.20
CA PHE K 108 48.00 -96.07 51.64
C PHE K 108 49.21 -96.79 52.21
N ASP K 109 49.48 -96.53 53.48
CA ASP K 109 50.48 -97.28 54.22
C ASP K 109 49.84 -98.51 54.85
N ASN K 110 50.60 -99.24 55.67
CA ASN K 110 50.10 -100.46 56.28
C ASN K 110 48.97 -100.21 57.28
N LYS K 111 48.82 -98.99 57.78
CA LYS K 111 47.75 -98.66 58.71
C LYS K 111 46.53 -98.08 58.02
N GLY K 112 46.56 -97.92 56.70
CA GLY K 112 45.45 -97.31 55.99
C GLY K 112 45.47 -95.81 55.91
N ARG K 113 46.64 -95.18 56.06
CA ARG K 113 46.76 -93.74 55.98
C ARG K 113 47.22 -93.32 54.59
N VAL K 114 46.62 -92.26 54.06
CA VAL K 114 46.95 -91.78 52.73
C VAL K 114 48.28 -91.05 52.76
N VAL K 115 49.18 -91.43 51.85
CA VAL K 115 50.48 -90.79 51.76
C VAL K 115 50.73 -90.17 50.38
N ALA K 116 49.99 -90.57 49.35
CA ALA K 116 50.18 -90.00 48.01
C ALA K 116 48.95 -90.29 47.17
N ILE K 117 48.79 -89.50 46.11
CA ILE K 117 47.73 -89.67 45.12
C ILE K 117 48.37 -89.71 43.74
N VAL K 118 48.09 -90.77 42.98
CA VAL K 118 48.78 -90.99 41.71
C VAL K 118 48.14 -90.11 40.63
N LEU K 119 48.98 -89.52 39.78
CA LEU K 119 48.53 -88.87 38.57
C LEU K 119 49.03 -89.54 37.30
N GLY K 120 50.19 -90.17 37.33
CA GLY K 120 50.66 -90.86 36.15
C GLY K 120 51.83 -91.76 36.43
N GLY K 121 52.40 -92.30 35.36
CA GLY K 121 53.55 -93.18 35.50
C GLY K 121 54.35 -93.22 34.21
N ALA K 122 55.62 -93.58 34.37
CA ALA K 122 56.54 -93.69 33.24
C ALA K 122 57.43 -94.91 33.44
N ASN K 123 57.60 -95.69 32.38
CA ASN K 123 58.31 -96.97 32.46
C ASN K 123 59.74 -96.80 31.97
N GLU K 124 60.69 -97.23 32.79
CA GLU K 124 62.09 -97.33 32.40
C GLU K 124 62.52 -98.78 32.64
N GLY K 125 63.12 -99.39 31.62
CA GLY K 125 63.56 -100.77 31.76
C GLY K 125 62.40 -101.68 32.11
N ALA K 126 62.55 -102.40 33.21
CA ALA K 126 61.52 -103.33 33.65
C ALA K 126 60.61 -102.75 34.73
N ARG K 127 60.80 -101.50 35.13
CA ARG K 127 60.03 -100.94 36.23
C ARG K 127 59.46 -99.58 35.84
N THR K 128 58.25 -99.28 36.30
CA THR K 128 57.61 -98.01 36.00
C THR K 128 57.42 -97.21 37.27
N ALA K 129 57.94 -95.98 37.26
CA ALA K 129 57.82 -95.09 38.41
C ALA K 129 56.56 -94.24 38.29
N LEU K 130 56.17 -93.66 39.41
CA LEU K 130 54.89 -92.96 39.52
C LEU K 130 55.09 -91.47 39.73
N SER K 131 54.42 -90.67 38.91
CA SER K 131 54.34 -89.23 39.10
C SER K 131 53.10 -88.94 39.93
N VAL K 132 53.31 -88.55 41.19
CA VAL K 132 52.25 -88.36 42.17
C VAL K 132 52.49 -87.06 42.91
N VAL K 133 51.58 -86.75 43.83
CA VAL K 133 51.75 -85.67 44.80
C VAL K 133 51.76 -86.27 46.19
N THR K 134 52.59 -85.70 47.07
CA THR K 134 52.72 -86.14 48.44
C THR K 134 52.93 -84.92 49.33
N TRP K 135 53.01 -85.13 50.63
CA TRP K 135 53.08 -83.93 51.43
C TRP K 135 54.01 -83.85 52.60
N ASN K 136 54.92 -82.89 52.54
CA ASN K 136 55.76 -82.65 53.68
C ASN K 136 54.72 -82.03 54.54
N LYS K 137 54.90 -82.03 55.85
CA LYS K 137 53.82 -81.54 56.69
C LYS K 137 53.49 -80.11 56.28
N ASP K 138 54.51 -79.39 55.84
CA ASP K 138 54.30 -78.03 55.38
C ASP K 138 53.53 -77.88 54.07
N ILE K 139 54.10 -78.33 52.96
CA ILE K 139 53.46 -78.09 51.66
C ILE K 139 53.24 -79.28 50.76
N VAL K 140 52.27 -79.17 49.87
CA VAL K 140 52.04 -80.23 48.91
C VAL K 140 53.09 -80.19 47.82
N THR K 141 53.83 -81.27 47.66
CA THR K 141 54.87 -81.37 46.66
C THR K 141 54.48 -82.42 45.62
N LYS K 142 55.05 -82.30 44.43
CA LYS K 142 54.81 -83.24 43.35
C LYS K 142 56.13 -83.89 42.94
N ILE K 143 56.11 -85.22 42.82
CA ILE K 143 57.26 -85.97 42.34
C ILE K 143 56.91 -86.53 40.96
N THR K 144 57.75 -86.20 39.98
CA THR K 144 57.62 -86.69 38.60
C THR K 144 58.94 -87.33 38.21
N PRO K 145 58.93 -88.60 37.77
CA PRO K 145 60.17 -89.30 37.42
C PRO K 145 60.69 -88.89 36.04
N GLU K 146 61.20 -87.66 35.95
CA GLU K 146 61.71 -87.09 34.70
C GLU K 146 60.67 -87.19 33.59
N GLY K 147 59.40 -86.91 33.93
CA GLY K 147 58.32 -86.96 32.98
C GLY K 147 57.54 -88.26 33.04
N ALA K 148 56.22 -88.18 32.93
CA ALA K 148 55.35 -89.35 32.95
C ALA K 148 54.07 -89.02 32.20
N GLU K 149 53.37 -90.07 31.78
CA GLU K 149 52.16 -89.94 30.97
C GLU K 149 50.94 -89.83 31.86
N GLU K 150 49.97 -89.04 31.42
CA GLU K 150 48.81 -88.74 32.25
C GLU K 150 47.74 -89.82 32.11
N TRP K 151 47.02 -90.03 33.21
CA TRP K 151 46.11 -91.16 33.37
C TRP K 151 44.65 -90.73 33.26
N ASN L 1 1.88 -99.15 63.58
CA ASN L 1 1.88 -100.61 63.60
C ASN L 1 1.71 -101.18 62.20
N ASP L 2 0.47 -101.25 61.74
CA ASP L 2 0.16 -101.79 60.43
C ASP L 2 0.24 -100.74 59.33
N CYS L 3 0.47 -99.48 59.69
CA CYS L 3 0.45 -98.39 58.74
C CYS L 3 1.71 -97.53 58.88
N ILE L 4 2.50 -97.47 57.82
CA ILE L 4 3.65 -96.59 57.73
C ILE L 4 3.48 -95.71 56.50
N PHE L 5 2.92 -94.52 56.70
CA PHE L 5 2.66 -93.61 55.59
C PHE L 5 3.12 -92.19 55.88
N GLU L 6 3.87 -91.98 56.96
CA GLU L 6 4.39 -90.67 57.33
C GLU L 6 5.49 -90.31 56.35
N VAL L 7 5.13 -89.62 55.28
CA VAL L 7 6.03 -89.31 54.19
C VAL L 7 7.01 -88.25 54.65
N LYS L 8 8.31 -88.51 54.44
CA LYS L 8 9.33 -87.54 54.77
C LYS L 8 9.32 -86.40 53.76
N HIS L 9 9.92 -85.27 54.14
CA HIS L 9 9.86 -84.05 53.35
C HIS L 9 11.25 -83.48 53.04
N GLU L 10 12.32 -84.10 53.53
CA GLU L 10 13.63 -83.50 53.39
C GLU L 10 14.70 -84.56 53.57
N GLY L 11 15.82 -84.40 52.86
CA GLY L 11 16.96 -85.25 53.11
C GLY L 11 17.43 -85.17 54.55
N LYS L 12 17.41 -83.95 55.11
CA LYS L 12 17.60 -83.75 56.54
C LYS L 12 16.22 -83.80 57.20
N VAL L 13 15.84 -84.99 57.64
CA VAL L 13 14.48 -85.21 58.13
C VAL L 13 14.24 -84.39 59.39
N THR L 14 13.14 -83.63 59.40
CA THR L 14 12.68 -82.91 60.58
C THR L 14 11.16 -83.01 60.59
N GLY L 15 10.63 -84.10 61.13
CA GLY L 15 9.20 -84.31 61.15
C GLY L 15 8.72 -85.03 59.89
N TYR L 16 7.43 -85.37 59.90
CA TYR L 16 6.81 -86.12 58.81
C TYR L 16 5.40 -85.60 58.55
N ALA L 17 4.96 -85.73 57.30
CA ALA L 17 3.59 -85.42 56.91
C ALA L 17 2.77 -86.69 56.83
N CYS L 18 1.46 -86.55 57.01
CA CYS L 18 0.62 -87.74 57.11
C CYS L 18 -0.66 -87.55 56.31
N LEU L 19 -1.24 -88.68 55.88
CA LEU L 19 -2.51 -88.73 55.18
C LEU L 19 -3.54 -89.31 56.14
N VAL L 20 -4.61 -88.57 56.42
CA VAL L 20 -5.69 -89.07 57.26
C VAL L 20 -7.00 -88.46 56.78
N GLY L 21 -8.08 -89.22 56.90
CA GLY L 21 -9.36 -88.77 56.37
C GLY L 21 -9.26 -88.59 54.87
N ASP L 22 -9.56 -87.37 54.41
CA ASP L 22 -9.34 -87.02 53.02
C ASP L 22 -8.28 -85.93 52.87
N LYS L 23 -7.43 -85.73 53.88
CA LYS L 23 -6.50 -84.63 53.88
C LYS L 23 -5.08 -85.07 54.26
N VAL L 24 -4.11 -84.48 53.58
CA VAL L 24 -2.72 -84.53 54.00
C VAL L 24 -2.49 -83.35 54.94
N MET L 25 -1.73 -83.57 56.00
CA MET L 25 -1.33 -82.48 56.89
C MET L 25 0.08 -82.70 57.42
N LYS L 26 0.69 -81.59 57.85
CA LYS L 26 2.00 -81.62 58.47
C LYS L 26 2.14 -80.40 59.38
N PRO L 27 2.91 -80.50 60.46
CA PRO L 27 3.13 -79.33 61.31
C PRO L 27 3.78 -78.20 60.53
N ALA L 28 3.39 -76.96 60.87
CA ALA L 28 3.87 -75.80 60.13
C ALA L 28 5.21 -75.27 60.64
N HIS L 29 5.76 -75.84 61.72
CA HIS L 29 6.98 -75.32 62.31
C HIS L 29 8.24 -75.92 61.70
N VAL L 30 8.12 -76.96 60.87
CA VAL L 30 9.29 -77.66 60.35
C VAL L 30 9.42 -77.35 58.86
N LYS L 31 10.61 -76.89 58.46
CA LYS L 31 10.88 -76.45 57.11
C LYS L 31 11.12 -77.65 56.20
N GLY L 32 11.07 -77.39 54.89
CA GLY L 32 11.29 -78.41 53.90
C GLY L 32 10.16 -78.49 52.88
N THR L 33 10.44 -79.09 51.72
CA THR L 33 9.45 -79.26 50.69
C THR L 33 9.12 -80.75 50.57
N ILE L 34 7.84 -81.08 50.77
CA ILE L 34 7.43 -82.47 50.92
C ILE L 34 7.87 -83.29 49.72
N ASP L 35 8.40 -84.48 49.99
CA ASP L 35 8.93 -85.36 48.97
C ASP L 35 7.81 -86.08 48.24
N ASN L 36 8.18 -87.13 47.51
CA ASN L 36 7.32 -87.99 46.70
C ASN L 36 6.91 -87.28 45.40
N ALA L 37 7.14 -85.96 45.32
CA ALA L 37 7.00 -85.18 44.09
C ALA L 37 5.56 -85.11 43.59
N ASP L 38 4.64 -85.76 44.30
CA ASP L 38 3.23 -85.61 43.99
C ASP L 38 2.56 -84.70 45.00
N LEU L 39 2.94 -84.82 46.27
CA LEU L 39 2.47 -83.90 47.30
C LEU L 39 3.23 -82.59 47.28
N ALA L 40 4.38 -82.54 46.62
CA ALA L 40 5.16 -81.31 46.55
C ALA L 40 4.41 -80.21 45.82
N LYS L 41 3.75 -80.54 44.71
CA LYS L 41 3.01 -79.58 43.91
C LYS L 41 1.68 -79.19 44.55
N LEU L 42 1.26 -79.87 45.60
CA LEU L 42 0.01 -79.54 46.27
C LEU L 42 0.13 -78.21 47.00
N ALA L 43 -0.93 -77.41 46.94
CA ALA L 43 -0.99 -76.13 47.64
C ALA L 43 -1.51 -76.34 49.05
N PHE L 44 -0.78 -75.81 50.03
CA PHE L 44 -1.06 -76.04 51.44
C PHE L 44 -1.72 -74.81 52.06
N LYS L 45 -2.79 -75.05 52.80
CA LYS L 45 -3.40 -74.04 53.67
C LYS L 45 -2.70 -74.09 55.02
N ARG L 46 -2.22 -72.95 55.48
CA ARG L 46 -1.40 -72.87 56.68
C ARG L 46 -2.17 -72.19 57.81
N SER L 47 -1.93 -72.67 59.04
CA SER L 47 -2.46 -72.06 60.25
C SER L 47 -1.33 -72.00 61.26
N SER L 48 -0.91 -70.78 61.62
CA SER L 48 0.14 -70.60 62.62
C SER L 48 -0.38 -70.80 64.04
N LYS L 49 -1.61 -70.38 64.33
CA LYS L 49 -2.21 -70.62 65.63
C LYS L 49 -2.52 -72.08 65.87
N TYR L 50 -2.59 -72.88 64.80
CA TYR L 50 -2.69 -74.32 64.88
C TYR L 50 -1.40 -75.01 64.49
N ASP L 51 -0.46 -74.28 63.88
CA ASP L 51 0.85 -74.82 63.50
C ASP L 51 0.66 -76.05 62.62
N LEU L 52 0.04 -75.86 61.45
CA LEU L 52 -0.30 -76.97 60.59
C LEU L 52 -0.62 -76.46 59.18
N GLU L 53 -0.03 -77.10 58.18
CA GLU L 53 -0.44 -76.91 56.79
C GLU L 53 -1.10 -78.20 56.30
N CYS L 54 -2.23 -78.04 55.63
CA CYS L 54 -3.04 -79.16 55.17
C CYS L 54 -3.49 -78.94 53.74
N ALA L 55 -3.84 -80.04 53.07
CA ALA L 55 -4.28 -79.99 51.69
C ALA L 55 -5.13 -81.22 51.39
N GLN L 56 -5.83 -81.17 50.26
CA GLN L 56 -6.66 -82.29 49.85
C GLN L 56 -5.81 -83.32 49.13
N ILE L 57 -5.95 -84.59 49.53
CA ILE L 57 -5.17 -85.65 48.89
C ILE L 57 -5.63 -85.82 47.44
N PRO L 58 -4.74 -86.09 46.49
CA PRO L 58 -5.20 -86.56 45.19
C PRO L 58 -5.95 -87.86 45.34
N VAL L 59 -6.93 -88.08 44.46
CA VAL L 59 -7.81 -89.24 44.59
C VAL L 59 -7.00 -90.53 44.50
N HIS L 60 -6.09 -90.62 43.53
CA HIS L 60 -5.38 -91.87 43.26
C HIS L 60 -4.55 -92.34 44.45
N MET L 61 -4.31 -91.47 45.43
CA MET L 61 -3.51 -91.80 46.59
C MET L 61 -4.33 -91.81 47.88
N LYS L 62 -5.59 -91.35 47.83
CA LYS L 62 -6.35 -91.18 49.07
C LYS L 62 -6.83 -92.52 49.63
N SER L 63 -6.70 -93.62 48.87
CA SER L 63 -6.90 -94.94 49.47
C SER L 63 -5.82 -95.25 50.49
N ASP L 64 -4.67 -94.61 50.38
CA ASP L 64 -3.56 -94.76 51.30
C ASP L 64 -3.76 -93.98 52.60
N ALA L 65 -4.79 -93.13 52.66
CA ALA L 65 -5.02 -92.32 53.84
C ALA L 65 -5.53 -93.17 55.00
N SER L 66 -5.10 -92.83 56.21
CA SER L 66 -5.49 -93.58 57.39
C SER L 66 -6.90 -93.19 57.84
N LYS L 67 -7.49 -94.04 58.67
CA LYS L 67 -8.82 -93.79 59.19
C LYS L 67 -8.79 -92.70 60.27
N PHE L 68 -9.93 -92.03 60.44
CA PHE L 68 -10.04 -90.91 61.37
C PHE L 68 -11.21 -91.09 62.31
N THR L 69 -11.00 -90.69 63.56
CA THR L 69 -12.06 -90.61 64.56
C THR L 69 -11.66 -89.61 65.63
N HIS L 70 -12.63 -88.78 66.03
CA HIS L 70 -12.42 -87.72 67.01
C HIS L 70 -12.60 -88.18 68.45
N GLU L 71 -13.07 -89.41 68.66
CA GLU L 71 -13.48 -89.84 69.99
C GLU L 71 -12.30 -90.46 70.73
N LYS L 72 -12.01 -89.95 71.93
CA LYS L 72 -10.78 -90.27 72.66
C LYS L 72 -11.12 -90.78 74.05
N PRO L 73 -11.23 -92.09 74.23
CA PRO L 73 -11.37 -92.63 75.59
C PRO L 73 -10.11 -92.40 76.41
N GLU L 74 -10.29 -92.28 77.72
CA GLU L 74 -9.16 -92.25 78.63
C GLU L 74 -8.45 -93.59 78.60
N GLY L 75 -7.12 -93.57 78.50
CA GLY L 75 -6.38 -94.82 78.52
C GLY L 75 -5.26 -94.80 77.49
N TYR L 76 -4.90 -96.00 77.03
CA TYR L 76 -3.68 -96.20 76.27
C TYR L 76 -3.94 -96.21 74.76
N TYR L 77 -3.02 -95.62 74.01
CA TYR L 77 -3.03 -95.65 72.56
C TYR L 77 -1.63 -96.00 72.07
N ASN L 78 -1.51 -96.24 70.77
CA ASN L 78 -0.24 -96.66 70.19
C ASN L 78 0.25 -95.68 69.12
N TRP L 79 1.56 -95.54 69.00
CA TRP L 79 2.14 -94.72 67.94
C TRP L 79 3.45 -95.39 67.54
N HIS L 80 4.23 -94.75 66.70
CA HIS L 80 5.46 -95.38 66.21
C HIS L 80 6.48 -95.69 67.29
N HIS L 81 6.68 -94.77 68.21
CA HIS L 81 7.70 -94.99 69.22
C HIS L 81 7.18 -95.66 70.48
N GLY L 82 5.95 -96.16 70.47
CA GLY L 82 5.46 -96.94 71.59
C GLY L 82 4.04 -96.65 72.02
N ALA L 83 3.84 -96.42 73.31
CA ALA L 83 2.51 -96.25 73.88
C ALA L 83 2.36 -94.84 74.45
N VAL L 84 1.14 -94.32 74.33
CA VAL L 84 0.79 -92.98 74.79
C VAL L 84 -0.36 -93.10 75.79
N GLN L 85 -0.23 -92.42 76.93
CA GLN L 85 -1.28 -92.45 77.94
C GLN L 85 -2.10 -91.16 77.84
N TYR L 86 -3.40 -91.31 77.57
CA TYR L 86 -4.36 -90.22 77.56
C TYR L 86 -5.01 -90.17 78.93
N SER L 87 -4.52 -89.25 79.78
CA SER L 87 -5.04 -89.06 81.12
C SER L 87 -5.35 -87.58 81.30
N GLY L 88 -6.52 -87.28 81.89
CA GLY L 88 -6.92 -85.90 82.07
C GLY L 88 -7.05 -85.12 80.80
N GLY L 89 -7.36 -85.77 79.68
CA GLY L 89 -7.40 -85.11 78.39
C GLY L 89 -6.04 -84.80 77.80
N ARG L 90 -4.97 -85.34 78.38
CA ARG L 90 -3.62 -85.01 77.97
C ARG L 90 -2.83 -86.28 77.65
N PHE L 91 -2.08 -86.25 76.56
CA PHE L 91 -1.23 -87.35 76.16
C PHE L 91 0.13 -87.23 76.84
N THR L 92 0.67 -88.37 77.29
CA THR L 92 1.99 -88.39 77.90
C THR L 92 2.73 -89.66 77.48
N ILE L 93 4.05 -89.56 77.42
CA ILE L 93 4.92 -90.68 77.06
C ILE L 93 6.09 -90.73 78.05
N PRO L 94 6.78 -91.86 78.13
CA PRO L 94 8.01 -91.90 78.94
C PRO L 94 9.04 -90.92 78.43
N THR L 95 9.80 -90.33 79.37
CA THR L 95 10.79 -89.33 79.01
C THR L 95 11.88 -89.94 78.13
N GLY L 96 12.22 -89.25 77.05
CA GLY L 96 13.23 -89.70 76.12
C GLY L 96 12.70 -90.49 74.93
N ALA L 97 11.44 -90.92 74.98
CA ALA L 97 10.87 -91.65 73.86
C ALA L 97 10.70 -90.75 72.63
N GLY L 98 10.49 -89.45 72.85
CA GLY L 98 10.35 -88.51 71.75
C GLY L 98 11.50 -87.52 71.73
N LYS L 99 11.96 -87.20 70.54
CA LYS L 99 13.06 -86.28 70.31
C LYS L 99 12.70 -85.36 69.16
N PRO L 100 13.41 -84.23 69.01
CA PRO L 100 13.19 -83.40 67.83
C PRO L 100 13.39 -84.20 66.55
N GLY L 101 12.39 -84.14 65.67
CA GLY L 101 12.40 -84.89 64.44
C GLY L 101 11.30 -85.91 64.29
N ASP L 102 10.60 -86.26 65.37
CA ASP L 102 9.47 -87.17 65.30
C ASP L 102 8.13 -86.45 65.25
N SER L 103 8.13 -85.14 65.02
CA SER L 103 6.88 -84.39 64.92
C SER L 103 6.10 -84.83 63.69
N GLY L 104 4.78 -84.71 63.78
CA GLY L 104 3.90 -85.07 62.70
C GLY L 104 3.48 -86.53 62.68
N ARG L 105 3.94 -87.33 63.62
CA ARG L 105 3.59 -88.74 63.64
C ARG L 105 2.18 -88.93 64.19
N PRO L 106 1.28 -89.59 63.45
CA PRO L 106 -0.08 -89.79 63.94
C PRO L 106 -0.11 -90.67 65.17
N ILE L 107 -1.10 -90.44 66.02
CA ILE L 107 -1.41 -91.30 67.16
C ILE L 107 -2.67 -92.08 66.81
N PHE L 108 -2.63 -93.39 67.00
CA PHE L 108 -3.72 -94.27 66.62
C PHE L 108 -4.42 -94.80 67.86
N ASP L 109 -5.69 -95.15 67.70
CA ASP L 109 -6.44 -95.82 68.73
C ASP L 109 -6.30 -97.35 68.57
N ASN L 110 -7.05 -98.10 69.37
CA ASN L 110 -6.99 -99.57 69.30
C ASN L 110 -7.47 -100.11 67.97
N LYS L 111 -8.32 -99.38 67.25
CA LYS L 111 -8.79 -99.78 65.94
C LYS L 111 -7.82 -99.35 64.83
N GLY L 112 -6.81 -98.54 65.16
CA GLY L 112 -5.91 -98.03 64.16
C GLY L 112 -6.34 -96.72 63.54
N ARG L 113 -7.22 -95.98 64.20
CA ARG L 113 -7.74 -94.73 63.68
C ARG L 113 -6.97 -93.56 64.30
N VAL L 114 -6.65 -92.57 63.48
CA VAL L 114 -5.89 -91.41 63.94
C VAL L 114 -6.75 -90.54 64.84
N VAL L 115 -6.18 -90.13 65.97
CA VAL L 115 -6.85 -89.23 66.88
C VAL L 115 -6.03 -87.96 67.15
N ALA L 116 -4.75 -87.94 66.78
CA ALA L 116 -3.90 -86.81 67.11
C ALA L 116 -2.61 -86.86 66.31
N ILE L 117 -1.96 -85.71 66.20
CA ILE L 117 -0.64 -85.59 65.58
C ILE L 117 0.29 -84.87 66.55
N VAL L 118 1.42 -85.49 66.87
CA VAL L 118 2.34 -84.98 67.87
C VAL L 118 3.09 -83.78 67.30
N LEU L 119 3.26 -82.75 68.13
CA LEU L 119 4.09 -81.59 67.78
C LEU L 119 5.30 -81.43 68.67
N GLY L 120 5.21 -81.80 69.94
CA GLY L 120 6.35 -81.66 70.83
C GLY L 120 6.03 -82.23 72.20
N GLY L 121 6.96 -82.03 73.13
CA GLY L 121 6.80 -82.58 74.46
C GLY L 121 7.39 -81.66 75.50
N ALA L 122 6.99 -81.88 76.75
CA ALA L 122 7.46 -81.14 77.90
C ALA L 122 7.93 -82.13 78.96
N ASN L 123 9.10 -81.87 79.54
CA ASN L 123 9.77 -82.82 80.42
C ASN L 123 9.33 -82.59 81.86
N GLU L 124 8.66 -83.57 82.45
CA GLU L 124 8.34 -83.57 83.88
C GLU L 124 8.83 -84.90 84.45
N GLY L 125 10.03 -84.88 85.02
CA GLY L 125 10.56 -86.07 85.67
C GLY L 125 10.68 -87.23 84.70
N ALA L 126 10.05 -88.35 85.07
CA ALA L 126 10.10 -89.55 84.26
C ALA L 126 9.07 -89.57 83.14
N ARG L 127 8.27 -88.52 83.00
CA ARG L 127 7.25 -88.45 81.97
C ARG L 127 7.40 -87.19 81.14
N THR L 128 6.73 -87.16 79.99
CA THR L 128 6.70 -85.99 79.13
C THR L 128 5.28 -85.82 78.61
N ALA L 129 4.76 -84.60 78.74
CA ALA L 129 3.42 -84.29 78.26
C ALA L 129 3.49 -83.73 76.84
N LEU L 130 2.58 -84.18 75.99
CA LEU L 130 2.65 -83.91 74.56
C LEU L 130 1.86 -82.67 74.18
N SER L 131 2.54 -81.72 73.55
CA SER L 131 1.88 -80.65 72.81
C SER L 131 1.51 -81.23 71.44
N VAL L 132 0.21 -81.27 71.15
CA VAL L 132 -0.32 -82.15 70.13
C VAL L 132 -1.53 -81.49 69.46
N VAL L 133 -1.66 -81.71 68.17
CA VAL L 133 -2.83 -81.28 67.40
C VAL L 133 -3.84 -82.41 67.41
N THR L 134 -5.04 -82.14 67.92
CA THR L 134 -6.12 -83.11 67.99
C THR L 134 -7.38 -82.47 67.42
N TRP L 135 -8.51 -83.13 67.63
CA TRP L 135 -9.79 -82.61 67.15
C TRP L 135 -10.86 -82.75 68.22
N ASN L 136 -11.88 -81.91 68.10
CA ASN L 136 -13.20 -82.23 68.63
C ASN L 136 -14.18 -82.23 67.48
N LYS L 137 -15.46 -82.38 67.79
CA LYS L 137 -16.44 -82.59 66.74
C LYS L 137 -16.40 -81.45 65.74
N ASP L 138 -15.85 -81.74 64.56
CA ASP L 138 -15.74 -80.78 63.46
C ASP L 138 -14.97 -79.52 63.85
N ILE L 139 -13.75 -79.65 64.39
CA ILE L 139 -12.87 -78.48 64.62
C ILE L 139 -11.50 -78.90 65.13
N VAL L 140 -10.46 -78.47 64.43
CA VAL L 140 -9.11 -78.80 64.85
C VAL L 140 -8.76 -78.02 66.11
N THR L 141 -7.91 -78.57 66.98
CA THR L 141 -7.50 -77.88 68.20
C THR L 141 -6.08 -78.26 68.62
N LYS L 142 -5.45 -77.48 69.50
CA LYS L 142 -4.08 -77.76 69.92
C LYS L 142 -3.92 -77.77 71.43
N ILE L 143 -3.17 -78.72 71.98
CA ILE L 143 -2.93 -78.81 73.41
C ILE L 143 -1.44 -78.60 73.66
N THR L 144 -1.10 -77.54 74.38
CA THR L 144 0.29 -77.17 74.63
C THR L 144 0.53 -77.08 76.13
N PRO L 145 1.03 -78.15 76.75
CA PRO L 145 1.42 -78.06 78.15
C PRO L 145 2.56 -77.08 78.33
N GLU L 146 2.62 -76.48 79.52
CA GLU L 146 3.60 -75.44 79.80
C GLU L 146 5.02 -75.96 79.63
N GLY L 147 5.87 -75.15 79.02
CA GLY L 147 7.27 -75.47 78.88
C GLY L 147 7.63 -76.41 77.75
N ALA L 148 6.67 -76.83 76.94
CA ALA L 148 6.97 -77.74 75.85
C ALA L 148 7.73 -77.03 74.74
N GLU L 149 8.85 -77.63 74.33
CA GLU L 149 9.60 -77.17 73.19
C GLU L 149 9.12 -77.95 71.96
N GLU L 150 9.46 -77.43 70.78
CA GLU L 150 8.83 -77.90 69.56
C GLU L 150 9.67 -78.94 68.86
N TRP L 151 9.05 -80.05 68.46
CA TRP L 151 9.79 -81.18 67.93
C TRP L 151 9.81 -81.27 66.41
N ASN M 1 15.87 -108.21 27.93
CA ASN M 1 17.29 -108.46 27.67
C ASN M 1 17.80 -107.66 26.48
N ASP M 2 18.99 -108.01 26.01
CA ASP M 2 19.60 -107.41 24.83
C ASP M 2 19.70 -105.89 24.94
N CYS M 3 19.04 -105.18 24.02
CA CYS M 3 19.25 -103.75 23.82
C CYS M 3 18.01 -102.92 24.12
N ILE M 4 17.16 -103.41 25.02
CA ILE M 4 15.97 -102.68 25.46
C ILE M 4 16.40 -101.61 26.45
N PHE M 5 16.29 -100.35 26.04
CA PHE M 5 16.65 -99.22 26.89
C PHE M 5 15.41 -98.40 27.22
N GLU M 6 15.48 -97.70 28.35
CA GLU M 6 14.33 -97.00 28.90
C GLU M 6 14.23 -95.57 28.38
N VAL M 7 13.01 -95.16 28.05
CA VAL M 7 12.68 -93.78 27.74
C VAL M 7 11.71 -93.29 28.81
N LYS M 8 12.08 -92.19 29.47
CA LYS M 8 11.36 -91.70 30.63
C LYS M 8 10.92 -90.26 30.43
N HIS M 9 9.71 -89.94 30.91
CA HIS M 9 9.22 -88.57 30.92
C HIS M 9 8.76 -88.25 32.33
N GLU M 10 9.27 -87.15 32.89
CA GLU M 10 9.09 -86.83 34.29
C GLU M 10 9.44 -88.03 35.15
N GLY M 11 8.44 -88.65 35.77
CA GLY M 11 8.65 -89.82 36.58
C GLY M 11 8.04 -91.11 36.09
N LYS M 12 7.72 -91.22 34.79
CA LYS M 12 7.08 -92.43 34.28
C LYS M 12 7.78 -92.94 33.03
N VAL M 13 7.75 -94.27 32.89
CA VAL M 13 8.21 -94.94 31.67
C VAL M 13 7.25 -94.65 30.54
N THR M 14 7.78 -94.25 29.39
CA THR M 14 6.94 -93.90 28.24
C THR M 14 7.25 -94.70 26.99
N GLY M 15 8.42 -95.33 26.90
CA GLY M 15 8.74 -96.12 25.74
C GLY M 15 10.14 -96.68 25.83
N TYR M 16 10.57 -97.29 24.73
CA TYR M 16 11.90 -97.88 24.63
C TYR M 16 12.49 -97.60 23.25
N ALA M 17 13.80 -97.85 23.16
CA ALA M 17 14.54 -97.70 21.93
C ALA M 17 15.40 -98.94 21.74
N CYS M 18 15.85 -99.14 20.49
CA CYS M 18 16.72 -100.27 20.19
C CYS M 18 17.84 -99.79 19.28
N LEU M 19 18.95 -100.54 19.30
CA LEU M 19 20.09 -100.26 18.44
C LEU M 19 20.14 -101.32 17.35
N VAL M 20 19.85 -100.90 16.11
CA VAL M 20 19.78 -101.81 14.99
C VAL M 20 20.76 -101.34 13.93
N GLY M 21 21.54 -102.29 13.39
CA GLY M 21 22.49 -101.93 12.37
C GLY M 21 23.46 -100.89 12.89
N ASP M 22 23.30 -99.67 12.38
CA ASP M 22 24.17 -98.57 12.74
C ASP M 22 23.47 -97.51 13.58
N LYS M 23 22.14 -97.51 13.65
CA LYS M 23 21.44 -96.40 14.28
C LYS M 23 20.37 -96.88 15.25
N VAL M 24 19.87 -95.93 16.04
CA VAL M 24 18.85 -96.19 17.05
C VAL M 24 17.47 -96.05 16.43
N MET M 25 16.66 -97.08 16.54
CA MET M 25 15.24 -97.01 16.23
C MET M 25 14.49 -96.67 17.50
N LYS M 26 13.69 -95.60 17.43
CA LYS M 26 12.93 -95.15 18.59
C LYS M 26 11.79 -94.30 18.02
N PRO M 27 10.55 -94.55 18.40
CA PRO M 27 9.44 -93.88 17.72
C PRO M 27 9.15 -92.45 18.17
N ALA M 28 8.68 -91.65 17.19
CA ALA M 28 8.55 -90.21 17.38
C ALA M 28 7.41 -89.85 18.32
N HIS M 29 6.35 -90.64 18.36
CA HIS M 29 5.26 -90.37 19.28
C HIS M 29 5.71 -90.43 20.73
N VAL M 30 6.63 -91.34 21.05
CA VAL M 30 7.24 -91.35 22.37
C VAL M 30 8.07 -90.09 22.56
N LYS M 31 7.66 -89.24 23.48
CA LYS M 31 8.41 -88.04 23.84
C LYS M 31 9.04 -88.28 25.21
N GLY M 32 10.36 -88.31 25.24
CA GLY M 32 11.09 -88.58 26.47
C GLY M 32 12.57 -88.52 26.23
N THR M 33 13.33 -88.75 27.30
CA THR M 33 14.78 -88.70 27.27
C THR M 33 15.35 -90.09 27.52
N ILE M 34 16.27 -90.51 26.65
CA ILE M 34 16.95 -91.78 26.86
C ILE M 34 17.84 -91.67 28.09
N ASP M 35 17.70 -92.65 29.00
CA ASP M 35 18.42 -92.58 30.27
C ASP M 35 19.93 -92.65 30.06
N ASN M 36 20.37 -93.32 29.02
CA ASN M 36 21.80 -93.38 28.71
C ASN M 36 22.31 -91.99 28.34
N ALA M 37 23.37 -91.56 29.00
CA ALA M 37 23.93 -90.23 28.72
C ALA M 37 24.54 -90.17 27.33
N ASP M 38 24.96 -91.32 26.79
CA ASP M 38 25.54 -91.37 25.45
C ASP M 38 24.54 -90.96 24.38
N LEU M 39 23.28 -91.38 24.51
CA LEU M 39 22.28 -91.13 23.48
C LEU M 39 21.43 -89.91 23.74
N ALA M 40 21.35 -89.46 25.00
CA ALA M 40 20.53 -88.30 25.32
C ALA M 40 21.06 -87.03 24.69
N LYS M 41 22.39 -86.89 24.59
CA LYS M 41 23.02 -85.72 24.01
C LYS M 41 22.99 -85.72 22.49
N LEU M 42 22.64 -86.84 21.86
CA LEU M 42 22.81 -86.99 20.42
C LEU M 42 21.64 -86.38 19.67
N ALA M 43 21.95 -85.82 18.50
CA ALA M 43 20.94 -85.20 17.65
C ALA M 43 20.03 -86.26 17.03
N PHE M 44 18.73 -85.98 17.05
CA PHE M 44 17.72 -86.93 16.60
C PHE M 44 17.02 -86.41 15.35
N LYS M 45 16.98 -87.24 14.31
CA LYS M 45 16.25 -86.92 13.09
C LYS M 45 14.83 -87.47 13.21
N ARG M 46 13.85 -86.61 12.95
CA ARG M 46 12.44 -86.92 13.17
C ARG M 46 11.72 -87.07 11.84
N SER M 47 10.81 -88.05 11.78
CA SER M 47 9.96 -88.27 10.61
C SER M 47 8.55 -88.54 11.11
N SER M 48 7.65 -87.57 10.95
CA SER M 48 6.28 -87.72 11.37
C SER M 48 5.48 -88.66 10.48
N LYS M 49 5.89 -88.81 9.21
CA LYS M 49 5.16 -89.72 8.33
C LYS M 49 5.32 -91.16 8.79
N TYR M 50 6.54 -91.53 9.22
CA TYR M 50 6.80 -92.86 9.76
C TYR M 50 6.67 -92.92 11.27
N ASP M 51 6.38 -91.80 11.94
CA ASP M 51 6.33 -91.73 13.40
C ASP M 51 7.61 -92.32 13.99
N LEU M 52 8.75 -91.84 13.51
CA LEU M 52 10.04 -92.41 13.86
C LEU M 52 11.02 -91.29 14.17
N GLU M 53 12.04 -91.58 14.98
CA GLU M 53 13.10 -90.62 15.30
C GLU M 53 14.38 -91.40 15.61
N CYS M 54 15.39 -91.18 14.78
CA CYS M 54 16.58 -92.02 14.77
C CYS M 54 17.85 -91.20 14.89
N ALA M 55 18.93 -91.87 15.27
CA ALA M 55 20.25 -91.26 15.35
C ALA M 55 21.32 -92.32 15.21
N GLN M 56 22.48 -91.89 14.72
CA GLN M 56 23.59 -92.79 14.43
C GLN M 56 24.28 -93.21 15.72
N ILE M 57 24.25 -94.51 16.04
CA ILE M 57 24.92 -94.97 17.25
C ILE M 57 26.42 -94.75 17.11
N PRO M 58 27.13 -94.36 18.16
CA PRO M 58 28.61 -94.38 18.03
C PRO M 58 29.11 -95.82 17.97
N VAL M 59 28.85 -96.46 16.82
CA VAL M 59 29.12 -97.88 16.65
C VAL M 59 30.62 -98.18 16.67
N HIS M 60 31.47 -97.19 16.41
CA HIS M 60 32.90 -97.45 16.41
C HIS M 60 33.50 -97.42 17.81
N MET M 61 32.68 -97.22 18.85
CA MET M 61 33.11 -97.43 20.22
C MET M 61 32.10 -98.21 21.04
N LYS M 62 30.89 -98.40 20.50
CA LYS M 62 29.92 -99.39 21.00
C LYS M 62 29.62 -100.33 19.82
N SER M 63 30.36 -101.42 19.73
CA SER M 63 30.20 -102.36 18.62
C SER M 63 28.95 -103.22 18.76
N ASP M 64 28.33 -103.24 19.94
CA ASP M 64 27.13 -104.04 20.13
C ASP M 64 25.96 -103.45 19.35
N ALA M 65 25.27 -104.31 18.61
CA ALA M 65 24.11 -103.89 17.81
C ALA M 65 23.28 -105.12 17.49
N SER M 66 21.97 -104.92 17.40
CA SER M 66 21.07 -106.01 17.06
C SER M 66 21.02 -106.19 15.55
N LYS M 67 21.15 -107.44 15.11
CA LYS M 67 21.10 -107.75 13.69
C LYS M 67 19.65 -107.65 13.19
N PHE M 68 19.51 -107.37 11.90
CA PHE M 68 18.20 -107.09 11.32
C PHE M 68 18.04 -107.90 10.05
N THR M 69 16.84 -107.87 9.48
CA THR M 69 16.65 -108.38 8.12
C THR M 69 15.31 -107.92 7.56
N HIS M 70 15.06 -108.28 6.30
CA HIS M 70 13.82 -107.94 5.63
C HIS M 70 12.87 -109.12 5.43
N GLU M 71 13.37 -110.35 5.34
CA GLU M 71 12.51 -111.47 4.99
C GLU M 71 11.56 -111.75 6.15
N LYS M 72 10.28 -111.96 5.83
CA LYS M 72 9.26 -112.25 6.83
C LYS M 72 8.41 -113.43 6.38
N PRO M 73 8.92 -114.65 6.54
CA PRO M 73 8.07 -115.82 6.35
C PRO M 73 6.91 -115.82 7.34
N GLU M 74 5.77 -116.32 6.88
CA GLU M 74 4.61 -116.43 7.75
C GLU M 74 4.89 -117.42 8.87
N GLY M 75 4.48 -117.09 10.07
CA GLY M 75 4.71 -117.94 11.22
C GLY M 75 4.72 -117.14 12.50
N TYR M 76 5.45 -117.64 13.48
CA TYR M 76 5.50 -117.05 14.81
C TYR M 76 6.84 -116.37 15.02
N TYR M 77 6.79 -115.15 15.55
CA TYR M 77 7.99 -114.38 15.91
C TYR M 77 7.94 -114.07 17.40
N ASN M 78 9.09 -113.77 17.98
CA ASN M 78 9.17 -113.55 19.42
C ASN M 78 9.37 -112.08 19.75
N TRP M 79 8.87 -111.68 20.91
CA TRP M 79 9.08 -110.34 21.44
C TRP M 79 8.96 -110.42 22.96
N HIS M 80 9.18 -109.28 23.62
CA HIS M 80 9.36 -109.27 25.07
C HIS M 80 8.15 -109.81 25.82
N HIS M 81 6.96 -109.74 25.22
CA HIS M 81 5.75 -110.21 25.88
C HIS M 81 5.19 -111.48 25.25
N GLY M 82 5.94 -112.15 24.37
CA GLY M 82 5.48 -113.43 23.88
C GLY M 82 5.67 -113.67 22.40
N ALA M 83 4.63 -114.14 21.73
CA ALA M 83 4.69 -114.50 20.33
C ALA M 83 3.72 -113.67 19.50
N VAL M 84 4.11 -113.44 18.25
CA VAL M 84 3.35 -112.65 17.29
C VAL M 84 3.13 -113.49 16.04
N GLN M 85 1.89 -113.51 15.56
CA GLN M 85 1.54 -114.25 14.36
C GLN M 85 1.71 -113.35 13.14
N TYR M 86 2.24 -113.91 12.06
CA TYR M 86 2.39 -113.17 10.80
C TYR M 86 1.23 -113.57 9.89
N SER M 87 0.20 -112.74 9.86
CA SER M 87 -1.01 -113.02 9.08
C SER M 87 -0.83 -112.49 7.65
N GLY M 88 0.16 -113.04 6.96
CA GLY M 88 0.41 -112.68 5.59
C GLY M 88 0.77 -111.22 5.38
N GLY M 89 1.64 -110.67 6.20
CA GLY M 89 2.02 -109.27 6.13
C GLY M 89 1.55 -108.43 7.31
N ARG M 90 0.90 -109.02 8.30
CA ARG M 90 0.37 -108.29 9.44
C ARG M 90 0.81 -108.97 10.72
N PHE M 91 1.17 -108.16 11.72
CA PHE M 91 1.56 -108.67 13.03
C PHE M 91 0.36 -108.62 13.96
N THR M 92 0.04 -109.77 14.56
CA THR M 92 -1.11 -109.88 15.44
C THR M 92 -0.71 -110.59 16.73
N ILE M 93 -1.16 -110.06 17.86
CA ILE M 93 -0.80 -110.55 19.18
C ILE M 93 -2.08 -110.73 19.99
N PRO M 94 -2.06 -111.56 21.03
CA PRO M 94 -3.23 -111.59 21.92
C PRO M 94 -3.33 -110.30 22.72
N THR M 95 -4.58 -109.89 22.99
CA THR M 95 -4.83 -108.58 23.59
C THR M 95 -4.25 -108.47 25.00
N GLY M 96 -3.98 -109.59 25.67
CA GLY M 96 -3.44 -109.54 27.01
C GLY M 96 -1.99 -109.15 27.11
N ALA M 97 -1.27 -109.10 25.99
CA ALA M 97 0.15 -108.73 25.97
C ALA M 97 0.37 -107.27 25.60
N GLY M 98 -0.63 -106.60 25.05
CA GLY M 98 -0.45 -105.22 24.65
C GLY M 98 -0.93 -104.24 25.72
N LYS M 99 -0.08 -103.27 26.03
CA LYS M 99 -0.36 -102.22 26.98
C LYS M 99 -0.08 -100.89 26.31
N PRO M 100 -0.42 -99.76 26.95
CA PRO M 100 0.07 -98.47 26.46
C PRO M 100 1.45 -98.17 27.02
N GLY M 101 2.23 -97.43 26.24
CA GLY M 101 3.55 -97.00 26.67
C GLY M 101 4.66 -98.00 26.43
N ASP M 102 4.38 -99.13 25.80
CA ASP M 102 5.38 -100.16 25.54
C ASP M 102 5.95 -100.06 24.13
N SER M 103 5.65 -98.99 23.41
CA SER M 103 6.14 -98.83 22.05
C SER M 103 7.67 -98.71 22.05
N GLY M 104 8.28 -99.16 20.97
CA GLY M 104 9.73 -99.19 20.86
C GLY M 104 10.34 -100.57 21.05
N ARG M 105 9.56 -101.55 21.51
CA ARG M 105 10.09 -102.88 21.69
C ARG M 105 10.31 -103.53 20.33
N PRO M 106 11.53 -103.94 20.01
CA PRO M 106 11.78 -104.61 18.72
C PRO M 106 11.21 -106.02 18.72
N ILE M 107 10.97 -106.52 17.51
CA ILE M 107 10.48 -107.87 17.28
C ILE M 107 11.57 -108.64 16.54
N PHE M 108 11.83 -109.86 16.99
CA PHE M 108 12.87 -110.71 16.42
C PHE M 108 12.24 -111.95 15.81
N ASP M 109 12.98 -112.60 14.91
CA ASP M 109 12.59 -113.91 14.42
C ASP M 109 13.34 -114.97 15.22
N ASN M 110 13.26 -116.22 14.79
CA ASN M 110 13.92 -117.31 15.49
C ASN M 110 15.44 -117.29 15.36
N LYS M 111 15.99 -116.46 14.47
CA LYS M 111 17.43 -116.24 14.39
C LYS M 111 17.90 -115.05 15.22
N GLY M 112 17.01 -114.39 15.95
CA GLY M 112 17.38 -113.24 16.73
C GLY M 112 17.55 -111.95 15.95
N ARG M 113 17.11 -111.93 14.70
CA ARG M 113 17.26 -110.75 13.84
C ARG M 113 16.04 -109.84 13.95
N VAL M 114 16.28 -108.54 14.05
CA VAL M 114 15.21 -107.57 14.22
C VAL M 114 14.48 -107.40 12.90
N VAL M 115 13.16 -107.50 12.94
CA VAL M 115 12.34 -107.30 11.75
C VAL M 115 11.52 -106.02 11.82
N ALA M 116 10.96 -105.68 12.97
CA ALA M 116 10.08 -104.53 13.05
C ALA M 116 9.98 -104.05 14.49
N ILE M 117 9.52 -102.81 14.66
CA ILE M 117 9.35 -102.18 15.96
C ILE M 117 7.89 -101.76 16.11
N VAL M 118 7.25 -102.22 17.18
CA VAL M 118 5.82 -102.01 17.36
C VAL M 118 5.55 -100.56 17.75
N LEU M 119 4.52 -99.98 17.14
CA LEU M 119 4.03 -98.67 17.56
C LEU M 119 2.73 -98.76 18.34
N GLY M 120 1.79 -99.59 17.88
CA GLY M 120 0.52 -99.71 18.56
C GLY M 120 -0.25 -100.90 18.03
N GLY M 121 -1.55 -100.92 18.32
CA GLY M 121 -2.37 -102.03 17.84
C GLY M 121 -3.84 -101.72 17.98
N ALA M 122 -4.63 -102.47 17.21
CA ALA M 122 -6.08 -102.32 17.16
C ALA M 122 -6.73 -103.66 17.49
N ASN M 123 -7.77 -103.61 18.32
CA ASN M 123 -8.44 -104.81 18.82
C ASN M 123 -9.44 -105.30 17.79
N GLU M 124 -9.21 -106.49 17.25
CA GLU M 124 -10.15 -107.18 16.38
C GLU M 124 -10.48 -108.53 17.04
N GLY M 125 -11.74 -108.71 17.41
CA GLY M 125 -12.14 -109.95 18.05
C GLY M 125 -11.37 -110.18 19.35
N ALA M 126 -10.75 -111.34 19.45
CA ALA M 126 -9.94 -111.70 20.61
C ALA M 126 -8.46 -111.42 20.40
N ARG M 127 -8.08 -110.73 19.33
CA ARG M 127 -6.70 -110.44 19.03
C ARG M 127 -6.50 -108.94 18.80
N THR M 128 -5.25 -108.55 18.56
CA THR M 128 -4.89 -107.17 18.31
C THR M 128 -3.86 -107.12 17.20
N ALA M 129 -4.21 -106.47 16.09
CA ALA M 129 -3.28 -106.28 14.98
C ALA M 129 -2.32 -105.15 15.29
N LEU M 130 -1.08 -105.30 14.89
CA LEU M 130 -0.02 -104.38 15.28
C LEU M 130 0.26 -103.36 14.19
N SER M 131 0.13 -102.08 14.54
CA SER M 131 0.65 -100.98 13.74
C SER M 131 2.13 -100.87 14.05
N VAL M 132 2.96 -101.16 13.03
CA VAL M 132 4.37 -101.46 13.21
C VAL M 132 5.16 -100.75 12.11
N VAL M 133 6.47 -100.66 12.30
CA VAL M 133 7.37 -100.10 11.30
C VAL M 133 8.41 -101.15 10.96
N THR M 134 8.55 -101.45 9.67
CA THR M 134 9.54 -102.41 9.19
C THR M 134 10.29 -101.80 8.01
N TRP M 135 11.10 -102.60 7.34
CA TRP M 135 11.90 -102.08 6.25
C TRP M 135 12.12 -103.14 5.18
N ASN M 136 11.92 -102.72 3.94
CA ASN M 136 12.40 -103.37 2.73
C ASN M 136 13.81 -102.82 2.48
N LYS M 137 14.55 -103.45 1.58
CA LYS M 137 15.91 -102.99 1.29
C LYS M 137 15.91 -101.51 0.94
N ASP M 138 16.54 -100.71 1.79
CA ASP M 138 16.72 -99.27 1.64
C ASP M 138 15.43 -98.48 1.74
N ILE M 139 14.35 -99.10 2.22
CA ILE M 139 13.05 -98.45 2.31
C ILE M 139 12.42 -98.76 3.66
N VAL M 140 11.87 -97.74 4.31
CA VAL M 140 11.15 -97.92 5.57
C VAL M 140 9.66 -97.82 5.31
N THR M 141 8.88 -98.73 5.89
CA THR M 141 7.45 -98.80 5.65
C THR M 141 6.71 -98.92 6.98
N LYS M 142 5.64 -98.15 7.12
CA LYS M 142 4.74 -98.24 8.26
C LYS M 142 3.51 -99.03 7.86
N ILE M 143 3.27 -100.15 8.53
CA ILE M 143 2.09 -100.98 8.31
C ILE M 143 1.14 -100.73 9.48
N THR M 144 0.03 -100.06 9.21
CA THR M 144 -0.90 -99.65 10.25
C THR M 144 -2.30 -100.14 9.91
N PRO M 145 -2.95 -100.90 10.78
CA PRO M 145 -4.36 -101.22 10.56
C PRO M 145 -5.35 -100.20 11.14
N GLU M 146 -6.49 -100.09 10.49
CA GLU M 146 -7.45 -99.04 10.83
C GLU M 146 -8.00 -99.26 12.24
N GLY M 147 -8.18 -98.17 12.97
CA GLY M 147 -8.66 -98.21 14.33
C GLY M 147 -7.60 -98.33 15.40
N ALA M 148 -6.31 -98.35 15.03
CA ALA M 148 -5.26 -98.49 16.03
C ALA M 148 -4.98 -97.16 16.72
N GLU M 149 -4.95 -97.19 18.04
CA GLU M 149 -4.53 -96.05 18.84
C GLU M 149 -3.09 -96.24 19.27
N GLU M 150 -2.41 -95.13 19.54
CA GLU M 150 -0.97 -95.19 19.67
C GLU M 150 -0.61 -95.51 21.14
N TRP M 151 0.27 -96.49 21.33
CA TRP M 151 0.65 -96.95 22.66
C TRP M 151 1.77 -96.12 23.30
N ASN N 1 -33.11 -111.70 46.29
CA ASN N 1 -32.36 -112.05 45.08
C ASN N 1 -33.24 -111.96 43.83
N ASP N 2 -32.59 -111.72 42.69
CA ASP N 2 -33.24 -111.74 41.38
C ASP N 2 -34.43 -110.78 41.31
N CYS N 3 -34.25 -109.58 41.86
CA CYS N 3 -35.20 -108.49 41.69
C CYS N 3 -34.66 -107.44 40.71
N ILE N 4 -33.79 -107.85 39.79
CA ILE N 4 -33.09 -106.94 38.89
C ILE N 4 -33.63 -107.17 37.49
N PHE N 5 -34.04 -106.08 36.83
CA PHE N 5 -34.52 -106.12 35.45
C PHE N 5 -33.53 -105.42 34.54
N GLU N 6 -33.22 -106.05 33.42
CA GLU N 6 -32.19 -105.57 32.52
C GLU N 6 -32.67 -104.41 31.65
N VAL N 7 -31.79 -103.43 31.46
CA VAL N 7 -32.11 -102.31 30.59
C VAL N 7 -31.28 -102.55 29.37
N LYS N 8 -31.93 -102.84 28.27
CA LYS N 8 -31.19 -103.18 27.07
C LYS N 8 -31.25 -102.08 26.04
N HIS N 9 -30.10 -101.68 25.51
CA HIS N 9 -30.10 -100.70 24.43
C HIS N 9 -30.35 -101.49 23.19
N GLU N 10 -30.26 -100.84 22.04
CA GLU N 10 -30.60 -101.52 20.81
C GLU N 10 -29.73 -102.74 20.57
N GLY N 11 -28.44 -102.65 20.85
CA GLY N 11 -27.57 -103.77 20.55
C GLY N 11 -26.83 -104.37 21.71
N LYS N 12 -27.12 -103.95 22.92
CA LYS N 12 -26.40 -104.43 24.10
C LYS N 12 -27.15 -104.01 25.35
N VAL N 13 -26.74 -104.60 26.48
CA VAL N 13 -27.24 -104.20 27.78
C VAL N 13 -26.47 -102.97 28.26
N THR N 14 -27.20 -101.93 28.65
CA THR N 14 -26.57 -100.69 29.12
C THR N 14 -26.72 -100.44 30.60
N GLY N 15 -27.76 -100.98 31.24
CA GLY N 15 -27.97 -100.68 32.64
C GLY N 15 -28.90 -101.69 33.27
N TYR N 16 -29.30 -101.38 34.50
CA TYR N 16 -30.10 -102.28 35.32
C TYR N 16 -31.09 -101.49 36.16
N ALA N 17 -32.34 -101.94 36.16
CA ALA N 17 -33.41 -101.32 36.92
C ALA N 17 -33.86 -102.26 38.03
N CYS N 18 -34.22 -101.68 39.17
CA CYS N 18 -34.52 -102.47 40.36
C CYS N 18 -35.83 -102.04 40.99
N LEU N 19 -36.50 -102.99 41.64
CA LEU N 19 -37.75 -102.73 42.33
C LEU N 19 -37.45 -102.52 43.81
N VAL N 20 -37.55 -101.28 44.27
CA VAL N 20 -37.31 -100.95 45.67
C VAL N 20 -38.61 -100.39 46.24
N GLY N 21 -39.08 -101.00 47.32
CA GLY N 21 -40.32 -100.54 47.93
C GLY N 21 -41.46 -100.61 46.96
N ASP N 22 -42.11 -99.47 46.75
CA ASP N 22 -43.23 -99.37 45.84
C ASP N 22 -42.84 -98.80 44.48
N LYS N 23 -41.56 -98.62 44.20
CA LYS N 23 -41.14 -97.94 42.98
C LYS N 23 -40.02 -98.70 42.28
N VAL N 24 -40.06 -98.65 40.95
CA VAL N 24 -38.98 -99.13 40.11
C VAL N 24 -38.05 -97.97 39.82
N MET N 25 -36.76 -98.18 40.06
CA MET N 25 -35.76 -97.14 39.91
C MET N 25 -34.71 -97.59 38.91
N LYS N 26 -34.24 -96.65 38.10
CA LYS N 26 -33.19 -96.88 37.12
C LYS N 26 -32.27 -95.66 37.08
N PRO N 27 -31.02 -95.84 36.70
CA PRO N 27 -30.13 -94.69 36.52
C PRO N 27 -30.55 -93.90 35.30
N ALA N 28 -30.77 -92.59 35.50
CA ALA N 28 -31.27 -91.74 34.43
C ALA N 28 -30.26 -91.56 33.30
N HIS N 29 -29.00 -91.92 33.52
CA HIS N 29 -27.99 -91.78 32.48
C HIS N 29 -27.96 -92.97 31.53
N VAL N 30 -28.64 -94.06 31.86
CA VAL N 30 -28.63 -95.28 31.06
C VAL N 30 -29.70 -95.14 29.98
N LYS N 31 -29.28 -95.28 28.72
CA LYS N 31 -30.18 -95.20 27.58
C LYS N 31 -30.51 -96.62 27.12
N GLY N 32 -31.79 -96.94 27.06
CA GLY N 32 -32.19 -98.28 26.66
C GLY N 32 -33.65 -98.50 26.96
N THR N 33 -34.07 -99.75 26.80
CA THR N 33 -35.44 -100.17 27.03
C THR N 33 -35.50 -101.18 28.16
N ILE N 34 -36.53 -101.04 29.01
CA ILE N 34 -36.75 -102.01 30.08
C ILE N 34 -37.10 -103.36 29.48
N ASP N 35 -36.57 -104.43 30.09
CA ASP N 35 -36.83 -105.77 29.59
C ASP N 35 -38.31 -106.10 29.60
N ASN N 36 -39.02 -105.72 30.65
CA ASN N 36 -40.43 -106.05 30.79
C ASN N 36 -41.25 -105.00 30.05
N ALA N 37 -42.23 -105.45 29.27
CA ALA N 37 -43.05 -104.52 28.48
C ALA N 37 -43.95 -103.67 29.36
N ASP N 38 -44.53 -104.25 30.42
CA ASP N 38 -45.42 -103.48 31.28
C ASP N 38 -44.69 -102.36 32.01
N LEU N 39 -43.38 -102.51 32.21
CA LEU N 39 -42.59 -101.44 32.81
C LEU N 39 -41.96 -100.52 31.77
N ALA N 40 -41.57 -101.04 30.61
CA ALA N 40 -41.05 -100.18 29.55
C ALA N 40 -42.11 -99.20 29.07
N LYS N 41 -43.36 -99.64 28.93
CA LYS N 41 -44.48 -98.81 28.55
C LYS N 41 -44.86 -97.81 29.64
N LEU N 42 -44.76 -98.20 30.91
CA LEU N 42 -45.31 -97.44 32.02
C LEU N 42 -44.71 -96.03 32.05
N ALA N 43 -45.58 -95.02 32.13
CA ALA N 43 -45.14 -93.64 32.07
C ALA N 43 -44.13 -93.36 33.17
N PHE N 44 -43.00 -92.78 32.78
CA PHE N 44 -41.79 -92.92 33.57
C PHE N 44 -41.19 -91.52 33.77
N LYS N 45 -40.64 -91.27 34.95
CA LYS N 45 -40.34 -89.91 35.40
C LYS N 45 -38.84 -89.73 35.62
N ARG N 46 -38.34 -88.51 35.40
CA ARG N 46 -36.91 -88.27 35.28
C ARG N 46 -36.47 -87.17 36.26
N SER N 47 -35.36 -87.38 36.96
CA SER N 47 -34.77 -86.33 37.77
C SER N 47 -33.25 -86.35 37.57
N SER N 48 -32.72 -85.28 36.97
CA SER N 48 -31.29 -85.21 36.68
C SER N 48 -30.47 -84.70 37.85
N LYS N 49 -31.10 -84.09 38.85
CA LYS N 49 -30.35 -83.61 40.00
C LYS N 49 -29.68 -84.77 40.74
N TYR N 50 -30.41 -85.88 40.93
CA TYR N 50 -29.86 -87.07 41.55
C TYR N 50 -29.55 -88.16 40.53
N ASP N 51 -29.66 -87.85 39.24
CA ASP N 51 -29.40 -88.79 38.16
C ASP N 51 -30.20 -90.07 38.40
N LEU N 52 -31.48 -89.91 38.68
CA LEU N 52 -32.32 -91.05 39.05
C LEU N 52 -33.60 -90.97 38.23
N GLU N 53 -34.20 -92.13 38.01
CA GLU N 53 -35.20 -92.30 36.96
C GLU N 53 -36.25 -93.23 37.56
N CYS N 54 -37.42 -92.69 37.92
CA CYS N 54 -38.37 -93.41 38.78
C CYS N 54 -39.66 -93.74 38.05
N ALA N 55 -40.34 -94.78 38.55
CA ALA N 55 -41.73 -95.00 38.24
C ALA N 55 -42.35 -95.77 39.40
N GLN N 56 -43.68 -95.73 39.48
CA GLN N 56 -44.39 -96.46 40.51
C GLN N 56 -44.66 -97.89 40.07
N ILE N 57 -44.32 -98.84 40.95
CA ILE N 57 -44.44 -100.26 40.64
C ILE N 57 -45.91 -100.62 40.50
N PRO N 58 -46.30 -101.37 39.46
CA PRO N 58 -47.64 -101.95 39.43
C PRO N 58 -47.76 -103.07 40.47
N VAL N 59 -47.96 -102.69 41.73
CA VAL N 59 -47.83 -103.62 42.85
C VAL N 59 -48.83 -104.76 42.78
N HIS N 60 -49.87 -104.64 41.95
CA HIS N 60 -50.83 -105.74 41.83
C HIS N 60 -50.20 -106.99 41.24
N MET N 61 -49.18 -106.83 40.40
CA MET N 61 -48.52 -107.96 39.77
C MET N 61 -47.00 -107.94 39.91
N LYS N 62 -46.45 -107.02 40.71
CA LYS N 62 -45.05 -107.04 41.16
C LYS N 62 -45.04 -106.99 42.69
N SER N 63 -45.13 -108.16 43.31
CA SER N 63 -45.07 -108.29 44.76
C SER N 63 -43.69 -108.76 45.23
N ASP N 64 -42.72 -108.85 44.33
CA ASP N 64 -41.38 -109.31 44.66
C ASP N 64 -40.39 -108.17 44.83
N ALA N 65 -40.87 -106.95 44.94
CA ALA N 65 -39.99 -105.80 45.09
C ALA N 65 -39.17 -105.92 46.37
N SER N 66 -37.91 -105.50 46.29
CA SER N 66 -37.01 -105.61 47.43
C SER N 66 -37.36 -104.59 48.50
N LYS N 67 -37.00 -104.92 49.74
CA LYS N 67 -37.21 -104.03 50.86
C LYS N 67 -35.95 -103.18 51.11
N PHE N 68 -36.15 -102.03 51.74
CA PHE N 68 -35.09 -101.03 51.85
C PHE N 68 -34.89 -100.63 53.30
N THR N 69 -33.85 -99.83 53.52
CA THR N 69 -33.53 -99.29 54.84
C THR N 69 -32.55 -98.13 54.68
N HIS N 70 -32.85 -97.03 55.36
CA HIS N 70 -32.03 -95.83 55.26
C HIS N 70 -30.86 -95.81 56.23
N GLU N 71 -30.78 -96.75 57.17
CA GLU N 71 -29.66 -96.78 58.10
C GLU N 71 -28.39 -97.23 57.39
N LYS N 72 -27.28 -96.58 57.72
CA LYS N 72 -25.98 -96.88 57.13
C LYS N 72 -24.93 -97.05 58.22
N PRO N 73 -25.00 -98.15 58.97
CA PRO N 73 -23.92 -98.43 59.92
C PRO N 73 -22.63 -98.79 59.22
N GLU N 74 -21.52 -98.50 59.90
CA GLU N 74 -20.19 -98.78 59.37
C GLU N 74 -20.03 -100.28 59.11
N GLY N 75 -19.36 -100.63 58.02
CA GLY N 75 -18.98 -102.03 57.85
C GLY N 75 -19.28 -102.55 56.46
N TYR N 76 -19.45 -103.87 56.38
CA TYR N 76 -19.47 -104.59 55.12
C TYR N 76 -20.90 -104.82 54.63
N TYR N 77 -21.07 -104.75 53.31
CA TYR N 77 -22.37 -104.95 52.67
C TYR N 77 -22.17 -105.76 51.40
N ASN N 78 -23.27 -106.16 50.74
CA ASN N 78 -23.19 -106.98 49.51
C ASN N 78 -23.52 -106.28 48.18
N TRP N 79 -22.70 -106.49 47.15
CA TRP N 79 -22.89 -105.82 45.86
C TRP N 79 -23.07 -106.70 44.61
N HIS N 80 -23.45 -107.96 44.77
CA HIS N 80 -23.54 -108.87 43.61
C HIS N 80 -22.20 -109.00 42.91
N HIS N 81 -21.16 -108.42 43.48
CA HIS N 81 -19.81 -108.55 42.94
C HIS N 81 -18.75 -108.67 44.02
N GLY N 82 -19.15 -108.94 45.25
CA GLY N 82 -18.21 -109.01 46.35
C GLY N 82 -18.73 -108.18 47.51
N ALA N 83 -17.84 -107.91 48.45
CA ALA N 83 -18.19 -107.12 49.62
C ALA N 83 -17.76 -105.67 49.44
N VAL N 84 -18.67 -104.76 49.76
CA VAL N 84 -18.40 -103.33 49.75
C VAL N 84 -18.14 -102.91 51.19
N GLN N 85 -17.11 -102.10 51.39
CA GLN N 85 -16.82 -101.59 52.72
C GLN N 85 -17.33 -100.16 52.81
N TYR N 86 -18.39 -99.97 53.58
CA TYR N 86 -18.93 -98.64 53.87
C TYR N 86 -18.13 -98.06 55.03
N SER N 87 -17.28 -97.09 54.72
CA SER N 87 -16.41 -96.46 55.69
C SER N 87 -16.57 -94.95 55.57
N GLY N 88 -16.66 -94.29 56.73
CA GLY N 88 -16.93 -92.86 56.72
C GLY N 88 -18.24 -92.59 56.00
N GLY N 89 -18.19 -91.67 55.04
CA GLY N 89 -19.35 -91.40 54.21
C GLY N 89 -19.18 -91.94 52.80
N ARG N 90 -18.34 -92.96 52.64
CA ARG N 90 -17.99 -93.49 51.33
C ARG N 90 -18.16 -95.00 51.30
N PHE N 91 -18.30 -95.52 50.08
CA PHE N 91 -18.26 -96.96 49.83
C PHE N 91 -16.99 -97.28 49.06
N THR N 92 -16.30 -98.34 49.46
CA THR N 92 -15.07 -98.77 48.83
C THR N 92 -15.26 -100.18 48.28
N ILE N 93 -14.73 -100.43 47.09
CA ILE N 93 -14.92 -101.69 46.39
C ILE N 93 -13.57 -102.14 45.85
N PRO N 94 -13.32 -103.44 45.78
CA PRO N 94 -12.14 -103.93 45.06
C PRO N 94 -12.18 -103.46 43.60
N THR N 95 -11.03 -102.98 43.11
CA THR N 95 -11.01 -102.25 41.85
C THR N 95 -11.50 -103.10 40.68
N GLY N 96 -11.30 -104.41 40.73
CA GLY N 96 -11.71 -105.28 39.65
C GLY N 96 -13.12 -105.78 39.70
N ALA N 97 -13.93 -105.35 40.66
CA ALA N 97 -15.28 -105.88 40.81
C ALA N 97 -16.29 -105.22 39.89
N GLY N 98 -16.18 -103.91 39.67
CA GLY N 98 -17.16 -103.20 38.87
C GLY N 98 -16.66 -102.84 37.49
N LYS N 99 -17.59 -102.72 36.55
CA LYS N 99 -17.30 -102.31 35.19
C LYS N 99 -18.38 -101.37 34.68
N PRO N 100 -18.03 -100.36 33.88
CA PRO N 100 -19.04 -99.56 33.20
C PRO N 100 -20.13 -100.41 32.57
N GLY N 101 -21.34 -99.88 32.56
CA GLY N 101 -22.50 -100.60 32.07
C GLY N 101 -23.18 -101.48 33.09
N ASP N 102 -22.62 -101.59 34.29
CA ASP N 102 -23.21 -102.37 35.37
C ASP N 102 -23.96 -101.51 36.37
N SER N 103 -24.19 -100.24 36.06
CA SER N 103 -24.88 -99.35 36.99
C SER N 103 -26.33 -99.78 37.17
N GLY N 104 -26.87 -99.46 38.35
CA GLY N 104 -28.24 -99.81 38.69
C GLY N 104 -28.37 -100.99 39.63
N ARG N 105 -27.28 -101.70 39.91
CA ARG N 105 -27.36 -102.82 40.84
C ARG N 105 -27.35 -102.31 42.27
N PRO N 106 -28.34 -102.64 43.08
CA PRO N 106 -28.40 -102.11 44.44
C PRO N 106 -27.35 -102.76 45.34
N ILE N 107 -27.11 -102.10 46.47
CA ILE N 107 -26.25 -102.61 47.53
C ILE N 107 -27.14 -103.18 48.62
N PHE N 108 -26.85 -104.40 49.04
CA PHE N 108 -27.65 -105.09 50.06
C PHE N 108 -26.94 -105.01 51.40
N ASP N 109 -27.73 -104.89 52.46
CA ASP N 109 -27.20 -105.05 53.81
C ASP N 109 -27.17 -106.54 54.14
N ASN N 110 -26.75 -106.87 55.37
CA ASN N 110 -26.70 -108.27 55.78
C ASN N 110 -28.08 -108.89 55.95
N LYS N 111 -29.14 -108.08 55.96
CA LYS N 111 -30.51 -108.57 56.08
C LYS N 111 -31.21 -108.71 54.74
N GLY N 112 -30.50 -108.50 53.62
CA GLY N 112 -31.12 -108.55 52.32
C GLY N 112 -31.88 -107.30 51.92
N ARG N 113 -31.66 -106.19 52.60
CA ARG N 113 -32.37 -104.95 52.33
C ARG N 113 -31.48 -104.02 51.51
N VAL N 114 -32.10 -103.31 50.58
CA VAL N 114 -31.37 -102.35 49.75
C VAL N 114 -31.04 -101.12 50.59
N VAL N 115 -29.77 -100.72 50.56
CA VAL N 115 -29.30 -99.53 51.26
C VAL N 115 -28.97 -98.40 50.30
N ALA N 116 -28.35 -98.72 49.18
CA ALA N 116 -27.95 -97.69 48.21
C ALA N 116 -27.92 -98.32 46.83
N ILE N 117 -27.89 -97.44 45.82
CA ILE N 117 -27.85 -97.84 44.42
C ILE N 117 -26.60 -97.25 43.80
N VAL N 118 -25.79 -98.11 43.17
CA VAL N 118 -24.55 -97.62 42.55
C VAL N 118 -24.88 -96.91 41.25
N LEU N 119 -24.51 -95.64 41.17
CA LEU N 119 -24.58 -94.88 39.93
C LEU N 119 -23.27 -94.81 39.20
N GLY N 120 -22.15 -95.03 39.88
CA GLY N 120 -20.87 -95.06 39.21
C GLY N 120 -19.75 -95.26 40.20
N GLY N 121 -18.55 -94.95 39.76
CA GLY N 121 -17.38 -95.15 40.60
C GLY N 121 -16.27 -94.22 40.20
N ALA N 122 -15.19 -94.30 40.95
CA ALA N 122 -13.97 -93.54 40.71
C ALA N 122 -12.78 -94.47 40.87
N ASN N 123 -11.94 -94.52 39.85
CA ASN N 123 -10.68 -95.25 39.93
C ASN N 123 -9.88 -94.64 41.07
N GLU N 124 -9.75 -95.38 42.16
CA GLU N 124 -9.32 -94.81 43.43
C GLU N 124 -7.90 -95.25 43.77
N GLY N 125 -7.35 -96.21 43.02
CA GLY N 125 -6.02 -96.73 43.29
C GLY N 125 -6.03 -98.18 43.76
N ALA N 126 -5.72 -98.42 45.03
CA ALA N 126 -5.81 -99.76 45.56
C ALA N 126 -7.25 -100.25 45.64
N ARG N 127 -8.21 -99.34 45.55
CA ARG N 127 -9.62 -99.66 45.55
C ARG N 127 -10.31 -98.85 44.47
N THR N 128 -11.63 -98.85 44.50
CA THR N 128 -12.44 -97.91 43.73
C THR N 128 -13.50 -97.32 44.66
N ALA N 129 -13.71 -96.01 44.54
CA ALA N 129 -14.73 -95.35 45.34
C ALA N 129 -16.06 -95.48 44.62
N LEU N 130 -17.13 -95.70 45.37
CA LEU N 130 -18.43 -95.98 44.76
C LEU N 130 -19.36 -94.79 44.92
N SER N 131 -19.71 -94.16 43.80
CA SER N 131 -20.65 -93.05 43.79
C SER N 131 -22.06 -93.61 43.69
N VAL N 132 -22.85 -93.42 44.74
CA VAL N 132 -24.12 -94.11 44.90
C VAL N 132 -25.24 -93.11 45.13
N VAL N 133 -26.46 -93.62 45.11
CA VAL N 133 -27.63 -92.87 45.54
C VAL N 133 -28.23 -93.57 46.74
N THR N 134 -28.25 -92.89 47.88
CA THR N 134 -28.81 -93.43 49.11
C THR N 134 -29.95 -92.53 49.56
N TRP N 135 -30.50 -92.82 50.72
CA TRP N 135 -31.61 -92.02 51.23
C TRP N 135 -31.52 -91.90 52.75
N ASN N 136 -32.02 -90.79 53.25
CA ASN N 136 -32.27 -90.61 54.67
C ASN N 136 -33.68 -91.08 54.97
N LYS N 137 -34.19 -90.73 56.16
CA LYS N 137 -35.52 -91.17 56.55
C LYS N 137 -36.60 -90.70 55.57
N ASP N 138 -36.43 -89.53 54.96
CA ASP N 138 -37.47 -88.93 54.12
C ASP N 138 -36.99 -88.49 52.76
N ILE N 139 -35.68 -88.33 52.55
CA ILE N 139 -35.16 -87.73 51.33
C ILE N 139 -34.06 -88.61 50.76
N VAL N 140 -33.81 -88.45 49.46
CA VAL N 140 -32.68 -89.11 48.82
C VAL N 140 -31.51 -88.15 48.75
N THR N 141 -30.30 -88.72 48.65
CA THR N 141 -29.08 -87.96 48.46
C THR N 141 -28.17 -88.79 47.55
N LYS N 142 -27.24 -88.11 46.88
CA LYS N 142 -26.27 -88.78 46.02
C LYS N 142 -24.88 -88.52 46.56
N ILE N 143 -24.11 -89.59 46.71
CA ILE N 143 -22.73 -89.53 47.19
C ILE N 143 -21.83 -89.67 45.97
N THR N 144 -21.05 -88.62 45.69
CA THR N 144 -20.17 -88.56 44.53
C THR N 144 -18.74 -88.31 45.00
N PRO N 145 -17.94 -89.36 45.18
CA PRO N 145 -16.51 -89.14 45.45
C PRO N 145 -15.84 -88.42 44.29
N GLU N 146 -14.84 -87.62 44.60
CA GLU N 146 -14.15 -86.83 43.59
C GLU N 146 -13.48 -87.73 42.56
N GLY N 147 -13.51 -87.30 41.30
CA GLY N 147 -12.93 -88.08 40.22
C GLY N 147 -13.83 -89.15 39.66
N ALA N 148 -15.06 -89.27 40.15
CA ALA N 148 -15.94 -90.32 39.67
C ALA N 148 -16.39 -90.05 38.24
N GLU N 149 -16.13 -91.01 37.36
CA GLU N 149 -16.60 -90.94 35.99
C GLU N 149 -17.87 -91.77 35.84
N GLU N 150 -18.55 -91.57 34.73
CA GLU N 150 -19.88 -92.13 34.55
C GLU N 150 -19.81 -93.61 34.19
N TRP N 151 -20.77 -94.38 34.71
CA TRP N 151 -20.84 -95.81 34.46
C TRP N 151 -22.09 -96.17 33.67
N GLN O 26 -45.69 35.55 9.86
CA GLN O 26 -46.03 34.15 10.00
C GLN O 26 -46.21 33.77 11.47
N VAL O 27 -45.91 34.70 12.36
CA VAL O 27 -46.02 34.50 13.80
C VAL O 27 -46.99 35.51 14.37
N GLN O 28 -48.02 35.02 15.05
CA GLN O 28 -49.10 35.85 15.57
C GLN O 28 -49.00 35.92 17.10
N LEU O 29 -49.41 37.06 17.64
CA LEU O 29 -49.41 37.31 19.07
C LEU O 29 -50.81 37.67 19.54
N GLN O 30 -51.29 36.96 20.56
CA GLN O 30 -52.61 37.19 21.13
C GLN O 30 -52.47 37.66 22.57
N GLU O 31 -53.07 38.80 22.88
CA GLU O 31 -53.01 39.34 24.24
C GLU O 31 -54.21 38.87 25.06
N SER O 32 -54.05 38.86 26.37
CA SER O 32 -55.13 38.55 27.29
C SER O 32 -54.88 39.24 28.62
N GLY O 33 -55.97 39.79 29.18
CA GLY O 33 -55.90 40.47 30.45
C GLY O 33 -57.29 40.78 30.99
N PRO O 34 -57.36 41.18 32.25
CA PRO O 34 -58.67 41.49 32.85
C PRO O 34 -59.31 42.76 32.33
N GLY O 35 -58.53 43.70 31.82
CA GLY O 35 -59.08 44.94 31.30
C GLY O 35 -59.25 46.00 32.37
N LEU O 36 -59.91 45.64 33.47
CA LEU O 36 -60.16 46.56 34.57
C LEU O 36 -59.33 46.11 35.77
N VAL O 37 -58.52 47.02 36.30
CA VAL O 37 -57.74 46.76 37.49
C VAL O 37 -57.83 47.97 38.41
N LYS O 38 -58.06 47.73 39.69
CA LYS O 38 -58.14 48.81 40.66
C LYS O 38 -56.75 49.33 40.94
N PRO O 39 -56.62 50.53 41.48
CA PRO O 39 -55.28 51.04 41.83
C PRO O 39 -54.60 50.15 42.86
N SER O 40 -53.28 50.08 42.75
CA SER O 40 -52.33 49.59 43.76
C SER O 40 -52.14 48.07 43.84
N GLU O 41 -52.83 47.26 43.03
CA GLU O 41 -52.41 45.87 42.92
C GLU O 41 -51.50 45.69 41.71
N THR O 42 -51.39 44.43 41.27
CA THR O 42 -50.50 44.06 40.17
C THR O 42 -51.34 43.75 38.93
N LEU O 43 -51.10 44.49 37.85
CA LEU O 43 -51.69 44.18 36.56
C LEU O 43 -50.99 42.96 35.95
N SER O 44 -51.79 42.00 35.49
CA SER O 44 -51.27 40.76 34.91
C SER O 44 -51.73 40.68 33.46
N LEU O 45 -50.77 40.57 32.54
CA LEU O 45 -51.08 40.37 31.13
C LEU O 45 -50.38 39.12 30.63
N THR O 46 -51.10 38.30 29.86
CA THR O 46 -50.55 37.07 29.32
C THR O 46 -50.68 37.10 27.80
N CYS O 47 -49.57 36.85 27.11
CA CYS O 47 -49.51 37.05 25.67
C CYS O 47 -48.92 35.81 25.02
N THR O 48 -49.71 35.19 24.16
CA THR O 48 -49.47 33.87 23.62
C THR O 48 -49.01 33.97 22.16
N VAL O 49 -48.05 33.13 21.80
CA VAL O 49 -47.43 33.14 20.49
C VAL O 49 -47.92 31.93 19.71
N SER O 50 -48.44 32.17 18.50
CA SER O 50 -48.85 31.10 17.59
C SER O 50 -48.02 31.20 16.32
N GLY O 51 -47.78 30.06 15.68
CA GLY O 51 -46.92 30.00 14.53
C GLY O 51 -45.45 30.04 14.84
N GLY O 52 -45.07 29.89 16.10
CA GLY O 52 -43.67 29.93 16.48
C GLY O 52 -43.52 29.55 17.94
N SER O 53 -42.48 30.10 18.56
CA SER O 53 -42.25 29.86 19.98
C SER O 53 -41.32 30.91 20.54
N ILE O 54 -41.30 31.00 21.87
CA ILE O 54 -40.25 31.74 22.55
C ILE O 54 -38.90 31.07 22.33
N GLY O 55 -38.87 29.75 22.27
CA GLY O 55 -37.64 29.03 22.03
C GLY O 55 -37.25 28.97 20.57
N SER O 56 -37.69 29.95 19.80
CA SER O 56 -37.36 30.08 18.38
C SER O 56 -36.02 30.81 18.26
N SER O 57 -35.64 31.30 17.07
CA SER O 57 -34.31 31.85 16.82
C SER O 57 -34.02 33.08 17.67
N SER O 58 -32.83 33.65 17.45
CA SER O 58 -32.24 34.65 18.34
C SER O 58 -32.75 36.05 18.03
N TYR O 59 -33.59 36.59 18.90
CA TYR O 59 -34.20 37.89 18.73
C TYR O 59 -34.89 38.30 20.01
N TYR O 60 -35.71 39.35 19.93
CA TYR O 60 -36.34 39.97 21.09
C TYR O 60 -37.84 39.71 21.18
N TRP O 61 -38.33 39.65 22.40
CA TRP O 61 -39.73 39.86 22.79
C TRP O 61 -39.85 41.15 23.56
N GLY O 62 -41.06 41.71 23.60
CA GLY O 62 -41.24 42.89 24.43
C GLY O 62 -42.66 43.37 24.45
N TRP O 63 -42.90 44.40 25.25
CA TRP O 63 -44.22 45.03 25.39
C TRP O 63 -44.11 46.53 25.12
N ILE O 64 -45.17 47.08 24.52
CA ILE O 64 -45.24 48.50 24.18
C ILE O 64 -46.61 49.02 24.59
N ARG O 65 -46.64 50.12 25.34
CA ARG O 65 -47.92 50.68 25.77
C ARG O 65 -48.09 52.09 25.23
N GLN O 66 -49.35 52.45 24.98
CA GLN O 66 -49.71 53.76 24.47
C GLN O 66 -50.91 54.28 25.26
N PRO O 67 -50.73 55.34 26.05
CA PRO O 67 -51.88 55.97 26.68
C PRO O 67 -52.77 56.62 25.64
N PRO O 68 -54.09 56.62 25.86
CA PRO O 68 -55.00 57.15 24.84
C PRO O 68 -54.70 58.59 24.47
N GLY O 69 -54.49 58.83 23.19
CA GLY O 69 -54.20 60.16 22.69
C GLY O 69 -52.76 60.60 22.79
N LYS O 70 -51.89 59.76 23.38
CA LYS O 70 -50.49 60.10 23.56
C LYS O 70 -49.62 59.15 22.74
N GLY O 71 -48.31 59.34 22.84
CA GLY O 71 -47.36 58.49 22.17
C GLY O 71 -47.16 57.16 22.88
N LEU O 72 -46.41 56.28 22.22
CA LEU O 72 -46.17 54.94 22.76
C LEU O 72 -44.95 54.96 23.67
N GLN O 73 -45.02 54.14 24.73
CA GLN O 73 -43.97 54.05 25.73
C GLN O 73 -43.52 52.60 25.86
N TRP O 74 -42.20 52.39 25.94
CA TRP O 74 -41.66 51.05 26.06
C TRP O 74 -41.53 50.72 27.54
N ILE O 75 -42.03 49.56 27.95
CA ILE O 75 -42.05 49.21 29.36
C ILE O 75 -41.24 47.97 29.70
N GLY O 76 -40.79 47.20 28.72
CA GLY O 76 -39.96 46.04 29.02
C GLY O 76 -39.76 45.18 27.80
N SER O 77 -38.62 44.49 27.80
CA SER O 77 -38.29 43.55 26.73
C SER O 77 -37.53 42.38 27.31
N PHE O 78 -37.76 41.21 26.74
CA PHE O 78 -37.09 39.97 27.12
C PHE O 78 -36.22 39.52 25.96
N HIS O 79 -34.93 39.34 26.23
CA HIS O 79 -33.97 38.90 25.22
C HIS O 79 -33.95 37.39 25.15
N TYR O 80 -33.56 36.87 23.97
CA TYR O 80 -33.60 35.43 23.74
C TYR O 80 -32.67 34.67 24.67
N SER O 81 -31.60 35.29 25.14
CA SER O 81 -30.64 34.61 26.00
C SER O 81 -31.07 34.59 27.46
N GLY O 82 -32.24 35.15 27.79
CA GLY O 82 -32.72 35.22 29.16
C GLY O 82 -32.51 36.56 29.82
N THR O 83 -31.65 37.41 29.27
CA THR O 83 -31.48 38.75 29.80
C THR O 83 -32.76 39.56 29.58
N THR O 84 -33.16 40.32 30.59
CA THR O 84 -34.36 41.14 30.52
C THR O 84 -33.99 42.60 30.73
N TYR O 85 -34.49 43.46 29.84
CA TYR O 85 -34.26 44.90 29.93
C TYR O 85 -35.56 45.62 30.25
N TYR O 86 -35.46 46.66 31.07
CA TYR O 86 -36.62 47.41 31.50
C TYR O 86 -36.37 48.91 31.31
N ASN O 87 -37.46 49.64 31.14
CA ASN O 87 -37.39 51.09 31.14
C ASN O 87 -37.02 51.54 32.55
N PRO O 88 -35.96 52.33 32.73
CA PRO O 88 -35.52 52.68 34.09
C PRO O 88 -36.60 53.38 34.92
N SER O 89 -37.45 54.19 34.30
CA SER O 89 -38.46 54.93 35.05
C SER O 89 -39.55 54.03 35.62
N LEU O 90 -39.66 52.78 35.16
CA LEU O 90 -40.65 51.85 35.69
C LEU O 90 -40.07 50.51 36.14
N LYS O 91 -38.75 50.31 36.05
CA LYS O 91 -38.17 49.00 36.30
C LYS O 91 -38.42 48.51 37.71
N SER O 92 -38.71 49.40 38.65
CA SER O 92 -38.99 48.99 40.01
C SER O 92 -40.32 48.26 40.15
N ARG O 93 -41.17 48.31 39.13
CA ARG O 93 -42.51 47.74 39.22
C ARG O 93 -42.83 46.71 38.15
N VAL O 94 -42.11 46.71 37.03
CA VAL O 94 -42.46 45.85 35.89
C VAL O 94 -41.58 44.61 35.91
N THR O 95 -42.21 43.44 35.71
CA THR O 95 -41.50 42.18 35.64
C THR O 95 -42.02 41.36 34.46
N ILE O 96 -41.12 40.88 33.61
CA ILE O 96 -41.47 40.07 32.46
C ILE O 96 -41.05 38.63 32.73
N SER O 97 -41.94 37.70 32.42
CA SER O 97 -41.61 36.28 32.55
C SER O 97 -42.02 35.57 31.27
N VAL O 98 -41.45 34.38 31.07
CA VAL O 98 -41.79 33.55 29.92
C VAL O 98 -42.11 32.14 30.40
N ASP O 99 -42.82 31.40 29.57
CA ASP O 99 -43.20 30.03 29.87
C ASP O 99 -43.27 29.30 28.54
N THR O 100 -42.30 28.42 28.29
CA THR O 100 -42.26 27.67 27.04
C THR O 100 -43.16 26.43 27.06
N SER O 101 -43.62 26.01 28.24
CA SER O 101 -44.52 24.86 28.31
C SER O 101 -45.86 25.14 27.64
N LYS O 102 -46.47 26.28 27.93
CA LYS O 102 -47.68 26.71 27.26
C LYS O 102 -47.39 27.72 26.16
N ASN O 103 -46.11 28.07 25.96
CA ASN O 103 -45.66 28.89 24.84
C ASN O 103 -46.24 30.30 24.89
N HIS O 104 -45.90 31.04 25.93
CA HIS O 104 -46.33 32.43 26.06
C HIS O 104 -45.32 33.20 26.89
N PHE O 105 -45.53 34.51 27.01
CA PHE O 105 -44.85 35.31 28.01
C PHE O 105 -45.88 36.19 28.70
N SER O 106 -45.45 36.90 29.75
CA SER O 106 -46.38 37.59 30.62
C SER O 106 -45.71 38.78 31.28
N LEU O 107 -46.55 39.75 31.65
CA LEU O 107 -46.16 40.97 32.33
C LEU O 107 -46.87 41.10 33.65
N LYS O 108 -46.11 41.47 34.69
CA LYS O 108 -46.63 41.88 35.98
C LYS O 108 -46.25 43.33 36.22
N LEU O 109 -47.25 44.16 36.51
CA LEU O 109 -47.06 45.58 36.77
C LEU O 109 -47.56 45.87 38.18
N SER O 110 -46.65 45.90 39.15
CA SER O 110 -47.03 46.11 40.53
C SER O 110 -47.43 47.56 40.77
N SER O 111 -48.40 47.74 41.67
CA SER O 111 -48.87 49.05 42.09
C SER O 111 -49.38 49.87 40.89
N VAL O 112 -50.44 49.37 40.26
CA VAL O 112 -51.04 50.08 39.14
C VAL O 112 -51.66 51.38 39.62
N THR O 113 -51.60 52.41 38.77
CA THR O 113 -52.17 53.71 39.06
C THR O 113 -53.06 54.13 37.90
N ALA O 114 -53.66 55.31 38.03
CA ALA O 114 -54.51 55.83 36.96
C ALA O 114 -53.70 56.12 35.70
N ALA O 115 -52.41 56.41 35.85
CA ALA O 115 -51.56 56.70 34.70
C ALA O 115 -51.26 55.46 33.86
N ASP O 116 -51.57 54.27 34.35
CA ASP O 116 -51.27 53.04 33.62
C ASP O 116 -52.39 52.62 32.68
N THR O 117 -53.49 53.37 32.64
CA THR O 117 -54.57 53.06 31.71
C THR O 117 -54.11 53.36 30.29
N ALA O 118 -54.05 52.32 29.45
CA ALA O 118 -53.47 52.46 28.13
C ALA O 118 -53.80 51.23 27.29
N VAL O 119 -53.45 51.31 26.01
CA VAL O 119 -53.49 50.14 25.14
C VAL O 119 -52.14 49.44 25.23
N TYR O 120 -52.17 48.13 25.43
CA TYR O 120 -50.97 47.32 25.56
C TYR O 120 -50.78 46.46 24.32
N TYR O 121 -49.55 46.39 23.83
CA TYR O 121 -49.16 45.69 22.63
C TYR O 121 -48.03 44.71 22.96
N CYS O 122 -48.10 43.52 22.37
CA CYS O 122 -46.94 42.64 22.30
C CYS O 122 -46.16 42.97 21.04
N ALA O 123 -44.85 43.15 21.21
CA ALA O 123 -44.01 43.62 20.12
C ALA O 123 -42.82 42.67 20.02
N SER O 124 -42.32 42.51 18.81
CA SER O 124 -41.30 41.51 18.56
C SER O 124 -40.41 41.96 17.42
N ARG O 125 -39.17 41.47 17.46
CA ARG O 125 -38.26 41.54 16.33
C ARG O 125 -38.03 40.10 15.87
N GLN O 126 -37.84 39.90 14.58
CA GLN O 126 -37.52 38.57 14.08
C GLN O 126 -36.23 38.57 13.30
N ASN O 127 -35.82 39.72 12.79
CA ASN O 127 -34.64 39.75 11.94
C ASN O 127 -33.58 40.72 12.40
N TRP O 128 -32.32 40.32 12.36
CA TRP O 128 -31.19 41.20 12.68
C TRP O 128 -30.77 41.53 14.10
N ASN O 129 -31.36 40.90 15.11
CA ASN O 129 -30.91 41.09 16.50
C ASN O 129 -30.74 42.51 17.06
N ASP O 130 -31.70 43.38 16.80
CA ASP O 130 -31.64 44.72 17.38
C ASP O 130 -32.87 45.14 18.19
N GLY O 131 -33.01 46.41 18.54
CA GLY O 131 -34.03 46.94 19.41
C GLY O 131 -35.35 47.28 18.75
N TYR O 132 -35.47 47.06 17.44
CA TYR O 132 -36.68 47.40 16.72
C TYR O 132 -37.75 46.35 16.95
N PHE O 133 -38.95 46.61 16.45
CA PHE O 133 -40.09 45.69 16.56
C PHE O 133 -40.88 45.73 15.26
N ASP O 134 -41.18 44.54 14.71
CA ASP O 134 -41.85 44.47 13.41
C ASP O 134 -42.88 43.36 13.27
N TYR O 135 -43.17 42.59 14.33
CA TYR O 135 -44.45 41.91 14.49
C TYR O 135 -45.12 42.39 15.77
N TRP O 136 -46.43 42.61 15.69
CA TRP O 136 -47.23 43.16 16.77
C TRP O 136 -48.54 42.39 16.87
N GLY O 137 -49.18 42.47 18.04
CA GLY O 137 -50.44 41.84 18.30
C GLY O 137 -51.60 42.81 18.33
N GLN O 138 -52.73 42.35 18.86
CA GLN O 138 -53.94 43.16 19.03
C GLN O 138 -53.96 43.64 20.47
N GLY O 139 -53.58 44.89 20.67
CA GLY O 139 -53.42 45.40 22.02
C GLY O 139 -54.74 45.45 22.78
N THR O 140 -54.64 45.37 24.09
CA THR O 140 -55.80 45.34 24.96
C THR O 140 -55.85 46.61 25.80
N LEU O 141 -57.06 47.04 26.14
CA LEU O 141 -57.26 48.23 26.97
C LEU O 141 -57.15 47.84 28.43
N VAL O 142 -56.30 48.54 29.17
CA VAL O 142 -56.20 48.38 30.62
C VAL O 142 -56.58 49.70 31.28
N THR O 143 -57.61 49.67 32.12
CA THR O 143 -58.18 50.85 32.74
C THR O 143 -58.12 50.74 34.24
N VAL O 144 -57.92 51.88 34.91
CA VAL O 144 -57.82 51.96 36.36
C VAL O 144 -58.78 53.04 36.83
N SER O 145 -59.91 52.63 37.41
CA SER O 145 -60.99 53.57 37.65
C SER O 145 -61.50 53.58 39.09
N SER O 146 -61.54 52.42 39.74
CA SER O 146 -62.25 52.23 41.01
C SER O 146 -63.74 52.53 40.87
N ALA O 147 -64.28 52.39 39.67
CA ALA O 147 -65.69 52.69 39.43
C ALA O 147 -66.56 51.49 39.78
N SER O 148 -67.82 51.77 40.10
CA SER O 148 -68.79 50.75 40.46
C SER O 148 -69.61 50.27 39.27
N THR O 149 -69.31 50.74 38.07
CA THR O 149 -70.07 50.40 36.86
C THR O 149 -71.55 50.71 37.04
N LYS O 150 -71.84 51.97 37.32
CA LYS O 150 -73.20 52.42 37.57
C LYS O 150 -73.75 53.21 36.39
N GLY O 151 -75.04 53.56 36.49
CA GLY O 151 -75.73 54.24 35.43
C GLY O 151 -75.26 55.66 35.21
N PRO O 152 -75.56 56.21 34.03
CA PRO O 152 -75.11 57.56 33.70
C PRO O 152 -76.05 58.64 34.23
N SER O 153 -75.56 59.87 34.19
CA SER O 153 -76.35 61.05 34.47
C SER O 153 -76.34 61.98 33.25
N VAL O 154 -77.52 62.40 32.82
CA VAL O 154 -77.68 63.18 31.60
C VAL O 154 -78.04 64.61 31.97
N PHE O 155 -77.25 65.56 31.46
CA PHE O 155 -77.44 66.99 31.71
C PHE O 155 -77.68 67.66 30.37
N PRO O 156 -78.85 68.25 30.17
CA PRO O 156 -79.12 68.93 28.89
C PRO O 156 -78.22 70.15 28.70
N LEU O 157 -77.94 70.47 27.44
CA LEU O 157 -77.20 71.67 27.06
C LEU O 157 -78.09 72.43 26.08
N ALA O 158 -78.77 73.46 26.59
CA ALA O 158 -79.75 74.17 25.79
C ALA O 158 -79.07 75.24 24.94
N PRO O 159 -79.63 75.57 23.79
CA PRO O 159 -79.17 76.74 23.05
C PRO O 159 -79.74 78.02 23.64
N SER O 160 -79.31 79.15 23.07
CA SER O 160 -79.78 80.44 23.54
C SER O 160 -80.13 81.30 22.34
N SER O 161 -81.08 82.23 22.56
CA SER O 161 -81.45 83.15 21.50
C SER O 161 -80.31 84.08 21.12
N LYS O 162 -79.45 84.42 22.08
CA LYS O 162 -78.31 85.29 21.81
C LYS O 162 -77.20 84.60 21.04
N SER O 163 -77.25 83.28 20.90
CA SER O 163 -76.22 82.53 20.18
C SER O 163 -76.65 82.14 18.77
N THR O 164 -77.53 82.92 18.15
CA THR O 164 -78.03 82.61 16.81
C THR O 164 -76.94 82.88 15.79
N SER O 165 -76.39 81.81 15.22
CA SER O 165 -75.33 81.91 14.20
C SER O 165 -75.94 81.84 12.81
N GLY O 166 -76.62 82.92 12.44
CA GLY O 166 -77.26 83.01 11.14
C GLY O 166 -78.39 82.02 10.92
N GLY O 167 -79.22 81.81 11.94
CA GLY O 167 -80.36 80.92 11.83
C GLY O 167 -80.08 79.47 12.18
N THR O 168 -78.84 79.13 12.52
CA THR O 168 -78.47 77.77 12.86
C THR O 168 -77.74 77.76 14.20
N ALA O 169 -78.19 76.92 15.13
CA ALA O 169 -77.63 76.86 16.46
C ALA O 169 -77.48 75.40 16.89
N ALA O 170 -76.65 75.18 17.89
CA ALA O 170 -76.33 73.84 18.36
C ALA O 170 -76.80 73.64 19.80
N LEU O 171 -77.35 72.45 20.06
CA LEU O 171 -77.73 72.04 21.40
C LEU O 171 -77.08 70.70 21.68
N GLY O 172 -77.31 70.13 22.85
CA GLY O 172 -76.74 68.82 23.09
C GLY O 172 -77.04 68.27 24.46
N CYS O 173 -76.27 67.26 24.84
CA CYS O 173 -76.38 66.67 26.16
C CYS O 173 -74.99 66.24 26.64
N LEU O 174 -74.86 66.14 27.95
CA LEU O 174 -73.66 65.63 28.60
C LEU O 174 -74.03 64.38 29.40
N VAL O 175 -73.30 63.30 29.18
CA VAL O 175 -73.46 62.07 29.95
C VAL O 175 -72.23 61.92 30.83
N LYS O 176 -72.46 61.99 32.15
CA LYS O 176 -71.41 62.05 33.15
C LYS O 176 -71.61 60.94 34.17
N ASP O 177 -70.50 60.55 34.81
CA ASP O 177 -70.51 59.58 35.89
C ASP O 177 -71.11 58.25 35.45
N TYR O 178 -70.55 57.68 34.40
CA TYR O 178 -70.99 56.39 33.88
C TYR O 178 -69.78 55.49 33.65
N PHE O 179 -70.02 54.18 33.78
CA PHE O 179 -68.96 53.19 33.66
C PHE O 179 -69.58 51.83 33.43
N PRO O 180 -69.01 50.99 32.56
CA PRO O 180 -67.89 51.28 31.66
C PRO O 180 -68.37 51.72 30.28
N GLU O 181 -67.49 52.37 29.52
CA GLU O 181 -67.80 52.76 28.15
C GLU O 181 -67.83 51.53 27.26
N PRO O 182 -68.47 51.63 26.08
CA PRO O 182 -69.18 52.77 25.50
C PRO O 182 -70.64 52.90 25.93
N VAL O 183 -71.21 54.09 25.73
CA VAL O 183 -72.63 54.34 25.94
C VAL O 183 -73.18 54.96 24.67
N THR O 184 -74.33 54.47 24.21
CA THR O 184 -74.87 54.90 22.93
C THR O 184 -75.77 56.12 23.12
N VAL O 185 -75.48 57.18 22.36
CA VAL O 185 -76.20 58.44 22.44
C VAL O 185 -76.81 58.73 21.08
N SER O 186 -78.12 58.99 21.06
CA SER O 186 -78.82 59.31 19.84
C SER O 186 -79.79 60.46 20.11
N TRP O 187 -80.50 60.89 19.08
CA TRP O 187 -81.46 61.98 19.19
C TRP O 187 -82.80 61.57 18.61
N ASN O 188 -83.86 61.84 19.37
CA ASN O 188 -85.23 61.51 18.97
C ASN O 188 -85.38 60.02 18.66
N SER O 189 -84.95 59.19 19.62
CA SER O 189 -84.99 57.73 19.49
C SER O 189 -84.21 57.27 18.26
N GLY O 190 -83.12 57.95 17.94
CA GLY O 190 -82.31 57.61 16.80
C GLY O 190 -82.82 58.12 15.46
N ALA O 191 -83.95 58.82 15.45
CA ALA O 191 -84.49 59.32 14.19
C ALA O 191 -83.62 60.41 13.59
N LEU O 192 -82.99 61.23 14.42
CA LEU O 192 -82.15 62.33 13.96
C LEU O 192 -80.69 61.91 14.08
N THR O 193 -79.98 61.93 12.96
CA THR O 193 -78.56 61.60 12.92
C THR O 193 -77.70 62.64 12.21
N SER O 194 -78.28 63.44 11.31
CA SER O 194 -77.51 64.40 10.54
C SER O 194 -77.00 65.52 11.44
N GLY O 195 -75.71 65.85 11.31
CA GLY O 195 -75.11 66.90 12.09
C GLY O 195 -74.79 66.54 13.52
N VAL O 196 -74.99 65.29 13.91
CA VAL O 196 -74.79 64.86 15.29
C VAL O 196 -73.32 64.48 15.46
N HIS O 197 -72.69 65.05 16.49
CA HIS O 197 -71.29 64.78 16.79
C HIS O 197 -71.18 64.30 18.23
N THR O 198 -70.62 63.09 18.41
CA THR O 198 -70.33 62.55 19.71
C THR O 198 -68.81 62.52 19.90
N PHE O 199 -68.35 63.06 21.01
CA PHE O 199 -66.92 63.17 21.23
C PHE O 199 -66.40 61.93 21.95
N PRO O 200 -65.13 61.57 21.73
CA PRO O 200 -64.55 60.44 22.48
C PRO O 200 -64.57 60.73 23.98
N ALA O 201 -64.86 59.70 24.76
CA ALA O 201 -64.96 59.84 26.21
C ALA O 201 -63.58 60.05 26.82
N VAL O 202 -63.56 60.69 27.99
CA VAL O 202 -62.34 60.88 28.76
C VAL O 202 -62.59 60.38 30.17
N LEU O 203 -61.51 60.00 30.84
CA LEU O 203 -61.59 59.44 32.19
C LEU O 203 -61.22 60.50 33.22
N GLN O 204 -62.06 60.65 34.23
CA GLN O 204 -61.86 61.65 35.26
C GLN O 204 -61.19 61.06 36.48
N SER O 205 -60.84 61.93 37.44
CA SER O 205 -60.18 61.49 38.65
C SER O 205 -61.07 60.57 39.49
N SER O 206 -62.39 60.67 39.33
CA SER O 206 -63.31 59.78 40.05
C SER O 206 -63.31 58.38 39.47
N GLY O 207 -62.67 58.16 38.33
CA GLY O 207 -62.74 56.88 37.64
C GLY O 207 -63.94 56.70 36.75
N LEU O 208 -64.73 57.74 36.55
CA LEU O 208 -65.90 57.68 35.69
C LEU O 208 -65.61 58.40 34.38
N TYR O 209 -66.45 58.17 33.38
CA TYR O 209 -66.28 58.78 32.08
C TYR O 209 -67.19 60.00 31.92
N SER O 210 -66.77 60.92 31.06
CA SER O 210 -67.56 62.09 30.71
C SER O 210 -67.62 62.19 29.19
N LEU O 211 -68.83 62.36 28.66
CA LEU O 211 -69.03 62.41 27.22
C LEU O 211 -69.96 63.56 26.87
N SER O 212 -69.63 64.26 25.79
CA SER O 212 -70.42 65.37 25.27
C SER O 212 -70.94 65.04 23.88
N SER O 213 -72.25 65.15 23.70
CA SER O 213 -72.87 64.93 22.39
C SER O 213 -73.60 66.19 21.99
N VAL O 214 -73.43 66.60 20.73
CA VAL O 214 -74.04 67.83 20.23
C VAL O 214 -74.77 67.54 18.92
N VAL O 215 -75.78 68.36 18.65
CA VAL O 215 -76.51 68.34 17.39
C VAL O 215 -76.80 69.78 17.00
N THR O 216 -76.55 70.10 15.73
CA THR O 216 -76.67 71.46 15.23
C THR O 216 -77.80 71.54 14.21
N VAL O 217 -78.80 72.36 14.50
CA VAL O 217 -79.99 72.45 13.65
C VAL O 217 -80.29 73.91 13.37
N PRO O 218 -80.89 74.19 12.22
CA PRO O 218 -81.46 75.48 11.97
C PRO O 218 -82.35 75.94 13.13
N SER O 219 -82.38 77.25 13.34
CA SER O 219 -83.20 77.82 14.41
C SER O 219 -84.68 77.66 14.14
N SER O 220 -85.08 77.45 12.87
CA SER O 220 -86.48 77.26 12.55
C SER O 220 -87.08 76.03 13.22
N SER O 221 -86.26 75.02 13.52
CA SER O 221 -86.76 73.83 14.22
C SER O 221 -86.76 73.99 15.74
N LEU O 222 -86.22 75.10 16.25
CA LEU O 222 -86.23 75.32 17.70
C LEU O 222 -87.65 75.45 18.23
N GLY O 223 -88.52 76.18 17.52
CA GLY O 223 -89.89 76.35 17.94
C GLY O 223 -90.85 75.31 17.43
N THR O 224 -90.38 74.32 16.67
CA THR O 224 -91.25 73.32 16.09
C THR O 224 -90.87 71.88 16.43
N GLN O 225 -89.59 71.60 16.67
CA GLN O 225 -89.12 70.23 16.85
C GLN O 225 -88.59 70.05 18.26
N THR O 226 -89.13 69.07 18.98
CA THR O 226 -88.64 68.70 20.29
C THR O 226 -87.46 67.75 20.16
N TYR O 227 -86.40 68.02 20.91
CA TYR O 227 -85.16 67.25 20.84
C TYR O 227 -84.98 66.44 22.11
N ILE O 228 -84.71 65.15 21.96
CA ILE O 228 -84.53 64.24 23.09
C ILE O 228 -83.18 63.55 22.95
N CYS O 229 -82.34 63.72 23.96
CA CYS O 229 -81.10 62.96 24.07
C CYS O 229 -81.47 61.56 24.59
N ASN O 230 -81.08 60.54 23.83
CA ASN O 230 -81.40 59.15 24.14
C ASN O 230 -80.09 58.48 24.53
N VAL O 231 -80.01 58.01 25.76
CA VAL O 231 -78.80 57.42 26.32
C VAL O 231 -79.10 55.97 26.68
N ASN O 232 -78.35 55.05 26.08
CA ASN O 232 -78.48 53.63 26.35
C ASN O 232 -77.14 53.11 26.87
N HIS O 233 -77.14 52.61 28.10
CA HIS O 233 -75.96 52.03 28.73
C HIS O 233 -76.27 50.56 29.03
N LYS O 234 -75.74 49.67 28.20
CA LYS O 234 -75.98 48.25 28.38
C LYS O 234 -75.42 47.69 29.69
N PRO O 235 -74.17 47.98 30.10
CA PRO O 235 -73.66 47.38 31.35
C PRO O 235 -74.49 47.72 32.57
N SER O 236 -75.04 48.93 32.66
CA SER O 236 -75.92 49.30 33.76
C SER O 236 -77.38 49.10 33.41
N ASN O 237 -77.67 48.65 32.18
CA ASN O 237 -79.05 48.41 31.74
C ASN O 237 -79.92 49.65 31.92
N THR O 238 -79.38 50.80 31.58
CA THR O 238 -80.02 52.08 31.85
C THR O 238 -80.42 52.76 30.54
N LYS O 239 -81.70 53.13 30.45
CA LYS O 239 -82.22 53.87 29.30
C LYS O 239 -82.75 55.21 29.78
N VAL O 240 -82.25 56.29 29.20
CA VAL O 240 -82.63 57.65 29.60
C VAL O 240 -83.10 58.40 28.36
N ASP O 241 -84.24 59.08 28.48
CA ASP O 241 -84.78 59.94 27.44
C ASP O 241 -84.94 61.33 28.04
N LYS O 242 -84.08 62.27 27.65
CA LYS O 242 -84.03 63.59 28.26
C LYS O 242 -84.37 64.68 27.26
N ARG O 243 -85.32 65.54 27.62
CA ARG O 243 -85.73 66.63 26.76
C ARG O 243 -84.75 67.79 26.86
N VAL O 244 -84.33 68.31 25.71
CA VAL O 244 -83.44 69.46 25.63
C VAL O 244 -84.16 70.56 24.86
N GLU O 245 -84.53 71.62 25.57
CA GLU O 245 -85.22 72.77 25.01
C GLU O 245 -84.47 74.02 25.42
N PRO O 246 -84.62 75.11 24.66
CA PRO O 246 -83.96 76.38 25.01
C PRO O 246 -84.15 76.75 26.47
N LYS O 247 -83.20 77.51 27.00
CA LYS O 247 -83.14 77.80 28.43
C LYS O 247 -84.40 78.51 28.90
N SER O 248 -84.78 78.27 30.15
CA SER O 248 -85.83 79.06 30.77
C SER O 248 -85.37 80.49 31.05
N CYS O 249 -84.05 80.71 31.14
CA CYS O 249 -83.53 82.03 31.46
C CYS O 249 -83.76 83.05 30.35
N ASP O 250 -83.65 82.64 29.09
CA ASP O 250 -83.92 83.53 27.97
C ASP O 250 -85.37 83.45 27.50
N LYS O 251 -86.19 82.68 28.20
CA LYS O 251 -87.64 82.69 27.99
C LYS O 251 -88.27 83.80 28.80
N THR O 252 -89.54 84.08 28.50
CA THR O 252 -90.33 85.02 29.28
C THR O 252 -90.92 84.26 30.48
N HIS O 253 -90.18 84.32 31.59
CA HIS O 253 -90.53 83.59 32.81
C HIS O 253 -90.69 82.10 32.54
N ASP P 26 -30.11 60.99 30.49
CA ASP P 26 -30.36 59.92 29.53
C ASP P 26 -30.33 60.45 28.10
N ILE P 27 -31.23 59.94 27.27
CA ILE P 27 -31.39 60.37 25.89
C ILE P 27 -32.80 60.92 25.74
N GLN P 28 -32.92 62.03 25.01
CA GLN P 28 -34.20 62.66 24.74
C GLN P 28 -34.38 62.86 23.24
N MET P 29 -35.63 62.78 22.80
CA MET P 29 -35.91 62.56 21.39
C MET P 29 -37.03 63.51 20.96
N THR P 30 -36.82 64.21 19.84
CA THR P 30 -37.78 65.22 19.38
C THR P 30 -38.00 65.09 17.87
N GLN P 31 -39.13 65.60 17.41
CA GLN P 31 -39.52 65.57 16.01
C GLN P 31 -40.00 66.94 15.56
N SER P 32 -39.95 67.18 14.25
CA SER P 32 -40.37 68.44 13.66
C SER P 32 -40.82 68.24 12.22
N PRO P 33 -41.87 68.95 11.78
CA PRO P 33 -42.75 69.84 12.54
C PRO P 33 -43.74 69.02 13.35
N ALA P 34 -44.41 69.62 14.34
CA ALA P 34 -45.33 68.85 15.18
C ALA P 34 -46.42 68.18 14.34
N THR P 35 -46.91 68.87 13.32
CA THR P 35 -47.88 68.32 12.39
C THR P 35 -47.56 68.81 10.99
N LEU P 36 -47.47 67.89 10.04
CA LEU P 36 -47.19 68.21 8.64
C LEU P 36 -48.43 67.98 7.81
N SER P 37 -48.86 68.99 7.07
CA SER P 37 -50.07 68.94 6.26
C SER P 37 -49.68 68.94 4.80
N LEU P 38 -50.01 67.86 4.10
CA LEU P 38 -49.75 67.74 2.66
C LEU P 38 -50.85 66.94 2.01
N SER P 39 -51.05 67.18 0.73
CA SER P 39 -52.02 66.47 -0.09
C SER P 39 -51.40 65.21 -0.66
N PRO P 40 -52.21 64.28 -1.17
CA PRO P 40 -51.63 63.13 -1.87
C PRO P 40 -50.92 63.56 -3.14
N GLY P 41 -49.68 63.08 -3.30
CA GLY P 41 -48.93 63.29 -4.51
C GLY P 41 -47.67 64.12 -4.38
N GLU P 42 -47.43 64.76 -3.24
CA GLU P 42 -46.22 65.55 -3.08
C GLU P 42 -45.27 64.92 -2.07
N ARG P 43 -44.04 65.44 -2.07
CA ARG P 43 -42.98 64.92 -1.22
C ARG P 43 -43.19 65.37 0.22
N ALA P 44 -42.92 64.46 1.16
CA ALA P 44 -43.04 64.73 2.58
C ALA P 44 -41.67 64.64 3.23
N THR P 45 -41.41 65.54 4.18
CA THR P 45 -40.13 65.61 4.87
C THR P 45 -40.37 65.76 6.37
N LEU P 46 -39.67 64.95 7.17
CA LEU P 46 -39.79 64.99 8.62
C LEU P 46 -38.39 64.96 9.22
N PHE P 47 -38.21 65.72 10.31
CA PHE P 47 -36.91 65.87 10.94
C PHE P 47 -36.94 65.31 12.36
N CYS P 48 -35.84 64.67 12.75
CA CYS P 48 -35.72 63.98 14.02
C CYS P 48 -34.44 64.40 14.70
N ARG P 49 -34.52 64.78 15.97
CA ARG P 49 -33.39 65.35 16.71
C ARG P 49 -33.18 64.61 18.01
N ALA P 50 -31.92 64.35 18.34
CA ALA P 50 -31.53 63.66 19.56
C ALA P 50 -30.68 64.56 20.44
N SER P 51 -30.77 64.33 21.75
CA SER P 51 -29.96 65.08 22.71
C SER P 51 -28.49 64.69 22.66
N GLN P 52 -28.16 63.47 22.25
CA GLN P 52 -26.79 63.02 22.11
C GLN P 52 -26.63 62.32 20.77
N SER P 53 -25.39 62.27 20.29
CA SER P 53 -25.12 61.62 19.02
C SER P 53 -25.38 60.12 19.13
N VAL P 54 -26.10 59.59 18.15
CA VAL P 54 -26.45 58.17 18.11
C VAL P 54 -26.04 57.54 16.79
N SER P 55 -25.03 58.10 16.12
CA SER P 55 -24.54 57.62 14.84
C SER P 55 -25.66 57.56 13.82
N SER P 56 -26.00 56.35 13.35
CA SER P 56 -27.09 56.15 12.42
C SER P 56 -28.10 55.14 12.94
N SER P 57 -28.04 54.81 14.22
CA SER P 57 -28.93 53.79 14.81
C SER P 57 -30.29 54.39 15.15
N LEU P 58 -31.05 54.67 14.10
CA LEU P 58 -32.36 55.28 14.24
C LEU P 58 -33.36 54.58 13.33
N ALA P 59 -34.62 54.55 13.77
CA ALA P 59 -35.69 53.87 13.07
C ALA P 59 -36.90 54.80 12.93
N TRP P 60 -37.72 54.50 11.94
CA TRP P 60 -38.96 55.23 11.67
C TRP P 60 -40.13 54.27 11.63
N TYR P 61 -41.15 54.58 12.42
CA TYR P 61 -42.36 53.77 12.57
C TYR P 61 -43.58 54.56 12.10
N GLN P 62 -44.56 53.83 11.57
CA GLN P 62 -45.84 54.40 11.15
C GLN P 62 -46.95 53.74 11.95
N GLN P 63 -47.90 54.55 12.42
CA GLN P 63 -49.01 54.10 13.24
C GLN P 63 -50.31 54.68 12.73
N LYS P 64 -51.24 53.81 12.34
CA LYS P 64 -52.58 54.14 11.94
C LYS P 64 -53.54 53.96 13.11
N PRO P 65 -54.65 54.71 13.14
CA PRO P 65 -55.59 54.58 14.26
C PRO P 65 -56.13 53.16 14.38
N GLY P 66 -56.18 52.68 15.61
CA GLY P 66 -56.65 51.33 15.88
C GLY P 66 -55.70 50.23 15.49
N GLN P 67 -54.48 50.56 15.07
CA GLN P 67 -53.50 49.57 14.64
C GLN P 67 -52.18 49.81 15.35
N ALA P 68 -51.46 48.72 15.57
CA ALA P 68 -50.15 48.81 16.19
C ALA P 68 -49.16 49.44 15.21
N PRO P 69 -48.16 50.16 15.72
CA PRO P 69 -47.20 50.83 14.83
C PRO P 69 -46.43 49.83 13.99
N ARG P 70 -46.14 50.22 12.75
CA ARG P 70 -45.41 49.38 11.81
C ARG P 70 -44.03 49.98 11.56
N LEU P 71 -43.01 49.14 11.60
CA LEU P 71 -41.66 49.59 11.33
C LEU P 71 -41.47 49.89 9.85
N LEU P 72 -41.13 51.13 9.53
CA LEU P 72 -40.88 51.55 8.15
C LEU P 72 -39.40 51.48 7.81
N ILE P 73 -38.56 52.13 8.62
CA ILE P 73 -37.16 52.35 8.30
C ILE P 73 -36.31 51.93 9.49
N TYR P 74 -35.20 51.26 9.23
CA TYR P 74 -34.28 50.86 10.29
C TYR P 74 -32.86 51.25 9.90
N ASP P 75 -32.09 51.63 10.91
CA ASP P 75 -30.66 51.95 10.76
C ASP P 75 -30.44 52.99 9.65
N ALA P 76 -31.23 54.06 9.71
CA ALA P 76 -31.13 55.19 8.78
C ALA P 76 -31.46 54.70 7.38
N SER P 77 -30.51 54.68 6.44
CA SER P 77 -30.85 54.51 5.03
C SER P 77 -31.53 53.16 4.75
N ASN P 78 -31.24 52.15 5.55
CA ASN P 78 -31.77 50.82 5.29
C ASN P 78 -33.29 50.80 5.43
N ARG P 79 -33.94 50.06 4.54
CA ARG P 79 -35.39 49.92 4.53
C ARG P 79 -35.81 48.56 5.06
N ALA P 80 -36.95 48.54 5.75
CA ALA P 80 -37.50 47.30 6.27
C ALA P 80 -38.21 46.52 5.17
N THR P 81 -38.35 45.21 5.39
CA THR P 81 -39.01 44.37 4.41
C THR P 81 -40.49 44.70 4.32
N GLY P 82 -41.03 44.68 3.11
CA GLY P 82 -42.42 44.98 2.86
C GLY P 82 -42.74 46.45 2.74
N ILE P 83 -41.77 47.33 2.95
CA ILE P 83 -41.98 48.77 2.86
C ILE P 83 -41.73 49.22 1.41
N PRO P 84 -42.64 49.95 0.80
CA PRO P 84 -42.44 50.38 -0.58
C PRO P 84 -41.32 51.39 -0.70
N ALA P 85 -40.89 51.62 -1.95
CA ALA P 85 -39.77 52.50 -2.24
C ALA P 85 -40.08 53.98 -1.97
N ARG P 86 -41.34 54.32 -1.69
CA ARG P 86 -41.68 55.71 -1.43
C ARG P 86 -40.95 56.26 -0.21
N PHE P 87 -40.69 55.42 0.79
CA PHE P 87 -40.06 55.85 2.02
C PHE P 87 -38.54 55.75 1.90
N SER P 88 -37.83 56.77 2.38
CA SER P 88 -36.39 56.72 2.46
C SER P 88 -35.96 57.65 3.60
N GLY P 89 -34.68 57.64 3.90
CA GLY P 89 -34.20 58.46 5.00
C GLY P 89 -32.70 58.58 5.00
N SER P 90 -32.22 59.47 5.85
CA SER P 90 -30.79 59.71 6.02
C SER P 90 -30.59 60.39 7.36
N GLY P 91 -29.33 60.59 7.73
CA GLY P 91 -29.03 61.32 8.93
C GLY P 91 -27.80 60.78 9.61
N SER P 92 -27.39 61.50 10.65
CA SER P 92 -26.21 61.15 11.43
C SER P 92 -26.20 61.95 12.71
N GLY P 93 -25.38 61.50 13.66
CA GLY P 93 -25.20 62.22 14.91
C GLY P 93 -26.50 62.41 15.67
N THR P 94 -27.01 63.64 15.67
CA THR P 94 -28.26 63.97 16.33
C THR P 94 -29.37 64.34 15.37
N ASP P 95 -29.08 64.51 14.08
CA ASP P 95 -30.05 65.02 13.11
C ASP P 95 -30.34 63.95 12.08
N PHE P 96 -31.63 63.66 11.88
CA PHE P 96 -32.07 62.66 10.92
C PHE P 96 -33.26 63.19 10.15
N THR P 97 -33.44 62.69 8.93
CA THR P 97 -34.50 63.12 8.03
C THR P 97 -35.16 61.92 7.38
N LEU P 98 -36.49 61.91 7.38
CA LEU P 98 -37.29 60.90 6.72
C LEU P 98 -38.05 61.56 5.58
N THR P 99 -37.93 61.00 4.38
CA THR P 99 -38.52 61.58 3.18
C THR P 99 -39.42 60.56 2.50
N ILE P 100 -40.50 61.09 1.91
CA ILE P 100 -41.44 60.32 1.10
C ILE P 100 -41.55 60.99 -0.25
N SER P 101 -41.27 60.22 -1.31
CA SER P 101 -41.28 60.79 -2.66
C SER P 101 -42.68 61.29 -3.05
N SER P 102 -43.71 60.50 -2.75
CA SER P 102 -45.08 60.89 -3.05
C SER P 102 -45.99 60.23 -2.03
N LEU P 103 -47.03 60.96 -1.66
CA LEU P 103 -47.97 60.49 -0.64
C LEU P 103 -49.17 59.84 -1.31
N GLU P 104 -49.37 58.56 -1.06
CA GLU P 104 -50.61 57.91 -1.40
C GLU P 104 -51.61 58.10 -0.27
N PRO P 105 -52.90 57.93 -0.54
CA PRO P 105 -53.91 58.16 0.53
C PRO P 105 -53.73 57.26 1.74
N GLU P 106 -53.04 56.13 1.61
CA GLU P 106 -52.88 55.21 2.71
C GLU P 106 -51.63 55.47 3.55
N ASP P 107 -50.87 56.51 3.25
CA ASP P 107 -49.70 56.86 4.04
C ASP P 107 -50.00 57.93 5.09
N PHE P 108 -51.26 58.36 5.20
CA PHE P 108 -51.63 59.40 6.16
C PHE P 108 -51.81 58.75 7.54
N ALA P 109 -50.81 58.94 8.40
CA ALA P 109 -50.81 58.33 9.73
C ALA P 109 -49.81 59.07 10.59
N VAL P 110 -49.57 58.54 11.78
CA VAL P 110 -48.64 59.14 12.74
C VAL P 110 -47.27 58.52 12.54
N TYR P 111 -46.24 59.35 12.48
CA TYR P 111 -44.88 58.87 12.27
C TYR P 111 -44.01 59.16 13.48
N TYR P 112 -43.25 58.15 13.90
CA TYR P 112 -42.35 58.26 15.04
C TYR P 112 -40.93 57.94 14.61
N CYS P 113 -39.96 58.56 15.28
CA CYS P 113 -38.56 58.21 15.11
C CYS P 113 -38.00 57.74 16.45
N GLN P 114 -37.20 56.67 16.38
CA GLN P 114 -36.76 55.89 17.53
C GLN P 114 -35.25 55.79 17.51
N GLN P 115 -34.63 55.90 18.68
CA GLN P 115 -33.19 55.76 18.81
C GLN P 115 -32.86 54.48 19.56
N ARG P 116 -31.85 53.76 19.10
CA ARG P 116 -31.26 52.67 19.87
C ARG P 116 -29.80 52.95 20.21
N GLY P 117 -29.39 54.22 20.14
CA GLY P 117 -27.98 54.54 20.32
C GLY P 117 -27.44 54.21 21.70
N ASN P 118 -28.21 54.49 22.74
CA ASN P 118 -27.78 54.23 24.11
C ASN P 118 -29.02 53.81 24.90
N TRP P 119 -29.24 52.50 25.00
CA TRP P 119 -30.43 51.99 25.64
C TRP P 119 -30.05 50.74 26.43
N PRO P 120 -30.81 50.41 27.49
CA PRO P 120 -32.03 51.07 28.00
C PRO P 120 -31.74 52.43 28.64
N PRO P 121 -32.68 53.38 28.52
CA PRO P 121 -33.97 53.30 27.82
C PRO P 121 -33.87 53.50 26.31
N ILE P 122 -34.69 52.81 25.54
CA ILE P 122 -34.78 53.07 24.10
C ILE P 122 -35.95 54.03 23.89
N THR P 123 -35.64 55.20 23.32
CA THR P 123 -36.54 56.33 23.40
C THR P 123 -37.19 56.61 22.05
N PHE P 124 -38.48 56.91 22.08
CA PHE P 124 -39.27 57.23 20.90
C PHE P 124 -39.50 58.73 20.82
N GLY P 125 -39.93 59.18 19.65
CA GLY P 125 -40.26 60.58 19.45
C GLY P 125 -41.63 60.93 20.02
N GLN P 126 -41.86 62.23 20.14
CA GLN P 126 -43.17 62.72 20.57
C GLN P 126 -44.24 62.44 19.53
N GLY P 127 -43.86 62.18 18.30
CA GLY P 127 -44.81 61.82 17.25
C GLY P 127 -45.22 63.00 16.40
N THR P 128 -45.41 62.73 15.11
CA THR P 128 -45.90 63.72 14.17
C THR P 128 -47.04 63.13 13.35
N ARG P 129 -48.00 63.97 13.00
CA ARG P 129 -49.21 63.54 12.33
C ARG P 129 -49.23 64.06 10.90
N LEU P 130 -49.58 63.19 9.96
CA LEU P 130 -49.70 63.56 8.56
C LEU P 130 -51.18 63.63 8.19
N ASP P 131 -51.64 64.83 7.85
CA ASP P 131 -53.02 65.07 7.51
C ASP P 131 -53.12 65.72 6.14
N THR P 132 -54.22 65.44 5.44
CA THR P 132 -54.44 66.00 4.11
C THR P 132 -54.52 67.52 4.18
N LYS P 133 -53.81 68.18 3.28
CA LYS P 133 -53.76 69.63 3.26
C LYS P 133 -55.05 70.20 2.67
N ARG P 134 -55.71 71.06 3.43
CA ARG P 134 -56.89 71.78 2.96
C ARG P 134 -56.61 73.28 3.06
N THR P 135 -57.41 74.07 2.37
CA THR P 135 -57.35 75.52 2.53
C THR P 135 -57.66 75.90 3.97
N VAL P 136 -57.25 77.12 4.34
CA VAL P 136 -57.37 77.56 5.72
C VAL P 136 -58.82 77.54 6.16
N ALA P 137 -59.06 77.05 7.38
CA ALA P 137 -60.39 76.99 7.97
C ALA P 137 -60.39 77.70 9.31
N ALA P 138 -61.27 78.67 9.46
CA ALA P 138 -61.39 79.38 10.72
C ALA P 138 -62.32 78.63 11.67
N PRO P 139 -61.99 78.62 12.97
CA PRO P 139 -62.86 77.94 13.93
C PRO P 139 -64.12 78.73 14.24
N SER P 140 -65.22 78.00 14.37
CA SER P 140 -66.45 78.56 14.92
C SER P 140 -66.45 78.29 16.42
N VAL P 141 -66.41 79.36 17.21
CA VAL P 141 -66.16 79.25 18.65
C VAL P 141 -67.46 79.52 19.40
N PHE P 142 -67.84 78.57 20.25
CA PHE P 142 -69.00 78.72 21.12
C PHE P 142 -68.57 78.48 22.56
N ILE P 143 -69.22 79.18 23.49
CA ILE P 143 -68.98 78.99 24.92
C ILE P 143 -70.29 78.60 25.59
N PHE P 144 -70.26 77.52 26.36
CA PHE P 144 -71.44 77.00 27.04
C PHE P 144 -71.22 77.13 28.54
N PRO P 145 -72.01 77.95 29.23
CA PRO P 145 -71.92 77.98 30.69
C PRO P 145 -72.48 76.70 31.27
N PRO P 146 -72.11 76.36 32.51
CA PRO P 146 -72.62 75.14 33.12
C PRO P 146 -74.14 75.17 33.27
N SER P 147 -74.76 74.00 33.14
CA SER P 147 -76.19 73.86 33.28
C SER P 147 -76.57 73.78 34.76
N ASP P 148 -77.79 74.21 35.07
CA ASP P 148 -78.22 74.29 36.46
C ASP P 148 -78.30 72.93 37.14
N GLU P 149 -78.85 71.92 36.44
CA GLU P 149 -78.93 70.59 37.00
C GLU P 149 -77.55 69.99 37.27
N GLN P 150 -76.54 70.40 36.51
CA GLN P 150 -75.16 70.10 36.90
C GLN P 150 -74.81 70.81 38.19
N LEU P 151 -75.29 72.04 38.37
CA LEU P 151 -74.89 72.85 39.51
C LEU P 151 -75.44 72.29 40.83
N LYS P 152 -76.70 71.87 40.86
CA LYS P 152 -77.22 71.26 42.09
C LYS P 152 -76.69 69.85 42.34
N SER P 153 -75.84 69.31 41.47
CA SER P 153 -75.11 68.09 41.79
C SER P 153 -73.81 68.38 42.54
N GLY P 154 -73.46 69.65 42.75
CA GLY P 154 -72.24 70.01 43.41
C GLY P 154 -71.04 70.20 42.51
N THR P 155 -71.24 70.21 41.19
CA THR P 155 -70.16 70.35 40.23
C THR P 155 -70.56 71.34 39.15
N ALA P 156 -69.60 71.68 38.29
CA ALA P 156 -69.84 72.62 37.21
C ALA P 156 -68.79 72.41 36.14
N SER P 157 -69.18 72.64 34.89
CA SER P 157 -68.26 72.54 33.76
C SER P 157 -68.65 73.55 32.71
N VAL P 158 -67.68 74.40 32.33
CA VAL P 158 -67.87 75.36 31.26
C VAL P 158 -67.17 74.83 30.02
N VAL P 159 -67.87 74.85 28.89
CA VAL P 159 -67.42 74.20 27.66
C VAL P 159 -67.02 75.27 26.66
N CYS P 160 -65.89 75.04 25.99
CA CYS P 160 -65.47 75.85 24.86
C CYS P 160 -65.37 74.94 23.64
N LEU P 161 -66.23 75.17 22.66
CA LEU P 161 -66.33 74.30 21.49
C LEU P 161 -65.80 75.04 20.27
N LEU P 162 -64.85 74.41 19.59
CA LEU P 162 -64.32 74.91 18.32
C LEU P 162 -64.78 73.95 17.23
N ASN P 163 -65.55 74.47 16.27
CA ASN P 163 -66.14 73.65 15.23
C ASN P 163 -65.57 74.02 13.87
N ASN P 164 -65.20 72.98 13.11
CA ASN P 164 -64.74 73.11 11.73
C ASN P 164 -63.56 74.07 11.63
N PHE P 165 -62.44 73.70 12.25
CA PHE P 165 -61.21 74.45 12.15
C PHE P 165 -60.10 73.58 11.58
N TYR P 166 -59.18 74.23 10.87
CA TYR P 166 -58.05 73.59 10.24
C TYR P 166 -56.98 74.65 10.10
N PRO P 167 -55.71 74.34 10.39
CA PRO P 167 -55.15 73.04 10.80
C PRO P 167 -55.45 72.66 12.25
N ARG P 168 -54.93 71.52 12.68
CA ARG P 168 -55.16 71.03 14.04
C ARG P 168 -54.67 72.00 15.11
N GLU P 169 -53.58 72.72 14.86
CA GLU P 169 -52.96 73.53 15.90
C GLU P 169 -53.92 74.63 16.36
N ALA P 170 -54.04 74.80 17.67
CA ALA P 170 -54.91 75.79 18.27
C ALA P 170 -54.58 75.88 19.75
N LYS P 171 -54.75 77.07 20.30
CA LYS P 171 -54.46 77.34 21.70
C LYS P 171 -55.74 77.78 22.39
N VAL P 172 -56.08 77.10 23.49
CA VAL P 172 -57.28 77.41 24.27
C VAL P 172 -56.85 77.73 25.70
N GLN P 173 -57.24 78.91 26.18
CA GLN P 173 -56.94 79.33 27.54
C GLN P 173 -58.21 79.74 28.26
N TRP P 174 -58.29 79.39 29.54
CA TRP P 174 -59.44 79.69 30.38
C TRP P 174 -59.12 80.84 31.32
N LYS P 175 -60.08 81.74 31.48
CA LYS P 175 -59.97 82.87 32.39
C LYS P 175 -61.18 82.90 33.31
N VAL P 176 -60.93 82.94 34.62
CA VAL P 176 -61.98 83.05 35.61
C VAL P 176 -61.76 84.36 36.36
N ASP P 177 -62.72 85.28 36.24
CA ASP P 177 -62.59 86.63 36.80
C ASP P 177 -61.28 87.29 36.34
N ASN P 178 -61.00 87.13 35.05
CA ASN P 178 -59.80 87.66 34.41
C ASN P 178 -58.51 87.06 34.97
N ALA P 179 -58.57 85.84 35.49
CA ALA P 179 -57.39 85.12 35.97
C ALA P 179 -57.21 83.84 35.17
N LEU P 180 -56.01 83.64 34.64
CA LEU P 180 -55.74 82.48 33.81
C LEU P 180 -55.79 81.20 34.63
N GLN P 181 -56.40 80.15 34.08
CA GLN P 181 -56.56 78.89 34.77
C GLN P 181 -55.54 77.87 34.30
N SER P 182 -55.21 76.94 35.20
CA SER P 182 -54.26 75.88 34.89
C SER P 182 -54.51 74.71 35.83
N GLY P 183 -54.37 73.49 35.31
CA GLY P 183 -54.51 72.29 36.11
C GLY P 183 -55.93 71.86 36.39
N ASN P 184 -56.93 72.53 35.81
CA ASN P 184 -58.33 72.22 36.06
C ASN P 184 -59.13 72.18 34.76
N SER P 185 -58.48 71.84 33.65
CA SER P 185 -59.15 71.81 32.36
C SER P 185 -58.75 70.55 31.62
N GLN P 186 -59.62 70.13 30.70
CA GLN P 186 -59.40 68.96 29.87
C GLN P 186 -59.76 69.31 28.43
N GLU P 187 -59.12 68.61 27.49
CA GLU P 187 -59.35 68.84 26.07
C GLU P 187 -59.55 67.52 25.35
N SER P 188 -60.52 67.49 24.44
CA SER P 188 -60.79 66.33 23.62
C SER P 188 -61.02 66.78 22.18
N VAL P 189 -60.30 66.18 21.24
CA VAL P 189 -60.35 66.56 19.84
C VAL P 189 -60.74 65.34 19.02
N THR P 190 -61.69 65.51 18.11
CA THR P 190 -62.03 64.47 17.17
C THR P 190 -60.98 64.36 16.08
N GLU P 191 -61.01 63.24 15.35
CA GLU P 191 -60.09 63.04 14.25
C GLU P 191 -60.50 63.89 13.06
N GLN P 192 -59.62 63.94 12.06
CA GLN P 192 -59.92 64.70 10.85
C GLN P 192 -61.14 64.12 10.17
N ASP P 193 -62.10 64.99 9.85
CA ASP P 193 -63.31 64.54 9.19
C ASP P 193 -63.02 64.15 7.76
N SER P 194 -63.75 63.16 7.26
CA SER P 194 -63.45 62.57 5.95
C SER P 194 -63.88 63.45 4.78
N LYS P 195 -64.91 64.27 4.94
CA LYS P 195 -65.45 65.03 3.82
C LYS P 195 -65.02 66.49 3.81
N ASP P 196 -65.02 67.16 4.96
CA ASP P 196 -64.65 68.57 4.98
C ASP P 196 -63.22 68.82 5.43
N SER P 197 -62.50 67.79 5.88
CA SER P 197 -61.09 67.90 6.23
C SER P 197 -60.85 68.97 7.28
N THR P 198 -61.70 69.00 8.31
CA THR P 198 -61.56 69.92 9.42
C THR P 198 -61.50 69.14 10.73
N TYR P 199 -61.39 69.88 11.83
CA TYR P 199 -61.29 69.32 13.15
C TYR P 199 -62.28 70.00 14.10
N SER P 200 -62.60 69.31 15.18
CA SER P 200 -63.46 69.84 16.22
C SER P 200 -62.84 69.60 17.58
N LEU P 201 -62.84 70.63 18.42
CA LEU P 201 -62.20 70.59 19.73
C LEU P 201 -63.22 70.94 20.81
N SER P 202 -63.11 70.27 21.94
CA SER P 202 -63.93 70.57 23.11
C SER P 202 -63.02 70.72 24.32
N SER P 203 -63.04 71.91 24.93
CA SER P 203 -62.27 72.19 26.13
C SER P 203 -63.24 72.35 27.29
N THR P 204 -63.18 71.42 28.24
CA THR P 204 -64.05 71.43 29.41
C THR P 204 -63.27 71.90 30.62
N LEU P 205 -63.70 73.00 31.21
CA LEU P 205 -63.12 73.52 32.43
C LEU P 205 -64.04 73.15 33.59
N THR P 206 -63.54 72.33 34.51
CA THR P 206 -64.35 71.70 35.53
C THR P 206 -64.05 72.34 36.89
N LEU P 207 -65.11 72.75 37.58
CA LEU P 207 -65.00 73.35 38.91
C LEU P 207 -66.06 72.75 39.82
N SER P 208 -65.97 73.07 41.10
CA SER P 208 -67.00 72.69 42.05
C SER P 208 -68.08 73.76 42.11
N LYS P 209 -69.16 73.44 42.84
CA LYS P 209 -70.21 74.43 43.08
C LYS P 209 -69.68 75.67 43.77
N ALA P 210 -68.88 75.51 44.82
CA ALA P 210 -68.31 76.68 45.50
C ALA P 210 -67.48 77.50 44.53
N ASP P 211 -66.67 76.84 43.70
CA ASP P 211 -65.84 77.55 42.72
C ASP P 211 -66.69 78.33 41.73
N TYR P 212 -67.81 77.76 41.29
CA TYR P 212 -68.65 78.47 40.33
C TYR P 212 -69.37 79.65 40.97
N GLU P 213 -69.90 79.47 42.18
CA GLU P 213 -70.69 80.55 42.77
C GLU P 213 -69.80 81.68 43.27
N LYS P 214 -68.54 81.38 43.59
CA LYS P 214 -67.63 82.42 44.08
C LYS P 214 -67.18 83.37 42.97
N HIS P 215 -67.45 83.07 41.71
CA HIS P 215 -66.98 83.86 40.59
C HIS P 215 -68.12 84.10 39.59
N LYS P 216 -67.96 85.14 38.77
CA LYS P 216 -69.00 85.56 37.84
C LYS P 216 -68.58 85.56 36.38
N VAL P 217 -67.35 85.96 36.08
CA VAL P 217 -66.91 86.14 34.70
C VAL P 217 -66.07 84.92 34.30
N TYR P 218 -66.44 84.30 33.19
CA TYR P 218 -65.71 83.17 32.64
C TYR P 218 -65.49 83.36 31.14
N ALA P 219 -64.24 83.19 30.71
CA ALA P 219 -63.85 83.46 29.34
C ALA P 219 -63.01 82.32 28.79
N CYS P 220 -63.22 82.01 27.52
CA CYS P 220 -62.37 81.10 26.76
C CYS P 220 -61.73 81.88 25.63
N GLU P 221 -60.41 81.88 25.57
CA GLU P 221 -59.66 82.57 24.53
C GLU P 221 -59.03 81.53 23.62
N VAL P 222 -59.10 81.79 22.31
CA VAL P 222 -58.62 80.87 21.29
C VAL P 222 -57.63 81.61 20.40
N THR P 223 -56.49 80.98 20.15
CA THR P 223 -55.50 81.44 19.19
C THR P 223 -55.38 80.39 18.09
N HIS P 224 -55.61 80.82 16.85
CA HIS P 224 -55.62 79.90 15.73
C HIS P 224 -55.07 80.60 14.50
N GLN P 225 -54.51 79.81 13.57
CA GLN P 225 -53.93 80.37 12.35
C GLN P 225 -54.99 81.00 11.46
N GLY P 226 -56.20 80.45 11.43
CA GLY P 226 -57.28 80.97 10.64
C GLY P 226 -57.98 82.18 11.21
N LEU P 227 -57.57 82.63 12.40
CA LEU P 227 -58.10 83.83 13.01
C LEU P 227 -57.05 84.94 12.96
N SER P 228 -57.46 86.13 12.54
CA SER P 228 -56.54 87.26 12.44
C SER P 228 -55.98 87.65 13.80
N SER P 229 -56.69 87.37 14.88
CA SER P 229 -56.23 87.70 16.23
C SER P 229 -56.91 86.75 17.20
N PRO P 230 -56.38 86.58 18.40
CA PRO P 230 -57.03 85.71 19.38
C PRO P 230 -58.46 86.19 19.67
N VAL P 231 -59.38 85.24 19.76
CA VAL P 231 -60.80 85.53 19.92
C VAL P 231 -61.25 84.98 21.27
N THR P 232 -61.87 85.84 22.06
CA THR P 232 -62.31 85.48 23.41
C THR P 232 -63.82 85.54 23.49
N LYS P 233 -64.43 84.45 23.94
CA LYS P 233 -65.86 84.39 24.23
C LYS P 233 -66.05 84.27 25.73
N SER P 234 -66.86 85.15 26.30
CA SER P 234 -66.99 85.23 27.76
C SER P 234 -68.44 85.43 28.14
N PHE P 235 -68.75 85.06 29.38
CA PHE P 235 -70.06 85.30 29.95
C PHE P 235 -69.91 85.69 31.41
N ASN P 236 -70.83 86.52 31.88
CA ASN P 236 -70.85 86.97 33.28
C ASN P 236 -72.15 86.50 33.92
N ARG P 237 -72.11 86.27 35.22
CA ARG P 237 -73.29 85.84 35.95
C ARG P 237 -73.92 87.01 36.71
N GLN Q 26 46.51 53.31 39.35
CA GLN Q 26 46.54 52.07 38.59
C GLN Q 26 47.93 51.44 38.64
N VAL Q 27 48.83 51.93 37.79
CA VAL Q 27 50.20 51.44 37.73
C VAL Q 27 51.15 52.63 37.88
N GLN Q 28 52.32 52.34 38.44
CA GLN Q 28 53.32 53.36 38.72
C GLN Q 28 54.69 52.88 38.26
N LEU Q 29 55.55 53.83 37.91
CA LEU Q 29 56.90 53.54 37.42
C LEU Q 29 57.91 54.25 38.33
N GLN Q 30 59.01 53.57 38.63
CA GLN Q 30 60.08 54.17 39.42
C GLN Q 30 61.42 53.87 38.77
N GLU Q 31 62.18 54.91 38.45
CA GLU Q 31 63.47 54.74 37.80
C GLU Q 31 64.58 54.57 38.84
N SER Q 32 65.64 53.89 38.43
CA SER Q 32 66.83 53.73 39.26
C SER Q 32 68.05 53.62 38.34
N GLY Q 33 69.14 54.26 38.75
CA GLY Q 33 70.36 54.24 37.98
C GLY Q 33 71.45 55.10 38.60
N PRO Q 34 72.68 54.97 38.10
CA PRO Q 34 73.79 55.77 38.64
C PRO Q 34 73.62 57.26 38.44
N GLY Q 35 72.99 57.70 37.36
CA GLY Q 35 72.80 59.11 37.10
C GLY Q 35 74.01 59.77 36.44
N LEU Q 36 75.18 59.60 37.02
CA LEU Q 36 76.42 60.16 36.50
C LEU Q 36 77.27 59.04 35.93
N VAL Q 37 77.67 59.18 34.66
CA VAL Q 37 78.47 58.18 33.98
C VAL Q 37 79.69 58.86 33.36
N LYS Q 38 80.62 58.04 32.91
CA LYS Q 38 81.86 58.47 32.28
C LYS Q 38 81.84 58.14 30.80
N PRO Q 39 82.74 58.72 30.00
CA PRO Q 39 82.80 58.36 28.58
C PRO Q 39 83.12 56.88 28.40
N SER Q 40 82.53 56.29 27.37
CA SER Q 40 82.67 54.88 27.01
C SER Q 40 82.14 53.94 28.09
N GLU Q 41 81.42 54.46 29.08
CA GLU Q 41 80.84 53.65 30.13
C GLU Q 41 79.45 53.19 29.73
N THR Q 42 78.99 52.11 30.38
CA THR Q 42 77.68 51.54 30.09
C THR Q 42 76.64 52.14 31.03
N LEU Q 43 75.63 52.78 30.44
CA LEU Q 43 74.52 53.34 31.21
C LEU Q 43 73.41 52.32 31.32
N SER Q 44 72.99 52.04 32.55
CA SER Q 44 71.90 51.10 32.82
C SER Q 44 70.86 51.81 33.67
N LEU Q 45 69.61 51.80 33.20
CA LEU Q 45 68.50 52.37 33.96
C LEU Q 45 67.41 51.32 34.09
N THR Q 46 67.01 51.06 35.34
CA THR Q 46 66.01 50.05 35.64
C THR Q 46 64.75 50.72 36.13
N CYS Q 47 63.64 50.47 35.46
CA CYS Q 47 62.34 51.00 35.83
C CYS Q 47 61.50 49.89 36.44
N THR Q 48 61.15 50.03 37.72
CA THR Q 48 60.36 49.05 38.44
C THR Q 48 58.90 49.47 38.42
N VAL Q 49 58.02 48.50 38.22
CA VAL Q 49 56.59 48.74 38.09
C VAL Q 49 55.90 48.41 39.40
N SER Q 50 54.99 49.27 39.83
CA SER Q 50 54.21 49.06 41.03
C SER Q 50 52.73 49.09 40.67
N GLY Q 51 51.93 48.37 41.47
CA GLY Q 51 50.51 48.27 41.19
C GLY Q 51 50.16 47.43 39.97
N GLY Q 52 51.07 46.58 39.53
CA GLY Q 52 50.81 45.78 38.35
C GLY Q 52 51.92 44.76 38.16
N SER Q 53 51.98 44.21 36.95
CA SER Q 53 52.97 43.20 36.62
C SER Q 53 53.25 43.24 35.12
N ILE Q 54 54.35 42.60 34.73
CA ILE Q 54 54.69 42.50 33.31
C ILE Q 54 53.63 41.71 32.56
N GLY Q 55 53.21 40.58 33.14
CA GLY Q 55 52.19 39.74 32.53
C GLY Q 55 50.80 40.32 32.69
N SER Q 56 50.54 41.42 31.98
CA SER Q 56 49.31 42.16 32.11
C SER Q 56 48.63 42.31 30.75
N SER Q 57 47.65 43.22 30.68
CA SER Q 57 46.87 43.44 29.46
C SER Q 57 47.78 43.88 28.30
N SER Q 58 47.16 44.04 27.14
CA SER Q 58 47.88 44.39 25.92
C SER Q 58 48.34 45.84 25.97
N TYR Q 59 49.64 46.06 26.10
CA TYR Q 59 50.18 47.42 26.07
C TYR Q 59 51.70 47.36 25.88
N TYR Q 60 52.30 48.54 25.79
CA TYR Q 60 53.72 48.68 25.49
C TYR Q 60 54.52 49.11 26.72
N TRP Q 61 55.83 48.95 26.62
CA TRP Q 61 56.78 49.62 27.50
C TRP Q 61 57.78 50.40 26.63
N GLY Q 62 58.48 51.35 27.24
CA GLY Q 62 59.47 52.07 26.48
C GLY Q 62 60.25 53.04 27.35
N TRP Q 63 61.26 53.66 26.73
CA TRP Q 63 62.08 54.67 27.39
C TRP Q 63 62.13 55.92 26.52
N ILE Q 64 62.12 57.08 27.16
CA ILE Q 64 62.18 58.36 26.47
C ILE Q 64 63.28 59.20 27.11
N ARG Q 65 63.85 60.10 26.31
CA ARG Q 65 64.89 60.98 26.82
C ARG Q 65 64.73 62.36 26.20
N GLN Q 66 65.13 63.37 26.96
CA GLN Q 66 65.02 64.76 26.53
C GLN Q 66 66.29 65.51 26.93
N PRO Q 67 67.06 66.00 25.97
CA PRO Q 67 68.15 66.91 26.31
C PRO Q 67 67.59 68.22 26.84
N PRO Q 68 68.31 68.87 27.74
CA PRO Q 68 67.85 70.17 28.24
C PRO Q 68 67.72 71.18 27.10
N GLY Q 69 66.59 71.88 27.08
CA GLY Q 69 66.33 72.87 26.06
C GLY Q 69 65.91 72.31 24.71
N LYS Q 70 65.72 71.01 24.59
CA LYS Q 70 65.34 70.37 23.34
C LYS Q 70 64.07 69.54 23.55
N GLY Q 71 63.57 68.98 22.44
CA GLY Q 71 62.43 68.12 22.49
C GLY Q 71 62.78 66.71 22.95
N LEU Q 72 61.74 65.92 23.15
CA LEU Q 72 61.92 64.54 23.62
C LEU Q 72 62.40 63.65 22.50
N GLN Q 73 63.33 62.75 22.83
CA GLN Q 73 63.88 61.80 21.87
C GLN Q 73 63.60 60.39 22.36
N TRP Q 74 63.32 59.49 21.41
CA TRP Q 74 62.97 58.12 21.74
C TRP Q 74 64.17 57.20 21.57
N ILE Q 75 64.41 56.37 22.59
CA ILE Q 75 65.45 55.37 22.55
C ILE Q 75 64.91 54.02 22.07
N GLY Q 76 63.90 53.50 22.75
CA GLY Q 76 63.37 52.20 22.37
C GLY Q 76 62.09 51.88 23.11
N SER Q 77 61.50 50.75 22.73
CA SER Q 77 60.26 50.25 23.29
C SER Q 77 60.28 48.73 23.27
N PHE Q 78 59.57 48.15 24.23
CA PHE Q 78 59.46 46.71 24.39
C PHE Q 78 58.00 46.30 24.36
N HIS Q 79 57.66 45.40 23.45
CA HIS Q 79 56.33 44.80 23.41
C HIS Q 79 56.38 43.41 24.03
N TYR Q 80 55.38 43.11 24.86
CA TYR Q 80 55.36 41.87 25.62
C TYR Q 80 55.38 40.63 24.73
N SER Q 81 54.99 40.77 23.46
CA SER Q 81 54.91 39.64 22.54
C SER Q 81 56.26 39.03 22.23
N GLY Q 82 57.36 39.70 22.59
CA GLY Q 82 58.69 39.21 22.31
C GLY Q 82 59.48 40.07 21.35
N THR Q 83 58.83 40.99 20.65
CA THR Q 83 59.53 41.88 19.74
C THR Q 83 60.01 43.13 20.48
N THR Q 84 61.05 43.75 19.94
CA THR Q 84 61.61 44.98 20.48
C THR Q 84 61.77 45.99 19.36
N TYR Q 85 61.59 47.27 19.69
CA TYR Q 85 61.72 48.34 18.74
C TYR Q 85 62.77 49.32 19.24
N TYR Q 86 63.62 49.80 18.34
CA TYR Q 86 64.68 50.73 18.71
C TYR Q 86 64.78 51.84 17.69
N ASN Q 87 65.28 52.98 18.12
CA ASN Q 87 65.53 54.09 17.22
C ASN Q 87 66.70 53.72 16.31
N PRO Q 88 66.54 53.79 14.99
CA PRO Q 88 67.62 53.33 14.09
C PRO Q 88 68.94 54.04 14.31
N SER Q 89 68.93 55.32 14.65
CA SER Q 89 70.17 56.03 14.94
C SER Q 89 70.86 55.53 16.19
N LEU Q 90 70.11 54.94 17.13
CA LEU Q 90 70.68 54.45 18.38
C LEU Q 90 70.54 52.94 18.54
N LYS Q 91 69.94 52.24 17.58
CA LYS Q 91 69.69 50.82 17.74
C LYS Q 91 70.97 49.99 17.87
N SER Q 92 72.10 50.51 17.42
CA SER Q 92 73.34 49.74 17.44
C SER Q 92 73.87 49.52 18.85
N ARG Q 93 73.48 50.36 19.80
CA ARG Q 93 73.99 50.28 21.17
C ARG Q 93 72.89 50.09 22.21
N VAL Q 94 71.63 50.26 21.84
CA VAL Q 94 70.53 50.30 22.80
C VAL Q 94 69.95 48.90 22.97
N THR Q 95 69.90 48.43 24.21
CA THR Q 95 69.38 47.10 24.51
C THR Q 95 68.34 47.23 25.63
N ILE Q 96 67.15 46.69 25.38
CA ILE Q 96 66.06 46.74 26.35
C ILE Q 96 65.73 45.33 26.79
N SER Q 97 65.71 45.10 28.10
CA SER Q 97 65.39 43.79 28.64
C SER Q 97 64.33 43.95 29.71
N VAL Q 98 63.81 42.81 30.18
CA VAL Q 98 62.76 42.78 31.19
C VAL Q 98 63.09 41.67 32.18
N ASP Q 99 62.88 41.95 33.46
CA ASP Q 99 63.00 40.95 34.51
C ASP Q 99 61.62 40.79 35.13
N THR Q 100 60.88 39.78 34.68
CA THR Q 100 59.53 39.54 35.18
C THR Q 100 59.52 38.97 36.59
N SER Q 101 60.61 38.35 37.04
CA SER Q 101 60.67 37.80 38.39
C SER Q 101 60.68 38.88 39.45
N LYS Q 102 61.52 39.90 39.30
CA LYS Q 102 61.51 41.06 40.17
C LYS Q 102 60.74 42.22 39.54
N ASN Q 103 60.16 42.00 38.37
CA ASN Q 103 59.13 42.87 37.82
C ASN Q 103 59.64 44.28 37.51
N HIS Q 104 60.59 44.36 36.58
CA HIS Q 104 61.04 45.65 36.07
C HIS Q 104 61.40 45.50 34.60
N PHE Q 105 61.69 46.62 33.97
CA PHE Q 105 62.31 46.62 32.64
C PHE Q 105 63.49 47.60 32.63
N SER Q 106 64.55 47.19 31.95
CA SER Q 106 65.82 47.91 32.00
C SER Q 106 66.26 48.30 30.60
N LEU Q 107 66.89 49.46 30.53
CA LEU Q 107 67.47 50.00 29.30
C LEU Q 107 68.98 50.15 29.50
N LYS Q 108 69.75 49.70 28.51
CA LYS Q 108 71.20 49.77 28.55
C LYS Q 108 71.71 50.45 27.28
N LEU Q 109 72.53 51.48 27.47
CA LEU Q 109 73.19 52.18 26.37
C LEU Q 109 74.70 52.01 26.56
N SER Q 110 75.37 51.48 25.55
CA SER Q 110 76.79 51.22 25.66
C SER Q 110 77.61 52.34 25.02
N SER Q 111 78.80 52.56 25.58
CA SER Q 111 79.73 53.57 25.09
C SER Q 111 79.07 54.94 25.02
N VAL Q 112 78.49 55.36 26.15
CA VAL Q 112 77.74 56.61 26.21
C VAL Q 112 78.70 57.77 26.03
N THR Q 113 78.30 58.75 25.21
CA THR Q 113 79.10 59.93 24.94
C THR Q 113 78.40 61.16 25.51
N ALA Q 114 79.14 62.27 25.54
CA ALA Q 114 78.64 63.50 26.15
C ALA Q 114 77.39 64.01 25.44
N ALA Q 115 77.21 63.66 24.17
CA ALA Q 115 76.01 64.07 23.45
C ALA Q 115 74.75 63.37 23.95
N ASP Q 116 74.88 62.35 24.79
CA ASP Q 116 73.75 61.62 25.33
C ASP Q 116 73.28 62.17 26.67
N THR Q 117 73.87 63.27 27.14
CA THR Q 117 73.44 63.90 28.39
C THR Q 117 72.00 64.38 28.25
N ALA Q 118 71.10 63.82 29.05
CA ALA Q 118 69.69 64.14 28.92
C ALA Q 118 68.93 63.57 30.11
N VAL Q 119 67.70 64.06 30.29
CA VAL Q 119 66.81 63.53 31.33
C VAL Q 119 66.07 62.34 30.75
N TYR Q 120 66.18 61.19 31.42
CA TYR Q 120 65.58 59.95 30.95
C TYR Q 120 64.35 59.61 31.79
N TYR Q 121 63.33 59.07 31.13
CA TYR Q 121 62.12 58.58 31.77
C TYR Q 121 61.79 57.19 31.23
N CYS Q 122 61.17 56.38 32.07
CA CYS Q 122 60.54 55.13 31.64
C CYS Q 122 59.04 55.36 31.50
N ALA Q 123 58.45 54.75 30.48
CA ALA Q 123 57.07 55.06 30.13
C ALA Q 123 56.36 53.82 29.62
N SER Q 124 55.03 53.89 29.64
CA SER Q 124 54.19 52.82 29.13
C SER Q 124 52.87 53.43 28.67
N ARG Q 125 52.14 52.67 27.85
CA ARG Q 125 50.85 53.09 27.32
C ARG Q 125 49.84 51.99 27.66
N GLN Q 126 49.18 52.14 28.81
CA GLN Q 126 48.35 51.05 29.34
C GLN Q 126 47.20 50.70 28.40
N ASN Q 127 46.56 51.70 27.80
CA ASN Q 127 45.30 51.53 27.10
C ASN Q 127 45.51 51.58 25.59
N TRP Q 128 44.79 50.72 24.88
CA TRP Q 128 44.58 50.70 23.43
C TRP Q 128 45.78 50.22 22.63
N ASN Q 129 46.93 49.97 23.26
CA ASN Q 129 48.05 49.29 22.61
C ASN Q 129 48.48 49.99 21.33
N ASP Q 130 48.97 51.23 21.48
CA ASP Q 130 49.51 52.00 20.37
C ASP Q 130 50.87 52.55 20.76
N GLY Q 131 51.44 53.36 19.88
CA GLY Q 131 52.77 53.90 20.07
C GLY Q 131 52.88 55.08 21.01
N TYR Q 132 51.75 55.57 21.53
CA TYR Q 132 51.73 56.68 22.47
C TYR Q 132 52.24 56.26 23.83
N PHE Q 133 52.15 57.18 24.78
CA PHE Q 133 52.52 56.93 26.17
C PHE Q 133 51.61 57.72 27.10
N ASP Q 134 51.19 57.09 28.20
CA ASP Q 134 50.36 57.77 29.18
C ASP Q 134 50.72 57.45 30.63
N TYR Q 135 51.79 56.68 30.87
CA TYR Q 135 52.26 56.42 32.22
C TYR Q 135 53.76 56.68 32.27
N TRP Q 136 54.24 57.10 33.44
CA TRP Q 136 55.60 57.62 33.56
C TRP Q 136 56.14 57.39 34.96
N GLY Q 137 57.46 57.40 35.06
CA GLY Q 137 58.14 57.42 36.34
C GLY Q 137 58.73 58.79 36.64
N GLN Q 138 59.76 58.80 37.47
CA GLN Q 138 60.48 60.02 37.80
C GLN Q 138 61.86 59.92 37.15
N GLY Q 139 61.99 60.54 35.96
CA GLY Q 139 63.22 60.42 35.22
C GLY Q 139 64.40 61.10 35.89
N THR Q 140 65.59 60.67 35.51
CA THR Q 140 66.82 61.16 36.11
C THR Q 140 67.73 61.71 35.03
N LEU Q 141 68.57 62.68 35.43
CA LEU Q 141 69.51 63.27 34.50
C LEU Q 141 70.72 62.37 34.32
N VAL Q 142 71.16 62.20 33.08
CA VAL Q 142 72.34 61.41 32.75
C VAL Q 142 73.36 62.35 32.10
N THR Q 143 74.49 62.54 32.78
CA THR Q 143 75.61 63.30 32.29
C THR Q 143 76.81 62.37 32.14
N VAL Q 144 77.63 62.63 31.13
CA VAL Q 144 78.64 61.68 30.69
C VAL Q 144 80.07 62.21 30.79
N SER Q 145 80.28 63.53 30.79
CA SER Q 145 81.62 64.08 30.71
C SER Q 145 81.96 64.78 32.02
N SER Q 146 83.22 65.23 32.10
CA SER Q 146 83.75 65.99 33.23
C SER Q 146 83.84 65.14 34.49
N ALA Q 147 84.07 65.79 35.63
CA ALA Q 147 84.21 65.10 36.90
C ALA Q 147 83.49 65.88 37.98
N SER Q 148 82.98 65.16 38.97
CA SER Q 148 82.19 65.74 40.05
C SER Q 148 83.02 66.12 41.27
N THR Q 149 84.35 65.99 41.19
CA THR Q 149 85.21 66.26 42.34
C THR Q 149 85.71 67.70 42.40
N LYS Q 150 85.29 68.56 41.47
CA LYS Q 150 85.80 69.92 41.39
C LYS Q 150 84.99 70.83 42.31
N GLY Q 151 85.69 71.57 43.18
CA GLY Q 151 85.04 72.49 44.09
C GLY Q 151 84.81 73.85 43.47
N PRO Q 152 83.81 74.57 43.97
CA PRO Q 152 83.41 75.82 43.32
C PRO Q 152 84.42 76.94 43.52
N SER Q 153 84.40 77.90 42.60
CA SER Q 153 85.13 79.16 42.70
C SER Q 153 84.15 80.31 42.58
N VAL Q 154 84.37 81.37 43.35
CA VAL Q 154 83.41 82.46 43.46
C VAL Q 154 84.05 83.73 42.89
N PHE Q 155 83.29 84.44 42.05
CA PHE Q 155 83.74 85.68 41.45
C PHE Q 155 82.69 86.77 41.68
N PRO Q 156 83.08 87.93 42.20
CA PRO Q 156 82.09 88.99 42.44
C PRO Q 156 81.82 89.81 41.18
N LEU Q 157 80.54 89.91 40.82
CA LEU Q 157 80.08 90.86 39.81
C LEU Q 157 79.69 92.13 40.55
N ALA Q 158 80.64 93.05 40.60
CA ALA Q 158 80.53 94.21 41.46
C ALA Q 158 79.54 95.23 40.88
N PRO Q 159 78.84 95.99 41.72
CA PRO Q 159 77.95 97.03 41.22
C PRO Q 159 78.73 98.22 40.69
N SER Q 160 78.05 99.02 39.87
CA SER Q 160 78.65 100.19 39.26
C SER Q 160 77.56 101.22 38.99
N SER Q 161 78.00 102.46 38.75
CA SER Q 161 77.05 103.50 38.34
C SER Q 161 76.37 103.17 37.02
N LYS Q 162 77.01 102.37 36.17
CA LYS Q 162 76.36 101.87 34.97
C LYS Q 162 75.39 100.73 35.28
N SER Q 163 75.54 100.08 36.43
CA SER Q 163 74.68 98.98 36.83
C SER Q 163 73.51 99.43 37.70
N THR Q 164 73.34 100.73 37.88
CA THR Q 164 72.28 101.24 38.74
C THR Q 164 71.01 101.46 37.93
N SER Q 165 69.90 100.87 38.41
CA SER Q 165 68.61 100.97 37.73
C SER Q 165 67.77 102.07 38.38
N GLY Q 166 68.10 103.31 38.03
CA GLY Q 166 67.37 104.45 38.54
C GLY Q 166 67.47 104.65 40.04
N GLY Q 167 68.68 104.56 40.59
CA GLY Q 167 68.91 104.71 42.02
C GLY Q 167 69.11 103.40 42.76
N THR Q 168 68.76 102.27 42.16
CA THR Q 168 68.91 100.96 42.77
C THR Q 168 69.78 100.09 41.86
N ALA Q 169 70.86 99.53 42.42
CA ALA Q 169 71.87 98.85 41.63
C ALA Q 169 71.83 97.35 41.91
N ALA Q 170 72.17 96.56 40.90
CA ALA Q 170 72.18 95.11 41.01
C ALA Q 170 73.62 94.62 41.05
N LEU Q 171 73.95 93.82 42.06
CA LEU Q 171 75.26 93.23 42.20
C LEU Q 171 75.11 91.73 42.44
N GLY Q 172 76.10 90.95 42.01
CA GLY Q 172 75.92 89.52 42.09
C GLY Q 172 77.22 88.78 42.25
N CYS Q 173 77.13 87.46 42.08
CA CYS Q 173 78.30 86.59 42.12
C CYS Q 173 78.12 85.45 41.14
N LEU Q 174 79.23 85.04 40.54
CA LEU Q 174 79.29 83.92 39.60
C LEU Q 174 80.03 82.77 40.25
N VAL Q 175 79.40 81.61 40.29
CA VAL Q 175 80.03 80.38 40.75
C VAL Q 175 80.52 79.64 39.52
N LYS Q 176 81.83 79.63 39.33
CA LYS Q 176 82.44 79.01 38.16
C LYS Q 176 83.33 77.87 38.61
N ASP Q 177 83.49 76.88 37.73
CA ASP Q 177 84.35 75.72 37.97
C ASP Q 177 83.83 74.89 39.15
N TYR Q 178 82.56 74.51 39.08
CA TYR Q 178 81.96 73.65 40.09
C TYR Q 178 81.21 72.51 39.43
N PHE Q 179 81.21 71.35 40.09
CA PHE Q 179 80.55 70.17 39.58
C PHE Q 179 80.40 69.17 40.71
N PRO Q 180 79.26 68.47 40.82
CA PRO Q 180 78.06 68.57 39.97
C PRO Q 180 77.10 69.66 40.42
N GLU Q 181 76.18 70.05 39.53
CA GLU Q 181 75.09 70.94 39.89
C GLU Q 181 74.07 70.18 40.74
N PRO Q 182 73.22 70.90 41.50
CA PRO Q 182 73.08 72.35 41.63
C PRO Q 182 74.03 72.96 42.64
N VAL Q 183 74.08 74.30 42.69
CA VAL Q 183 74.89 75.03 43.65
C VAL Q 183 73.99 76.00 44.40
N THR Q 184 74.21 76.12 45.71
CA THR Q 184 73.42 77.02 46.55
C THR Q 184 74.10 78.37 46.64
N VAL Q 185 73.41 79.42 46.22
CA VAL Q 185 73.92 80.77 46.26
C VAL Q 185 73.00 81.62 47.13
N SER Q 186 73.57 82.25 48.15
CA SER Q 186 72.81 83.12 49.05
C SER Q 186 73.65 84.35 49.37
N TRP Q 187 73.05 85.27 50.11
CA TRP Q 187 73.71 86.52 50.48
C TRP Q 187 73.65 86.72 51.98
N ASN Q 188 74.77 87.16 52.56
CA ASN Q 188 74.86 87.54 53.96
C ASN Q 188 74.49 86.38 54.89
N SER Q 189 75.21 85.27 54.75
CA SER Q 189 75.04 84.08 55.59
C SER Q 189 73.62 83.53 55.49
N GLY Q 190 72.97 83.71 54.34
CA GLY Q 190 71.63 83.21 54.13
C GLY Q 190 70.54 84.04 54.75
N ALA Q 191 70.87 85.11 55.48
CA ALA Q 191 69.85 85.95 56.07
C ALA Q 191 69.04 86.69 55.02
N LEU Q 192 69.67 87.03 53.89
CA LEU Q 192 69.00 87.73 52.80
C LEU Q 192 68.81 86.76 51.65
N THR Q 193 67.56 86.37 51.41
CA THR Q 193 67.19 85.56 50.26
C THR Q 193 66.11 86.20 49.39
N SER Q 194 65.40 87.20 49.91
CA SER Q 194 64.38 87.90 49.13
C SER Q 194 65.04 88.77 48.08
N GLY Q 195 64.49 88.75 46.86
CA GLY Q 195 65.00 89.56 45.79
C GLY Q 195 66.18 88.98 45.04
N VAL Q 196 66.57 87.74 45.34
CA VAL Q 196 67.69 87.11 44.66
C VAL Q 196 67.20 86.51 43.35
N HIS Q 197 67.84 86.90 42.25
CA HIS Q 197 67.49 86.42 40.92
C HIS Q 197 68.57 85.47 40.43
N THR Q 198 68.15 84.32 39.91
CA THR Q 198 69.07 83.26 39.51
C THR Q 198 68.92 82.98 38.03
N PHE Q 199 70.01 82.50 37.43
CA PHE Q 199 70.09 82.22 36.01
C PHE Q 199 70.28 80.72 35.77
N PRO Q 200 69.69 80.18 34.71
CA PRO Q 200 69.97 78.78 34.35
C PRO Q 200 71.41 78.60 33.93
N ALA Q 201 72.12 77.75 34.65
CA ALA Q 201 73.54 77.56 34.39
C ALA Q 201 73.77 76.64 33.19
N VAL Q 202 74.86 76.90 32.47
CA VAL Q 202 75.16 76.22 31.22
C VAL Q 202 76.54 75.59 31.30
N LEU Q 203 76.63 74.33 30.87
CA LEU Q 203 77.89 73.61 30.80
C LEU Q 203 78.73 74.13 29.64
N GLN Q 204 80.03 74.26 29.88
CA GLN Q 204 80.97 74.70 28.86
C GLN Q 204 81.47 73.52 28.04
N SER Q 205 82.33 73.82 27.06
CA SER Q 205 82.91 72.80 26.18
C SER Q 205 84.23 72.29 26.75
N SER Q 206 84.36 72.43 28.07
CA SER Q 206 85.55 71.97 28.79
C SER Q 206 85.15 71.15 30.00
N GLY Q 207 83.86 70.85 30.15
CA GLY Q 207 83.36 70.14 31.29
C GLY Q 207 83.17 70.99 32.53
N LEU Q 208 83.30 72.31 32.41
CA LEU Q 208 83.27 73.21 33.54
C LEU Q 208 81.94 73.97 33.56
N TYR Q 209 81.46 74.26 34.76
CA TYR Q 209 80.11 74.76 34.95
C TYR Q 209 80.14 76.11 35.69
N SER Q 210 79.17 76.97 35.36
CA SER Q 210 79.12 78.31 35.94
C SER Q 210 77.67 78.78 36.02
N LEU Q 211 77.35 79.45 37.13
CA LEU Q 211 76.01 79.98 37.37
C LEU Q 211 76.12 81.37 37.98
N SER Q 212 75.33 82.31 37.46
CA SER Q 212 75.34 83.68 37.93
C SER Q 212 74.08 83.98 38.72
N SER Q 213 74.25 84.55 39.92
CA SER Q 213 73.12 84.91 40.75
C SER Q 213 73.31 86.32 41.28
N VAL Q 214 72.27 87.14 41.13
CA VAL Q 214 72.37 88.57 41.42
C VAL Q 214 71.29 88.96 42.43
N VAL Q 215 71.44 90.17 42.98
CA VAL Q 215 70.49 90.76 43.90
C VAL Q 215 70.51 92.27 43.68
N THR Q 216 69.33 92.89 43.72
CA THR Q 216 69.19 94.30 43.42
C THR Q 216 68.83 95.06 44.71
N VAL Q 217 69.68 96.02 45.07
CA VAL Q 217 69.56 96.74 46.34
C VAL Q 217 69.91 98.21 46.10
N PRO Q 218 69.36 99.11 46.91
CA PRO Q 218 69.88 100.47 46.93
C PRO Q 218 71.35 100.49 47.35
N SER Q 219 72.11 101.39 46.72
CA SER Q 219 73.56 101.38 46.89
C SER Q 219 73.98 101.83 48.29
N SER Q 220 73.08 102.49 49.04
CA SER Q 220 73.45 103.00 50.35
C SER Q 220 73.79 101.90 51.35
N SER Q 221 73.26 100.69 51.15
CA SER Q 221 73.57 99.56 52.02
C SER Q 221 74.85 98.84 51.64
N LEU Q 222 75.42 99.15 50.47
CA LEU Q 222 76.63 98.47 50.03
C LEU Q 222 77.86 98.96 50.80
N GLY Q 223 77.97 100.26 51.03
CA GLY Q 223 79.10 100.82 51.73
C GLY Q 223 79.04 100.77 53.23
N THR Q 224 77.94 100.28 53.80
CA THR Q 224 77.78 100.18 55.24
C THR Q 224 77.77 98.75 55.77
N GLN Q 225 77.19 97.81 55.02
CA GLN Q 225 77.17 96.40 55.39
C GLN Q 225 78.01 95.63 54.38
N THR Q 226 79.00 94.89 54.87
CA THR Q 226 79.83 94.07 54.00
C THR Q 226 78.95 93.00 53.35
N TYR Q 227 79.05 92.88 52.03
CA TYR Q 227 78.13 92.07 51.24
C TYR Q 227 78.86 90.80 50.82
N ILE Q 228 78.34 89.65 51.25
CA ILE Q 228 79.02 88.36 51.10
C ILE Q 228 78.17 87.44 50.26
N CYS Q 229 78.77 86.88 49.21
CA CYS Q 229 78.17 85.79 48.46
C CYS Q 229 78.54 84.48 49.14
N ASN Q 230 77.52 83.72 49.54
CA ASN Q 230 77.69 82.45 50.23
C ASN Q 230 77.38 81.34 49.22
N VAL Q 231 78.37 80.52 48.93
CA VAL Q 231 78.27 79.46 47.93
C VAL Q 231 78.45 78.13 48.63
N ASN Q 232 77.44 77.27 48.54
CA ASN Q 232 77.47 75.94 49.14
C ASN Q 232 77.33 74.90 48.04
N HIS Q 233 78.23 73.93 48.03
CA HIS Q 233 78.23 72.82 47.10
C HIS Q 233 77.98 71.57 47.94
N LYS Q 234 76.72 71.15 47.99
CA LYS Q 234 76.33 70.02 48.84
C LYS Q 234 77.00 68.70 48.42
N PRO Q 235 77.06 68.32 47.14
CA PRO Q 235 77.73 67.06 46.80
C PRO Q 235 79.18 66.99 47.22
N SER Q 236 79.90 68.12 47.24
CA SER Q 236 81.26 68.16 47.74
C SER Q 236 81.34 68.75 49.14
N ASN Q 237 80.22 69.18 49.72
CA ASN Q 237 80.17 69.73 51.07
C ASN Q 237 81.15 70.90 51.22
N THR Q 238 81.17 71.79 50.23
CA THR Q 238 82.10 72.91 50.20
C THR Q 238 81.37 74.20 50.50
N LYS Q 239 81.90 74.99 51.43
CA LYS Q 239 81.30 76.27 51.82
C LYS Q 239 82.31 77.38 51.59
N VAL Q 240 81.93 78.37 50.79
CA VAL Q 240 82.79 79.51 50.49
C VAL Q 240 82.01 80.79 50.75
N ASP Q 241 82.62 81.72 51.47
CA ASP Q 241 82.06 83.05 51.71
C ASP Q 241 83.00 84.06 51.08
N LYS Q 242 82.53 84.72 50.01
CA LYS Q 242 83.39 85.62 49.23
C LYS Q 242 82.83 87.04 49.31
N ARG Q 243 83.71 88.00 49.57
CA ARG Q 243 83.32 89.39 49.67
C ARG Q 243 82.98 89.97 48.30
N VAL Q 244 81.77 90.52 48.20
CA VAL Q 244 81.32 91.20 46.99
C VAL Q 244 81.03 92.65 47.36
N GLU Q 245 81.80 93.56 46.79
CA GLU Q 245 81.73 94.99 47.11
C GLU Q 245 81.82 95.81 45.83
N PRO Q 246 81.43 97.08 45.88
CA PRO Q 246 81.53 97.92 44.68
C PRO Q 246 82.96 97.96 44.14
N LYS Q 247 83.05 97.98 42.81
CA LYS Q 247 84.35 97.86 42.15
C LYS Q 247 85.26 99.02 42.53
N SER Q 248 86.56 98.72 42.66
CA SER Q 248 87.52 99.72 43.12
C SER Q 248 87.60 100.92 42.19
N CYS Q 249 87.25 100.75 40.92
CA CYS Q 249 87.23 101.90 40.01
C CYS Q 249 86.10 102.87 40.35
N ASP Q 250 85.09 102.42 41.09
CA ASP Q 250 84.01 103.28 41.54
C ASP Q 250 84.19 103.76 42.99
N LYS Q 251 85.25 103.33 43.65
CA LYS Q 251 85.55 103.79 45.00
C LYS Q 251 86.52 104.96 44.96
N THR Q 252 86.36 105.88 45.92
CA THR Q 252 87.20 107.07 46.01
C THR Q 252 88.41 106.76 46.89
N HIS Q 253 89.31 105.95 46.34
CA HIS Q 253 90.54 105.59 47.02
C HIS Q 253 91.76 106.13 46.27
N ASP R 26 62.19 59.52 8.02
CA ASP R 26 61.63 60.01 9.27
C ASP R 26 60.61 61.11 9.01
N ILE R 27 59.84 61.46 10.04
CA ILE R 27 58.81 62.48 9.95
C ILE R 27 59.07 63.49 11.07
N GLN R 28 59.05 64.77 10.73
CA GLN R 28 59.37 65.82 11.68
C GLN R 28 58.21 66.78 11.88
N MET R 29 57.95 67.13 13.14
CA MET R 29 56.90 68.06 13.51
C MET R 29 57.49 69.42 13.86
N THR R 30 56.80 70.47 13.43
CA THR R 30 57.16 71.84 13.77
C THR R 30 55.98 72.52 14.45
N GLN R 31 56.24 73.13 15.61
CA GLN R 31 55.19 73.78 16.38
C GLN R 31 55.21 75.28 16.16
N SER R 32 54.04 75.90 16.31
CA SER R 32 53.86 77.32 16.08
C SER R 32 52.85 77.89 17.05
N PRO R 33 53.19 78.97 17.76
CA PRO R 33 54.49 79.65 17.77
C PRO R 33 55.49 78.92 18.66
N ALA R 34 56.78 79.23 18.54
CA ALA R 34 57.76 78.63 19.44
C ALA R 34 57.51 79.04 20.89
N THR R 35 57.06 80.28 21.09
CA THR R 35 56.68 80.78 22.40
C THR R 35 55.38 81.56 22.30
N LEU R 36 54.45 81.28 23.20
CA LEU R 36 53.16 81.95 23.24
C LEU R 36 52.93 82.55 24.62
N SER R 37 52.60 83.83 24.65
CA SER R 37 52.29 84.54 25.89
C SER R 37 50.87 85.06 25.79
N LEU R 38 50.00 84.61 26.71
CA LEU R 38 48.60 85.00 26.68
C LEU R 38 48.03 84.89 28.08
N SER R 39 47.14 85.82 28.41
CA SER R 39 46.69 85.98 29.79
C SER R 39 45.82 84.82 30.24
N PRO R 40 45.81 84.53 31.55
CA PRO R 40 44.92 83.48 32.06
C PRO R 40 43.46 83.81 31.79
N GLY R 41 42.66 82.76 31.57
CA GLY R 41 41.24 82.92 31.36
C GLY R 41 40.82 83.19 29.94
N GLU R 42 41.75 83.21 28.99
CA GLU R 42 41.42 83.46 27.59
C GLU R 42 41.68 82.24 26.73
N ARG R 43 41.07 82.26 25.54
CA ARG R 43 41.20 81.18 24.58
C ARG R 43 42.59 81.20 23.94
N ALA R 44 43.16 80.02 23.73
CA ALA R 44 44.49 79.89 23.17
C ALA R 44 44.49 78.85 22.06
N THR R 45 45.46 78.97 21.15
CA THR R 45 45.58 78.07 20.01
C THR R 45 47.04 77.79 19.73
N LEU R 46 47.36 76.53 19.42
CA LEU R 46 48.69 76.11 19.03
C LEU R 46 48.61 75.25 17.77
N PHE R 47 49.65 75.31 16.94
CA PHE R 47 49.69 74.62 15.67
C PHE R 47 50.85 73.64 15.63
N CYS R 48 50.60 72.47 15.04
CA CYS R 48 51.66 71.50 14.79
C CYS R 48 51.57 71.04 13.34
N ARG R 49 52.69 71.16 12.63
CA ARG R 49 52.78 70.83 11.21
C ARG R 49 53.66 69.60 11.03
N ALA R 50 53.21 68.69 10.17
CA ALA R 50 53.89 67.44 9.92
C ALA R 50 54.58 67.47 8.56
N SER R 51 55.74 66.81 8.49
CA SER R 51 56.43 66.66 7.22
C SER R 51 55.68 65.76 6.25
N GLN R 52 55.00 64.74 6.76
CA GLN R 52 54.20 63.84 5.95
C GLN R 52 52.85 63.64 6.61
N SER R 53 51.85 63.29 5.79
CA SER R 53 50.50 63.08 6.32
C SER R 53 50.48 61.85 7.22
N VAL R 54 49.93 62.02 8.41
CA VAL R 54 49.83 60.94 9.39
C VAL R 54 48.38 60.71 9.82
N SER R 55 47.43 61.05 8.96
CA SER R 55 46.00 60.91 9.25
C SER R 55 45.64 61.66 10.52
N SER R 56 45.36 60.93 11.59
CA SER R 56 45.08 61.52 12.90
C SER R 56 46.07 61.08 13.97
N SER R 57 47.22 60.55 13.57
CA SER R 57 48.21 60.05 14.52
C SER R 57 49.05 61.20 15.08
N LEU R 58 48.40 62.00 15.93
CA LEU R 58 49.10 63.07 16.64
C LEU R 58 48.55 63.17 18.06
N ALA R 59 49.46 63.38 19.00
CA ALA R 59 49.16 63.51 20.41
C ALA R 59 49.71 64.84 20.92
N TRP R 60 48.94 65.47 21.80
CA TRP R 60 49.32 66.74 22.42
C TRP R 60 49.66 66.50 23.88
N TYR R 61 50.83 67.02 24.28
CA TYR R 61 51.49 66.65 25.51
C TYR R 61 51.82 67.89 26.33
N GLN R 62 51.78 67.74 27.65
CA GLN R 62 52.06 68.82 28.59
C GLN R 62 53.26 68.45 29.46
N GLN R 63 54.10 69.43 29.74
CA GLN R 63 55.23 69.25 30.66
C GLN R 63 55.41 70.49 31.50
N LYS R 64 55.71 70.29 32.78
CA LYS R 64 55.97 71.37 33.72
C LYS R 64 57.35 71.20 34.36
N PRO R 65 58.00 72.29 34.76
CA PRO R 65 59.32 72.16 35.38
C PRO R 65 59.26 71.30 36.63
N GLY R 66 60.22 70.38 36.73
CA GLY R 66 60.25 69.43 37.82
C GLY R 66 59.27 68.30 37.70
N GLN R 67 58.53 68.21 36.61
CA GLN R 67 57.49 67.21 36.42
C GLN R 67 57.73 66.45 35.12
N ALA R 68 57.35 65.19 35.10
CA ALA R 68 57.41 64.40 33.88
C ALA R 68 56.38 64.90 32.88
N PRO R 69 56.59 64.63 31.59
CA PRO R 69 55.58 65.03 30.60
C PRO R 69 54.23 64.37 30.88
N ARG R 70 53.16 65.08 30.56
CA ARG R 70 51.81 64.64 30.84
C ARG R 70 51.00 64.59 29.56
N LEU R 71 50.31 63.47 29.34
CA LEU R 71 49.49 63.32 28.14
C LEU R 71 48.16 64.04 28.31
N LEU R 72 47.79 64.83 27.29
CA LEU R 72 46.50 65.50 27.26
C LEU R 72 45.61 64.96 26.15
N ILE R 73 46.10 64.92 24.91
CA ILE R 73 45.29 64.51 23.76
C ILE R 73 46.00 63.36 23.07
N TYR R 74 45.26 62.30 22.76
CA TYR R 74 45.78 61.19 21.97
C TYR R 74 45.01 61.08 20.66
N ASP R 75 45.73 60.77 19.59
CA ASP R 75 45.15 60.67 18.24
C ASP R 75 44.48 61.97 17.81
N ALA R 76 44.95 63.10 18.36
CA ALA R 76 44.45 64.43 18.01
C ALA R 76 42.94 64.54 18.21
N SER R 77 42.43 63.84 19.22
CA SER R 77 41.00 63.86 19.51
C SER R 77 40.78 63.34 20.93
N ASN R 78 39.57 63.58 21.43
CA ASN R 78 39.11 63.06 22.73
C ASN R 78 40.07 63.55 23.80
N ARG R 79 40.36 62.75 24.84
CA ARG R 79 41.25 63.13 25.92
C ARG R 79 41.53 61.94 26.82
N ALA R 80 42.71 61.89 27.44
CA ALA R 80 43.02 60.83 28.38
C ALA R 80 42.22 61.01 29.67
N THR R 81 42.24 59.97 30.50
CA THR R 81 41.54 60.03 31.77
C THR R 81 42.18 61.08 32.67
N GLY R 82 41.34 61.88 33.33
CA GLY R 82 41.81 62.96 34.18
C GLY R 82 42.13 64.25 33.45
N ILE R 83 41.97 64.28 32.13
CA ILE R 83 42.24 65.48 31.34
C ILE R 83 40.91 66.16 31.04
N PRO R 84 40.67 67.37 31.55
CA PRO R 84 39.36 68.00 31.36
C PRO R 84 39.15 68.45 29.92
N ALA R 85 37.94 68.96 29.67
CA ALA R 85 37.52 69.29 28.32
C ALA R 85 38.10 70.61 27.81
N ARG R 86 38.85 71.34 28.65
CA ARG R 86 39.38 72.63 28.22
C ARG R 86 40.32 72.47 27.03
N PHE R 87 41.03 71.36 26.94
CA PHE R 87 41.88 71.03 25.80
C PHE R 87 41.01 70.40 24.74
N SER R 88 41.19 70.81 23.49
CA SER R 88 40.46 70.23 22.37
C SER R 88 41.40 70.11 21.18
N GLY R 89 41.64 68.88 20.75
CA GLY R 89 42.50 68.65 19.61
C GLY R 89 41.71 68.45 18.33
N SER R 90 42.30 68.92 17.23
CA SER R 90 41.67 68.77 15.92
C SER R 90 42.76 68.83 14.86
N GLY R 91 42.36 68.61 13.62
CA GLY R 91 43.27 68.65 12.49
C GLY R 91 43.36 67.30 11.79
N SER R 92 44.15 67.30 10.72
CA SER R 92 44.29 66.11 9.90
C SER R 92 45.51 66.26 9.01
N GLY R 93 45.87 65.17 8.33
CA GLY R 93 46.94 65.19 7.36
C GLY R 93 48.26 65.66 7.93
N THR R 94 48.66 66.87 7.57
CA THR R 94 49.91 67.45 8.02
C THR R 94 49.73 68.60 8.99
N ASP R 95 48.49 69.08 9.19
CA ASP R 95 48.24 70.26 10.02
C ASP R 95 47.28 69.89 11.14
N PHE R 96 47.67 70.22 12.37
CA PHE R 96 46.85 69.93 13.54
C PHE R 96 46.83 71.14 14.46
N THR R 97 45.72 71.32 15.17
CA THR R 97 45.55 72.44 16.06
C THR R 97 45.13 71.94 17.44
N LEU R 98 45.63 72.63 18.46
CA LEU R 98 45.21 72.41 19.84
C LEU R 98 44.58 73.70 20.35
N THR R 99 43.35 73.60 20.85
CA THR R 99 42.59 74.75 21.30
C THR R 99 42.33 74.65 22.80
N ILE R 100 42.65 75.72 23.52
CA ILE R 100 42.36 75.84 24.94
C ILE R 100 41.20 76.80 25.09
N SER R 101 40.07 76.31 25.62
CA SER R 101 38.92 77.17 25.82
C SER R 101 39.22 78.29 26.80
N SER R 102 39.95 78.01 27.88
CA SER R 102 40.33 79.02 28.85
C SER R 102 41.49 78.51 29.67
N LEU R 103 42.53 79.34 29.80
CA LEU R 103 43.71 79.02 30.59
C LEU R 103 43.45 79.39 32.05
N GLU R 104 43.28 78.38 32.90
CA GLU R 104 43.32 78.63 34.33
C GLU R 104 44.76 78.74 34.79
N PRO R 105 45.00 79.29 35.99
CA PRO R 105 46.39 79.48 36.44
C PRO R 105 47.22 78.22 36.48
N GLU R 106 46.61 77.04 36.54
CA GLU R 106 47.33 75.78 36.60
C GLU R 106 47.63 75.20 35.22
N ASP R 107 47.23 75.87 34.14
CA ASP R 107 47.35 75.33 32.79
C ASP R 107 48.61 75.77 32.06
N PHE R 108 49.48 76.55 32.71
CA PHE R 108 50.66 77.11 32.03
C PHE R 108 51.80 76.10 32.09
N ALA R 109 52.22 75.64 30.92
CA ALA R 109 53.23 74.59 30.80
C ALA R 109 53.75 74.60 29.36
N VAL R 110 54.78 73.78 29.11
CA VAL R 110 55.31 73.65 27.77
C VAL R 110 54.62 72.48 27.07
N TYR R 111 54.16 72.72 25.85
CA TYR R 111 53.34 71.76 25.13
C TYR R 111 54.09 71.20 23.93
N TYR R 112 53.80 69.94 23.61
CA TYR R 112 54.51 69.20 22.56
C TYR R 112 53.49 68.47 21.69
N CYS R 113 53.88 68.18 20.45
CA CYS R 113 53.08 67.35 19.56
C CYS R 113 53.91 66.16 19.08
N GLN R 114 53.26 65.00 19.07
CA GLN R 114 53.90 63.73 18.72
C GLN R 114 53.13 63.07 17.59
N GLN R 115 53.86 62.49 16.64
CA GLN R 115 53.27 61.70 15.58
C GLN R 115 53.60 60.24 15.81
N ARG R 116 52.67 59.34 15.49
CA ARG R 116 52.95 57.92 15.49
C ARG R 116 52.61 57.28 14.14
N GLY R 117 52.35 58.11 13.13
CA GLY R 117 51.90 57.59 11.85
C GLY R 117 52.89 56.62 11.23
N ASN R 118 54.18 56.87 11.43
CA ASN R 118 55.20 55.98 10.87
C ASN R 118 56.35 55.91 11.85
N TRP R 119 56.37 54.87 12.68
CA TRP R 119 57.43 54.65 13.65
C TRP R 119 57.75 53.17 13.68
N PRO R 120 58.96 52.79 14.12
CA PRO R 120 60.05 53.60 14.71
C PRO R 120 60.77 54.49 13.70
N PRO R 121 61.37 55.60 14.16
CA PRO R 121 61.40 56.10 15.53
C PRO R 121 60.14 56.89 15.85
N ILE R 122 59.76 57.04 17.12
CA ILE R 122 58.55 57.77 17.47
C ILE R 122 58.98 59.23 17.66
N THR R 123 58.24 60.16 17.07
CA THR R 123 58.72 61.53 16.93
C THR R 123 57.89 62.51 17.75
N PHE R 124 58.57 63.43 18.43
CA PHE R 124 57.94 64.47 19.23
C PHE R 124 58.29 65.84 18.67
N GLY R 125 57.46 66.83 19.02
CA GLY R 125 57.73 68.21 18.65
C GLY R 125 58.77 68.86 19.53
N GLN R 126 59.31 69.98 19.06
CA GLN R 126 60.36 70.68 19.78
C GLN R 126 59.85 71.39 21.02
N GLY R 127 58.55 71.69 21.09
CA GLY R 127 57.98 72.33 22.26
C GLY R 127 57.65 73.79 22.07
N THR R 128 56.46 74.19 22.50
CA THR R 128 56.02 75.58 22.48
C THR R 128 55.93 76.08 23.91
N ARG R 129 56.40 77.31 24.14
CA ARG R 129 56.43 77.89 25.48
C ARG R 129 55.17 78.71 25.70
N LEU R 130 54.39 78.34 26.72
CA LEU R 130 53.16 79.03 27.06
C LEU R 130 53.41 79.95 28.24
N ASP R 131 53.18 81.24 28.04
CA ASP R 131 53.38 82.25 29.07
C ASP R 131 52.07 83.01 29.32
N THR R 132 52.09 83.84 30.36
CA THR R 132 50.95 84.69 30.69
C THR R 132 51.32 86.09 30.21
N LYS R 133 50.48 86.70 29.38
CA LYS R 133 50.85 88.00 28.81
C LYS R 133 51.04 89.08 29.89
N ARG R 134 52.07 89.91 29.74
CA ARG R 134 52.36 90.94 30.73
C ARG R 134 52.63 92.30 30.08
N THR R 135 52.99 93.30 30.88
CA THR R 135 53.25 94.64 30.35
C THR R 135 54.62 94.70 29.68
N VAL R 136 54.72 95.57 28.67
CA VAL R 136 55.96 95.69 27.91
C VAL R 136 57.05 96.29 28.80
N ALA R 137 58.21 95.65 28.81
CA ALA R 137 59.37 96.11 29.59
C ALA R 137 60.60 96.01 28.69
N ALA R 138 61.27 97.13 28.48
CA ALA R 138 62.49 97.13 27.69
C ALA R 138 63.64 96.54 28.52
N PRO R 139 64.56 95.82 27.90
CA PRO R 139 65.68 95.26 28.65
C PRO R 139 66.66 96.34 29.08
N SER R 140 67.11 96.26 30.33
CA SER R 140 68.16 97.12 30.85
C SER R 140 69.47 96.35 30.78
N VAL R 141 70.44 96.90 30.05
CA VAL R 141 71.65 96.18 29.68
C VAL R 141 72.80 96.66 30.56
N PHE R 142 73.51 95.71 31.17
CA PHE R 142 74.68 95.99 31.98
C PHE R 142 75.84 95.14 31.49
N ILE R 143 77.06 95.66 31.65
CA ILE R 143 78.26 94.97 31.20
C ILE R 143 79.20 94.77 32.39
N PHE R 144 79.65 93.53 32.57
CA PHE R 144 80.67 93.19 33.55
C PHE R 144 81.90 92.66 32.81
N PRO R 145 82.96 93.46 32.69
CA PRO R 145 84.21 92.95 32.15
C PRO R 145 84.87 92.02 33.15
N PRO R 146 85.71 91.10 32.69
CA PRO R 146 86.43 90.23 33.61
C PRO R 146 87.37 91.02 34.50
N SER R 147 87.36 90.71 35.79
CA SER R 147 88.26 91.37 36.72
C SER R 147 89.53 90.54 36.89
N ASP R 148 90.41 91.00 37.78
CA ASP R 148 91.70 90.34 37.97
C ASP R 148 91.53 88.91 38.48
N GLU R 149 90.43 88.61 39.16
CA GLU R 149 90.17 87.25 39.60
C GLU R 149 89.91 86.28 38.46
N GLN R 150 89.29 86.73 37.37
CA GLN R 150 89.15 85.90 36.18
C GLN R 150 90.33 86.03 35.23
N LEU R 151 90.99 87.19 35.20
CA LEU R 151 92.18 87.34 34.38
C LEU R 151 93.36 86.56 34.92
N LYS R 152 93.40 86.28 36.22
CA LYS R 152 94.40 85.36 36.74
C LYS R 152 93.95 83.91 36.65
N SER R 153 92.70 83.68 36.24
CA SER R 153 92.15 82.33 36.15
C SER R 153 92.49 81.64 34.83
N GLY R 154 93.14 82.34 33.89
CA GLY R 154 93.53 81.75 32.63
C GLY R 154 92.51 81.84 31.52
N THR R 155 91.31 82.36 31.80
CA THR R 155 90.27 82.53 30.80
C THR R 155 89.74 83.96 30.87
N ALA R 156 88.79 84.27 29.99
CA ALA R 156 88.14 85.57 30.00
C ALA R 156 86.66 85.38 29.73
N SER R 157 85.84 85.92 30.62
CA SER R 157 84.37 85.81 30.52
C SER R 157 83.78 87.20 30.69
N VAL R 158 83.30 87.78 29.58
CA VAL R 158 82.67 89.09 29.60
C VAL R 158 81.16 88.86 29.66
N VAL R 159 80.50 89.56 30.58
CA VAL R 159 79.10 89.32 30.89
C VAL R 159 78.26 90.51 30.42
N CYS R 160 77.16 90.22 29.74
CA CYS R 160 76.19 91.22 29.32
C CYS R 160 74.81 90.78 29.80
N LEU R 161 74.26 91.51 30.76
CA LEU R 161 73.02 91.12 31.43
C LEU R 161 71.87 92.01 30.98
N LEU R 162 70.76 91.38 30.60
CA LEU R 162 69.52 92.07 30.25
C LEU R 162 68.53 91.80 31.37
N ASN R 163 68.21 92.84 32.12
CA ASN R 163 67.33 92.70 33.28
C ASN R 163 66.03 93.48 33.06
N ASN R 164 64.95 92.94 33.63
CA ASN R 164 63.65 93.60 33.66
C ASN R 164 63.11 93.87 32.26
N PHE R 165 62.87 92.78 31.51
CA PHE R 165 62.23 92.88 30.21
C PHE R 165 61.21 91.76 30.04
N TYR R 166 60.24 92.03 29.15
CA TYR R 166 59.18 91.09 28.82
C TYR R 166 58.72 91.51 27.43
N PRO R 167 58.52 90.55 26.50
CA PRO R 167 58.65 89.09 26.63
C PRO R 167 60.10 88.61 26.68
N ARG R 168 60.29 87.30 26.92
CA ARG R 168 61.61 86.76 27.25
C ARG R 168 62.58 86.73 26.08
N GLU R 169 62.10 86.67 24.84
CA GLU R 169 63.01 86.52 23.71
C GLU R 169 63.74 87.83 23.44
N ALA R 170 65.04 87.73 23.16
CA ALA R 170 65.87 88.89 22.88
C ALA R 170 67.02 88.47 21.97
N LYS R 171 67.60 89.45 21.29
CA LYS R 171 68.73 89.22 20.39
C LYS R 171 69.95 89.90 20.98
N VAL R 172 71.04 89.15 21.16
CA VAL R 172 72.28 89.66 21.72
C VAL R 172 73.42 89.34 20.76
N GLN R 173 74.25 90.34 20.46
CA GLN R 173 75.41 90.15 19.61
C GLN R 173 76.60 90.84 20.24
N TRP R 174 77.81 90.37 19.90
CA TRP R 174 79.03 90.94 20.44
C TRP R 174 79.95 91.41 19.33
N LYS R 175 80.61 92.54 19.56
CA LYS R 175 81.60 93.10 18.65
C LYS R 175 82.94 93.24 19.38
N VAL R 176 83.99 92.68 18.78
CA VAL R 176 85.32 92.68 19.37
C VAL R 176 86.30 93.23 18.34
N ASP R 177 86.62 94.51 18.44
CA ASP R 177 87.56 95.18 17.53
C ASP R 177 87.16 94.98 16.07
N ASN R 178 85.86 95.03 15.80
CA ASN R 178 85.30 94.92 14.45
C ASN R 178 85.71 93.65 13.74
N ALA R 179 85.94 92.57 14.48
CA ALA R 179 86.32 91.28 13.90
C ALA R 179 85.13 90.33 14.01
N LEU R 180 84.78 89.71 12.89
CA LEU R 180 83.65 88.78 12.87
C LEU R 180 83.94 87.59 13.75
N GLN R 181 82.96 87.21 14.57
CA GLN R 181 83.09 86.13 15.52
C GLN R 181 82.26 84.92 15.10
N SER R 182 82.66 83.75 15.58
CA SER R 182 81.96 82.51 15.24
C SER R 182 82.18 81.49 16.34
N GLY R 183 81.08 81.08 16.97
CA GLY R 183 81.11 80.00 17.95
C GLY R 183 81.70 80.35 19.29
N ASN R 184 81.83 81.63 19.63
CA ASN R 184 82.42 82.02 20.90
C ASN R 184 81.50 82.95 21.70
N SER R 185 80.20 82.68 21.66
CA SER R 185 79.22 83.44 22.44
C SER R 185 78.16 82.48 22.97
N GLN R 186 77.67 82.77 24.17
CA GLN R 186 76.65 81.92 24.78
C GLN R 186 75.59 82.80 25.45
N GLU R 187 74.38 82.24 25.58
CA GLU R 187 73.29 82.96 26.20
C GLU R 187 72.43 82.00 27.02
N SER R 188 71.71 82.57 27.97
CA SER R 188 70.78 81.83 28.83
C SER R 188 69.61 82.73 29.19
N VAL R 189 68.43 82.12 29.31
CA VAL R 189 67.19 82.82 29.59
C VAL R 189 66.59 82.28 30.89
N THR R 190 66.23 83.18 31.80
CA THR R 190 65.74 82.77 33.11
C THR R 190 64.23 82.56 33.09
N GLU R 191 63.70 82.21 34.26
CA GLU R 191 62.27 82.06 34.49
C GLU R 191 61.70 83.37 35.02
N GLN R 192 60.48 83.29 35.58
CA GLN R 192 59.79 84.46 36.10
C GLN R 192 60.63 85.19 37.13
N ASP R 193 60.71 86.51 36.99
CA ASP R 193 61.53 87.32 37.89
C ASP R 193 60.96 87.29 39.31
N SER R 194 61.87 87.31 40.29
CA SER R 194 61.47 87.24 41.69
C SER R 194 60.79 88.51 42.18
N LYS R 195 60.97 89.64 41.48
CA LYS R 195 60.36 90.90 41.87
C LYS R 195 59.30 91.39 40.89
N ASP R 196 59.65 91.52 39.61
CA ASP R 196 58.77 92.15 38.63
C ASP R 196 57.95 91.14 37.82
N SER R 197 58.06 89.85 38.12
CA SER R 197 57.37 88.81 37.36
C SER R 197 57.69 88.90 35.87
N THR R 198 58.96 89.21 35.58
CA THR R 198 59.45 89.38 34.22
C THR R 198 60.53 88.33 33.95
N TYR R 199 61.22 88.49 32.82
CA TYR R 199 62.28 87.58 32.43
C TYR R 199 63.57 88.33 32.17
N SER R 200 64.69 87.68 32.46
CA SER R 200 66.01 88.26 32.28
C SER R 200 66.87 87.30 31.48
N LEU R 201 67.92 87.85 30.86
CA LEU R 201 68.80 87.08 29.99
C LEU R 201 70.25 87.38 30.35
N SER R 202 71.10 86.37 30.18
CA SER R 202 72.55 86.52 30.36
C SER R 202 73.23 86.17 29.05
N SER R 203 74.22 86.96 28.66
CA SER R 203 75.07 86.67 27.52
C SER R 203 76.51 86.68 27.99
N THR R 204 77.32 85.77 27.47
CA THR R 204 78.71 85.63 27.88
C THR R 204 79.59 85.48 26.65
N LEU R 205 80.65 86.27 26.61
CA LEU R 205 81.75 86.12 25.65
C LEU R 205 82.89 85.39 26.35
N THR R 206 83.21 84.20 25.87
CA THR R 206 84.25 83.36 26.46
C THR R 206 85.45 83.33 25.52
N LEU R 207 86.60 83.73 26.03
CA LEU R 207 87.82 83.82 25.24
C LEU R 207 89.02 83.35 26.05
N SER R 208 90.10 83.05 25.34
CA SER R 208 91.37 82.77 26.00
C SER R 208 91.96 84.07 26.53
N LYS R 209 92.91 83.93 27.47
CA LYS R 209 93.53 85.11 28.06
C LYS R 209 94.28 85.92 27.02
N ALA R 210 95.02 85.25 26.13
CA ALA R 210 95.76 85.96 25.09
C ALA R 210 94.82 86.68 24.14
N ASP R 211 93.71 86.04 23.76
CA ASP R 211 92.75 86.68 22.86
C ASP R 211 92.14 87.93 23.50
N TYR R 212 91.83 87.86 24.80
CA TYR R 212 91.28 89.03 25.48
C TYR R 212 92.32 90.12 25.62
N GLU R 213 93.58 89.76 25.90
CA GLU R 213 94.62 90.75 26.03
C GLU R 213 94.93 91.44 24.71
N LYS R 214 94.79 90.72 23.60
CA LYS R 214 95.06 91.31 22.29
C LYS R 214 94.07 92.43 21.97
N HIS R 215 92.79 92.22 22.28
CA HIS R 215 91.76 93.21 22.00
C HIS R 215 91.50 94.09 23.21
N LYS R 216 91.00 95.29 22.97
CA LYS R 216 90.81 96.28 24.02
C LYS R 216 89.38 96.73 24.21
N VAL R 217 88.66 97.06 23.14
CA VAL R 217 87.30 97.58 23.23
C VAL R 217 86.35 96.46 22.86
N TYR R 218 85.23 96.37 23.59
CA TYR R 218 84.21 95.35 23.37
C TYR R 218 82.84 95.98 23.41
N ALA R 219 81.90 95.41 22.64
CA ALA R 219 80.56 95.95 22.58
C ALA R 219 79.53 94.82 22.63
N CYS R 220 78.46 95.07 23.40
CA CYS R 220 77.30 94.18 23.45
C CYS R 220 76.12 94.94 22.87
N GLU R 221 75.50 94.37 21.84
CA GLU R 221 74.36 94.98 21.17
C GLU R 221 73.12 94.13 21.46
N VAL R 222 72.01 94.80 21.76
CA VAL R 222 70.76 94.14 22.15
C VAL R 222 69.65 94.66 21.25
N THR R 223 68.92 93.73 20.63
CA THR R 223 67.72 94.01 19.88
C THR R 223 66.54 93.34 20.57
N HIS R 224 65.51 94.13 20.89
CA HIS R 224 64.36 93.62 21.64
C HIS R 224 63.12 94.35 21.18
N GLN R 225 61.96 93.71 21.39
CA GLN R 225 60.69 94.26 20.94
C GLN R 225 60.26 95.48 21.75
N GLY R 226 60.72 95.59 23.00
CA GLY R 226 60.41 96.73 23.83
C GLY R 226 61.25 97.95 23.57
N LEU R 227 62.18 97.88 22.63
CA LEU R 227 63.05 98.98 22.28
C LEU R 227 62.74 99.46 20.87
N SER R 228 62.75 100.78 20.69
CA SER R 228 62.49 101.36 19.37
C SER R 228 63.61 101.03 18.38
N SER R 229 64.81 100.75 18.87
CA SER R 229 65.95 100.42 18.01
C SER R 229 66.95 99.62 18.83
N PRO R 230 67.80 98.83 18.18
CA PRO R 230 68.83 98.10 18.92
C PRO R 230 69.76 99.08 19.65
N VAL R 231 70.16 98.69 20.85
CA VAL R 231 71.02 99.51 21.70
C VAL R 231 72.35 98.80 21.88
N THR R 232 73.44 99.51 21.61
CA THR R 232 74.79 98.96 21.72
C THR R 232 75.54 99.67 22.84
N LYS R 233 76.05 98.90 23.79
CA LYS R 233 76.89 99.40 24.85
C LYS R 233 78.32 98.94 24.63
N SER R 234 79.28 99.79 24.97
CA SER R 234 80.67 99.47 24.69
C SER R 234 81.54 99.88 25.87
N PHE R 235 82.69 99.23 25.97
CA PHE R 235 83.63 99.50 27.05
C PHE R 235 85.04 99.19 26.59
N ASN R 236 86.01 99.78 27.29
CA ASN R 236 87.42 99.50 27.08
C ASN R 236 88.05 98.92 28.34
N ARG R 237 89.06 98.08 28.16
CA ARG R 237 89.69 97.42 29.29
C ARG R 237 91.15 97.86 29.45
N GLN S 26 33.17 16.36 -52.78
CA GLN S 26 33.07 15.39 -51.70
C GLN S 26 32.06 14.30 -52.06
N VAL S 27 31.00 14.68 -52.78
CA VAL S 27 30.06 13.74 -53.35
C VAL S 27 29.90 14.05 -54.84
N GLN S 28 30.01 13.00 -55.66
CA GLN S 28 29.97 13.14 -57.10
C GLN S 28 28.72 12.46 -57.65
N LEU S 29 28.09 13.11 -58.63
CA LEU S 29 26.87 12.62 -59.25
C LEU S 29 27.15 12.30 -60.72
N GLN S 30 26.76 11.09 -61.14
CA GLN S 30 26.96 10.67 -62.52
C GLN S 30 25.61 10.38 -63.15
N GLU S 31 25.34 11.01 -64.29
CA GLU S 31 24.08 10.82 -65.00
C GLU S 31 24.25 9.84 -66.15
N SER S 32 23.17 9.13 -66.46
CA SER S 32 23.17 8.15 -67.53
C SER S 32 21.78 8.03 -68.11
N GLY S 33 21.72 7.82 -69.42
CA GLY S 33 20.48 7.68 -70.15
C GLY S 33 20.70 7.33 -71.60
N PRO S 34 19.62 7.00 -72.31
CA PRO S 34 19.76 6.60 -73.72
C PRO S 34 20.11 7.75 -74.64
N GLY S 35 19.62 8.97 -74.36
CA GLY S 35 19.93 10.10 -75.20
C GLY S 35 19.00 10.30 -76.37
N LEU S 36 18.77 9.23 -77.14
CA LEU S 36 17.94 9.30 -78.35
C LEU S 36 16.71 8.41 -78.17
N VAL S 37 15.53 9.04 -78.26
CA VAL S 37 14.26 8.33 -78.23
C VAL S 37 13.34 8.96 -79.28
N LYS S 38 12.09 8.49 -79.29
CA LYS S 38 11.01 9.06 -80.08
C LYS S 38 9.86 9.48 -79.19
N PRO S 39 8.91 10.25 -79.73
CA PRO S 39 7.68 10.52 -78.98
C PRO S 39 7.03 9.26 -78.43
N SER S 40 6.30 9.42 -77.33
CA SER S 40 5.33 8.47 -76.77
C SER S 40 5.94 7.31 -75.99
N GLU S 41 7.26 7.16 -75.91
CA GLU S 41 7.78 6.18 -74.97
C GLU S 41 8.27 6.86 -73.70
N THR S 42 8.81 6.05 -72.78
CA THR S 42 9.21 6.53 -71.47
C THR S 42 10.69 6.88 -71.47
N LEU S 43 11.00 8.10 -71.06
CA LEU S 43 12.37 8.56 -70.88
C LEU S 43 12.86 8.09 -69.52
N SER S 44 13.95 7.33 -69.52
CA SER S 44 14.54 6.78 -68.30
C SER S 44 15.90 7.41 -68.08
N LEU S 45 16.10 8.01 -66.91
CA LEU S 45 17.35 8.66 -66.55
C LEU S 45 17.80 8.15 -65.19
N THR S 46 19.11 8.05 -64.99
CA THR S 46 19.65 7.57 -63.73
C THR S 46 20.76 8.50 -63.25
N CYS S 47 20.75 8.82 -61.96
CA CYS S 47 21.83 9.55 -61.33
C CYS S 47 22.38 8.71 -60.19
N THR S 48 23.66 8.37 -60.27
CA THR S 48 24.34 7.58 -59.26
C THR S 48 25.25 8.49 -58.42
N VAL S 49 25.49 8.05 -57.20
CA VAL S 49 26.19 8.82 -56.18
C VAL S 49 27.48 8.10 -55.81
N SER S 50 28.59 8.83 -55.84
CA SER S 50 29.89 8.31 -55.42
C SER S 50 30.47 9.22 -54.35
N GLY S 51 31.29 8.64 -53.47
CA GLY S 51 31.79 9.37 -52.32
C GLY S 51 30.76 9.59 -51.23
N GLY S 52 29.70 8.79 -51.20
CA GLY S 52 28.66 8.98 -50.20
C GLY S 52 27.67 7.83 -50.28
N SER S 53 26.43 8.13 -49.88
CA SER S 53 25.37 7.13 -49.91
C SER S 53 24.05 7.81 -50.24
N ILE S 54 23.11 7.01 -50.75
CA ILE S 54 21.75 7.49 -50.94
C ILE S 54 21.10 7.76 -49.59
N GLY S 55 21.41 6.94 -48.59
CA GLY S 55 20.94 7.16 -47.24
C GLY S 55 21.91 8.02 -46.45
N SER S 56 22.27 9.17 -47.00
CA SER S 56 23.23 10.08 -46.40
C SER S 56 22.48 10.99 -45.42
N SER S 57 23.04 12.11 -44.98
CA SER S 57 22.42 12.96 -43.98
C SER S 57 21.09 13.53 -44.50
N SER S 58 20.42 14.28 -43.62
CA SER S 58 19.07 14.78 -43.88
C SER S 58 19.12 15.92 -44.89
N TYR S 59 18.82 15.60 -46.15
CA TYR S 59 18.73 16.59 -47.20
C TYR S 59 18.10 15.97 -48.44
N TYR S 60 17.89 16.81 -49.46
CA TYR S 60 17.15 16.44 -50.66
C TYR S 60 18.04 15.90 -51.77
N TRP S 61 17.45 15.05 -52.61
CA TRP S 61 17.95 14.71 -53.92
C TRP S 61 17.00 15.33 -54.96
N GLY S 62 17.45 15.49 -56.19
CA GLY S 62 16.48 16.03 -57.14
C GLY S 62 16.92 16.03 -58.58
N TRP S 63 15.95 16.27 -59.46
CA TRP S 63 16.18 16.41 -60.89
C TRP S 63 15.60 17.72 -61.39
N ILE S 64 16.36 18.42 -62.23
CA ILE S 64 15.86 19.56 -63.00
C ILE S 64 16.31 19.40 -64.44
N ARG S 65 15.78 20.25 -65.31
CA ARG S 65 16.14 20.22 -66.73
C ARG S 65 16.42 21.62 -67.21
N GLN S 66 17.06 21.71 -68.38
CA GLN S 66 17.33 22.98 -69.05
C GLN S 66 17.25 22.72 -70.55
N PRO S 67 16.23 23.23 -71.22
CA PRO S 67 16.17 23.09 -72.68
C PRO S 67 17.31 23.82 -73.33
N PRO S 68 17.79 23.34 -74.48
CA PRO S 68 18.96 23.97 -75.12
C PRO S 68 18.70 25.43 -75.43
N GLY S 69 19.63 26.28 -74.98
CA GLY S 69 19.51 27.72 -75.18
C GLY S 69 18.50 28.41 -74.29
N LYS S 70 17.92 27.71 -73.32
CA LYS S 70 16.90 28.27 -72.45
C LYS S 70 17.31 28.13 -70.99
N GLY S 71 16.39 28.53 -70.11
CA GLY S 71 16.64 28.48 -68.68
C GLY S 71 16.44 27.10 -68.09
N LEU S 72 16.74 26.99 -66.79
CA LEU S 72 16.60 25.74 -66.07
C LEU S 72 15.18 25.57 -65.56
N GLN S 73 14.67 24.33 -65.62
CA GLN S 73 13.33 24.02 -65.17
C GLN S 73 13.37 22.84 -64.21
N TRP S 74 12.62 22.96 -63.11
CA TRP S 74 12.62 21.95 -62.06
C TRP S 74 11.65 20.83 -62.36
N ILE S 75 12.14 19.59 -62.32
CA ILE S 75 11.30 18.40 -62.42
C ILE S 75 10.77 17.99 -61.05
N GLY S 76 11.66 17.65 -60.13
CA GLY S 76 11.18 17.16 -58.85
C GLY S 76 12.32 16.93 -57.88
N SER S 77 11.93 16.52 -56.67
CA SER S 77 12.87 16.27 -55.59
C SER S 77 12.39 15.10 -54.76
N PHE S 78 13.37 14.37 -54.21
CA PHE S 78 13.14 13.25 -53.31
C PHE S 78 13.66 13.64 -51.94
N HIS S 79 12.75 13.66 -50.97
CA HIS S 79 13.11 13.95 -49.58
C HIS S 79 13.57 12.67 -48.90
N TYR S 80 14.53 12.81 -47.98
CA TYR S 80 15.18 11.65 -47.37
C TYR S 80 14.23 10.81 -46.54
N SER S 81 13.10 11.38 -46.10
CA SER S 81 12.14 10.63 -45.29
C SER S 81 11.20 9.79 -46.13
N GLY S 82 11.34 9.80 -47.45
CA GLY S 82 10.46 9.06 -48.34
C GLY S 82 9.43 9.93 -49.04
N THR S 83 9.22 11.15 -48.57
CA THR S 83 8.31 12.07 -49.25
C THR S 83 8.92 12.53 -50.57
N THR S 84 8.08 12.65 -51.59
CA THR S 84 8.51 13.12 -52.89
C THR S 84 7.71 14.36 -53.27
N TYR S 85 8.36 15.25 -54.01
CA TYR S 85 7.70 16.45 -54.54
C TYR S 85 7.97 16.54 -56.04
N TYR S 86 6.94 16.95 -56.78
CA TYR S 86 7.06 17.13 -58.22
C TYR S 86 6.40 18.45 -58.61
N ASN S 87 6.77 18.94 -59.78
CA ASN S 87 6.09 20.10 -60.34
C ASN S 87 4.64 19.73 -60.65
N PRO S 88 3.66 20.49 -60.17
CA PRO S 88 2.26 20.08 -60.31
C PRO S 88 1.81 19.86 -61.75
N SER S 89 2.34 20.62 -62.70
CA SER S 89 1.94 20.46 -64.09
C SER S 89 2.68 19.33 -64.80
N LEU S 90 3.75 18.81 -64.20
CA LEU S 90 4.50 17.71 -64.82
C LEU S 90 4.45 16.41 -64.03
N LYS S 91 3.83 16.39 -62.84
CA LYS S 91 3.84 15.19 -62.02
C LYS S 91 3.03 14.06 -62.64
N SER S 92 2.11 14.37 -63.55
CA SER S 92 1.24 13.34 -64.11
C SER S 92 2.00 12.29 -64.91
N ARG S 93 3.18 12.64 -65.44
CA ARG S 93 3.98 11.71 -66.22
C ARG S 93 5.36 11.43 -65.66
N VAL S 94 5.76 12.12 -64.60
CA VAL S 94 7.11 12.00 -64.05
C VAL S 94 7.06 11.21 -62.75
N THR S 95 8.11 10.45 -62.49
CA THR S 95 8.22 9.64 -61.27
C THR S 95 9.68 9.55 -60.86
N ILE S 96 9.93 9.70 -59.56
CA ILE S 96 11.25 9.57 -58.98
C ILE S 96 11.30 8.33 -58.12
N SER S 97 12.36 7.54 -58.28
CA SER S 97 12.59 6.36 -57.47
C SER S 97 14.02 6.37 -56.98
N VAL S 98 14.29 5.57 -55.93
CA VAL S 98 15.64 5.42 -55.41
C VAL S 98 15.90 3.94 -55.15
N ASP S 99 17.18 3.59 -55.10
CA ASP S 99 17.59 2.25 -54.67
C ASP S 99 18.91 2.34 -53.92
N THR S 100 18.94 1.73 -52.73
CA THR S 100 20.13 1.67 -51.90
C THR S 100 21.11 0.58 -52.30
N SER S 101 20.63 -0.46 -52.99
CA SER S 101 21.45 -1.62 -53.29
C SER S 101 22.62 -1.31 -54.21
N LYS S 102 22.39 -0.58 -55.29
CA LYS S 102 23.49 -0.06 -56.11
C LYS S 102 23.64 1.44 -55.89
N ASN S 103 22.77 2.03 -55.06
CA ASN S 103 22.93 3.41 -54.59
C ASN S 103 22.77 4.44 -55.71
N HIS S 104 21.55 4.58 -56.22
CA HIS S 104 21.27 5.66 -57.14
C HIS S 104 19.83 6.11 -56.95
N PHE S 105 19.44 7.11 -57.73
CA PHE S 105 18.04 7.48 -57.90
C PHE S 105 17.78 7.66 -59.39
N SER S 106 16.52 7.57 -59.77
CA SER S 106 16.13 7.46 -61.16
C SER S 106 14.87 8.26 -61.44
N LEU S 107 14.81 8.80 -62.65
CA LEU S 107 13.69 9.57 -63.16
C LEU S 107 13.05 8.83 -64.32
N LYS S 108 11.72 8.72 -64.31
CA LYS S 108 10.97 8.10 -65.40
C LYS S 108 9.88 9.05 -65.87
N LEU S 109 9.86 9.33 -67.16
CA LEU S 109 8.84 10.18 -67.78
C LEU S 109 8.08 9.36 -68.82
N SER S 110 6.89 8.88 -68.45
CA SER S 110 6.10 8.07 -69.36
C SER S 110 5.58 8.91 -70.52
N SER S 111 5.61 8.32 -71.71
CA SER S 111 5.11 8.94 -72.94
C SER S 111 5.77 10.30 -73.17
N VAL S 112 7.09 10.28 -73.35
CA VAL S 112 7.83 11.52 -73.59
C VAL S 112 7.45 12.08 -74.95
N THR S 113 7.52 13.41 -75.09
CA THR S 113 7.23 14.09 -76.34
C THR S 113 8.51 14.73 -76.87
N ALA S 114 8.44 15.21 -78.11
CA ALA S 114 9.61 15.82 -78.74
C ALA S 114 10.02 17.11 -78.05
N ALA S 115 9.08 17.77 -77.37
CA ALA S 115 9.36 19.05 -76.71
C ALA S 115 10.23 18.91 -75.47
N ASP S 116 10.50 17.68 -75.02
CA ASP S 116 11.25 17.45 -73.79
C ASP S 116 12.75 17.34 -74.02
N THR S 117 13.22 17.52 -75.26
CA THR S 117 14.65 17.52 -75.53
C THR S 117 15.35 18.60 -74.71
N ALA S 118 16.26 18.18 -73.83
CA ALA S 118 16.88 19.13 -72.91
C ALA S 118 18.09 18.48 -72.26
N VAL S 119 18.96 19.32 -71.70
CA VAL S 119 20.06 18.85 -70.87
C VAL S 119 19.54 18.71 -69.44
N TYR S 120 19.59 17.49 -68.92
CA TYR S 120 18.99 17.18 -67.63
C TYR S 120 20.09 17.08 -66.57
N TYR S 121 19.79 17.58 -65.38
CA TYR S 121 20.74 17.58 -64.27
C TYR S 121 20.12 16.94 -63.04
N CYS S 122 20.92 16.14 -62.35
CA CYS S 122 20.62 15.67 -61.01
C CYS S 122 21.43 16.48 -60.01
N ALA S 123 20.78 16.87 -58.92
CA ALA S 123 21.35 17.85 -58.02
C ALA S 123 21.02 17.48 -56.59
N SER S 124 21.76 18.10 -55.66
CA SER S 124 21.67 17.78 -54.25
C SER S 124 21.92 19.04 -53.42
N ARG S 125 21.59 18.95 -52.13
CA ARG S 125 21.75 20.06 -51.19
C ARG S 125 22.42 19.52 -49.93
N GLN S 126 23.75 19.49 -49.90
CA GLN S 126 24.46 18.92 -48.76
C GLN S 126 24.16 19.67 -47.47
N ASN S 127 24.53 20.95 -47.41
CA ASN S 127 24.30 21.74 -46.20
C ASN S 127 22.80 21.99 -46.01
N TRP S 128 22.35 21.87 -44.76
CA TRP S 128 20.97 22.14 -44.39
C TRP S 128 20.00 21.21 -45.11
N ASN S 129 18.71 21.55 -45.09
CA ASN S 129 17.71 20.87 -45.89
C ASN S 129 16.69 21.91 -46.37
N ASP S 130 16.66 22.14 -47.68
CA ASP S 130 15.78 23.13 -48.29
C ASP S 130 15.74 22.88 -49.79
N GLY S 131 14.98 23.70 -50.50
CA GLY S 131 14.82 23.55 -51.94
C GLY S 131 16.01 23.95 -52.77
N TYR S 132 17.02 24.57 -52.17
CA TYR S 132 18.24 24.93 -52.86
C TYR S 132 19.03 23.68 -53.20
N PHE S 133 19.98 23.82 -54.12
CA PHE S 133 20.82 22.71 -54.55
C PHE S 133 22.29 23.15 -54.52
N ASP S 134 23.14 22.32 -53.91
CA ASP S 134 24.55 22.65 -53.77
C ASP S 134 25.49 21.72 -54.51
N TYR S 135 25.15 20.44 -54.63
CA TYR S 135 25.97 19.48 -55.36
C TYR S 135 25.27 19.13 -56.68
N TRP S 136 26.05 19.03 -57.74
CA TRP S 136 25.52 18.77 -59.07
C TRP S 136 26.36 17.72 -59.79
N GLY S 137 25.72 17.02 -60.72
CA GLY S 137 26.39 16.16 -61.65
C GLY S 137 26.62 16.85 -62.98
N GLN S 138 26.92 16.04 -64.00
CA GLN S 138 27.08 16.53 -65.36
C GLN S 138 25.83 16.17 -66.14
N GLY S 139 24.89 17.11 -66.22
CA GLY S 139 23.65 16.85 -66.92
C GLY S 139 23.87 16.52 -68.38
N THR S 140 23.07 15.59 -68.86
CA THR S 140 23.24 15.04 -70.21
C THR S 140 22.11 15.52 -71.09
N LEU S 141 22.44 15.81 -72.35
CA LEU S 141 21.45 16.23 -73.32
C LEU S 141 20.70 15.02 -73.86
N VAL S 142 19.38 15.04 -73.74
CA VAL S 142 18.51 13.98 -74.25
C VAL S 142 17.63 14.58 -75.32
N THR S 143 17.64 13.96 -76.50
CA THR S 143 16.83 14.36 -77.64
C THR S 143 15.74 13.33 -77.89
N VAL S 144 14.68 13.76 -78.55
CA VAL S 144 13.49 12.94 -78.74
C VAL S 144 13.12 12.78 -80.20
N SER S 145 13.82 13.45 -81.12
CA SER S 145 13.43 13.43 -82.53
C SER S 145 14.56 12.86 -83.38
N SER S 146 14.22 12.62 -84.66
CA SER S 146 15.19 12.26 -85.71
C SER S 146 15.76 10.87 -85.53
N ALA S 147 16.78 10.54 -86.33
CA ALA S 147 17.40 9.23 -86.32
C ALA S 147 18.91 9.39 -86.41
N SER S 148 19.63 8.42 -85.83
CA SER S 148 21.08 8.49 -85.69
C SER S 148 21.84 7.99 -86.91
N THR S 149 21.15 7.51 -87.95
CA THR S 149 21.81 6.79 -89.02
C THR S 149 22.11 7.66 -90.25
N LYS S 150 21.65 8.90 -90.30
CA LYS S 150 21.79 9.73 -91.49
C LYS S 150 23.14 10.44 -91.48
N GLY S 151 23.87 10.32 -92.59
CA GLY S 151 25.18 10.92 -92.71
C GLY S 151 25.14 12.26 -93.41
N PRO S 152 26.10 13.13 -93.07
CA PRO S 152 26.08 14.50 -93.59
C PRO S 152 26.37 14.60 -95.07
N SER S 153 25.89 15.69 -95.66
CA SER S 153 26.27 16.16 -96.97
C SER S 153 26.83 17.57 -96.83
N VAL S 154 27.67 17.97 -97.79
CA VAL S 154 28.39 19.23 -97.74
C VAL S 154 27.83 20.16 -98.80
N PHE S 155 27.51 21.40 -98.39
CA PHE S 155 27.01 22.46 -99.24
C PHE S 155 28.15 23.47 -99.37
N PRO S 156 28.80 23.55 -100.53
CA PRO S 156 29.90 24.51 -100.68
C PRO S 156 29.40 25.94 -100.64
N LEU S 157 30.25 26.83 -100.11
CA LEU S 157 29.96 28.27 -100.04
C LEU S 157 31.13 28.95 -100.72
N ALA S 158 31.00 29.18 -102.02
CA ALA S 158 32.10 29.74 -102.80
C ALA S 158 31.89 31.24 -103.00
N PRO S 159 32.94 32.03 -102.84
CA PRO S 159 32.81 33.47 -103.11
C PRO S 159 32.83 33.73 -104.62
N SER S 160 32.49 34.97 -104.97
CA SER S 160 32.47 35.40 -106.36
C SER S 160 32.85 36.87 -106.44
N SER S 161 33.22 37.30 -107.64
CA SER S 161 33.52 38.70 -107.87
C SER S 161 32.34 39.62 -107.57
N LYS S 162 31.11 39.15 -107.83
CA LYS S 162 29.94 39.90 -107.40
C LYS S 162 29.79 39.91 -105.89
N SER S 163 30.30 38.88 -105.20
CA SER S 163 30.25 38.80 -103.75
C SER S 163 31.45 39.44 -103.08
N THR S 164 32.53 39.73 -103.82
CA THR S 164 33.71 40.32 -103.22
C THR S 164 33.57 41.83 -103.17
N SER S 165 33.73 42.40 -101.98
CA SER S 165 33.62 43.85 -101.78
C SER S 165 35.01 44.48 -101.78
N GLY S 166 35.65 44.41 -102.94
CA GLY S 166 36.95 45.03 -103.14
C GLY S 166 38.07 44.44 -102.30
N GLY S 167 38.16 43.12 -102.23
CA GLY S 167 39.26 42.45 -101.55
C GLY S 167 38.86 41.62 -100.35
N THR S 168 37.58 41.55 -100.01
CA THR S 168 37.11 40.74 -98.91
C THR S 168 36.22 39.62 -99.43
N ALA S 169 36.52 38.38 -99.07
CA ALA S 169 35.75 37.23 -99.52
C ALA S 169 35.53 36.29 -98.34
N ALA S 170 34.40 35.59 -98.38
CA ALA S 170 34.08 34.57 -97.40
C ALA S 170 33.80 33.25 -98.11
N LEU S 171 34.59 32.22 -97.78
CA LEU S 171 34.39 30.89 -98.31
C LEU S 171 33.94 29.98 -97.18
N GLY S 172 33.43 28.81 -97.51
CA GLY S 172 33.06 27.90 -96.44
C GLY S 172 32.36 26.66 -96.91
N CYS S 173 31.90 25.87 -95.93
CA CYS S 173 31.15 24.66 -96.18
C CYS S 173 30.08 24.49 -95.11
N LEU S 174 28.91 24.05 -95.52
CA LEU S 174 27.79 23.80 -94.62
C LEU S 174 27.56 22.30 -94.51
N VAL S 175 27.49 21.80 -93.29
CA VAL S 175 27.17 20.41 -93.02
C VAL S 175 25.66 20.31 -92.82
N LYS S 176 25.00 19.58 -93.71
CA LYS S 176 23.54 19.53 -93.74
C LYS S 176 23.10 18.08 -93.84
N ASP S 177 21.87 17.80 -93.39
CA ASP S 177 21.28 16.48 -93.48
C ASP S 177 22.11 15.44 -92.74
N TYR S 178 22.37 15.71 -91.46
CA TYR S 178 23.12 14.78 -90.62
C TYR S 178 22.50 14.70 -89.23
N PHE S 179 22.75 13.58 -88.57
CA PHE S 179 22.35 13.34 -87.19
C PHE S 179 23.11 12.12 -86.69
N PRO S 180 23.53 12.11 -85.42
CA PRO S 180 23.41 13.17 -84.42
C PRO S 180 24.60 14.11 -84.40
N GLU S 181 24.40 15.33 -83.93
CA GLU S 181 25.48 16.29 -83.71
C GLU S 181 26.25 15.91 -82.44
N PRO S 182 27.52 16.36 -82.32
CA PRO S 182 28.30 17.19 -83.24
C PRO S 182 29.02 16.40 -84.33
N VAL S 183 29.48 17.11 -85.35
CA VAL S 183 30.26 16.56 -86.45
C VAL S 183 31.54 17.39 -86.59
N THR S 184 32.67 16.72 -86.77
CA THR S 184 33.93 17.45 -86.77
C THR S 184 34.27 17.95 -88.18
N VAL S 185 34.48 19.26 -88.29
CA VAL S 185 34.71 19.91 -89.57
C VAL S 185 36.09 20.57 -89.52
N SER S 186 36.90 20.31 -90.55
CA SER S 186 38.25 20.85 -90.63
C SER S 186 38.51 21.33 -92.04
N TRP S 187 39.62 22.04 -92.22
CA TRP S 187 40.06 22.49 -93.53
C TRP S 187 41.46 21.96 -93.80
N ASN S 188 41.59 21.22 -94.91
CA ASN S 188 42.85 20.57 -95.29
C ASN S 188 43.37 19.69 -94.16
N SER S 189 42.53 18.76 -93.70
CA SER S 189 42.86 17.83 -92.61
C SER S 189 43.24 18.57 -91.32
N GLY S 190 42.60 19.70 -91.08
CA GLY S 190 42.85 20.48 -89.89
C GLY S 190 44.09 21.36 -89.94
N ALA S 191 44.80 21.38 -91.07
CA ALA S 191 45.99 22.22 -91.17
C ALA S 191 45.64 23.70 -91.15
N LEU S 192 44.43 24.06 -91.57
CA LEU S 192 43.97 25.44 -91.58
C LEU S 192 43.03 25.64 -90.40
N THR S 193 43.52 26.35 -89.38
CA THR S 193 42.71 26.69 -88.21
C THR S 193 42.59 28.19 -87.98
N SER S 194 43.58 28.98 -88.39
CA SER S 194 43.49 30.43 -88.26
C SER S 194 42.55 30.98 -89.31
N GLY S 195 41.62 31.83 -88.87
CA GLY S 195 40.60 32.37 -89.75
C GLY S 195 39.42 31.46 -89.98
N VAL S 196 39.42 30.27 -89.38
CA VAL S 196 38.29 29.34 -89.50
C VAL S 196 37.31 29.62 -88.38
N HIS S 197 36.04 29.79 -88.73
CA HIS S 197 35.00 30.15 -87.78
C HIS S 197 33.82 29.22 -87.98
N THR S 198 33.37 28.59 -86.89
CA THR S 198 32.25 27.66 -86.93
C THR S 198 31.10 28.22 -86.11
N PHE S 199 29.92 27.64 -86.31
CA PHE S 199 28.72 28.09 -85.65
C PHE S 199 28.04 26.94 -84.90
N PRO S 200 27.34 27.23 -83.82
CA PRO S 200 26.53 26.18 -83.17
C PRO S 200 25.45 25.67 -84.11
N ALA S 201 25.24 24.36 -84.08
CA ALA S 201 24.24 23.74 -84.94
C ALA S 201 22.84 24.00 -84.41
N VAL S 202 21.91 24.24 -85.32
CA VAL S 202 20.52 24.54 -85.00
C VAL S 202 19.63 23.47 -85.62
N LEU S 203 18.76 22.87 -84.81
CA LEU S 203 17.88 21.82 -85.29
C LEU S 203 16.84 22.40 -86.24
N GLN S 204 16.56 21.67 -87.31
CA GLN S 204 15.53 22.05 -88.26
C GLN S 204 14.24 21.27 -87.98
N SER S 205 13.16 21.73 -88.63
CA SER S 205 11.87 21.07 -88.45
C SER S 205 11.87 19.64 -88.97
N SER S 206 12.75 19.32 -89.91
CA SER S 206 12.84 17.96 -90.44
C SER S 206 13.62 17.02 -89.52
N GLY S 207 14.22 17.54 -88.45
CA GLY S 207 15.01 16.73 -87.55
C GLY S 207 16.49 16.69 -87.85
N LEU S 208 16.97 17.52 -88.76
CA LEU S 208 18.37 17.55 -89.15
C LEU S 208 19.03 18.84 -88.69
N TYR S 209 20.35 18.80 -88.60
CA TYR S 209 21.15 19.94 -88.17
C TYR S 209 21.98 20.48 -89.33
N SER S 210 22.39 21.74 -89.20
CA SER S 210 23.27 22.39 -90.16
C SER S 210 24.35 23.15 -89.41
N LEU S 211 25.60 22.96 -89.84
CA LEU S 211 26.73 23.61 -89.18
C LEU S 211 27.64 24.22 -90.23
N SER S 212 27.89 25.52 -90.10
CA SER S 212 28.66 26.26 -91.10
C SER S 212 30.09 26.47 -90.61
N SER S 213 31.06 26.15 -91.46
CA SER S 213 32.47 26.44 -91.19
C SER S 213 32.97 27.33 -92.31
N VAL S 214 33.36 28.57 -91.97
CA VAL S 214 33.70 29.57 -92.97
C VAL S 214 35.06 30.16 -92.67
N VAL S 215 35.68 30.72 -93.71
CA VAL S 215 36.96 31.39 -93.61
C VAL S 215 36.84 32.74 -94.34
N THR S 216 37.28 33.80 -93.67
CA THR S 216 37.31 35.13 -94.25
C THR S 216 38.72 35.43 -94.76
N VAL S 217 38.83 35.68 -96.06
CA VAL S 217 40.13 35.78 -96.73
C VAL S 217 40.12 37.00 -97.63
N PRO S 218 41.30 37.42 -98.11
CA PRO S 218 41.32 38.36 -99.24
C PRO S 218 41.14 37.65 -100.59
N SER S 219 40.57 38.38 -101.54
CA SER S 219 40.15 37.76 -102.80
C SER S 219 41.31 37.16 -103.56
N SER S 220 42.54 37.64 -103.34
CA SER S 220 43.68 37.14 -104.07
C SER S 220 44.09 35.74 -103.65
N SER S 221 43.72 35.32 -102.44
CA SER S 221 44.11 33.99 -101.94
C SER S 221 43.35 32.86 -102.62
N LEU S 222 42.29 33.16 -103.38
CA LEU S 222 41.53 32.10 -104.04
C LEU S 222 42.36 31.38 -105.10
N GLY S 223 43.19 32.11 -105.84
CA GLY S 223 43.96 31.55 -106.92
C GLY S 223 45.25 30.86 -106.53
N THR S 224 45.56 30.78 -105.25
CA THR S 224 46.79 30.14 -104.79
C THR S 224 46.57 28.87 -103.99
N GLN S 225 45.54 28.81 -103.14
CA GLN S 225 45.30 27.65 -102.28
C GLN S 225 43.93 27.07 -102.59
N THR S 226 43.87 25.76 -102.82
CA THR S 226 42.62 25.05 -102.94
C THR S 226 42.16 24.60 -101.56
N TYR S 227 40.89 24.88 -101.23
CA TYR S 227 40.35 24.62 -99.91
C TYR S 227 39.58 23.31 -99.92
N ILE S 228 39.85 22.47 -98.93
CA ILE S 228 39.18 21.17 -98.79
C ILE S 228 38.50 21.13 -97.43
N CYS S 229 37.17 21.05 -97.45
CA CYS S 229 36.39 20.92 -96.22
C CYS S 229 36.23 19.43 -95.90
N ASN S 230 36.75 19.02 -94.75
CA ASN S 230 36.71 17.64 -94.30
C ASN S 230 35.66 17.54 -93.20
N VAL S 231 34.59 16.80 -93.48
CA VAL S 231 33.49 16.59 -92.55
C VAL S 231 33.53 15.12 -92.12
N ASN S 232 33.75 14.89 -90.83
CA ASN S 232 33.89 13.54 -90.29
C ASN S 232 32.84 13.36 -89.22
N HIS S 233 32.07 12.26 -89.31
CA HIS S 233 30.99 11.97 -88.38
C HIS S 233 31.13 10.51 -87.94
N LYS S 234 31.61 10.32 -86.71
CA LYS S 234 31.73 8.97 -86.15
C LYS S 234 30.38 8.26 -86.00
N PRO S 235 29.34 8.88 -85.44
CA PRO S 235 28.08 8.12 -85.24
C PRO S 235 27.49 7.59 -86.54
N SER S 236 27.70 8.27 -87.66
CA SER S 236 27.27 7.76 -88.96
C SER S 236 28.41 7.13 -89.74
N ASN S 237 29.64 7.20 -89.23
CA ASN S 237 30.83 6.65 -89.89
C ASN S 237 30.96 7.20 -91.31
N THR S 238 30.86 8.52 -91.43
CA THR S 238 30.87 9.17 -92.74
C THR S 238 32.01 10.18 -92.81
N LYS S 239 32.87 10.03 -93.82
CA LYS S 239 33.97 10.95 -94.08
C LYS S 239 33.76 11.55 -95.46
N VAL S 240 33.67 12.88 -95.53
CA VAL S 240 33.42 13.58 -96.78
C VAL S 240 34.46 14.69 -96.95
N ASP S 241 35.09 14.74 -98.11
CA ASP S 241 35.99 15.82 -98.48
C ASP S 241 35.38 16.59 -99.64
N LYS S 242 35.19 17.90 -99.46
CA LYS S 242 34.58 18.75 -100.47
C LYS S 242 35.59 19.80 -100.94
N ARG S 243 35.70 19.96 -102.25
CA ARG S 243 36.65 20.90 -102.83
C ARG S 243 35.95 22.23 -103.12
N VAL S 244 36.49 23.31 -102.56
CA VAL S 244 35.93 24.65 -102.73
C VAL S 244 36.67 25.34 -103.87
N GLU S 245 35.91 25.77 -104.87
CA GLU S 245 36.47 26.33 -106.09
C GLU S 245 35.69 27.59 -106.45
N PRO S 246 36.27 28.46 -107.29
CA PRO S 246 35.51 29.62 -107.76
C PRO S 246 34.25 29.21 -108.48
N LYS S 247 33.23 30.07 -108.39
CA LYS S 247 31.90 29.73 -108.89
C LYS S 247 31.94 29.49 -110.40
N SER S 248 31.29 28.39 -110.82
CA SER S 248 31.29 28.01 -112.23
C SER S 248 30.24 28.76 -113.03
N CYS S 249 29.33 29.49 -112.37
CA CYS S 249 28.27 30.18 -113.10
C CYS S 249 28.76 31.42 -113.83
N ASP S 250 30.03 31.78 -113.67
CA ASP S 250 30.58 33.00 -114.26
C ASP S 250 31.16 32.77 -115.66
N LYS S 251 31.07 31.56 -116.19
CA LYS S 251 31.60 31.25 -117.51
C LYS S 251 30.65 31.75 -118.60
N THR S 252 31.22 31.95 -119.79
CA THR S 252 30.46 32.44 -120.94
C THR S 252 29.83 31.27 -121.69
N HIS S 253 28.71 30.79 -121.14
CA HIS S 253 27.97 29.69 -121.76
C HIS S 253 26.95 30.21 -122.75
N ASP T 26 -0.69 30.37 -57.48
CA ASP T 26 0.74 30.32 -57.76
C ASP T 26 1.41 31.64 -57.41
N ILE T 27 2.74 31.62 -57.33
CA ILE T 27 3.54 32.80 -57.04
C ILE T 27 4.49 33.03 -58.20
N GLN T 28 4.53 34.27 -58.70
CA GLN T 28 5.38 34.63 -59.81
C GLN T 28 6.25 35.83 -59.43
N MET T 29 7.45 35.89 -59.99
CA MET T 29 8.35 36.99 -59.71
C MET T 29 9.27 37.18 -60.92
N THR T 30 9.80 38.39 -61.06
CA THR T 30 10.58 38.78 -62.22
C THR T 30 11.90 39.42 -61.78
N GLN T 31 12.77 39.63 -62.77
CA GLN T 31 14.08 40.23 -62.56
C GLN T 31 14.22 41.47 -63.42
N SER T 32 15.24 42.26 -63.13
CA SER T 32 15.48 43.52 -63.85
C SER T 32 16.94 43.91 -63.71
N PRO T 33 17.56 44.43 -64.77
CA PRO T 33 17.04 44.54 -66.15
C PRO T 33 17.24 43.22 -66.89
N ALA T 34 16.63 43.03 -68.06
CA ALA T 34 16.77 41.77 -68.78
C ALA T 34 18.23 41.51 -69.14
N THR T 35 18.93 42.52 -69.62
CA THR T 35 20.35 42.43 -69.90
C THR T 35 21.02 43.70 -69.40
N LEU T 36 22.10 43.53 -68.64
CA LEU T 36 22.81 44.64 -68.01
C LEU T 36 24.23 44.69 -68.54
N SER T 37 24.75 45.89 -68.75
CA SER T 37 26.05 46.08 -69.40
C SER T 37 26.92 46.99 -68.54
N LEU T 38 27.79 46.41 -67.73
CA LEU T 38 28.70 47.18 -66.88
C LEU T 38 30.13 46.71 -67.11
N SER T 39 31.04 47.67 -67.23
CA SER T 39 32.44 47.37 -67.49
C SER T 39 33.06 46.65 -66.29
N PRO T 40 34.08 45.83 -66.53
CA PRO T 40 34.73 45.12 -65.43
C PRO T 40 35.36 46.09 -64.43
N GLY T 41 35.31 45.71 -63.15
CA GLY T 41 35.82 46.52 -62.08
C GLY T 41 34.89 47.60 -61.57
N GLU T 42 33.65 47.61 -62.01
CA GLU T 42 32.75 48.68 -61.64
C GLU T 42 31.46 48.09 -61.05
N ARG T 43 30.97 48.71 -59.98
CA ARG T 43 29.87 48.17 -59.19
C ARG T 43 28.60 47.95 -60.01
N ALA T 44 27.97 46.80 -59.81
CA ALA T 44 26.80 46.38 -60.59
C ALA T 44 25.65 46.01 -59.67
N THR T 45 24.42 46.16 -60.15
CA THR T 45 23.23 45.94 -59.34
C THR T 45 22.15 45.27 -60.18
N LEU T 46 21.48 44.28 -59.58
CA LEU T 46 20.36 43.60 -60.19
C LEU T 46 19.17 43.62 -59.22
N PHE T 47 17.96 43.70 -59.77
CA PHE T 47 16.74 43.77 -58.98
C PHE T 47 15.90 42.52 -59.24
N CYS T 48 15.20 42.07 -58.20
CA CYS T 48 14.19 41.03 -58.35
C CYS T 48 12.95 41.42 -57.56
N ARG T 49 11.79 41.32 -58.21
CA ARG T 49 10.54 41.74 -57.61
C ARG T 49 9.56 40.58 -57.60
N ALA T 50 8.87 40.40 -56.47
CA ALA T 50 7.92 39.32 -56.29
C ALA T 50 6.50 39.87 -56.28
N SER T 51 5.58 39.11 -56.88
CA SER T 51 4.18 39.51 -56.93
C SER T 51 3.53 39.52 -55.55
N GLN T 52 4.10 38.80 -54.58
CA GLN T 52 3.54 38.72 -53.24
C GLN T 52 4.67 38.64 -52.24
N SER T 53 4.36 38.95 -50.98
CA SER T 53 5.36 38.98 -49.93
C SER T 53 5.98 37.60 -49.73
N VAL T 54 7.29 37.56 -49.59
CA VAL T 54 8.04 36.33 -49.33
C VAL T 54 8.99 36.49 -48.14
N SER T 55 8.80 37.56 -47.36
CA SER T 55 9.67 37.90 -46.23
C SER T 55 11.08 38.04 -46.78
N SER T 56 12.03 37.17 -46.42
CA SER T 56 13.37 37.20 -46.97
C SER T 56 13.73 35.91 -47.69
N SER T 57 12.75 35.14 -48.15
CA SER T 57 12.99 33.82 -48.74
C SER T 57 13.28 33.95 -50.24
N LEU T 58 14.46 34.51 -50.54
CA LEU T 58 14.91 34.67 -51.91
C LEU T 58 16.38 34.33 -52.01
N ALA T 59 16.76 33.80 -53.18
CA ALA T 59 18.12 33.35 -53.43
C ALA T 59 18.55 33.76 -54.83
N TRP T 60 19.84 34.06 -54.97
CA TRP T 60 20.46 34.38 -56.26
C TRP T 60 21.40 33.26 -56.68
N TYR T 61 21.22 32.81 -57.92
CA TYR T 61 22.06 31.80 -58.55
C TYR T 61 22.80 32.39 -59.73
N GLN T 62 24.01 31.90 -59.97
CA GLN T 62 24.84 32.30 -61.10
C GLN T 62 25.11 31.07 -61.95
N GLN T 63 24.94 31.22 -63.27
CA GLN T 63 25.11 30.13 -64.21
C GLN T 63 25.98 30.61 -65.38
N LYS T 64 27.03 29.83 -65.68
CA LYS T 64 27.89 29.97 -66.84
C LYS T 64 27.43 29.01 -67.94
N PRO T 65 27.56 29.42 -69.21
CA PRO T 65 27.17 28.54 -70.31
C PRO T 65 27.95 27.23 -70.29
N GLY T 66 27.24 26.12 -70.47
CA GLY T 66 27.84 24.80 -70.43
C GLY T 66 28.16 24.29 -69.05
N GLN T 67 27.90 25.06 -68.00
CA GLN T 67 28.21 24.68 -66.63
C GLN T 67 26.94 24.66 -65.79
N ALA T 68 26.94 23.81 -64.78
CA ALA T 68 25.83 23.77 -63.85
C ALA T 68 25.79 25.06 -63.03
N PRO T 69 24.59 25.58 -62.74
CA PRO T 69 24.50 26.85 -62.01
C PRO T 69 25.05 26.72 -60.60
N ARG T 70 25.64 27.81 -60.12
CA ARG T 70 26.20 27.88 -58.78
C ARG T 70 25.38 28.83 -57.92
N LEU T 71 24.98 28.35 -56.74
CA LEU T 71 24.29 29.20 -55.78
C LEU T 71 25.22 30.31 -55.31
N LEU T 72 24.72 31.55 -55.30
CA LEU T 72 25.49 32.69 -54.85
C LEU T 72 25.00 33.25 -53.52
N ILE T 73 23.71 33.53 -53.41
CA ILE T 73 23.12 34.08 -52.19
C ILE T 73 21.87 33.27 -51.86
N TYR T 74 21.63 33.04 -50.58
CA TYR T 74 20.39 32.40 -50.13
C TYR T 74 19.85 33.20 -48.96
N ASP T 75 18.53 33.35 -48.91
CA ASP T 75 17.79 34.04 -47.85
C ASP T 75 18.13 35.53 -47.87
N ALA T 76 19.03 35.95 -48.76
CA ALA T 76 19.52 37.32 -48.91
C ALA T 76 20.41 37.70 -47.75
N SER T 77 21.48 38.44 -48.06
CA SER T 77 22.49 38.89 -47.09
C SER T 77 23.30 37.71 -46.55
N ASN T 78 23.07 36.51 -47.06
CA ASN T 78 23.86 35.35 -46.66
C ASN T 78 24.63 34.80 -47.85
N ARG T 79 25.94 34.68 -47.68
CA ARG T 79 26.82 34.17 -48.73
C ARG T 79 27.04 32.68 -48.51
N ALA T 80 26.77 31.89 -49.55
CA ALA T 80 26.97 30.45 -49.46
C ALA T 80 28.46 30.13 -49.38
N THR T 81 28.74 28.84 -49.15
CA THR T 81 30.11 28.40 -48.93
C THR T 81 30.95 28.60 -50.19
N GLY T 82 32.20 29.03 -50.00
CA GLY T 82 33.13 29.20 -51.10
C GLY T 82 32.86 30.39 -51.99
N ILE T 83 32.35 31.49 -51.45
CA ILE T 83 31.96 32.63 -52.26
C ILE T 83 32.64 33.90 -51.75
N PRO T 84 33.26 34.69 -52.60
CA PRO T 84 33.93 35.91 -52.14
C PRO T 84 32.93 36.98 -51.73
N ALA T 85 33.46 38.07 -51.18
CA ALA T 85 32.62 39.13 -50.63
C ALA T 85 32.11 40.07 -51.71
N ARG T 86 32.40 39.80 -52.98
CA ARG T 86 31.95 40.70 -54.05
C ARG T 86 30.44 40.80 -54.10
N PHE T 87 29.74 39.68 -53.99
CA PHE T 87 28.28 39.64 -54.10
C PHE T 87 27.68 39.95 -52.74
N SER T 88 26.65 40.79 -52.72
CA SER T 88 25.95 41.13 -51.48
C SER T 88 24.47 41.25 -51.78
N GLY T 89 23.66 40.47 -51.07
CA GLY T 89 22.22 40.55 -51.23
C GLY T 89 21.57 41.41 -50.17
N SER T 90 20.41 41.97 -50.51
CA SER T 90 19.66 42.80 -49.58
C SER T 90 18.21 42.84 -50.04
N GLY T 91 17.35 43.40 -49.20
CA GLY T 91 15.95 43.55 -49.52
C GLY T 91 15.08 42.60 -48.73
N SER T 92 13.78 42.74 -48.94
CA SER T 92 12.79 41.96 -48.21
C SER T 92 11.43 42.14 -48.88
N GLY T 93 10.41 41.56 -48.27
CA GLY T 93 9.05 41.70 -48.75
C GLY T 93 8.89 41.23 -50.17
N THR T 94 8.75 42.18 -51.10
CA THR T 94 8.61 41.87 -52.51
C THR T 94 9.79 42.35 -53.35
N ASP T 95 10.71 43.12 -52.78
CA ASP T 95 11.82 43.70 -53.54
C ASP T 95 13.14 43.25 -52.95
N PHE T 96 14.02 42.73 -53.82
CA PHE T 96 15.35 42.28 -53.41
C PHE T 96 16.38 42.79 -54.41
N THR T 97 17.58 43.08 -53.90
CA THR T 97 18.65 43.64 -54.73
C THR T 97 19.92 42.84 -54.50
N LEU T 98 20.70 42.70 -55.57
CA LEU T 98 22.01 42.06 -55.53
C LEU T 98 23.05 43.03 -56.05
N THR T 99 24.07 43.32 -55.25
CA THR T 99 25.09 44.31 -55.59
C THR T 99 26.46 43.64 -55.58
N ILE T 100 27.21 43.83 -56.66
CA ILE T 100 28.59 43.37 -56.77
C ILE T 100 29.48 44.61 -56.75
N SER T 101 30.37 44.67 -55.75
CA SER T 101 31.20 45.86 -55.56
C SER T 101 32.12 46.12 -56.75
N SER T 102 32.74 45.07 -57.28
CA SER T 102 33.58 45.19 -58.45
C SER T 102 33.42 43.95 -59.31
N LEU T 103 33.43 44.15 -60.63
CA LEU T 103 33.21 43.07 -61.58
C LEU T 103 34.54 42.59 -62.12
N GLU T 104 34.97 41.43 -61.69
CA GLU T 104 36.05 40.71 -62.33
C GLU T 104 35.49 39.88 -63.48
N PRO T 105 36.32 39.47 -64.45
CA PRO T 105 35.75 38.96 -65.67
C PRO T 105 35.31 37.50 -65.64
N GLU T 106 35.14 36.89 -64.46
CA GLU T 106 34.32 35.70 -64.31
C GLU T 106 32.96 36.01 -63.68
N ASP T 107 32.67 37.27 -63.41
CA ASP T 107 31.39 37.70 -62.87
C ASP T 107 30.31 37.83 -63.94
N PHE T 108 30.68 37.71 -65.22
CA PHE T 108 29.74 37.85 -66.32
C PHE T 108 29.08 36.50 -66.58
N ALA T 109 27.79 36.40 -66.22
CA ALA T 109 27.06 35.14 -66.34
C ALA T 109 25.57 35.46 -66.32
N VAL T 110 24.77 34.41 -66.18
CA VAL T 110 23.33 34.54 -66.11
C VAL T 110 22.89 34.40 -64.66
N TYR T 111 22.15 35.38 -64.17
CA TYR T 111 21.75 35.43 -62.77
C TYR T 111 20.25 35.20 -62.64
N TYR T 112 19.87 34.34 -61.68
CA TYR T 112 18.48 33.99 -61.46
C TYR T 112 18.11 34.24 -60.00
N CYS T 113 16.82 34.50 -59.78
CA CYS T 113 16.25 34.61 -58.45
C CYS T 113 15.25 33.49 -58.22
N GLN T 114 15.35 32.85 -57.06
CA GLN T 114 14.48 31.75 -56.66
C GLN T 114 13.82 32.10 -55.34
N GLN T 115 12.58 31.68 -55.15
CA GLN T 115 11.80 32.01 -53.98
C GLN T 115 11.44 30.76 -53.18
N ARG T 116 11.48 30.89 -51.86
CA ARG T 116 10.84 29.92 -50.97
C ARG T 116 9.77 30.55 -50.09
N GLY T 117 9.27 31.74 -50.45
CA GLY T 117 8.19 32.33 -49.69
C GLY T 117 6.96 31.44 -49.68
N ASN T 118 6.69 30.76 -50.80
CA ASN T 118 5.59 29.81 -50.86
C ASN T 118 5.91 28.84 -51.99
N TRP T 119 6.35 27.63 -51.64
CA TRP T 119 6.63 26.59 -52.61
C TRP T 119 6.32 25.24 -51.96
N PRO T 120 5.97 24.22 -52.76
CA PRO T 120 5.87 24.19 -54.22
C PRO T 120 4.64 24.93 -54.73
N PRO T 121 4.63 25.40 -55.99
CA PRO T 121 5.73 25.33 -56.97
C PRO T 121 6.90 26.24 -56.64
N ILE T 122 8.11 25.89 -57.08
CA ILE T 122 9.27 26.76 -56.95
C ILE T 122 9.32 27.65 -58.19
N THR T 123 9.30 28.96 -57.97
CA THR T 123 9.26 29.92 -59.06
C THR T 123 10.61 30.59 -59.23
N PHE T 124 11.15 30.53 -60.44
CA PHE T 124 12.42 31.16 -60.78
C PHE T 124 12.16 32.39 -61.65
N GLY T 125 13.14 33.29 -61.67
CA GLY T 125 13.09 34.44 -62.56
C GLY T 125 13.54 34.09 -63.96
N GLN T 126 13.27 35.01 -64.88
CA GLN T 126 13.63 34.78 -66.28
C GLN T 126 15.12 34.86 -66.53
N GLY T 127 15.88 35.46 -65.62
CA GLY T 127 17.32 35.53 -65.75
C GLY T 127 17.79 36.87 -66.25
N THR T 128 18.99 37.26 -65.80
CA THR T 128 19.62 38.50 -66.23
C THR T 128 21.03 38.21 -66.72
N ARG T 129 21.46 38.98 -67.71
CA ARG T 129 22.79 38.82 -68.30
C ARG T 129 23.62 40.08 -68.04
N LEU T 130 24.88 39.87 -67.66
CA LEU T 130 25.80 40.96 -67.37
C LEU T 130 26.77 41.13 -68.53
N ASP T 131 26.78 42.31 -69.13
CA ASP T 131 27.65 42.63 -70.25
C ASP T 131 28.78 43.54 -69.78
N THR T 132 29.70 43.86 -70.71
CA THR T 132 30.99 44.43 -70.36
C THR T 132 31.12 45.91 -70.70
N LYS T 133 30.03 46.59 -71.07
CA LYS T 133 30.06 48.00 -71.47
C LYS T 133 31.11 48.26 -72.56
N ARG T 134 31.05 47.50 -73.64
CA ARG T 134 31.95 47.75 -74.75
C ARG T 134 31.45 48.94 -75.57
N THR T 135 32.37 49.55 -76.32
CA THR T 135 31.97 50.59 -77.26
C THR T 135 31.05 50.02 -78.33
N VAL T 136 30.01 50.78 -78.67
CA VAL T 136 29.00 50.33 -79.62
C VAL T 136 29.60 50.39 -81.02
N ALA T 137 29.44 49.31 -81.77
CA ALA T 137 30.03 49.21 -83.10
C ALA T 137 29.00 48.67 -84.08
N ALA T 138 29.03 49.20 -85.30
CA ALA T 138 28.10 48.76 -86.33
C ALA T 138 28.48 47.37 -86.83
N PRO T 139 27.48 46.52 -87.11
CA PRO T 139 27.77 45.19 -87.66
C PRO T 139 28.23 45.26 -89.10
N SER T 140 29.01 44.25 -89.49
CA SER T 140 29.27 43.98 -90.90
C SER T 140 28.18 43.05 -91.40
N VAL T 141 27.23 43.60 -92.16
CA VAL T 141 26.04 42.87 -92.59
C VAL T 141 26.28 42.43 -94.03
N PHE T 142 26.21 41.12 -94.27
CA PHE T 142 26.41 40.59 -95.61
C PHE T 142 25.41 39.45 -95.84
N ILE T 143 25.06 39.22 -97.09
CA ILE T 143 23.99 38.28 -97.47
C ILE T 143 24.57 37.17 -98.33
N PHE T 144 24.32 35.92 -97.92
CA PHE T 144 24.51 34.76 -98.78
C PHE T 144 23.19 34.43 -99.45
N PRO T 145 23.07 34.63 -100.76
CA PRO T 145 21.87 34.17 -101.46
C PRO T 145 21.88 32.65 -101.57
N PRO T 146 20.71 32.04 -101.77
CA PRO T 146 20.68 30.58 -101.94
C PRO T 146 21.46 30.14 -103.16
N SER T 147 22.10 28.99 -103.04
CA SER T 147 22.85 28.40 -104.15
C SER T 147 22.05 27.27 -104.79
N ASP T 148 22.55 26.79 -105.93
CA ASP T 148 21.81 25.81 -106.72
C ASP T 148 21.64 24.49 -105.98
N GLU T 149 22.56 24.16 -105.07
CA GLU T 149 22.46 22.91 -104.33
C GLU T 149 21.18 22.83 -103.50
N GLN T 150 20.72 23.97 -102.97
CA GLN T 150 19.45 24.00 -102.25
C GLN T 150 18.28 24.28 -103.18
N LEU T 151 18.50 25.03 -104.26
CA LEU T 151 17.43 25.34 -105.19
C LEU T 151 16.93 24.09 -105.91
N LYS T 152 17.82 23.15 -106.22
CA LYS T 152 17.41 21.92 -106.87
C LYS T 152 16.52 21.05 -105.98
N SER T 153 16.51 21.31 -104.68
CA SER T 153 15.71 20.54 -103.74
C SER T 153 14.31 21.08 -103.56
N GLY T 154 13.96 22.16 -104.26
CA GLY T 154 12.64 22.76 -104.12
C GLY T 154 12.50 23.78 -103.01
N THR T 155 13.61 24.23 -102.43
CA THR T 155 13.60 25.22 -101.37
C THR T 155 14.74 26.21 -101.59
N ALA T 156 14.78 27.23 -100.74
CA ALA T 156 15.85 28.22 -100.80
C ALA T 156 16.12 28.74 -99.39
N SER T 157 17.39 28.99 -99.10
CA SER T 157 17.81 29.47 -97.79
C SER T 157 18.71 30.69 -97.99
N VAL T 158 18.29 31.82 -97.42
CA VAL T 158 19.03 33.07 -97.49
C VAL T 158 19.67 33.32 -96.13
N VAL T 159 20.95 33.69 -96.14
CA VAL T 159 21.72 33.90 -94.91
C VAL T 159 22.04 35.38 -94.80
N CYS T 160 21.85 35.93 -93.59
CA CYS T 160 22.19 37.32 -93.28
C CYS T 160 23.11 37.31 -92.07
N LEU T 161 24.38 37.62 -92.27
CA LEU T 161 25.38 37.58 -91.21
C LEU T 161 25.76 39.00 -90.79
N LEU T 162 25.70 39.23 -89.48
CA LEU T 162 26.16 40.47 -88.85
C LEU T 162 27.40 40.13 -88.04
N ASN T 163 28.56 40.57 -88.52
CA ASN T 163 29.82 40.21 -87.90
C ASN T 163 30.42 41.39 -87.13
N ASN T 164 30.90 41.08 -85.93
CA ASN T 164 31.67 42.02 -85.10
C ASN T 164 30.86 43.27 -84.76
N PHE T 165 29.80 43.09 -84.00
CA PHE T 165 29.00 44.20 -83.52
C PHE T 165 28.74 44.09 -82.03
N TYR T 166 28.46 45.24 -81.42
CA TYR T 166 28.13 45.39 -80.02
C TYR T 166 27.19 46.58 -79.93
N PRO T 167 26.11 46.50 -79.14
CA PRO T 167 25.68 45.36 -78.30
C PRO T 167 25.03 44.25 -79.11
N ARG T 168 24.72 43.13 -78.44
CA ARG T 168 24.10 41.98 -79.13
C ARG T 168 22.73 42.32 -79.70
N GLU T 169 22.04 43.32 -79.16
CA GLU T 169 20.68 43.58 -79.56
C GLU T 169 20.63 44.23 -80.94
N ALA T 170 19.89 43.59 -81.86
CA ALA T 170 19.69 44.12 -83.20
C ALA T 170 18.38 43.58 -83.73
N LYS T 171 17.71 44.37 -84.56
CA LYS T 171 16.42 44.00 -85.14
C LYS T 171 16.66 43.62 -86.59
N VAL T 172 16.28 42.39 -86.94
CA VAL T 172 16.52 41.83 -88.28
C VAL T 172 15.17 41.50 -88.91
N GLN T 173 14.91 42.10 -90.07
CA GLN T 173 13.70 41.85 -90.84
C GLN T 173 14.09 41.35 -92.22
N TRP T 174 13.17 40.63 -92.86
CA TRP T 174 13.36 40.18 -94.22
C TRP T 174 12.34 40.85 -95.13
N LYS T 175 12.84 41.50 -96.18
CA LYS T 175 12.00 42.27 -97.09
C LYS T 175 12.08 41.67 -98.49
N VAL T 176 10.92 41.43 -99.10
CA VAL T 176 10.85 40.82 -100.42
C VAL T 176 9.96 41.70 -101.29
N ASP T 177 10.53 42.25 -102.36
CA ASP T 177 9.79 43.13 -103.28
C ASP T 177 9.09 44.25 -102.53
N ASN T 178 9.82 44.86 -101.58
CA ASN T 178 9.31 45.91 -100.70
C ASN T 178 8.11 45.45 -99.87
N ALA T 179 7.89 44.14 -99.77
CA ALA T 179 6.86 43.57 -98.91
C ALA T 179 7.54 42.79 -97.79
N LEU T 180 7.18 43.09 -96.56
CA LEU T 180 7.89 42.53 -95.41
C LEU T 180 7.57 41.05 -95.24
N GLN T 181 8.61 40.24 -95.05
CA GLN T 181 8.48 38.84 -94.69
C GLN T 181 9.01 38.62 -93.27
N SER T 182 8.22 37.91 -92.47
CA SER T 182 8.54 37.70 -91.06
C SER T 182 7.90 36.40 -90.60
N GLY T 183 8.35 35.90 -89.46
CA GLY T 183 7.72 34.74 -88.86
C GLY T 183 8.08 33.43 -89.50
N ASN T 184 8.88 33.43 -90.55
CA ASN T 184 9.34 32.23 -91.23
C ASN T 184 10.85 32.25 -91.37
N SER T 185 11.52 32.93 -90.45
CA SER T 185 12.98 32.99 -90.40
C SER T 185 13.43 32.78 -88.97
N GLN T 186 14.66 32.32 -88.82
CA GLN T 186 15.21 32.00 -87.50
C GLN T 186 16.50 32.79 -87.28
N GLU T 187 16.73 33.14 -86.02
CA GLU T 187 17.85 34.00 -85.64
C GLU T 187 18.71 33.30 -84.60
N SER T 188 20.00 33.62 -84.62
CA SER T 188 20.95 33.08 -83.65
C SER T 188 21.96 34.16 -83.29
N VAL T 189 22.28 34.25 -81.99
CA VAL T 189 23.28 35.18 -81.49
C VAL T 189 24.38 34.38 -80.82
N THR T 190 25.62 34.63 -81.21
CA THR T 190 26.74 33.89 -80.66
C THR T 190 27.16 34.47 -79.32
N GLU T 191 28.09 33.79 -78.66
CA GLU T 191 28.65 34.22 -77.40
C GLU T 191 29.53 35.46 -77.59
N GLN T 192 29.66 36.24 -76.52
CA GLN T 192 30.49 37.44 -76.57
C GLN T 192 31.96 37.05 -76.78
N ASP T 193 32.56 37.61 -77.82
CA ASP T 193 33.89 37.18 -78.24
C ASP T 193 34.91 37.37 -77.13
N SER T 194 35.79 36.38 -76.99
CA SER T 194 36.81 36.41 -75.94
C SER T 194 37.95 37.39 -76.25
N LYS T 195 37.99 37.94 -77.46
CA LYS T 195 39.04 38.85 -77.87
C LYS T 195 38.65 40.32 -77.73
N ASP T 196 37.56 40.73 -78.38
CA ASP T 196 37.14 42.12 -78.37
C ASP T 196 35.74 42.34 -77.80
N SER T 197 35.12 41.30 -77.26
CA SER T 197 33.84 41.40 -76.54
C SER T 197 32.73 41.97 -77.41
N THR T 198 32.63 41.48 -78.64
CA THR T 198 31.52 41.78 -79.53
C THR T 198 30.65 40.54 -79.73
N TYR T 199 29.67 40.69 -80.61
CA TYR T 199 28.70 39.64 -80.91
C TYR T 199 28.57 39.49 -82.42
N SER T 200 28.12 38.30 -82.84
CA SER T 200 27.81 38.04 -84.23
C SER T 200 26.43 37.39 -84.30
N LEU T 201 25.66 37.77 -85.32
CA LEU T 201 24.28 37.33 -85.45
C LEU T 201 24.09 36.66 -86.81
N SER T 202 23.28 35.62 -86.83
CA SER T 202 22.93 34.90 -88.05
C SER T 202 21.42 34.91 -88.21
N SER T 203 20.95 35.23 -89.41
CA SER T 203 19.54 35.17 -89.76
C SER T 203 19.37 34.25 -90.95
N THR T 204 18.48 33.26 -90.82
CA THR T 204 18.23 32.28 -91.88
C THR T 204 16.78 32.36 -92.29
N LEU T 205 16.54 32.67 -93.56
CA LEU T 205 15.20 32.75 -94.13
C LEU T 205 15.01 31.62 -95.13
N THR T 206 14.01 30.77 -94.88
CA THR T 206 13.73 29.64 -95.75
C THR T 206 12.45 29.92 -96.52
N LEU T 207 12.52 29.76 -97.85
CA LEU T 207 11.38 30.03 -98.72
C LEU T 207 11.20 28.86 -99.69
N SER T 208 9.97 28.73 -100.19
CA SER T 208 9.65 27.69 -101.15
C SER T 208 10.18 28.05 -102.53
N LYS T 209 10.28 27.04 -103.40
CA LYS T 209 10.85 27.25 -104.73
C LYS T 209 9.97 28.16 -105.57
N ALA T 210 8.65 27.96 -105.53
CA ALA T 210 7.75 28.82 -106.30
C ALA T 210 7.78 30.25 -105.80
N ASP T 211 7.76 30.44 -104.48
CA ASP T 211 7.86 31.79 -103.93
C ASP T 211 9.19 32.43 -104.28
N TYR T 212 10.26 31.63 -104.30
CA TYR T 212 11.56 32.17 -104.68
C TYR T 212 11.58 32.59 -106.14
N GLU T 213 10.97 31.79 -107.02
CA GLU T 213 10.96 32.13 -108.44
C GLU T 213 10.13 33.38 -108.70
N LYS T 214 8.96 33.46 -108.07
CA LYS T 214 8.04 34.55 -108.36
C LYS T 214 8.61 35.90 -107.90
N HIS T 215 9.37 35.91 -106.83
CA HIS T 215 9.97 37.13 -106.31
C HIS T 215 11.37 37.34 -106.88
N LYS T 216 11.77 38.59 -106.95
CA LYS T 216 13.02 38.96 -107.61
C LYS T 216 14.08 39.51 -106.66
N VAL T 217 13.72 40.38 -105.73
CA VAL T 217 14.68 40.99 -104.80
C VAL T 217 14.40 40.44 -103.40
N TYR T 218 15.47 40.14 -102.67
CA TYR T 218 15.38 39.66 -101.30
C TYR T 218 16.42 40.40 -100.47
N ALA T 219 15.99 40.94 -99.33
CA ALA T 219 16.81 41.85 -98.57
C ALA T 219 16.73 41.53 -97.09
N CYS T 220 17.85 41.76 -96.41
CA CYS T 220 17.92 41.71 -94.95
C CYS T 220 18.08 43.14 -94.44
N GLU T 221 17.17 43.55 -93.56
CA GLU T 221 17.17 44.89 -92.99
C GLU T 221 17.53 44.81 -91.52
N VAL T 222 18.55 45.57 -91.12
CA VAL T 222 19.09 45.50 -89.77
C VAL T 222 19.05 46.89 -89.15
N THR T 223 18.47 46.97 -87.95
CA THR T 223 18.54 48.16 -87.12
C THR T 223 19.38 47.84 -85.89
N HIS T 224 20.42 48.65 -85.66
CA HIS T 224 21.35 48.42 -84.56
C HIS T 224 21.80 49.77 -84.02
N GLN T 225 22.20 49.76 -82.75
CA GLN T 225 22.61 51.01 -82.10
C GLN T 225 23.87 51.59 -82.70
N GLY T 226 24.73 50.77 -83.29
CA GLY T 226 25.92 51.23 -83.96
C GLY T 226 25.70 51.72 -85.37
N LEU T 227 24.48 51.61 -85.88
CA LEU T 227 24.14 52.00 -87.24
C LEU T 227 23.36 53.30 -87.20
N SER T 228 23.80 54.29 -87.99
CA SER T 228 23.12 55.57 -88.02
C SER T 228 21.70 55.46 -88.56
N SER T 229 21.43 54.50 -89.44
CA SER T 229 20.10 54.26 -89.97
C SER T 229 19.94 52.77 -90.22
N PRO T 230 18.72 52.26 -90.25
CA PRO T 230 18.53 50.85 -90.63
C PRO T 230 19.12 50.58 -92.00
N VAL T 231 19.92 49.51 -92.09
CA VAL T 231 20.68 49.20 -93.30
C VAL T 231 20.06 47.98 -93.97
N THR T 232 19.81 48.11 -95.27
CA THR T 232 19.20 47.05 -96.06
C THR T 232 20.21 46.52 -97.07
N LYS T 233 20.49 45.22 -96.98
CA LYS T 233 21.38 44.56 -97.93
C LYS T 233 20.60 43.51 -98.71
N SER T 234 20.64 43.62 -100.03
CA SER T 234 19.72 42.87 -100.87
C SER T 234 20.46 42.18 -102.01
N PHE T 235 19.79 41.19 -102.60
CA PHE T 235 20.24 40.56 -103.83
C PHE T 235 19.03 40.35 -104.73
N ASN T 236 19.27 40.44 -106.04
CA ASN T 236 18.22 40.34 -107.04
C ASN T 236 18.32 39.01 -107.75
N ARG T 237 17.20 38.30 -107.86
CA ARG T 237 17.14 37.01 -108.55
C ARG T 237 17.38 37.19 -110.05
C1 NAG U . 68.69 2.26 20.35
C2 NAG U . 68.86 3.13 21.59
C3 NAG U . 67.97 2.63 22.72
C4 NAG U . 66.53 2.50 22.25
C5 NAG U . 66.46 1.62 21.00
C6 NAG U . 65.08 1.52 20.41
C7 NAG U . 71.12 4.06 21.55
C8 NAG U . 72.52 3.97 22.10
N2 NAG U . 70.24 3.18 22.01
O3 NAG U . 68.03 3.53 23.82
O4 NAG U . 65.72 1.93 23.28
O5 NAG U . 67.31 2.18 19.99
O6 NAG U . 64.49 2.79 20.25
O7 NAG U . 70.82 4.91 20.71
C1 NAG U . 64.66 2.86 23.60
C2 NAG U . 63.87 2.31 24.78
C3 NAG U . 62.74 3.27 25.15
C4 NAG U . 63.28 4.68 25.38
C5 NAG U . 64.16 5.12 24.20
C6 NAG U . 64.86 6.44 24.45
C7 NAG U . 63.95 -0.15 24.79
C8 NAG U . 63.25 -1.41 24.39
N2 NAG U . 63.33 1.00 24.47
O3 NAG U . 62.09 2.80 26.33
O4 NAG U . 62.21 5.59 25.49
O5 NAG U . 65.19 4.15 23.95
O6 NAG U . 66.28 6.30 24.32
O7 NAG U . 65.02 -0.15 25.38
C1 BMA U . 62.10 6.09 26.85
C2 BMA U . 61.38 7.45 26.77
C3 BMA U . 61.02 7.95 28.18
C4 BMA U . 60.37 6.85 29.03
C5 BMA U . 61.26 5.60 29.03
C6 BMA U . 60.66 4.46 29.84
O2 BMA U . 60.14 7.32 26.07
O3 BMA U . 60.18 9.09 28.13
O4 BMA U . 60.19 7.30 30.36
O5 BMA U . 61.41 5.16 27.67
O6 BMA U . 59.37 4.19 29.33
C1 FUC U . 64.35 3.07 18.85
C2 FUC U . 63.10 3.93 18.66
C3 FUC U . 63.27 5.26 19.40
C4 FUC U . 64.51 5.98 18.87
C5 FUC U . 65.73 5.07 18.96
C6 FUC U . 66.95 5.63 18.25
O2 FUC U . 61.92 3.25 19.10
O3 FUC U . 62.15 6.10 19.15
O4 FUC U . 64.30 6.38 17.53
O5 FUC U . 65.48 3.77 18.37
C1 NAG V . -20.55 8.52 55.05
C2 NAG V . -21.93 8.72 54.42
C3 NAG V . -22.30 7.52 53.53
C4 NAG V . -21.18 7.25 52.53
C5 NAG V . -19.85 7.10 53.25
C6 NAG V . -18.68 6.93 52.31
C7 NAG V . -23.18 10.10 56.03
C8 NAG V . -24.25 10.11 57.06
N2 NAG V . -22.95 8.91 55.45
O3 NAG V . -23.51 7.79 52.86
O4 NAG V . -21.47 6.05 51.82
O5 NAG V . -19.58 8.28 54.02
O6 NAG V . -17.83 8.08 52.33
O7 NAG V . -22.54 11.10 55.74
C1 NAG V . -21.57 6.35 50.41
C2 NAG V . -21.86 5.05 49.67
C3 NAG V . -22.03 5.32 48.18
C4 NAG V . -23.06 6.41 47.94
C5 NAG V . -22.71 7.64 48.76
C6 NAG V . -23.75 8.73 48.66
C7 NAG V . -20.94 3.01 50.69
C8 NAG V . -22.29 2.85 51.35
N2 NAG V . -20.81 4.07 49.89
O3 NAG V . -22.43 4.11 47.53
O4 NAG V . -23.11 6.75 46.56
O5 NAG V . -22.61 7.30 50.14
O6 NAG V . -23.50 9.60 47.56
O7 NAG V . -20.04 2.20 50.87
C1 BMA V . -24.36 6.34 46.00
C2 BMA V . -24.75 7.34 44.90
C3 BMA V . -26.01 6.85 44.17
C4 BMA V . -25.88 5.39 43.74
C5 BMA V . -25.52 4.51 44.95
C6 BMA V . -25.35 3.05 44.60
O2 BMA V . -23.73 7.44 43.92
O3 BMA V . -26.32 7.67 43.04
O4 BMA V . -27.10 4.93 43.17
O5 BMA V . -24.28 5.00 45.49
O6 BMA V . -24.14 2.92 43.85
C1 FUC V . -18.09 8.86 51.14
C2 FUC V . -18.36 10.31 51.58
C3 FUC V . -17.62 11.31 50.68
C4 FUC V . -17.74 10.90 49.21
C5 FUC V . -17.08 9.52 49.02
C6 FUC V . -17.83 8.63 48.04
O2 FUC V . -18.02 10.54 52.95
O3 FUC V . -18.20 12.61 50.81
O4 FUC V . -19.11 10.84 48.84
O5 FUC V . -16.98 8.78 50.26
C1 NAG W . -6.04 -22.02 -34.81
C2 NAG W . -5.54 -22.05 -36.25
C3 NAG W . -4.03 -21.89 -36.26
C4 NAG W . -3.62 -20.58 -35.59
C5 NAG W . -4.25 -20.40 -34.21
C6 NAG W . -4.24 -18.96 -33.75
C7 NAG W . -5.84 -23.39 -38.28
C8 NAG W . -6.23 -24.72 -38.85
N2 NAG W . -5.91 -23.27 -36.94
O3 NAG W . -3.53 -21.92 -37.58
O4 NAG W . -2.19 -20.50 -35.56
O5 NAG W . -5.64 -20.78 -34.20
O6 NAG W . -5.04 -18.79 -32.58
O7 NAG W . -5.47 -22.46 -38.99
C1 NAG W . -1.58 -20.72 -34.25
C2 NAG W . -0.90 -22.09 -34.15
C3 NAG W . 0.60 -21.97 -34.38
C4 NAG W . 0.89 -20.88 -35.40
C5 NAG W . 0.54 -19.52 -34.81
C6 NAG W . 0.17 -18.49 -35.86
C7 NAG W . -0.98 -23.99 -32.60
C8 NAG W . -1.30 -24.44 -31.20
N2 NAG W . -1.17 -22.69 -32.85
O3 NAG W . 1.11 -23.21 -34.83
O4 NAG W . 2.26 -20.91 -35.82
O5 NAG W . -0.60 -19.64 -33.94
O6 NAG W . 1.30 -18.08 -36.61
O7 NAG W . -0.56 -24.77 -33.45
C1 BMA W . 3.17 -20.33 -34.85
C2 BMA W . 4.05 -21.50 -34.28
C3 BMA W . 5.39 -21.03 -33.70
C4 BMA W . 6.02 -19.90 -34.52
C5 BMA W . 5.00 -18.79 -34.70
C6 BMA W . 5.58 -17.59 -35.45
O2 BMA W . 4.36 -22.43 -35.29
O3 BMA W . 6.28 -22.13 -33.61
O4 BMA W . 7.16 -19.38 -33.87
O5 BMA W . 3.93 -19.32 -35.48
O6 BMA W . 6.01 -18.03 -36.73
C1 MAN W . 7.06 -22.13 -32.39
C2 MAN W . 6.94 -23.56 -31.75
C3 MAN W . 7.78 -23.63 -30.48
C4 MAN W . 8.20 -22.24 -29.99
C5 MAN W . 6.99 -21.30 -30.07
C6 MAN W . 7.25 -19.93 -29.48
O2 MAN W . 7.46 -24.56 -32.63
O3 MAN W . 8.92 -24.48 -30.64
O4 MAN W . 8.67 -22.29 -28.64
O5 MAN W . 6.63 -21.10 -31.48
O6 MAN W . 6.03 -19.42 -28.96
C1 FUC W . -4.24 -18.10 -31.62
C2 FUC W . -5.21 -17.36 -30.70
C3 FUC W . -6.10 -18.36 -29.99
C4 FUC W . -5.25 -19.36 -29.21
C5 FUC W . -4.20 -20.01 -30.13
C6 FUC W . -3.16 -20.82 -29.36
O2 FUC W . -5.98 -16.40 -31.42
O3 FUC W . -6.95 -17.69 -29.07
O4 FUC W . -4.61 -18.71 -28.12
O5 FUC W . -3.46 -19.02 -30.89
C1 NAG X . -50.43 -7.48 21.27
C2 NAG X . -51.63 -6.98 22.06
C3 NAG X . -52.60 -8.12 22.37
C4 NAG X . -52.98 -8.85 21.10
C5 NAG X . -51.73 -9.31 20.36
C6 NAG X . -52.02 -9.95 19.02
C7 NAG X . -50.92 -5.02 23.36
C8 NAG X . -50.50 -4.51 24.71
N2 NAG X . -51.20 -6.33 23.28
O3 NAG X . -53.76 -7.60 23.00
O4 NAG X . -53.80 -9.98 21.41
O5 NAG X . -50.89 -8.17 20.10
O6 NAG X . -51.49 -9.18 17.94
O7 NAG X . -51.00 -4.29 22.38
C1 NAG X . -55.04 -9.87 20.68
C2 NAG X . -55.78 -11.20 20.82
C3 NAG X . -57.11 -11.13 20.09
C4 NAG X . -57.93 -9.94 20.56
C5 NAG X . -57.10 -8.66 20.47
C6 NAG X . -57.80 -7.46 21.05
C7 NAG X . -54.17 -13.03 21.11
C8 NAG X . -53.41 -14.12 20.42
N2 NAG X . -54.97 -12.29 20.32
O3 NAG X . -57.83 -12.34 20.30
O4 NAG X . -59.08 -9.79 19.74
O5 NAG X . -55.87 -8.81 21.19
O6 NAG X . -57.15 -7.00 22.23
O7 NAG X . -54.06 -12.81 22.31
C1 BMA X . -60.25 -10.29 20.44
C2 BMA X . -61.50 -9.77 19.68
C3 BMA X . -62.76 -10.45 20.23
C4 BMA X . -62.59 -11.97 20.32
C5 BMA X . -61.34 -12.30 21.14
C6 BMA X . -61.08 -13.79 21.27
O2 BMA X . -61.42 -10.09 18.30
O3 BMA X . -63.90 -10.13 19.43
O4 BMA X . -63.73 -12.57 20.91
O5 BMA X . -60.22 -11.71 20.49
O6 BMA X . -62.30 -14.43 21.66
C1 FUC X . -52.54 -8.37 17.40
C2 FUC X . -51.88 -7.07 16.86
C3 FUC X . -52.92 -6.11 16.22
C4 FUC X . -54.16 -6.85 15.70
C5 FUC X . -53.79 -8.29 15.27
C6 FUC X . -54.98 -9.08 14.75
O2 FUC X . -50.81 -7.34 15.96
O3 FUC X . -53.35 -5.14 17.18
O4 FUC X . -55.19 -6.88 16.68
O5 FUC X . -53.23 -9.06 16.37
C1 NAG Y . 43.04 8.54 -9.34
C2 NAG Y . 43.49 8.75 -10.78
C3 NAG Y . 43.67 7.41 -11.49
C4 NAG Y . 44.60 6.50 -10.69
C5 NAG Y . 44.10 6.38 -9.25
C6 NAG Y . 45.05 5.62 -8.36
C7 NAG Y . 42.92 10.48 -12.43
C8 NAG Y . 41.82 11.26 -13.08
N2 NAG Y . 42.54 9.58 -11.51
O3 NAG Y . 44.19 7.62 -12.79
O4 NAG Y . 44.63 5.21 -11.28
O5 NAG Y . 43.96 7.69 -8.67
O6 NAG Y . 45.87 6.49 -7.59
O7 NAG Y . 44.09 10.65 -12.72
C1 NAG Y . 45.97 4.90 -11.77
C2 NAG Y . 46.24 3.43 -11.50
C3 NAG Y . 47.63 3.05 -12.01
C4 NAG Y . 47.79 3.45 -13.47
C5 NAG Y . 47.43 4.92 -13.67
C6 NAG Y . 47.42 5.34 -15.12
C7 NAG Y . 45.76 1.89 -9.64
C8 NAG Y . 45.67 1.74 -8.16
N2 NAG Y . 46.10 3.10 -10.09
O3 NAG Y . 47.82 1.65 -11.86
O4 NAG Y . 49.16 3.26 -13.86
O5 NAG Y . 46.11 5.17 -13.16
O6 NAG Y . 46.90 4.30 -15.96
O7 NAG Y . 45.53 0.96 -10.41
C1 BMA Y . 49.31 2.26 -14.90
C2 BMA Y . 50.01 0.98 -14.26
C3 BMA Y . 49.85 -0.29 -15.15
C4 BMA Y . 48.48 -0.36 -15.83
C5 BMA Y . 48.18 0.96 -16.53
C6 BMA Y . 46.89 0.94 -17.33
O2 BMA Y . 49.47 0.66 -12.99
O3 BMA Y . 50.07 -1.47 -14.38
O4 BMA Y . 48.46 -1.41 -16.78
O5 BMA Y . 48.06 1.95 -15.50
O6 BMA Y . 47.09 0.07 -18.43
C1 MAN Y . 51.05 -2.30 -15.01
C2 MAN Y . 50.74 -3.77 -14.62
C3 MAN Y . 51.04 -3.98 -13.15
C4 MAN Y . 52.49 -3.55 -12.82
C5 MAN Y . 52.66 -2.08 -13.22
C6 MAN Y . 54.07 -1.57 -13.00
O2 MAN Y . 51.61 -4.68 -15.31
O3 MAN Y . 50.85 -5.34 -12.76
O4 MAN Y . 52.74 -3.70 -11.44
O5 MAN Y . 52.36 -1.91 -14.62
O6 MAN Y . 54.49 -1.97 -11.69
C1 NAG Y . 51.04 -5.05 -16.58
C2 NAG Y . 52.12 -4.94 -17.64
C3 NAG Y . 51.57 -5.38 -19.00
C4 NAG Y . 50.97 -6.77 -18.90
C5 NAG Y . 49.92 -6.81 -17.78
C6 NAG Y . 49.36 -8.20 -17.55
C7 NAG Y . 53.79 -3.20 -17.17
C8 NAG Y . 54.17 -1.77 -17.35
N2 NAG Y . 52.64 -3.58 -17.73
O3 NAG Y . 52.64 -5.38 -19.96
O4 NAG Y . 50.35 -7.13 -20.14
O5 NAG Y . 50.52 -6.39 -16.55
O6 NAG Y . 49.97 -9.16 -18.40
O7 NAG Y . 54.50 -3.99 -16.54
C1 NAG Z . 41.18 -12.64 41.44
C2 NAG Z . 40.30 -12.89 40.16
C3 NAG Z . 39.73 -11.59 39.62
C4 NAG Z . 39.02 -10.82 40.72
C5 NAG Z . 39.97 -10.58 41.88
C6 NAG Z . 39.31 -9.83 43.02
C7 NAG Z . 40.50 -14.41 38.26
C8 NAG Z . 41.44 -15.05 37.28
N2 NAG Z . 41.06 -13.58 39.14
O3 NAG Z . 38.83 -11.90 38.57
O4 NAG Z . 38.49 -9.60 40.22
O5 NAG Z . 40.43 -11.83 42.39
O6 NAG Z . 39.74 -10.30 44.28
O7 NAG Z . 39.30 -14.67 38.26
C1 NAG Z . 37.06 -9.74 40.12
C2 NAG Z . 36.50 -8.32 40.22
C3 NAG Z . 34.98 -8.36 40.13
C4 NAG Z . 34.54 -9.08 38.86
C5 NAG Z . 35.19 -10.47 38.80
C6 NAG Z . 34.88 -11.21 37.53
C7 NAG Z . 37.52 -6.49 41.50
C8 NAG Z . 37.90 -5.99 42.85
N2 NAG Z . 36.93 -7.69 41.46
O3 NAG Z . 34.48 -7.03 40.14
O4 NAG Z . 33.13 -9.24 38.86
O5 NAG Z . 36.63 -10.34 38.89
O6 NAG Z . 35.96 -11.17 36.60
O7 NAG Z . 37.74 -5.84 40.48
C1 BMA Z . 32.58 -8.28 37.94
C2 BMA Z . 31.20 -8.80 37.46
C3 BMA Z . 30.48 -7.73 36.64
C4 BMA Z . 30.48 -6.37 37.37
C5 BMA Z . 31.93 -5.98 37.73
C6 BMA Z . 32.02 -4.67 38.47
O2 BMA Z . 30.36 -9.10 38.56
O3 BMA Z . 29.14 -8.10 36.35
O4 BMA Z . 29.92 -5.37 36.55
O5 BMA Z . 32.47 -7.01 38.57
O6 BMA Z . 33.39 -4.35 38.65
C1 NAG AA . 11.60 24.14 39.48
C2 NAG AA . 12.23 24.97 40.57
C3 NAG AA . 13.12 24.08 41.44
C4 NAG AA . 12.30 22.89 41.94
C5 NAG AA . 11.43 22.25 40.86
C6 NAG AA . 10.38 21.33 41.45
C7 NAG AA . 13.95 26.10 39.17
C8 NAG AA . 14.51 27.42 38.79
N2 NAG AA . 12.95 26.12 40.06
O3 NAG AA . 13.61 24.85 42.52
O4 NAG AA . 13.16 21.89 42.47
O5 NAG AA . 10.72 23.21 40.05
O6 NAG AA . 9.07 21.74 41.06
O7 NAG AA . 14.38 25.05 38.70
C1 NAG AA . 13.63 22.23 43.80
C2 NAG AA . 13.97 20.97 44.58
C3 NAG AA . 14.45 21.34 45.97
C4 NAG AA . 15.61 22.32 45.90
C5 NAG AA . 15.26 23.52 45.03
C6 NAG AA . 16.42 24.45 44.79
C7 NAG AA . 12.90 18.77 44.30
C8 NAG AA . 11.64 17.99 44.42
N2 NAG AA . 12.83 20.06 44.64
O3 NAG AA . 14.86 20.15 46.66
O4 NAG AA . 15.95 22.78 47.20
O5 NAG AA . 14.81 23.09 43.74
O6 NAG AA . 16.02 25.81 44.70
O7 NAG AA . 13.95 18.26 43.90
C1 BMA AA . 14.82 23.38 47.88
C2 BMA AA . 14.85 22.81 49.30
C3 BMA AA . 15.87 23.61 50.12
C4 BMA AA . 15.50 25.11 50.16
C5 BMA AA . 14.45 25.44 49.08
C6 BMA AA . 14.29 26.93 48.82
O2 BMA AA . 15.28 21.46 49.30
O3 BMA AA . 17.18 23.45 49.59
O4 BMA AA . 15.00 25.47 51.44
O5 BMA AA . 14.87 24.81 47.86
O6 BMA AA . 13.38 27.44 49.79
C1 MAN AA . 17.98 22.67 50.50
C2 MAN AA . 19.44 22.65 49.93
C3 MAN AA . 20.35 21.76 50.79
C4 MAN AA . 19.55 20.84 51.73
C5 MAN AA . 18.35 20.27 50.95
C6 MAN AA . 17.59 19.22 51.73
O2 MAN AA . 20.02 23.95 49.97
O3 MAN AA . 21.31 22.51 51.52
O4 MAN AA . 20.36 19.77 52.19
O5 MAN AA . 17.43 21.35 50.65
O6 MAN AA . 18.49 18.62 52.67
C1 NAG BA . -18.17 -19.89 29.31
C2 NAG BA . -16.83 -19.16 29.18
C3 NAG BA . -16.95 -17.98 28.23
C4 NAG BA . -17.44 -18.46 26.88
C5 NAG BA . -18.79 -19.14 27.06
C6 NAG BA . -19.35 -19.70 25.78
C7 NAG BA . -15.51 -19.47 31.21
C8 NAG BA . -15.09 -18.88 32.52
N2 NAG BA . -16.34 -18.72 30.48
O3 NAG BA . -15.69 -17.32 28.11
O4 NAG BA . -17.52 -17.37 25.97
O5 NAG BA . -18.66 -20.25 27.97
O6 NAG BA . -19.99 -20.96 26.00
O7 NAG BA . -15.12 -20.57 30.84
C1 NAG BA . -16.61 -17.51 24.84
C2 NAG BA . -16.67 -16.21 24.06
C3 NAG BA . -15.77 -16.28 22.82
C4 NAG BA . -14.35 -16.68 23.21
C5 NAG BA . -14.37 -17.94 24.08
C6 NAG BA . -13.01 -18.30 24.64
C7 NAG BA . -18.78 -14.97 24.31
C8 NAG BA . -20.17 -14.78 23.79
N2 NAG BA . -18.04 -15.88 23.67
O3 NAG BA . -15.76 -15.03 22.15
O4 NAG BA . -13.58 -16.96 22.04
O5 NAG BA . -15.24 -17.77 25.22
O6 NAG BA . -12.95 -18.21 26.05
O7 NAG BA . -18.34 -14.33 25.26
C1 BMA BA . -12.78 -15.83 21.60
C2 BMA BA . -11.40 -16.36 21.13
C3 BMA BA . -10.57 -15.24 20.47
C4 BMA BA . -11.40 -14.48 19.43
C5 BMA BA . -12.69 -13.98 20.05
C6 BMA BA . -13.57 -13.24 19.05
O2 BMA BA . -11.56 -17.38 20.15
O3 BMA BA . -9.39 -15.76 19.87
O4 BMA BA . -10.64 -13.38 18.93
O5 BMA BA . -13.43 -15.11 20.56
O6 BMA BA . -14.83 -12.99 19.66
C1 NAG CA . -16.30 5.32 -8.56
C2 NAG CA . -17.78 5.68 -8.71
C3 NAG CA . -18.66 4.67 -7.95
C4 NAG CA . -18.33 3.25 -8.36
C5 NAG CA . -16.84 3.00 -8.19
C6 NAG CA . -16.41 1.63 -8.68
C7 NAG CA . -17.99 8.10 -9.05
C8 NAG CA . -18.30 9.41 -8.41
N2 NAG CA . -18.04 7.03 -8.25
O3 NAG CA . -20.03 4.96 -8.20
O4 NAG CA . -19.05 2.32 -7.57
O5 NAG CA . -16.10 3.96 -8.95
O6 NAG CA . -15.03 1.61 -9.00
O7 NAG CA . -17.69 8.00 -10.24
C1 NAG CA . -20.20 1.81 -8.28
C2 NAG CA . -20.43 0.35 -7.89
C3 NAG CA . -21.69 -0.18 -8.58
C4 NAG CA . -22.88 0.74 -8.33
C5 NAG CA . -22.53 2.18 -8.67
C6 NAG CA . -23.61 3.17 -8.31
C7 NAG CA . -19.00 -1.63 -7.64
C8 NAG CA . -17.77 -2.34 -8.13
N2 NAG CA . -19.28 -0.47 -8.24
O3 NAG CA . -21.97 -1.49 -8.10
O4 NAG CA . -23.97 0.30 -9.15
O5 NAG CA . -21.35 2.58 -7.96
O6 NAG CA . -23.47 3.62 -6.96
O7 NAG CA . -19.71 -2.09 -6.75
C1 BMA CA . -25.21 -0.01 -8.46
C2 BMA CA . -25.21 -1.48 -7.89
C3 BMA CA . -26.52 -1.75 -7.12
C4 BMA CA . -26.85 -0.61 -6.14
C5 BMA CA . -26.82 0.74 -6.88
C6 BMA CA . -27.17 1.92 -6.02
O2 BMA CA . -24.17 -1.70 -6.95
O3 BMA CA . -26.49 -3.01 -6.44
O4 BMA CA . -28.13 -0.79 -5.56
O5 BMA CA . -25.50 0.91 -7.40
O6 BMA CA . -28.53 1.78 -5.60
C1 MAN CA . -27.72 -3.74 -6.71
C2 MAN CA . -27.64 -5.08 -5.93
C3 MAN CA . -26.57 -5.95 -6.57
C4 MAN CA . -26.91 -6.19 -8.04
C5 MAN CA . -26.96 -4.85 -8.77
C6 MAN CA . -27.40 -4.96 -10.23
O2 MAN CA . -28.85 -5.83 -6.11
O3 MAN CA . -26.43 -7.20 -5.90
O4 MAN CA . -25.93 -7.02 -8.64
O5 MAN CA . -27.91 -3.96 -8.11
O6 MAN CA . -28.81 -4.75 -10.28
C1 NAG CA . -29.64 -5.84 -4.90
C2 NAG CA . -29.63 -7.25 -4.32
C3 NAG CA . -30.44 -7.31 -3.03
C4 NAG CA . -29.94 -6.26 -2.06
C5 NAG CA . -29.95 -4.88 -2.72
C6 NAG CA . -29.37 -3.80 -1.83
C7 NAG CA . -29.35 -8.94 -6.10
C8 NAG CA . -30.04 -9.87 -7.03
N2 NAG CA . -30.14 -8.21 -5.29
O3 NAG CA . -30.32 -8.61 -2.46
O4 NAG CA . -30.79 -6.23 -0.91
O5 NAG CA . -29.15 -4.91 -3.91
O6 NAG CA . -30.03 -3.75 -0.57
O7 NAG CA . -28.12 -8.84 -6.07
C1 NAG DA . 23.59 -32.65 -13.95
C2 NAG DA . 22.95 -31.98 -12.74
C3 NAG DA . 23.20 -30.47 -12.78
C4 NAG DA . 24.68 -30.14 -12.99
C5 NAG DA . 25.23 -30.93 -14.18
C6 NAG DA . 26.72 -30.76 -14.37
C7 NAG DA . 20.95 -33.02 -11.74
C8 NAG DA . 19.46 -33.18 -11.83
N2 NAG DA . 21.52 -32.26 -12.68
O3 NAG DA . 22.76 -29.89 -11.57
O4 NAG DA . 24.81 -28.76 -13.29
O5 NAG DA . 24.97 -32.32 -13.99
O6 NAG DA . 27.17 -31.50 -15.50
O7 NAG DA . 21.62 -33.57 -10.86
C1 NAG DA . 25.53 -28.11 -12.23
C2 NAG DA . 25.68 -26.63 -12.61
C3 NAG DA . 26.40 -25.88 -11.51
C4 NAG DA . 25.70 -26.09 -10.17
C5 NAG DA . 25.54 -27.59 -9.90
C6 NAG DA . 24.75 -27.88 -8.64
C7 NAG DA . 25.82 -26.67 -15.07
C8 NAG DA . 26.70 -26.47 -16.26
N2 NAG DA . 26.39 -26.49 -13.87
O3 NAG DA . 26.44 -24.48 -11.82
O4 NAG DA . 26.45 -25.51 -9.11
O5 NAG DA . 24.84 -28.20 -10.99
O6 NAG DA . 23.73 -26.91 -8.43
O7 NAG DA . 24.64 -26.96 -15.18
C1 BMA DA . 25.84 -24.26 -8.72
C2 BMA DA . 25.76 -24.22 -7.18
C3 BMA DA . 25.29 -22.85 -6.71
C4 BMA DA . 26.09 -21.72 -7.40
C5 BMA DA . 26.02 -21.89 -8.92
C6 BMA DA . 26.82 -20.83 -9.66
O2 BMA DA . 27.05 -24.43 -6.61
O3 BMA DA . 25.38 -22.71 -5.30
O4 BMA DA . 25.53 -20.46 -7.04
O5 BMA DA . 26.58 -23.17 -9.24
O6 BMA DA . 28.19 -21.13 -9.52
C1 NAG EA . -47.34 -5.45 -18.09
C2 NAG EA . -46.16 -4.79 -18.82
C3 NAG EA . -45.03 -5.79 -19.03
C4 NAG EA . -44.62 -6.40 -17.70
C5 NAG EA . -45.83 -7.07 -17.07
C6 NAG EA . -45.54 -7.67 -15.71
C7 NAG EA . -45.99 -3.16 -20.65
C8 NAG EA . -46.56 -2.70 -21.96
N2 NAG EA . -46.58 -4.23 -20.09
O3 NAG EA . -43.92 -5.13 -19.63
O4 NAG EA . -43.56 -7.33 -17.87
O5 NAG EA . -46.87 -6.09 -16.88
O6 NAG EA . -44.81 -6.77 -14.89
O7 NAG EA . -45.03 -2.61 -20.13
C1 NAG EA . -42.35 -6.76 -17.31
C2 NAG EA . -41.52 -7.85 -16.64
C3 NAG EA . -40.23 -7.25 -16.07
C4 NAG EA . -39.48 -6.46 -17.13
C5 NAG EA . -40.41 -5.46 -17.83
C6 NAG EA . -39.77 -4.77 -19.00
C7 NAG EA . -41.98 -9.69 -15.07
C8 NAG EA . -42.88 -10.20 -13.99
N2 NAG EA . -42.29 -8.50 -15.58
O3 NAG EA . -39.40 -8.31 -15.59
O4 NAG EA . -38.45 -5.72 -16.48
O5 NAG EA . -41.57 -6.13 -18.33
O6 NAG EA . -39.10 -5.69 -19.86
O7 NAG EA . -41.00 -10.33 -15.47
C1 BMA EA . -37.07 -5.91 -16.92
C2 BMA EA . -36.47 -7.30 -16.43
C3 BMA EA . -35.00 -7.35 -16.86
C4 BMA EA . -34.85 -7.07 -18.37
C5 BMA EA . -35.53 -5.74 -18.72
C6 BMA EA . -35.43 -5.38 -20.19
O2 BMA EA . -37.10 -8.40 -17.06
O3 BMA EA . -34.38 -8.59 -16.51
O4 BMA EA . -33.49 -7.02 -18.73
O5 BMA EA . -36.92 -5.82 -18.35
O6 BMA EA . -34.06 -5.37 -20.54
C1 MAN EA . -33.20 -8.31 -15.72
C2 MAN EA . -32.43 -9.64 -15.48
C3 MAN EA . -33.24 -10.54 -14.58
C4 MAN EA . -33.57 -9.82 -13.27
C5 MAN EA . -34.32 -8.52 -13.57
C6 MAN EA . -34.57 -7.68 -12.32
O2 MAN EA . -31.23 -9.40 -14.76
O3 MAN EA . -32.57 -11.75 -14.30
O4 MAN EA . -34.36 -10.64 -12.44
O5 MAN EA . -33.55 -7.70 -14.48
O6 MAN EA . -33.33 -7.13 -11.91
C1 NAG EA . -30.08 -9.82 -15.52
C2 NAG EA . -28.87 -9.05 -14.99
C3 NAG EA . -27.61 -9.48 -15.73
C4 NAG EA . -27.44 -11.00 -15.65
C5 NAG EA . -28.71 -11.69 -16.14
C6 NAG EA . -28.67 -13.19 -15.98
C7 NAG EA . -29.62 -6.86 -14.17
C8 NAG EA . -29.75 -5.40 -14.47
N2 NAG EA . -29.06 -7.61 -15.12
O3 NAG EA . -26.48 -8.84 -15.16
O4 NAG EA . -26.34 -11.41 -16.45
O5 NAG EA . -29.85 -11.22 -15.40
O6 NAG EA . -27.78 -13.80 -16.91
O7 NAG EA . -30.02 -7.35 -13.11
C1 NAG FA . -70.27 -39.55 17.50
C2 NAG FA . -69.49 -39.74 16.20
C3 NAG FA . -70.17 -38.98 15.06
C4 NAG FA . -71.64 -39.38 14.96
C5 NAG FA . -72.32 -39.18 16.31
C6 NAG FA . -73.76 -39.65 16.31
C7 NAG FA . -67.08 -40.17 16.30
C8 NAG FA . -65.72 -39.55 16.48
N2 NAG FA . -68.11 -39.31 16.34
O3 NAG FA . -69.51 -39.29 13.84
O4 NAG FA . -72.29 -38.59 13.97
O5 NAG FA . -71.63 -39.94 17.32
O6 NAG FA . -73.86 -41.01 16.72
O7 NAG FA . -67.24 -41.37 16.13
C1 NAG FA . -72.65 -39.46 12.87
C2 NAG FA . -73.49 -38.66 11.86
C3 NAG FA . -73.86 -39.55 10.68
C4 NAG FA . -72.61 -40.20 10.08
C5 NAG FA . -71.78 -40.89 11.16
C6 NAG FA . -70.47 -41.42 10.64
C7 NAG FA . -74.67 -37.00 13.22
C8 NAG FA . -76.00 -36.58 13.79
N2 NAG FA . -74.68 -38.13 12.50
O3 NAG FA . -74.53 -38.76 9.70
O4 NAG FA . -73.00 -41.17 9.11
O5 NAG FA . -71.48 -39.97 12.21
O6 NAG FA . -69.37 -40.76 11.25
O7 NAG FA . -73.65 -36.35 13.42
C1 BMA FA . -72.82 -40.66 7.78
C2 BMA FA . -72.50 -41.87 6.86
C3 BMA FA . -72.51 -41.45 5.39
C4 BMA FA . -73.78 -40.66 5.06
C5 BMA FA . -73.89 -39.45 6.01
C6 BMA FA . -75.12 -38.61 5.74
O2 BMA FA . -73.49 -42.88 7.00
O3 BMA FA . -72.41 -42.57 4.53
O4 BMA FA . -73.72 -40.19 3.71
O5 BMA FA . -73.97 -39.96 7.34
O6 BMA FA . -75.62 -38.11 6.98
C1 MAN FA . -75.51 -36.68 6.99
C2 MAN FA . -75.98 -36.17 8.39
C3 MAN FA . -77.51 -36.22 8.49
C4 MAN FA . -78.16 -35.53 7.29
C5 MAN FA . -77.70 -36.22 6.01
C6 MAN FA . -78.28 -35.60 4.75
O2 MAN FA . -75.63 -34.80 8.59
O3 MAN FA . -77.98 -35.63 9.71
O4 MAN FA . -79.57 -35.63 7.38
O5 MAN FA . -76.26 -36.10 5.92
O6 MAN FA . -79.70 -35.58 4.87
C1 CLR GA . -9.74 -22.82 49.73
C2 CLR GA . -8.95 -21.52 49.88
C3 CLR GA . -7.63 -21.65 49.14
C4 CLR GA . -7.94 -21.81 47.65
C5 CLR GA . -8.76 -23.05 47.39
C6 CLR GA . -8.44 -23.86 46.38
C7 CLR GA . -8.89 -25.28 46.26
C8 CLR GA . -10.28 -25.34 46.89
C9 CLR GA . -10.16 -24.87 48.35
C10 CLR GA . -9.95 -23.33 48.29
C11 CLR GA . -11.30 -25.30 49.26
C12 CLR GA . -11.74 -26.76 49.07
C13 CLR GA . -12.20 -26.97 47.63
C14 CLR GA . -10.99 -26.67 46.74
C15 CLR GA . -11.59 -26.96 45.38
C16 CLR GA . -12.32 -28.29 45.62
C17 CLR GA . -12.49 -28.42 47.16
C18 CLR GA . -13.41 -26.07 47.32
C19 CLR GA . -11.20 -22.70 47.65
C20 CLR GA . -13.79 -29.14 47.51
C21 CLR GA . -13.69 -29.96 48.80
C22 CLR GA . -14.21 -30.03 46.33
C23 CLR GA . -15.48 -30.86 46.49
C24 CLR GA . -15.94 -31.40 45.15
C25 CLR GA . -17.29 -32.14 45.14
C26 CLR GA . -17.08 -33.63 45.37
C27 CLR GA . -18.26 -31.58 46.18
O1 CLR GA . -6.84 -20.50 49.40
C1 CLR HA . -50.67 -41.39 20.87
C2 CLR HA . -49.53 -40.54 20.34
C3 CLR HA . -49.44 -39.20 21.04
C4 CLR HA . -49.43 -39.38 22.55
C5 CLR HA . -50.52 -40.27 23.06
C6 CLR HA . -51.45 -39.80 23.90
C7 CLR HA . -52.50 -40.62 24.56
C8 CLR HA . -52.26 -42.11 24.30
C9 CLR HA . -51.89 -42.40 22.84
C10 CLR HA . -50.61 -41.63 22.39
C11 CLR HA . -51.78 -43.91 22.55
C12 CLR HA . -52.69 -44.88 23.33
C13 CLR HA . -52.86 -44.45 24.79
C14 CLR HA . -53.43 -43.02 24.60
C15 CLR HA . -54.49 -42.74 25.67
C16 CLR HA . -54.20 -43.92 26.62
C17 CLR HA . -53.94 -45.11 25.68
C18 CLR HA . -51.53 -44.52 25.55
C19 CLR HA . -49.35 -42.42 22.73
C20 CLR HA . -53.67 -46.38 26.49
C21 CLR HA . -53.46 -47.62 25.63
C22 CLR HA . -54.83 -46.60 27.46
C23 CLR HA . -54.83 -47.90 28.25
C24 CLR HA . -56.02 -48.00 29.18
C25 CLR HA . -56.49 -49.42 29.49
C26 CLR HA . -57.55 -49.41 30.58
C27 CLR HA . -55.34 -50.33 29.89
O1 CLR HA . -48.27 -38.55 20.58
C1 CLR IA . 51.17 -24.05 28.23
C2 CLR IA . 50.45 -23.33 27.10
C3 CLR IA . 49.33 -24.14 26.51
C4 CLR IA . 48.40 -24.64 27.61
C5 CLR IA . 49.15 -25.39 28.68
C6 CLR IA . 49.03 -26.71 28.75
C7 CLR IA . 49.77 -27.56 29.73
C8 CLR IA . 50.35 -26.71 30.84
C9 CLR IA . 51.14 -25.53 30.26
C10 CLR IA . 50.27 -24.61 29.35
C11 CLR IA . 51.91 -24.79 31.36
C12 CLR IA . 52.63 -25.65 32.42
C13 CLR IA . 51.75 -26.78 32.96
C14 CLR IA . 51.31 -27.51 31.68
C15 CLR IA . 50.92 -28.90 32.13
C16 CLR IA . 52.03 -29.23 33.13
C17 CLR IA . 52.44 -27.89 33.80
C18 CLR IA . 50.55 -26.22 33.73
C19 CLR IA . 49.65 -23.43 30.15
C20 CLR IA . 52.27 -27.92 35.33
C21 CLR IA . 53.61 -28.06 36.05
C22 CLR IA . 51.32 -29.05 35.77
C23 CLR IA . 50.28 -28.69 36.81
C24 CLR IA . 50.84 -28.72 38.24
C25 CLR IA . 50.18 -29.73 39.18
C26 CLR IA . 50.20 -31.13 38.57
C27 CLR IA . 50.86 -29.77 40.55
O1 CLR IA . 48.63 -23.36 25.57
C1 CLR JA . 6.47 -41.54 -10.61
C2 CLR JA . 5.31 -40.66 -10.15
C3 CLR JA . 4.05 -41.02 -10.90
C4 CLR JA . 3.74 -42.48 -10.66
C5 CLR JA . 4.89 -43.39 -11.02
C6 CLR JA . 4.71 -44.29 -11.99
C7 CLR JA . 5.78 -45.15 -12.55
C8 CLR JA . 6.98 -45.23 -11.63
C9 CLR JA . 7.37 -43.79 -11.27
C10 CLR JA . 6.26 -43.05 -10.44
C11 CLR JA . 8.79 -43.73 -10.66
C12 CLR JA . 9.85 -44.63 -11.33
C13 CLR JA . 9.38 -46.08 -11.44
C14 CLR JA . 8.12 -45.96 -12.32
C15 CLR JA . 7.88 -47.36 -12.84
C16 CLR JA . 9.29 -47.89 -13.11
C17 CLR JA . 10.29 -47.06 -12.24
C18 CLR JA . 9.06 -46.65 -10.07
C19 CLR JA . 6.24 -43.39 -8.94
C20 CLR JA . 11.28 -47.98 -11.51
C21 CLR JA . 12.44 -47.24 -10.85
C22 CLR JA . 11.83 -49.05 -12.48
C23 CLR JA . 13.33 -48.99 -12.77
C24 CLR JA . 13.99 -50.36 -12.73
C25 CLR JA . 15.52 -50.35 -12.75
C26 CLR JA . 16.07 -51.74 -13.05
C27 CLR JA . 16.11 -49.83 -11.43
O1 CLR JA . 3.00 -40.17 -10.45
#